data_8KG9
#
_entry.id   8KG9
#
_cell.length_a   1.00
_cell.length_b   1.00
_cell.length_c   1.00
_cell.angle_alpha   90.00
_cell.angle_beta   90.00
_cell.angle_gamma   90.00
#
_symmetry.space_group_name_H-M   'P 1'
#
loop_
_entity.id
_entity.type
_entity.pdbx_description
1 polymer 'DNA replication licensing factor MCM2'
2 polymer 'DNA replication licensing factor MCM3'
3 polymer 'DNA replication licensing factor MCM4'
4 polymer 'Minichromosome maintenance protein 5'
5 polymer 'DNA replication licensing factor MCM6'
6 polymer 'DNA replication licensing factor MCM7'
7 polymer 'DNA replication complex GINS protein PSF1'
8 polymer 'DNA replication complex GINS protein PSF2'
9 polymer 'DNA replication complex GINS protein PSF3'
10 polymer 'DNA replication complex GINS protein SLD5'
11 polymer 'Cell division control protein 45'
12 polymer 'DNA polymerase alpha-binding protein'
13 polymer 'DNA (70-mer)'
14 polymer 'DNA (61-mer)'
15 polymer 'DNA polymerase epsilon catalytic subunit A'
16 polymer 'DNA polymerase epsilon subunit B'
17 non-polymer 'ZINC ION'
18 non-polymer "ADENOSINE-5'-DIPHOSPHATE"
19 non-polymer 'MAGNESIUM ION'
20 non-polymer 'PHOSPHOTHIOPHOSPHORIC ACID-ADENYLATE ESTER'
#
loop_
_entity_poly.entity_id
_entity_poly.type
_entity_poly.pdbx_seq_one_letter_code
_entity_poly.pdbx_strand_id
1 'polypeptide(L)'
;MSDNRRRRREEDDSDSENELPPSSPQQHFRGGMNPVSSPIGSPDMINPEGDDNEVDDVPDIDEVEEQMNEVDLMDDNMYE
DYAADHNRDRYDPDQVDDREQQELSLSERRRIDAQLNERDRLLRNVAYIDDEDEEQEGAAQLDEMGLPVQRRRRRRQYED
LENSDDDLLSDMDIDPLREELTLESLSNVKANSYSEWITQPNVSRTIARELKSFLLEYTDETGRSVYGARIRTLGEMNSE
SLEVNYRHLAESKAILALFLAKCPEEMLKIFDLVAMEATELHYPDYARIHSEIHVRISDFPTIYSLRELRESNLSSLVRV
TGVVTRRTGVFPQLKYVKFNCLKCGSILGPFFQDSNEEIRISFCTNCKSKGPFRVNGEKTVYRNYQRVTLQEAPGTVPPG
RLPRHREVILLADLVDVSKPGEEVEVTGIYKNNYDGNLNAKNGFPVFATIIEANSIKRREGNTANEGEEGLDVFSWTEEE
EREFRKISRDRGIIDKIISSMAPSIYGHRDIKTAVACSLFGGVPKNVNGKHSIRGDINVLLLGDPGTAKSQILKYVEKTA
HRAVFATGQGASAVGLTASVRKDPITKEWTLEGGALVLADKGVCLIDEFDKMNDQDRTSIHEAMEQQSISISKAGIVTTL
QARCSIIAAANPNGGRYNSTLPLAQNVSLTEPILSRFDILCVVRDLVDEEADERLATFVVDSHVRSHPENDEDREGEELK
NNGESAIEQGEDEINEQLNARQRRLQRQRKKEEEISPIPQELLMKYIHYARTKIYPKLHQMDMDKVSRVYADLRRESIST
GSFPITVRHLESILRIAESFAKMRLSEFVSSYDLDRAIKVVVDSFVDAQKVSVRRQLRRSFAIYTLGH
;
2
2 'polypeptide(L)'
;MEGSTGFDGDATTFFAPDAVFGDRVRRFQEFLDTFTSYRDSVRSIQVYNSNNAANYNDDQDDADERDLLGDDDGDDLEKE
KKAASSTSLNILPHRIIISLDDLREFDRSFWSGILVEPAYFIPPAEKALTDLADSMDDVPHPNASAVSSRHPWKLSFKGS
FGAHALSPRTLTAQHLNKLVSVEGIVTKTSLVRPKLIRSVHYAAKTGRFHYRDYTDATTTLTTRIPTPAIYPTEDTEGNK
LTTEYGYSTFIDHQRITVQEMPEMAPAGQLPRSIDVILDDDLVDKTKPGDRVNVVGVFKSLGAGGMNQSNSNTLIGFKTL
ILGNTVYPLHARSTGVAARQMLTDFDIRNINKLSKKKDIFDILSQSLAPSIYGHDHIKKAILLMLMGGVEKNLENGSHLR
GDINILMVGDPSTAKSQLLRFVLNTASLAIATTGRGSSGVGLTAAVTTDRETGERRLEAGAMVLADRGVVCIDEFDKMTD
VDRVAIHEVMEQQTVTIAKAGIHTTLNARCSVIAAANPVFGQYDVNRDPHQNIALPDSLLSRFDLLFVVTDDINEIRDRS
ISEHVLRTHRYLPPGYLEGEPVRERLNLSLAVGEDADINPEEHSNSGAGVENEGEDDEDHVFEKFNPLLQAGAKLAKNKG
NYNGTEIPKLVTIPFLRKYVQYAKERVIPQLTQEAINVIVKNYTDLRNDDNTKKSPITARTLETLIRLATAHAKVRLSKT
VNKVDAKVAANLLRFALLGEDIGNDIDEEESEYEEALSKRSPQKSPKKRQRVRQPASNSGSPIKSTPRRSTASSVNATPS
SARRILRFQDDEQNAGEDDNDIMSPLPADEEAELQRRLQLGLRVSPRRREHLHAPEEGSSGPLTEVGTPRLPNVSSAGQD
DEQQQSVISFDNVEPGTISTGRLSLISGIIARLMQTEIFEEESYPVASLFERINEELPEEEKFSAQEYLAGLKIMSDRNN
LMVADDKVWRV
;
3
3 'polypeptide(L)'
;MSQQSSSPTKEDNNSSSPVVPNPDSVPPQLSSPALFYSSSSSQGDIYGRNNSQNLSQGEGNIRAAIGSSPLNFPSSSQRQ
NSDVFQSQGRQGRIRSSASASGRSRYHSDLRSDRALPTSSSSLGRNGQNRVHMRRNDIHTSDLSSPRRIVDFDTRSGVNT
LDTSSSSAPPSEASEPLRIIWGTNVSIQECTTNFRNFLMSFKYKFRKILDEREEFINNTTDEELYYIKQLNEMRELGTSN
LNLDARNLLAYKQTEDLYHQLLNYPQEVISIMDQTIKDCMVSLIVDNNLDYDLDEIETKFYKVRPYNVGSCKGMRELNPN
DIDKLINLKGLVLRSTPVIPDMKVAFFKCNVCDHTMAVEIDRGVIQEPARCERIDCNEPNSMSLIHNRCSFADKQVIKLQ
ETPDFVPDGQTPHSISLCVYDELVDSCRAGDRIEVTGTFRSIPIRANSRQRVLKSLYKTYVDVVHVKKVSDKRLDVDTST
IEQELMQNKVDHNEVEEVRQITDQDLAKIREVAAREDLYSLLARSIAPSIYELEDVKKGILLQLFGGTNKTFTKGGRYRG
DINILLCGDPSTSKSQILQYVHKITPRGVYTSGKGSSAVGLTAYITRDVDTKQLVLESGALVLSDGGVCCIDEFDKMSDS
TRSVLHEVMEQQTISIAKAGIITTLNARSSILASANPIGSRYNPNLPVTENIDLPPPLLSRFDLVYLVLDKVDEKNDREL
AKHLTNLYLEDKPEHISQDDVLPVEFLTMYISYAKEHIHPIITEAAKTELVRAYVGMRKMGDDSRSDEKRITATTRQLES
MIRLAEAHAKMKLKNVVELEDVQEAVRLIRSAIKDYATDPKTGKIDMNLVQTGKSVIQRKLQEDLSREIMNVLKDQASDS
MSFNELIKQINEHSQDRVESSDIQEALSRLQQEDKVIVLGEGVRRSVRLNNRV
;
4
4 'polypeptide(L)'
;MSFDRPEIYSAPVLQGESPNDDDNTEIIKSFKNFILEFRLDSQFIYRDQLRNNILVKNYSLTVNMEHLIGYNEDIYKKLS
DEPSDIIPLFETAITQVAKRISILSRAQSANNNDKDPENTSMDTDSLLLNSLPTFQLILNSNANQIPLRDLDSEHVSKIV
RLSGIIISTSVLSSRATYLSIMCRNCRHTTSITINNFNSITGNTVSLPRSCLSTIESESSMANESNIGDESTKKNCGPDP
YIIIHESSKFIDQQFLKLQEIPELVPVGEMPRNLTMTCDRYLTNKVIPGTRVTIVGIYSIYNSKNGAGSGRSGGGNGGSG
VAIRTPYIKILGIQSDVETSSIWNSVTMFTEEEEEEFLQLSRNPKLYEILTNSIAPSIFGNEDIKKAIVCLLMGGSKKIL
PDGMRLRGDINVLLLGDPGTAKSQLLKFVEKVSPIAVYTSGKGSSAAGLTASVQRDPMTREFYLEGGAMVLADGGVVCID
EFDKMRDEDRVAIHEAMEQQTISIAKAGITTVLNSRTSVLAAANPIYGRYDDLKSPGDNIDFQTTILSRFDMIFIVKDDH
NEERDISIANHVINIHTGNANAMQNQQEENGSEISIEKMKRYITYCRLKCAPRLSPQAAEKLSSNFVTIRKQLLINELES
TERSSIPITIRQLEAIIRITESLAKLELSPIAQERHVDEAIRLFQASTMDAASQDPIGGLNQASGTSLSEIRRFEQELKR
RLPIGWSTSYQTLRREFVDTHRFSQLALDKALYALEKHETIQLRHQGQNIYRSGV
;
5
5 'polypeptide(L)'
;MSSPFPADTPSSNRPSNSSPPPSSIGAGFGSSSGLDSQIGSRLHFPSSSQPHVSNSQTGPFVNDSTQFSSQRLQTDGSAT
NDMEGNEPARSFKSRALNHVKKVDDVTGEKVREAFEQFLEDFSVQSTDTGEVEKVYRAQIEFMKIYDLNTIYIDYQHLSM
RENGALAMAISEQYYRFLPFLQKGLRRVVRKYAPELLNTSDSLKRSEGDEGQADEDEQQDDDMNGSSLPRDSGSSAAPGN
GTSAMATRSITTSTSPEQTERVFQISFFNLPTVHRIRDIRSEKIGSLLSISGTVTRTSEVRPELYKASFTCDMCRAIVDN
VEQSFKYTEPTFCPNPSCENRAFWTLNVTRSRFLDWQKVRIQENANEIPTGSMPRTLDVILRGDSVERAKPGDRCKFTGV
EIVVPDVTQLGLPGVKPSSTLDTRGISKTTEGLNSGVTGLRSLGVRDLTYKISFLACHVISIGSNIGASSPDANSNNRET
ELQMAANLQANNVYQDNERDQEVFLNSLSSDEINELKEMVKDEHIYDKLVRSIAPAVFGHEAVKKGILLQMLGGVHKSTV
EGIKLRGDINICVVGDPSTSKSQFLKYVVGFAPRSVYTSGKASSAAGLTAAVVRDEEGGDYTIEAGALMLADNGICCIDE
FDKMDISDQVAIHEAMEQQTISIAKAGIHATLNARTSILAAANPVGGRYNRKLSLRGNLNMTAPIMSRFDLFFVILDDCN
EKIDTELASHIVDLHMKRDEAIEPPFSAEQLRRYIKYARTFKPILTKEARSYLVEKYKELRKDDAQGFSRSSYRITVRQL
ESMIRLSEAIARANCVDEITPSFIAEAYDLLRQSIIRVDVDDVEMDEEFDNIESQSHAASGNNDDNDDGTGSGVITSEPP
ADIEEGQSEATARPGTSEKKKTTVTYDKYVSMMNMIVRKIAEVDREGAEELTAVDIVDWYLLQKENDLGSLAEYWEERRL
AFKVIKRLVKDRILMEIHGTRHNLRDLENEENENNKTVYVIHPNCEVLDQLEPQDSS
;
6
6 'polypeptide(L)'
;MSAALPSIQLPVDYNNLFNEITDFLVTFKQDTLSSDATRNENEDENLDAENIEQHLLEKGPKYMAMLQKVANRELNSVII
DLDDILQYQNEKFLQGTQADDLVSAIQQNANHFTELFCRAIDNNMPLPTKEIDYKDDVLDVILNQRRLRNERMLSDRTNE
IRSENLMDTTMDPPSSMNDALREVVEDETELFPPNLTRRYFLYFKPLSQNCARRYRKKAISSKPLSVRQIKGDFLGQLIT
VRGIITRVSDVKPAVEVIAYTCDQCGYEVFQEVNSRTFTPLSECTSEECSQNQTKGQLFMSTRASKFSAFQECKIQELSQ
QVPVGHIPRSLNIHVNGTLVRSLSPGDIVDVTGIFLPAPYTGFKALKAGLLTETYLEAQFVRQHKKKFASFSLTSDVEER
VMELITSGDVYNRLAKSIAPEIYGNLDVKKALLLLLVGGVDKRVGDGMKIRGDINVCLMGDPGVAKSQLLKAICKISPRG
VYTTGKGSSGVGLTAAVMKDPVTDEMILEGGALVLADNGICCIDEFDKMDESDRTAIHEVMEQQTISISKAGINTTLNAR
TSILAAANPLYGRYNPRLSPLDNINLPAALLSRFDILFLMLDIPSRDDDEKLAEHVTYVHMHNKQPDLDFTPVEPSKMRE
YIAYAKTKRPVMSEAVNDYVVQAYIRLRQDSKREMDSKFSFGQATPRTLLGIIRLSQALAKLRLADMVDIDDVEEALRLV
RVSKESLYQETNKSKEDESPTTKIFTIIKKMLQETGKNTLSYENIVKTVRLRGFTMLQLSNCIQEYSYLNVWHLINEGNT
LKFVDDGTMDTDQEDSLVSTPKLAPQTTASANVSAQDSDIDLQDA
;
7
7 'polypeptide(L)'
;MYGDLGNKLVLEAKRTKQLYARSNQDVNLPMYHEDIIRNILKEVSNLRKNTEYLKEQQQLGMLDDKVAKCQYFVTLLCME
RNKRCLLAYQRLRTDILDSMAWNNNGLDLMSSITFSQQDTNNLSHQEQEYLKEYCDLITDLKSGDLVDIDLSGSLVPPSD
VFIDVRVLKDAGEIQTEYGVFNLIKDSQFFVRQSDVERLIQQGYLQKI
;
A
8 'polypeptide(L)'
;MSLPAHLQQTFSPEEIQFIVENEPIKIFPRITTRQKIRGDDRGTGNHTRWQLITTDDKALNNMVAMRSTEVVLWIALLLK
QQSKCSIVAPQWLTTKELDRKIQYEKTHPDRFSELPWNWLVLARILFNKAKDDFHDPIHELRGKIQDLREIRQIKVLKGL
KYLNESHLQLDNLSLLEINELRPFITEIMDKLREIHTASLTAGTENDEEEFNI
;
B
9 'polypeptide(L)'
;MGYYDIDDVLADGTEFPCKFQYDIPGLGYLENNPGRPITKNTKLSLPLWLARILAIVGGDEALVDEEPVPFVELLPPDMF
STKVMNAIKTDPVALDLHSINSHFFSLAIKWIMLFSEKELANVVSELLLQRAQELNHHASSLSIDLNADSTGKNSANTNI
ATSTFLLKLEEMEKEIYKKSHESYKDTKRWMFKK
;
C
10 'polypeptide(L)'
;MDINIDDILAELDKETTAVDSTKITQGSSSTTHRDANTIVGSSLDLNDKTQIYVSPQQDFSDLMKSWKNERCSPELLPYP
HQLMKRLLNRISMQSQLIENISMGFLDMQNASNANPPMPNESKLPLLCMETELERLKFVIRSYIRCRLSKIDKFSLYLRQ
LNEDENSLISLTDLLSKDEIKYHDTHSLIWLKLVNDSILKYMPEELQAINDTEGSVNMIDEPDWNKFVFIHVNGPPDGKW
NEDPLLQENEFGKPCYTVTIPDLKEEVELTIGSIYVMRYEVIRDLLRDDKVALI
;
D
11 'polypeptide(L)'
;MYYGISQFSEAYNKILRNSSSHSSCQLVIFVSCLNIDALCATKMLSLLFKKQLVQSQIVPIFGYSELRRHYSQLDDNINS
LLLVGFGGVIDLEAFLEIDPQEYVIDTDEKSGEQSFRRDIYVLDAHRPWNLDNIFGSQIIQCFDDGTVDDTLGEQKEAYY
KLLELDEESGDDELSGDENDNNGGDDEATDADEVTDEDEEDEDETISNKRGNSSIGPNDLSKRKQRKKQIHEYEGVLEEY
YSQGTTVVNSISAQIYSLLSAIGETNLSNLWLNILGTTSLDIAYAQVYNRLYPLLQDEVKRLTPSSRNSVKTPDTLTLNI
QPDYYLFLLRHSSLYDSFYYSNYVNAKLSLWNENGKKRLHKMFARMGIPLSTAQETWLYMDHSIKRELGIIFDKNLDRYG
LQDIIRDGFVRTLGYRGSISASEFVEALTALLEVGNSTDKDSVKINNDNNDDTDGEEEEDNSAQKLTNLRKRWVSNFWLS
WDALDDRKVELLNRGIQLAQDLQRAIFNTGVAILEKKLIKHLRIYRLCVLQDGPDLDLYRNPLTLLRLGNWLIECCAESE
DKQLLPMVLASIDENTDTYLVAGLTPRYPRGLDTIHTKKPILNNFSMAFQQITAETDAKVRIDNFESSIIEIRREDLSPF
LEKLTLSGLL
;
E
12 'polypeptide(L)'
;MVSVIDKLVFDFGGKTLVSLAPDNNTLCVANKNGLTKILKTNNPEEEPETLDSSKLVSSIKCYSNSHFLMTTMQGDALRY
NIDSSQEELLARFALPLRDCCVIHSGKMAVFGGDDLELILLELDDETHKKHAIKIDEQVSQISYNSQMNILAVSMINGKV
QIFSLTSTIPNKVHELNDYIVANSYDDTHRDKILSNMMDDIDKDNDNDLSETADPDENNVADPEFCAANRICTRVAWHPK
GLHFALPCADDTVKIFSIKGYSLQKTLSTNLSSTKAHFIDLQFDPLRGTYIAAVDLNNKLTVWNWETSEIHYTREFKRKI
TNIAWKIQADSKTLDLVLGTWSGSIAIVQNLAESVVSNIPDQSVAESSTKHGLFVDSESDLENLEGNDDINKSDKLFSDI
TQEANAEDVFTQTHDGPSGLSEKRKYNFEDEEDFIDDDDGAGYISGKKPHNEHSYSRVHKTHSFPISLANTGKFRYMPFS
PAGTPFGFTDRRYLTMNEVGYVSTVKNSEQYSITVSFFDVGRFREYHFEDLFGYDLCFLNEKGTLFGQSKTGQIQYRPHD
SIHSNWTKIIPLQAGERITSVAATPVRVIVGTSLGYFRSFNQFGVPFAVEKTSPIVALTAQNYRVFSVHYSQFHGLSYSL
SELGTSSKRYYKRECPLPMSLPNINSDMKKDANLDYYNFNPMGIKSLFFSSYGDPCIFGSDNTLLLLSKWRSPEESKWLP
ILDSNMEIWKMSGGKETTDIHVWPLALAYDTLNCILVKGKHIWPEFPLPLPSEMEIRMPVFVKSKLLEENKAILNKKNEI
GADTEAEEGEEDKEIQIPVSMAAEEEYLRSKVLSELLTDTLENDGEMYGNENEVLAALNGAYDKALLRLFASACSDQNVE
KALSLAHELKQDRALTAAVKISERAELPSLVKKINNIREARYEQQLK
;
F,G,H
13 'polydeoxyribonucleotide'
;(DT)(DA)(DG)(DA)(DG)(DT)(DA)(DG)(DG)(DA)(DA)(DG)(DT)(DG)(DA)(DT)(DG)(DG)(DT)(DA)
(DA)(DG)(DT)(DG)(DA)(DT)(DT)(DA)(DG)(DA)(DG)(DA)(DA)(DT)(DT)(DG)(DG)(DA)(DG)(DA)
(DG)(DT)(DG)(DT)(DG)(DT)(DT)(DT)(DT)(DT)(DT)(DT)(DT)(DT)(DT)(DT)(DT)(DT)(DT)(DT)
(DT)(DT)(DT)(DT)(DT)(DT)(DT)(DT)(DT)(DT)(DT)
;
I
14 'polydeoxyribonucleotide'
;(DG)(DG)(DC)(DA)(DG)(DG)(DC)(DA)(DG)(DG)(DC)(DA)(DG)(DG)(DC)(DA)(DC)(DA)(DC)(DA)
(DC)(DT)(DC)(DT)(DC)(DC)(DA)(DA)(DT)(DT)(DC)(DT)(DC)(DT)(DA)(DA)(DT)(DC)(DA)(DC)
(DT)(DT)(DA)(DC)(DC)(DA)(DT)(DC)(DA)(DC)(DT)(DT)(DC)(DC)(DT)(DA)(DC)(DT)(DC)(DT)
(DA)
;
J
15 'polypeptide(L)'
;MMFGKKKNNGGSSTARYSAGNKYNTLSNNYALSAQQLLNASKIDDIDSMMGFERYVPPQYNGRFDAKDIDQIPGRVGWLT
NMHATLVSQETLSSGSNGGGNSNDGERVTTNQGISGVDFYFLDEEGGSFKSTVVYDPYFFIACNDESRVNDVEELVKKYL
ESCLKSLQIIRKEDLTMDNHLLGLQKTLIKLSFVNSNQLFEARKLLRPILQDNANNNVQRNIYNVAANGSEKVDAKHLIE
DIREYDVPYHVRVSIDKDIRVGKWYKVTQQGFIEDTRKIAFADPVVMAFDIETTKPPLKFPDSAVDQIMMISYMIDGEGF
LITNREIISEDIEDFEYTPKPEYPGFFTIFNENDEVALLQRFFEHIRDVRPTVISTFNGDFFDWPFIHNRSKIHGLDMFD
EIGFAPDAEGEYKSSYCSHMDCFRWVKRDSYLPQGSQGLKAVTQSKLGYNPIELDPELMTPYAFEKPQHLSEYSVSDAVA
TYYLYMKYVHPFIFSLCTIIPLNPDETLRKGTGTLCEMLLMVQAYQHNILLPNKHTDPIERFYDGHLLESETYVGGHVES
LEAGVFRSDLKNEFKIDPSAIDELLQELPEALKFSVEVENKSSVDKVTNFEEIKNQITQKLLELKENNIRNELPLIYHVD
VASMYPNIMTTNRLQPDSIKAERDCASCDFNRPGKTCARKLKWAWRGEFFPSKMDEYNMIKRALQNETFPNKNKFSKKKV
LTFDELSYADQVIHIKKRLTEYSRKVYHRVKVSEIVEREAIVCQRENPFYVDTVKSFRDRRYEFKGLAKTWKGNLSKIDP
SDKHARDEAKKMIVLYDSLQLAHKVILNSFYGYVMRKGSRWYSMEMAGITCLTGATIIQMARALVERVGRPLELDTDGIW
CILPKSFPETYFFTLENGKKLYLSYPCSMLNYRVHQKFTNHQYQELKDPLNYIYETHSENTIFFEVDGPYKAMILPSSKE
EGKGIKKRYAVFNEDGSLAELKGFELKRRGELQLIKNFQSDIFKVFLEGDTLEGCYSAVASVCNRWLDVLDSHGLMLEDE
DLVSLICENRSMSKTLKEYEGQKSTSITTARRLGDFLGEDMVKDKGLQCKYIISSKPFNAPVTERAIPVAIFSADIPIKR
SFLRRWTLDPSLEDLDIRTIIDWGYYRERLGSAIQKIITIPAALQGVSNPVPRVEHPDWLKRKIATKEDKFKQTSLTKFF
SKTKNVPTMGKIKDIEDLFEPTVEEDNAKIKIARTTKKKAVSKRKRNQLTNEEDPLVLPSEIPSMDEDYVGWLNYQKIKW
KIQARDRKRRDQLFGNTNSSRERSALGSMIRKQAESYANSTWEVLQYKDSGEPGVLEVFVTINGKVQNITFHIPKTIYMK
FKSQTMPLQKIKNCLIEKSSASLPNNPKTSNPAGGQLFKITLPESVFLEEKENCTSIFNDENVLGVFEGTITPHQRAIMD
LGASVTFRSKAMGALGKGIQQGFEMKDLSMAENERYLSGFSMDIGYLLHFPTSIGYEFFSLFKSWGDTITILVLKPSNQA
QEINASSLGQIYKQMFEKKKGKIETYSYLVDIKEDINFEFVYFTDISKLYRRLSQETTKLKEERGLQFLLLLQSPFITKL
LGTIRLLNQMPIVKLSLNEVLLPQLNWQPTLLKKLVNHVLSSGSWISHLIKLSQYSNIPICNLRLDSMDYIIDVLYARKL
KKENIVLWWNEKAPLPDHGGIQNDFDLNTSWIMNDSEFPKINNSGVYDNVVLDVGVDNLTVNTILTSALINDAEGSDLVN
NNMGIDDKDAVINSPSEFVHDAFSNDALNVLRGMLKEWWDEALKENSTADLLVNSLASWVQNPNAKLFDGLLRYHVHNLT
KKALLQLVNEFSALGSTIVYADRNQILIKTNKYSPENCYAYSQYMMKAVRTNPMFSYLDLNIKRYWDLLIWMDKFNFSGL
ACIEIEEKENQDYTAVSQWQLKKFLSPIYQPEFEDWMMIILDSMLKTKQSYLKLNSGTQRPTQIVNVKKQDKEDSVENSL
NGFSHLFSKPLMKRVKKLFKNQQEFILDPQYEADYVIPVLPGSHLNVKNPLLELVKSLCHVMLLSKSTILEIRTLRKELL
KIFELREFAKVAEFKDPSLSLVVPDFLCEYCFFISDIDFCKAAPESIFSCVRCHKAFNQVLLQEHLIQKLRSDIESYLIQ
DLRCSRCHKVKRDYMSAHCPCAGAWEGTLPRESIVQKLNVFKQVAKYYGFDILLSCIADLTI
;
M
16 'polypeptide(L)'
;MFGSGNVLPVKIQPPLLRPLAYRVLSRKYGLSIKSDGLSALAEFVGTNIGANWRQGPATIKFLEQFAAVWKQQERGLFID
QSGVKEVIQEMKEREKVEWSHEHPIQHEENILGRTDDDENNSDDEMPIAADSSLQNVSLSSPMRQPTERDEYKQPFKPES
SKALDWRDYFKVINASQQQRFSYNPHKMQFIFVPNKKQNGLGGIAGFLPDIEDKVQMFLTRYYLTNDRVMRNENFQNSDM
FNPLSSMVSLQNELSNTNRQQQSSSMSITPIKNLLGRDAQNFLLLGLLNKNFKGNWSLEDPSGSVEIDISQTIPTQGHYY
VPGCMVLVEGIYYSVGNKFHVTSMTLPPGERREITLETIGNLDLLGIHGISNNNFIARLDKDLKIRLHLLEKELTDHKFV
ILGANLFLDDLKIMTALSKILQKLNDDPPTLLIWQGSFTSVPVFASMSSRNISSSTQFKNNFDALATLLSRFDNLTENTT
MIFIPGPNDLWGSMVSLGASGTLPQDPIPSAFTKKINKVCKNVVWSSNPTRIAYLSQEIVIFRDDLSGRFKRHRLEFPFN
ESEDVYTENDNMMSKDTDIVPIDELVKEPDQLPQKVQETRKLVKTILDQGHLSPFLDSLRPISWDLDHTLTLCPIPSTMV
LCDTTSAQFDLTYNGCKVINPGSFIHNRRARYMEYVPSSKKTIQEEIYI
;
N
#
loop_
_chem_comp.id
_chem_comp.type
_chem_comp.name
_chem_comp.formula
ADP non-polymer ADENOSINE-5'-DIPHOSPHATE 'C10 H15 N5 O10 P2'
AGS non-polymer 'PHOSPHOTHIOPHOSPHORIC ACID-ADENYLATE ESTER' 'C10 H16 N5 O12 P3 S'
DA DNA linking 2'-DEOXYADENOSINE-5'-MONOPHOSPHATE 'C10 H14 N5 O6 P'
DC DNA linking 2'-DEOXYCYTIDINE-5'-MONOPHOSPHATE 'C9 H14 N3 O7 P'
DG DNA linking 2'-DEOXYGUANOSINE-5'-MONOPHOSPHATE 'C10 H14 N5 O7 P'
DT DNA linking THYMIDINE-5'-MONOPHOSPHATE 'C10 H15 N2 O8 P'
MG non-polymer 'MAGNESIUM ION' 'Mg 2'
ZN non-polymer 'ZINC ION' 'Zn 2'
#
# COMPACT_ATOMS: atom_id res chain seq x y z
N ILE A 174 -14.13 64.88 28.60
CA ILE A 174 -15.14 63.95 29.08
C ILE A 174 -16.25 63.79 28.06
N ASP A 175 -16.75 62.55 27.92
CA ASP A 175 -17.81 62.22 27.00
C ASP A 175 -18.78 61.26 27.68
N PRO A 176 -20.06 61.31 27.33
CA PRO A 176 -20.99 60.30 27.86
C PRO A 176 -20.59 58.88 27.49
N LEU A 177 -20.08 58.69 26.28
CA LEU A 177 -19.51 57.44 25.84
C LEU A 177 -18.17 57.72 25.17
N ARG A 178 -17.23 56.79 25.31
CA ARG A 178 -15.88 56.95 24.77
C ARG A 178 -15.19 58.18 25.35
N GLU A 179 -15.03 58.21 26.67
CA GLU A 179 -14.49 59.37 27.36
C GLU A 179 -13.06 59.12 27.81
N GLU A 180 -12.40 60.22 28.18
CA GLU A 180 -11.13 60.19 28.88
C GLU A 180 -11.23 61.07 30.11
N LEU A 181 -10.94 60.48 31.27
CA LEU A 181 -10.98 61.20 32.54
C LEU A 181 -9.74 60.86 33.34
N THR A 182 -9.59 61.55 34.47
CA THR A 182 -8.47 61.27 35.36
C THR A 182 -8.65 59.89 35.98
N LEU A 183 -7.54 59.35 36.51
CA LEU A 183 -7.56 58.02 37.09
C LEU A 183 -8.50 57.95 38.29
N GLU A 184 -8.55 59.02 39.09
CA GLU A 184 -9.37 59.00 40.29
C GLU A 184 -10.85 58.99 39.95
N SER A 185 -11.29 59.89 39.06
CA SER A 185 -12.70 59.92 38.66
C SER A 185 -13.09 58.63 37.95
N LEU A 186 -12.12 58.01 37.26
CA LEU A 186 -12.36 56.69 36.69
C LEU A 186 -12.55 55.65 37.80
N SER A 187 -11.76 55.76 38.87
CA SER A 187 -11.74 54.72 39.90
C SER A 187 -13.09 54.63 40.62
N ASN A 188 -13.60 55.76 41.13
CA ASN A 188 -14.83 55.74 41.88
C ASN A 188 -16.00 55.57 40.93
N VAL A 189 -16.89 54.64 41.23
CA VAL A 189 -18.04 54.41 40.36
C VAL A 189 -18.99 55.58 40.41
N LYS A 190 -19.17 56.19 41.59
CA LYS A 190 -20.11 57.28 41.79
C LYS A 190 -21.52 56.91 41.36
N ALA A 191 -21.80 55.61 41.30
CA ALA A 191 -23.08 55.10 40.85
C ALA A 191 -23.53 53.98 41.78
N ASN A 192 -24.83 53.71 41.76
CA ASN A 192 -25.39 52.68 42.63
C ASN A 192 -24.80 51.31 42.30
N SER A 193 -24.71 50.98 41.02
CA SER A 193 -24.23 49.67 40.58
C SER A 193 -22.82 49.80 40.04
N TYR A 194 -21.91 48.99 40.57
CA TYR A 194 -20.54 48.94 40.05
C TYR A 194 -20.53 48.50 38.60
N SER A 195 -21.21 47.37 38.31
CA SER A 195 -21.19 46.83 36.95
C SER A 195 -21.85 47.78 35.96
N GLU A 196 -22.90 48.49 36.40
CA GLU A 196 -23.51 49.48 35.53
C GLU A 196 -22.54 50.62 35.22
N TRP A 197 -21.77 51.04 36.22
CA TRP A 197 -20.77 52.08 35.98
C TRP A 197 -19.72 51.60 35.00
N ILE A 198 -19.25 50.36 35.16
CA ILE A 198 -18.29 49.81 34.20
C ILE A 198 -18.92 49.68 32.82
N THR A 199 -20.23 49.47 32.78
CA THR A 199 -20.92 49.28 31.51
C THR A 199 -20.83 50.52 30.62
N GLN A 200 -20.61 51.69 31.23
CA GLN A 200 -20.52 52.92 30.45
C GLN A 200 -19.32 52.85 29.51
N PRO A 201 -19.55 52.96 28.20
CA PRO A 201 -18.41 52.93 27.26
C PRO A 201 -17.46 54.08 27.44
N ASN A 202 -17.89 55.16 28.08
CA ASN A 202 -16.96 56.24 28.43
C ASN A 202 -15.90 55.73 29.39
N VAL A 203 -16.34 55.09 30.48
CA VAL A 203 -15.43 54.46 31.42
C VAL A 203 -14.56 53.44 30.73
N SER A 204 -15.17 52.64 29.85
CA SER A 204 -14.44 51.63 29.10
C SER A 204 -13.34 52.25 28.26
N ARG A 205 -13.62 53.37 27.61
CA ARG A 205 -12.62 53.99 26.75
C ARG A 205 -11.49 54.59 27.57
N THR A 206 -11.81 55.18 28.71
CA THR A 206 -10.76 55.67 29.60
C THR A 206 -9.86 54.53 30.05
N ILE A 207 -10.47 53.40 30.41
CA ILE A 207 -9.69 52.23 30.80
C ILE A 207 -8.84 51.75 29.63
N ALA A 208 -9.37 51.82 28.41
CA ALA A 208 -8.60 51.44 27.24
C ALA A 208 -7.38 52.31 27.07
N ARG A 209 -7.55 53.62 27.29
CA ARG A 209 -6.41 54.53 27.22
C ARG A 209 -5.36 54.14 28.25
N GLU A 210 -5.77 53.93 29.49
CA GLU A 210 -4.82 53.56 30.53
C GLU A 210 -4.16 52.22 30.21
N LEU A 211 -4.91 51.32 29.59
CA LEU A 211 -4.39 49.99 29.26
C LEU A 211 -3.30 50.08 28.20
N LYS A 212 -3.58 50.79 27.11
CA LYS A 212 -2.55 51.05 26.11
C LYS A 212 -1.37 51.77 26.74
N SER A 213 -1.64 52.66 27.69
CA SER A 213 -0.57 53.43 28.31
C SER A 213 0.40 52.52 29.05
N PHE A 214 -0.12 51.67 29.93
CA PHE A 214 0.82 50.89 30.72
C PHE A 214 1.34 49.70 29.94
N LEU A 215 0.67 49.33 28.84
CA LEU A 215 1.07 48.15 28.09
C LEU A 215 2.50 48.26 27.59
N LEU A 216 2.82 49.38 26.95
CA LEU A 216 4.19 49.62 26.49
C LEU A 216 4.88 50.67 27.33
N GLU A 217 4.15 51.74 27.68
CA GLU A 217 4.77 52.85 28.40
C GLU A 217 5.28 52.41 29.77
N TYR A 218 4.52 51.58 30.47
CA TYR A 218 4.91 51.12 31.80
C TYR A 218 5.90 49.97 31.70
N THR A 219 7.18 50.28 31.89
CA THR A 219 8.27 49.31 31.78
C THR A 219 8.69 48.95 33.20
N ASP A 220 8.01 47.97 33.79
CA ASP A 220 8.22 47.67 35.20
C ASP A 220 9.59 47.03 35.41
N GLU A 221 10.37 47.61 36.33
CA GLU A 221 11.62 47.05 36.81
C GLU A 221 12.66 46.88 35.71
N THR A 222 12.35 47.32 34.50
CA THR A 222 13.26 47.17 33.36
C THR A 222 13.19 48.43 32.52
N GLY A 223 14.24 48.64 31.74
CA GLY A 223 14.22 49.70 30.75
C GLY A 223 13.24 49.46 29.62
N ARG A 224 12.68 48.26 29.53
CA ARG A 224 11.73 47.91 28.49
C ARG A 224 10.50 47.27 29.11
N SER A 225 9.35 47.50 28.49
CA SER A 225 8.10 46.95 29.00
C SER A 225 8.07 45.45 28.74
N VAL A 226 8.05 44.66 29.80
CA VAL A 226 8.02 43.21 29.66
C VAL A 226 6.78 42.79 28.88
N TYR A 227 5.67 43.52 29.04
CA TYR A 227 4.51 43.26 28.22
C TYR A 227 4.78 43.58 26.76
N GLY A 228 5.46 44.69 26.50
CA GLY A 228 5.89 44.97 25.14
C GLY A 228 6.82 43.89 24.63
N ALA A 229 7.65 43.33 25.51
CA ALA A 229 8.52 42.22 25.12
C ALA A 229 7.70 41.01 24.70
N ARG A 230 6.65 40.69 25.46
CA ARG A 230 5.75 39.60 25.08
C ARG A 230 5.08 39.90 23.75
N ILE A 231 4.76 41.17 23.51
CA ILE A 231 4.29 41.58 22.20
C ILE A 231 5.42 41.36 21.19
N ARG A 232 5.04 41.01 19.96
CA ARG A 232 5.87 40.75 18.80
C ARG A 232 6.79 39.56 19.06
N THR A 233 6.80 39.09 20.30
CA THR A 233 7.37 37.78 20.60
C THR A 233 6.31 36.71 20.39
N LEU A 234 5.12 36.94 20.94
CA LEU A 234 3.96 36.17 20.53
C LEU A 234 3.69 36.35 19.04
N GLY A 235 4.01 37.53 18.52
CA GLY A 235 3.94 37.77 17.10
C GLY A 235 4.90 36.87 16.36
N GLU A 236 6.13 36.78 16.86
CA GLU A 236 7.06 35.78 16.35
C GLU A 236 6.54 34.38 16.59
N MET A 237 5.97 34.12 17.78
CA MET A 237 5.35 32.84 18.03
C MET A 237 4.08 32.68 17.21
N ASN A 238 3.53 33.78 16.69
CA ASN A 238 2.35 33.76 15.84
C ASN A 238 1.19 33.07 16.54
N SER A 239 0.97 33.41 17.81
CA SER A 239 -0.12 32.87 18.60
C SER A 239 -1.04 33.99 19.06
N GLU A 240 -1.98 33.63 19.93
CA GLU A 240 -3.09 34.50 20.28
C GLU A 240 -3.26 34.70 21.78
N SER A 241 -2.42 34.06 22.60
CA SER A 241 -2.67 34.01 24.04
C SER A 241 -2.53 35.38 24.69
N LEU A 242 -1.34 35.99 24.56
CA LEU A 242 -1.02 37.27 25.19
C LEU A 242 -1.13 37.19 26.72
N GLU A 243 -0.19 36.41 27.27
CA GLU A 243 -0.06 36.27 28.71
C GLU A 243 0.25 37.61 29.38
N VAL A 244 -0.34 37.82 30.57
CA VAL A 244 -0.20 39.07 31.29
C VAL A 244 0.46 38.90 32.65
N ASN A 245 0.20 37.78 33.34
CA ASN A 245 0.70 37.42 34.67
C ASN A 245 -0.04 38.17 35.77
N TYR A 246 -0.91 39.14 35.44
CA TYR A 246 -1.76 39.86 36.38
C TYR A 246 -0.92 40.75 37.27
N ARG A 247 0.39 40.56 37.24
CA ARG A 247 1.28 41.47 37.93
C ARG A 247 1.68 42.58 36.97
N HIS A 248 2.30 43.62 37.53
CA HIS A 248 2.59 44.84 36.79
C HIS A 248 1.28 45.51 36.39
N LEU A 249 0.16 44.96 36.87
CA LEU A 249 -1.16 45.54 36.68
C LEU A 249 -1.61 46.25 37.96
N ALA A 250 -1.66 45.50 39.06
CA ALA A 250 -1.81 46.13 40.36
C ALA A 250 -0.60 47.02 40.64
N GLU A 251 0.58 46.55 40.25
CA GLU A 251 1.78 47.38 40.36
C GLU A 251 1.66 48.63 39.50
N SER A 252 0.89 48.57 38.42
CA SER A 252 0.63 49.76 37.59
C SER A 252 -0.72 50.38 37.95
N LYS A 253 -0.77 50.97 39.13
CA LYS A 253 -1.82 51.84 39.64
C LYS A 253 -3.08 51.06 40.06
N ALA A 254 -3.19 49.77 39.71
CA ALA A 254 -4.07 48.82 40.40
C ALA A 254 -5.57 49.08 40.28
N ILE A 255 -5.97 50.23 39.73
CA ILE A 255 -7.40 50.47 39.55
C ILE A 255 -7.94 49.56 38.47
N LEU A 256 -7.21 49.46 37.37
CA LEU A 256 -7.53 48.47 36.35
C LEU A 256 -7.55 47.07 36.95
N ALA A 257 -6.64 46.78 37.89
CA ALA A 257 -6.58 45.45 38.49
C ALA A 257 -7.87 45.15 39.25
N LEU A 258 -8.29 46.08 40.10
CA LEU A 258 -9.53 45.86 40.85
C LEU A 258 -10.73 45.80 39.91
N PHE A 259 -10.74 46.67 38.90
CA PHE A 259 -11.83 46.69 37.94
C PHE A 259 -11.98 45.34 37.25
N LEU A 260 -10.86 44.80 36.77
CA LEU A 260 -10.86 43.47 36.21
C LEU A 260 -11.36 42.44 37.21
N ALA A 261 -10.81 42.46 38.42
CA ALA A 261 -11.19 41.46 39.41
C ALA A 261 -12.68 41.51 39.72
N LYS A 262 -13.30 42.67 39.54
CA LYS A 262 -14.72 42.79 39.84
C LYS A 262 -15.58 42.45 38.63
N CYS A 263 -15.39 43.15 37.51
CA CYS A 263 -16.19 42.97 36.29
C CYS A 263 -15.25 42.74 35.12
N PRO A 264 -14.80 41.50 34.92
CA PRO A 264 -13.79 41.23 33.88
C PRO A 264 -14.28 41.42 32.45
N GLU A 265 -15.39 40.78 32.06
CA GLU A 265 -15.61 40.42 30.66
C GLU A 265 -15.44 41.60 29.73
N GLU A 266 -16.05 42.75 30.06
CA GLU A 266 -16.00 43.91 29.18
C GLU A 266 -14.57 44.41 28.99
N MET A 267 -13.81 44.54 30.08
CA MET A 267 -12.44 45.03 29.95
C MET A 267 -11.50 43.94 29.45
N LEU A 268 -11.90 42.67 29.53
CA LEU A 268 -11.21 41.65 28.75
C LEU A 268 -11.36 41.93 27.26
N LYS A 269 -12.57 42.27 26.84
CA LYS A 269 -12.78 42.65 25.44
C LYS A 269 -11.96 43.89 25.09
N ILE A 270 -11.92 44.85 26.00
CA ILE A 270 -11.08 46.04 25.83
C ILE A 270 -9.62 45.65 25.70
N PHE A 271 -9.17 44.70 26.51
CA PHE A 271 -7.81 44.21 26.40
C PHE A 271 -7.56 43.61 25.02
N ASP A 272 -8.56 42.92 24.49
CA ASP A 272 -8.43 42.37 23.14
C ASP A 272 -8.27 43.48 22.12
N LEU A 273 -9.04 44.56 22.26
CA LEU A 273 -8.89 45.70 21.36
C LEU A 273 -7.48 46.28 21.44
N VAL A 274 -7.03 46.59 22.65
CA VAL A 274 -5.70 47.15 22.84
C VAL A 274 -4.64 46.19 22.32
N ALA A 275 -4.91 44.89 22.42
CA ALA A 275 -4.06 43.89 21.79
C ALA A 275 -4.04 44.09 20.28
N MET A 276 -5.17 44.42 19.69
CA MET A 276 -5.21 44.69 18.25
C MET A 276 -4.27 45.84 17.90
N GLU A 277 -4.40 46.97 18.61
CA GLU A 277 -3.55 48.11 18.26
C GLU A 277 -2.08 47.79 18.50
N ALA A 278 -1.75 47.15 19.62
CA ALA A 278 -0.37 46.79 19.88
C ALA A 278 0.16 45.84 18.81
N THR A 279 -0.65 44.87 18.42
CA THR A 279 -0.41 43.94 17.34
C THR A 279 0.05 44.66 16.08
N GLU A 280 -0.84 45.48 15.51
CA GLU A 280 -0.47 46.14 14.27
C GLU A 280 0.65 47.13 14.46
N LEU A 281 0.88 47.57 15.69
CA LEU A 281 1.96 48.50 15.99
C LEU A 281 3.32 47.80 15.92
N HIS A 282 3.52 46.79 16.77
CA HIS A 282 4.80 46.09 16.79
C HIS A 282 5.05 45.35 15.49
N TYR A 283 4.08 44.54 15.06
CA TYR A 283 4.08 43.91 13.75
C TYR A 283 2.95 44.40 12.90
N PRO A 284 3.19 45.34 11.99
CA PRO A 284 2.20 45.61 10.95
C PRO A 284 1.94 44.34 10.16
N ASP A 285 0.68 44.17 9.76
CA ASP A 285 0.14 43.05 9.00
C ASP A 285 -0.06 41.82 9.88
N TYR A 286 0.36 41.82 11.14
CA TYR A 286 0.03 40.71 12.03
C TYR A 286 -1.47 40.66 12.31
N ALA A 287 -2.20 41.72 12.01
CA ALA A 287 -3.65 41.66 11.93
C ALA A 287 -4.04 40.62 10.90
N ARG A 288 -5.31 40.20 10.89
CA ARG A 288 -5.88 39.24 9.95
C ARG A 288 -5.13 37.91 9.98
N ILE A 289 -4.13 37.79 10.86
CA ILE A 289 -3.58 36.48 11.18
C ILE A 289 -4.41 35.82 12.26
N HIS A 290 -4.57 36.51 13.39
CA HIS A 290 -5.59 36.20 14.38
C HIS A 290 -6.54 37.38 14.42
N SER A 291 -7.80 37.15 14.06
CA SER A 291 -8.78 38.22 14.10
C SER A 291 -8.96 38.76 15.50
N GLU A 292 -8.60 37.99 16.51
CA GLU A 292 -8.66 38.40 17.91
C GLU A 292 -7.33 38.02 18.56
N ILE A 293 -7.05 38.62 19.71
CA ILE A 293 -5.91 38.21 20.53
C ILE A 293 -6.40 38.04 21.96
N HIS A 294 -6.19 36.86 22.53
CA HIS A 294 -6.81 36.51 23.79
C HIS A 294 -6.19 37.29 24.95
N VAL A 295 -6.83 37.16 26.10
CA VAL A 295 -6.28 37.60 27.37
C VAL A 295 -5.81 36.34 28.10
N ARG A 296 -4.67 36.43 28.77
CA ARG A 296 -4.18 35.31 29.56
C ARG A 296 -3.76 35.83 30.92
N ILE A 297 -4.67 35.80 31.87
CA ILE A 297 -4.44 36.30 33.22
C ILE A 297 -3.81 35.16 34.03
N SER A 298 -2.48 35.14 34.08
CA SER A 298 -1.76 34.20 34.93
C SER A 298 -1.70 34.75 36.34
N ASP A 299 -1.68 33.85 37.32
CA ASP A 299 -1.52 34.22 38.72
C ASP A 299 -2.70 35.03 39.25
N PHE A 300 -2.82 35.11 40.56
CA PHE A 300 -3.98 35.72 41.19
C PHE A 300 -3.65 35.96 42.65
N PRO A 301 -4.25 36.96 43.29
CA PRO A 301 -4.02 37.16 44.72
C PRO A 301 -4.42 35.96 45.57
N THR A 302 -5.48 35.25 45.20
CA THR A 302 -5.99 34.15 46.00
C THR A 302 -6.20 32.92 45.13
N ILE A 303 -5.84 31.76 45.70
CA ILE A 303 -5.95 30.49 45.00
C ILE A 303 -7.37 29.94 45.06
N TYR A 304 -8.08 30.19 46.17
CA TYR A 304 -9.48 29.81 46.33
C TYR A 304 -9.69 28.30 46.33
N SER A 305 -10.94 27.87 46.50
CA SER A 305 -11.27 26.46 46.51
C SER A 305 -12.70 26.30 45.98
N LEU A 306 -13.01 25.08 45.53
CA LEU A 306 -14.39 24.79 45.15
C LEU A 306 -15.30 24.89 46.36
N ARG A 307 -14.80 24.51 47.53
CA ARG A 307 -15.53 24.77 48.77
C ARG A 307 -15.65 26.26 49.06
N GLU A 308 -14.84 27.09 48.40
CA GLU A 308 -14.86 28.52 48.64
C GLU A 308 -15.83 29.27 47.73
N LEU A 309 -16.45 28.58 46.77
CA LEU A 309 -17.26 29.25 45.76
C LEU A 309 -18.57 29.73 46.36
N ARG A 310 -18.71 31.04 46.52
CA ARG A 310 -19.91 31.64 47.08
C ARG A 310 -20.59 32.50 46.02
N GLU A 311 -21.82 32.92 46.34
CA GLU A 311 -22.56 33.80 45.44
C GLU A 311 -21.80 35.08 45.14
N SER A 312 -20.95 35.51 46.07
CA SER A 312 -20.05 36.63 45.80
C SER A 312 -19.08 36.28 44.68
N ASN A 313 -18.58 35.05 44.68
CA ASN A 313 -17.59 34.66 43.68
C ASN A 313 -18.18 34.55 42.28
N LEU A 314 -19.50 34.55 42.17
CA LEU A 314 -20.14 34.47 40.86
C LEU A 314 -19.76 35.66 39.98
N SER A 315 -19.62 35.38 38.69
CA SER A 315 -19.33 36.37 37.66
C SER A 315 -18.02 37.10 37.91
N SER A 316 -17.13 36.50 38.69
CA SER A 316 -15.82 37.08 38.98
C SER A 316 -14.74 36.07 38.65
N LEU A 317 -13.72 36.51 37.91
CA LEU A 317 -12.61 35.63 37.62
C LEU A 317 -11.76 35.43 38.87
N VAL A 318 -11.45 34.17 39.16
CA VAL A 318 -10.70 33.82 40.36
C VAL A 318 -9.83 32.61 40.03
N ARG A 319 -8.67 32.54 40.68
CA ARG A 319 -7.89 31.32 40.62
C ARG A 319 -8.62 30.20 41.33
N VAL A 320 -8.36 28.96 40.91
CA VAL A 320 -9.07 27.81 41.44
C VAL A 320 -8.05 26.70 41.69
N THR A 321 -8.52 25.57 42.21
CA THR A 321 -7.68 24.43 42.60
C THR A 321 -8.46 23.16 42.26
N GLY A 322 -8.22 22.62 41.06
CA GLY A 322 -9.03 21.53 40.56
C GLY A 322 -8.19 20.48 39.86
N VAL A 323 -8.86 19.38 39.49
CA VAL A 323 -8.24 18.28 38.77
C VAL A 323 -9.05 18.04 37.50
N VAL A 324 -8.40 18.20 36.35
CA VAL A 324 -9.04 17.95 35.06
C VAL A 324 -9.45 16.48 34.99
N THR A 325 -10.67 16.22 34.52
CA THR A 325 -11.13 14.85 34.48
C THR A 325 -11.67 14.45 33.11
N ARG A 326 -12.42 15.35 32.46
CA ARG A 326 -13.09 14.96 31.23
C ARG A 326 -12.18 15.08 30.01
N ARG A 327 -11.75 16.31 29.70
CA ARG A 327 -11.08 16.60 28.44
C ARG A 327 -11.87 16.04 27.25
N THR A 328 -13.08 16.56 27.09
CA THR A 328 -13.94 16.13 26.00
C THR A 328 -13.31 16.47 24.65
N GLY A 329 -13.80 15.82 23.61
CA GLY A 329 -13.31 16.08 22.26
C GLY A 329 -13.39 17.53 21.88
N VAL A 330 -12.27 18.11 21.44
CA VAL A 330 -12.25 19.53 21.10
C VAL A 330 -13.11 19.76 19.87
N PHE A 331 -14.04 20.71 19.98
CA PHE A 331 -15.01 20.97 18.94
C PHE A 331 -14.97 22.43 18.56
N PRO A 332 -14.94 22.76 17.27
CA PRO A 332 -15.14 24.15 16.86
C PRO A 332 -16.52 24.62 17.30
N GLN A 333 -16.57 25.87 17.77
CA GLN A 333 -17.80 26.45 18.28
C GLN A 333 -18.03 27.78 17.60
N LEU A 334 -19.30 28.09 17.34
CA LEU A 334 -19.66 29.31 16.64
C LEU A 334 -19.25 30.53 17.46
N LYS A 335 -18.16 31.20 17.06
CA LYS A 335 -17.84 32.45 17.73
C LYS A 335 -18.91 33.49 17.49
N TYR A 336 -19.44 33.57 16.27
CA TYR A 336 -20.57 34.41 15.96
C TYR A 336 -21.72 33.55 15.47
N VAL A 337 -22.94 34.02 15.73
CA VAL A 337 -24.15 33.33 15.32
C VAL A 337 -25.09 34.32 14.66
N LYS A 338 -25.71 33.89 13.58
CA LYS A 338 -26.65 34.72 12.82
C LYS A 338 -27.98 33.96 12.77
N PHE A 339 -28.94 34.39 13.59
CA PHE A 339 -30.23 33.72 13.66
C PHE A 339 -31.22 34.43 12.74
N ASN A 340 -31.98 33.63 11.98
CA ASN A 340 -32.92 34.14 11.00
C ASN A 340 -34.15 33.27 11.01
N CYS A 341 -35.32 33.87 10.79
CA CYS A 341 -36.53 33.07 10.74
C CYS A 341 -36.71 32.49 9.35
N LEU A 342 -37.44 31.37 9.28
CA LEU A 342 -37.61 30.67 8.01
C LEU A 342 -38.37 31.53 7.00
N LYS A 343 -39.39 32.25 7.45
CA LYS A 343 -40.27 32.95 6.53
C LYS A 343 -39.71 34.30 6.11
N CYS A 344 -39.19 35.07 7.07
CA CYS A 344 -38.83 36.47 6.83
C CYS A 344 -37.36 36.66 6.50
N GLY A 345 -36.47 36.28 7.41
CA GLY A 345 -35.07 36.63 7.27
C GLY A 345 -34.24 35.60 6.55
N SER A 346 -33.72 35.96 5.37
CA SER A 346 -32.77 35.09 4.70
C SER A 346 -31.41 35.14 5.40
N ILE A 347 -30.95 36.34 5.74
CA ILE A 347 -29.71 36.54 6.49
C ILE A 347 -29.95 37.64 7.51
N LEU A 348 -29.53 37.42 8.74
CA LEU A 348 -29.59 38.43 9.78
C LEU A 348 -28.20 38.66 10.35
N GLY A 349 -28.01 39.83 10.94
CA GLY A 349 -26.72 40.27 11.40
C GLY A 349 -26.05 39.29 12.36
N PRO A 350 -24.72 39.19 12.25
CA PRO A 350 -23.99 38.26 13.13
C PRO A 350 -23.80 38.83 14.53
N PHE A 351 -24.30 38.11 15.53
CA PHE A 351 -24.13 38.50 16.92
C PHE A 351 -23.34 37.43 17.66
N PHE A 352 -22.63 37.86 18.70
CA PHE A 352 -21.73 36.97 19.41
C PHE A 352 -22.51 35.88 20.15
N GLN A 353 -21.89 34.71 20.28
CA GLN A 353 -22.47 33.59 21.02
C GLN A 353 -21.58 33.26 22.21
N ASP A 354 -22.22 33.11 23.38
CA ASP A 354 -21.44 32.91 24.61
C ASP A 354 -20.83 31.52 24.67
N SER A 355 -21.27 30.60 23.81
CA SER A 355 -20.86 29.20 23.81
C SER A 355 -21.34 28.48 25.06
N ASN A 356 -22.04 29.21 25.95
CA ASN A 356 -22.55 28.60 27.17
C ASN A 356 -24.00 28.18 27.01
N GLU A 357 -24.78 28.91 26.22
CA GLU A 357 -26.18 28.57 26.01
C GLU A 357 -26.63 29.23 24.72
N GLU A 358 -27.73 28.71 24.17
CA GLU A 358 -28.21 29.19 22.87
C GLU A 358 -28.72 30.62 22.98
N ILE A 359 -28.37 31.45 21.99
CA ILE A 359 -28.78 32.85 22.02
C ILE A 359 -30.30 32.96 21.99
N ARG A 360 -30.94 32.18 21.13
CA ARG A 360 -32.40 32.06 21.02
C ARG A 360 -33.10 33.43 21.10
N ILE A 361 -32.82 34.25 20.08
CA ILE A 361 -33.40 35.59 20.03
C ILE A 361 -34.93 35.51 19.97
N SER A 362 -35.45 34.58 19.18
CA SER A 362 -36.88 34.33 19.02
C SER A 362 -37.64 35.52 18.44
N PHE A 363 -36.94 36.51 17.87
CA PHE A 363 -37.56 37.69 17.30
C PHE A 363 -36.96 37.96 15.93
N CYS A 364 -37.81 38.19 14.94
CA CYS A 364 -37.39 38.50 13.58
C CYS A 364 -37.47 40.00 13.36
N THR A 365 -36.45 40.56 12.70
CA THR A 365 -36.49 41.97 12.34
C THR A 365 -37.56 42.23 11.28
N ASN A 366 -37.82 41.25 10.41
CA ASN A 366 -38.80 41.45 9.35
C ASN A 366 -40.21 41.08 9.82
N CYS A 367 -40.32 40.01 10.61
CA CYS A 367 -41.62 39.58 11.14
C CYS A 367 -41.66 39.90 12.63
N LYS A 368 -42.59 40.77 13.02
CA LYS A 368 -42.77 41.06 14.44
C LYS A 368 -43.29 39.84 15.17
N SER A 369 -44.19 39.08 14.55
CA SER A 369 -44.73 37.88 15.17
C SER A 369 -43.67 36.79 15.29
N LYS A 370 -43.90 35.88 16.22
CA LYS A 370 -43.00 34.74 16.39
C LYS A 370 -43.10 33.82 15.19
N GLY A 371 -41.96 33.28 14.76
CA GLY A 371 -41.93 32.35 13.66
C GLY A 371 -40.85 31.31 13.83
N PRO A 372 -40.80 30.32 12.94
CA PRO A 372 -39.71 29.34 12.98
C PRO A 372 -38.39 30.00 12.60
N PHE A 373 -37.36 29.74 13.40
CA PHE A 373 -36.05 30.35 13.23
C PHE A 373 -35.02 29.29 12.84
N ARG A 374 -34.09 29.68 11.98
CA ARG A 374 -33.02 28.79 11.55
C ARG A 374 -31.69 29.56 11.55
N VAL A 375 -30.60 28.81 11.72
CA VAL A 375 -29.28 29.42 11.69
C VAL A 375 -28.99 29.89 10.27
N ASN A 376 -28.18 30.93 10.16
CA ASN A 376 -27.85 31.48 8.84
C ASN A 376 -26.69 30.70 8.23
N GLY A 377 -26.80 30.42 6.94
CA GLY A 377 -25.75 29.70 6.24
C GLY A 377 -24.48 30.50 6.06
N GLU A 378 -24.54 31.81 6.29
CA GLU A 378 -23.33 32.62 6.18
C GLU A 378 -22.32 32.18 7.23
N LYS A 379 -21.07 32.04 6.79
CA LYS A 379 -20.03 31.52 7.66
C LYS A 379 -19.68 32.53 8.75
N THR A 380 -19.52 32.03 9.97
CA THR A 380 -19.06 32.84 11.09
C THR A 380 -17.91 32.12 11.78
N VAL A 381 -17.20 32.87 12.62
CA VAL A 381 -15.96 32.37 13.20
C VAL A 381 -16.23 31.15 14.09
N TYR A 382 -15.28 30.23 14.11
CA TYR A 382 -15.35 29.01 14.89
C TYR A 382 -14.20 28.94 15.87
N ARG A 383 -14.50 28.61 17.11
CA ARG A 383 -13.50 28.50 18.16
C ARG A 383 -13.63 27.14 18.84
N ASN A 384 -12.50 26.65 19.36
CA ASN A 384 -12.48 25.31 19.94
C ASN A 384 -13.28 25.28 21.23
N TYR A 385 -13.70 24.06 21.61
CA TYR A 385 -14.60 23.85 22.74
C TYR A 385 -14.25 22.50 23.37
N GLN A 386 -13.86 22.52 24.64
CA GLN A 386 -13.43 21.31 25.33
C GLN A 386 -13.82 21.41 26.80
N ARG A 387 -14.76 20.57 27.22
CA ARG A 387 -15.26 20.57 28.59
C ARG A 387 -14.41 19.64 29.46
N VAL A 388 -14.10 20.10 30.67
CA VAL A 388 -13.32 19.31 31.62
C VAL A 388 -13.97 19.40 32.99
N THR A 389 -14.12 18.26 33.65
CA THR A 389 -14.59 18.24 35.03
C THR A 389 -13.42 18.43 35.99
N LEU A 390 -13.69 19.16 37.06
CA LEU A 390 -12.66 19.53 38.03
C LEU A 390 -12.93 18.82 39.35
N GLN A 391 -11.92 18.79 40.21
CA GLN A 391 -11.98 18.07 41.47
C GLN A 391 -11.01 18.68 42.47
N GLU A 392 -11.50 18.92 43.68
CA GLU A 392 -10.65 19.48 44.73
C GLU A 392 -9.62 18.44 45.18
N ALA A 393 -8.41 18.90 45.48
CA ALA A 393 -7.33 18.01 45.86
C ALA A 393 -7.66 17.28 47.16
N PRO A 394 -7.67 15.94 47.16
CA PRO A 394 -8.05 15.22 48.39
C PRO A 394 -7.15 15.54 49.57
N GLY A 395 -5.86 15.78 49.33
CA GLY A 395 -4.98 16.17 50.42
C GLY A 395 -5.42 17.46 51.07
N THR A 396 -5.75 18.46 50.25
CA THR A 396 -6.30 19.70 50.78
C THR A 396 -7.71 19.49 51.30
N VAL A 397 -8.46 18.57 50.70
CA VAL A 397 -9.83 18.31 51.17
C VAL A 397 -9.78 17.73 52.57
N PRO A 398 -10.63 18.15 53.50
CA PRO A 398 -10.68 17.53 54.82
C PRO A 398 -11.05 16.06 54.70
N PRO A 399 -10.55 15.22 55.61
CA PRO A 399 -10.82 13.78 55.51
C PRO A 399 -12.31 13.48 55.56
N GLY A 400 -12.71 12.48 54.79
CA GLY A 400 -14.10 12.07 54.75
C GLY A 400 -15.01 13.00 53.97
N ARG A 401 -14.46 13.95 53.23
CA ARG A 401 -15.26 14.94 52.51
C ARG A 401 -15.10 14.69 51.02
N LEU A 402 -16.23 14.64 50.31
CA LEU A 402 -16.19 14.46 48.86
C LEU A 402 -15.83 15.77 48.19
N PRO A 403 -14.75 15.83 47.41
CA PRO A 403 -14.39 17.08 46.73
C PRO A 403 -15.46 17.49 45.74
N ARG A 404 -15.68 18.80 45.63
CA ARG A 404 -16.65 19.31 44.68
C ARG A 404 -16.13 19.12 43.26
N HIS A 405 -17.05 19.23 42.31
CA HIS A 405 -16.74 19.02 40.90
C HIS A 405 -17.42 20.10 40.09
N ARG A 406 -16.65 21.06 39.60
CA ARG A 406 -17.18 22.16 38.81
C ARG A 406 -16.70 22.00 37.37
N GLU A 407 -17.60 22.24 36.42
CA GLU A 407 -17.26 22.08 35.03
C GLU A 407 -16.49 23.29 34.51
N VAL A 408 -15.48 23.03 33.69
CA VAL A 408 -14.72 24.07 33.01
C VAL A 408 -14.56 23.68 31.55
N ILE A 409 -14.73 24.65 30.66
CA ILE A 409 -14.65 24.44 29.24
C ILE A 409 -13.41 25.13 28.68
N LEU A 410 -12.61 24.38 27.94
CA LEU A 410 -11.46 24.94 27.24
C LEU A 410 -11.89 25.54 25.91
N LEU A 411 -11.23 26.62 25.52
CA LEU A 411 -11.58 27.35 24.32
C LEU A 411 -10.41 27.35 23.35
N ALA A 412 -10.60 28.03 22.22
CA ALA A 412 -9.60 28.06 21.16
C ALA A 412 -8.30 28.66 21.67
N ASP A 413 -7.18 28.15 21.12
CA ASP A 413 -5.83 28.55 21.51
C ASP A 413 -5.56 28.13 22.95
N LEU A 414 -6.51 27.43 23.54
CA LEU A 414 -6.41 26.99 24.93
C LEU A 414 -6.79 25.54 25.14
N VAL A 415 -7.49 24.91 24.19
CA VAL A 415 -7.89 23.52 24.36
C VAL A 415 -6.67 22.61 24.35
N ASP A 416 -6.89 21.37 24.81
CA ASP A 416 -5.88 20.31 24.78
C ASP A 416 -4.60 20.73 25.47
N VAL A 417 -4.72 21.57 26.50
CA VAL A 417 -3.55 22.02 27.23
C VAL A 417 -3.09 20.94 28.21
N SER A 418 -4.02 20.06 28.62
CA SER A 418 -3.71 19.12 29.69
C SER A 418 -3.96 17.66 29.30
N LYS A 419 -3.85 16.78 30.29
CA LYS A 419 -4.12 15.36 30.34
C LYS A 419 -5.11 15.08 31.47
N PRO A 420 -6.11 14.23 31.27
CA PRO A 420 -7.13 14.05 32.32
C PRO A 420 -6.49 13.54 33.60
N GLY A 421 -6.92 14.12 34.72
CA GLY A 421 -6.34 13.80 36.01
C GLY A 421 -5.02 14.47 36.31
N GLU A 422 -4.49 15.29 35.39
CA GLU A 422 -3.19 15.89 35.64
C GLU A 422 -3.27 16.99 36.68
N GLU A 423 -4.43 17.66 36.77
CA GLU A 423 -4.74 18.56 37.87
C GLU A 423 -4.03 19.91 37.71
N VAL A 424 -4.77 21.01 37.82
CA VAL A 424 -4.25 22.35 37.50
C VAL A 424 -4.84 23.36 38.47
N GLU A 425 -4.25 24.56 38.50
CA GLU A 425 -4.84 25.71 39.17
C GLU A 425 -4.93 26.80 38.12
N VAL A 426 -6.11 27.41 37.97
CA VAL A 426 -6.32 28.35 36.88
C VAL A 426 -7.23 29.47 37.36
N THR A 427 -7.09 30.63 36.72
CA THR A 427 -7.93 31.79 37.01
C THR A 427 -8.93 31.95 35.87
N GLY A 428 -10.22 31.98 36.22
CA GLY A 428 -11.26 32.12 35.22
C GLY A 428 -12.54 32.65 35.82
N ILE A 429 -13.35 33.24 34.93
CA ILE A 429 -14.60 33.85 35.36
C ILE A 429 -15.57 32.77 35.82
N TYR A 430 -16.30 33.07 36.88
CA TYR A 430 -17.25 32.11 37.45
C TYR A 430 -18.55 32.20 36.65
N LYS A 431 -18.59 31.49 35.53
CA LYS A 431 -19.78 31.51 34.68
C LYS A 431 -20.95 30.86 35.40
N ASN A 432 -22.15 31.40 35.17
CA ASN A 432 -23.36 30.85 35.76
C ASN A 432 -24.40 30.74 34.65
N ASN A 433 -25.01 29.56 34.52
CA ASN A 433 -25.93 29.28 33.43
C ASN A 433 -27.17 28.60 33.96
N TYR A 434 -28.20 28.56 33.13
CA TYR A 434 -29.46 27.93 33.49
C TYR A 434 -29.66 26.61 32.76
N ASP A 435 -30.35 25.70 33.43
CA ASP A 435 -30.81 24.47 32.80
C ASP A 435 -31.99 23.95 33.61
N GLY A 436 -33.12 23.73 32.95
CA GLY A 436 -34.33 23.34 33.66
C GLY A 436 -34.22 21.97 34.29
N ASN A 437 -33.42 21.08 33.71
CA ASN A 437 -33.29 19.73 34.24
C ASN A 437 -32.69 19.74 35.65
N LEU A 438 -31.75 20.64 35.90
CA LEU A 438 -31.16 20.73 37.23
C LEU A 438 -32.20 21.17 38.25
N ASN A 439 -33.01 22.17 37.91
CA ASN A 439 -34.09 22.57 38.80
C ASN A 439 -35.06 21.41 39.02
N ALA A 440 -35.36 20.67 37.95
CA ALA A 440 -36.28 19.55 38.07
C ALA A 440 -35.76 18.49 39.03
N LYS A 441 -34.51 18.07 38.83
CA LYS A 441 -33.94 17.04 39.70
C LYS A 441 -33.75 17.57 41.12
N ASN A 442 -33.63 18.88 41.26
CA ASN A 442 -33.45 19.45 42.60
C ASN A 442 -34.74 20.01 43.17
N GLY A 443 -35.72 20.32 42.33
CA GLY A 443 -36.94 20.92 42.82
C GLY A 443 -36.76 22.35 43.31
N PHE A 444 -35.71 23.02 42.87
CA PHE A 444 -35.36 24.34 43.37
C PHE A 444 -34.78 25.17 42.24
N PRO A 445 -34.86 26.52 42.36
CA PRO A 445 -34.30 27.42 41.34
C PRO A 445 -32.77 27.50 41.36
N VAL A 446 -32.13 26.34 41.33
CA VAL A 446 -30.67 26.27 41.24
C VAL A 446 -30.23 26.70 39.84
N PHE A 447 -29.03 27.27 39.75
CA PHE A 447 -28.54 27.85 38.51
C PHE A 447 -27.17 27.26 38.22
N ALA A 448 -27.00 26.66 37.04
CA ALA A 448 -25.78 25.91 36.74
C ALA A 448 -24.59 26.86 36.63
N THR A 449 -23.50 26.48 37.29
CA THR A 449 -22.31 27.32 37.40
C THR A 449 -21.14 26.70 36.66
N ILE A 450 -20.37 27.55 35.97
CA ILE A 450 -19.24 27.13 35.16
C ILE A 450 -18.08 28.08 35.44
N ILE A 451 -16.88 27.64 35.07
CA ILE A 451 -15.73 28.53 34.93
C ILE A 451 -15.05 28.18 33.62
N GLU A 452 -14.48 29.18 32.96
CA GLU A 452 -13.62 28.96 31.81
C GLU A 452 -12.42 29.86 32.00
N ALA A 453 -11.28 29.24 32.36
CA ALA A 453 -10.12 30.01 32.77
C ALA A 453 -9.64 30.90 31.65
N ASN A 454 -9.41 32.18 31.98
CA ASN A 454 -8.80 33.08 31.01
C ASN A 454 -7.38 32.64 30.69
N SER A 455 -6.70 32.06 31.67
CA SER A 455 -5.36 31.51 31.48
C SER A 455 -5.28 30.17 32.22
N ILE A 456 -4.42 29.29 31.69
CA ILE A 456 -4.30 27.92 32.17
C ILE A 456 -2.87 27.69 32.65
N LYS A 457 -2.74 27.07 33.82
CA LYS A 457 -1.44 26.61 34.30
C LYS A 457 -1.65 25.37 35.15
N ARG A 458 -0.76 24.40 35.01
CA ARG A 458 -0.94 23.11 35.66
C ARG A 458 -0.57 23.20 37.14
N ARG A 459 -1.18 22.35 37.94
CA ARG A 459 -0.76 22.12 39.32
C ARG A 459 -0.31 20.66 39.42
N GLU A 460 0.99 20.46 39.28
CA GLU A 460 1.56 19.12 39.38
C GLU A 460 1.59 18.64 40.82
N GLY A 461 1.51 19.54 41.79
CA GLY A 461 1.45 19.20 43.19
C GLY A 461 2.76 19.26 43.93
N ASN A 462 3.89 19.31 43.22
CA ASN A 462 5.18 19.35 43.90
C ASN A 462 5.46 20.72 44.50
N THR A 463 4.98 21.77 43.84
CA THR A 463 5.12 23.17 44.24
C THR A 463 6.52 23.52 44.73
N ALA A 464 7.52 22.80 44.22
CA ALA A 464 8.90 23.02 44.65
C ALA A 464 9.45 24.32 44.11
N ASN A 465 9.12 24.68 42.87
CA ASN A 465 9.72 25.82 42.21
C ASN A 465 8.75 26.37 41.18
N GLU A 466 9.26 27.24 40.30
CA GLU A 466 8.45 27.82 39.25
C GLU A 466 7.95 26.78 38.25
N GLY A 467 8.54 25.58 38.24
CA GLY A 467 8.06 24.54 37.35
C GLY A 467 6.63 24.15 37.66
N GLU A 468 6.25 24.18 38.93
CA GLU A 468 4.86 23.92 39.31
C GLU A 468 3.92 24.90 38.63
N GLU A 469 4.26 26.19 38.69
CA GLU A 469 3.48 27.19 37.97
C GLU A 469 3.64 27.00 36.48
N GLY A 470 2.56 27.19 35.74
CA GLY A 470 2.58 26.85 34.33
C GLY A 470 2.30 25.37 34.15
N LEU A 471 2.73 24.86 32.99
CA LEU A 471 2.52 23.46 32.63
C LEU A 471 3.83 22.71 32.70
N ASP A 472 3.79 21.50 33.27
CA ASP A 472 4.89 20.55 33.25
C ASP A 472 6.11 21.05 34.01
N VAL A 473 7.19 20.27 34.01
CA VAL A 473 8.41 20.59 34.75
C VAL A 473 9.60 20.31 33.83
N PHE A 474 10.81 20.45 34.37
CA PHE A 474 12.07 20.16 33.68
C PHE A 474 12.41 21.23 32.66
N SER A 475 13.65 21.24 32.18
CA SER A 475 14.09 22.25 31.25
C SER A 475 15.23 21.70 30.40
N TRP A 476 15.59 22.46 29.37
CA TRP A 476 16.75 22.15 28.54
C TRP A 476 17.43 23.46 28.17
N THR A 477 18.76 23.46 28.24
CA THR A 477 19.55 24.68 28.08
C THR A 477 20.71 24.43 27.14
N GLU A 478 20.93 25.35 26.20
CA GLU A 478 22.06 25.20 25.28
C GLU A 478 23.39 25.45 25.98
N GLU A 479 23.40 26.38 26.95
CA GLU A 479 24.59 26.51 27.79
C GLU A 479 24.88 25.20 28.49
N GLU A 480 23.83 24.52 28.94
CA GLU A 480 24.00 23.22 29.58
C GLU A 480 24.60 22.20 28.61
N GLU A 481 24.17 22.22 27.35
CA GLU A 481 24.73 21.24 26.42
C GLU A 481 26.19 21.56 26.09
N ARG A 482 26.54 22.84 26.09
CA ARG A 482 27.96 23.18 25.95
C ARG A 482 28.75 22.65 27.14
N GLU A 483 28.19 22.77 28.35
CA GLU A 483 28.85 22.17 29.50
C GLU A 483 28.97 20.66 29.35
N PHE A 484 27.93 20.03 28.81
CA PHE A 484 27.97 18.57 28.62
C PHE A 484 29.07 18.19 27.64
N ARG A 485 29.23 18.97 26.58
CA ARG A 485 30.33 18.73 25.65
C ARG A 485 31.67 18.91 26.34
N LYS A 486 31.79 19.96 27.16
CA LYS A 486 33.06 20.23 27.83
C LYS A 486 33.43 19.12 28.79
N ILE A 487 32.45 18.58 29.52
CA ILE A 487 32.73 17.45 30.40
C ILE A 487 32.98 16.19 29.57
N SER A 488 32.34 16.07 28.41
CA SER A 488 32.51 14.90 27.57
C SER A 488 33.95 14.73 27.14
N ARG A 489 34.58 15.82 26.70
CA ARG A 489 35.99 15.77 26.36
C ARG A 489 36.87 15.59 27.58
N ASP A 490 36.36 15.93 28.77
CA ASP A 490 37.08 15.63 30.00
C ASP A 490 37.08 14.13 30.23
N ARG A 491 38.25 13.61 30.59
CA ARG A 491 38.38 12.18 30.81
C ARG A 491 38.04 11.82 32.25
N GLY A 492 37.73 10.54 32.46
CA GLY A 492 37.15 10.13 33.72
C GLY A 492 35.69 10.47 33.86
N ILE A 493 35.07 10.99 32.80
CA ILE A 493 33.65 11.30 32.84
C ILE A 493 32.83 10.06 33.16
N ILE A 494 33.22 8.93 32.60
CA ILE A 494 32.45 7.70 32.79
C ILE A 494 32.43 7.32 34.26
N ASP A 495 33.58 7.37 34.92
CA ASP A 495 33.65 7.02 36.33
C ASP A 495 32.85 8.00 37.18
N LYS A 496 32.90 9.28 36.82
CA LYS A 496 32.11 10.28 37.53
C LYS A 496 30.62 9.99 37.39
N ILE A 497 30.19 9.62 36.19
CA ILE A 497 28.79 9.24 35.98
C ILE A 497 28.43 8.03 36.82
N ILE A 498 29.33 7.05 36.88
CA ILE A 498 29.08 5.87 37.71
C ILE A 498 28.90 6.29 39.16
N SER A 499 29.79 7.15 39.65
CA SER A 499 29.60 7.76 40.96
C SER A 499 28.36 8.65 40.99
N SER A 500 27.92 9.12 39.82
CA SER A 500 26.83 10.08 39.80
C SER A 500 25.49 9.43 40.04
N MET A 501 25.31 8.21 39.54
CA MET A 501 24.01 7.56 39.61
C MET A 501 23.77 7.03 41.02
N ALA A 502 22.68 7.48 41.64
CA ALA A 502 22.29 7.13 43.00
C ALA A 502 23.45 7.31 43.98
N PRO A 503 23.96 8.54 44.16
CA PRO A 503 25.03 8.74 45.15
C PRO A 503 24.60 8.39 46.57
N SER A 504 23.32 8.57 46.90
CA SER A 504 22.83 8.28 48.23
C SER A 504 22.84 6.80 48.57
N ILE A 505 23.37 5.95 47.68
CA ILE A 505 23.51 4.53 47.93
C ILE A 505 25.01 4.24 47.92
N TYR A 506 25.63 4.25 49.09
CA TYR A 506 27.07 4.06 49.18
C TYR A 506 27.45 2.66 48.72
N GLY A 507 28.52 2.57 47.94
CA GLY A 507 28.93 1.32 47.34
C GLY A 507 28.19 1.05 46.03
N HIS A 508 28.10 -0.23 45.70
CA HIS A 508 27.35 -0.70 44.53
C HIS A 508 27.89 -0.08 43.24
N ARG A 509 29.22 -0.11 43.10
CA ARG A 509 29.85 0.50 41.93
C ARG A 509 29.38 -0.16 40.64
N ASP A 510 29.38 -1.49 40.60
CA ASP A 510 28.90 -2.20 39.42
C ASP A 510 27.42 -1.95 39.20
N ILE A 511 26.63 -1.95 40.28
CA ILE A 511 25.21 -1.68 40.16
C ILE A 511 24.98 -0.28 39.62
N LYS A 512 25.73 0.69 40.14
CA LYS A 512 25.63 2.06 39.63
C LYS A 512 25.96 2.11 38.16
N THR A 513 27.03 1.42 37.75
CA THR A 513 27.39 1.39 36.34
C THR A 513 26.24 0.86 35.50
N ALA A 514 25.67 -0.27 35.92
CA ALA A 514 24.61 -0.91 35.16
C ALA A 514 23.41 0.02 35.01
N VAL A 515 22.95 0.61 36.11
CA VAL A 515 21.74 1.42 36.06
C VAL A 515 21.98 2.69 35.27
N ALA A 516 23.18 3.28 35.41
CA ALA A 516 23.49 4.49 34.65
C ALA A 516 23.51 4.22 33.16
N CYS A 517 24.16 3.12 32.75
CA CYS A 517 24.22 2.81 31.32
C CYS A 517 22.85 2.42 30.79
N SER A 518 22.01 1.82 31.64
CA SER A 518 20.62 1.59 31.26
C SER A 518 19.90 2.90 31.03
N LEU A 519 20.15 3.89 31.90
CA LEU A 519 19.58 5.22 31.71
C LEU A 519 20.01 5.80 30.37
N PHE A 520 21.29 5.68 30.04
CA PHE A 520 21.75 6.11 28.72
C PHE A 520 21.12 5.26 27.62
N GLY A 521 21.08 3.94 27.83
CA GLY A 521 20.43 3.05 26.89
C GLY A 521 21.17 2.86 25.58
N GLY A 522 20.93 1.72 24.93
CA GLY A 522 21.59 1.44 23.67
C GLY A 522 20.99 2.23 22.52
N VAL A 523 21.63 2.09 21.37
CA VAL A 523 21.16 2.74 20.14
C VAL A 523 20.16 1.83 19.44
N PRO A 524 18.93 2.27 19.20
CA PRO A 524 17.99 1.44 18.46
C PRO A 524 18.50 1.13 17.06
N LYS A 525 18.27 -0.09 16.62
CA LYS A 525 18.71 -0.54 15.31
C LYS A 525 17.53 -1.17 14.58
N ASN A 526 17.42 -0.88 13.29
CA ASN A 526 16.37 -1.43 12.46
C ASN A 526 16.98 -1.92 11.16
N VAL A 527 16.52 -3.07 10.68
CA VAL A 527 17.03 -3.71 9.49
C VAL A 527 15.89 -3.87 8.49
N ASN A 528 16.11 -3.39 7.27
CA ASN A 528 15.15 -3.53 6.17
C ASN A 528 13.80 -2.92 6.51
N GLY A 529 13.77 -1.94 7.42
CA GLY A 529 12.52 -1.33 7.82
C GLY A 529 11.75 -2.16 8.83
N LYS A 530 11.61 -3.46 8.56
CA LYS A 530 10.77 -4.30 9.42
C LYS A 530 11.59 -4.92 10.55
N HIS A 531 12.67 -5.59 10.20
CA HIS A 531 13.55 -6.16 11.22
C HIS A 531 14.13 -5.04 12.07
N SER A 532 14.05 -5.19 13.40
CA SER A 532 14.45 -4.12 14.30
C SER A 532 15.17 -4.71 15.50
N ILE A 533 16.00 -3.87 16.12
CA ILE A 533 16.73 -4.21 17.33
C ILE A 533 16.42 -3.13 18.36
N ARG A 534 16.06 -3.57 19.57
CA ARG A 534 15.66 -2.62 20.61
C ARG A 534 16.84 -1.72 20.98
N GLY A 535 16.53 -0.45 21.24
CA GLY A 535 17.49 0.47 21.80
C GLY A 535 17.38 0.63 23.30
N ASP A 536 16.54 -0.17 23.93
CA ASP A 536 16.29 -0.07 25.36
C ASP A 536 16.90 -1.26 26.09
N ILE A 537 17.22 -1.05 27.36
CA ILE A 537 17.97 -2.01 28.16
C ILE A 537 17.06 -2.55 29.25
N ASN A 538 17.00 -3.87 29.36
CA ASN A 538 16.20 -4.54 30.38
C ASN A 538 17.15 -5.04 31.48
N VAL A 539 17.21 -4.30 32.57
CA VAL A 539 18.09 -4.66 33.67
C VAL A 539 17.35 -5.62 34.60
N LEU A 540 17.95 -6.78 34.83
CA LEU A 540 17.47 -7.72 35.83
C LEU A 540 18.29 -7.53 37.09
N LEU A 541 17.62 -7.23 38.20
CA LEU A 541 18.30 -7.01 39.46
C LEU A 541 17.77 -7.98 40.51
N LEU A 542 18.68 -8.68 41.17
CA LEU A 542 18.37 -9.48 42.34
C LEU A 542 18.97 -8.79 43.56
N GLY A 543 18.13 -8.46 44.52
CA GLY A 543 18.57 -7.69 45.67
C GLY A 543 17.98 -8.21 46.95
N ASP A 544 18.80 -8.23 47.99
CA ASP A 544 18.33 -8.59 49.31
C ASP A 544 17.33 -7.55 49.79
N PRO A 545 16.38 -7.95 50.64
CA PRO A 545 15.41 -6.97 51.16
C PRO A 545 16.11 -5.83 51.89
N GLY A 546 15.58 -4.63 51.71
CA GLY A 546 16.17 -3.46 52.33
C GLY A 546 17.44 -2.97 51.68
N THR A 547 17.69 -3.35 50.44
CA THR A 547 18.89 -2.93 49.74
C THR A 547 18.64 -1.77 48.78
N ALA A 548 17.76 -0.85 49.16
CA ALA A 548 17.50 0.41 48.45
C ALA A 548 16.97 0.21 47.05
N LYS A 549 16.56 -1.00 46.67
CA LYS A 549 16.17 -1.26 45.30
C LYS A 549 15.06 -0.32 44.86
N SER A 550 14.01 -0.20 45.68
CA SER A 550 12.95 0.76 45.39
C SER A 550 13.50 2.18 45.36
N GLN A 551 14.38 2.51 46.31
CA GLN A 551 14.97 3.84 46.33
C GLN A 551 15.92 4.05 45.16
N ILE A 552 16.62 3.00 44.73
CA ILE A 552 17.43 3.10 43.52
C ILE A 552 16.54 3.44 42.34
N LEU A 553 15.40 2.77 42.24
CA LEU A 553 14.43 3.07 41.18
C LEU A 553 13.94 4.50 41.29
N LYS A 554 13.71 4.98 42.51
CA LYS A 554 13.21 6.34 42.68
C LYS A 554 14.25 7.37 42.26
N TYR A 555 15.53 7.09 42.52
CA TYR A 555 16.57 7.98 42.01
C TYR A 555 16.64 7.91 40.50
N VAL A 556 16.45 6.71 39.94
CA VAL A 556 16.46 6.54 38.48
C VAL A 556 15.39 7.41 37.85
N GLU A 557 14.17 7.31 38.35
CA GLU A 557 13.11 8.19 37.87
C GLU A 557 13.38 9.61 38.35
N LYS A 558 12.80 10.58 37.65
CA LYS A 558 13.06 12.01 37.73
C LYS A 558 14.41 12.34 37.09
N THR A 559 15.19 11.36 36.68
CA THR A 559 16.46 11.58 36.01
C THR A 559 16.38 11.33 34.51
N ALA A 560 15.49 10.43 34.08
CA ALA A 560 15.29 10.15 32.66
C ALA A 560 14.00 10.76 32.13
N HIS A 561 13.51 11.82 32.77
CA HIS A 561 12.32 12.54 32.31
C HIS A 561 11.12 11.60 32.25
N ARG A 562 10.78 11.15 31.05
CA ARG A 562 9.70 10.19 30.86
C ARG A 562 9.99 8.93 31.67
N ALA A 563 9.12 8.61 32.61
CA ALA A 563 9.35 7.48 33.50
C ALA A 563 8.02 6.91 33.97
N VAL A 564 8.06 5.65 34.41
CA VAL A 564 6.92 4.98 34.99
C VAL A 564 7.43 4.11 36.13
N PHE A 565 6.53 3.71 37.01
CA PHE A 565 6.84 2.77 38.08
C PHE A 565 5.89 1.59 38.01
N ALA A 566 6.45 0.38 38.04
CA ALA A 566 5.68 -0.85 38.10
C ALA A 566 5.84 -1.43 39.49
N THR A 567 4.75 -1.49 40.24
CA THR A 567 4.77 -2.12 41.56
C THR A 567 5.02 -3.62 41.44
N GLY A 568 4.83 -4.17 40.25
CA GLY A 568 5.04 -5.60 40.04
C GLY A 568 3.84 -6.41 40.45
N GLN A 569 3.67 -6.60 41.75
CA GLN A 569 2.50 -7.35 42.23
C GLN A 569 1.21 -6.59 41.96
N GLY A 570 1.25 -5.26 42.06
CA GLY A 570 0.04 -4.48 41.85
C GLY A 570 -0.49 -4.55 40.44
N ALA A 571 0.39 -4.50 39.46
CA ALA A 571 -0.02 -4.59 38.05
C ALA A 571 -0.18 -6.05 37.64
N SER A 572 -0.82 -6.25 36.49
CA SER A 572 -1.03 -7.59 35.95
C SER A 572 -0.74 -7.63 34.47
N ALA A 573 -1.12 -8.73 33.81
CA ALA A 573 -0.94 -8.84 32.38
C ALA A 573 -1.71 -7.74 31.65
N VAL A 574 -2.99 -7.58 31.98
CA VAL A 574 -3.80 -6.57 31.34
C VAL A 574 -3.39 -5.17 31.79
N GLY A 575 -3.18 -5.00 33.09
CA GLY A 575 -2.98 -3.66 33.62
C GLY A 575 -1.73 -2.97 33.09
N LEU A 576 -0.62 -3.70 33.06
CA LEU A 576 0.65 -3.08 32.69
C LEU A 576 0.81 -3.00 31.17
N THR A 577 0.63 -4.12 30.48
CA THR A 577 0.93 -4.16 29.05
C THR A 577 -0.11 -3.39 28.23
N ALA A 578 -1.36 -3.83 28.26
CA ALA A 578 -2.42 -3.21 27.47
C ALA A 578 -3.76 -3.56 28.10
N SER A 579 -4.59 -2.55 28.33
CA SER A 579 -5.87 -2.73 28.99
C SER A 579 -6.97 -2.13 28.14
N VAL A 580 -8.11 -2.82 28.08
CA VAL A 580 -9.32 -2.29 27.46
C VAL A 580 -10.39 -2.20 28.53
N ARG A 581 -11.11 -1.08 28.54
CA ARG A 581 -12.11 -0.82 29.57
C ARG A 581 -13.46 -0.60 28.88
N LYS A 582 -14.46 -1.36 29.31
CA LYS A 582 -15.81 -1.11 28.85
C LYS A 582 -16.29 0.24 29.38
N ASP A 583 -16.78 1.08 28.49
CA ASP A 583 -17.15 2.45 28.85
C ASP A 583 -18.65 2.61 28.80
N PRO A 584 -19.36 2.53 29.93
CA PRO A 584 -20.83 2.66 29.89
C PRO A 584 -21.31 4.01 29.40
N ILE A 585 -20.55 5.09 29.64
CA ILE A 585 -21.02 6.41 29.25
C ILE A 585 -21.02 6.54 27.73
N THR A 586 -19.98 6.02 27.06
CA THR A 586 -19.95 6.04 25.61
C THR A 586 -20.63 4.82 25.00
N LYS A 587 -20.80 3.75 25.80
CA LYS A 587 -21.48 2.49 25.46
C LYS A 587 -20.64 1.54 24.61
N GLU A 588 -19.33 1.74 24.51
CA GLU A 588 -18.46 0.79 23.82
C GLU A 588 -17.23 0.51 24.65
N TRP A 589 -16.56 -0.60 24.32
CA TRP A 589 -15.26 -0.90 24.92
C TRP A 589 -14.26 0.17 24.54
N THR A 590 -13.48 0.63 25.51
CA THR A 590 -12.50 1.68 25.30
C THR A 590 -11.16 1.23 25.83
N LEU A 591 -10.10 1.74 25.22
CA LEU A 591 -8.74 1.44 25.68
C LEU A 591 -8.49 2.03 27.05
N GLU A 592 -7.89 1.23 27.93
CA GLU A 592 -7.43 1.69 29.24
C GLU A 592 -5.92 1.75 29.21
N GLY A 593 -5.36 2.84 29.77
CA GLY A 593 -3.94 3.07 29.68
C GLY A 593 -3.08 1.97 30.26
N GLY A 594 -2.43 1.20 29.37
CA GLY A 594 -1.46 0.21 29.82
C GLY A 594 -0.25 0.91 30.40
N ALA A 595 0.14 0.53 31.61
CA ALA A 595 1.25 1.22 32.26
C ALA A 595 2.55 1.02 31.49
N LEU A 596 2.65 -0.06 30.72
CA LEU A 596 3.83 -0.25 29.90
C LEU A 596 3.81 0.67 28.69
N VAL A 597 2.62 1.01 28.21
CA VAL A 597 2.52 2.07 27.22
C VAL A 597 3.00 3.39 27.81
N LEU A 598 2.63 3.64 29.07
CA LEU A 598 3.20 4.77 29.78
C LEU A 598 4.71 4.62 29.91
N ALA A 599 5.19 3.38 30.05
CA ALA A 599 6.62 3.13 30.06
C ALA A 599 7.24 3.51 28.72
N ASP A 600 6.53 3.22 27.62
CA ASP A 600 7.03 3.52 26.29
C ASP A 600 7.47 4.97 26.19
N LYS A 601 8.53 5.20 25.42
CA LYS A 601 9.18 6.48 25.18
C LYS A 601 10.01 6.90 26.39
N GLY A 602 9.96 6.19 27.51
CA GLY A 602 10.69 6.55 28.70
C GLY A 602 11.22 5.33 29.41
N VAL A 603 11.88 5.57 30.54
CA VAL A 603 12.41 4.46 31.33
C VAL A 603 11.27 3.77 32.07
N CYS A 604 11.39 2.46 32.25
CA CYS A 604 10.40 1.64 32.93
C CYS A 604 10.98 1.13 34.23
N LEU A 605 10.39 1.52 35.35
CA LEU A 605 10.76 0.97 36.64
C LEU A 605 9.93 -0.26 36.95
N ILE A 606 10.58 -1.30 37.46
CA ILE A 606 9.91 -2.54 37.83
C ILE A 606 10.39 -2.95 39.21
N ASP A 607 9.45 -3.24 40.10
CA ASP A 607 9.75 -3.58 41.48
C ASP A 607 8.86 -4.73 41.93
N GLU A 608 9.33 -5.48 42.92
CA GLU A 608 8.59 -6.60 43.49
C GLU A 608 8.24 -7.63 42.43
N PHE A 609 9.06 -7.70 41.38
CA PHE A 609 8.67 -8.51 40.23
C PHE A 609 8.85 -9.99 40.49
N ASP A 610 9.84 -10.34 41.32
CA ASP A 610 10.09 -11.75 41.60
C ASP A 610 8.96 -12.38 42.39
N LYS A 611 8.08 -11.56 42.97
CA LYS A 611 6.97 -12.08 43.76
C LYS A 611 5.63 -12.03 43.04
N MET A 612 5.56 -11.40 41.88
CA MET A 612 4.27 -11.13 41.24
C MET A 612 3.89 -12.28 40.30
N ASN A 613 2.75 -12.13 39.63
CA ASN A 613 2.07 -13.26 38.99
C ASN A 613 2.81 -13.73 37.74
N ASP A 614 2.84 -15.05 37.55
CA ASP A 614 3.65 -15.64 36.48
C ASP A 614 3.04 -15.43 35.11
N GLN A 615 1.71 -15.55 35.00
CA GLN A 615 1.07 -15.26 33.71
C GLN A 615 1.31 -13.81 33.31
N ASP A 616 1.29 -12.91 34.29
CA ASP A 616 1.65 -11.53 34.03
C ASP A 616 3.09 -11.43 33.56
N ARG A 617 3.98 -12.25 34.14
CA ARG A 617 5.37 -12.27 33.70
C ARG A 617 5.48 -12.68 32.24
N THR A 618 4.73 -13.71 31.84
CA THR A 618 4.75 -14.13 30.43
C THR A 618 4.21 -13.02 29.53
N SER A 619 3.17 -12.33 29.97
CA SER A 619 2.68 -11.18 29.21
C SER A 619 3.76 -10.14 29.04
N ILE A 620 4.53 -9.87 30.10
CA ILE A 620 5.61 -8.90 30.01
C ILE A 620 6.67 -9.39 29.04
N HIS A 621 6.99 -10.69 29.09
CA HIS A 621 7.93 -11.25 28.12
C HIS A 621 7.48 -10.95 26.71
N GLU A 622 6.22 -11.27 26.40
CA GLU A 622 5.67 -11.05 25.08
C GLU A 622 5.81 -9.59 24.70
N ALA A 623 5.40 -8.69 25.59
CA ALA A 623 5.42 -7.27 25.28
C ALA A 623 6.84 -6.78 25.00
N MET A 624 7.80 -7.22 25.81
CA MET A 624 9.16 -6.72 25.68
C MET A 624 9.86 -7.31 24.47
N GLU A 625 9.47 -8.52 24.03
CA GLU A 625 10.18 -9.16 22.93
C GLU A 625 10.17 -8.29 21.68
N GLN A 626 9.01 -7.71 21.36
CA GLN A 626 8.89 -6.90 20.15
C GLN A 626 9.03 -5.41 20.41
N GLN A 627 9.30 -5.00 21.65
CA GLN A 627 9.22 -3.61 22.07
C GLN A 627 7.86 -3.00 21.76
N SER A 628 6.83 -3.82 21.63
CA SER A 628 5.49 -3.36 21.34
C SER A 628 4.51 -4.37 21.89
N ILE A 629 3.32 -3.88 22.26
CA ILE A 629 2.28 -4.73 22.82
C ILE A 629 1.16 -4.84 21.80
N SER A 630 0.81 -6.07 21.46
CA SER A 630 -0.26 -6.36 20.50
C SER A 630 -1.42 -7.00 21.26
N ILE A 631 -2.58 -6.37 21.19
CA ILE A 631 -3.76 -6.84 21.89
C ILE A 631 -4.92 -6.93 20.90
N SER A 632 -5.62 -8.08 20.91
CA SER A 632 -6.78 -8.30 20.05
C SER A 632 -7.88 -8.94 20.89
N LYS A 633 -8.71 -8.11 21.51
CA LYS A 633 -9.83 -8.61 22.30
C LYS A 633 -10.88 -7.51 22.42
N ALA A 634 -12.12 -7.94 22.70
CA ALA A 634 -13.25 -7.03 22.90
C ALA A 634 -13.45 -6.11 21.69
N GLY A 635 -13.06 -6.58 20.51
CA GLY A 635 -13.14 -5.78 19.32
C GLY A 635 -12.00 -4.80 19.12
N ILE A 636 -11.04 -4.77 20.05
CA ILE A 636 -9.89 -3.87 19.97
C ILE A 636 -8.70 -4.71 19.54
N VAL A 637 -8.18 -4.45 18.33
CA VAL A 637 -7.11 -5.25 17.76
C VAL A 637 -5.85 -4.39 17.68
N THR A 638 -5.81 -3.33 18.48
CA THR A 638 -4.71 -2.37 18.40
C THR A 638 -3.41 -2.98 18.88
N THR A 639 -2.31 -2.39 18.41
CA THR A 639 -0.97 -2.74 18.85
C THR A 639 -0.21 -1.47 19.18
N LEU A 640 0.42 -1.44 20.35
CA LEU A 640 1.09 -0.24 20.83
C LEU A 640 2.59 -0.49 20.95
N GLN A 641 3.37 0.43 20.39
CA GLN A 641 4.81 0.42 20.59
C GLN A 641 5.13 0.61 22.06
N ALA A 642 6.08 -0.17 22.57
CA ALA A 642 6.53 -0.08 23.95
C ALA A 642 8.06 0.05 23.94
N ARG A 643 8.55 1.28 23.77
CA ARG A 643 9.99 1.54 23.81
C ARG A 643 10.30 2.07 25.21
N CYS A 644 10.78 1.17 26.06
CA CYS A 644 11.04 1.52 27.45
C CYS A 644 12.20 0.68 27.98
N SER A 645 13.18 1.36 28.57
CA SER A 645 14.24 0.66 29.28
C SER A 645 13.73 0.22 30.64
N ILE A 646 13.65 -1.09 30.85
CA ILE A 646 13.02 -1.64 32.04
C ILE A 646 14.11 -2.13 32.98
N ILE A 647 13.80 -2.12 34.26
CA ILE A 647 14.72 -2.58 35.30
C ILE A 647 13.91 -3.35 36.32
N ALA A 648 14.03 -4.68 36.30
CA ALA A 648 13.29 -5.51 37.23
C ALA A 648 14.00 -5.59 38.57
N ALA A 649 13.21 -5.56 39.64
CA ALA A 649 13.71 -5.70 41.00
C ALA A 649 13.28 -7.05 41.55
N ALA A 650 14.23 -7.79 42.09
CA ALA A 650 13.96 -9.14 42.56
C ALA A 650 14.73 -9.40 43.85
N ASN A 651 14.18 -10.27 44.69
CA ASN A 651 14.79 -10.77 45.91
C ASN A 651 15.22 -12.21 45.74
N PRO A 652 16.39 -12.58 46.26
CA PRO A 652 16.85 -13.96 46.12
C PRO A 652 15.94 -14.90 46.89
N ASN A 653 16.02 -16.18 46.54
CA ASN A 653 15.26 -17.19 47.26
C ASN A 653 15.59 -17.12 48.74
N GLY A 654 14.61 -16.72 49.55
CA GLY A 654 14.84 -16.42 50.93
C GLY A 654 15.47 -15.07 51.20
N GLY A 655 15.63 -14.24 50.18
CA GLY A 655 16.22 -12.93 50.33
C GLY A 655 17.73 -12.89 50.28
N ARG A 656 18.39 -14.04 50.31
CA ARG A 656 19.85 -14.10 50.28
C ARG A 656 20.28 -15.00 49.13
N TYR A 657 21.08 -14.46 48.22
CA TYR A 657 21.66 -15.25 47.14
C TYR A 657 22.79 -16.11 47.70
N ASN A 658 22.81 -17.37 47.30
CA ASN A 658 23.89 -18.28 47.66
C ASN A 658 24.82 -18.39 46.47
N SER A 659 26.06 -17.90 46.63
CA SER A 659 27.00 -17.88 45.51
C SER A 659 27.34 -19.29 45.05
N THR A 660 27.46 -20.22 46.00
CA THR A 660 27.68 -21.61 45.64
C THR A 660 26.47 -22.17 44.89
N LEU A 661 25.29 -21.67 45.20
CA LEU A 661 24.09 -22.14 44.51
C LEU A 661 24.08 -21.60 43.10
N PRO A 662 23.65 -22.38 42.11
CA PRO A 662 23.47 -21.84 40.76
C PRO A 662 22.45 -20.71 40.77
N LEU A 663 22.63 -19.77 39.84
CA LEU A 663 21.73 -18.63 39.76
C LEU A 663 20.29 -19.08 39.52
N ALA A 664 20.10 -20.04 38.61
CA ALA A 664 18.75 -20.53 38.31
C ALA A 664 18.11 -21.12 39.55
N GLN A 665 18.90 -21.76 40.41
CA GLN A 665 18.37 -22.26 41.66
C GLN A 665 18.17 -21.13 42.66
N ASN A 666 19.04 -20.13 42.62
CA ASN A 666 18.83 -18.92 43.40
C ASN A 666 17.66 -18.07 42.89
N VAL A 667 17.15 -18.38 41.71
CA VAL A 667 16.05 -17.62 41.10
C VAL A 667 14.81 -18.49 41.12
N SER A 668 13.72 -17.94 41.65
CA SER A 668 12.44 -18.63 41.68
C SER A 668 11.64 -18.42 40.39
N LEU A 669 12.21 -17.74 39.40
CA LEU A 669 11.51 -17.37 38.19
C LEU A 669 11.99 -18.23 37.02
N THR A 670 11.43 -17.97 35.85
CA THR A 670 11.68 -18.81 34.68
C THR A 670 13.06 -18.55 34.09
N GLU A 671 13.57 -19.56 33.38
CA GLU A 671 14.77 -19.36 32.58
C GLU A 671 14.59 -18.40 31.42
N PRO A 672 13.51 -18.44 30.63
CA PRO A 672 13.43 -17.53 29.46
C PRO A 672 13.52 -16.06 29.81
N ILE A 673 13.01 -15.66 30.99
CA ILE A 673 13.01 -14.24 31.31
C ILE A 673 14.42 -13.74 31.55
N LEU A 674 15.25 -14.53 32.23
CA LEU A 674 16.62 -14.10 32.45
C LEU A 674 17.39 -14.07 31.14
N SER A 675 17.00 -14.94 30.20
CA SER A 675 17.61 -14.92 28.88
C SER A 675 17.30 -13.62 28.15
N ARG A 676 16.03 -13.19 28.17
CA ARG A 676 15.67 -11.96 27.48
C ARG A 676 16.16 -10.71 28.20
N PHE A 677 16.60 -10.83 29.45
CA PHE A 677 17.14 -9.69 30.17
C PHE A 677 18.61 -9.49 29.79
N ASP A 678 18.92 -8.28 29.30
CA ASP A 678 20.29 -8.02 28.85
C ASP A 678 21.25 -7.79 30.00
N ILE A 679 20.77 -7.21 31.10
CA ILE A 679 21.60 -6.92 32.26
C ILE A 679 21.08 -7.71 33.45
N LEU A 680 21.99 -8.44 34.10
CA LEU A 680 21.68 -9.17 35.32
C LEU A 680 22.36 -8.46 36.48
N CYS A 681 21.67 -8.41 37.62
CA CYS A 681 22.22 -7.80 38.81
C CYS A 681 21.86 -8.63 40.03
N VAL A 682 22.86 -8.89 40.88
CA VAL A 682 22.69 -9.67 42.09
C VAL A 682 23.28 -8.90 43.25
N VAL A 683 22.56 -8.87 44.36
CA VAL A 683 23.01 -8.22 45.59
C VAL A 683 23.21 -9.30 46.65
N ARG A 684 24.38 -9.30 47.27
CA ARG A 684 24.71 -10.26 48.32
C ARG A 684 25.32 -9.51 49.49
N ASP A 685 25.28 -10.16 50.65
CA ASP A 685 25.84 -9.63 51.89
C ASP A 685 27.17 -10.30 52.17
N LEU A 686 28.25 -9.54 52.08
CA LEU A 686 29.61 -10.04 52.33
C LEU A 686 30.21 -9.26 53.48
N VAL A 687 31.42 -9.68 53.90
CA VAL A 687 31.96 -9.27 55.20
C VAL A 687 32.15 -7.76 55.27
N ASP A 688 32.83 -7.19 54.26
CA ASP A 688 32.91 -5.76 54.00
C ASP A 688 32.87 -4.88 55.24
N GLU A 689 33.69 -5.21 56.25
CA GLU A 689 33.57 -4.55 57.55
C GLU A 689 33.74 -3.04 57.44
N GLU A 690 34.92 -2.57 57.07
CA GLU A 690 35.13 -1.12 56.97
C GLU A 690 34.10 -0.51 56.04
N ALA A 691 33.65 -1.27 55.04
CA ALA A 691 32.56 -0.81 54.19
C ALA A 691 31.27 -0.65 54.98
N ASP A 692 31.02 -1.54 55.95
CA ASP A 692 29.80 -1.39 56.74
C ASP A 692 29.91 -0.21 57.70
N GLU A 693 31.12 0.05 58.22
CA GLU A 693 31.37 1.29 58.92
C GLU A 693 31.00 2.49 58.06
N ARG A 694 31.53 2.53 56.83
CA ARG A 694 31.26 3.66 55.95
C ARG A 694 29.78 3.77 55.63
N LEU A 695 29.12 2.65 55.43
CA LEU A 695 27.71 2.66 55.06
C LEU A 695 26.84 3.17 56.22
N ALA A 696 27.09 2.68 57.43
CA ALA A 696 26.33 3.16 58.58
C ALA A 696 26.57 4.64 58.81
N THR A 697 27.82 5.08 58.71
CA THR A 697 28.12 6.51 58.82
C THR A 697 27.40 7.28 57.73
N PHE A 698 27.37 6.73 56.52
CA PHE A 698 26.74 7.39 55.38
C PHE A 698 25.24 7.56 55.60
N VAL A 699 24.60 6.53 56.16
CA VAL A 699 23.17 6.64 56.47
C VAL A 699 22.93 7.66 57.57
N VAL A 700 23.84 7.71 58.55
CA VAL A 700 23.73 8.73 59.58
C VAL A 700 23.81 10.12 58.97
N ASP A 701 24.75 10.31 58.05
CA ASP A 701 24.86 11.59 57.35
C ASP A 701 23.60 11.90 56.55
N SER A 702 23.04 10.89 55.90
CA SER A 702 21.80 11.08 55.16
C SER A 702 20.69 11.56 56.09
N HIS A 703 20.57 10.95 57.26
CA HIS A 703 19.57 11.39 58.22
C HIS A 703 19.84 12.83 58.67
N VAL A 704 21.09 13.15 58.96
CA VAL A 704 21.41 14.46 59.51
C VAL A 704 21.10 15.55 58.48
N ARG A 705 21.49 15.33 57.23
CA ARG A 705 21.14 16.28 56.18
C ARG A 705 19.64 16.27 55.94
N SER A 706 18.97 15.15 56.23
CA SER A 706 17.54 15.07 56.04
C SER A 706 16.79 15.82 57.14
N HIS A 707 17.37 15.90 58.32
CA HIS A 707 16.68 16.53 59.44
C HIS A 707 16.66 18.04 59.26
N PRO A 708 15.48 18.68 59.29
CA PRO A 708 15.45 20.15 59.36
C PRO A 708 16.13 20.67 60.61
N GLU A 709 16.02 19.95 61.72
CA GLU A 709 16.70 20.33 62.95
C GLU A 709 18.14 19.83 62.88
N ASN A 710 19.08 20.66 63.32
CA ASN A 710 20.49 20.31 63.22
C ASN A 710 21.27 20.89 64.40
N LEU A 738 26.41 29.55 57.39
CA LEU A 738 25.47 30.62 57.68
C LEU A 738 24.45 30.18 58.72
N ASN A 739 23.97 28.94 58.59
CA ASN A 739 23.01 28.38 59.53
C ASN A 739 23.04 26.86 59.38
N ALA A 740 22.07 26.20 60.02
CA ALA A 740 21.96 24.76 59.90
C ALA A 740 21.71 24.34 58.45
N ARG A 741 20.80 25.05 57.78
CA ARG A 741 20.53 24.73 56.38
C ARG A 741 21.76 24.98 55.52
N GLN A 742 22.56 26.00 55.85
CA GLN A 742 23.76 26.26 55.08
C GLN A 742 24.76 25.11 55.21
N ARG A 743 24.93 24.56 56.41
CA ARG A 743 25.87 23.46 56.57
C ARG A 743 25.33 22.18 55.94
N ARG A 744 24.00 22.00 55.97
CA ARG A 744 23.42 20.89 55.21
C ARG A 744 23.71 21.04 53.71
N LEU A 745 23.56 22.27 53.20
CA LEU A 745 23.84 22.52 51.79
C LEU A 745 25.30 22.28 51.47
N GLN A 746 26.21 22.72 52.33
CA GLN A 746 27.64 22.54 52.03
C GLN A 746 28.05 21.08 52.13
N ARG A 747 27.45 20.33 53.05
CA ARG A 747 27.80 18.91 53.15
C ARG A 747 27.24 18.13 51.97
N GLN A 748 26.04 18.47 51.50
CA GLN A 748 25.55 17.81 50.30
C GLN A 748 26.35 18.26 49.08
N ARG A 749 26.86 19.49 49.07
CA ARG A 749 27.73 19.92 47.98
C ARG A 749 29.02 19.11 47.95
N LYS A 750 29.65 18.91 49.10
CA LYS A 750 30.91 18.15 49.11
C LYS A 750 30.65 16.69 48.76
N LYS A 751 29.58 16.10 49.28
CA LYS A 751 29.24 14.73 48.90
C LYS A 751 28.93 14.63 47.42
N GLU A 752 28.32 15.68 46.86
CA GLU A 752 28.15 15.78 45.41
C GLU A 752 29.49 15.85 44.71
N GLU A 753 30.50 16.45 45.35
CA GLU A 753 31.83 16.48 44.78
C GLU A 753 32.43 15.08 44.68
N GLU A 754 32.41 14.32 45.78
CA GLU A 754 32.96 12.97 45.70
C GLU A 754 32.16 12.10 44.74
N ILE A 755 30.84 12.04 44.93
CA ILE A 755 29.97 11.24 44.08
C ILE A 755 28.88 12.14 43.53
N SER A 756 28.54 11.92 42.26
CA SER A 756 27.71 12.80 41.45
C SER A 756 28.39 14.15 41.23
N PRO A 757 29.59 14.18 40.62
CA PRO A 757 30.25 15.47 40.40
C PRO A 757 29.41 16.42 39.57
N ILE A 758 28.60 15.89 38.66
CA ILE A 758 27.64 16.68 37.91
C ILE A 758 26.37 16.83 38.75
N PRO A 759 25.77 18.02 38.81
CA PRO A 759 24.50 18.17 39.52
C PRO A 759 23.43 17.27 38.92
N GLN A 760 22.52 16.82 39.79
CA GLN A 760 21.50 15.87 39.38
C GLN A 760 20.60 16.45 38.30
N GLU A 761 20.22 17.72 38.42
CA GLU A 761 19.48 18.36 37.33
C GLU A 761 20.36 18.53 36.11
N LEU A 762 21.62 18.94 36.31
CA LEU A 762 22.55 18.97 35.20
C LEU A 762 22.74 17.58 34.62
N LEU A 763 22.74 16.56 35.49
CA LEU A 763 22.85 15.18 35.01
C LEU A 763 21.67 14.80 34.13
N MET A 764 20.45 15.07 34.57
CA MET A 764 19.29 14.66 33.79
C MET A 764 19.21 15.44 32.48
N LYS A 765 19.58 16.72 32.50
CA LYS A 765 19.66 17.46 31.25
C LYS A 765 20.75 16.91 30.35
N TYR A 766 21.84 16.41 30.94
CA TYR A 766 22.87 15.73 30.17
C TYR A 766 22.30 14.51 29.47
N ILE A 767 21.51 13.73 30.19
CA ILE A 767 20.88 12.55 29.60
C ILE A 767 19.94 12.97 28.48
N HIS A 768 19.16 14.03 28.70
CA HIS A 768 18.26 14.51 27.66
C HIS A 768 19.03 14.92 26.42
N TYR A 769 20.13 15.65 26.60
CA TYR A 769 20.97 16.04 25.48
C TYR A 769 21.52 14.82 24.76
N ALA A 770 21.95 13.81 25.52
CA ALA A 770 22.49 12.60 24.91
C ALA A 770 21.45 11.92 24.05
N ARG A 771 20.23 11.74 24.57
CA ARG A 771 19.18 11.11 23.77
C ARG A 771 18.84 11.96 22.55
N THR A 772 18.76 13.28 22.73
CA THR A 772 18.23 14.14 21.67
C THR A 772 19.22 14.31 20.54
N LYS A 773 20.51 14.51 20.84
CA LYS A 773 21.46 14.87 19.80
C LYS A 773 22.54 13.81 19.62
N ILE A 774 22.89 13.10 20.68
CA ILE A 774 23.99 12.15 20.61
C ILE A 774 23.47 10.81 20.12
N TYR A 775 24.14 10.28 19.09
CA TYR A 775 23.77 8.97 18.52
C TYR A 775 25.04 8.27 18.09
N PRO A 776 25.78 7.70 19.04
CA PRO A 776 27.04 7.04 18.70
C PRO A 776 26.83 5.89 17.74
N LYS A 777 27.79 5.71 16.83
CA LYS A 777 27.68 4.76 15.74
C LYS A 777 28.87 3.82 15.75
N LEU A 778 28.60 2.55 15.44
CA LEU A 778 29.60 1.49 15.54
C LEU A 778 30.51 1.43 14.33
N HIS A 779 30.65 2.54 13.59
CA HIS A 779 31.46 2.64 12.38
C HIS A 779 32.74 1.83 12.47
N GLN A 780 33.47 1.98 13.57
CA GLN A 780 34.61 1.13 13.86
C GLN A 780 34.16 0.09 14.88
N MET A 781 34.69 -1.12 14.76
CA MET A 781 34.30 -2.17 15.70
C MET A 781 35.40 -3.24 15.70
N ASP A 782 35.34 -4.11 16.71
CA ASP A 782 36.24 -5.25 16.84
C ASP A 782 35.44 -6.54 16.66
N MET A 783 35.38 -7.01 15.40
CA MET A 783 34.60 -8.19 15.06
C MET A 783 35.08 -9.41 15.83
N ASP A 784 36.35 -9.79 15.59
CA ASP A 784 36.91 -11.04 16.17
C ASP A 784 37.06 -10.96 17.69
N LYS A 785 37.20 -9.76 18.26
CA LYS A 785 37.22 -9.70 19.74
C LYS A 785 35.89 -10.29 20.22
N VAL A 786 34.80 -9.75 19.68
CA VAL A 786 33.43 -10.23 20.07
C VAL A 786 33.31 -11.72 19.71
N SER A 787 33.93 -12.13 18.60
CA SER A 787 33.86 -13.55 18.17
C SER A 787 34.45 -14.43 19.27
N ARG A 788 35.68 -14.14 19.72
CA ARG A 788 36.33 -14.96 20.76
C ARG A 788 35.50 -14.86 22.04
N VAL A 789 34.92 -13.69 22.28
CA VAL A 789 34.08 -13.50 23.50
C VAL A 789 32.95 -14.53 23.48
N TYR A 790 32.19 -14.60 22.38
CA TYR A 790 31.04 -15.53 22.31
C TYR A 790 31.54 -16.97 22.30
N ALA A 791 32.74 -17.18 21.75
CA ALA A 791 33.32 -18.54 21.75
C ALA A 791 33.50 -18.99 23.21
N ASP A 792 34.13 -18.14 24.02
CA ASP A 792 34.32 -18.47 25.46
C ASP A 792 32.94 -18.64 26.09
N LEU A 793 31.99 -17.77 25.71
CA LEU A 793 30.60 -17.91 26.21
C LEU A 793 30.18 -19.37 26.04
N ARG A 794 30.55 -19.97 24.91
CA ARG A 794 30.20 -21.35 24.67
C ARG A 794 30.95 -22.28 25.62
N ARG A 795 30.52 -23.54 25.66
CA ARG A 795 30.99 -24.62 26.54
C ARG A 795 31.10 -24.19 27.99
N GLU A 796 30.44 -23.10 28.40
CA GLU A 796 30.34 -22.74 29.80
C GLU A 796 28.94 -23.00 30.34
N SER A 797 27.91 -22.75 29.53
CA SER A 797 26.54 -23.10 29.91
C SER A 797 26.41 -24.57 30.28
N ILE A 798 27.40 -25.39 29.90
CA ILE A 798 27.42 -26.78 30.33
C ILE A 798 27.48 -26.87 31.85
N SER A 799 28.04 -25.86 32.51
CA SER A 799 28.12 -25.85 33.95
C SER A 799 26.73 -25.76 34.57
N THR A 800 26.54 -26.47 35.68
CA THR A 800 25.24 -26.44 36.37
C THR A 800 24.95 -25.06 36.93
N GLY A 801 25.98 -24.31 37.30
CA GLY A 801 25.80 -22.95 37.75
C GLY A 801 25.74 -21.91 36.64
N SER A 802 25.77 -22.35 35.39
CA SER A 802 25.82 -21.46 34.25
C SER A 802 24.52 -21.53 33.44
N PHE A 803 23.91 -20.37 33.21
CA PHE A 803 22.76 -20.26 32.36
C PHE A 803 23.16 -20.27 30.89
N PRO A 804 22.27 -20.67 29.99
CA PRO A 804 22.63 -20.72 28.57
C PRO A 804 22.97 -19.35 28.01
N ILE A 805 23.92 -19.33 27.07
CA ILE A 805 24.32 -18.11 26.38
C ILE A 805 23.82 -18.20 24.94
N THR A 806 23.11 -17.17 24.51
CA THR A 806 22.44 -17.17 23.22
C THR A 806 22.83 -15.93 22.42
N VAL A 807 22.23 -15.83 21.23
CA VAL A 807 22.51 -14.70 20.34
C VAL A 807 22.01 -13.40 20.95
N ARG A 808 20.83 -13.45 21.57
CA ARG A 808 20.28 -12.23 22.18
C ARG A 808 21.20 -11.71 23.27
N HIS A 809 21.97 -12.59 23.92
CA HIS A 809 23.01 -12.12 24.83
C HIS A 809 24.07 -11.30 24.09
N LEU A 810 24.46 -11.75 22.90
CA LEU A 810 25.42 -10.99 22.12
C LEU A 810 24.85 -9.64 21.71
N GLU A 811 23.59 -9.62 21.28
CA GLU A 811 22.92 -8.36 20.97
C GLU A 811 22.86 -7.47 22.20
N SER A 812 22.69 -8.09 23.36
CA SER A 812 22.74 -7.35 24.62
C SER A 812 24.09 -6.69 24.81
N ILE A 813 25.17 -7.42 24.53
CA ILE A 813 26.50 -6.84 24.63
C ILE A 813 26.63 -5.66 23.67
N LEU A 814 26.12 -5.82 22.45
CA LEU A 814 26.21 -4.74 21.48
C LEU A 814 25.46 -3.49 21.96
N ARG A 815 24.26 -3.69 22.50
CA ARG A 815 23.50 -2.54 22.97
C ARG A 815 24.11 -1.94 24.23
N ILE A 816 24.80 -2.75 25.03
CA ILE A 816 25.56 -2.21 26.16
C ILE A 816 26.69 -1.34 25.65
N ALA A 817 27.35 -1.76 24.57
CA ALA A 817 28.36 -0.92 23.95
C ALA A 817 27.77 0.39 23.48
N GLU A 818 26.58 0.34 22.87
CA GLU A 818 25.90 1.56 22.45
C GLU A 818 25.59 2.45 23.63
N SER A 819 25.12 1.86 24.73
CA SER A 819 24.80 2.64 25.92
C SER A 819 26.05 3.27 26.52
N PHE A 820 27.16 2.54 26.53
CA PHE A 820 28.42 3.12 26.99
C PHE A 820 28.83 4.30 26.14
N ALA A 821 28.73 4.14 24.81
CA ALA A 821 29.15 5.20 23.91
C ALA A 821 28.26 6.43 24.05
N LYS A 822 26.96 6.21 24.24
CA LYS A 822 26.06 7.33 24.55
C LYS A 822 26.46 7.97 25.87
N MET A 823 26.86 7.15 26.84
CA MET A 823 27.36 7.66 28.11
C MET A 823 28.64 8.46 27.92
N ARG A 824 29.50 8.01 27.01
CA ARG A 824 30.68 8.80 26.67
C ARG A 824 30.30 10.10 25.95
N LEU A 825 29.09 10.18 25.40
CA LEU A 825 28.47 11.33 24.76
C LEU A 825 29.05 11.61 23.38
N SER A 826 30.03 10.85 22.91
CA SER A 826 30.53 11.06 21.57
C SER A 826 29.54 10.51 20.55
N GLU A 827 29.42 11.22 19.41
CA GLU A 827 28.56 10.79 18.32
C GLU A 827 29.11 9.56 17.61
N PHE A 828 30.33 9.14 17.95
CA PHE A 828 30.95 7.95 17.39
C PHE A 828 31.37 7.03 18.53
N VAL A 829 31.01 5.76 18.41
CA VAL A 829 31.39 4.78 19.43
C VAL A 829 32.90 4.68 19.49
N SER A 830 33.43 4.52 20.70
CA SER A 830 34.84 4.29 20.92
C SER A 830 35.09 2.80 21.11
N SER A 831 36.16 2.30 20.50
CA SER A 831 36.47 0.88 20.60
C SER A 831 36.73 0.46 22.03
N TYR A 832 37.47 1.29 22.78
CA TYR A 832 37.81 0.96 24.16
C TYR A 832 36.63 1.15 25.10
N ASP A 833 35.76 2.12 24.83
CA ASP A 833 34.50 2.20 25.56
C ASP A 833 33.65 0.95 25.33
N LEU A 834 33.59 0.49 24.08
CA LEU A 834 32.99 -0.79 23.77
C LEU A 834 33.68 -1.92 24.53
N ASP A 835 34.99 -1.81 24.73
CA ASP A 835 35.72 -2.81 25.50
C ASP A 835 35.25 -2.83 26.94
N ARG A 836 35.08 -1.65 27.54
CA ARG A 836 34.52 -1.60 28.89
C ARG A 836 33.11 -2.17 28.93
N ALA A 837 32.34 -1.98 27.87
CA ALA A 837 31.02 -2.62 27.80
C ALA A 837 31.16 -4.13 27.83
N ILE A 838 32.10 -4.67 27.04
CA ILE A 838 32.38 -6.10 27.06
C ILE A 838 32.74 -6.54 28.46
N LYS A 839 33.61 -5.77 29.12
CA LYS A 839 34.06 -6.11 30.45
C LYS A 839 32.90 -6.17 31.43
N VAL A 840 32.01 -5.19 31.36
CA VAL A 840 30.87 -5.15 32.28
C VAL A 840 29.97 -6.36 32.03
N VAL A 841 29.69 -6.65 30.76
CA VAL A 841 28.78 -7.76 30.47
C VAL A 841 29.40 -9.08 30.92
N VAL A 842 30.69 -9.29 30.63
CA VAL A 842 31.32 -10.55 31.00
C VAL A 842 31.41 -10.68 32.51
N ASP A 843 31.64 -9.57 33.21
CA ASP A 843 31.66 -9.62 34.67
C ASP A 843 30.29 -9.99 35.21
N SER A 844 29.23 -9.41 34.63
CA SER A 844 27.88 -9.79 35.04
C SER A 844 27.66 -11.28 34.83
N PHE A 845 28.07 -11.78 33.67
CA PHE A 845 27.95 -13.22 33.40
C PHE A 845 28.68 -14.03 34.45
N VAL A 846 29.93 -13.65 34.75
CA VAL A 846 30.73 -14.40 35.71
C VAL A 846 30.05 -14.39 37.08
N ASP A 847 29.53 -13.24 37.50
CA ASP A 847 28.79 -13.19 38.76
C ASP A 847 27.58 -14.11 38.73
N ALA A 848 26.95 -14.25 37.56
CA ALA A 848 25.80 -15.14 37.44
C ALA A 848 26.16 -16.60 37.67
N GLN A 849 27.44 -16.96 37.54
CA GLN A 849 27.84 -18.35 37.63
C GLN A 849 27.89 -18.83 39.08
N LYS A 850 27.95 -20.15 39.24
CA LYS A 850 28.25 -20.72 40.55
C LYS A 850 29.69 -20.41 40.95
N VAL A 851 29.89 -20.11 42.23
CA VAL A 851 31.20 -19.64 42.69
C VAL A 851 32.27 -20.67 42.39
N SER A 852 31.93 -21.95 42.41
CA SER A 852 32.92 -22.99 42.15
C SER A 852 33.48 -22.85 40.74
N VAL A 853 32.60 -22.78 39.73
CA VAL A 853 33.07 -22.56 38.38
C VAL A 853 33.48 -21.10 38.19
N ARG A 854 32.90 -20.21 38.98
CA ARG A 854 33.10 -18.78 38.80
C ARG A 854 34.59 -18.42 38.84
N ARG A 855 35.35 -19.08 39.70
CA ARG A 855 36.78 -18.81 39.77
C ARG A 855 37.50 -19.31 38.53
N GLN A 856 37.18 -20.52 38.08
CA GLN A 856 37.79 -21.02 36.85
C GLN A 856 37.41 -20.14 35.67
N LEU A 857 36.15 -19.73 35.59
CA LEU A 857 35.71 -18.88 34.50
C LEU A 857 36.37 -17.51 34.56
N ARG A 858 36.59 -16.98 35.76
CA ARG A 858 37.23 -15.67 35.85
C ARG A 858 38.69 -15.77 35.45
N ARG A 859 39.36 -16.87 35.79
CA ARG A 859 40.71 -17.08 35.28
C ARG A 859 40.71 -17.18 33.76
N SER A 860 39.72 -17.90 33.21
CA SER A 860 39.65 -18.06 31.76
C SER A 860 39.44 -16.73 31.07
N PHE A 861 38.53 -15.92 31.61
CA PHE A 861 38.22 -14.61 31.02
C PHE A 861 39.25 -13.56 31.39
N ALA A 862 40.18 -13.87 32.29
CA ALA A 862 41.22 -12.92 32.66
C ALA A 862 42.00 -12.47 31.45
N ILE A 863 42.08 -13.32 30.42
CA ILE A 863 42.70 -12.92 29.17
C ILE A 863 41.89 -11.81 28.50
N TYR A 864 40.61 -11.68 28.87
CA TYR A 864 39.79 -10.57 28.39
C TYR A 864 39.70 -9.43 29.39
N THR A 865 39.78 -9.73 30.69
CA THR A 865 39.49 -8.73 31.71
C THR A 865 40.49 -7.59 31.69
N LEU A 866 41.78 -7.90 31.50
CA LEU A 866 42.80 -6.87 31.60
C LEU A 866 42.62 -5.78 30.55
N GLY A 867 42.16 -6.16 29.35
CA GLY A 867 41.90 -5.17 28.33
C GLY A 867 40.77 -4.24 28.72
N HIS A 868 39.88 -4.70 29.60
CA HIS A 868 38.72 -3.93 30.04
C HIS A 868 37.93 -3.47 28.83
N ASP B 18 -54.55 5.76 -16.02
CA ASP B 18 -54.75 4.32 -16.01
C ASP B 18 -54.73 3.78 -17.44
N ALA B 19 -54.59 4.69 -18.40
CA ALA B 19 -54.52 4.27 -19.80
C ALA B 19 -53.34 3.35 -20.03
N VAL B 20 -52.18 3.71 -19.49
CA VAL B 20 -51.03 2.80 -19.54
C VAL B 20 -51.29 1.57 -18.68
N PHE B 21 -51.97 1.76 -17.54
CA PHE B 21 -52.36 0.63 -16.71
C PHE B 21 -53.28 -0.32 -17.46
N GLY B 22 -54.29 0.23 -18.13
CA GLY B 22 -55.18 -0.60 -18.92
C GLY B 22 -54.46 -1.28 -20.07
N ASP B 23 -53.53 -0.57 -20.70
CA ASP B 23 -52.75 -1.16 -21.78
C ASP B 23 -51.93 -2.33 -21.28
N ARG B 24 -51.30 -2.18 -20.12
CA ARG B 24 -50.53 -3.29 -19.55
C ARG B 24 -51.44 -4.45 -19.18
N VAL B 25 -52.65 -4.14 -18.71
CA VAL B 25 -53.64 -5.20 -18.46
C VAL B 25 -53.94 -5.95 -19.74
N ARG B 26 -54.15 -5.23 -20.84
CA ARG B 26 -54.41 -5.87 -22.12
C ARG B 26 -53.23 -6.71 -22.56
N ARG B 27 -52.02 -6.20 -22.41
CA ARG B 27 -50.84 -6.96 -22.82
C ARG B 27 -50.67 -8.21 -21.99
N PHE B 28 -50.95 -8.12 -20.69
CA PHE B 28 -50.90 -9.31 -19.84
C PHE B 28 -51.98 -10.31 -20.26
N GLN B 29 -53.14 -9.81 -20.66
CA GLN B 29 -54.18 -10.70 -21.17
C GLN B 29 -53.70 -11.40 -22.43
N GLU B 30 -53.04 -10.65 -23.32
CA GLU B 30 -52.46 -11.25 -24.51
C GLU B 30 -51.44 -12.32 -24.14
N PHE B 31 -50.67 -12.06 -23.08
CA PHE B 31 -49.77 -13.09 -22.55
C PHE B 31 -50.53 -14.34 -22.14
N LEU B 32 -51.56 -14.17 -21.32
CA LEU B 32 -52.36 -15.32 -20.88
C LEU B 32 -52.88 -16.09 -22.07
N ASP B 33 -53.31 -15.37 -23.10
CA ASP B 33 -53.73 -16.01 -24.34
C ASP B 33 -52.59 -16.76 -24.99
N THR B 34 -51.39 -16.19 -24.94
CA THR B 34 -50.24 -16.82 -25.58
C THR B 34 -49.90 -18.16 -24.93
N PHE B 35 -49.95 -18.21 -23.61
CA PHE B 35 -49.53 -19.40 -22.86
C PHE B 35 -50.76 -19.96 -22.17
N THR B 36 -51.36 -20.98 -22.78
CA THR B 36 -52.56 -21.60 -22.24
C THR B 36 -52.27 -22.28 -20.90
N SER B 37 -51.11 -22.93 -20.80
CA SER B 37 -50.75 -23.75 -19.65
C SER B 37 -50.96 -22.99 -18.35
N TYR B 38 -50.69 -21.69 -18.37
CA TYR B 38 -50.86 -20.89 -17.17
C TYR B 38 -52.33 -20.81 -16.77
N ARG B 39 -53.20 -20.45 -17.72
CA ARG B 39 -54.62 -20.44 -17.42
C ARG B 39 -55.10 -21.84 -17.08
N ASP B 40 -54.45 -22.86 -17.65
CA ASP B 40 -54.78 -24.24 -17.28
C ASP B 40 -54.37 -24.52 -15.85
N SER B 41 -53.17 -24.08 -15.46
CA SER B 41 -52.75 -24.25 -14.08
C SER B 41 -53.68 -23.52 -13.13
N VAL B 42 -54.06 -22.29 -13.49
CA VAL B 42 -55.03 -21.56 -12.68
C VAL B 42 -56.35 -22.31 -12.62
N ARG B 43 -56.78 -22.86 -13.76
CA ARG B 43 -57.99 -23.67 -13.77
C ARG B 43 -57.87 -24.84 -12.81
N SER B 44 -56.73 -25.54 -12.86
CA SER B 44 -56.50 -26.65 -11.94
C SER B 44 -56.48 -26.16 -10.50
N ILE B 45 -55.94 -24.96 -10.29
CA ILE B 45 -55.93 -24.40 -8.94
C ILE B 45 -57.36 -24.17 -8.45
N GLN B 46 -58.19 -23.57 -9.30
CA GLN B 46 -59.55 -23.24 -8.90
C GLN B 46 -60.34 -24.51 -8.58
N VAL B 47 -60.24 -25.53 -9.43
CA VAL B 47 -60.94 -26.78 -9.17
C VAL B 47 -60.37 -27.44 -7.92
N TYR B 48 -59.06 -27.31 -7.70
CA TYR B 48 -58.46 -27.78 -6.46
C TYR B 48 -59.05 -27.03 -5.27
N ASN B 49 -59.25 -25.73 -5.42
CA ASN B 49 -59.86 -24.93 -4.37
C ASN B 49 -61.28 -25.42 -4.09
N SER B 50 -62.06 -25.63 -5.16
CA SER B 50 -63.47 -25.95 -4.99
C SER B 50 -63.68 -27.30 -4.32
N ASN B 51 -63.00 -28.34 -4.85
CA ASN B 51 -63.19 -29.67 -4.29
C ASN B 51 -62.71 -29.74 -2.84
N ASN B 52 -61.55 -29.14 -2.56
CA ASN B 52 -61.06 -29.12 -1.20
C ASN B 52 -61.99 -28.33 -0.29
N ALA B 53 -62.57 -27.25 -0.82
CA ALA B 53 -63.58 -26.52 -0.06
C ALA B 53 -64.77 -27.41 0.25
N ALA B 54 -65.19 -28.22 -0.72
CA ALA B 54 -66.25 -29.19 -0.46
C ALA B 54 -65.81 -30.19 0.61
N ASN B 55 -64.56 -30.62 0.55
CA ASN B 55 -64.01 -31.52 1.56
C ASN B 55 -63.88 -30.81 2.90
N LEU B 89 -59.00 -29.37 2.88
CA LEU B 89 -58.39 -28.14 3.35
C LEU B 89 -57.24 -27.72 2.45
N ASN B 90 -56.09 -27.44 3.07
CA ASN B 90 -54.81 -27.15 2.43
C ASN B 90 -54.94 -26.27 1.18
N ILE B 91 -55.87 -25.31 1.23
CA ILE B 91 -56.14 -24.44 0.09
C ILE B 91 -54.90 -23.63 -0.25
N LEU B 92 -54.32 -23.89 -1.42
CA LEU B 92 -53.22 -23.07 -1.89
C LEU B 92 -53.73 -21.66 -2.15
N PRO B 93 -52.89 -20.66 -1.93
CA PRO B 93 -53.31 -19.28 -2.14
C PRO B 93 -53.50 -18.99 -3.62
N HIS B 94 -53.97 -17.78 -3.91
CA HIS B 94 -54.11 -17.34 -5.29
C HIS B 94 -52.76 -16.92 -5.84
N ARG B 95 -51.77 -17.82 -5.75
CA ARG B 95 -50.40 -17.55 -6.15
C ARG B 95 -50.17 -18.17 -7.51
N ILE B 96 -49.76 -17.36 -8.48
CA ILE B 96 -49.53 -17.82 -9.85
C ILE B 96 -48.09 -17.54 -10.21
N ILE B 97 -47.44 -18.52 -10.82
CA ILE B 97 -45.99 -18.54 -11.00
C ILE B 97 -45.69 -18.52 -12.49
N ILE B 98 -45.08 -17.45 -12.97
CA ILE B 98 -44.71 -17.32 -14.37
C ILE B 98 -43.24 -16.90 -14.46
N SER B 99 -42.45 -17.70 -15.15
CA SER B 99 -41.01 -17.48 -15.18
C SER B 99 -40.67 -16.20 -15.93
N LEU B 100 -39.50 -15.65 -15.60
CA LEU B 100 -38.94 -14.57 -16.39
C LEU B 100 -38.63 -15.04 -17.81
N ASP B 101 -38.12 -16.25 -17.95
CA ASP B 101 -37.90 -16.82 -19.28
C ASP B 101 -39.23 -17.03 -19.99
N ASP B 102 -40.31 -17.17 -19.24
CA ASP B 102 -41.62 -17.16 -19.85
C ASP B 102 -41.97 -15.73 -20.23
N LEU B 103 -42.82 -15.60 -21.26
CA LEU B 103 -43.34 -14.32 -21.77
C LEU B 103 -42.21 -13.41 -22.25
N ARG B 104 -40.97 -13.87 -22.15
CA ARG B 104 -39.86 -13.08 -22.65
C ARG B 104 -39.85 -13.07 -24.17
N GLU B 105 -40.50 -14.05 -24.78
CA GLU B 105 -40.38 -14.25 -26.22
C GLU B 105 -41.35 -13.36 -26.98
N PHE B 106 -42.66 -13.51 -26.72
CA PHE B 106 -43.63 -12.84 -27.56
C PHE B 106 -43.55 -11.33 -27.40
N ASP B 107 -43.18 -10.86 -26.21
CA ASP B 107 -43.07 -9.42 -25.94
C ASP B 107 -41.76 -9.16 -25.22
N ARG B 108 -40.75 -8.74 -25.98
CA ARG B 108 -39.52 -8.21 -25.40
C ARG B 108 -39.81 -6.97 -24.56
N SER B 109 -40.68 -6.09 -25.04
CA SER B 109 -40.92 -4.82 -24.37
C SER B 109 -41.56 -5.03 -23.00
N PHE B 110 -42.63 -5.82 -22.95
CA PHE B 110 -43.30 -6.07 -21.67
C PHE B 110 -42.36 -6.77 -20.70
N TRP B 111 -41.62 -7.77 -21.18
CA TRP B 111 -40.70 -8.51 -20.33
C TRP B 111 -39.63 -7.59 -19.77
N SER B 112 -39.12 -6.69 -20.60
CA SER B 112 -38.14 -5.72 -20.12
C SER B 112 -38.74 -4.78 -19.09
N GLY B 113 -39.92 -4.23 -19.40
CA GLY B 113 -40.52 -3.24 -18.52
C GLY B 113 -40.94 -3.82 -17.19
N ILE B 114 -41.15 -5.14 -17.13
CA ILE B 114 -41.33 -5.80 -15.85
C ILE B 114 -40.08 -5.59 -14.99
N LEU B 115 -38.91 -5.78 -15.58
CA LEU B 115 -37.69 -5.54 -14.84
C LEU B 115 -37.49 -4.07 -14.55
N VAL B 116 -37.65 -3.22 -15.57
CA VAL B 116 -37.31 -1.81 -15.43
C VAL B 116 -38.27 -1.12 -14.46
N GLU B 117 -39.56 -1.32 -14.64
CA GLU B 117 -40.57 -0.72 -13.77
C GLU B 117 -41.56 -1.78 -13.29
N PRO B 118 -41.13 -2.67 -12.41
CA PRO B 118 -42.05 -3.68 -11.88
C PRO B 118 -43.24 -3.08 -11.16
N ALA B 119 -43.03 -1.96 -10.45
CA ALA B 119 -44.10 -1.35 -9.69
C ALA B 119 -45.20 -0.81 -10.59
N TYR B 120 -44.94 -0.73 -11.89
CA TYR B 120 -45.96 -0.33 -12.85
C TYR B 120 -46.40 -1.47 -13.75
N PHE B 121 -45.65 -2.57 -13.77
CA PHE B 121 -46.01 -3.68 -14.65
C PHE B 121 -46.79 -4.75 -13.92
N ILE B 122 -46.29 -5.20 -12.77
CA ILE B 122 -46.99 -6.25 -12.02
C ILE B 122 -48.35 -5.83 -11.49
N PRO B 123 -48.58 -4.62 -10.98
CA PRO B 123 -49.92 -4.30 -10.48
C PRO B 123 -51.00 -4.52 -11.52
N PRO B 124 -50.89 -3.94 -12.74
CA PRO B 124 -51.90 -4.25 -13.75
C PRO B 124 -51.89 -5.71 -14.16
N ALA B 125 -50.72 -6.34 -14.18
CA ALA B 125 -50.65 -7.75 -14.55
C ALA B 125 -51.46 -8.61 -13.59
N GLU B 126 -51.31 -8.35 -12.30
CA GLU B 126 -52.05 -9.11 -11.29
C GLU B 126 -53.53 -8.75 -11.31
N LYS B 127 -53.86 -7.50 -11.62
CA LYS B 127 -55.27 -7.15 -11.78
C LYS B 127 -55.90 -7.95 -12.90
N ALA B 128 -55.21 -8.04 -14.04
CA ALA B 128 -55.70 -8.84 -15.15
C ALA B 128 -55.75 -10.32 -14.78
N LEU B 129 -54.74 -10.79 -14.05
CA LEU B 129 -54.76 -12.16 -13.55
C LEU B 129 -56.02 -12.43 -12.74
N THR B 130 -56.33 -11.54 -11.80
CA THR B 130 -57.48 -11.73 -10.94
C THR B 130 -58.77 -11.73 -11.75
N ASP B 131 -58.95 -10.76 -12.64
CA ASP B 131 -60.20 -10.70 -13.37
C ASP B 131 -60.35 -11.89 -14.31
N LEU B 132 -59.24 -12.33 -14.92
CA LEU B 132 -59.30 -13.55 -15.72
C LEU B 132 -59.71 -14.74 -14.87
N ALA B 133 -59.13 -14.86 -13.68
CA ALA B 133 -59.44 -16.00 -12.83
C ALA B 133 -60.91 -16.01 -12.42
N ASP B 134 -61.42 -14.85 -11.99
CA ASP B 134 -62.79 -14.81 -11.51
C ASP B 134 -63.78 -14.92 -12.67
N SER B 135 -63.36 -14.55 -13.88
CA SER B 135 -64.19 -14.80 -15.04
C SER B 135 -64.03 -16.23 -15.56
N MET B 136 -63.03 -16.95 -15.07
CA MET B 136 -62.73 -18.28 -15.54
C MET B 136 -62.89 -19.36 -14.47
N ASP B 137 -62.84 -18.99 -13.19
CA ASP B 137 -63.14 -19.96 -12.14
C ASP B 137 -64.58 -20.45 -12.25
N ASP B 138 -65.51 -19.54 -12.54
CA ASP B 138 -66.91 -19.84 -12.85
C ASP B 138 -67.64 -20.51 -11.70
N VAL B 139 -67.15 -20.36 -10.46
CA VAL B 139 -67.84 -20.91 -9.30
C VAL B 139 -67.93 -19.80 -8.25
N PRO B 140 -68.71 -18.75 -8.49
CA PRO B 140 -68.67 -17.58 -7.60
C PRO B 140 -69.46 -17.78 -6.32
N HIS B 141 -70.57 -18.52 -6.36
CA HIS B 141 -71.49 -18.54 -5.23
C HIS B 141 -70.88 -19.04 -3.92
N PRO B 142 -70.15 -20.17 -3.86
CA PRO B 142 -69.69 -20.64 -2.55
C PRO B 142 -68.74 -19.65 -1.89
N ASN B 143 -68.81 -19.61 -0.56
CA ASN B 143 -68.00 -18.70 0.26
C ASN B 143 -68.23 -17.25 -0.15
N ALA B 144 -69.51 -16.86 -0.19
CA ALA B 144 -69.87 -15.50 -0.55
C ALA B 144 -69.33 -14.51 0.47
N SER B 145 -69.14 -14.95 1.71
CA SER B 145 -68.55 -14.08 2.73
C SER B 145 -67.13 -13.69 2.35
N ALA B 146 -66.33 -14.65 1.88
CA ALA B 146 -64.97 -14.34 1.45
C ALA B 146 -64.93 -13.65 0.10
N VAL B 147 -66.02 -13.72 -0.67
CA VAL B 147 -66.06 -13.02 -1.96
C VAL B 147 -65.93 -11.52 -1.75
N SER B 148 -66.68 -10.97 -0.78
CA SER B 148 -66.58 -9.56 -0.47
C SER B 148 -65.23 -9.22 0.12
N SER B 149 -64.68 -10.11 0.95
CA SER B 149 -63.35 -9.87 1.50
C SER B 149 -62.29 -9.88 0.39
N ARG B 150 -62.57 -10.60 -0.70
CA ARG B 150 -61.75 -10.62 -1.91
C ARG B 150 -60.47 -11.42 -1.67
N HIS B 151 -60.08 -12.23 -2.65
CA HIS B 151 -58.84 -13.00 -2.57
C HIS B 151 -57.92 -12.53 -3.69
N PRO B 152 -56.93 -11.71 -3.39
CA PRO B 152 -56.02 -11.23 -4.43
C PRO B 152 -55.28 -12.37 -5.08
N TRP B 153 -55.09 -12.26 -6.39
CA TRP B 153 -54.32 -13.24 -7.15
C TRP B 153 -52.89 -12.74 -7.29
N LYS B 154 -51.93 -13.61 -6.99
CA LYS B 154 -50.54 -13.21 -6.81
C LYS B 154 -49.68 -13.74 -7.94
N LEU B 155 -48.70 -12.94 -8.34
CA LEU B 155 -47.82 -13.27 -9.44
C LEU B 155 -46.45 -13.71 -8.93
N SER B 156 -45.96 -14.82 -9.45
CA SER B 156 -44.64 -15.33 -9.10
C SER B 156 -43.80 -15.50 -10.35
N PHE B 157 -42.55 -15.95 -10.16
CA PHE B 157 -41.59 -16.00 -11.24
C PHE B 157 -40.68 -17.22 -11.06
N LYS B 158 -39.99 -17.57 -12.13
CA LYS B 158 -39.04 -18.67 -12.14
C LYS B 158 -37.82 -18.24 -12.94
N GLY B 159 -36.72 -18.94 -12.71
CA GLY B 159 -35.48 -18.62 -13.38
C GLY B 159 -34.74 -17.48 -12.71
N SER B 160 -33.52 -17.25 -13.19
CA SER B 160 -32.64 -16.24 -12.62
C SER B 160 -32.58 -15.03 -13.54
N PHE B 161 -32.77 -13.84 -12.95
CA PHE B 161 -32.64 -12.62 -13.73
C PHE B 161 -31.20 -12.44 -14.20
N GLY B 162 -30.24 -12.72 -13.33
CA GLY B 162 -28.85 -12.54 -13.67
C GLY B 162 -28.48 -11.08 -13.68
N ALA B 163 -29.02 -10.34 -14.65
CA ALA B 163 -28.82 -8.90 -14.69
C ALA B 163 -29.40 -8.24 -13.45
N HIS B 164 -30.59 -8.68 -13.03
CA HIS B 164 -31.21 -8.17 -11.82
C HIS B 164 -30.85 -9.02 -10.61
N ALA B 165 -30.84 -10.35 -10.78
CA ALA B 165 -30.65 -11.27 -9.67
C ALA B 165 -29.17 -11.61 -9.55
N LEU B 166 -28.47 -10.95 -8.62
CA LEU B 166 -27.07 -11.29 -8.39
C LEU B 166 -26.81 -11.79 -6.97
N SER B 167 -27.04 -10.99 -5.93
CA SER B 167 -26.75 -11.38 -4.55
C SER B 167 -27.14 -10.27 -3.59
N PRO B 168 -27.25 -10.56 -2.28
CA PRO B 168 -27.48 -9.48 -1.32
C PRO B 168 -26.34 -8.48 -1.28
N ARG B 169 -25.10 -8.98 -1.23
CA ARG B 169 -23.95 -8.08 -1.18
C ARG B 169 -23.86 -7.24 -2.44
N THR B 170 -24.09 -7.85 -3.61
CA THR B 170 -24.02 -7.09 -4.85
C THR B 170 -25.17 -6.12 -4.98
N LEU B 171 -26.20 -6.24 -4.15
CA LEU B 171 -27.32 -5.33 -4.23
C LEU B 171 -26.88 -3.92 -3.83
N THR B 172 -27.13 -2.97 -4.72
CA THR B 172 -26.80 -1.57 -4.50
C THR B 172 -27.98 -0.72 -4.89
N ALA B 173 -27.96 0.54 -4.44
CA ALA B 173 -29.05 1.46 -4.73
C ALA B 173 -29.16 1.77 -6.21
N GLN B 174 -28.08 1.55 -6.97
CA GLN B 174 -28.10 1.87 -8.40
C GLN B 174 -29.20 1.09 -9.11
N HIS B 175 -29.54 -0.08 -8.58
CA HIS B 175 -30.69 -0.84 -9.06
C HIS B 175 -31.73 -0.88 -7.96
N LEU B 176 -32.66 0.07 -8.00
CA LEU B 176 -33.71 0.18 -7.01
C LEU B 176 -35.02 0.35 -7.75
N ASN B 177 -36.11 -0.03 -7.09
CA ASN B 177 -37.44 -0.10 -7.68
C ASN B 177 -37.51 -1.07 -8.85
N LYS B 178 -36.59 -2.04 -8.91
CA LYS B 178 -36.58 -3.05 -9.95
C LYS B 178 -36.57 -4.43 -9.31
N LEU B 179 -37.38 -5.34 -9.84
CA LEU B 179 -37.50 -6.67 -9.26
C LEU B 179 -36.23 -7.47 -9.48
N VAL B 180 -35.71 -8.04 -8.39
CA VAL B 180 -34.48 -8.84 -8.45
C VAL B 180 -34.71 -10.11 -7.65
N SER B 181 -33.70 -10.99 -7.63
CA SER B 181 -33.75 -12.17 -6.79
C SER B 181 -32.38 -12.43 -6.19
N VAL B 182 -32.36 -12.81 -4.92
CA VAL B 182 -31.12 -13.19 -4.25
C VAL B 182 -31.40 -14.43 -3.43
N GLU B 183 -30.42 -15.32 -3.39
CA GLU B 183 -30.47 -16.49 -2.53
C GLU B 183 -29.55 -16.28 -1.34
N GLY B 184 -30.06 -16.50 -0.15
CA GLY B 184 -29.28 -16.21 1.03
C GLY B 184 -29.76 -16.97 2.25
N ILE B 185 -28.98 -16.86 3.32
CA ILE B 185 -29.31 -17.43 4.61
C ILE B 185 -30.07 -16.40 5.41
N VAL B 186 -31.12 -16.84 6.11
CA VAL B 186 -31.95 -15.93 6.89
C VAL B 186 -31.66 -16.21 8.36
N THR B 187 -31.08 -15.23 9.04
CA THR B 187 -30.89 -15.39 10.48
C THR B 187 -32.10 -14.91 11.27
N LYS B 188 -32.70 -13.80 10.88
CA LYS B 188 -33.79 -13.19 11.62
C LYS B 188 -35.10 -13.42 10.88
N THR B 189 -36.10 -13.93 11.60
CA THR B 189 -37.46 -14.00 11.11
C THR B 189 -38.38 -13.36 12.14
N SER B 190 -39.19 -12.40 11.68
CA SER B 190 -40.15 -11.73 12.53
C SER B 190 -41.44 -12.53 12.55
N LEU B 191 -42.13 -12.50 13.68
CA LEU B 191 -43.39 -13.23 13.80
C LEU B 191 -44.47 -12.56 12.96
N VAL B 192 -45.56 -13.30 12.74
CA VAL B 192 -46.60 -12.84 11.85
C VAL B 192 -47.53 -11.88 12.58
N ARG B 193 -47.93 -10.81 11.87
CA ARG B 193 -48.89 -9.85 12.38
C ARG B 193 -49.80 -9.46 11.22
N PRO B 194 -51.10 -9.74 11.31
CA PRO B 194 -52.00 -9.37 10.22
C PRO B 194 -52.03 -7.86 10.00
N LYS B 195 -52.21 -7.48 8.74
CA LYS B 195 -52.35 -6.08 8.36
C LYS B 195 -53.73 -5.88 7.77
N LEU B 196 -54.50 -4.98 8.39
CA LEU B 196 -55.88 -4.71 7.96
C LEU B 196 -55.87 -3.61 6.92
N ILE B 197 -55.84 -4.01 5.65
CA ILE B 197 -55.76 -3.02 4.59
C ILE B 197 -57.17 -2.63 4.11
N ARG B 198 -58.07 -3.59 4.02
CA ARG B 198 -59.46 -3.32 3.65
C ARG B 198 -60.32 -3.39 4.91
N SER B 199 -60.81 -2.25 5.36
CA SER B 199 -61.56 -2.17 6.60
C SER B 199 -63.05 -2.30 6.30
N VAL B 200 -63.72 -3.18 7.03
CA VAL B 200 -65.15 -3.42 6.86
C VAL B 200 -65.85 -2.83 8.07
N HIS B 201 -66.82 -1.95 7.81
CA HIS B 201 -67.47 -1.14 8.82
C HIS B 201 -68.78 -0.62 8.26
N TYR B 202 -69.81 -0.61 9.11
CA TYR B 202 -71.16 -0.42 8.60
C TYR B 202 -72.16 -0.11 9.69
N ALA B 203 -73.02 0.89 9.46
CA ALA B 203 -74.12 1.18 10.38
C ALA B 203 -75.38 0.50 9.87
N ALA B 204 -76.07 -0.22 10.76
CA ALA B 204 -77.18 -1.07 10.36
C ALA B 204 -78.23 -0.31 9.57
N LYS B 205 -78.46 0.96 9.91
CA LYS B 205 -79.50 1.73 9.25
C LYS B 205 -79.15 2.04 7.80
N THR B 206 -77.86 2.15 7.49
CA THR B 206 -77.45 2.60 6.16
C THR B 206 -77.73 1.54 5.09
N GLY B 207 -77.44 0.27 5.39
CA GLY B 207 -77.49 -0.75 4.38
C GLY B 207 -76.45 -0.58 3.30
N ARG B 208 -75.25 -0.13 3.67
CA ARG B 208 -74.19 0.18 2.70
C ARG B 208 -72.97 -0.71 2.85
N PHE B 209 -72.51 -0.95 4.08
CA PHE B 209 -71.33 -1.76 4.37
C PHE B 209 -70.08 -1.13 3.76
N HIS B 210 -69.73 0.03 4.29
CA HIS B 210 -68.55 0.75 3.81
C HIS B 210 -67.29 -0.10 3.96
N TYR B 211 -66.46 -0.08 2.90
CA TYR B 211 -65.17 -0.75 2.92
C TYR B 211 -64.11 0.30 2.60
N ARG B 212 -63.48 0.82 3.65
CA ARG B 212 -62.41 1.80 3.49
C ARG B 212 -61.08 1.06 3.46
N ASP B 213 -60.46 1.01 2.29
CA ASP B 213 -59.30 0.16 2.06
C ASP B 213 -58.04 1.01 2.09
N TYR B 214 -57.08 0.62 2.93
CA TYR B 214 -55.89 1.40 3.16
C TYR B 214 -54.64 0.58 2.90
N THR B 215 -53.85 1.00 1.91
CA THR B 215 -52.56 0.39 1.60
C THR B 215 -51.53 1.51 1.77
N ASP B 216 -50.95 1.61 2.96
CA ASP B 216 -50.14 2.78 3.29
C ASP B 216 -48.72 2.65 2.76
N ALA B 217 -47.94 1.69 3.27
CA ALA B 217 -46.53 1.62 2.96
C ALA B 217 -46.13 0.31 2.29
N THR B 218 -46.47 -0.84 2.86
CA THR B 218 -45.82 -2.08 2.47
C THR B 218 -46.44 -2.66 1.19
N THR B 219 -47.70 -3.06 1.25
CA THR B 219 -48.30 -3.76 0.13
C THR B 219 -48.50 -2.83 -1.06
N THR B 220 -48.66 -1.53 -0.82
CA THR B 220 -48.90 -0.59 -1.90
C THR B 220 -47.64 -0.45 -2.76
N LEU B 221 -47.84 -0.15 -4.04
CA LEU B 221 -46.71 0.17 -4.90
C LEU B 221 -46.79 1.61 -5.39
N THR B 222 -47.96 2.23 -5.29
CA THR B 222 -48.12 3.61 -5.70
C THR B 222 -47.74 4.60 -4.60
N THR B 223 -47.40 4.10 -3.42
CA THR B 223 -47.09 4.93 -2.25
C THR B 223 -48.28 5.84 -1.93
N ARG B 224 -49.40 5.20 -1.62
CA ARG B 224 -50.59 5.94 -1.23
C ARG B 224 -50.38 6.64 0.10
N ILE B 225 -51.06 7.77 0.28
CA ILE B 225 -50.78 8.62 1.44
C ILE B 225 -51.16 7.88 2.72
N PRO B 226 -50.42 8.05 3.81
CA PRO B 226 -50.78 7.35 5.06
C PRO B 226 -52.11 7.86 5.60
N THR B 227 -52.91 6.92 6.13
CA THR B 227 -54.20 7.21 6.73
C THR B 227 -54.40 6.28 7.91
N PRO B 228 -55.13 6.73 8.96
CA PRO B 228 -55.17 5.96 10.21
C PRO B 228 -56.29 4.93 10.32
N ALA B 229 -57.32 5.03 9.48
CA ALA B 229 -58.49 4.15 9.55
C ALA B 229 -59.18 4.24 10.91
N ILE B 230 -59.70 5.44 11.18
CA ILE B 230 -60.28 5.73 12.49
C ILE B 230 -61.61 5.03 12.73
N TYR B 231 -62.33 4.66 11.67
CA TYR B 231 -63.70 4.18 11.78
C TYR B 231 -64.58 5.24 12.43
N PRO B 232 -64.89 6.33 11.73
CA PRO B 232 -65.69 7.39 12.35
C PRO B 232 -67.07 6.88 12.75
N THR B 233 -67.39 7.06 14.03
CA THR B 233 -68.67 6.58 14.55
C THR B 233 -69.86 7.35 14.01
N GLU B 234 -69.64 8.40 13.22
CA GLU B 234 -70.72 9.06 12.51
C GLU B 234 -70.77 8.65 11.03
N ASP B 235 -69.83 7.82 10.59
CA ASP B 235 -69.73 7.44 9.18
C ASP B 235 -69.70 8.71 8.33
N THR B 236 -70.79 8.97 7.60
CA THR B 236 -70.98 10.22 6.91
C THR B 236 -72.20 10.98 7.42
N GLU B 237 -73.36 10.33 7.44
CA GLU B 237 -74.60 10.96 7.90
C GLU B 237 -74.89 10.61 9.35
N GLY B 238 -73.93 10.85 10.24
CA GLY B 238 -74.14 10.54 11.65
C GLY B 238 -74.51 9.10 11.91
N ASN B 239 -73.83 8.17 11.24
CA ASN B 239 -74.17 6.77 11.30
C ASN B 239 -73.15 6.00 12.12
N LYS B 240 -73.65 5.15 13.02
CA LYS B 240 -72.78 4.52 14.03
C LYS B 240 -71.58 3.82 13.40
N LEU B 241 -71.78 3.22 12.23
CA LEU B 241 -70.70 2.59 11.46
C LEU B 241 -70.02 1.48 12.27
N THR B 242 -70.81 0.47 12.63
CA THR B 242 -70.25 -0.70 13.30
C THR B 242 -69.19 -1.34 12.44
N THR B 243 -68.05 -1.66 13.04
CA THR B 243 -66.98 -2.34 12.33
C THR B 243 -67.27 -3.84 12.31
N GLU B 244 -67.54 -4.38 11.14
CA GLU B 244 -67.88 -5.79 11.00
C GLU B 244 -66.59 -6.59 10.88
N TYR B 245 -66.28 -7.34 11.93
CA TYR B 245 -65.17 -8.27 11.88
C TYR B 245 -65.43 -9.31 10.80
N GLY B 246 -64.39 -9.70 10.10
CA GLY B 246 -64.60 -10.54 8.94
C GLY B 246 -64.94 -9.67 7.75
N TYR B 247 -64.74 -10.21 6.55
CA TYR B 247 -64.85 -9.48 5.29
C TYR B 247 -63.72 -8.45 5.21
N SER B 248 -62.97 -8.31 6.29
CA SER B 248 -61.87 -7.36 6.38
C SER B 248 -60.58 -8.11 6.06
N THR B 249 -59.79 -7.53 5.17
CA THR B 249 -58.54 -8.17 4.77
C THR B 249 -57.51 -8.08 5.90
N PHE B 250 -56.84 -9.19 6.15
CA PHE B 250 -55.75 -9.22 7.11
C PHE B 250 -54.62 -10.03 6.51
N ILE B 251 -53.42 -9.45 6.51
CA ILE B 251 -52.25 -10.11 5.92
C ILE B 251 -51.14 -10.15 6.97
N ASP B 252 -50.75 -11.36 7.36
CA ASP B 252 -49.82 -11.56 8.46
C ASP B 252 -48.42 -11.15 8.02
N HIS B 253 -47.97 -10.01 8.54
CA HIS B 253 -46.73 -9.39 8.08
C HIS B 253 -45.52 -10.08 8.68
N GLN B 254 -44.45 -10.16 7.89
CA GLN B 254 -43.19 -10.76 8.30
C GLN B 254 -42.04 -9.83 7.94
N ARG B 255 -41.17 -9.56 8.90
CA ARG B 255 -39.92 -8.85 8.66
C ARG B 255 -38.80 -9.89 8.68
N ILE B 256 -38.40 -10.36 7.51
CA ILE B 256 -37.49 -11.49 7.39
C ILE B 256 -36.22 -11.00 6.69
N THR B 257 -35.09 -11.08 7.40
CA THR B 257 -33.84 -10.53 6.90
C THR B 257 -32.91 -11.67 6.49
N VAL B 258 -32.31 -11.54 5.31
CA VAL B 258 -31.57 -12.62 4.66
C VAL B 258 -30.12 -12.21 4.51
N GLN B 259 -29.21 -13.14 4.77
CA GLN B 259 -27.78 -12.88 4.80
C GLN B 259 -27.07 -13.70 3.73
N GLU B 260 -25.94 -13.19 3.26
CA GLU B 260 -25.18 -13.87 2.22
C GLU B 260 -24.39 -15.05 2.78
N MET B 261 -23.81 -15.84 1.89
CA MET B 261 -23.01 -16.98 2.30
C MET B 261 -21.74 -16.51 3.00
N PRO B 262 -21.32 -17.19 4.06
CA PRO B 262 -19.98 -16.92 4.61
C PRO B 262 -18.87 -17.15 3.60
N GLU B 263 -19.00 -18.20 2.79
CA GLU B 263 -17.94 -18.52 1.83
C GLU B 263 -17.98 -17.61 0.61
N MET B 264 -19.19 -17.21 0.18
CA MET B 264 -19.28 -16.24 -0.91
C MET B 264 -18.80 -14.87 -0.45
N ALA B 265 -19.06 -14.52 0.80
CA ALA B 265 -18.53 -13.28 1.34
C ALA B 265 -17.01 -13.34 1.35
N PRO B 266 -16.33 -12.30 0.88
CA PRO B 266 -14.86 -12.31 0.90
C PRO B 266 -14.33 -12.25 2.33
N ALA B 267 -13.06 -12.63 2.47
CA ALA B 267 -12.44 -12.74 3.79
C ALA B 267 -12.52 -11.41 4.53
N GLY B 268 -12.89 -11.49 5.81
CA GLY B 268 -13.03 -10.30 6.63
C GLY B 268 -14.27 -9.50 6.40
N GLN B 269 -15.23 -10.01 5.62
CA GLN B 269 -16.45 -9.30 5.30
C GLN B 269 -17.62 -10.01 5.95
N LEU B 270 -18.38 -9.28 6.76
CA LEU B 270 -19.56 -9.86 7.39
C LEU B 270 -20.65 -10.09 6.34
N PRO B 271 -21.47 -11.12 6.52
CA PRO B 271 -22.56 -11.35 5.55
C PRO B 271 -23.48 -10.16 5.47
N ARG B 272 -23.92 -9.85 4.25
CA ARG B 272 -24.78 -8.70 4.02
C ARG B 272 -26.23 -9.11 4.16
N SER B 273 -26.99 -8.34 4.93
CA SER B 273 -28.33 -8.71 5.34
C SER B 273 -29.33 -7.67 4.85
N ILE B 274 -30.50 -8.14 4.42
CA ILE B 274 -31.58 -7.28 3.95
C ILE B 274 -32.91 -7.96 4.27
N ASP B 275 -33.89 -7.15 4.64
CA ASP B 275 -35.18 -7.65 5.10
C ASP B 275 -36.15 -7.84 3.93
N VAL B 276 -37.10 -8.75 4.11
CA VAL B 276 -38.14 -9.01 3.12
C VAL B 276 -39.48 -9.14 3.85
N ILE B 277 -40.55 -8.90 3.11
CA ILE B 277 -41.90 -8.78 3.66
C ILE B 277 -42.77 -9.90 3.12
N LEU B 278 -43.48 -10.58 4.01
CA LEU B 278 -44.38 -11.67 3.64
C LEU B 278 -45.68 -11.48 4.40
N ASP B 279 -46.81 -11.46 3.68
CA ASP B 279 -48.09 -11.02 4.25
C ASP B 279 -49.20 -11.99 3.85
N ASP B 280 -49.40 -13.03 4.66
CA ASP B 280 -50.48 -14.00 4.47
C ASP B 280 -50.55 -14.56 3.05
N ASP B 281 -49.45 -14.45 2.32
CA ASP B 281 -49.36 -15.01 0.98
C ASP B 281 -48.24 -16.03 0.90
N LEU B 282 -47.12 -15.77 1.56
CA LEU B 282 -45.95 -16.63 1.54
C LEU B 282 -45.51 -17.01 2.95
N VAL B 283 -46.44 -17.05 3.89
CA VAL B 283 -46.10 -17.13 5.31
C VAL B 283 -45.42 -18.45 5.63
N ASP B 284 -44.19 -18.37 6.11
CA ASP B 284 -43.56 -19.40 6.93
C ASP B 284 -43.39 -20.73 6.21
N LYS B 285 -42.63 -20.77 5.13
CA LYS B 285 -42.09 -22.06 4.70
C LYS B 285 -40.77 -22.34 5.39
N THR B 286 -40.02 -21.29 5.72
CA THR B 286 -38.61 -21.41 6.04
C THR B 286 -38.34 -21.04 7.50
N LYS B 287 -37.42 -21.78 8.09
CA LYS B 287 -36.86 -21.57 9.40
C LYS B 287 -35.67 -20.62 9.32
N PRO B 288 -35.37 -19.89 10.38
CA PRO B 288 -34.13 -19.09 10.39
C PRO B 288 -32.92 -19.95 10.12
N GLY B 289 -31.88 -19.32 9.59
CA GLY B 289 -30.65 -20.02 9.25
C GLY B 289 -30.78 -21.00 8.10
N ASP B 290 -31.49 -20.62 7.05
CA ASP B 290 -31.66 -21.48 5.88
C ASP B 290 -31.32 -20.71 4.62
N ARG B 291 -30.57 -21.34 3.73
CA ARG B 291 -30.33 -20.78 2.41
C ARG B 291 -31.65 -20.75 1.64
N VAL B 292 -32.00 -19.58 1.12
CA VAL B 292 -33.29 -19.40 0.47
C VAL B 292 -33.14 -18.32 -0.59
N ASN B 293 -33.73 -18.57 -1.76
CA ASN B 293 -33.77 -17.58 -2.83
C ASN B 293 -35.09 -16.84 -2.79
N VAL B 294 -35.01 -15.51 -2.75
CA VAL B 294 -36.17 -14.65 -2.70
C VAL B 294 -36.17 -13.77 -3.94
N VAL B 295 -37.33 -13.60 -4.55
CA VAL B 295 -37.51 -12.72 -5.70
C VAL B 295 -38.20 -11.48 -5.17
N GLY B 296 -37.47 -10.37 -5.12
CA GLY B 296 -37.98 -9.16 -4.50
C GLY B 296 -37.58 -7.91 -5.26
N VAL B 297 -38.34 -6.85 -5.03
CA VAL B 297 -38.05 -5.54 -5.61
C VAL B 297 -37.34 -4.70 -4.57
N PHE B 298 -36.41 -3.88 -5.03
CA PHE B 298 -35.63 -3.03 -4.14
C PHE B 298 -36.37 -1.72 -3.92
N LYS B 299 -36.88 -1.53 -2.71
CA LYS B 299 -37.76 -0.41 -2.41
C LYS B 299 -37.23 0.34 -1.20
N SER B 300 -37.51 1.63 -1.16
CA SER B 300 -37.10 2.51 -0.07
C SER B 300 -38.33 3.10 0.62
N LEU B 301 -38.19 3.32 1.93
CA LEU B 301 -39.28 3.88 2.72
C LEU B 301 -38.70 4.86 3.72
N GLY B 302 -39.54 5.29 4.67
CA GLY B 302 -39.09 6.19 5.72
C GLY B 302 -38.61 7.53 5.23
N ALA B 303 -38.97 7.91 4.01
CA ALA B 303 -38.52 9.15 3.37
C ALA B 303 -36.99 9.26 3.35
N GLY B 304 -36.30 8.13 3.47
CA GLY B 304 -34.85 8.14 3.52
C GLY B 304 -34.31 8.79 4.77
N GLY B 305 -35.18 9.07 5.73
CA GLY B 305 -34.79 9.76 6.94
C GLY B 305 -34.54 11.24 6.78
N MET B 306 -34.90 11.83 5.63
CA MET B 306 -34.60 13.23 5.36
C MET B 306 -35.79 14.11 5.75
N ASN B 307 -36.20 13.95 7.01
CA ASN B 307 -37.41 14.61 7.50
C ASN B 307 -37.29 16.12 7.47
N GLN B 308 -36.46 16.68 8.36
CA GLN B 308 -36.23 18.12 8.37
C GLN B 308 -34.77 18.52 8.48
N SER B 309 -33.89 17.68 9.02
CA SER B 309 -32.50 18.04 9.24
C SER B 309 -31.67 16.80 9.53
N ASN B 312 -28.16 12.79 11.69
CA ASN B 312 -28.95 13.97 11.35
C ASN B 312 -29.40 13.91 9.89
N THR B 313 -29.13 14.98 9.15
CA THR B 313 -29.44 14.99 7.73
C THR B 313 -28.49 14.14 6.91
N LEU B 314 -27.41 13.67 7.52
CA LEU B 314 -26.49 12.75 6.87
C LEU B 314 -26.84 11.30 7.18
N ILE B 315 -27.94 11.06 7.89
CA ILE B 315 -28.33 9.69 8.20
C ILE B 315 -28.72 8.95 6.93
N GLY B 316 -28.62 7.64 6.97
CA GLY B 316 -28.87 6.83 5.80
C GLY B 316 -30.34 6.76 5.42
N PHE B 317 -30.57 6.23 4.23
CA PHE B 317 -31.92 6.07 3.70
C PHE B 317 -32.46 4.69 4.05
N LYS B 318 -33.76 4.63 4.30
CA LYS B 318 -34.42 3.39 4.65
C LYS B 318 -34.90 2.67 3.41
N THR B 319 -34.26 1.55 3.08
CA THR B 319 -34.60 0.76 1.91
C THR B 319 -34.82 -0.68 2.34
N LEU B 320 -35.54 -1.43 1.51
CA LEU B 320 -35.87 -2.81 1.85
C LEU B 320 -36.33 -3.54 0.60
N ILE B 321 -36.14 -4.85 0.60
CA ILE B 321 -36.54 -5.73 -0.49
C ILE B 321 -37.91 -6.31 -0.15
N LEU B 322 -38.92 -5.94 -0.92
CA LEU B 322 -40.23 -6.57 -0.80
C LEU B 322 -40.30 -7.69 -1.83
N GLY B 323 -40.52 -8.90 -1.36
CA GLY B 323 -40.45 -10.07 -2.22
C GLY B 323 -41.80 -10.65 -2.57
N ASN B 324 -42.16 -10.60 -3.86
CA ASN B 324 -43.41 -11.21 -4.29
C ASN B 324 -43.36 -12.72 -4.11
N THR B 325 -42.30 -13.36 -4.59
CA THR B 325 -42.20 -14.81 -4.55
C THR B 325 -40.82 -15.20 -4.05
N VAL B 326 -40.77 -16.39 -3.46
CA VAL B 326 -39.57 -16.87 -2.77
C VAL B 326 -39.34 -18.32 -3.15
N TYR B 327 -38.10 -18.63 -3.52
CA TYR B 327 -37.73 -20.01 -3.76
C TYR B 327 -36.78 -20.49 -2.68
N PRO B 328 -37.22 -21.28 -1.73
CA PRO B 328 -36.31 -21.78 -0.69
C PRO B 328 -35.45 -22.92 -1.21
N LEU B 329 -34.13 -22.74 -1.17
CA LEU B 329 -33.17 -23.77 -1.55
C LEU B 329 -32.07 -23.79 -0.49
N HIS B 330 -32.27 -24.60 0.54
CA HIS B 330 -31.31 -24.72 1.63
C HIS B 330 -30.44 -25.96 1.52
N ALA B 331 -30.63 -26.77 0.48
CA ALA B 331 -29.81 -27.96 0.32
C ALA B 331 -28.38 -27.57 -0.03
N ARG B 332 -27.43 -28.34 0.50
CA ARG B 332 -26.02 -28.07 0.28
C ARG B 332 -25.68 -28.12 -1.21
N SER B 333 -24.78 -27.23 -1.62
CA SER B 333 -24.38 -27.12 -3.02
C SER B 333 -25.57 -26.90 -3.94
N THR B 334 -26.58 -26.20 -3.43
CA THR B 334 -27.80 -25.89 -4.18
C THR B 334 -28.45 -27.15 -4.74
N GLY B 335 -28.98 -27.96 -3.82
CA GLY B 335 -29.60 -29.21 -4.20
C GLY B 335 -31.09 -29.06 -4.43
N VAL B 336 -31.89 -29.77 -3.63
CA VAL B 336 -33.35 -29.77 -3.76
C VAL B 336 -34.02 -29.39 -2.44
N ALA B 337 -33.42 -28.43 -1.74
CA ALA B 337 -33.92 -27.96 -0.44
C ALA B 337 -34.12 -29.12 0.52
N ALA B 338 -33.19 -30.07 0.49
CA ALA B 338 -33.25 -31.29 1.30
C ALA B 338 -34.54 -32.06 1.08
N ARG B 339 -35.14 -31.89 -0.10
CA ARG B 339 -36.38 -32.57 -0.46
C ARG B 339 -36.10 -33.41 -1.70
N GLN B 340 -35.76 -34.67 -1.48
CA GLN B 340 -35.42 -35.55 -2.59
C GLN B 340 -36.63 -35.81 -3.47
N MET B 341 -36.45 -35.64 -4.78
CA MET B 341 -37.54 -35.88 -5.72
C MET B 341 -37.76 -37.38 -5.87
N LEU B 342 -38.89 -37.73 -6.49
CA LEU B 342 -39.28 -39.12 -6.64
C LEU B 342 -39.94 -39.34 -7.99
N THR B 343 -39.57 -40.44 -8.64
CA THR B 343 -40.22 -40.87 -9.87
C THR B 343 -40.49 -42.36 -9.77
N ASP B 344 -41.53 -42.82 -10.47
CA ASP B 344 -41.84 -44.24 -10.48
C ASP B 344 -40.71 -45.04 -11.10
N PHE B 345 -39.98 -44.46 -12.05
CA PHE B 345 -38.77 -45.09 -12.55
C PHE B 345 -37.77 -45.33 -11.43
N ASP B 346 -37.46 -44.29 -10.68
CA ASP B 346 -36.57 -44.44 -9.53
C ASP B 346 -37.18 -45.35 -8.49
N ILE B 347 -38.51 -45.33 -8.36
CA ILE B 347 -39.19 -46.18 -7.38
C ILE B 347 -38.93 -47.64 -7.70
N ARG B 348 -39.18 -48.05 -8.94
CA ARG B 348 -38.97 -49.43 -9.32
C ARG B 348 -37.49 -49.79 -9.33
N ASN B 349 -36.63 -48.79 -9.57
CA ASN B 349 -35.20 -49.02 -9.43
C ASN B 349 -34.86 -49.36 -7.99
N ILE B 350 -33.62 -49.80 -7.76
CA ILE B 350 -33.08 -50.11 -6.44
C ILE B 350 -33.78 -51.33 -5.86
N ASN B 351 -35.11 -51.38 -5.99
CA ASN B 351 -35.90 -52.40 -5.30
C ASN B 351 -35.42 -53.79 -5.65
N LYS B 352 -35.22 -54.06 -6.95
CA LYS B 352 -34.75 -55.37 -7.39
C LYS B 352 -33.42 -55.71 -6.72
N LEU B 353 -32.58 -54.71 -6.45
CA LEU B 353 -31.36 -54.96 -5.70
C LEU B 353 -31.68 -55.23 -4.23
N SER B 354 -32.71 -54.56 -3.70
CA SER B 354 -33.08 -54.76 -2.31
C SER B 354 -33.48 -56.20 -2.04
N LYS B 355 -34.03 -56.87 -3.06
CA LYS B 355 -34.26 -58.31 -2.95
C LYS B 355 -32.94 -59.04 -2.79
N LYS B 356 -31.92 -58.64 -3.55
CA LYS B 356 -30.60 -59.24 -3.40
C LYS B 356 -30.02 -58.88 -2.04
N LYS B 357 -29.36 -59.85 -1.41
CA LYS B 357 -28.85 -59.63 -0.06
C LYS B 357 -27.67 -58.65 -0.06
N ASP B 358 -26.90 -58.62 -1.14
CA ASP B 358 -25.69 -57.82 -1.19
C ASP B 358 -25.95 -56.33 -1.25
N ILE B 359 -27.20 -55.89 -1.44
CA ILE B 359 -27.49 -54.48 -1.61
C ILE B 359 -27.03 -53.68 -0.40
N PHE B 360 -27.20 -54.23 0.80
CA PHE B 360 -26.79 -53.55 2.02
C PHE B 360 -25.28 -53.29 2.00
N ASP B 361 -24.51 -54.30 1.61
CA ASP B 361 -23.06 -54.13 1.54
C ASP B 361 -22.69 -53.16 0.43
N ILE B 362 -23.41 -53.17 -0.69
CA ILE B 362 -23.14 -52.21 -1.76
C ILE B 362 -23.35 -50.78 -1.26
N LEU B 363 -24.44 -50.55 -0.53
CA LEU B 363 -24.68 -49.24 0.04
C LEU B 363 -23.58 -48.88 1.02
N SER B 364 -23.14 -49.83 1.83
CA SER B 364 -22.05 -49.58 2.75
C SER B 364 -20.79 -49.15 2.02
N GLN B 365 -20.47 -49.84 0.92
CA GLN B 365 -19.30 -49.48 0.12
C GLN B 365 -19.45 -48.07 -0.46
N SER B 366 -20.66 -47.73 -0.92
CA SER B 366 -20.89 -46.43 -1.53
C SER B 366 -20.57 -45.30 -0.55
N LEU B 367 -20.88 -45.51 0.73
CA LEU B 367 -20.59 -44.49 1.72
C LEU B 367 -19.08 -44.29 1.85
N ALA B 368 -18.69 -43.03 2.08
CA ALA B 368 -17.31 -42.61 2.24
C ALA B 368 -16.42 -43.27 1.19
N PRO B 369 -16.70 -43.09 -0.10
CA PRO B 369 -15.83 -43.70 -1.12
C PRO B 369 -14.43 -43.15 -1.08
N SER B 370 -14.24 -41.97 -0.48
CA SER B 370 -12.91 -41.41 -0.34
C SER B 370 -12.10 -42.09 0.76
N ILE B 371 -12.74 -42.84 1.65
CA ILE B 371 -12.05 -43.51 2.75
C ILE B 371 -11.80 -44.96 2.36
N TYR B 372 -10.73 -45.52 2.89
CA TYR B 372 -10.39 -46.91 2.64
C TYR B 372 -10.67 -47.74 3.89
N GLY B 373 -11.31 -48.89 3.69
CA GLY B 373 -11.59 -49.75 4.82
C GLY B 373 -12.77 -49.24 5.63
N HIS B 374 -12.84 -49.74 6.87
CA HIS B 374 -13.91 -49.40 7.81
C HIS B 374 -15.27 -49.87 7.29
N ASP B 375 -15.29 -51.06 6.67
CA ASP B 375 -16.52 -51.56 6.08
C ASP B 375 -17.60 -51.74 7.14
N HIS B 376 -17.24 -52.31 8.29
CA HIS B 376 -18.21 -52.43 9.37
C HIS B 376 -18.63 -51.07 9.88
N ILE B 377 -17.68 -50.13 9.95
CA ILE B 377 -18.01 -48.76 10.32
C ILE B 377 -18.96 -48.15 9.30
N LYS B 378 -18.74 -48.40 8.02
CA LYS B 378 -19.64 -47.87 6.99
C LYS B 378 -21.02 -48.49 7.11
N LYS B 379 -21.09 -49.79 7.42
CA LYS B 379 -22.39 -50.41 7.66
C LYS B 379 -23.08 -49.76 8.86
N ALA B 380 -22.32 -49.48 9.92
CA ALA B 380 -22.89 -48.82 11.09
C ALA B 380 -23.44 -47.45 10.75
N ILE B 381 -22.70 -46.67 9.95
CA ILE B 381 -23.17 -45.33 9.61
C ILE B 381 -24.35 -45.41 8.65
N LEU B 382 -24.38 -46.43 7.80
CA LEU B 382 -25.56 -46.65 6.96
C LEU B 382 -26.78 -46.92 7.83
N LEU B 383 -26.62 -47.77 8.83
CA LEU B 383 -27.71 -48.05 9.76
C LEU B 383 -28.12 -46.80 10.51
N MET B 384 -27.14 -45.97 10.87
CA MET B 384 -27.42 -44.63 11.37
C MET B 384 -28.32 -43.84 10.45
N LEU B 385 -27.98 -43.79 9.16
CA LEU B 385 -28.70 -42.92 8.24
C LEU B 385 -30.17 -43.28 8.16
N MET B 386 -30.47 -44.58 8.10
CA MET B 386 -31.86 -44.99 8.05
C MET B 386 -32.49 -44.78 9.41
N GLY B 387 -33.71 -44.25 9.42
CA GLY B 387 -34.36 -43.84 10.65
C GLY B 387 -35.32 -44.90 11.16
N GLY B 388 -35.21 -45.19 12.46
CA GLY B 388 -36.08 -46.17 13.07
C GLY B 388 -37.44 -45.61 13.46
N VAL B 389 -38.38 -46.52 13.73
CA VAL B 389 -39.75 -46.11 14.04
C VAL B 389 -39.84 -45.68 15.50
N GLU B 390 -40.43 -44.50 15.72
CA GLU B 390 -40.66 -43.98 17.06
C GLU B 390 -41.92 -44.62 17.60
N LYS B 391 -41.76 -45.70 18.36
CA LYS B 391 -42.90 -46.40 18.93
C LYS B 391 -43.59 -45.54 19.98
N ASN B 392 -44.90 -45.42 19.87
CA ASN B 392 -45.68 -44.55 20.75
C ASN B 392 -46.61 -45.37 21.62
N LEU B 393 -46.83 -44.88 22.85
CA LEU B 393 -47.66 -45.58 23.81
C LEU B 393 -48.66 -44.58 24.41
N GLU B 394 -49.79 -45.10 24.86
CA GLU B 394 -50.88 -44.26 25.38
C GLU B 394 -50.55 -43.79 26.79
N ASN B 395 -49.43 -43.07 26.89
CA ASN B 395 -48.97 -42.49 28.14
C ASN B 395 -47.80 -41.56 27.86
N GLY B 396 -47.20 -41.01 28.91
CA GLY B 396 -46.02 -40.19 28.72
C GLY B 396 -44.82 -40.96 28.21
N SER B 397 -44.83 -42.28 28.35
CA SER B 397 -43.73 -43.12 27.91
C SER B 397 -43.88 -43.36 26.41
N HIS B 398 -43.00 -42.76 25.62
CA HIS B 398 -42.95 -42.98 24.18
C HIS B 398 -41.60 -43.55 23.81
N LEU B 399 -41.59 -44.72 23.18
CA LEU B 399 -40.34 -45.34 22.78
C LEU B 399 -39.70 -44.55 21.66
N ARG B 400 -38.37 -44.47 21.70
CA ARG B 400 -37.61 -43.73 20.72
C ARG B 400 -37.12 -44.68 19.63
N GLY B 401 -37.27 -44.28 18.37
CA GLY B 401 -36.68 -44.96 17.25
C GLY B 401 -35.40 -44.33 16.76
N ASP B 402 -34.88 -43.35 17.49
CA ASP B 402 -33.66 -42.67 17.07
C ASP B 402 -32.46 -43.59 17.23
N ILE B 403 -31.44 -43.36 16.40
CA ILE B 403 -30.22 -44.13 16.41
C ILE B 403 -29.10 -43.24 16.94
N ASN B 404 -28.45 -43.68 18.01
CA ASN B 404 -27.37 -42.91 18.62
C ASN B 404 -26.14 -43.79 18.71
N ILE B 405 -25.05 -43.34 18.10
CA ILE B 405 -23.81 -44.09 18.08
C ILE B 405 -22.69 -43.21 18.61
N LEU B 406 -21.88 -43.77 19.50
CA LEU B 406 -20.69 -43.10 19.98
C LEU B 406 -19.47 -43.81 19.43
N MET B 407 -18.48 -43.02 19.02
CA MET B 407 -17.25 -43.54 18.44
C MET B 407 -16.07 -42.79 19.04
N VAL B 408 -15.01 -43.51 19.33
CA VAL B 408 -13.75 -42.93 19.79
C VAL B 408 -12.67 -43.32 18.81
N GLY B 409 -11.88 -42.34 18.36
CA GLY B 409 -10.90 -42.58 17.33
C GLY B 409 -9.65 -41.75 17.53
N ASP B 410 -8.54 -42.25 16.98
CA ASP B 410 -7.28 -41.46 17.05
C ASP B 410 -7.43 -40.21 16.19
N PRO B 411 -6.58 -39.18 16.35
CA PRO B 411 -6.66 -37.99 15.50
C PRO B 411 -6.41 -38.38 14.03
N SER B 412 -7.01 -37.64 13.09
CA SER B 412 -6.76 -37.89 11.64
C SER B 412 -7.20 -39.31 11.26
N THR B 413 -8.17 -39.88 11.97
CA THR B 413 -8.68 -41.22 11.56
C THR B 413 -9.81 -41.04 10.54
N ALA B 414 -9.93 -39.84 9.96
CA ALA B 414 -10.94 -39.56 8.92
C ALA B 414 -12.35 -39.51 9.53
N LYS B 415 -12.49 -39.89 10.80
CA LYS B 415 -13.80 -39.86 11.50
C LYS B 415 -14.34 -38.42 11.45
N SER B 416 -13.47 -37.43 11.61
CA SER B 416 -13.96 -36.03 11.47
C SER B 416 -14.57 -35.92 10.08
N GLN B 417 -13.81 -36.29 9.05
CA GLN B 417 -14.37 -36.28 7.67
C GLN B 417 -15.59 -37.19 7.66
N LEU B 418 -15.50 -38.34 8.33
CA LEU B 418 -16.66 -39.25 8.43
C LEU B 418 -17.85 -38.44 8.94
N LEU B 419 -17.71 -37.83 10.12
CA LEU B 419 -18.80 -36.97 10.58
C LEU B 419 -19.20 -35.97 9.50
N ARG B 420 -18.22 -35.41 8.79
CA ARG B 420 -18.53 -34.49 7.70
C ARG B 420 -19.30 -35.18 6.59
N PHE B 421 -18.94 -36.43 6.30
CA PHE B 421 -19.64 -37.18 5.26
C PHE B 421 -21.06 -37.49 5.68
N VAL B 422 -21.25 -37.81 6.95
CA VAL B 422 -22.60 -37.98 7.48
C VAL B 422 -23.38 -36.68 7.35
N LEU B 423 -22.72 -35.57 7.67
CA LEU B 423 -23.33 -34.25 7.52
C LEU B 423 -23.81 -34.04 6.09
N ASN B 424 -22.88 -34.04 5.14
CA ASN B 424 -23.26 -33.79 3.76
C ASN B 424 -24.17 -34.88 3.21
N THR B 425 -24.28 -36.01 3.90
CA THR B 425 -25.21 -37.05 3.49
C THR B 425 -26.59 -36.83 4.11
N ALA B 426 -26.63 -36.43 5.38
CA ALA B 426 -27.90 -36.24 6.05
C ALA B 426 -28.59 -34.98 5.51
N SER B 427 -29.89 -34.90 5.79
CA SER B 427 -30.67 -33.74 5.37
C SER B 427 -30.48 -32.58 6.33
N LEU B 428 -30.79 -32.79 7.61
CA LEU B 428 -30.63 -31.73 8.61
C LEU B 428 -29.16 -31.55 8.97
N ALA B 429 -28.52 -32.62 9.46
CA ALA B 429 -27.08 -32.66 9.67
C ALA B 429 -26.62 -31.57 10.64
N ILE B 430 -27.07 -31.67 11.88
CA ILE B 430 -26.64 -30.73 12.92
C ILE B 430 -25.35 -31.26 13.53
N ALA B 431 -24.23 -30.62 13.21
CA ALA B 431 -22.92 -31.10 13.62
C ALA B 431 -22.08 -29.96 14.18
N THR B 432 -21.24 -30.30 15.14
CA THR B 432 -20.26 -29.38 15.71
C THR B 432 -19.27 -30.21 16.52
N THR B 433 -18.32 -29.52 17.16
CA THR B 433 -17.31 -30.17 17.98
C THR B 433 -17.51 -29.83 19.44
N GLY B 434 -16.71 -30.47 20.30
CA GLY B 434 -16.81 -30.22 21.72
C GLY B 434 -16.52 -28.77 22.08
N ARG B 435 -15.51 -28.18 21.46
CA ARG B 435 -15.27 -26.76 21.62
C ARG B 435 -16.04 -25.91 20.61
N GLY B 436 -16.69 -26.54 19.63
CA GLY B 436 -17.31 -25.78 18.57
C GLY B 436 -18.50 -24.94 19.03
N SER B 437 -19.27 -25.47 19.99
CA SER B 437 -20.52 -24.84 20.37
C SER B 437 -20.61 -24.71 21.89
N SER B 438 -21.41 -23.72 22.31
CA SER B 438 -21.77 -23.59 23.72
C SER B 438 -22.96 -24.49 24.00
N GLY B 439 -22.85 -25.30 25.06
CA GLY B 439 -23.87 -26.30 25.32
C GLY B 439 -25.24 -25.69 25.56
N VAL B 440 -25.29 -24.65 26.38
CA VAL B 440 -26.56 -23.97 26.62
C VAL B 440 -27.07 -23.33 25.32
N GLY B 441 -26.17 -22.69 24.58
CA GLY B 441 -26.59 -22.07 23.33
C GLY B 441 -27.17 -23.06 22.35
N LEU B 442 -26.50 -24.21 22.19
CA LEU B 442 -26.99 -25.21 21.24
C LEU B 442 -28.28 -25.85 21.76
N THR B 443 -28.37 -26.07 23.07
CA THR B 443 -29.56 -26.68 23.64
C THR B 443 -30.72 -25.69 23.69
N ALA B 444 -30.55 -24.59 24.43
CA ALA B 444 -31.58 -23.56 24.50
C ALA B 444 -31.03 -22.29 25.16
N ALA B 445 -31.25 -21.15 24.51
CA ALA B 445 -30.86 -19.86 25.08
C ALA B 445 -32.14 -19.12 25.43
N VAL B 446 -32.36 -18.89 26.74
CA VAL B 446 -33.60 -18.29 27.20
C VAL B 446 -33.47 -16.77 27.33
N THR B 447 -32.48 -16.17 26.69
CA THR B 447 -32.34 -14.72 26.76
C THR B 447 -33.43 -14.04 25.94
N THR B 448 -33.68 -12.77 26.27
CA THR B 448 -34.64 -11.96 25.55
C THR B 448 -34.04 -11.44 24.25
N ASP B 449 -34.92 -11.01 23.34
CA ASP B 449 -34.53 -10.32 22.13
C ASP B 449 -35.11 -8.91 22.17
N ARG B 450 -34.28 -7.92 21.84
CA ARG B 450 -34.66 -6.52 22.01
C ARG B 450 -35.86 -6.15 21.14
N GLU B 451 -35.84 -6.58 19.88
CA GLU B 451 -36.97 -6.28 18.99
C GLU B 451 -38.24 -6.94 19.50
N THR B 452 -38.15 -8.19 19.94
CA THR B 452 -39.30 -8.86 20.53
C THR B 452 -39.74 -8.16 21.81
N GLY B 453 -38.78 -7.76 22.63
CA GLY B 453 -39.06 -7.04 23.85
C GLY B 453 -39.23 -7.89 25.09
N GLU B 454 -39.23 -9.21 24.96
CA GLU B 454 -39.38 -10.08 26.12
C GLU B 454 -38.59 -11.36 25.91
N ARG B 455 -38.62 -12.21 26.92
CA ARG B 455 -37.75 -13.38 26.99
C ARG B 455 -38.01 -14.34 25.83
N ARG B 456 -36.93 -14.80 25.19
CA ARG B 456 -37.01 -15.58 23.97
C ARG B 456 -36.36 -16.94 24.15
N LEU B 457 -36.86 -17.92 23.39
CA LEU B 457 -36.26 -19.25 23.35
C LEU B 457 -35.36 -19.35 22.14
N GLU B 458 -34.11 -19.74 22.36
CA GLU B 458 -33.13 -19.80 21.27
C GLU B 458 -32.33 -21.10 21.43
N ALA B 459 -32.80 -22.14 20.75
CA ALA B 459 -32.15 -23.45 20.78
C ALA B 459 -31.21 -23.52 19.58
N GLY B 460 -29.90 -23.46 19.84
CA GLY B 460 -28.95 -23.41 18.74
C GLY B 460 -28.94 -24.68 17.92
N ALA B 461 -28.91 -25.83 18.58
CA ALA B 461 -28.87 -27.11 17.90
C ALA B 461 -30.06 -28.00 18.21
N MET B 462 -30.54 -27.97 19.46
CA MET B 462 -31.61 -28.85 19.92
C MET B 462 -32.83 -28.80 19.00
N VAL B 463 -33.42 -27.61 18.84
CA VAL B 463 -34.61 -27.50 18.00
C VAL B 463 -34.24 -27.81 16.55
N LEU B 464 -33.00 -27.49 16.16
CA LEU B 464 -32.51 -27.92 14.86
C LEU B 464 -32.25 -29.41 14.85
N ALA B 465 -31.94 -30.00 16.00
CA ALA B 465 -31.61 -31.41 16.06
C ALA B 465 -32.82 -32.27 15.76
N ASP B 466 -33.95 -31.99 16.41
CA ASP B 466 -35.12 -32.85 16.31
C ASP B 466 -35.57 -32.97 14.87
N ARG B 467 -36.07 -34.15 14.52
CA ARG B 467 -36.53 -34.50 13.18
C ARG B 467 -35.40 -34.47 12.15
N GLY B 468 -34.18 -34.80 12.57
CA GLY B 468 -33.08 -34.88 11.63
C GLY B 468 -31.85 -35.49 12.27
N VAL B 469 -31.03 -36.09 11.42
CA VAL B 469 -29.78 -36.67 11.88
C VAL B 469 -28.85 -35.55 12.32
N VAL B 470 -28.17 -35.76 13.45
CA VAL B 470 -27.28 -34.75 14.01
C VAL B 470 -25.96 -35.41 14.36
N CYS B 471 -24.93 -34.58 14.51
CA CYS B 471 -23.57 -35.07 14.77
C CYS B 471 -22.92 -34.26 15.88
N ILE B 472 -21.95 -34.86 16.54
CA ILE B 472 -21.11 -34.17 17.52
C ILE B 472 -19.72 -34.77 17.47
N ASP B 473 -18.72 -33.90 17.52
CA ASP B 473 -17.32 -34.30 17.48
C ASP B 473 -16.63 -33.87 18.75
N GLU B 474 -15.60 -34.62 19.13
CA GLU B 474 -14.75 -34.29 20.28
C GLU B 474 -15.59 -34.02 21.53
N PHE B 475 -16.56 -34.90 21.78
CA PHE B 475 -17.46 -34.69 22.90
C PHE B 475 -16.72 -34.76 24.23
N ASP B 476 -15.52 -35.35 24.25
CA ASP B 476 -14.71 -35.30 25.46
C ASP B 476 -14.37 -33.86 25.83
N LYS B 477 -14.07 -33.04 24.82
CA LYS B 477 -13.81 -31.63 25.05
C LYS B 477 -15.07 -30.83 25.34
N MET B 478 -16.25 -31.41 25.14
CA MET B 478 -17.48 -30.67 25.30
C MET B 478 -17.67 -30.25 26.76
N THR B 479 -18.30 -29.10 26.96
CA THR B 479 -18.53 -28.60 28.31
C THR B 479 -19.35 -29.61 29.09
N ASP B 480 -18.91 -29.90 30.32
CA ASP B 480 -19.52 -30.96 31.10
C ASP B 480 -20.98 -30.66 31.43
N VAL B 481 -21.33 -29.38 31.57
CA VAL B 481 -22.74 -29.02 31.77
C VAL B 481 -23.57 -29.41 30.56
N ASP B 482 -23.04 -29.17 29.36
CA ASP B 482 -23.71 -29.64 28.16
C ASP B 482 -23.80 -31.15 28.12
N ARG B 483 -22.75 -31.84 28.61
CA ARG B 483 -22.77 -33.29 28.61
C ARG B 483 -23.87 -33.83 29.50
N VAL B 484 -23.99 -33.29 30.71
CA VAL B 484 -25.03 -33.75 31.62
C VAL B 484 -26.41 -33.32 31.11
N ALA B 485 -26.48 -32.18 30.40
CA ALA B 485 -27.74 -31.78 29.79
C ALA B 485 -28.18 -32.76 28.73
N ILE B 486 -27.31 -33.05 27.77
CA ILE B 486 -27.59 -34.01 26.72
C ILE B 486 -27.92 -35.37 27.32
N HIS B 487 -27.29 -35.70 28.44
CA HIS B 487 -27.64 -36.89 29.19
C HIS B 487 -29.12 -36.86 29.57
N GLU B 488 -29.80 -37.95 29.24
CA GLU B 488 -31.20 -38.21 29.57
C GLU B 488 -32.18 -37.35 28.78
N VAL B 489 -31.69 -36.29 28.12
CA VAL B 489 -32.56 -35.62 27.16
C VAL B 489 -32.45 -36.31 25.82
N MET B 490 -31.31 -36.93 25.55
CA MET B 490 -31.21 -37.77 24.38
C MET B 490 -31.76 -39.16 24.66
N GLU B 491 -31.80 -39.55 25.93
CA GLU B 491 -32.51 -40.77 26.30
C GLU B 491 -34.02 -40.59 26.18
N GLN B 492 -34.56 -39.50 26.73
CA GLN B 492 -35.99 -39.25 26.63
C GLN B 492 -36.35 -38.51 25.35
N GLN B 493 -35.36 -37.99 24.63
CA GLN B 493 -35.55 -37.35 23.34
C GLN B 493 -36.41 -36.09 23.45
N THR B 494 -36.53 -35.53 24.66
CA THR B 494 -37.33 -34.34 24.90
C THR B 494 -36.68 -33.50 25.99
N VAL B 495 -36.76 -32.18 25.83
CA VAL B 495 -36.18 -31.23 26.79
C VAL B 495 -37.30 -30.38 27.35
N THR B 496 -37.31 -30.22 28.68
CA THR B 496 -38.40 -29.52 29.34
C THR B 496 -38.30 -28.01 29.14
N ILE B 497 -37.09 -27.48 29.01
CA ILE B 497 -36.83 -26.06 28.77
C ILE B 497 -37.56 -25.25 29.85
N ALA B 498 -37.75 -25.85 31.02
CA ALA B 498 -38.40 -25.13 32.11
C ALA B 498 -37.47 -24.12 32.77
N LYS B 499 -36.28 -23.93 32.23
CA LYS B 499 -35.32 -23.00 32.81
C LYS B 499 -35.84 -21.56 32.67
N ALA B 500 -35.55 -20.75 33.69
CA ALA B 500 -35.96 -19.35 33.74
C ALA B 500 -37.48 -19.23 33.70
N GLY B 501 -37.99 -18.12 33.17
CA GLY B 501 -39.42 -17.86 33.21
C GLY B 501 -40.20 -18.73 32.26
N ILE B 502 -39.59 -19.13 31.15
CA ILE B 502 -40.26 -19.97 30.17
C ILE B 502 -40.17 -21.43 30.60
N HIS B 503 -41.30 -22.12 30.59
CA HIS B 503 -41.35 -23.51 31.02
C HIS B 503 -41.88 -24.46 29.96
N THR B 504 -42.05 -24.00 28.73
CA THR B 504 -42.58 -24.86 27.68
C THR B 504 -41.60 -25.96 27.34
N THR B 505 -42.11 -27.19 27.25
CA THR B 505 -41.31 -28.37 26.94
C THR B 505 -41.37 -28.65 25.46
N LEU B 506 -40.20 -28.80 24.84
CA LEU B 506 -40.10 -29.03 23.40
C LEU B 506 -39.34 -30.32 23.14
N ASN B 507 -39.89 -31.15 22.25
CA ASN B 507 -39.28 -32.44 21.95
C ASN B 507 -37.99 -32.30 21.17
N ALA B 508 -37.05 -33.20 21.43
CA ALA B 508 -35.72 -33.14 20.82
C ALA B 508 -35.28 -34.50 20.27
N ARG B 509 -36.18 -35.24 19.63
CA ARG B 509 -35.84 -36.57 19.16
C ARG B 509 -35.07 -36.51 17.84
N CYS B 510 -33.89 -37.13 17.83
CA CYS B 510 -33.01 -37.07 16.67
C CYS B 510 -31.94 -38.14 16.81
N SER B 511 -31.27 -38.41 15.69
CA SER B 511 -30.18 -39.39 15.66
C SER B 511 -28.84 -38.66 15.77
N VAL B 512 -28.00 -39.09 16.70
CA VAL B 512 -26.75 -38.40 17.02
C VAL B 512 -25.58 -39.36 16.92
N ILE B 513 -24.51 -38.89 16.30
CA ILE B 513 -23.24 -39.61 16.23
C ILE B 513 -22.20 -38.86 17.04
N ALA B 514 -21.49 -39.59 17.89
CA ALA B 514 -20.48 -39.01 18.76
C ALA B 514 -19.10 -39.46 18.33
N ALA B 515 -18.18 -38.51 18.17
CA ALA B 515 -16.80 -38.78 17.78
C ALA B 515 -15.88 -37.99 18.71
N ALA B 516 -15.49 -38.59 19.82
CA ALA B 516 -14.61 -37.97 20.78
C ALA B 516 -13.29 -38.71 20.82
N ASN B 517 -12.20 -37.95 20.86
CA ASN B 517 -10.87 -38.54 20.96
C ASN B 517 -10.68 -39.18 22.33
N PRO B 518 -9.77 -40.16 22.43
CA PRO B 518 -9.47 -40.71 23.75
C PRO B 518 -8.77 -39.68 24.62
N VAL B 519 -8.83 -39.88 25.93
CA VAL B 519 -8.09 -39.02 26.84
C VAL B 519 -6.61 -39.06 26.52
N PHE B 520 -6.06 -40.26 26.39
CA PHE B 520 -4.75 -40.42 25.78
C PHE B 520 -4.85 -40.13 24.29
N GLY B 521 -3.72 -39.82 23.67
CA GLY B 521 -3.73 -39.52 22.25
C GLY B 521 -4.34 -40.64 21.43
N GLN B 522 -3.98 -41.88 21.73
CA GLN B 522 -4.55 -43.05 21.09
C GLN B 522 -5.07 -43.99 22.17
N TYR B 523 -6.12 -44.73 21.82
CA TYR B 523 -6.65 -45.74 22.73
C TYR B 523 -5.57 -46.75 23.05
N ASP B 524 -5.28 -46.92 24.33
CA ASP B 524 -4.35 -47.94 24.80
C ASP B 524 -5.16 -49.06 25.42
N VAL B 525 -4.95 -50.28 24.92
CA VAL B 525 -5.70 -51.43 25.43
C VAL B 525 -5.36 -51.69 26.88
N ASN B 526 -4.11 -51.43 27.27
CA ASN B 526 -3.71 -51.58 28.67
C ASN B 526 -4.56 -50.69 29.57
N ARG B 527 -4.77 -49.45 29.14
CA ARG B 527 -5.72 -48.58 29.82
C ARG B 527 -7.14 -49.07 29.55
N ASP B 528 -8.02 -48.90 30.53
CA ASP B 528 -9.41 -49.25 30.33
C ASP B 528 -10.01 -48.31 29.28
N PRO B 529 -11.04 -48.74 28.55
CA PRO B 529 -11.74 -47.81 27.67
C PRO B 529 -12.25 -46.59 28.40
N HIS B 530 -12.79 -46.77 29.62
CA HIS B 530 -13.20 -45.62 30.41
C HIS B 530 -12.01 -44.93 31.04
N GLN B 531 -10.85 -45.60 31.09
CA GLN B 531 -9.61 -44.88 31.33
C GLN B 531 -9.16 -44.14 30.08
N ASN B 532 -9.39 -44.74 28.91
CA ASN B 532 -9.03 -44.11 27.65
C ASN B 532 -9.94 -42.93 27.32
N ILE B 533 -11.22 -42.98 27.71
CA ILE B 533 -12.13 -41.85 27.57
C ILE B 533 -12.76 -41.56 28.92
N ALA B 534 -12.70 -40.29 29.34
CA ALA B 534 -13.20 -39.89 30.63
C ALA B 534 -14.71 -39.68 30.65
N LEU B 535 -15.37 -39.76 29.51
CA LEU B 535 -16.81 -39.56 29.47
C LEU B 535 -17.51 -40.65 30.28
N PRO B 536 -18.35 -40.28 31.24
CA PRO B 536 -18.98 -41.30 32.09
C PRO B 536 -19.96 -42.15 31.30
N ASP B 537 -20.24 -43.34 31.84
CA ASP B 537 -21.19 -44.23 31.20
C ASP B 537 -22.60 -43.65 31.17
N SER B 538 -22.84 -42.60 31.94
CA SER B 538 -24.12 -41.91 31.94
C SER B 538 -24.46 -41.43 30.54
N LEU B 539 -25.48 -42.07 29.93
CA LEU B 539 -25.94 -41.84 28.57
C LEU B 539 -24.93 -42.37 27.57
N LEU B 540 -23.74 -42.72 28.04
CA LEU B 540 -22.81 -43.46 27.20
C LEU B 540 -23.31 -44.86 26.95
N SER B 541 -23.95 -45.45 27.96
CA SER B 541 -24.73 -46.66 27.73
C SER B 541 -25.86 -46.38 26.74
N ARG B 542 -26.45 -45.19 26.80
CA ARG B 542 -27.50 -44.82 25.87
C ARG B 542 -26.93 -44.37 24.53
N PHE B 543 -26.06 -45.20 23.96
CA PHE B 543 -25.65 -45.08 22.57
C PHE B 543 -25.95 -46.41 21.90
N ASP B 544 -26.79 -46.36 20.87
CA ASP B 544 -27.25 -47.59 20.23
C ASP B 544 -26.08 -48.39 19.65
N LEU B 545 -24.98 -47.72 19.34
CA LEU B 545 -23.75 -48.40 18.99
C LEU B 545 -22.57 -47.67 19.60
N LEU B 546 -21.53 -48.43 19.93
CA LEU B 546 -20.28 -47.90 20.46
C LEU B 546 -19.16 -48.33 19.53
N PHE B 547 -18.25 -47.43 19.22
CA PHE B 547 -17.18 -47.73 18.29
C PHE B 547 -15.85 -47.21 18.81
N VAL B 548 -14.81 -47.99 18.54
CA VAL B 548 -13.44 -47.63 18.89
C VAL B 548 -12.63 -47.65 17.60
N VAL B 549 -11.99 -46.53 17.28
CA VAL B 549 -11.15 -46.43 16.09
C VAL B 549 -9.72 -46.32 16.55
N THR B 550 -8.90 -47.30 16.18
CA THR B 550 -7.48 -47.32 16.50
C THR B 550 -6.71 -47.27 15.20
N ASP B 551 -5.79 -46.32 15.10
CA ASP B 551 -5.00 -46.16 13.89
C ASP B 551 -3.79 -47.09 13.88
N ASP B 552 -4.02 -48.37 14.16
CA ASP B 552 -2.96 -49.34 13.99
C ASP B 552 -2.71 -49.56 12.49
N ILE B 553 -1.46 -49.87 12.18
CA ILE B 553 -0.94 -49.78 10.82
C ILE B 553 -0.28 -51.08 10.44
N ASN B 554 -0.69 -51.64 9.30
CA ASN B 554 -0.16 -52.88 8.77
C ASN B 554 0.20 -52.67 7.31
N GLU B 555 1.29 -53.32 6.88
CA GLU B 555 1.85 -53.09 5.56
C GLU B 555 0.81 -53.16 4.46
N ILE B 556 -0.01 -54.21 4.46
CA ILE B 556 -1.05 -54.35 3.45
C ILE B 556 -2.04 -53.20 3.53
N ARG B 557 -2.56 -52.95 4.74
CA ARG B 557 -3.56 -51.90 4.89
C ARG B 557 -2.92 -50.52 4.70
N ASP B 558 -1.67 -50.34 5.11
CA ASP B 558 -1.00 -49.08 4.87
C ASP B 558 -0.85 -48.81 3.38
N ARG B 559 -0.45 -49.84 2.63
CA ARG B 559 -0.39 -49.70 1.18
C ARG B 559 -1.76 -49.38 0.60
N SER B 560 -2.79 -50.03 1.14
CA SER B 560 -4.15 -49.79 0.67
C SER B 560 -4.54 -48.33 0.85
N ILE B 561 -4.33 -47.80 2.05
CA ILE B 561 -4.64 -46.40 2.32
C ILE B 561 -3.85 -45.49 1.40
N SER B 562 -2.54 -45.77 1.27
CA SER B 562 -1.68 -44.93 0.46
C SER B 562 -2.13 -44.90 -0.99
N GLU B 563 -2.47 -46.06 -1.54
CA GLU B 563 -2.93 -46.12 -2.92
C GLU B 563 -4.26 -45.39 -3.07
N HIS B 564 -5.15 -45.54 -2.09
CA HIS B 564 -6.41 -44.81 -2.16
C HIS B 564 -6.17 -43.31 -2.23
N VAL B 565 -5.29 -42.82 -1.37
CA VAL B 565 -4.99 -41.38 -1.36
C VAL B 565 -4.34 -40.97 -2.67
N LEU B 566 -3.48 -41.84 -3.21
CA LEU B 566 -2.81 -41.54 -4.47
C LEU B 566 -3.84 -41.38 -5.59
N ARG B 567 -4.82 -42.29 -5.64
CA ARG B 567 -5.88 -42.18 -6.63
C ARG B 567 -6.69 -40.90 -6.42
N THR B 568 -7.00 -40.57 -5.17
CA THR B 568 -7.82 -39.40 -4.90
C THR B 568 -7.09 -38.11 -5.23
N HIS B 569 -5.76 -38.11 -5.15
CA HIS B 569 -4.99 -36.88 -5.27
C HIS B 569 -4.70 -36.51 -6.72
N ARG B 570 -4.04 -37.42 -7.46
CA ARG B 570 -3.70 -37.12 -8.84
C ARG B 570 -4.94 -36.93 -9.70
N TYR B 571 -6.08 -37.45 -9.24
CA TYR B 571 -7.33 -37.32 -9.98
C TYR B 571 -7.71 -35.85 -10.11
N LEU B 572 -7.70 -35.34 -11.34
CA LEU B 572 -8.23 -34.01 -11.59
C LEU B 572 -9.74 -34.02 -11.35
N PRO B 573 -10.29 -33.00 -10.70
CA PRO B 573 -11.74 -32.94 -10.49
C PRO B 573 -12.49 -33.05 -11.80
N PRO B 574 -13.78 -33.44 -11.75
CA PRO B 574 -14.50 -33.79 -12.98
C PRO B 574 -14.42 -32.73 -14.07
N GLY B 575 -13.96 -33.14 -15.25
CA GLY B 575 -13.77 -32.17 -16.30
C GLY B 575 -12.63 -31.23 -15.96
N TYR B 576 -12.78 -29.97 -16.40
CA TYR B 576 -11.82 -28.90 -16.15
C TYR B 576 -10.50 -29.17 -16.86
N LEU B 577 -9.69 -28.13 -17.01
CA LEU B 577 -8.35 -28.31 -17.54
C LEU B 577 -7.47 -28.95 -16.48
N GLU B 578 -6.54 -29.81 -16.93
CA GLU B 578 -5.62 -30.45 -16.00
C GLU B 578 -4.80 -29.41 -15.25
N GLY B 579 -4.30 -28.40 -15.95
CA GLY B 579 -3.68 -27.25 -15.33
C GLY B 579 -4.66 -26.11 -15.13
N GLU B 580 -5.74 -26.35 -14.39
CA GLU B 580 -6.73 -25.32 -14.14
C GLU B 580 -6.91 -25.08 -12.65
N PRO B 581 -6.90 -23.81 -12.23
CA PRO B 581 -7.12 -23.51 -10.80
C PRO B 581 -8.53 -23.91 -10.36
N VAL B 582 -8.65 -24.16 -9.06
CA VAL B 582 -9.94 -24.54 -8.49
C VAL B 582 -10.93 -23.41 -8.67
N ARG B 583 -12.16 -23.75 -9.02
CA ARG B 583 -13.19 -22.71 -9.31
C ARG B 583 -14.21 -22.65 -8.17
N GLU B 584 -14.78 -23.79 -7.78
CA GLU B 584 -15.86 -23.80 -6.74
C GLU B 584 -16.70 -22.55 -6.96
N ARG B 585 -17.19 -22.35 -8.20
CA ARG B 585 -17.93 -21.11 -8.53
C ARG B 585 -19.38 -21.18 -8.03
N LEU B 586 -20.16 -20.12 -8.27
CA LEU B 586 -21.54 -20.06 -7.83
C LEU B 586 -22.45 -20.94 -8.67
N ASN B 587 -21.95 -21.47 -9.78
CA ASN B 587 -22.63 -22.32 -10.75
C ASN B 587 -23.59 -21.52 -11.63
N LEU B 588 -23.79 -20.22 -11.38
CA LEU B 588 -24.59 -19.33 -12.20
C LEU B 588 -25.94 -19.96 -12.56
N SER B 589 -26.55 -20.60 -11.57
CA SER B 589 -27.73 -21.42 -11.78
C SER B 589 -28.89 -20.52 -12.22
N LEU B 590 -29.19 -20.56 -13.52
CA LEU B 590 -30.34 -19.83 -14.03
C LEU B 590 -31.64 -20.39 -13.47
N ALA B 591 -31.75 -21.71 -13.38
CA ALA B 591 -32.97 -22.34 -12.93
C ALA B 591 -33.28 -21.95 -11.50
N VAL B 592 -34.39 -21.23 -11.31
CA VAL B 592 -34.81 -20.75 -9.99
C VAL B 592 -36.30 -21.04 -9.84
N GLY B 593 -36.69 -21.48 -8.65
CA GLY B 593 -38.09 -21.80 -8.41
C GLY B 593 -38.44 -23.13 -9.03
N GLU B 594 -39.61 -23.18 -9.69
CA GLU B 594 -39.99 -24.39 -10.40
C GLU B 594 -39.02 -24.69 -11.55
N ASP B 595 -38.32 -23.66 -12.02
CA ASP B 595 -37.22 -23.91 -12.96
C ASP B 595 -36.11 -24.70 -12.28
N ALA B 596 -35.79 -24.35 -11.04
CA ALA B 596 -34.75 -25.08 -10.31
C ALA B 596 -35.15 -26.52 -10.07
N ASP B 597 -36.41 -26.75 -9.70
CA ASP B 597 -37.01 -28.05 -9.37
C ASP B 597 -36.04 -29.23 -9.20
N LYS B 649 -19.66 -53.12 -8.92
CA LYS B 649 -20.98 -52.58 -8.61
C LYS B 649 -20.89 -51.34 -7.72
N LEU B 650 -21.29 -50.20 -8.27
CA LEU B 650 -21.28 -48.94 -7.55
C LEU B 650 -22.60 -48.21 -7.79
N VAL B 651 -22.98 -47.37 -6.84
CA VAL B 651 -24.22 -46.60 -6.91
C VAL B 651 -23.90 -45.14 -6.63
N THR B 652 -24.51 -44.24 -7.39
CA THR B 652 -24.27 -42.82 -7.23
C THR B 652 -24.86 -42.32 -5.92
N ILE B 653 -24.18 -41.35 -5.32
CA ILE B 653 -24.43 -40.96 -3.94
C ILE B 653 -25.72 -40.15 -3.78
N PRO B 654 -25.91 -39.01 -4.46
CA PRO B 654 -27.16 -38.26 -4.25
C PRO B 654 -28.38 -39.07 -4.64
N PHE B 655 -28.24 -39.89 -5.68
CA PHE B 655 -29.29 -40.85 -6.03
C PHE B 655 -29.54 -41.82 -4.89
N LEU B 656 -28.47 -42.30 -4.25
CA LEU B 656 -28.63 -43.16 -3.08
C LEU B 656 -29.38 -42.43 -1.97
N ARG B 657 -29.04 -41.16 -1.74
CA ARG B 657 -29.69 -40.38 -0.69
C ARG B 657 -31.18 -40.22 -1.00
N LYS B 658 -31.51 -39.96 -2.26
CA LYS B 658 -32.90 -39.86 -2.66
C LYS B 658 -33.62 -41.18 -2.39
N TYR B 659 -32.97 -42.29 -2.71
CA TYR B 659 -33.58 -43.59 -2.45
C TYR B 659 -33.84 -43.79 -0.97
N VAL B 660 -32.85 -43.50 -0.13
CA VAL B 660 -33.01 -43.75 1.29
C VAL B 660 -34.05 -42.83 1.90
N GLN B 661 -34.10 -41.59 1.42
CA GLN B 661 -35.16 -40.67 1.87
C GLN B 661 -36.53 -41.19 1.47
N TYR B 662 -36.66 -41.67 0.23
CA TYR B 662 -37.88 -42.34 -0.19
C TYR B 662 -38.20 -43.51 0.73
N ALA B 663 -37.17 -44.21 1.19
CA ALA B 663 -37.37 -45.32 2.11
C ALA B 663 -37.97 -44.84 3.42
N LYS B 664 -37.37 -43.80 4.03
CA LYS B 664 -37.96 -43.25 5.25
C LYS B 664 -39.41 -42.87 5.01
N GLU B 665 -39.70 -42.30 3.84
CA GLU B 665 -41.07 -41.93 3.52
C GLU B 665 -41.98 -43.15 3.46
N ARG B 666 -41.49 -44.26 2.91
CA ARG B 666 -42.33 -45.40 2.60
C ARG B 666 -42.13 -46.57 3.55
N VAL B 667 -40.92 -47.09 3.68
CA VAL B 667 -40.75 -48.36 4.37
C VAL B 667 -40.89 -48.17 5.88
N ILE B 668 -41.89 -48.84 6.45
CA ILE B 668 -42.17 -48.78 7.89
C ILE B 668 -42.29 -50.20 8.42
N PRO B 669 -41.19 -50.94 8.55
CA PRO B 669 -41.28 -52.32 9.04
C PRO B 669 -41.74 -52.38 10.49
N GLN B 670 -42.38 -53.48 10.84
CA GLN B 670 -42.81 -53.73 12.20
C GLN B 670 -42.13 -54.99 12.71
N LEU B 671 -41.78 -54.99 14.00
CA LEU B 671 -41.04 -56.09 14.62
C LEU B 671 -41.77 -57.41 14.42
N THR B 672 -41.13 -58.34 13.71
CA THR B 672 -41.78 -59.56 13.27
C THR B 672 -41.41 -60.72 14.20
N GLN B 673 -42.31 -61.70 14.30
CA GLN B 673 -42.23 -62.67 15.38
C GLN B 673 -40.96 -63.51 15.29
N GLU B 674 -40.60 -63.98 14.10
CA GLU B 674 -39.37 -64.77 13.98
C GLU B 674 -38.15 -63.89 14.28
N ALA B 675 -38.19 -62.64 13.83
CA ALA B 675 -37.16 -61.69 14.25
C ALA B 675 -37.20 -61.46 15.75
N ILE B 676 -38.40 -61.42 16.33
CA ILE B 676 -38.55 -61.26 17.77
C ILE B 676 -37.85 -62.40 18.50
N ASN B 677 -38.08 -63.63 18.03
CA ASN B 677 -37.46 -64.79 18.65
C ASN B 677 -35.95 -64.75 18.50
N VAL B 678 -35.46 -64.37 17.33
CA VAL B 678 -34.01 -64.25 17.15
C VAL B 678 -33.45 -63.24 18.13
N ILE B 679 -34.13 -62.10 18.28
CA ILE B 679 -33.66 -61.06 19.18
C ILE B 679 -33.58 -61.57 20.60
N VAL B 680 -34.66 -62.22 21.07
CA VAL B 680 -34.68 -62.66 22.46
C VAL B 680 -33.65 -63.77 22.67
N LYS B 681 -33.48 -64.64 21.68
CA LYS B 681 -32.49 -65.71 21.79
C LYS B 681 -31.08 -65.15 21.89
N ASN B 682 -30.78 -64.10 21.13
CA ASN B 682 -29.51 -63.40 21.32
C ASN B 682 -29.43 -62.83 22.72
N TYR B 683 -30.46 -62.09 23.12
CA TYR B 683 -30.41 -61.34 24.38
C TYR B 683 -30.17 -62.27 25.56
N THR B 684 -30.65 -63.51 25.47
CA THR B 684 -30.44 -64.54 26.48
C THR B 684 -29.03 -64.47 27.06
N ASP B 685 -28.04 -64.65 26.19
CA ASP B 685 -26.66 -64.56 26.60
C ASP B 685 -26.10 -63.16 26.49
N LEU B 686 -26.68 -62.31 25.64
CA LEU B 686 -26.13 -60.98 25.45
C LEU B 686 -26.14 -60.17 26.74
N ARG B 687 -27.22 -60.24 27.52
CA ARG B 687 -27.22 -59.44 28.74
C ARG B 687 -26.31 -60.03 29.80
N ASN B 688 -26.20 -61.35 29.87
CA ASN B 688 -25.38 -62.01 30.87
C ASN B 688 -24.17 -62.69 30.24
N ASP B 689 -23.55 -62.03 29.26
CA ASP B 689 -22.38 -62.60 28.60
C ASP B 689 -21.27 -62.81 29.61
N ASP B 690 -20.68 -64.02 29.57
CA ASP B 690 -19.58 -64.33 30.46
C ASP B 690 -18.38 -63.44 30.20
N ASN B 691 -18.09 -63.18 28.92
CA ASN B 691 -16.98 -62.29 28.58
C ASN B 691 -17.28 -60.89 29.10
N THR B 692 -16.28 -60.28 29.74
CA THR B 692 -16.42 -58.95 30.31
C THR B 692 -16.15 -57.90 29.23
N LYS B 693 -17.18 -57.65 28.44
CA LYS B 693 -17.11 -56.63 27.39
C LYS B 693 -17.36 -55.23 27.93
N LYS B 694 -17.66 -55.11 29.23
CA LYS B 694 -17.87 -53.84 29.92
C LYS B 694 -19.15 -53.18 29.44
N SER B 695 -19.60 -52.14 30.17
CA SER B 695 -20.83 -51.42 29.86
C SER B 695 -22.01 -52.39 29.86
N PRO B 696 -22.46 -52.85 31.05
CA PRO B 696 -23.63 -53.74 31.11
C PRO B 696 -24.76 -53.23 30.25
N ILE B 697 -25.23 -54.08 29.33
CA ILE B 697 -26.07 -53.63 28.24
C ILE B 697 -27.44 -53.20 28.74
N THR B 698 -27.96 -53.90 29.75
CA THR B 698 -29.24 -53.59 30.40
C THR B 698 -30.35 -53.56 29.35
N ALA B 699 -31.44 -52.85 29.65
CA ALA B 699 -32.62 -52.85 28.81
C ALA B 699 -32.47 -51.96 27.58
N ARG B 700 -31.54 -51.00 27.61
CA ARG B 700 -31.38 -50.10 26.48
C ARG B 700 -31.05 -50.87 25.20
N THR B 701 -30.04 -51.75 25.29
CA THR B 701 -29.50 -52.37 24.08
C THR B 701 -30.52 -53.26 23.41
N LEU B 702 -31.49 -53.78 24.15
CA LEU B 702 -32.58 -54.52 23.53
C LEU B 702 -33.33 -53.63 22.56
N GLU B 703 -33.69 -52.42 23.02
CA GLU B 703 -34.35 -51.46 22.14
C GLU B 703 -33.44 -51.02 21.01
N THR B 704 -32.14 -50.87 21.30
CA THR B 704 -31.20 -50.50 20.24
C THR B 704 -31.22 -51.54 19.12
N LEU B 705 -31.07 -52.81 19.48
CA LEU B 705 -31.08 -53.86 18.48
C LEU B 705 -32.43 -53.95 17.77
N ILE B 706 -33.51 -53.66 18.49
CA ILE B 706 -34.82 -53.59 17.86
C ILE B 706 -34.80 -52.56 16.73
N ARG B 707 -34.31 -51.37 17.04
CA ARG B 707 -34.21 -50.31 16.03
C ARG B 707 -33.28 -50.72 14.90
N LEU B 708 -32.18 -51.39 15.23
CA LEU B 708 -31.19 -51.74 14.21
C LEU B 708 -31.76 -52.75 13.23
N ALA B 709 -32.46 -53.76 13.75
CA ALA B 709 -33.14 -54.72 12.89
C ALA B 709 -34.24 -54.06 12.07
N THR B 710 -34.96 -53.10 12.68
CA THR B 710 -35.98 -52.38 11.94
C THR B 710 -35.38 -51.64 10.75
N ALA B 711 -34.26 -50.94 10.98
CA ALA B 711 -33.62 -50.21 9.89
C ALA B 711 -32.99 -51.16 8.87
N HIS B 712 -32.52 -52.33 9.32
CA HIS B 712 -32.02 -53.33 8.39
C HIS B 712 -33.13 -53.83 7.47
N ALA B 713 -34.33 -54.03 8.03
CA ALA B 713 -35.49 -54.34 7.21
C ALA B 713 -35.80 -53.19 6.27
N LYS B 714 -35.64 -51.96 6.75
CA LYS B 714 -35.81 -50.79 5.88
C LYS B 714 -34.85 -50.82 4.71
N VAL B 715 -33.64 -51.34 4.94
CA VAL B 715 -32.71 -51.56 3.82
C VAL B 715 -33.32 -52.54 2.83
N ARG B 716 -33.90 -53.62 3.35
CA ARG B 716 -34.57 -54.60 2.49
C ARG B 716 -35.86 -54.05 1.89
N LEU B 717 -36.33 -52.89 2.36
CA LEU B 717 -37.58 -52.27 1.96
C LEU B 717 -38.80 -53.11 2.33
N SER B 718 -38.64 -54.06 3.25
CA SER B 718 -39.76 -54.91 3.64
C SER B 718 -40.72 -54.15 4.53
N LYS B 719 -42.02 -54.43 4.38
CA LYS B 719 -43.02 -53.75 5.19
C LYS B 719 -42.99 -54.22 6.63
N THR B 720 -42.24 -55.27 6.93
CA THR B 720 -42.02 -55.72 8.29
C THR B 720 -40.60 -56.23 8.42
N VAL B 721 -40.16 -56.38 9.67
CA VAL B 721 -38.79 -56.81 9.97
C VAL B 721 -38.64 -58.28 9.64
N ASN B 722 -37.41 -58.75 9.51
CA ASN B 722 -37.12 -60.17 9.29
C ASN B 722 -36.03 -60.61 10.24
N LYS B 723 -36.01 -61.91 10.53
CA LYS B 723 -34.99 -62.47 11.41
C LYS B 723 -33.59 -62.26 10.86
N VAL B 724 -33.46 -62.13 9.55
CA VAL B 724 -32.15 -61.81 8.97
C VAL B 724 -31.67 -60.47 9.49
N ASP B 725 -32.57 -59.49 9.57
CA ASP B 725 -32.23 -58.19 10.13
C ASP B 725 -31.77 -58.33 11.57
N ALA B 726 -32.50 -59.13 12.35
CA ALA B 726 -32.17 -59.29 13.76
C ALA B 726 -30.80 -59.92 13.94
N LYS B 727 -30.51 -60.98 13.20
CA LYS B 727 -29.23 -61.66 13.39
C LYS B 727 -28.09 -60.81 12.84
N VAL B 728 -28.31 -60.07 11.76
CA VAL B 728 -27.28 -59.15 11.27
C VAL B 728 -26.99 -58.07 12.30
N ALA B 729 -28.05 -57.50 12.89
CA ALA B 729 -27.86 -56.48 13.90
C ALA B 729 -27.11 -57.03 15.10
N ALA B 730 -27.46 -58.24 15.55
CA ALA B 730 -26.77 -58.84 16.68
C ALA B 730 -25.30 -59.10 16.36
N ASN B 731 -25.03 -59.58 15.15
CA ASN B 731 -23.65 -59.85 14.75
C ASN B 731 -22.84 -58.56 14.73
N LEU B 732 -23.39 -57.48 14.17
CA LEU B 732 -22.67 -56.22 14.14
C LEU B 732 -22.48 -55.66 15.55
N LEU B 733 -23.49 -55.82 16.41
CA LEU B 733 -23.37 -55.32 17.77
C LEU B 733 -22.27 -56.05 18.54
N ARG B 734 -22.24 -57.38 18.42
CA ARG B 734 -21.17 -58.12 19.09
C ARG B 734 -19.81 -57.82 18.47
N PHE B 735 -19.78 -57.55 17.16
CA PHE B 735 -18.55 -57.11 16.52
C PHE B 735 -18.04 -55.84 17.16
N ALA B 736 -18.92 -54.85 17.30
CA ALA B 736 -18.53 -53.58 17.89
C ALA B 736 -18.12 -53.75 19.35
N LEU B 737 -18.88 -54.54 20.11
CA LEU B 737 -18.63 -54.64 21.55
C LEU B 737 -17.36 -55.41 21.85
N LEU B 738 -17.08 -56.47 21.08
CA LEU B 738 -15.78 -57.13 21.21
C LEU B 738 -14.64 -56.22 20.79
N GLY B 739 -14.93 -55.15 20.06
CA GLY B 739 -13.90 -54.28 19.54
C GLY B 739 -13.25 -54.79 18.27
N GLU B 740 -13.68 -55.93 17.76
CA GLU B 740 -13.11 -56.50 16.55
C GLU B 740 -13.49 -55.66 15.33
N SER C 174 -89.06 19.51 57.59
CA SER C 174 -89.42 18.11 57.77
C SER C 174 -88.20 17.21 57.66
N GLU C 175 -87.41 17.16 58.75
CA GLU C 175 -86.19 16.37 58.87
C GLU C 175 -85.12 16.92 57.94
N PRO C 176 -83.83 16.73 58.25
CA PRO C 176 -82.79 17.08 57.28
C PRO C 176 -83.00 16.42 55.92
N LEU C 177 -83.45 15.16 55.90
CA LEU C 177 -83.85 14.47 54.67
C LEU C 177 -82.75 14.55 53.61
N ARG C 178 -81.61 13.94 53.93
CA ARG C 178 -80.46 14.02 53.03
C ARG C 178 -80.73 13.24 51.74
N ILE C 179 -81.25 12.02 51.87
CA ILE C 179 -81.55 11.15 50.72
C ILE C 179 -80.34 11.11 49.81
N ILE C 180 -79.24 10.52 50.27
CA ILE C 180 -78.04 10.48 49.46
C ILE C 180 -78.30 9.64 48.23
N TRP C 181 -77.91 10.18 47.06
CA TRP C 181 -78.19 9.50 45.81
C TRP C 181 -77.53 8.12 45.78
N GLY C 182 -78.32 7.11 45.41
CA GLY C 182 -77.84 5.75 45.41
C GLY C 182 -78.15 5.02 46.70
N THR C 183 -78.43 5.79 47.76
CA THR C 183 -78.80 5.19 49.03
C THR C 183 -80.31 5.02 49.15
N ASN C 184 -81.07 5.92 48.52
CA ASN C 184 -82.52 5.87 48.46
C ASN C 184 -83.19 6.06 49.81
N VAL C 185 -82.41 6.23 50.87
CA VAL C 185 -82.95 6.40 52.22
C VAL C 185 -82.29 7.63 52.85
N SER C 186 -83.07 8.40 53.58
CA SER C 186 -82.55 9.55 54.31
C SER C 186 -81.58 9.05 55.37
N ILE C 187 -80.32 9.48 55.26
CA ILE C 187 -79.33 9.12 56.26
C ILE C 187 -79.61 9.76 57.61
N GLN C 188 -80.58 10.67 57.69
CA GLN C 188 -81.02 11.15 58.98
C GLN C 188 -81.87 10.10 59.71
N GLU C 189 -82.58 9.27 58.95
CA GLU C 189 -83.24 8.11 59.56
C GLU C 189 -82.20 7.18 60.18
N CYS C 190 -81.12 6.92 59.46
CA CYS C 190 -80.04 6.12 60.02
C CYS C 190 -79.34 6.83 61.16
N THR C 191 -79.30 8.17 61.12
CA THR C 191 -78.76 8.93 62.25
C THR C 191 -79.63 8.74 63.48
N THR C 192 -80.95 8.74 63.30
CA THR C 192 -81.86 8.45 64.40
C THR C 192 -81.66 7.02 64.91
N ASN C 193 -81.44 6.08 64.00
CA ASN C 193 -81.13 4.71 64.40
C ASN C 193 -79.88 4.66 65.26
N PHE C 194 -78.83 5.36 64.83
CA PHE C 194 -77.60 5.42 65.60
C PHE C 194 -77.82 6.07 66.95
N ARG C 195 -78.59 7.15 66.98
CA ARG C 195 -78.99 7.74 68.24
C ARG C 195 -79.83 6.75 69.03
N ASN C 196 -79.69 6.78 70.35
CA ASN C 196 -80.23 5.82 71.30
C ASN C 196 -79.53 4.47 71.14
N PHE C 197 -78.47 4.38 70.34
CA PHE C 197 -77.61 3.21 70.27
C PHE C 197 -76.17 3.57 70.63
N LEU C 198 -75.63 4.64 70.05
CA LEU C 198 -74.33 5.14 70.49
C LEU C 198 -74.42 5.60 71.94
N MET C 199 -75.51 6.27 72.29
CA MET C 199 -75.87 6.52 73.68
C MET C 199 -76.99 5.55 74.06
N SER C 200 -77.13 5.29 75.35
CA SER C 200 -78.29 4.59 75.89
C SER C 200 -78.55 3.24 75.23
N PHE C 201 -77.50 2.47 74.96
CA PHE C 201 -77.66 1.09 74.49
C PHE C 201 -77.00 0.16 75.49
N LYS C 202 -77.82 -0.59 76.22
CA LYS C 202 -77.34 -1.46 77.29
C LYS C 202 -76.31 -2.45 76.76
N TYR C 203 -75.42 -2.90 77.66
CA TYR C 203 -74.44 -3.90 77.26
C TYR C 203 -75.12 -5.19 76.82
N LYS C 204 -76.15 -5.59 77.56
CA LYS C 204 -76.99 -6.70 77.10
C LYS C 204 -77.76 -6.24 75.86
N PHE C 205 -78.40 -7.20 75.19
CA PHE C 205 -79.08 -7.10 73.90
C PHE C 205 -78.08 -7.16 72.75
N ARG C 206 -76.77 -7.23 73.01
CA ARG C 206 -75.83 -7.54 71.94
C ARG C 206 -75.47 -9.01 71.93
N LYS C 207 -75.28 -9.61 73.10
CA LYS C 207 -74.95 -11.03 73.16
C LYS C 207 -76.17 -11.91 72.94
N ILE C 208 -77.38 -11.34 72.94
CA ILE C 208 -78.56 -12.08 72.52
C ILE C 208 -78.49 -12.35 71.02
N LEU C 209 -77.99 -11.39 70.24
CA LEU C 209 -77.74 -11.64 68.83
C LEU C 209 -76.40 -12.33 68.59
N ASP C 210 -75.52 -12.34 69.58
CA ASP C 210 -74.25 -13.04 69.47
C ASP C 210 -74.32 -14.48 69.96
N GLU C 211 -75.48 -14.92 70.45
CA GLU C 211 -75.65 -16.26 71.00
C GLU C 211 -74.66 -16.51 72.14
N ARG C 212 -74.35 -15.45 72.89
CA ARG C 212 -73.44 -15.52 74.02
C ARG C 212 -74.17 -15.57 75.35
N GLU C 213 -75.48 -15.83 75.32
CA GLU C 213 -76.29 -15.82 76.54
C GLU C 213 -75.79 -16.85 77.54
N GLU C 214 -75.10 -17.88 77.08
CA GLU C 214 -74.48 -18.84 78.00
C GLU C 214 -73.33 -18.18 78.76
N PHE C 215 -72.59 -17.29 78.10
CA PHE C 215 -71.40 -16.68 78.66
C PHE C 215 -71.57 -15.22 79.00
N ILE C 216 -72.81 -14.72 79.09
CA ILE C 216 -73.01 -13.31 79.40
C ILE C 216 -72.56 -13.02 80.82
N ASN C 217 -71.74 -11.99 80.96
CA ASN C 217 -71.42 -11.43 82.28
C ASN C 217 -72.51 -10.41 82.58
N ASN C 218 -73.57 -10.84 83.25
CA ASN C 218 -74.71 -9.97 83.47
C ASN C 218 -74.32 -8.76 84.30
N THR C 219 -73.32 -8.91 85.17
CA THR C 219 -72.82 -7.78 85.95
C THR C 219 -72.42 -6.62 85.05
N THR C 220 -71.72 -6.94 83.96
CA THR C 220 -71.41 -5.91 82.97
C THR C 220 -72.63 -5.54 82.14
N ASP C 221 -73.62 -6.43 82.05
CA ASP C 221 -74.80 -6.15 81.25
C ASP C 221 -75.60 -4.98 81.82
N GLU C 222 -75.79 -4.95 83.15
CA GLU C 222 -76.58 -3.88 83.74
C GLU C 222 -75.95 -2.52 83.47
N GLU C 223 -74.62 -2.43 83.59
CA GLU C 223 -73.93 -1.23 83.14
C GLU C 223 -74.10 -1.10 81.63
N LEU C 224 -74.44 0.10 81.18
CA LEU C 224 -74.74 0.34 79.78
C LEU C 224 -73.41 0.55 79.08
N TYR C 225 -73.00 -0.47 78.31
CA TYR C 225 -71.68 -0.48 77.68
C TYR C 225 -71.38 0.78 76.89
N TYR C 226 -72.34 1.22 76.08
CA TYR C 226 -72.07 2.40 75.27
C TYR C 226 -71.84 3.62 76.15
N ILE C 227 -72.42 3.63 77.36
CA ILE C 227 -72.14 4.72 78.30
C ILE C 227 -70.69 4.69 78.75
N LYS C 228 -70.14 3.50 79.08
CA LYS C 228 -68.73 3.49 79.47
C LYS C 228 -67.87 3.96 78.32
N GLN C 229 -68.25 3.59 77.09
CA GLN C 229 -67.46 4.02 75.94
C GLN C 229 -67.50 5.53 75.79
N LEU C 230 -68.70 6.11 75.84
CA LEU C 230 -68.84 7.56 75.69
C LEU C 230 -68.07 8.29 76.77
N ASN C 231 -68.17 7.84 78.02
CA ASN C 231 -67.44 8.48 79.10
C ASN C 231 -65.94 8.37 78.89
N GLU C 232 -65.48 7.16 78.55
CA GLU C 232 -64.04 6.93 78.42
C GLU C 232 -63.45 7.72 77.26
N MET C 233 -64.26 8.12 76.29
CA MET C 233 -63.71 8.88 75.18
C MET C 233 -64.16 10.34 75.14
N ARG C 234 -64.97 10.80 76.09
CA ARG C 234 -65.27 12.23 76.16
C ARG C 234 -64.09 13.04 76.69
N GLU C 235 -63.73 12.82 77.95
CA GLU C 235 -62.72 13.67 78.57
C GLU C 235 -61.32 13.28 78.12
N LEU C 236 -61.06 11.98 77.95
CA LEU C 236 -59.80 11.56 77.38
C LEU C 236 -59.66 11.99 75.93
N GLY C 237 -60.79 12.12 75.23
CA GLY C 237 -60.79 12.70 73.89
C GLY C 237 -59.99 11.94 72.86
N THR C 238 -60.15 10.61 72.84
CA THR C 238 -59.44 9.81 71.86
C THR C 238 -60.19 9.83 70.52
N SER C 239 -59.45 10.08 69.44
CA SER C 239 -60.07 10.11 68.12
C SER C 239 -60.57 8.74 67.70
N ASN C 240 -59.79 7.70 67.96
CA ASN C 240 -60.19 6.35 67.58
C ASN C 240 -61.33 5.85 68.47
N LEU C 241 -62.19 5.01 67.90
CA LEU C 241 -63.36 4.52 68.60
C LEU C 241 -63.85 3.27 67.88
N ASN C 242 -63.78 2.12 68.55
CA ASN C 242 -64.14 0.86 67.93
C ASN C 242 -65.58 0.48 68.25
N LEU C 243 -66.34 0.11 67.21
CA LEU C 243 -67.71 -0.35 67.37
C LEU C 243 -67.81 -1.73 66.75
N ASP C 244 -68.02 -2.75 67.59
CA ASP C 244 -68.13 -4.11 67.11
C ASP C 244 -69.33 -4.24 66.17
N ALA C 245 -69.20 -5.09 65.15
CA ALA C 245 -70.34 -5.41 64.32
C ALA C 245 -71.47 -6.01 65.14
N ARG C 246 -71.13 -6.80 66.16
CA ARG C 246 -72.15 -7.33 67.06
C ARG C 246 -72.97 -6.21 67.68
N ASN C 247 -72.31 -5.11 68.04
CA ASN C 247 -73.05 -3.94 68.48
C ASN C 247 -73.96 -3.42 67.37
N LEU C 248 -73.42 -3.34 66.15
CA LEU C 248 -74.21 -2.83 65.03
C LEU C 248 -75.40 -3.73 64.73
N LEU C 249 -75.18 -5.05 64.71
CA LEU C 249 -76.29 -5.98 64.47
C LEU C 249 -77.30 -5.93 65.61
N ALA C 250 -76.83 -5.77 66.85
CA ALA C 250 -77.67 -5.91 68.03
C ALA C 250 -78.88 -4.99 67.97
N TYR C 251 -78.64 -3.69 68.01
CA TYR C 251 -79.72 -2.71 67.94
C TYR C 251 -80.52 -2.91 66.66
N LYS C 252 -81.84 -3.01 66.81
CA LYS C 252 -82.69 -3.39 65.70
C LYS C 252 -82.62 -2.35 64.58
N GLN C 253 -82.70 -1.07 64.93
CA GLN C 253 -82.51 -0.02 63.94
C GLN C 253 -81.08 0.00 63.42
N THR C 254 -80.11 -0.16 64.32
CA THR C 254 -78.72 -0.19 63.89
C THR C 254 -78.39 -1.46 63.11
N GLU C 255 -79.22 -2.50 63.21
CA GLU C 255 -79.03 -3.65 62.33
C GLU C 255 -79.22 -3.25 60.88
N ASP C 256 -80.33 -2.60 60.56
CA ASP C 256 -80.54 -2.07 59.22
C ASP C 256 -79.49 -1.02 58.88
N LEU C 257 -79.12 -0.17 59.84
CA LEU C 257 -78.07 0.81 59.60
C LEU C 257 -76.78 0.14 59.18
N TYR C 258 -76.43 -0.96 59.84
CA TYR C 258 -75.25 -1.74 59.46
C TYR C 258 -75.43 -2.37 58.08
N HIS C 259 -76.66 -2.74 57.74
CA HIS C 259 -76.92 -3.24 56.41
C HIS C 259 -76.58 -2.19 55.36
N GLN C 260 -77.07 -0.96 55.55
CA GLN C 260 -76.72 0.10 54.61
C GLN C 260 -75.24 0.43 54.67
N LEU C 261 -74.62 0.26 55.85
CA LEU C 261 -73.19 0.43 55.98
C LEU C 261 -72.45 -0.55 55.08
N LEU C 262 -72.91 -1.79 55.05
CA LEU C 262 -72.37 -2.73 54.08
C LEU C 262 -72.64 -2.26 52.66
N ASN C 263 -73.83 -1.71 52.41
CA ASN C 263 -74.18 -1.25 51.08
C ASN C 263 -73.29 -0.08 50.65
N TYR C 264 -73.21 0.96 51.47
CA TYR C 264 -72.45 2.17 51.13
C TYR C 264 -71.72 2.68 52.37
N PRO C 265 -70.59 2.06 52.69
CA PRO C 265 -69.90 2.40 53.96
C PRO C 265 -69.45 3.84 54.07
N GLN C 266 -69.00 4.47 52.98
CA GLN C 266 -68.34 5.77 53.12
C GLN C 266 -69.28 6.83 53.69
N GLU C 267 -70.46 6.99 53.07
CA GLU C 267 -71.42 7.97 53.56
C GLU C 267 -71.90 7.61 54.96
N VAL C 268 -72.13 6.30 55.20
CA VAL C 268 -72.58 5.86 56.52
C VAL C 268 -71.58 6.25 57.59
N ILE C 269 -70.30 5.97 57.35
CA ILE C 269 -69.26 6.27 58.34
C ILE C 269 -69.14 7.77 58.54
N SER C 270 -69.15 8.54 57.46
CA SER C 270 -69.06 9.99 57.60
C SER C 270 -70.20 10.52 58.46
N ILE C 271 -71.44 10.14 58.13
CA ILE C 271 -72.57 10.69 58.86
C ILE C 271 -72.62 10.17 60.29
N MET C 272 -72.21 8.93 60.54
CA MET C 272 -72.31 8.42 61.90
C MET C 272 -71.21 8.97 62.77
N ASP C 273 -70.04 9.27 62.19
CA ASP C 273 -69.02 10.02 62.92
C ASP C 273 -69.51 11.44 63.25
N GLN C 274 -70.18 12.09 62.30
CA GLN C 274 -70.81 13.37 62.61
C GLN C 274 -71.81 13.23 63.75
N THR C 275 -72.58 12.13 63.74
CA THR C 275 -73.49 11.84 64.83
C THR C 275 -72.75 11.62 66.14
N ILE C 276 -71.54 11.04 66.07
CA ILE C 276 -70.71 10.88 67.26
C ILE C 276 -70.34 12.24 67.82
N LYS C 277 -69.97 13.18 66.95
CA LYS C 277 -69.68 14.53 67.41
C LYS C 277 -70.90 15.16 68.07
N ASP C 278 -72.07 14.97 67.45
CA ASP C 278 -73.30 15.51 68.02
C ASP C 278 -73.60 14.89 69.38
N CYS C 279 -73.41 13.57 69.50
CA CYS C 279 -73.66 12.88 70.76
C CYS C 279 -72.68 13.35 71.83
N MET C 280 -71.43 13.59 71.45
CA MET C 280 -70.48 14.17 72.40
C MET C 280 -70.93 15.55 72.86
N VAL C 281 -71.39 16.37 71.92
CA VAL C 281 -71.89 17.70 72.28
C VAL C 281 -73.03 17.59 73.27
N SER C 282 -73.94 16.63 73.03
CA SER C 282 -75.05 16.42 73.94
C SER C 282 -74.58 15.93 75.31
N LEU C 283 -73.68 14.95 75.32
CA LEU C 283 -73.36 14.26 76.57
C LEU C 283 -72.46 15.09 77.47
N ILE C 284 -71.49 15.81 76.90
CA ILE C 284 -70.52 16.51 77.73
C ILE C 284 -71.21 17.58 78.57
N VAL C 285 -72.29 18.17 78.05
CA VAL C 285 -73.07 19.10 78.85
C VAL C 285 -74.04 18.34 79.75
N ASP C 286 -74.51 17.17 79.31
CA ASP C 286 -75.25 16.29 80.22
C ASP C 286 -74.35 15.80 81.33
N ASN C 287 -73.11 15.45 81.00
CA ASN C 287 -72.12 15.14 82.02
C ASN C 287 -71.68 16.38 82.79
N ASN C 288 -72.03 17.56 82.29
CA ASN C 288 -71.79 18.84 82.96
C ASN C 288 -70.31 19.13 83.13
N LEU C 289 -69.46 18.30 82.54
CA LEU C 289 -68.02 18.53 82.62
C LEU C 289 -67.63 19.74 81.80
N ASP C 290 -66.81 20.61 82.38
CA ASP C 290 -66.33 21.79 81.68
C ASP C 290 -65.29 21.38 80.65
N TYR C 291 -65.75 21.09 79.43
CA TYR C 291 -64.88 20.57 78.38
C TYR C 291 -65.41 21.09 77.06
N ASP C 292 -64.58 21.87 76.36
CA ASP C 292 -65.07 22.78 75.33
C ASP C 292 -65.76 22.07 74.19
N LEU C 293 -66.87 22.64 73.71
CA LEU C 293 -67.68 22.04 72.66
C LEU C 293 -67.05 22.20 71.28
N ASP C 294 -66.39 23.33 71.02
CA ASP C 294 -65.79 23.54 69.71
C ASP C 294 -64.71 22.51 69.43
N GLU C 295 -63.87 22.22 70.44
CA GLU C 295 -62.87 21.18 70.26
C GLU C 295 -63.49 19.79 70.25
N ILE C 296 -64.71 19.64 70.80
CA ILE C 296 -65.46 18.42 70.55
C ILE C 296 -65.75 18.25 69.07
N GLU C 297 -66.27 19.32 68.44
CA GLU C 297 -66.62 19.23 67.04
C GLU C 297 -65.38 19.03 66.17
N THR C 298 -64.29 19.73 66.48
CA THR C 298 -63.08 19.60 65.68
C THR C 298 -62.41 18.25 65.90
N LYS C 299 -62.38 17.78 67.15
CA LYS C 299 -61.77 16.48 67.44
C LYS C 299 -62.63 15.38 66.83
N PHE C 300 -62.14 14.77 65.75
CA PHE C 300 -62.91 13.83 64.96
C PHE C 300 -62.84 12.44 65.61
N TYR C 301 -64.00 11.90 65.95
CA TYR C 301 -64.11 10.58 66.54
C TYR C 301 -64.56 9.61 65.46
N LYS C 302 -63.66 8.72 65.05
CA LYS C 302 -63.89 7.82 63.93
C LYS C 302 -64.27 6.44 64.46
N VAL C 303 -65.30 5.84 63.87
CA VAL C 303 -65.66 4.48 64.21
C VAL C 303 -64.55 3.53 63.76
N ARG C 304 -64.34 2.47 64.53
CA ARG C 304 -63.33 1.46 64.20
C ARG C 304 -63.94 0.07 64.29
N PRO C 305 -64.82 -0.28 63.34
CA PRO C 305 -65.51 -1.57 63.42
C PRO C 305 -64.55 -2.73 63.20
N TYR C 306 -64.84 -3.84 63.87
CA TYR C 306 -64.12 -5.09 63.68
C TYR C 306 -65.11 -6.22 63.48
N ASN C 307 -64.71 -7.18 62.65
CA ASN C 307 -65.57 -8.30 62.25
C ASN C 307 -66.87 -7.80 61.62
N VAL C 308 -66.78 -6.70 60.86
CA VAL C 308 -67.94 -6.20 60.13
C VAL C 308 -68.42 -7.24 59.13
N GLY C 309 -67.49 -7.91 58.46
CA GLY C 309 -67.82 -9.05 57.62
C GLY C 309 -66.80 -10.15 57.84
N SER C 310 -67.10 -11.31 57.27
CA SER C 310 -66.15 -12.41 57.34
C SER C 310 -64.86 -12.01 56.63
N CYS C 311 -63.74 -12.47 57.18
CA CYS C 311 -62.44 -12.24 56.53
C CYS C 311 -62.50 -12.77 55.11
N LYS C 312 -62.44 -11.88 54.14
CA LYS C 312 -62.78 -12.19 52.75
C LYS C 312 -61.52 -12.18 51.90
N GLY C 313 -61.28 -13.29 51.21
CA GLY C 313 -60.13 -13.37 50.32
C GLY C 313 -60.32 -12.57 49.06
N MET C 314 -59.20 -12.31 48.38
CA MET C 314 -59.25 -11.50 47.17
C MET C 314 -59.99 -12.23 46.06
N ARG C 315 -59.92 -13.57 46.04
CA ARG C 315 -60.57 -14.33 44.99
C ARG C 315 -62.06 -14.04 44.96
N GLU C 316 -62.71 -14.11 46.12
CA GLU C 316 -64.12 -13.74 46.20
C GLU C 316 -64.32 -12.24 46.16
N LEU C 317 -63.29 -11.46 46.46
CA LEU C 317 -63.36 -10.02 46.24
C LEU C 317 -63.42 -9.73 44.75
N ASN C 318 -64.39 -8.93 44.35
CA ASN C 318 -64.64 -8.68 42.94
C ASN C 318 -64.88 -7.20 42.71
N PRO C 319 -64.78 -6.74 41.46
CA PRO C 319 -65.15 -5.34 41.17
C PRO C 319 -66.58 -5.02 41.53
N ASN C 320 -67.46 -6.02 41.61
CA ASN C 320 -68.79 -5.79 42.16
C ASN C 320 -68.70 -5.32 43.61
N ASP C 321 -67.80 -5.92 44.39
CA ASP C 321 -67.58 -5.47 45.75
C ASP C 321 -66.82 -4.15 45.76
N ILE C 322 -67.45 -3.10 45.25
CA ILE C 322 -66.84 -1.78 45.14
C ILE C 322 -67.60 -0.82 46.05
N ASP C 323 -66.87 0.06 46.73
CA ASP C 323 -67.46 0.96 47.72
C ASP C 323 -68.27 0.18 48.75
N LYS C 324 -67.68 -0.88 49.28
CA LYS C 324 -68.32 -1.73 50.27
C LYS C 324 -67.34 -2.03 51.39
N LEU C 325 -67.86 -2.13 52.61
CA LEU C 325 -67.03 -2.35 53.78
C LEU C 325 -66.74 -3.84 53.93
N ILE C 326 -65.46 -4.21 53.76
CA ILE C 326 -65.06 -5.61 53.75
C ILE C 326 -63.95 -5.82 54.78
N ASN C 327 -63.90 -7.03 55.32
CA ASN C 327 -62.89 -7.42 56.30
C ASN C 327 -61.95 -8.45 55.70
N LEU C 328 -60.68 -8.38 56.08
CA LEU C 328 -59.67 -9.31 55.60
C LEU C 328 -58.56 -9.42 56.63
N LYS C 329 -57.97 -10.60 56.73
CA LYS C 329 -56.80 -10.85 57.57
C LYS C 329 -55.61 -11.16 56.67
N GLY C 330 -54.49 -10.50 56.93
CA GLY C 330 -53.31 -10.73 56.12
C GLY C 330 -52.09 -10.12 56.77
N LEU C 331 -50.93 -10.43 56.17
CA LEU C 331 -49.65 -9.92 56.64
C LEU C 331 -49.07 -9.01 55.56
N VAL C 332 -48.81 -7.77 55.92
CA VAL C 332 -48.40 -6.76 54.94
C VAL C 332 -46.96 -7.01 54.51
N LEU C 333 -46.72 -6.90 53.20
CA LEU C 333 -45.35 -6.97 52.71
C LEU C 333 -44.56 -5.75 53.13
N ARG C 334 -45.11 -4.56 52.93
CA ARG C 334 -44.39 -3.32 53.20
C ARG C 334 -45.38 -2.15 53.15
N SER C 335 -45.03 -1.08 53.86
CA SER C 335 -45.78 0.16 53.84
C SER C 335 -44.89 1.28 53.33
N THR C 336 -45.44 2.13 52.47
CA THR C 336 -44.73 3.32 52.07
C THR C 336 -44.64 4.28 53.24
N PRO C 337 -43.61 5.13 53.28
CA PRO C 337 -43.58 6.21 54.27
C PRO C 337 -44.79 7.11 54.08
N VAL C 338 -45.33 7.60 55.20
CA VAL C 338 -46.53 8.42 55.13
C VAL C 338 -46.23 9.72 54.39
N ILE C 339 -47.09 10.06 53.45
CA ILE C 339 -46.91 11.22 52.58
C ILE C 339 -48.11 12.14 52.77
N PRO C 340 -47.91 13.37 53.23
CA PRO C 340 -49.05 14.25 53.52
C PRO C 340 -49.88 14.56 52.28
N ASP C 341 -51.18 14.71 52.50
CA ASP C 341 -52.13 15.09 51.46
C ASP C 341 -52.75 16.43 51.82
N MET C 342 -52.77 17.34 50.85
CA MET C 342 -53.17 18.72 51.11
C MET C 342 -54.63 18.77 51.54
N LYS C 343 -54.96 19.76 52.39
CA LYS C 343 -56.32 19.86 52.92
C LYS C 343 -57.15 20.94 52.23
N VAL C 344 -56.70 22.19 52.31
CA VAL C 344 -57.43 23.33 51.75
C VAL C 344 -56.43 24.26 51.09
N ALA C 345 -56.81 24.79 49.92
CA ALA C 345 -55.88 25.61 49.13
C ALA C 345 -55.84 27.01 49.68
N PHE C 346 -54.85 27.31 50.52
CA PHE C 346 -54.65 28.64 51.07
C PHE C 346 -53.79 29.43 50.10
N PHE C 347 -54.44 30.00 49.08
CA PHE C 347 -53.75 30.78 48.07
C PHE C 347 -53.98 32.27 48.29
N LYS C 348 -53.13 33.07 47.67
CA LYS C 348 -53.11 34.52 47.84
C LYS C 348 -53.47 35.19 46.54
N CYS C 349 -54.07 36.37 46.65
CA CYS C 349 -54.43 37.17 45.49
C CYS C 349 -53.24 38.03 45.09
N ASN C 350 -52.59 37.69 43.97
CA ASN C 350 -51.56 38.57 43.45
C ASN C 350 -52.19 39.84 42.91
N VAL C 351 -51.36 40.89 42.80
CA VAL C 351 -51.76 42.26 42.44
C VAL C 351 -53.10 42.59 43.10
N CYS C 352 -53.23 42.23 44.37
CA CYS C 352 -54.50 42.29 45.09
C CYS C 352 -54.19 42.24 46.58
N ASP C 353 -55.21 41.93 47.38
CA ASP C 353 -55.04 41.89 48.82
C ASP C 353 -55.81 40.76 49.49
N HIS C 354 -56.47 39.90 48.72
CA HIS C 354 -57.29 38.85 49.31
C HIS C 354 -56.56 37.51 49.33
N THR C 355 -57.16 36.56 50.02
CA THR C 355 -56.70 35.17 50.03
C THR C 355 -57.92 34.26 49.93
N MET C 356 -57.68 33.04 49.49
CA MET C 356 -58.73 32.03 49.35
C MET C 356 -58.27 30.74 50.00
N ALA C 357 -59.22 29.99 50.56
CA ALA C 357 -58.92 28.78 51.31
C ALA C 357 -59.91 27.66 51.04
N VAL C 358 -60.23 27.42 49.77
CA VAL C 358 -61.25 26.43 49.42
C VAL C 358 -60.75 25.03 49.77
N GLU C 359 -61.70 24.15 50.10
CA GLU C 359 -61.40 22.77 50.43
C GLU C 359 -61.39 21.89 49.18
N ILE C 360 -60.69 20.75 49.28
CA ILE C 360 -60.41 19.88 48.14
C ILE C 360 -61.57 18.91 47.91
N ASP C 361 -61.88 18.67 46.63
CA ASP C 361 -62.76 17.57 46.25
C ASP C 361 -62.66 17.33 44.75
N ARG C 362 -62.70 16.05 44.36
CA ARG C 362 -62.90 15.56 43.00
C ARG C 362 -61.70 15.76 42.08
N GLY C 363 -60.60 16.32 42.58
CA GLY C 363 -59.36 16.31 41.81
C GLY C 363 -59.31 17.20 40.59
N VAL C 364 -60.23 18.15 40.47
CA VAL C 364 -60.27 19.05 39.31
C VAL C 364 -60.40 20.47 39.84
N ILE C 365 -59.62 21.38 39.27
CA ILE C 365 -59.63 22.78 39.66
C ILE C 365 -60.47 23.53 38.64
N GLN C 366 -61.67 23.94 39.05
CA GLN C 366 -62.58 24.74 38.24
C GLN C 366 -62.71 26.11 38.90
N GLU C 367 -62.53 27.17 38.11
CA GLU C 367 -62.25 28.48 38.68
C GLU C 367 -63.08 29.58 38.01
N PRO C 368 -63.42 30.64 38.74
CA PRO C 368 -63.94 31.85 38.09
C PRO C 368 -62.83 32.80 37.70
N ALA C 369 -63.09 33.60 36.67
CA ALA C 369 -62.09 34.55 36.20
C ALA C 369 -61.88 35.67 37.22
N ARG C 370 -62.97 36.18 37.79
CA ARG C 370 -62.85 37.31 38.71
C ARG C 370 -62.25 36.86 40.04
N CYS C 371 -61.65 37.81 40.75
CA CYS C 371 -61.24 37.57 42.13
C CYS C 371 -62.45 37.19 42.97
N GLU C 372 -62.26 36.23 43.88
CA GLU C 372 -63.33 35.86 44.79
C GLU C 372 -63.78 37.04 45.62
N ARG C 373 -62.89 38.01 45.84
CA ARG C 373 -63.25 39.29 46.44
C ARG C 373 -63.44 40.38 45.39
N ILE C 374 -63.23 40.05 44.10
CA ILE C 374 -63.43 40.96 42.97
C ILE C 374 -62.49 42.17 43.07
N ASP C 375 -61.59 42.15 44.06
CA ASP C 375 -60.65 43.25 44.20
C ASP C 375 -59.64 43.25 43.05
N CYS C 376 -58.98 42.10 42.82
CA CYS C 376 -58.16 41.97 41.63
C CYS C 376 -58.98 41.71 40.37
N ASN C 377 -60.09 40.98 40.50
CA ASN C 377 -61.05 40.69 39.43
C ASN C 377 -60.39 40.44 38.08
N GLU C 378 -59.28 39.71 38.08
CA GLU C 378 -58.56 39.39 36.86
C GLU C 378 -58.42 37.87 36.73
N PRO C 379 -58.49 37.35 35.51
CA PRO C 379 -58.27 35.91 35.32
C PRO C 379 -56.84 35.54 35.70
N ASN C 380 -56.69 34.39 36.35
CA ASN C 380 -55.40 33.90 36.83
C ASN C 380 -54.71 34.90 37.75
N SER C 381 -55.48 35.78 38.40
CA SER C 381 -54.91 36.70 39.37
C SER C 381 -54.77 36.06 40.75
N MET C 382 -54.87 34.74 40.84
CA MET C 382 -54.63 34.06 42.09
C MET C 382 -53.19 33.57 42.13
N SER C 383 -52.47 33.92 43.20
CA SER C 383 -51.08 33.51 43.34
C SER C 383 -51.02 32.13 43.96
N LEU C 384 -50.24 31.24 43.33
CA LEU C 384 -50.16 29.86 43.79
C LEU C 384 -49.33 29.78 45.07
N ILE C 385 -50.01 29.61 46.20
CA ILE C 385 -49.34 29.54 47.50
C ILE C 385 -49.68 28.20 48.11
N HIS C 386 -48.85 27.19 47.82
CA HIS C 386 -49.08 25.87 48.41
C HIS C 386 -48.51 25.80 49.83
N ASN C 387 -47.56 26.67 50.15
CA ASN C 387 -46.96 26.64 51.48
C ASN C 387 -47.96 27.01 52.56
N ARG C 388 -48.97 27.82 52.23
CA ARG C 388 -49.97 28.18 53.21
C ARG C 388 -51.06 27.12 53.33
N CYS C 389 -51.14 26.18 52.40
CA CYS C 389 -52.19 25.18 52.42
C CYS C 389 -51.96 24.15 53.52
N SER C 390 -53.06 23.65 54.07
CA SER C 390 -53.01 22.61 55.09
C SER C 390 -52.92 21.23 54.45
N PHE C 391 -52.46 20.26 55.24
CA PHE C 391 -52.20 18.93 54.74
C PHE C 391 -52.70 17.87 55.72
N ALA C 392 -53.02 16.71 55.18
CA ALA C 392 -53.37 15.53 55.95
C ALA C 392 -52.38 14.42 55.60
N ASP C 393 -51.77 13.83 56.63
CA ASP C 393 -50.68 12.89 56.39
C ASP C 393 -51.25 11.55 55.93
N LYS C 394 -50.92 11.15 54.70
CA LYS C 394 -51.52 10.02 54.04
C LYS C 394 -50.49 8.92 53.84
N GLN C 395 -50.81 7.71 54.28
CA GLN C 395 -49.94 6.55 54.14
C GLN C 395 -50.69 5.43 53.45
N VAL C 396 -50.04 4.78 52.49
CA VAL C 396 -50.61 3.62 51.82
C VAL C 396 -49.77 2.40 52.17
N ILE C 397 -50.45 1.30 52.42
CA ILE C 397 -49.81 0.07 52.88
C ILE C 397 -50.16 -1.05 51.92
N LYS C 398 -49.15 -1.87 51.58
CA LYS C 398 -49.28 -2.87 50.53
C LYS C 398 -49.31 -4.26 51.18
N LEU C 399 -50.51 -4.72 51.51
CA LEU C 399 -50.68 -5.92 52.30
C LEU C 399 -50.82 -7.17 51.44
N GLN C 400 -50.10 -8.22 51.82
CA GLN C 400 -50.18 -9.53 51.19
C GLN C 400 -51.11 -10.43 52.00
N GLU C 401 -51.91 -11.23 51.30
CA GLU C 401 -52.83 -12.12 52.01
C GLU C 401 -52.07 -13.26 52.67
N THR C 402 -52.72 -13.86 53.67
CA THR C 402 -52.11 -14.93 54.45
C THR C 402 -52.06 -16.21 53.62
N PRO C 403 -50.90 -16.85 53.47
CA PRO C 403 -50.81 -17.99 52.54
C PRO C 403 -51.70 -19.17 52.87
N ASP C 404 -51.94 -19.47 54.15
CA ASP C 404 -52.80 -20.61 54.46
C ASP C 404 -54.25 -20.31 54.10
N PHE C 405 -54.65 -19.04 54.25
CA PHE C 405 -56.02 -18.65 53.93
C PHE C 405 -56.32 -18.79 52.44
N VAL C 406 -55.31 -18.57 51.60
CA VAL C 406 -55.49 -18.64 50.15
C VAL C 406 -55.40 -20.09 49.72
N PRO C 407 -55.84 -20.46 48.53
CA PRO C 407 -55.60 -21.81 48.03
C PRO C 407 -54.11 -22.10 47.99
N ASP C 408 -53.75 -23.35 48.30
CA ASP C 408 -52.34 -23.72 48.36
C ASP C 408 -51.67 -23.56 47.00
N GLY C 409 -52.36 -23.97 45.94
CA GLY C 409 -51.80 -23.80 44.61
C GLY C 409 -51.69 -22.34 44.19
N GLN C 410 -52.71 -21.55 44.49
CA GLN C 410 -52.69 -20.14 44.10
C GLN C 410 -51.80 -19.34 45.04
N THR C 411 -51.05 -18.39 44.45
CA THR C 411 -50.11 -17.55 45.19
C THR C 411 -50.79 -16.32 45.71
N PRO C 412 -50.60 -15.96 46.99
CA PRO C 412 -51.17 -14.72 47.51
C PRO C 412 -50.66 -13.52 46.75
N HIS C 413 -51.52 -12.53 46.59
CA HIS C 413 -51.17 -11.26 45.97
C HIS C 413 -51.17 -10.18 47.03
N SER C 414 -50.83 -8.97 46.62
CA SER C 414 -50.76 -7.85 47.54
C SER C 414 -51.68 -6.74 47.05
N ILE C 415 -52.42 -6.15 47.99
CA ILE C 415 -53.33 -5.05 47.72
C ILE C 415 -52.94 -3.86 48.58
N SER C 416 -53.01 -2.67 47.99
CA SER C 416 -52.61 -1.46 48.67
C SER C 416 -53.76 -0.91 49.50
N LEU C 417 -53.44 -0.48 50.72
CA LEU C 417 -54.42 0.05 51.66
C LEU C 417 -53.92 1.39 52.17
N CYS C 418 -54.78 2.39 52.19
CA CYS C 418 -54.36 3.73 52.54
C CYS C 418 -54.79 4.09 53.96
N VAL C 419 -54.07 5.05 54.54
CA VAL C 419 -54.29 5.52 55.91
C VAL C 419 -54.29 7.04 55.91
N TYR C 420 -55.17 7.62 56.73
CA TYR C 420 -55.32 9.07 56.84
C TYR C 420 -55.13 9.51 58.29
N ASP C 421 -53.88 9.80 58.67
CA ASP C 421 -53.48 10.55 59.84
C ASP C 421 -53.74 9.86 61.17
N GLU C 422 -54.42 8.72 61.19
CA GLU C 422 -54.78 8.09 62.46
C GLU C 422 -54.09 6.74 62.64
N LEU C 423 -54.21 5.84 61.68
CA LEU C 423 -53.54 4.56 61.75
C LEU C 423 -52.13 4.61 61.22
N VAL C 424 -51.57 5.81 61.04
CA VAL C 424 -50.24 5.97 60.46
C VAL C 424 -49.22 5.24 61.31
N ASP C 425 -48.47 4.33 60.67
CA ASP C 425 -47.45 3.52 61.33
C ASP C 425 -48.00 2.74 62.51
N SER C 426 -49.28 2.34 62.43
CA SER C 426 -49.87 1.57 63.52
C SER C 426 -49.20 0.23 63.68
N CYS C 427 -48.87 -0.44 62.59
CA CYS C 427 -48.22 -1.75 62.64
C CYS C 427 -47.08 -1.78 61.65
N ARG C 428 -46.13 -2.67 61.92
CA ARG C 428 -44.96 -2.82 61.07
C ARG C 428 -45.28 -3.73 59.88
N ALA C 429 -44.30 -3.86 58.99
CA ALA C 429 -44.42 -4.77 57.87
C ALA C 429 -44.42 -6.22 58.36
N GLY C 430 -45.19 -7.07 57.67
CA GLY C 430 -45.28 -8.46 58.03
C GLY C 430 -46.25 -8.77 59.15
N ASP C 431 -46.94 -7.78 59.68
CA ASP C 431 -47.85 -8.01 60.81
C ASP C 431 -49.16 -8.61 60.30
N ARG C 432 -49.60 -9.68 60.97
CA ARG C 432 -50.90 -10.26 60.65
C ARG C 432 -52.00 -9.36 61.21
N ILE C 433 -52.75 -8.73 60.33
CA ILE C 433 -53.75 -7.75 60.72
C ILE C 433 -55.09 -8.12 60.11
N GLU C 434 -56.14 -8.12 60.94
CA GLU C 434 -57.51 -8.25 60.48
C GLU C 434 -58.02 -6.84 60.17
N VAL C 435 -58.28 -6.57 58.90
CA VAL C 435 -58.44 -5.20 58.42
C VAL C 435 -59.81 -5.04 57.79
N THR C 436 -60.51 -3.98 58.19
CA THR C 436 -61.83 -3.66 57.67
C THR C 436 -61.76 -2.31 56.94
N GLY C 437 -62.26 -2.27 55.70
CA GLY C 437 -62.20 -1.04 54.93
C GLY C 437 -63.16 -1.03 53.76
N THR C 438 -63.18 0.12 53.09
CA THR C 438 -64.07 0.37 51.95
C THR C 438 -63.29 0.28 50.66
N PHE C 439 -63.71 -0.62 49.78
CA PHE C 439 -63.00 -0.86 48.54
C PHE C 439 -63.28 0.24 47.53
N ARG C 440 -62.21 0.84 47.01
CA ARG C 440 -62.35 1.90 46.02
C ARG C 440 -61.32 1.73 44.93
N SER C 441 -61.31 2.69 44.01
CA SER C 441 -60.49 2.59 42.80
C SER C 441 -60.09 3.99 42.34
N ILE C 442 -58.80 4.21 42.18
CA ILE C 442 -58.27 5.48 41.69
C ILE C 442 -57.88 5.28 40.22
N PRO C 443 -58.55 5.93 39.28
CA PRO C 443 -58.26 5.69 37.86
C PRO C 443 -56.80 5.93 37.51
N ILE C 444 -56.23 4.99 36.76
CA ILE C 444 -54.88 5.11 36.25
C ILE C 444 -54.89 5.93 34.97
N ARG C 445 -54.10 6.99 34.94
CA ARG C 445 -53.91 7.74 33.70
C ARG C 445 -53.17 6.87 32.69
N ALA C 446 -53.87 6.45 31.64
CA ALA C 446 -53.28 5.54 30.66
C ALA C 446 -52.04 6.12 30.02
N ASN C 447 -51.95 7.44 29.93
CA ASN C 447 -50.86 8.10 29.24
C ASN C 447 -50.20 9.11 30.17
N SER C 448 -48.87 9.15 30.14
CA SER C 448 -48.15 10.08 31.00
C SER C 448 -48.47 11.52 30.67
N ARG C 449 -48.35 11.89 29.39
CA ARG C 449 -48.61 13.27 28.99
C ARG C 449 -50.09 13.54 28.74
N GLN C 450 -50.84 12.53 28.31
CA GLN C 450 -52.24 12.74 27.98
C GLN C 450 -53.14 12.38 29.17
N ARG C 451 -54.26 13.09 29.28
CA ARG C 451 -55.15 12.91 30.42
C ARG C 451 -56.09 11.72 30.29
N VAL C 452 -56.01 10.97 29.19
CA VAL C 452 -56.81 9.77 29.06
C VAL C 452 -56.38 8.73 30.10
N LEU C 453 -57.33 7.88 30.48
CA LEU C 453 -57.11 6.93 31.56
C LEU C 453 -57.50 5.53 31.14
N LYS C 454 -56.72 4.55 31.59
CA LYS C 454 -56.97 3.15 31.29
C LYS C 454 -58.05 2.60 32.22
N SER C 455 -58.77 1.60 31.72
CA SER C 455 -59.99 1.15 32.40
C SER C 455 -59.72 0.38 33.68
N LEU C 456 -58.46 0.02 33.97
CA LEU C 456 -58.17 -0.77 35.17
C LEU C 456 -58.50 0.02 36.44
N TYR C 457 -58.13 1.29 36.47
CA TYR C 457 -58.51 2.23 37.52
C TYR C 457 -57.92 1.89 38.88
N LYS C 458 -56.82 1.12 38.91
CA LYS C 458 -56.03 0.87 40.11
C LYS C 458 -56.89 0.71 41.36
N THR C 459 -57.78 -0.27 41.37
CA THR C 459 -58.68 -0.42 42.50
C THR C 459 -57.92 -0.84 43.75
N TYR C 460 -58.30 -0.27 44.89
CA TYR C 460 -57.69 -0.64 46.16
C TYR C 460 -58.52 -0.08 47.30
N VAL C 461 -58.52 -0.82 48.40
CA VAL C 461 -59.35 -0.53 49.56
C VAL C 461 -58.61 0.42 50.49
N ASP C 462 -59.37 1.37 51.05
CA ASP C 462 -58.90 2.20 52.14
C ASP C 462 -59.70 1.84 53.38
N VAL C 463 -59.02 1.77 54.52
CA VAL C 463 -59.55 1.11 55.70
C VAL C 463 -59.66 2.12 56.84
N VAL C 464 -60.78 2.04 57.56
CA VAL C 464 -60.98 2.91 58.71
C VAL C 464 -60.50 2.22 59.99
N HIS C 465 -60.38 0.90 59.95
CA HIS C 465 -60.04 0.13 61.14
C HIS C 465 -59.25 -1.11 60.79
N VAL C 466 -58.38 -1.52 61.71
CA VAL C 466 -57.58 -2.72 61.61
C VAL C 466 -57.60 -3.44 62.95
N LYS C 467 -57.24 -4.72 62.93
CA LYS C 467 -57.11 -5.52 64.14
C LYS C 467 -55.85 -6.36 64.06
N LYS C 468 -54.94 -6.17 65.01
CA LYS C 468 -53.73 -6.97 65.07
C LYS C 468 -54.09 -8.42 65.39
N VAL C 469 -53.58 -9.35 64.58
CA VAL C 469 -53.85 -10.79 64.67
C VAL C 469 -55.23 -11.12 65.23
N ASP C 505 -47.36 -9.52 85.92
CA ASP C 505 -47.70 -9.40 87.33
C ASP C 505 -46.44 -9.44 88.19
N LEU C 506 -46.20 -8.37 88.94
CA LEU C 506 -45.05 -8.33 89.84
C LEU C 506 -45.18 -9.40 90.93
N ALA C 507 -46.40 -9.66 91.37
CA ALA C 507 -46.61 -10.71 92.36
C ALA C 507 -46.23 -12.08 91.81
N LYS C 508 -46.50 -12.33 90.52
CA LYS C 508 -46.09 -13.59 89.92
C LYS C 508 -44.57 -13.68 89.83
N ILE C 509 -43.91 -12.55 89.55
CA ILE C 509 -42.45 -12.52 89.57
C ILE C 509 -41.93 -12.87 90.95
N ARG C 510 -42.55 -12.31 91.99
CA ARG C 510 -42.14 -12.62 93.35
C ARG C 510 -42.34 -14.09 93.67
N GLU C 511 -43.50 -14.65 93.27
CA GLU C 511 -43.79 -16.03 93.64
C GLU C 511 -42.89 -17.02 92.91
N VAL C 512 -42.58 -16.75 91.64
CA VAL C 512 -41.62 -17.61 90.94
C VAL C 512 -40.24 -17.44 91.56
N ALA C 513 -39.91 -16.21 91.98
CA ALA C 513 -38.73 -16.01 92.80
C ALA C 513 -38.91 -16.69 94.16
N ALA C 514 -40.12 -16.63 94.72
CA ALA C 514 -40.39 -17.33 95.97
C ALA C 514 -40.32 -18.84 95.78
N ARG C 515 -40.78 -19.34 94.64
CA ARG C 515 -40.66 -20.77 94.36
C ARG C 515 -39.19 -21.17 94.34
N GLU C 516 -38.82 -22.09 95.23
CA GLU C 516 -37.42 -22.47 95.38
C GLU C 516 -36.89 -23.11 94.10
N ASP C 517 -37.73 -23.85 93.38
CA ASP C 517 -37.28 -24.48 92.15
C ASP C 517 -37.52 -23.57 90.96
N LEU C 518 -37.08 -22.31 91.07
CA LEU C 518 -37.06 -21.43 89.90
C LEU C 518 -36.11 -21.98 88.85
N TYR C 519 -34.91 -22.36 89.27
CA TYR C 519 -33.87 -22.81 88.35
C TYR C 519 -34.34 -24.02 87.56
N SER C 520 -34.80 -25.07 88.27
CA SER C 520 -35.18 -26.30 87.60
C SER C 520 -36.49 -26.16 86.83
N LEU C 521 -37.49 -25.49 87.42
CA LEU C 521 -38.78 -25.36 86.75
C LEU C 521 -38.64 -24.56 85.47
N LEU C 522 -37.85 -23.48 85.49
CA LEU C 522 -37.67 -22.69 84.27
C LEU C 522 -36.74 -23.37 83.29
N ALA C 523 -35.83 -24.23 83.78
CA ALA C 523 -35.00 -25.00 82.86
C ALA C 523 -35.82 -26.08 82.15
N ARG C 524 -36.84 -26.61 82.81
CA ARG C 524 -37.65 -27.67 82.22
C ARG C 524 -38.82 -27.12 81.41
N SER C 525 -39.32 -25.93 81.79
CA SER C 525 -40.49 -25.37 81.10
C SER C 525 -40.11 -24.79 79.75
N ILE C 526 -38.88 -24.30 79.61
CA ILE C 526 -38.45 -23.70 78.34
C ILE C 526 -38.44 -24.75 77.24
N ALA C 527 -38.08 -25.98 77.57
CA ALA C 527 -37.99 -27.08 76.61
C ALA C 527 -38.73 -28.28 77.16
N PRO C 528 -40.06 -28.24 77.16
CA PRO C 528 -40.82 -29.37 77.72
C PRO C 528 -40.70 -30.66 76.92
N SER C 529 -40.65 -30.57 75.59
CA SER C 529 -40.65 -31.78 74.77
C SER C 529 -39.26 -32.40 74.70
N ILE C 530 -38.22 -31.67 75.11
CA ILE C 530 -36.87 -32.20 75.03
C ILE C 530 -36.60 -33.09 76.23
N TYR C 531 -35.59 -33.96 76.10
CA TYR C 531 -35.28 -34.99 77.07
C TYR C 531 -33.94 -34.70 77.75
N GLU C 532 -33.93 -34.78 79.08
CA GLU C 532 -32.75 -34.63 79.95
C GLU C 532 -31.87 -33.46 79.55
N LEU C 533 -30.57 -33.56 79.83
CA LEU C 533 -29.65 -32.43 79.73
C LEU C 533 -30.16 -31.23 80.52
N GLU C 534 -30.72 -31.50 81.70
CA GLU C 534 -31.37 -30.45 82.47
C GLU C 534 -30.38 -29.39 82.94
N ASP C 535 -29.12 -29.77 83.15
CA ASP C 535 -28.10 -28.77 83.46
C ASP C 535 -27.83 -27.88 82.25
N VAL C 536 -27.88 -28.46 81.04
CA VAL C 536 -27.76 -27.66 79.83
C VAL C 536 -28.88 -26.63 79.75
N LYS C 537 -30.11 -27.06 80.02
CA LYS C 537 -31.23 -26.13 80.00
C LYS C 537 -31.13 -25.13 81.14
N LYS C 538 -30.54 -25.53 82.26
CA LYS C 538 -30.30 -24.60 83.35
C LYS C 538 -29.34 -23.49 82.92
N GLY C 539 -28.27 -23.86 82.22
CA GLY C 539 -27.37 -22.86 81.69
C GLY C 539 -28.02 -21.99 80.63
N ILE C 540 -28.92 -22.57 79.84
CA ILE C 540 -29.66 -21.79 78.85
C ILE C 540 -30.54 -20.76 79.55
N LEU C 541 -31.21 -21.16 80.63
CA LEU C 541 -31.99 -20.22 81.43
C LEU C 541 -31.10 -19.14 82.02
N LEU C 542 -29.91 -19.53 82.50
CA LEU C 542 -28.95 -18.56 82.99
C LEU C 542 -28.59 -17.54 81.91
N GLN C 543 -28.39 -18.01 80.68
CA GLN C 543 -28.14 -17.12 79.55
C GLN C 543 -29.34 -16.22 79.29
N LEU C 544 -30.55 -16.77 79.43
CA LEU C 544 -31.76 -15.97 79.28
C LEU C 544 -31.79 -14.82 80.29
N PHE C 545 -31.42 -15.10 81.54
CA PHE C 545 -31.46 -14.05 82.56
C PHE C 545 -30.46 -12.94 82.27
N GLY C 546 -29.26 -13.29 81.85
CA GLY C 546 -28.27 -12.30 81.49
C GLY C 546 -27.54 -11.74 82.71
N GLY C 547 -26.39 -11.12 82.44
CA GLY C 547 -25.59 -10.53 83.47
C GLY C 547 -26.01 -9.11 83.79
N THR C 548 -25.12 -8.40 84.48
CA THR C 548 -25.41 -7.03 84.88
C THR C 548 -25.43 -6.09 83.68
N ASN C 549 -26.38 -5.16 83.69
CA ASN C 549 -26.54 -4.24 82.57
C ASN C 549 -25.36 -3.28 82.46
N LYS C 550 -24.87 -2.76 83.59
CA LYS C 550 -23.83 -1.75 83.56
C LYS C 550 -22.51 -2.34 83.04
N THR C 551 -21.75 -1.51 82.35
CA THR C 551 -20.43 -1.86 81.86
C THR C 551 -19.43 -0.77 82.26
N PHE C 552 -18.16 -1.12 82.26
CA PHE C 552 -17.12 -0.18 82.66
C PHE C 552 -16.32 0.31 81.45
N ARG C 557 -14.28 -2.57 80.25
CA ARG C 557 -15.62 -2.55 79.67
C ARG C 557 -16.10 -3.97 79.39
N TYR C 558 -16.83 -4.55 80.35
CA TYR C 558 -17.30 -5.92 80.25
C TYR C 558 -18.82 -5.95 80.18
N ARG C 559 -19.35 -6.88 79.38
CA ARG C 559 -20.79 -7.08 79.24
C ARG C 559 -21.19 -8.29 80.07
N GLY C 560 -22.46 -8.32 80.50
CA GLY C 560 -22.91 -9.40 81.34
C GLY C 560 -23.53 -10.58 80.58
N ASP C 561 -23.88 -10.36 79.31
CA ASP C 561 -24.62 -11.37 78.54
C ASP C 561 -23.76 -12.60 78.27
N ILE C 562 -24.41 -13.75 78.15
CA ILE C 562 -23.76 -15.05 78.19
C ILE C 562 -23.66 -15.61 76.76
N ASN C 563 -22.46 -16.00 76.37
CA ASN C 563 -22.20 -16.61 75.08
C ASN C 563 -22.03 -18.12 75.28
N ILE C 564 -22.93 -18.90 74.70
CA ILE C 564 -22.95 -20.34 74.90
C ILE C 564 -22.87 -21.06 73.56
N LEU C 565 -21.98 -22.04 73.47
CA LEU C 565 -21.86 -22.89 72.30
C LEU C 565 -22.20 -24.32 72.67
N LEU C 566 -22.84 -25.02 71.73
CA LEU C 566 -23.25 -26.41 71.94
C LEU C 566 -22.71 -27.28 70.81
N CYS C 567 -22.28 -28.49 71.17
CA CYS C 567 -21.74 -29.40 70.17
C CYS C 567 -22.84 -29.91 69.24
N GLY C 568 -22.43 -30.47 68.12
CA GLY C 568 -23.38 -30.87 67.08
C GLY C 568 -23.64 -32.36 66.96
N ASP C 569 -24.78 -32.80 67.46
CA ASP C 569 -25.33 -34.13 67.23
C ASP C 569 -26.21 -34.03 65.99
N PRO C 570 -26.88 -35.13 65.53
CA PRO C 570 -27.88 -34.99 64.46
C PRO C 570 -28.86 -33.83 64.71
N SER C 571 -29.08 -33.51 65.98
CA SER C 571 -29.58 -32.21 66.41
C SER C 571 -31.05 -31.99 66.08
N THR C 572 -31.79 -33.05 65.73
CA THR C 572 -33.22 -32.87 65.58
C THR C 572 -33.87 -32.47 66.90
N SER C 573 -33.52 -33.15 67.99
CA SER C 573 -33.96 -32.72 69.31
C SER C 573 -33.33 -31.38 69.67
N LYS C 574 -32.07 -31.18 69.28
CA LYS C 574 -31.46 -29.88 69.49
C LYS C 574 -32.12 -28.81 68.62
N SER C 575 -32.55 -29.18 67.41
CA SER C 575 -33.33 -28.24 66.61
C SER C 575 -34.59 -27.81 67.34
N GLN C 576 -35.35 -28.79 67.86
CA GLN C 576 -36.59 -28.47 68.57
C GLN C 576 -36.34 -27.63 69.81
N ILE C 577 -35.28 -27.96 70.56
CA ILE C 577 -34.93 -27.14 71.72
C ILE C 577 -34.55 -25.74 71.27
N LEU C 578 -34.03 -25.59 70.05
CA LEU C 578 -33.66 -24.27 69.56
C LEU C 578 -34.88 -23.43 69.23
N GLN C 579 -35.89 -24.02 68.58
CA GLN C 579 -37.13 -23.24 68.43
C GLN C 579 -37.81 -23.01 69.78
N TYR C 580 -37.64 -23.93 70.73
CA TYR C 580 -38.25 -23.75 72.04
C TYR C 580 -37.64 -22.56 72.78
N VAL C 581 -36.31 -22.44 72.75
CA VAL C 581 -35.67 -21.26 73.31
C VAL C 581 -35.97 -20.04 72.45
N HIS C 582 -36.31 -20.27 71.17
CA HIS C 582 -36.74 -19.17 70.31
C HIS C 582 -38.16 -18.71 70.65
N LYS C 583 -38.96 -19.59 71.27
CA LYS C 583 -40.31 -19.19 71.65
C LYS C 583 -40.31 -18.02 72.63
N ILE C 584 -39.24 -17.88 73.42
CA ILE C 584 -39.15 -16.74 74.32
C ILE C 584 -38.68 -15.50 73.57
N THR C 585 -37.44 -15.55 73.06
CA THR C 585 -36.79 -14.48 72.30
C THR C 585 -37.17 -13.11 72.83
N PRO C 586 -36.73 -12.74 74.03
CA PRO C 586 -37.09 -11.41 74.56
C PRO C 586 -36.66 -10.27 73.65
N ARG C 587 -35.48 -10.39 73.04
CA ARG C 587 -34.97 -9.40 72.10
C ARG C 587 -34.18 -10.10 71.01
N GLY C 588 -34.40 -9.68 69.76
CA GLY C 588 -33.69 -10.26 68.64
C GLY C 588 -34.54 -11.24 67.85
N VAL C 589 -33.84 -12.12 67.13
CA VAL C 589 -34.47 -13.07 66.22
C VAL C 589 -33.62 -14.32 66.10
N TYR C 590 -34.28 -15.45 65.90
CA TYR C 590 -33.59 -16.71 65.63
C TYR C 590 -33.12 -16.77 64.19
N THR C 591 -31.94 -17.36 63.99
CA THR C 591 -31.34 -17.48 62.66
C THR C 591 -30.98 -18.95 62.40
N SER C 592 -31.16 -19.39 61.17
CA SER C 592 -30.77 -20.72 60.73
C SER C 592 -29.73 -20.59 59.63
N GLY C 593 -28.61 -21.29 59.80
CA GLY C 593 -27.53 -21.23 58.82
C GLY C 593 -27.57 -22.34 57.80
N LEU C 601 -27.81 -12.07 61.85
CA LEU C 601 -26.67 -11.97 62.76
C LEU C 601 -26.25 -10.52 62.94
N THR C 602 -25.36 -10.07 62.06
CA THR C 602 -24.81 -8.72 62.10
C THR C 602 -25.48 -7.88 61.03
N ALA C 603 -25.91 -6.68 61.40
CA ALA C 603 -26.62 -5.80 60.47
C ALA C 603 -25.69 -5.38 59.33
N TYR C 604 -26.29 -5.20 58.14
CA TYR C 604 -25.53 -4.78 56.98
C TYR C 604 -26.46 -4.00 56.05
N ILE C 605 -25.84 -3.23 55.15
CA ILE C 605 -26.56 -2.38 54.23
C ILE C 605 -26.63 -3.04 52.86
N THR C 606 -27.77 -2.91 52.20
CA THR C 606 -27.98 -3.45 50.87
C THR C 606 -28.38 -2.32 49.92
N ARG C 607 -27.90 -2.41 48.68
CA ARG C 607 -28.18 -1.39 47.67
C ARG C 607 -29.67 -1.31 47.36
N THR C 611 -36.14 2.06 47.62
CA THR C 611 -35.46 3.13 46.88
C THR C 611 -34.16 2.64 46.28
N LYS C 612 -33.63 3.41 45.33
CA LYS C 612 -32.36 3.05 44.71
C LYS C 612 -31.21 3.17 45.69
N GLN C 613 -31.32 4.09 46.66
CA GLN C 613 -30.25 4.32 47.61
C GLN C 613 -30.10 3.11 48.53
N LEU C 614 -28.88 2.93 49.04
CA LEU C 614 -28.58 1.81 49.90
C LEU C 614 -29.36 1.92 51.22
N VAL C 615 -29.88 0.78 51.68
CA VAL C 615 -30.72 0.72 52.87
C VAL C 615 -30.10 -0.30 53.83
N LEU C 616 -29.95 0.11 55.09
CA LEU C 616 -29.42 -0.79 56.11
C LEU C 616 -30.49 -1.78 56.55
N GLU C 617 -30.05 -2.99 56.91
CA GLU C 617 -30.93 -4.02 57.43
C GLU C 617 -30.37 -4.53 58.74
N SER C 618 -31.21 -4.56 59.77
CA SER C 618 -30.77 -4.96 61.10
C SER C 618 -30.51 -6.47 61.16
N GLY C 619 -29.49 -6.84 61.95
CA GLY C 619 -29.15 -8.24 62.13
C GLY C 619 -29.70 -8.80 63.44
N ALA C 620 -29.41 -10.09 63.67
CA ALA C 620 -29.85 -10.73 64.90
C ALA C 620 -29.13 -10.16 66.11
N LEU C 621 -27.83 -9.90 65.98
CA LEU C 621 -27.08 -9.31 67.10
C LEU C 621 -27.66 -7.95 67.46
N VAL C 622 -27.96 -7.12 66.45
CA VAL C 622 -28.70 -5.89 66.71
C VAL C 622 -30.10 -6.25 67.19
N LEU C 623 -30.66 -5.38 68.03
CA LEU C 623 -31.96 -5.55 68.67
C LEU C 623 -31.95 -6.71 69.67
N SER C 624 -30.82 -7.38 69.85
CA SER C 624 -30.67 -8.42 70.86
C SER C 624 -29.90 -7.93 72.08
N ASP C 625 -29.72 -6.62 72.21
CA ASP C 625 -28.94 -6.08 73.32
C ASP C 625 -29.59 -6.46 74.65
N GLY C 626 -28.87 -7.25 75.44
CA GLY C 626 -29.46 -7.82 76.64
C GLY C 626 -30.57 -8.79 76.34
N GLY C 627 -30.44 -9.55 75.26
CA GLY C 627 -31.49 -10.45 74.83
C GLY C 627 -30.90 -11.75 74.31
N VAL C 628 -31.78 -12.61 73.81
CA VAL C 628 -31.42 -13.95 73.36
C VAL C 628 -31.70 -14.05 71.88
N CYS C 629 -30.68 -14.41 71.11
CA CYS C 629 -30.80 -14.66 69.67
C CYS C 629 -30.15 -16.02 69.40
N CYS C 630 -30.96 -17.07 69.44
CA CYS C 630 -30.46 -18.41 69.20
C CYS C 630 -30.11 -18.60 67.73
N ILE C 631 -29.03 -19.31 67.47
CA ILE C 631 -28.47 -19.46 66.13
C ILE C 631 -28.44 -20.94 65.77
N ASP C 632 -28.89 -21.27 64.57
CA ASP C 632 -28.87 -22.63 64.06
C ASP C 632 -27.76 -22.79 63.04
N GLU C 633 -27.29 -24.03 62.87
CA GLU C 633 -26.14 -24.34 62.03
C GLU C 633 -24.93 -23.51 62.42
N PHE C 634 -24.66 -23.45 63.73
CA PHE C 634 -23.59 -22.62 64.24
C PHE C 634 -22.21 -23.14 63.85
N ASP C 635 -22.15 -24.20 63.05
CA ASP C 635 -20.86 -24.79 62.70
C ASP C 635 -20.04 -23.89 61.78
N LYS C 636 -20.64 -23.38 60.70
CA LYS C 636 -19.89 -22.73 59.64
C LYS C 636 -20.20 -21.24 59.47
N MET C 637 -21.45 -20.89 59.19
CA MET C 637 -21.88 -19.51 58.92
C MET C 637 -21.13 -18.85 57.75
N SER C 638 -20.30 -19.62 57.04
CA SER C 638 -19.40 -19.07 56.02
C SER C 638 -18.34 -18.17 56.64
N ASP C 639 -17.23 -17.98 55.92
CA ASP C 639 -16.04 -17.35 56.51
C ASP C 639 -16.29 -15.92 56.97
N SER C 640 -17.00 -15.14 56.15
CA SER C 640 -17.17 -13.71 56.47
C SER C 640 -17.96 -13.52 57.76
N THR C 641 -19.01 -14.31 57.95
CA THR C 641 -19.76 -14.24 59.20
C THR C 641 -18.90 -14.70 60.37
N ARG C 642 -18.04 -15.70 60.16
CA ARG C 642 -17.10 -16.09 61.21
C ARG C 642 -16.21 -14.92 61.59
N SER C 643 -15.73 -14.18 60.59
CA SER C 643 -14.85 -13.05 60.85
C SER C 643 -15.57 -11.97 61.65
N VAL C 644 -16.79 -11.62 61.25
CA VAL C 644 -17.50 -10.56 61.95
C VAL C 644 -17.88 -11.02 63.36
N LEU C 645 -18.20 -12.30 63.53
CA LEU C 645 -18.50 -12.80 64.87
C LEU C 645 -17.26 -12.78 65.75
N HIS C 646 -16.10 -13.17 65.21
CA HIS C 646 -14.86 -13.05 65.96
C HIS C 646 -14.65 -11.60 66.38
N GLU C 647 -14.87 -10.68 65.45
CA GLU C 647 -14.69 -9.25 65.73
C GLU C 647 -15.58 -8.81 66.89
N VAL C 648 -16.87 -9.16 66.85
CA VAL C 648 -17.79 -8.70 67.88
C VAL C 648 -17.46 -9.34 69.22
N MET C 649 -17.18 -10.64 69.24
CA MET C 649 -17.02 -11.31 70.53
C MET C 649 -15.60 -11.17 71.09
N GLU C 650 -14.69 -10.55 70.33
CA GLU C 650 -13.50 -9.92 70.91
C GLU C 650 -13.78 -8.52 71.42
N GLN C 651 -14.39 -7.68 70.59
CA GLN C 651 -14.55 -6.26 70.90
C GLN C 651 -15.75 -5.95 71.79
N GLN C 652 -16.67 -6.90 71.96
CA GLN C 652 -17.95 -6.76 72.64
C GLN C 652 -18.91 -5.86 71.87
N THR C 653 -18.53 -5.38 70.69
CA THR C 653 -19.41 -4.60 69.84
C THR C 653 -19.03 -4.86 68.38
N ILE C 654 -19.98 -4.61 67.48
CA ILE C 654 -19.80 -4.84 66.05
C ILE C 654 -19.23 -3.58 65.44
N SER C 655 -18.15 -3.72 64.69
CA SER C 655 -17.53 -2.61 63.95
C SER C 655 -17.54 -2.95 62.47
N ILE C 656 -18.25 -2.15 61.68
CA ILE C 656 -18.37 -2.36 60.24
C ILE C 656 -17.99 -1.07 59.52
N ALA C 657 -17.15 -1.19 58.50
CA ALA C 657 -16.74 -0.04 57.71
C ALA C 657 -16.52 -0.53 56.27
N LYS C 658 -17.56 -0.41 55.45
CA LYS C 658 -17.54 -0.90 54.08
C LYS C 658 -17.98 0.21 53.13
N ALA C 659 -17.17 0.43 52.09
CA ALA C 659 -17.54 1.29 50.96
C ALA C 659 -17.95 2.69 51.41
N GLY C 660 -17.20 3.25 52.35
CA GLY C 660 -17.40 4.63 52.76
C GLY C 660 -18.53 4.86 53.74
N ILE C 661 -19.24 3.82 54.14
CA ILE C 661 -20.29 3.92 55.15
C ILE C 661 -19.86 3.07 56.34
N ILE C 662 -19.75 3.70 57.51
CA ILE C 662 -19.19 3.07 58.69
C ILE C 662 -20.26 3.05 59.78
N THR C 663 -20.47 1.88 60.36
CA THR C 663 -21.38 1.74 61.49
C THR C 663 -20.73 0.88 62.56
N THR C 664 -20.85 1.29 63.81
CA THR C 664 -20.33 0.54 64.96
C THR C 664 -21.52 0.07 65.77
N LEU C 665 -21.97 -1.14 65.50
CA LEU C 665 -23.15 -1.69 66.16
C LEU C 665 -22.80 -2.17 67.56
N ASN C 666 -23.65 -1.84 68.53
CA ASN C 666 -23.47 -2.23 69.92
C ASN C 666 -24.39 -3.43 70.16
N ALA C 667 -23.87 -4.63 69.92
CA ALA C 667 -24.72 -5.81 69.99
C ALA C 667 -25.02 -6.19 71.44
N ARG C 668 -24.00 -6.59 72.19
CA ARG C 668 -24.16 -7.09 73.56
C ARG C 668 -25.33 -8.07 73.64
N SER C 669 -25.17 -9.21 72.97
CA SER C 669 -26.24 -10.18 72.82
C SER C 669 -25.76 -11.56 73.27
N SER C 670 -26.70 -12.33 73.82
CA SER C 670 -26.40 -13.72 74.17
C SER C 670 -26.36 -14.59 72.94
N ILE C 671 -25.40 -15.52 72.89
CA ILE C 671 -25.18 -16.37 71.74
C ILE C 671 -25.55 -17.81 72.10
N LEU C 672 -26.39 -18.42 71.27
CA LEU C 672 -26.75 -19.83 71.40
C LEU C 672 -26.36 -20.54 70.12
N ALA C 673 -25.72 -21.70 70.24
CA ALA C 673 -25.13 -22.39 69.11
C ALA C 673 -25.83 -23.73 68.89
N SER C 674 -26.18 -23.99 67.64
CA SER C 674 -26.65 -25.31 67.20
C SER C 674 -25.77 -25.75 66.05
N ALA C 675 -25.20 -26.93 66.15
CA ALA C 675 -24.29 -27.46 65.14
C ALA C 675 -24.77 -28.82 64.65
N ASN C 676 -24.03 -29.36 63.70
CA ASN C 676 -24.34 -30.62 63.04
C ASN C 676 -23.15 -31.56 63.14
N PRO C 677 -23.37 -32.87 63.06
CA PRO C 677 -22.24 -33.80 63.17
C PRO C 677 -21.41 -33.81 61.89
N ILE C 678 -20.09 -33.88 62.06
CA ILE C 678 -19.17 -34.09 60.96
C ILE C 678 -18.31 -35.30 61.30
N GLY C 679 -18.31 -36.30 60.43
CA GLY C 679 -17.55 -37.49 60.71
C GLY C 679 -18.21 -38.35 61.77
N SER C 680 -17.40 -39.15 62.45
CA SER C 680 -17.90 -40.07 63.46
C SER C 680 -18.32 -39.30 64.71
N ARG C 681 -18.99 -40.03 65.61
CA ARG C 681 -19.46 -39.45 66.85
C ARG C 681 -18.29 -39.07 67.76
N TYR C 682 -18.54 -38.10 68.63
CA TYR C 682 -17.50 -37.62 69.53
C TYR C 682 -17.05 -38.72 70.49
N ASN C 683 -15.75 -38.74 70.75
CA ASN C 683 -15.12 -39.67 71.68
C ASN C 683 -13.95 -38.96 72.33
N PRO C 684 -13.45 -39.48 73.46
CA PRO C 684 -12.23 -38.88 74.04
C PRO C 684 -11.08 -38.82 73.04
N ASN C 685 -10.92 -39.87 72.23
CA ASN C 685 -10.14 -39.75 71.01
C ASN C 685 -11.00 -39.07 69.95
N LEU C 686 -10.37 -38.21 69.16
CA LEU C 686 -11.10 -37.30 68.28
C LEU C 686 -12.05 -36.45 69.13
N PRO C 687 -11.51 -35.51 69.91
CA PRO C 687 -12.37 -34.74 70.82
C PRO C 687 -13.37 -33.87 70.08
N VAL C 688 -14.15 -33.13 70.88
CA VAL C 688 -15.31 -32.40 70.35
C VAL C 688 -14.91 -31.33 69.35
N THR C 689 -13.74 -30.71 69.56
CA THR C 689 -13.33 -29.63 68.67
C THR C 689 -13.15 -30.12 67.23
N GLU C 690 -12.56 -31.31 67.08
CA GLU C 690 -12.38 -31.88 65.76
C GLU C 690 -13.69 -32.40 65.18
N ASN C 691 -14.60 -32.87 66.05
CA ASN C 691 -15.89 -33.37 65.57
C ASN C 691 -16.74 -32.23 65.03
N ILE C 692 -16.80 -31.11 65.75
CA ILE C 692 -17.65 -30.00 65.34
C ILE C 692 -17.06 -29.29 64.12
N ASP C 693 -15.73 -29.24 64.02
CA ASP C 693 -15.03 -28.58 62.91
C ASP C 693 -15.45 -27.11 62.79
N LEU C 694 -15.13 -26.35 63.83
CA LEU C 694 -15.49 -24.95 63.91
C LEU C 694 -14.26 -24.14 64.24
N PRO C 695 -14.16 -22.90 63.76
CA PRO C 695 -12.98 -22.07 64.02
C PRO C 695 -12.71 -21.95 65.51
N PRO C 696 -11.53 -22.37 65.95
CA PRO C 696 -11.19 -22.33 67.39
C PRO C 696 -11.27 -20.92 67.97
N PRO C 697 -10.90 -19.87 67.23
CA PRO C 697 -11.08 -18.53 67.80
C PRO C 697 -12.51 -18.21 68.19
N LEU C 698 -13.50 -18.72 67.44
CA LEU C 698 -14.88 -18.60 67.90
C LEU C 698 -15.09 -19.35 69.19
N LEU C 699 -14.68 -20.62 69.24
CA LEU C 699 -14.90 -21.45 70.42
C LEU C 699 -14.27 -20.84 71.66
N SER C 700 -13.22 -20.04 71.48
CA SER C 700 -12.41 -19.61 72.62
C SER C 700 -13.22 -18.81 73.63
N ARG C 701 -13.67 -17.61 73.25
CA ARG C 701 -14.23 -16.67 74.21
C ARG C 701 -15.76 -16.75 74.29
N PHE C 702 -16.25 -17.97 74.47
CA PHE C 702 -17.64 -18.19 74.87
C PHE C 702 -17.76 -18.20 76.38
N ASP C 703 -18.89 -17.67 76.87
CA ASP C 703 -19.13 -17.63 78.31
C ASP C 703 -19.23 -19.03 78.89
N LEU C 704 -20.03 -19.89 78.28
CA LEU C 704 -20.34 -21.20 78.87
C LEU C 704 -20.53 -22.19 77.71
N VAL C 705 -19.47 -22.90 77.37
CA VAL C 705 -19.51 -23.86 76.27
C VAL C 705 -20.23 -25.12 76.74
N TYR C 706 -21.17 -25.60 75.92
CA TYR C 706 -21.83 -26.87 76.15
C TYR C 706 -21.52 -27.87 75.03
N LEU C 707 -21.80 -29.13 75.33
CA LEU C 707 -21.53 -30.25 74.43
C LEU C 707 -22.78 -31.10 74.32
N VAL C 708 -23.33 -31.20 73.12
CA VAL C 708 -24.52 -32.00 72.86
C VAL C 708 -24.07 -33.23 72.09
N LEU C 709 -24.20 -34.40 72.71
CA LEU C 709 -23.74 -35.65 72.13
C LEU C 709 -24.91 -36.61 72.01
N ASP C 710 -25.03 -37.22 70.83
CA ASP C 710 -26.10 -38.19 70.56
C ASP C 710 -25.53 -39.59 70.79
N LYS C 711 -25.11 -39.85 72.02
CA LYS C 711 -24.65 -41.16 72.45
C LYS C 711 -25.62 -41.66 73.51
N VAL C 712 -26.51 -42.57 73.12
CA VAL C 712 -27.66 -42.96 73.93
C VAL C 712 -27.47 -44.41 74.37
N ASP C 713 -27.74 -44.66 75.65
CA ASP C 713 -27.70 -46.02 76.18
C ASP C 713 -28.95 -46.78 75.77
N GLU C 714 -28.87 -48.10 75.85
CA GLU C 714 -30.02 -48.94 75.51
C GLU C 714 -31.21 -48.63 76.40
N LYS C 715 -31.00 -48.58 77.72
CA LYS C 715 -32.07 -48.14 78.61
C LYS C 715 -32.42 -46.68 78.35
N ASN C 716 -31.41 -45.84 78.09
CA ASN C 716 -31.67 -44.47 77.72
C ASN C 716 -32.42 -44.39 76.39
N ASP C 717 -32.08 -45.27 75.45
CA ASP C 717 -32.84 -45.32 74.20
C ASP C 717 -34.29 -45.69 74.46
N ARG C 718 -34.52 -46.65 75.36
CA ARG C 718 -35.88 -47.01 75.74
C ARG C 718 -36.62 -45.80 76.31
N GLU C 719 -35.98 -45.06 77.22
CA GLU C 719 -36.64 -43.92 77.86
C GLU C 719 -36.94 -42.82 76.85
N LEU C 720 -35.96 -42.47 76.01
CA LEU C 720 -36.16 -41.40 75.03
C LEU C 720 -37.22 -41.80 74.02
N ALA C 721 -37.20 -43.06 73.59
CA ALA C 721 -38.20 -43.54 72.65
C ALA C 721 -39.58 -43.55 73.27
N LYS C 722 -39.68 -43.85 74.57
CA LYS C 722 -40.96 -43.74 75.26
C LYS C 722 -41.43 -42.30 75.33
N HIS C 723 -40.51 -41.37 75.54
CA HIS C 723 -40.86 -39.96 75.46
C HIS C 723 -41.43 -39.62 74.09
N LEU C 724 -40.81 -40.17 73.04
CA LEU C 724 -41.34 -40.00 71.69
C LEU C 724 -42.73 -40.61 71.57
N THR C 725 -42.93 -41.79 72.16
CA THR C 725 -44.24 -42.44 72.15
C THR C 725 -45.30 -41.52 72.73
N ASN C 726 -44.98 -40.91 73.87
CA ASN C 726 -45.87 -39.92 74.46
C ASN C 726 -46.11 -38.77 73.51
N LEU C 727 -45.04 -38.32 72.84
CA LEU C 727 -45.20 -37.33 71.78
C LEU C 727 -46.00 -37.89 70.62
N TYR C 728 -45.79 -39.17 70.28
CA TYR C 728 -46.56 -39.79 69.21
C TYR C 728 -48.02 -39.91 69.58
N LEU C 729 -48.31 -40.26 70.83
CA LEU C 729 -49.68 -40.50 71.24
C LEU C 729 -50.53 -39.23 71.12
N GLU C 730 -49.97 -38.08 71.52
CA GLU C 730 -50.74 -36.84 71.44
C GLU C 730 -50.94 -36.37 70.01
N ASP C 731 -50.24 -36.96 69.05
CA ASP C 731 -50.39 -36.58 67.65
C ASP C 731 -51.70 -37.11 67.08
N VAL C 741 -46.54 -27.37 88.43
CA VAL C 741 -46.91 -27.00 87.08
C VAL C 741 -45.85 -26.07 86.51
N LEU C 742 -45.68 -26.10 85.19
CA LEU C 742 -44.66 -25.30 84.51
C LEU C 742 -45.35 -24.35 83.54
N PRO C 743 -45.46 -23.06 83.88
CA PRO C 743 -46.23 -22.14 83.02
C PRO C 743 -45.67 -21.97 81.62
N VAL C 744 -44.34 -22.06 81.45
CA VAL C 744 -43.67 -21.93 80.16
C VAL C 744 -43.86 -20.54 79.59
N GLU C 745 -45.11 -20.18 79.27
CA GLU C 745 -45.39 -18.87 78.68
C GLU C 745 -45.04 -17.75 79.66
N PHE C 746 -45.36 -17.93 80.94
CA PHE C 746 -45.05 -16.93 81.95
C PHE C 746 -43.56 -16.63 82.03
N LEU C 747 -42.71 -17.57 81.58
CA LEU C 747 -41.27 -17.38 81.65
C LEU C 747 -40.82 -16.18 80.82
N THR C 748 -41.43 -15.97 79.65
CA THR C 748 -40.99 -14.89 78.77
C THR C 748 -41.23 -13.51 79.40
N MET C 749 -42.46 -13.25 79.83
CA MET C 749 -42.76 -11.96 80.45
C MET C 749 -42.03 -11.81 81.78
N TYR C 750 -41.90 -12.91 82.53
CA TYR C 750 -41.18 -12.86 83.79
C TYR C 750 -39.71 -12.49 83.57
N ILE C 751 -39.08 -13.07 82.55
CA ILE C 751 -37.67 -12.78 82.31
C ILE C 751 -37.50 -11.36 81.78
N SER C 752 -38.46 -10.90 80.97
CA SER C 752 -38.41 -9.50 80.53
C SER C 752 -38.46 -8.55 81.72
N TYR C 753 -39.35 -8.83 82.67
CA TYR C 753 -39.45 -7.96 83.83
C TYR C 753 -38.24 -8.11 84.75
N ALA C 754 -37.68 -9.31 84.84
CA ALA C 754 -36.47 -9.51 85.62
C ALA C 754 -35.32 -8.69 85.04
N LYS C 755 -35.21 -8.67 83.71
CA LYS C 755 -34.21 -7.82 83.06
C LYS C 755 -34.48 -6.35 83.35
N GLU C 756 -35.74 -5.94 83.30
CA GLU C 756 -36.05 -4.52 83.49
C GLU C 756 -35.88 -4.09 84.94
N HIS C 757 -35.85 -5.04 85.88
CA HIS C 757 -35.81 -4.73 87.30
C HIS C 757 -34.44 -4.88 87.93
N ILE C 758 -33.76 -5.99 87.69
CA ILE C 758 -32.61 -6.40 88.49
C ILE C 758 -31.32 -5.96 87.82
N HIS C 759 -30.37 -5.52 88.65
CA HIS C 759 -29.01 -5.19 88.21
C HIS C 759 -28.02 -5.83 89.16
N PRO C 760 -27.49 -7.01 88.82
CA PRO C 760 -26.68 -7.77 89.76
C PRO C 760 -25.43 -7.02 90.23
N ILE C 761 -25.08 -7.22 91.49
CA ILE C 761 -23.92 -6.58 92.09
C ILE C 761 -23.06 -7.67 92.73
N ILE C 762 -21.75 -7.61 92.49
CA ILE C 762 -20.85 -8.61 93.02
C ILE C 762 -20.41 -8.24 94.43
N THR C 763 -20.30 -9.25 95.29
CA THR C 763 -19.84 -9.08 96.66
C THR C 763 -18.35 -9.39 96.76
N GLU C 764 -17.68 -8.73 97.70
CA GLU C 764 -16.26 -8.96 97.91
C GLU C 764 -15.97 -10.42 98.25
N ALA C 765 -16.89 -11.08 98.95
CA ALA C 765 -16.74 -12.51 99.18
C ALA C 765 -16.82 -13.27 97.86
N ALA C 766 -17.81 -12.96 97.03
CA ALA C 766 -17.84 -13.50 95.67
C ALA C 766 -16.65 -13.02 94.85
N LYS C 767 -16.11 -11.84 95.16
CA LYS C 767 -14.91 -11.37 94.48
C LYS C 767 -13.72 -12.29 94.77
N THR C 768 -13.54 -12.66 96.04
CA THR C 768 -12.47 -13.60 96.41
C THR C 768 -12.76 -15.00 95.88
N GLU C 769 -14.04 -15.37 95.80
CA GLU C 769 -14.43 -16.60 95.10
C GLU C 769 -13.90 -16.58 93.68
N LEU C 770 -14.11 -15.46 92.99
CA LEU C 770 -13.56 -15.30 91.64
C LEU C 770 -12.04 -15.40 91.66
N VAL C 771 -11.40 -14.77 92.65
CA VAL C 771 -9.94 -14.81 92.75
C VAL C 771 -9.44 -16.25 92.76
N ARG C 772 -9.88 -17.02 93.76
CA ARG C 772 -9.25 -18.32 93.91
C ARG C 772 -9.77 -19.30 92.86
N ALA C 773 -10.98 -19.09 92.34
CA ALA C 773 -11.44 -19.90 91.21
C ALA C 773 -10.54 -19.69 90.00
N TYR C 774 -10.21 -18.43 89.69
CA TYR C 774 -9.35 -18.16 88.55
C TYR C 774 -7.96 -18.72 88.76
N VAL C 775 -7.39 -18.54 89.95
CA VAL C 775 -6.03 -19.02 90.16
C VAL C 775 -5.99 -20.55 90.12
N GLY C 776 -7.03 -21.20 90.66
CA GLY C 776 -7.09 -22.65 90.59
C GLY C 776 -7.24 -23.16 89.17
N MET C 777 -8.13 -22.52 88.39
CA MET C 777 -8.30 -22.91 86.99
C MET C 777 -7.04 -22.65 86.20
N ARG C 778 -6.22 -21.68 86.61
CA ARG C 778 -4.86 -21.59 86.10
C ARG C 778 -4.06 -22.81 86.52
N LYS C 779 -4.23 -23.28 87.76
CA LYS C 779 -3.47 -24.44 88.22
C LYS C 779 -4.05 -25.73 87.65
N MET C 780 -5.35 -25.97 87.84
CA MET C 780 -5.96 -27.19 87.34
C MET C 780 -6.20 -27.09 85.84
N THR C 792 -3.32 -22.21 80.34
CA THR C 792 -4.08 -23.08 81.24
C THR C 792 -5.51 -22.58 81.38
N ALA C 793 -5.66 -21.29 81.67
CA ALA C 793 -6.97 -20.66 81.81
C ALA C 793 -6.97 -19.35 81.06
N THR C 794 -8.17 -18.90 80.69
CA THR C 794 -8.35 -17.76 79.80
C THR C 794 -8.86 -16.55 80.56
N THR C 795 -8.36 -15.37 80.18
CA THR C 795 -8.93 -14.12 80.67
C THR C 795 -10.38 -14.00 80.23
N ARG C 796 -10.67 -14.37 78.98
CA ARG C 796 -12.05 -14.44 78.53
C ARG C 796 -12.86 -15.40 79.39
N GLN C 797 -12.23 -16.49 79.83
CA GLN C 797 -12.90 -17.41 80.75
C GLN C 797 -13.20 -16.74 82.08
N LEU C 798 -12.33 -15.84 82.53
CA LEU C 798 -12.58 -15.11 83.77
C LEU C 798 -13.74 -14.13 83.61
N GLU C 799 -13.76 -13.40 82.50
CA GLU C 799 -14.88 -12.51 82.22
C GLU C 799 -16.17 -13.33 82.10
N SER C 800 -16.05 -14.55 81.59
CA SER C 800 -17.17 -15.48 81.56
C SER C 800 -17.62 -15.85 82.96
N MET C 801 -16.66 -16.05 83.87
CA MET C 801 -17.01 -16.31 85.27
C MET C 801 -17.84 -15.17 85.82
N ILE C 802 -17.40 -13.94 85.56
CA ILE C 802 -18.16 -12.76 86.00
C ILE C 802 -19.58 -12.78 85.42
N ARG C 803 -19.68 -13.06 84.12
CA ARG C 803 -21.00 -13.04 83.48
C ARG C 803 -21.91 -14.11 84.06
N LEU C 804 -21.37 -15.31 84.30
CA LEU C 804 -22.17 -16.38 84.87
C LEU C 804 -22.64 -16.05 86.28
N ALA C 805 -21.75 -15.48 87.10
CA ALA C 805 -22.13 -15.10 88.45
C ALA C 805 -23.21 -14.02 88.44
N GLU C 806 -23.07 -13.03 87.57
CA GLU C 806 -24.09 -11.99 87.46
C GLU C 806 -25.40 -12.56 86.96
N ALA C 807 -25.35 -13.53 86.05
CA ALA C 807 -26.57 -14.16 85.56
C ALA C 807 -27.25 -14.96 86.66
N HIS C 808 -26.48 -15.62 87.53
CA HIS C 808 -27.10 -16.31 88.64
C HIS C 808 -27.75 -15.32 89.60
N ALA C 809 -27.05 -14.22 89.90
CA ALA C 809 -27.67 -13.15 90.66
C ALA C 809 -28.96 -12.67 90.00
N LYS C 810 -29.00 -12.71 88.67
CA LYS C 810 -30.22 -12.38 87.93
C LYS C 810 -31.32 -13.39 88.23
N MET C 811 -31.00 -14.68 88.23
CA MET C 811 -32.01 -15.67 88.64
C MET C 811 -32.45 -15.40 90.08
N LYS C 812 -33.74 -15.64 90.33
CA LYS C 812 -34.42 -15.43 91.60
C LYS C 812 -34.47 -13.96 91.98
N LEU C 813 -33.99 -13.06 91.13
CA LEU C 813 -34.03 -11.61 91.36
C LEU C 813 -33.36 -11.23 92.68
N LYS C 814 -32.35 -12.00 93.10
CA LYS C 814 -31.66 -11.67 94.34
C LYS C 814 -30.85 -10.39 94.21
N ASN C 815 -30.61 -9.93 92.98
CA ASN C 815 -30.01 -8.64 92.64
C ASN C 815 -28.54 -8.57 93.06
N VAL C 816 -27.99 -9.61 93.68
CA VAL C 816 -26.65 -9.56 94.25
C VAL C 816 -25.92 -10.85 93.90
N VAL C 817 -24.70 -10.73 93.40
CA VAL C 817 -23.90 -11.90 93.08
C VAL C 817 -23.49 -12.61 94.36
N GLU C 818 -23.70 -13.92 94.40
CA GLU C 818 -23.43 -14.72 95.57
C GLU C 818 -22.24 -15.64 95.35
N LEU C 819 -21.79 -16.25 96.44
CA LEU C 819 -20.69 -17.22 96.37
C LEU C 819 -21.10 -18.43 95.56
N GLU C 820 -22.31 -18.94 95.81
CA GLU C 820 -22.78 -20.12 95.10
C GLU C 820 -23.01 -19.82 93.62
N ASP C 821 -23.22 -18.55 93.27
CA ASP C 821 -23.26 -18.18 91.86
C ASP C 821 -21.94 -18.53 91.18
N VAL C 822 -20.83 -18.08 91.76
CA VAL C 822 -19.53 -18.37 91.20
C VAL C 822 -19.23 -19.86 91.26
N GLN C 823 -19.67 -20.54 92.33
CA GLN C 823 -19.37 -21.96 92.43
C GLN C 823 -20.11 -22.75 91.35
N GLU C 824 -21.35 -22.37 91.03
CA GLU C 824 -22.04 -23.12 89.98
C GLU C 824 -21.49 -22.75 88.61
N ALA C 825 -21.04 -21.50 88.45
CA ALA C 825 -20.31 -21.15 87.23
C ALA C 825 -19.12 -22.07 87.04
N VAL C 826 -18.33 -22.25 88.11
CA VAL C 826 -17.16 -23.11 88.07
C VAL C 826 -17.56 -24.54 87.76
N ARG C 827 -18.59 -25.06 88.44
CA ARG C 827 -18.97 -26.46 88.24
C ARG C 827 -19.45 -26.71 86.81
N LEU C 828 -20.23 -25.78 86.26
CA LEU C 828 -20.72 -25.95 84.89
C LEU C 828 -19.56 -25.90 83.90
N ILE C 829 -18.67 -24.91 84.06
CA ILE C 829 -17.56 -24.78 83.13
C ILE C 829 -16.65 -26.00 83.21
N ARG C 830 -16.36 -26.48 84.42
CA ARG C 830 -15.49 -27.64 84.56
C ARG C 830 -16.15 -28.91 84.04
N SER C 831 -17.46 -29.05 84.23
CA SER C 831 -18.18 -30.19 83.68
C SER C 831 -18.09 -30.19 82.17
N ALA C 832 -18.23 -29.01 81.55
CA ALA C 832 -17.97 -28.91 80.12
C ALA C 832 -16.51 -29.23 79.79
N ILE C 833 -15.60 -28.89 80.70
CA ILE C 833 -14.17 -29.10 80.45
C ILE C 833 -13.85 -30.60 80.36
N LYS C 834 -14.38 -31.39 81.29
CA LYS C 834 -14.11 -32.83 81.25
C LYS C 834 -14.63 -33.46 79.96
N ASP C 835 -15.67 -32.88 79.37
CA ASP C 835 -16.28 -33.34 78.12
C ASP C 835 -16.40 -34.87 78.02
N LYS C 844 -5.19 -30.45 80.50
CA LYS C 844 -6.12 -30.26 81.59
C LYS C 844 -7.48 -29.76 81.10
N ILE C 845 -7.62 -28.44 80.96
CA ILE C 845 -8.87 -27.86 80.48
C ILE C 845 -9.11 -28.23 79.02
N ASP C 846 -8.05 -28.25 78.21
CA ASP C 846 -8.11 -28.48 76.76
C ASP C 846 -8.89 -27.39 76.04
N MET C 847 -8.92 -26.18 76.60
CA MET C 847 -9.59 -25.07 75.93
C MET C 847 -8.84 -24.72 74.66
N ASN C 848 -9.60 -24.42 73.59
CA ASN C 848 -9.01 -24.03 72.30
C ASN C 848 -7.96 -25.04 71.85
N LEU C 849 -8.21 -26.32 72.16
CA LEU C 849 -7.29 -27.42 71.87
C LEU C 849 -5.93 -27.20 72.52
N VAL C 850 -5.90 -26.69 73.74
CA VAL C 850 -4.67 -26.41 74.46
C VAL C 850 -4.66 -27.27 75.73
N GLN C 851 -3.85 -28.33 75.71
CA GLN C 851 -3.65 -29.22 76.84
C GLN C 851 -2.26 -29.00 77.40
N THR C 852 -2.15 -28.79 78.71
CA THR C 852 -0.84 -28.64 79.32
C THR C 852 0.00 -29.90 79.13
N GLY C 853 -0.60 -31.07 79.34
CA GLY C 853 0.04 -32.30 78.94
C GLY C 853 0.17 -32.35 77.43
N LYS C 854 1.34 -32.80 76.96
CA LYS C 854 1.67 -32.89 75.53
C LYS C 854 1.22 -31.64 74.77
N SER C 855 1.62 -30.48 75.30
CA SER C 855 1.17 -29.21 74.73
C SER C 855 1.66 -29.02 73.30
N VAL C 856 2.97 -29.15 73.09
CA VAL C 856 3.60 -28.87 71.80
C VAL C 856 4.50 -30.03 71.43
N ILE C 857 4.40 -30.48 70.18
CA ILE C 857 5.30 -31.47 69.60
C ILE C 857 6.18 -30.85 68.52
N GLN C 858 6.19 -29.52 68.41
CA GLN C 858 6.93 -28.87 67.34
C GLN C 858 8.44 -29.00 67.56
N ARG C 859 8.88 -29.05 68.81
CA ARG C 859 10.28 -29.34 69.10
C ARG C 859 10.69 -30.66 68.47
N LYS C 860 9.93 -31.72 68.76
CA LYS C 860 10.29 -33.05 68.24
C LYS C 860 10.15 -33.10 66.74
N LEU C 861 9.14 -32.42 66.17
CA LEU C 861 8.98 -32.43 64.72
C LEU C 861 10.15 -31.73 64.03
N GLN C 862 10.56 -30.57 64.55
CA GLN C 862 11.68 -29.85 63.97
C GLN C 862 12.98 -30.64 64.09
N GLU C 863 13.20 -31.27 65.25
CA GLU C 863 14.42 -32.06 65.42
C GLU C 863 14.42 -33.28 64.51
N ASP C 864 13.27 -33.93 64.36
CA ASP C 864 13.17 -35.06 63.44
C ASP C 864 13.43 -34.63 62.00
N LEU C 865 12.87 -33.49 61.59
CA LEU C 865 13.12 -33.00 60.24
C LEU C 865 14.59 -32.69 60.04
N SER C 866 15.22 -32.02 61.01
CA SER C 866 16.64 -31.69 60.89
C SER C 866 17.49 -32.95 60.82
N ARG C 867 17.20 -33.94 61.67
CA ARG C 867 17.95 -35.19 61.65
C ARG C 867 17.79 -35.89 60.31
N GLU C 868 16.58 -35.88 59.74
CA GLU C 868 16.39 -36.43 58.40
C GLU C 868 17.22 -35.66 57.39
N ILE C 869 17.36 -34.34 57.56
CA ILE C 869 18.17 -33.55 56.65
C ILE C 869 19.64 -33.97 56.72
N MET C 870 20.16 -34.13 57.93
CA MET C 870 21.55 -34.62 58.03
C MET C 870 21.69 -36.02 57.46
N ASN C 871 20.68 -36.87 57.64
CA ASN C 871 20.74 -38.20 57.05
C ASN C 871 20.81 -38.13 55.53
N VAL C 872 19.99 -37.25 54.92
CA VAL C 872 20.01 -37.08 53.47
C VAL C 872 21.36 -36.54 53.02
N LEU C 873 21.89 -35.56 53.75
CA LEU C 873 23.17 -34.96 53.36
C LEU C 873 24.29 -35.97 53.42
N LYS C 874 24.28 -36.84 54.44
CA LYS C 874 25.26 -37.92 54.49
C LYS C 874 25.05 -38.90 53.34
N ASP C 875 23.78 -39.22 53.05
CA ASP C 875 23.48 -40.16 51.97
C ASP C 875 23.66 -39.54 50.59
N GLN C 876 23.15 -38.32 50.40
CA GLN C 876 23.12 -37.69 49.09
C GLN C 876 24.10 -36.52 49.06
N ALA C 877 24.85 -36.40 47.97
CA ALA C 877 25.83 -35.34 47.83
C ALA C 877 25.16 -33.97 47.78
N SER C 878 25.93 -32.95 48.16
CA SER C 878 25.52 -31.54 48.15
C SER C 878 24.50 -31.25 49.25
N ASP C 879 24.49 -30.02 49.74
CA ASP C 879 23.55 -29.66 50.79
C ASP C 879 22.12 -29.58 50.26
N SER C 880 21.95 -29.24 49.00
CA SER C 880 20.65 -29.11 48.37
C SER C 880 20.40 -30.29 47.44
N MET C 881 19.19 -30.84 47.51
CA MET C 881 18.80 -31.96 46.68
C MET C 881 17.28 -31.95 46.53
N SER C 882 16.79 -32.72 45.55
CA SER C 882 15.43 -32.57 45.07
C SER C 882 14.41 -32.91 46.15
N PHE C 883 13.27 -32.22 46.11
CA PHE C 883 12.25 -32.37 47.14
C PHE C 883 11.55 -33.73 47.05
N ASN C 884 11.42 -34.28 45.84
CA ASN C 884 10.75 -35.58 45.68
C ASN C 884 11.51 -36.66 46.44
N GLU C 885 12.83 -36.67 46.31
CA GLU C 885 13.62 -37.65 47.04
C GLU C 885 13.50 -37.45 48.54
N LEU C 886 13.44 -36.19 49.00
CA LEU C 886 13.23 -35.92 50.42
C LEU C 886 11.91 -36.52 50.89
N ILE C 887 10.85 -36.34 50.10
CA ILE C 887 9.56 -36.98 50.41
C ILE C 887 9.73 -38.49 50.46
N LYS C 888 10.63 -39.02 49.64
CA LYS C 888 10.88 -40.46 49.67
C LYS C 888 11.53 -40.89 50.99
N GLN C 889 12.60 -40.20 51.41
CA GLN C 889 13.30 -40.66 52.61
C GLN C 889 12.48 -40.41 53.88
N ILE C 890 11.73 -39.30 53.95
CA ILE C 890 11.05 -38.96 55.20
C ILE C 890 10.06 -40.05 55.59
N ASN C 891 9.38 -40.63 54.60
CA ASN C 891 8.32 -41.60 54.89
C ASN C 891 8.89 -42.94 55.33
N GLU C 892 9.98 -43.38 54.70
CA GLU C 892 10.45 -44.75 54.90
C GLU C 892 10.91 -44.99 56.34
N HIS C 893 11.81 -44.16 56.84
CA HIS C 893 12.44 -44.40 58.14
C HIS C 893 12.23 -43.28 59.14
N SER C 894 12.43 -42.02 58.73
CA SER C 894 12.49 -40.93 59.69
C SER C 894 11.14 -40.67 60.34
N GLN C 895 10.07 -40.64 59.54
CA GLN C 895 8.76 -40.27 60.06
C GLN C 895 7.69 -40.90 59.18
N ASP C 896 6.44 -40.61 59.50
CA ASP C 896 5.32 -41.11 58.72
C ASP C 896 5.16 -40.27 57.44
N ARG C 897 4.19 -40.68 56.62
CA ARG C 897 3.89 -39.97 55.38
C ARG C 897 3.42 -38.55 55.68
N VAL C 898 4.25 -37.57 55.35
CA VAL C 898 3.95 -36.16 55.59
C VAL C 898 4.25 -35.37 54.32
N GLU C 899 3.48 -34.32 54.08
CA GLU C 899 3.69 -33.49 52.91
C GLU C 899 4.95 -32.63 53.06
N SER C 900 5.60 -32.36 51.93
CA SER C 900 6.79 -31.53 51.94
C SER C 900 6.48 -30.05 52.18
N SER C 901 5.21 -29.65 52.16
CA SER C 901 4.87 -28.26 52.42
C SER C 901 5.27 -27.85 53.83
N ASP C 902 5.07 -28.72 54.81
CA ASP C 902 5.48 -28.42 56.18
C ASP C 902 7.00 -28.24 56.26
N ILE C 903 7.75 -29.11 55.58
CA ILE C 903 9.20 -29.01 55.60
C ILE C 903 9.66 -27.71 54.93
N GLN C 904 9.01 -27.34 53.82
CA GLN C 904 9.36 -26.10 53.14
C GLN C 904 9.06 -24.89 54.01
N GLU C 905 7.92 -24.92 54.72
CA GLU C 905 7.59 -23.84 55.63
C GLU C 905 8.60 -23.74 56.77
N ALA C 906 9.02 -24.90 57.30
CA ALA C 906 10.04 -24.89 58.35
C ALA C 906 11.35 -24.32 57.84
N LEU C 907 11.74 -24.69 56.62
CA LEU C 907 12.98 -24.17 56.04
C LEU C 907 12.90 -22.66 55.83
N SER C 908 11.74 -22.18 55.36
CA SER C 908 11.56 -20.74 55.21
C SER C 908 11.63 -20.04 56.56
N ARG C 909 11.04 -20.65 57.59
CA ARG C 909 11.13 -20.10 58.94
C ARG C 909 12.57 -20.00 59.41
N LEU C 910 13.36 -21.06 59.19
CA LEU C 910 14.76 -21.04 59.58
C LEU C 910 15.54 -19.99 58.81
N GLN C 911 15.24 -19.83 57.51
CA GLN C 911 15.89 -18.80 56.71
C GLN C 911 15.56 -17.41 57.24
N GLN C 912 14.32 -17.21 57.67
CA GLN C 912 13.94 -15.92 58.22
C GLN C 912 14.81 -15.55 59.41
N GLU C 913 15.37 -16.55 60.10
CA GLU C 913 16.37 -16.29 61.12
C GLU C 913 17.80 -16.37 60.59
N ASP C 914 17.99 -16.72 59.32
CA ASP C 914 19.28 -16.92 58.68
C ASP C 914 20.12 -18.01 59.33
N LYS C 915 19.56 -18.79 60.26
CA LYS C 915 20.28 -19.94 60.75
C LYS C 915 20.44 -21.00 59.66
N VAL C 916 19.52 -21.03 58.70
CA VAL C 916 19.58 -21.90 57.54
C VAL C 916 19.22 -21.06 56.32
N ILE C 917 19.48 -21.60 55.14
CA ILE C 917 19.07 -20.99 53.87
C ILE C 917 17.90 -21.79 53.30
N VAL C 918 16.97 -21.09 52.65
CA VAL C 918 15.79 -21.73 52.06
C VAL C 918 15.90 -21.65 50.55
N LEU C 919 15.41 -22.68 49.87
CA LEU C 919 15.31 -22.72 48.42
C LEU C 919 13.87 -23.03 48.04
N GLY C 920 13.26 -22.15 47.27
CA GLY C 920 11.88 -22.33 46.85
C GLY C 920 10.89 -22.31 47.98
N GLY C 922 10.79 -27.85 46.54
CA GLY C 922 11.72 -27.87 45.42
C GLY C 922 13.06 -28.48 45.79
N VAL C 923 13.79 -27.80 46.68
CA VAL C 923 15.11 -28.25 47.12
C VAL C 923 15.39 -27.62 48.47
N ARG C 924 16.21 -28.29 49.27
CA ARG C 924 16.53 -27.85 50.63
C ARG C 924 18.04 -27.70 50.76
N ARG C 925 18.53 -26.46 50.75
CA ARG C 925 19.96 -26.19 50.89
C ARG C 925 20.30 -25.87 52.33
N SER C 926 21.48 -26.29 52.76
CA SER C 926 21.95 -26.01 54.12
C SER C 926 22.80 -24.74 54.13
N VAL C 927 22.89 -24.13 55.32
CA VAL C 927 23.66 -22.91 55.50
C VAL C 927 25.16 -23.18 55.38
N ASN D 20 -26.97 36.17 -10.10
CA ASN D 20 -25.74 35.40 -9.93
C ASN D 20 -25.92 33.99 -10.51
N ASP D 21 -27.17 33.54 -10.59
CA ASP D 21 -27.44 32.25 -11.21
C ASP D 21 -26.95 32.21 -12.64
N ASP D 22 -27.16 33.31 -13.38
CA ASP D 22 -26.52 33.45 -14.68
C ASP D 22 -25.01 33.51 -14.55
N ASP D 23 -24.52 34.21 -13.54
CA ASP D 23 -23.08 34.22 -13.28
C ASP D 23 -22.58 32.83 -12.91
N ASN D 24 -23.37 32.09 -12.13
CA ASN D 24 -23.00 30.71 -11.80
C ASN D 24 -22.94 29.86 -13.06
N THR D 25 -23.90 30.04 -13.96
CA THR D 25 -23.87 29.33 -15.23
C THR D 25 -22.64 29.72 -16.05
N GLU D 26 -22.26 31.00 -15.98
CA GLU D 26 -21.04 31.44 -16.65
C GLU D 26 -19.82 30.75 -16.06
N ILE D 27 -19.77 30.62 -14.74
CA ILE D 27 -18.67 29.90 -14.10
C ILE D 27 -18.66 28.45 -14.54
N ILE D 28 -19.84 27.85 -14.66
CA ILE D 28 -19.95 26.50 -15.18
C ILE D 28 -19.38 26.42 -16.58
N LYS D 29 -19.70 27.40 -17.42
CA LYS D 29 -19.16 27.45 -18.77
C LYS D 29 -17.64 27.59 -18.73
N SER D 30 -17.13 28.39 -17.81
CA SER D 30 -15.68 28.54 -17.67
C SER D 30 -15.04 27.22 -17.31
N PHE D 31 -15.66 26.46 -16.41
CA PHE D 31 -15.12 25.17 -16.03
C PHE D 31 -15.15 24.19 -17.19
N LYS D 32 -16.23 24.22 -17.97
CA LYS D 32 -16.25 23.34 -19.14
C LYS D 32 -15.23 23.78 -20.18
N ASN D 33 -14.96 25.09 -20.27
CA ASN D 33 -13.88 25.55 -21.14
C ASN D 33 -12.53 25.04 -20.66
N PHE D 34 -12.35 25.03 -19.34
CA PHE D 34 -11.19 24.35 -18.76
C PHE D 34 -11.07 22.93 -19.28
N ILE D 35 -12.07 22.09 -19.02
CA ILE D 35 -11.92 20.68 -19.29
C ILE D 35 -11.82 20.41 -20.78
N LEU D 36 -12.54 21.19 -21.60
CA LEU D 36 -12.54 20.94 -23.03
C LEU D 36 -11.27 21.44 -23.69
N GLU D 37 -10.70 22.54 -23.20
CA GLU D 37 -9.50 23.11 -23.77
C GLU D 37 -8.32 23.14 -22.82
N PHE D 38 -8.19 22.13 -21.97
CA PHE D 38 -6.93 21.85 -21.29
C PHE D 38 -6.28 20.63 -21.93
N ARG D 39 -5.12 20.83 -22.56
CA ARG D 39 -4.40 19.74 -23.21
C ARG D 39 -2.93 19.84 -22.90
N LEU D 40 -2.24 18.72 -23.04
CA LEU D 40 -0.78 18.67 -23.04
C LEU D 40 -0.34 17.86 -24.24
N ASP D 41 0.61 18.39 -25.00
CA ASP D 41 1.10 17.75 -26.22
C ASP D 41 -0.04 17.36 -27.15
N SER D 42 -1.02 18.25 -27.30
CA SER D 42 -2.24 18.08 -28.08
C SER D 42 -3.20 17.12 -27.42
N GLN D 43 -2.86 16.56 -26.27
CA GLN D 43 -3.69 15.53 -25.65
C GLN D 43 -4.55 16.12 -24.55
N PHE D 44 -5.86 16.12 -24.79
CA PHE D 44 -6.86 16.55 -23.82
C PHE D 44 -7.18 15.36 -22.95
N ILE D 45 -6.44 15.21 -21.85
CA ILE D 45 -6.58 14.04 -20.99
C ILE D 45 -7.99 13.95 -20.43
N TYR D 46 -8.64 15.09 -20.25
CA TYR D 46 -9.96 15.09 -19.63
C TYR D 46 -10.99 14.44 -20.52
N ARG D 47 -10.99 14.78 -21.82
CA ARG D 47 -11.91 14.10 -22.72
C ARG D 47 -11.54 12.63 -22.86
N ASP D 48 -10.25 12.31 -22.67
CA ASP D 48 -9.82 10.92 -22.73
C ASP D 48 -10.45 10.11 -21.60
N GLN D 49 -10.32 10.60 -20.37
CA GLN D 49 -10.94 9.90 -19.25
C GLN D 49 -12.46 9.96 -19.37
N LEU D 50 -12.98 11.01 -20.00
CA LEU D 50 -14.42 11.10 -20.23
C LEU D 50 -14.91 9.96 -21.11
N ARG D 51 -14.28 9.78 -22.26
CA ARG D 51 -14.70 8.73 -23.18
C ARG D 51 -14.46 7.37 -22.54
N ASN D 52 -13.40 7.27 -21.72
CA ASN D 52 -13.19 6.03 -20.98
C ASN D 52 -14.38 5.73 -20.06
N ASN D 53 -14.81 6.73 -19.29
CA ASN D 53 -15.93 6.53 -18.38
C ASN D 53 -17.24 6.41 -19.13
N ILE D 54 -17.25 6.75 -20.41
CA ILE D 54 -18.41 6.45 -21.24
C ILE D 54 -18.39 4.97 -21.66
N LEU D 55 -17.23 4.49 -22.08
CA LEU D 55 -17.12 3.10 -22.52
C LEU D 55 -17.45 2.14 -21.38
N VAL D 56 -16.84 2.35 -20.23
CA VAL D 56 -17.25 1.69 -19.00
C VAL D 56 -17.98 2.73 -18.18
N LYS D 57 -19.27 2.50 -17.96
CA LYS D 57 -20.15 3.57 -17.51
C LYS D 57 -19.93 3.93 -16.04
N ASN D 58 -18.78 4.51 -15.73
CA ASN D 58 -18.54 5.06 -14.39
C ASN D 58 -18.72 6.58 -14.49
N TYR D 59 -19.86 7.07 -14.01
CA TYR D 59 -20.16 8.49 -14.07
C TYR D 59 -19.32 9.23 -13.04
N SER D 60 -18.02 9.28 -13.27
CA SER D 60 -17.07 9.89 -12.34
C SER D 60 -15.91 10.45 -13.15
N LEU D 61 -15.33 11.54 -12.65
CA LEU D 61 -14.27 12.24 -13.35
C LEU D 61 -13.16 12.66 -12.40
N THR D 62 -11.92 12.45 -12.83
CA THR D 62 -10.75 12.78 -12.02
C THR D 62 -10.02 13.97 -12.60
N VAL D 63 -9.69 14.93 -11.73
CA VAL D 63 -9.06 16.18 -12.15
C VAL D 63 -7.97 16.52 -11.13
N ASN D 64 -6.91 17.18 -11.62
CA ASN D 64 -5.83 17.66 -10.76
C ASN D 64 -5.90 19.17 -10.66
N MET D 65 -5.87 19.68 -9.43
CA MET D 65 -5.99 21.12 -9.22
C MET D 65 -4.76 21.87 -9.71
N GLU D 66 -3.60 21.20 -9.77
CA GLU D 66 -2.43 21.83 -10.37
C GLU D 66 -2.71 22.18 -11.82
N HIS D 67 -3.35 21.26 -12.55
CA HIS D 67 -3.76 21.55 -13.91
C HIS D 67 -4.72 22.73 -13.94
N LEU D 68 -5.64 22.78 -12.98
CA LEU D 68 -6.61 23.87 -12.95
C LEU D 68 -5.91 25.21 -12.76
N ILE D 69 -4.95 25.26 -11.85
CA ILE D 69 -4.20 26.49 -11.62
C ILE D 69 -3.44 26.87 -12.88
N GLY D 70 -2.79 25.89 -13.53
CA GLY D 70 -2.05 26.19 -14.74
C GLY D 70 -2.94 26.77 -15.83
N TYR D 71 -4.11 26.17 -16.04
CA TYR D 71 -5.05 26.72 -17.00
C TYR D 71 -5.60 28.06 -16.54
N ASN D 72 -6.07 28.13 -15.30
CA ASN D 72 -6.64 29.37 -14.78
C ASN D 72 -6.57 29.35 -13.27
N GLU D 73 -5.79 30.26 -12.70
CA GLU D 73 -5.76 30.40 -11.25
C GLU D 73 -7.13 30.78 -10.71
N ASP D 74 -7.83 31.67 -11.41
CA ASP D 74 -9.03 32.29 -10.86
C ASP D 74 -10.09 31.24 -10.52
N ILE D 75 -10.30 30.28 -11.43
CA ILE D 75 -11.30 29.25 -11.17
C ILE D 75 -10.89 28.43 -9.95
N TYR D 76 -9.60 28.11 -9.84
CA TYR D 76 -9.14 27.36 -8.68
C TYR D 76 -9.34 28.14 -7.39
N LYS D 77 -9.10 29.45 -7.43
CA LYS D 77 -9.31 30.28 -6.26
C LYS D 77 -10.77 30.29 -5.87
N LYS D 78 -11.66 30.45 -6.86
CA LYS D 78 -13.09 30.40 -6.59
C LYS D 78 -13.47 29.07 -5.97
N LEU D 79 -12.87 27.98 -6.46
CA LEU D 79 -13.04 26.68 -5.83
C LEU D 79 -12.65 26.73 -4.37
N SER D 80 -11.46 27.24 -4.08
CA SER D 80 -10.95 27.23 -2.71
C SER D 80 -11.79 28.10 -1.80
N ASP D 81 -12.45 29.12 -2.34
CA ASP D 81 -13.24 30.02 -1.51
C ASP D 81 -14.37 29.28 -0.81
N GLU D 82 -15.15 28.51 -1.56
CA GLU D 82 -16.25 27.74 -0.99
C GLU D 82 -16.51 26.50 -1.86
N PRO D 83 -15.69 25.47 -1.70
CA PRO D 83 -15.84 24.28 -2.55
C PRO D 83 -17.21 23.64 -2.44
N SER D 84 -17.87 23.79 -1.28
CA SER D 84 -19.12 23.09 -1.01
C SER D 84 -20.14 23.28 -2.12
N ASP D 85 -20.27 24.50 -2.62
CA ASP D 85 -21.23 24.75 -3.69
C ASP D 85 -20.57 24.84 -5.06
N ILE D 86 -19.25 25.00 -5.11
CA ILE D 86 -18.56 25.00 -6.39
C ILE D 86 -18.62 23.60 -7.01
N ILE D 87 -18.47 22.57 -6.18
CA ILE D 87 -18.44 21.20 -6.69
C ILE D 87 -19.71 20.82 -7.44
N PRO D 88 -20.93 21.06 -6.92
CA PRO D 88 -22.13 20.70 -7.69
C PRO D 88 -22.19 21.39 -9.04
N LEU D 89 -21.74 22.64 -9.12
CA LEU D 89 -21.67 23.31 -10.41
C LEU D 89 -20.72 22.58 -11.35
N PHE D 90 -19.59 22.13 -10.82
CA PHE D 90 -18.64 21.39 -11.64
C PHE D 90 -19.24 20.07 -12.12
N GLU D 91 -19.96 19.38 -11.24
CA GLU D 91 -20.62 18.13 -11.64
C GLU D 91 -21.64 18.39 -12.74
N THR D 92 -22.41 19.46 -12.60
CA THR D 92 -23.36 19.83 -13.64
C THR D 92 -22.65 20.13 -14.95
N ALA D 93 -21.52 20.82 -14.87
CA ALA D 93 -20.74 21.12 -16.08
C ALA D 93 -20.25 19.84 -16.74
N ILE D 94 -19.77 18.89 -15.95
CA ILE D 94 -19.27 17.64 -16.51
C ILE D 94 -20.43 16.87 -17.15
N THR D 95 -21.59 16.88 -16.50
CA THR D 95 -22.75 16.20 -17.06
C THR D 95 -23.17 16.84 -18.39
N GLN D 96 -23.19 18.17 -18.44
CA GLN D 96 -23.51 18.84 -19.70
C GLN D 96 -22.47 18.52 -20.76
N VAL D 97 -21.20 18.44 -20.37
CA VAL D 97 -20.13 18.13 -21.32
C VAL D 97 -20.32 16.73 -21.87
N ALA D 98 -20.64 15.78 -21.01
CA ALA D 98 -20.89 14.41 -21.45
C ALA D 98 -22.08 14.37 -22.39
N LYS D 99 -23.13 15.12 -22.09
CA LYS D 99 -24.27 15.20 -22.99
C LYS D 99 -23.85 15.77 -24.35
N ARG D 100 -22.99 16.80 -24.32
CA ARG D 100 -22.54 17.41 -25.56
C ARG D 100 -21.73 16.44 -26.40
N ILE D 101 -20.85 15.68 -25.75
CA ILE D 101 -19.90 14.85 -26.50
C ILE D 101 -20.53 13.51 -26.87
N SER D 102 -20.92 12.72 -25.87
CA SER D 102 -21.27 11.33 -26.08
C SER D 102 -22.69 11.12 -26.58
N ILE D 103 -23.46 12.20 -26.75
CA ILE D 103 -24.82 12.12 -27.25
C ILE D 103 -24.92 12.97 -28.49
N LEU D 104 -25.56 12.43 -29.54
CA LEU D 104 -25.78 13.20 -30.75
C LEU D 104 -26.63 14.43 -30.45
N SER D 105 -26.31 15.53 -31.12
CA SER D 105 -27.11 16.73 -30.99
C SER D 105 -28.51 16.48 -31.53
N ARG D 106 -29.49 17.10 -30.87
CA ARG D 106 -30.92 17.03 -31.22
C ARG D 106 -31.40 15.58 -31.39
N ALA D 107 -30.69 14.62 -30.80
CA ALA D 107 -31.04 13.21 -30.93
C ALA D 107 -32.29 12.89 -30.12
N LEU D 129 -33.83 14.71 -17.44
CA LEU D 129 -33.52 14.34 -16.06
C LEU D 129 -33.44 12.82 -15.92
N ASN D 130 -32.34 12.36 -15.34
CA ASN D 130 -32.11 10.95 -15.02
C ASN D 130 -31.85 10.15 -16.28
N SER D 131 -32.00 10.77 -17.45
CA SER D 131 -31.60 10.11 -18.69
C SER D 131 -30.11 9.81 -18.67
N LEU D 132 -29.32 10.76 -18.19
CA LEU D 132 -27.87 10.56 -18.02
C LEU D 132 -27.51 10.86 -16.57
N PRO D 133 -27.09 9.86 -15.80
CA PRO D 133 -26.67 10.13 -14.42
C PRO D 133 -25.51 11.11 -14.39
N THR D 134 -25.51 11.96 -13.36
CA THR D 134 -24.47 12.98 -13.25
C THR D 134 -23.12 12.36 -12.95
N PHE D 135 -22.08 12.88 -13.60
CA PHE D 135 -20.73 12.50 -13.25
C PHE D 135 -20.31 13.18 -11.95
N GLN D 136 -19.46 12.53 -11.18
CA GLN D 136 -18.98 13.09 -9.93
C GLN D 136 -17.46 13.25 -9.99
N LEU D 137 -16.97 14.30 -9.32
CA LEU D 137 -15.60 14.72 -9.49
C LEU D 137 -14.67 13.96 -8.55
N ILE D 138 -13.47 13.68 -9.05
CA ILE D 138 -12.38 13.12 -8.26
C ILE D 138 -11.18 14.05 -8.37
N LEU D 139 -10.57 14.33 -7.22
CA LEU D 139 -9.49 15.31 -7.17
C LEU D 139 -8.30 14.73 -6.41
N ASN D 140 -7.10 15.10 -6.87
CA ASN D 140 -5.86 14.81 -6.17
C ASN D 140 -5.14 16.12 -5.90
N SER D 141 -4.77 16.34 -4.64
CA SER D 141 -4.27 17.64 -4.19
C SER D 141 -2.75 17.75 -4.28
N ASN D 142 -2.04 16.81 -3.65
CA ASN D 142 -0.59 16.81 -3.53
C ASN D 142 -0.07 17.96 -2.68
N ALA D 143 -0.95 18.67 -1.96
CA ALA D 143 -0.50 19.72 -1.05
C ALA D 143 -0.04 19.10 0.26
N ASN D 144 0.23 19.95 1.24
CA ASN D 144 0.59 19.45 2.56
C ASN D 144 -0.62 18.81 3.23
N GLN D 145 -0.34 17.89 4.13
CA GLN D 145 -1.37 17.25 4.94
C GLN D 145 -1.24 17.71 6.38
N ILE D 146 -2.20 18.50 6.83
CA ILE D 146 -2.31 18.80 8.26
C ILE D 146 -2.58 17.48 8.97
N PRO D 147 -1.95 17.22 10.10
CA PRO D 147 -2.27 15.99 10.85
C PRO D 147 -3.71 16.00 11.32
N LEU D 148 -4.28 14.80 11.43
CA LEU D 148 -5.58 14.68 12.07
C LEU D 148 -5.55 15.30 13.46
N ARG D 149 -4.53 14.97 14.23
CA ARG D 149 -4.26 15.69 15.47
C ARG D 149 -3.91 17.14 15.13
N ASP D 150 -4.28 18.05 16.02
CA ASP D 150 -4.01 19.47 15.90
C ASP D 150 -4.80 20.14 14.79
N LEU D 151 -5.91 19.54 14.36
CA LEU D 151 -6.79 20.22 13.43
C LEU D 151 -7.49 21.38 14.14
N ASP D 152 -7.58 22.51 13.45
CA ASP D 152 -8.02 23.75 14.06
C ASP D 152 -9.55 23.85 14.10
N SER D 153 -10.05 24.71 14.99
CA SER D 153 -11.44 25.12 14.91
C SER D 153 -11.69 25.88 13.62
N GLU D 154 -10.67 26.50 13.06
CA GLU D 154 -10.72 27.02 11.71
C GLU D 154 -10.74 25.85 10.72
N HIS D 155 -10.71 26.19 9.44
CA HIS D 155 -10.76 25.28 8.30
C HIS D 155 -12.14 24.68 8.13
N VAL D 156 -13.17 25.21 8.80
CA VAL D 156 -14.51 24.69 8.62
C VAL D 156 -14.96 24.89 7.19
N SER D 157 -15.58 23.86 6.62
CA SER D 157 -16.05 23.87 5.23
C SER D 157 -14.93 24.18 4.25
N LYS D 158 -13.69 23.83 4.58
CA LYS D 158 -12.54 24.11 3.75
C LYS D 158 -11.94 22.80 3.26
N ILE D 159 -11.55 22.77 1.98
CA ILE D 159 -10.90 21.60 1.43
C ILE D 159 -9.57 21.38 2.15
N VAL D 160 -9.33 20.14 2.56
CA VAL D 160 -8.13 19.79 3.29
C VAL D 160 -7.57 18.48 2.77
N ARG D 161 -6.28 18.26 3.03
CA ARG D 161 -5.57 17.07 2.62
C ARG D 161 -5.02 16.39 3.87
N LEU D 162 -5.31 15.10 4.02
CA LEU D 162 -4.89 14.38 5.22
C LEU D 162 -4.54 12.94 4.87
N SER D 163 -4.18 12.19 5.91
CA SER D 163 -3.90 10.77 5.81
C SER D 163 -4.20 10.10 7.14
N GLY D 164 -4.67 8.86 7.10
CA GLY D 164 -4.97 8.10 8.29
C GLY D 164 -5.29 6.68 7.92
N ILE D 165 -5.45 5.83 8.94
CA ILE D 165 -5.74 4.42 8.74
C ILE D 165 -7.19 4.15 9.13
N ILE D 166 -7.89 3.40 8.28
CA ILE D 166 -9.30 3.12 8.50
C ILE D 166 -9.45 2.15 9.66
N ILE D 167 -10.39 2.43 10.55
CA ILE D 167 -10.65 1.54 11.66
C ILE D 167 -12.02 0.90 11.48
N SER D 168 -12.87 1.52 10.66
CA SER D 168 -14.21 1.00 10.44
C SER D 168 -14.75 1.52 9.12
N THR D 169 -15.57 0.69 8.48
CA THR D 169 -16.27 1.04 7.25
C THR D 169 -17.76 0.79 7.45
N SER D 170 -18.58 1.73 6.99
CA SER D 170 -20.02 1.60 7.10
C SER D 170 -20.58 0.88 5.89
N VAL D 171 -21.80 0.34 6.04
CA VAL D 171 -22.49 -0.21 4.89
C VAL D 171 -23.00 0.94 4.02
N LEU D 172 -23.44 0.59 2.82
CA LEU D 172 -23.89 1.59 1.87
C LEU D 172 -25.21 2.22 2.28
N SER D 173 -25.34 3.51 2.01
CA SER D 173 -26.54 4.28 2.35
C SER D 173 -26.92 5.13 1.15
N SER D 174 -28.08 4.83 0.57
CA SER D 174 -28.52 5.54 -0.62
C SER D 174 -28.80 7.01 -0.31
N ARG D 175 -28.68 7.84 -1.35
CA ARG D 175 -28.90 9.28 -1.21
C ARG D 175 -29.70 9.78 -2.39
N ALA D 176 -30.74 10.57 -2.11
CA ALA D 176 -31.71 10.98 -3.12
C ALA D 176 -31.08 12.02 -4.05
N THR D 177 -30.49 11.52 -5.14
CA THR D 177 -30.08 12.41 -6.21
C THR D 177 -31.29 13.14 -6.79
N TYR D 178 -32.32 12.38 -7.13
CA TYR D 178 -33.58 12.95 -7.60
C TYR D 178 -34.70 12.52 -6.65
N LEU D 179 -35.67 13.41 -6.46
CA LEU D 179 -36.75 13.19 -5.52
C LEU D 179 -38.08 13.37 -6.23
N SER D 180 -38.98 12.41 -6.04
CA SER D 180 -40.29 12.41 -6.68
C SER D 180 -41.36 12.60 -5.62
N ILE D 181 -42.18 13.63 -5.80
CA ILE D 181 -43.15 14.05 -4.78
C ILE D 181 -44.46 14.42 -5.47
N MET D 182 -45.52 14.50 -4.67
CA MET D 182 -46.84 14.90 -5.13
C MET D 182 -47.55 15.68 -4.03
N CYS D 183 -48.28 16.73 -4.41
CA CYS D 183 -48.79 17.77 -3.52
C CYS D 183 -49.99 17.32 -2.70
N ARG D 184 -50.23 16.02 -2.56
CA ARG D 184 -51.29 15.46 -1.72
C ARG D 184 -52.62 15.96 -2.29
N ASN D 185 -53.39 16.78 -1.57
CA ASN D 185 -54.69 17.22 -2.04
C ASN D 185 -54.57 17.98 -3.36
N CYS D 186 -53.55 18.83 -3.48
CA CYS D 186 -53.38 19.61 -4.70
C CYS D 186 -53.06 18.72 -5.89
N ARG D 187 -52.56 17.52 -5.65
CA ARG D 187 -52.16 16.53 -6.65
C ARG D 187 -50.99 17.00 -7.49
N HIS D 188 -50.43 18.17 -7.22
CA HIS D 188 -49.29 18.67 -7.98
C HIS D 188 -48.06 17.81 -7.71
N THR D 189 -47.48 17.26 -8.77
CA THR D 189 -46.27 16.45 -8.66
C THR D 189 -45.09 17.24 -9.23
N THR D 190 -43.97 17.21 -8.51
CA THR D 190 -42.81 17.99 -8.86
C THR D 190 -41.54 17.18 -8.67
N SER D 191 -40.46 17.67 -9.28
CA SER D 191 -39.15 17.05 -9.21
C SER D 191 -38.23 17.84 -8.29
N ILE D 192 -37.41 17.12 -7.53
CA ILE D 192 -36.36 17.73 -6.72
C ILE D 192 -35.06 16.98 -6.97
N THR D 193 -33.97 17.74 -7.11
CA THR D 193 -32.64 17.18 -7.33
C THR D 193 -31.71 17.77 -6.28
N ILE D 194 -31.62 17.10 -5.14
CA ILE D 194 -30.81 17.58 -4.02
C ILE D 194 -29.43 16.98 -4.11
N ASN D 195 -28.42 17.83 -3.91
CA ASN D 195 -27.03 17.41 -3.86
C ASN D 195 -26.59 17.24 -2.41
N ASN D 196 -25.62 16.36 -2.20
CA ASN D 196 -25.01 16.20 -0.89
C ASN D 196 -23.82 17.16 -0.74
N PHE D 197 -24.14 18.45 -0.72
CA PHE D 197 -23.12 19.48 -0.67
C PHE D 197 -23.50 20.63 0.26
N ASN D 198 -24.38 20.37 1.22
CA ASN D 198 -24.81 21.38 2.18
C ASN D 198 -24.63 20.86 3.59
N SER D 199 -24.17 21.73 4.48
CA SER D 199 -23.95 21.39 5.89
C SER D 199 -23.06 20.16 6.05
N ASN D 203 -29.16 20.07 8.62
CA ASN D 203 -28.20 19.35 7.79
C ASN D 203 -28.77 19.15 6.39
N THR D 204 -29.79 18.31 6.28
CA THR D 204 -30.41 18.04 4.99
C THR D 204 -31.47 19.08 4.68
N VAL D 205 -31.86 19.13 3.40
CA VAL D 205 -32.95 20.01 2.98
C VAL D 205 -34.26 19.51 3.55
N SER D 206 -35.02 20.41 4.17
CA SER D 206 -36.31 20.04 4.69
C SER D 206 -37.29 19.76 3.56
N LEU D 207 -38.35 19.02 3.90
CA LEU D 207 -39.35 18.66 2.92
C LEU D 207 -40.10 19.90 2.45
N PRO D 208 -40.63 19.88 1.22
CA PRO D 208 -41.28 21.08 0.67
C PRO D 208 -42.46 21.51 1.53
N ARG D 209 -42.64 22.82 1.63
CA ARG D 209 -43.71 23.40 2.41
C ARG D 209 -44.66 24.17 1.51
N SER D 210 -45.92 24.22 1.92
CA SER D 210 -46.99 24.92 1.19
C SER D 210 -47.26 24.26 -0.15
N CYS D 211 -48.29 24.74 -0.84
CA CYS D 211 -48.70 24.12 -2.10
C CYS D 211 -47.62 24.21 -3.16
N LEU D 212 -46.93 25.35 -3.26
CA LEU D 212 -45.91 25.58 -4.28
C LEU D 212 -46.48 25.33 -5.68
N SER D 213 -47.72 25.76 -5.90
CA SER D 213 -48.43 25.53 -7.15
C SER D 213 -48.50 24.05 -7.50
N ASN D 235 -55.40 25.38 2.03
CA ASN D 235 -53.98 25.19 1.76
C ASN D 235 -53.63 23.71 1.70
N CYS D 236 -52.69 23.37 0.80
CA CYS D 236 -52.27 21.98 0.64
C CYS D 236 -51.49 21.45 1.83
N GLY D 237 -51.07 22.31 2.76
CA GLY D 237 -50.44 21.88 3.99
C GLY D 237 -48.99 22.29 4.10
N PRO D 238 -48.40 22.08 5.28
CA PRO D 238 -46.98 22.40 5.48
C PRO D 238 -46.04 21.42 4.80
N ASP D 239 -46.55 20.30 4.27
CA ASP D 239 -45.74 19.37 3.48
C ASP D 239 -46.65 18.56 2.56
N PRO D 240 -47.35 19.21 1.63
CA PRO D 240 -48.22 18.45 0.73
C PRO D 240 -47.46 17.49 -0.16
N TYR D 241 -46.23 17.83 -0.53
CA TYR D 241 -45.48 17.06 -1.51
C TYR D 241 -45.00 15.76 -0.86
N ILE D 242 -45.88 14.76 -0.87
CA ILE D 242 -45.55 13.46 -0.32
C ILE D 242 -44.60 12.76 -1.28
N ILE D 243 -43.49 12.26 -0.74
CA ILE D 243 -42.47 11.65 -1.59
C ILE D 243 -42.95 10.29 -2.06
N ILE D 244 -42.96 10.10 -3.38
CA ILE D 244 -43.25 8.80 -3.98
C ILE D 244 -41.91 8.18 -4.36
N HIS D 245 -41.48 7.20 -3.59
CA HIS D 245 -40.13 6.68 -3.70
C HIS D 245 -40.02 5.62 -4.78
N GLU D 246 -40.49 5.94 -5.98
CA GLU D 246 -40.31 5.07 -7.13
C GLU D 246 -39.50 5.76 -8.23
N SER D 247 -39.93 6.96 -8.65
CA SER D 247 -39.15 7.70 -9.62
C SER D 247 -37.88 8.26 -8.99
N SER D 248 -37.90 8.49 -7.68
CA SER D 248 -36.75 9.08 -7.00
C SER D 248 -35.52 8.22 -7.18
N LYS D 249 -34.40 8.86 -7.51
CA LYS D 249 -33.16 8.18 -7.84
C LYS D 249 -32.14 8.39 -6.72
N PHE D 250 -31.50 7.29 -6.32
CA PHE D 250 -30.64 7.28 -5.13
C PHE D 250 -29.23 6.86 -5.50
N ILE D 251 -28.26 7.30 -4.70
CA ILE D 251 -26.89 6.85 -4.80
C ILE D 251 -26.38 6.50 -3.41
N ASP D 252 -25.67 5.39 -3.30
CA ASP D 252 -25.22 4.91 -2.00
C ASP D 252 -24.09 5.76 -1.44
N GLN D 253 -24.07 5.88 -0.11
CA GLN D 253 -23.01 6.55 0.61
C GLN D 253 -22.47 5.61 1.69
N GLN D 254 -21.19 5.78 2.02
CA GLN D 254 -20.53 4.96 3.01
C GLN D 254 -19.75 5.84 3.97
N PHE D 255 -19.83 5.52 5.26
CA PHE D 255 -19.16 6.30 6.29
C PHE D 255 -17.85 5.63 6.71
N LEU D 256 -16.85 6.46 6.93
CA LEU D 256 -15.49 5.98 7.19
C LEU D 256 -14.97 6.61 8.46
N LYS D 257 -13.99 5.95 9.07
CA LYS D 257 -13.38 6.43 10.31
C LYS D 257 -11.87 6.22 10.19
N LEU D 258 -11.11 7.30 10.29
CA LEU D 258 -9.66 7.26 10.18
C LEU D 258 -9.02 7.43 11.55
N GLN D 259 -8.15 6.51 11.90
CA GLN D 259 -7.25 6.75 13.03
C GLN D 259 -6.20 7.76 12.62
N GLU D 260 -5.76 8.56 13.58
CA GLU D 260 -4.78 9.62 13.33
C GLU D 260 -3.39 9.02 13.22
N ILE D 261 -2.95 8.83 11.98
CA ILE D 261 -1.54 8.72 11.60
C ILE D 261 -0.76 7.85 12.58
N PRO D 262 -0.88 6.52 12.49
CA PRO D 262 -0.18 5.67 13.48
C PRO D 262 1.29 5.98 13.61
N GLU D 263 1.89 6.56 12.57
CA GLU D 263 3.29 6.96 12.64
C GLU D 263 3.48 8.23 13.46
N LEU D 264 2.44 9.08 13.52
CA LEU D 264 2.55 10.32 14.28
C LEU D 264 2.83 10.05 15.75
N VAL D 265 2.30 8.95 16.26
CA VAL D 265 2.40 8.54 17.67
C VAL D 265 2.39 9.73 18.63
N PRO D 266 1.29 10.49 18.70
CA PRO D 266 1.21 11.53 19.73
C PRO D 266 1.36 10.93 21.11
N VAL D 267 2.46 11.29 21.79
CA VAL D 267 2.83 10.61 23.03
C VAL D 267 1.80 10.90 24.11
N GLY D 268 1.17 9.84 24.61
CA GLY D 268 0.19 9.97 25.66
C GLY D 268 -1.18 10.41 25.21
N GLU D 269 -1.40 10.56 23.91
CA GLU D 269 -2.68 10.97 23.37
C GLU D 269 -3.38 9.79 22.72
N MET D 270 -4.61 9.55 23.13
CA MET D 270 -5.43 8.53 22.48
C MET D 270 -5.68 8.94 21.04
N PRO D 271 -5.53 8.04 20.07
CA PRO D 271 -5.68 8.43 18.66
C PRO D 271 -7.09 8.88 18.30
N ARG D 272 -7.23 10.17 17.97
CA ARG D 272 -8.52 10.71 17.60
C ARG D 272 -8.94 10.18 16.24
N ASN D 273 -10.26 10.03 16.05
CA ASN D 273 -10.83 9.51 14.82
C ASN D 273 -11.91 10.46 14.32
N LEU D 274 -11.98 10.63 13.00
CA LEU D 274 -13.00 11.45 12.36
C LEU D 274 -13.83 10.61 11.40
N THR D 275 -15.10 11.00 11.25
CA THR D 275 -16.01 10.33 10.34
C THR D 275 -15.88 10.92 8.95
N MET D 276 -16.14 10.10 7.95
CA MET D 276 -16.08 10.52 6.55
C MET D 276 -17.31 10.02 5.82
N THR D 277 -17.49 10.50 4.60
CA THR D 277 -18.49 9.99 3.69
C THR D 277 -17.89 9.78 2.30
N CYS D 278 -18.40 8.77 1.61
CA CYS D 278 -17.92 8.43 0.27
C CYS D 278 -19.10 8.33 -0.68
N ASP D 279 -18.85 8.66 -1.94
CA ASP D 279 -19.87 8.59 -2.97
C ASP D 279 -19.77 7.27 -3.73
N ARG D 280 -20.76 7.05 -4.60
CA ARG D 280 -20.92 5.75 -5.23
C ARG D 280 -19.65 5.29 -5.94
N TYR D 281 -18.91 6.23 -6.53
CA TYR D 281 -17.64 5.86 -7.13
C TYR D 281 -16.47 6.07 -6.18
N LEU D 282 -16.74 6.25 -4.89
CA LEU D 282 -15.71 6.27 -3.86
C LEU D 282 -15.90 5.19 -2.81
N THR D 283 -17.13 4.74 -2.61
CA THR D 283 -17.43 3.79 -1.55
C THR D 283 -16.78 2.45 -1.82
N ASN D 284 -16.49 1.74 -0.73
CA ASN D 284 -16.00 0.36 -0.73
C ASN D 284 -14.66 0.20 -1.44
N LYS D 285 -13.94 1.29 -1.68
CA LYS D 285 -12.64 1.19 -2.31
C LYS D 285 -11.62 0.51 -1.41
N VAL D 286 -11.64 0.79 -0.11
CA VAL D 286 -10.59 0.31 0.80
C VAL D 286 -11.27 -0.30 2.02
N ILE D 287 -10.53 -1.12 2.76
CA ILE D 287 -11.07 -1.88 3.89
C ILE D 287 -10.56 -1.23 5.17
N PRO D 288 -11.13 -1.57 6.33
CA PRO D 288 -10.59 -1.08 7.59
C PRO D 288 -9.20 -1.65 7.85
N GLY D 289 -8.51 -1.04 8.79
CA GLY D 289 -7.16 -1.47 9.10
C GLY D 289 -6.16 -1.17 8.00
N THR D 290 -6.50 -0.26 7.10
CA THR D 290 -5.64 0.10 5.98
C THR D 290 -5.53 1.61 5.93
N ARG D 291 -4.30 2.11 5.81
CA ARG D 291 -4.05 3.54 5.89
C ARG D 291 -4.27 4.19 4.53
N VAL D 292 -4.91 5.35 4.53
CA VAL D 292 -5.24 6.06 3.30
C VAL D 292 -4.89 7.53 3.44
N THR D 293 -4.28 8.09 2.39
CA THR D 293 -4.07 9.52 2.27
C THR D 293 -5.31 10.12 1.61
N ILE D 294 -6.02 10.97 2.34
CA ILE D 294 -7.32 11.42 1.90
C ILE D 294 -7.24 12.88 1.46
N VAL D 295 -8.07 13.22 0.47
CA VAL D 295 -8.27 14.59 0.07
C VAL D 295 -9.76 14.87 -0.02
N GLY D 296 -10.31 15.43 1.04
CA GLY D 296 -11.71 15.77 1.09
C GLY D 296 -11.95 17.03 1.89
N ILE D 297 -13.06 17.72 1.62
CA ILE D 297 -13.33 18.96 2.31
C ILE D 297 -13.64 18.70 3.77
N TYR D 298 -13.12 19.55 4.65
CA TYR D 298 -13.50 19.48 6.05
C TYR D 298 -14.98 19.78 6.19
N SER D 299 -15.66 18.98 7.00
CA SER D 299 -17.11 18.98 7.02
C SER D 299 -17.62 19.03 8.45
N ILE D 300 -18.76 19.70 8.64
CA ILE D 300 -19.36 19.89 9.96
C ILE D 300 -20.86 19.70 9.84
N TYR D 301 -21.44 18.93 10.75
CA TYR D 301 -22.90 18.85 10.85
C TYR D 301 -23.27 18.69 12.31
N ASN D 302 -24.52 19.01 12.63
CA ASN D 302 -24.98 18.89 14.00
C ASN D 302 -25.33 17.43 14.31
N SER D 303 -24.80 16.92 15.42
CA SER D 303 -25.06 15.54 15.80
C SER D 303 -26.54 15.29 16.01
N LYS D 304 -27.23 16.23 16.66
CA LYS D 304 -28.66 16.10 16.87
C LYS D 304 -29.41 17.20 16.13
N GLY D 320 -23.10 21.39 25.70
CA GLY D 320 -22.81 21.35 24.28
C GLY D 320 -23.57 22.41 23.49
N VAL D 321 -22.92 23.56 23.29
CA VAL D 321 -23.54 24.70 22.63
C VAL D 321 -22.71 25.05 21.40
N ALA D 322 -23.39 25.16 20.25
CA ALA D 322 -22.77 25.59 18.99
C ALA D 322 -21.59 24.70 18.59
N ILE D 323 -21.61 23.45 19.04
CA ILE D 323 -20.60 22.47 18.67
C ILE D 323 -21.28 21.37 17.88
N ARG D 324 -20.69 21.02 16.74
CA ARG D 324 -21.32 20.13 15.78
C ARG D 324 -20.32 19.05 15.36
N THR D 325 -20.86 17.97 14.83
CA THR D 325 -20.03 16.81 14.52
C THR D 325 -19.02 17.16 13.43
N PRO D 326 -17.73 16.98 13.69
CA PRO D 326 -16.74 17.19 12.63
C PRO D 326 -16.56 15.95 11.78
N TYR D 327 -16.51 16.13 10.47
CA TYR D 327 -16.34 15.00 9.57
C TYR D 327 -15.73 15.52 8.27
N ILE D 328 -15.63 14.63 7.28
CA ILE D 328 -15.01 14.96 6.01
C ILE D 328 -15.88 14.44 4.88
N LYS D 329 -16.11 15.28 3.88
CA LYS D 329 -16.68 14.84 2.62
C LYS D 329 -15.54 14.73 1.61
N ILE D 330 -15.30 13.52 1.12
CA ILE D 330 -14.10 13.20 0.39
C ILE D 330 -14.27 13.55 -1.08
N LEU D 331 -13.26 14.22 -1.64
CA LEU D 331 -13.20 14.46 -3.07
C LEU D 331 -12.21 13.55 -3.78
N GLY D 332 -11.33 12.88 -3.04
CA GLY D 332 -10.40 11.95 -3.64
C GLY D 332 -9.82 11.00 -2.61
N ILE D 333 -9.60 9.76 -3.01
CA ILE D 333 -9.14 8.70 -2.12
C ILE D 333 -7.80 8.19 -2.64
N GLN D 334 -6.79 8.19 -1.77
CA GLN D 334 -5.50 7.61 -2.09
C GLN D 334 -5.03 6.78 -0.92
N SER D 335 -4.38 5.66 -1.23
CA SER D 335 -3.99 4.68 -0.23
C SER D 335 -2.66 5.08 0.38
N ASP D 336 -2.68 5.37 1.69
CA ASP D 336 -1.44 5.63 2.42
C ASP D 336 -0.60 4.36 2.51
N VAL D 337 -1.25 3.21 2.75
CA VAL D 337 -0.53 1.95 2.69
C VAL D 337 -0.05 1.67 1.26
N GLU D 338 -0.72 2.26 0.28
CA GLU D 338 -0.41 2.21 -1.16
C GLU D 338 -0.67 0.81 -1.71
N THR D 339 -1.03 -0.16 -0.88
CA THR D 339 -1.32 -1.50 -1.36
C THR D 339 -2.54 -1.48 -2.26
N SER D 340 -2.47 -2.26 -3.34
CA SER D 340 -3.59 -2.35 -4.26
C SER D 340 -4.79 -3.00 -3.57
N SER D 341 -5.96 -2.81 -4.17
CA SER D 341 -7.20 -3.36 -3.62
C SER D 341 -7.20 -4.88 -3.72
N ILE D 342 -8.30 -5.51 -3.28
CA ILE D 342 -8.44 -6.96 -3.36
C ILE D 342 -8.12 -7.40 -4.78
N TRP D 343 -7.12 -8.27 -4.91
CA TRP D 343 -6.64 -8.64 -6.23
C TRP D 343 -7.69 -9.47 -6.95
N ASN D 344 -8.34 -8.86 -7.94
CA ASN D 344 -9.35 -9.52 -8.75
C ASN D 344 -8.75 -10.20 -9.98
N SER D 345 -7.49 -10.62 -9.89
CA SER D 345 -6.69 -11.27 -10.92
C SER D 345 -6.31 -10.31 -12.04
N VAL D 346 -6.72 -9.05 -11.97
CA VAL D 346 -6.26 -8.05 -12.94
C VAL D 346 -4.77 -7.84 -12.72
N THR D 347 -3.97 -8.15 -13.75
CA THR D 347 -2.53 -8.14 -13.60
C THR D 347 -1.96 -6.74 -13.70
N MET D 348 -1.86 -6.04 -12.56
CA MET D 348 -1.10 -4.81 -12.52
C MET D 348 0.39 -5.09 -12.77
N PHE D 349 0.87 -6.27 -12.35
CA PHE D 349 2.20 -6.67 -12.76
C PHE D 349 2.27 -6.93 -14.27
N THR D 350 1.11 -7.14 -14.89
CA THR D 350 0.98 -7.34 -16.33
C THR D 350 1.75 -8.57 -16.80
N GLU D 351 1.79 -8.77 -18.12
CA GLU D 351 2.43 -9.96 -18.66
C GLU D 351 3.94 -9.94 -18.44
N GLU D 352 4.53 -8.75 -18.40
CA GLU D 352 5.99 -8.66 -18.28
C GLU D 352 6.47 -9.22 -16.94
N GLU D 353 6.02 -8.62 -15.84
CA GLU D 353 6.53 -9.01 -14.53
C GLU D 353 6.27 -10.48 -14.26
N GLU D 354 5.08 -10.97 -14.62
CA GLU D 354 4.81 -12.39 -14.46
C GLU D 354 5.70 -13.23 -15.38
N GLU D 355 6.12 -12.67 -16.52
CA GLU D 355 7.02 -13.39 -17.39
C GLU D 355 8.37 -13.60 -16.72
N GLU D 356 8.92 -12.54 -16.12
CA GLU D 356 10.15 -12.76 -15.36
C GLU D 356 9.92 -13.62 -14.13
N PHE D 357 8.70 -13.57 -13.56
CA PHE D 357 8.39 -14.46 -12.44
C PHE D 357 8.51 -15.91 -12.88
N LEU D 358 7.95 -16.24 -14.03
CA LEU D 358 8.05 -17.60 -14.55
C LEU D 358 9.49 -17.93 -14.91
N GLN D 359 10.24 -16.96 -15.42
CA GLN D 359 11.65 -17.18 -15.70
C GLN D 359 12.41 -17.55 -14.43
N LEU D 360 12.11 -16.87 -13.34
CA LEU D 360 12.66 -17.27 -12.05
C LEU D 360 12.20 -18.67 -11.68
N SER D 361 10.92 -18.98 -11.97
CA SER D 361 10.46 -20.36 -11.80
C SER D 361 11.15 -21.28 -12.79
N ARG D 362 11.42 -20.79 -14.00
CA ARG D 362 12.15 -21.59 -14.98
C ARG D 362 13.56 -21.90 -14.51
N ASN D 363 14.22 -20.93 -13.88
CA ASN D 363 15.56 -21.16 -13.37
C ASN D 363 15.48 -21.77 -11.98
N PRO D 364 15.88 -23.03 -11.82
CA PRO D 364 15.75 -23.68 -10.50
C PRO D 364 16.58 -23.03 -9.42
N LYS D 365 17.65 -22.30 -9.80
CA LYS D 365 18.50 -21.66 -8.82
C LYS D 365 17.73 -20.59 -8.03
N LEU D 366 16.72 -20.00 -8.64
CA LEU D 366 15.96 -18.95 -7.97
C LEU D 366 15.20 -19.47 -6.75
N TYR D 367 14.95 -20.78 -6.71
CA TYR D 367 14.37 -21.38 -5.51
C TYR D 367 15.28 -21.15 -4.31
N GLU D 368 16.56 -21.45 -4.45
CA GLU D 368 17.52 -21.18 -3.38
C GLU D 368 17.70 -19.69 -3.18
N ILE D 369 17.49 -18.88 -4.22
CA ILE D 369 17.51 -17.43 -4.05
C ILE D 369 16.44 -16.97 -3.08
N LEU D 370 15.21 -17.43 -3.29
CA LEU D 370 14.14 -17.12 -2.36
C LEU D 370 14.44 -17.68 -0.99
N THR D 371 15.00 -18.89 -0.94
CA THR D 371 15.37 -19.49 0.35
C THR D 371 16.32 -18.58 1.12
N ASN D 372 17.43 -18.18 0.50
CA ASN D 372 18.43 -17.37 1.18
C ASN D 372 17.87 -16.00 1.54
N SER D 373 17.08 -15.42 0.65
CA SER D 373 16.59 -14.07 0.86
C SER D 373 15.72 -13.97 2.10
N ILE D 374 14.88 -14.98 2.33
CA ILE D 374 14.05 -14.98 3.53
C ILE D 374 14.94 -14.94 4.77
N ALA D 375 14.44 -14.31 5.83
CA ALA D 375 15.11 -14.18 7.11
C ALA D 375 16.51 -13.57 6.94
N PRO D 376 16.60 -12.28 6.64
CA PRO D 376 17.93 -11.65 6.56
C PRO D 376 18.65 -11.75 7.90
N SER D 377 19.96 -11.91 7.83
CA SER D 377 20.89 -11.97 8.96
C SER D 377 20.73 -13.24 9.80
N ILE D 378 19.86 -14.18 9.39
CA ILE D 378 19.67 -15.39 10.16
C ILE D 378 20.92 -16.26 10.22
N PHE D 379 21.80 -16.13 9.23
CA PHE D 379 22.99 -16.96 9.11
C PHE D 379 22.60 -18.44 9.02
N GLY D 380 21.99 -18.78 7.89
CA GLY D 380 21.77 -20.18 7.57
C GLY D 380 20.37 -20.67 7.80
N ASN D 381 20.23 -21.89 8.32
CA ASN D 381 18.94 -22.54 8.51
C ASN D 381 18.18 -22.66 7.19
N GLU D 382 18.91 -22.96 6.11
CA GLU D 382 18.37 -22.82 4.77
C GLU D 382 17.21 -23.77 4.51
N ASP D 383 17.31 -25.02 4.95
CA ASP D 383 16.19 -25.93 4.77
C ASP D 383 14.97 -25.48 5.57
N ILE D 384 15.20 -24.85 6.73
CA ILE D 384 14.09 -24.26 7.47
C ILE D 384 13.42 -23.19 6.62
N LYS D 385 14.22 -22.33 5.99
CA LYS D 385 13.67 -21.28 5.14
C LYS D 385 12.95 -21.87 3.94
N LYS D 386 13.45 -22.99 3.42
CA LYS D 386 12.76 -23.67 2.34
C LYS D 386 11.38 -24.15 2.78
N ALA D 387 11.31 -24.74 3.98
CA ALA D 387 10.02 -25.15 4.51
C ALA D 387 9.09 -23.96 4.69
N ILE D 388 9.63 -22.84 5.17
CA ILE D 388 8.82 -21.64 5.37
C ILE D 388 8.28 -21.15 4.03
N VAL D 389 9.15 -21.13 3.01
CA VAL D 389 8.72 -20.68 1.69
C VAL D 389 7.65 -21.60 1.15
N CYS D 390 7.81 -22.91 1.34
CA CYS D 390 6.80 -23.85 0.86
C CYS D 390 5.47 -23.63 1.56
N LEU D 391 5.50 -23.43 2.88
CA LEU D 391 4.26 -23.20 3.60
C LEU D 391 3.58 -21.93 3.14
N LEU D 392 4.32 -20.82 3.10
CA LEU D 392 3.78 -19.57 2.61
C LEU D 392 3.25 -19.73 1.19
N MET D 393 3.87 -20.63 0.43
CA MET D 393 3.51 -20.78 -0.98
C MET D 393 2.07 -21.27 -1.13
N GLY D 394 1.56 -21.97 -0.11
CA GLY D 394 0.18 -22.40 -0.10
C GLY D 394 -0.02 -23.77 -0.68
N GLY D 395 -0.47 -24.71 0.15
CA GLY D 395 -0.82 -26.03 -0.35
C GLY D 395 -2.15 -25.98 -1.07
N SER D 396 -2.24 -26.73 -2.17
CA SER D 396 -3.43 -26.65 -3.01
C SER D 396 -4.59 -27.40 -2.39
N LYS D 397 -5.72 -26.72 -2.27
CA LYS D 397 -6.96 -27.31 -1.80
C LYS D 397 -7.71 -27.89 -2.99
N LYS D 398 -7.82 -29.21 -3.04
CA LYS D 398 -8.53 -29.91 -4.09
C LYS D 398 -9.92 -30.28 -3.58
N ILE D 399 -10.94 -29.97 -4.36
CA ILE D 399 -12.32 -30.28 -4.01
C ILE D 399 -12.71 -31.55 -4.74
N LEU D 400 -12.90 -32.63 -4.00
CA LEU D 400 -13.24 -33.89 -4.63
C LEU D 400 -14.66 -33.83 -5.20
N PRO D 401 -14.96 -34.60 -6.25
CA PRO D 401 -16.37 -34.72 -6.67
C PRO D 401 -17.25 -35.27 -5.57
N ASP D 402 -16.70 -36.14 -4.73
CA ASP D 402 -17.36 -36.53 -3.50
C ASP D 402 -17.61 -35.30 -2.62
N GLY D 403 -18.41 -35.50 -1.57
CA GLY D 403 -18.59 -34.43 -0.61
C GLY D 403 -17.30 -33.99 0.03
N MET D 404 -16.25 -34.80 -0.11
CA MET D 404 -14.96 -34.48 0.47
C MET D 404 -14.23 -33.44 -0.37
N ARG D 405 -13.08 -33.01 0.15
CA ARG D 405 -12.28 -31.96 -0.43
C ARG D 405 -10.89 -32.01 0.18
N LEU D 406 -9.88 -32.21 -0.67
CA LEU D 406 -8.51 -32.29 -0.17
C LEU D 406 -8.12 -30.99 0.50
N ARG D 407 -7.55 -31.10 1.69
CA ARG D 407 -7.16 -29.95 2.50
C ARG D 407 -5.84 -29.40 1.97
N GLY D 408 -5.85 -28.12 1.60
CA GLY D 408 -4.67 -27.53 0.98
C GLY D 408 -3.66 -26.97 1.96
N ASP D 409 -4.10 -26.04 2.80
CA ASP D 409 -3.17 -25.35 3.69
C ASP D 409 -2.66 -26.29 4.78
N ILE D 410 -1.48 -25.95 5.32
CA ILE D 410 -0.89 -26.69 6.42
C ILE D 410 -0.43 -25.66 7.45
N ASN D 411 -0.27 -26.10 8.69
CA ASN D 411 0.23 -25.24 9.77
C ASN D 411 1.52 -25.79 10.32
N VAL D 412 2.59 -25.00 10.25
CA VAL D 412 3.93 -25.43 10.65
C VAL D 412 4.13 -25.17 12.14
N LEU D 413 4.79 -26.10 12.81
CA LEU D 413 5.00 -26.06 14.25
C LEU D 413 6.45 -25.68 14.53
N LEU D 414 6.65 -24.74 15.45
CA LEU D 414 7.97 -24.18 15.73
C LEU D 414 8.34 -24.51 17.17
N LEU D 415 9.21 -25.49 17.33
CA LEU D 415 9.71 -25.89 18.64
C LEU D 415 11.22 -25.70 18.69
N GLY D 416 11.70 -25.12 19.78
CA GLY D 416 13.13 -25.03 19.95
C GLY D 416 13.52 -24.09 21.08
N ASP D 417 14.83 -23.91 21.20
CA ASP D 417 15.44 -23.09 22.23
C ASP D 417 15.11 -21.61 22.02
N PRO D 418 14.98 -20.85 23.10
CA PRO D 418 14.63 -19.44 22.96
C PRO D 418 15.82 -18.62 22.46
N GLY D 419 15.52 -17.36 22.16
CA GLY D 419 16.58 -16.45 21.72
C GLY D 419 17.21 -16.88 20.42
N THR D 420 16.47 -17.59 19.58
CA THR D 420 16.99 -18.13 18.33
C THR D 420 16.23 -17.58 17.15
N ALA D 421 15.83 -16.31 17.24
CA ALA D 421 15.23 -15.56 16.15
C ALA D 421 13.94 -16.19 15.65
N LYS D 422 13.39 -17.15 16.38
CA LYS D 422 12.18 -17.82 15.95
C LYS D 422 11.02 -16.83 15.85
N SER D 423 10.77 -16.09 16.93
CA SER D 423 9.75 -15.05 16.88
C SER D 423 10.14 -13.97 15.88
N GLN D 424 11.42 -13.66 15.80
CA GLN D 424 11.90 -12.71 14.80
C GLN D 424 11.59 -13.19 13.39
N LEU D 425 11.83 -14.47 13.13
CA LEU D 425 11.54 -15.02 11.82
C LEU D 425 10.04 -15.00 11.54
N LEU D 426 9.23 -15.31 12.55
CA LEU D 426 7.77 -15.26 12.38
C LEU D 426 7.33 -13.87 11.99
N LYS D 427 7.83 -12.86 12.70
CA LYS D 427 7.48 -11.48 12.39
C LYS D 427 7.93 -11.12 10.97
N PHE D 428 9.14 -11.52 10.60
CA PHE D 428 9.61 -11.24 9.24
C PHE D 428 8.69 -11.86 8.20
N VAL D 429 8.32 -13.12 8.41
CA VAL D 429 7.49 -13.83 7.44
C VAL D 429 6.12 -13.14 7.32
N GLU D 430 5.54 -12.77 8.46
CA GLU D 430 4.26 -12.07 8.41
C GLU D 430 4.39 -10.74 7.69
N LYS D 431 5.50 -10.03 7.90
CA LYS D 431 5.73 -8.80 7.15
C LYS D 431 5.85 -9.08 5.66
N VAL D 432 6.42 -10.23 5.30
CA VAL D 432 6.55 -10.59 3.89
C VAL D 432 5.16 -10.75 3.27
N SER D 433 4.26 -11.44 3.97
CA SER D 433 2.96 -11.79 3.43
C SER D 433 1.85 -11.25 4.33
N PRO D 434 1.27 -10.11 4.00
CA PRO D 434 0.21 -9.53 4.84
C PRO D 434 -1.18 -10.09 4.60
N ILE D 435 -1.32 -11.19 3.87
CA ILE D 435 -2.64 -11.80 3.68
C ILE D 435 -3.19 -12.28 5.02
N ALA D 436 -2.30 -12.58 5.96
CA ALA D 436 -2.68 -12.84 7.34
C ALA D 436 -2.01 -11.82 8.25
N VAL D 437 -2.25 -11.96 9.55
CA VAL D 437 -1.83 -10.98 10.54
C VAL D 437 -1.03 -11.68 11.64
N TYR D 438 0.14 -11.15 11.95
CA TYR D 438 0.91 -11.65 13.07
C TYR D 438 0.22 -11.31 14.39
N THR D 439 0.17 -12.30 15.29
CA THR D 439 -0.42 -12.08 16.61
C THR D 439 0.40 -12.85 17.63
N SER D 440 -0.09 -12.85 18.87
CA SER D 440 0.48 -13.60 19.97
C SER D 440 -0.64 -14.28 20.74
N GLY D 441 -0.30 -15.37 21.42
CA GLY D 441 -1.32 -16.13 22.14
C GLY D 441 -2.00 -15.30 23.21
N LYS D 442 -1.20 -14.72 24.11
CA LYS D 442 -1.79 -13.92 25.19
C LYS D 442 -2.47 -12.68 24.64
N GLY D 443 -1.86 -12.05 23.63
CA GLY D 443 -2.47 -10.88 23.02
C GLY D 443 -3.82 -11.18 22.39
N SER D 444 -3.97 -12.37 21.84
CA SER D 444 -5.25 -12.78 21.26
C SER D 444 -6.18 -13.25 22.37
N SER D 445 -7.45 -12.83 22.28
CA SER D 445 -8.43 -13.24 23.27
C SER D 445 -8.59 -14.74 23.28
N ALA D 446 -8.52 -15.33 24.48
CA ALA D 446 -8.60 -16.78 24.60
C ALA D 446 -9.91 -17.31 24.05
N ALA D 447 -11.02 -16.65 24.40
CA ALA D 447 -12.31 -17.02 23.85
C ALA D 447 -12.45 -16.46 22.43
N GLY D 448 -12.84 -17.33 21.51
CA GLY D 448 -13.00 -16.91 20.13
C GLY D 448 -11.72 -16.46 19.46
N LEU D 449 -10.63 -17.21 19.66
CA LEU D 449 -9.39 -16.94 18.93
C LEU D 449 -9.65 -16.93 17.44
N THR D 450 -10.29 -17.98 16.93
CA THR D 450 -10.69 -18.00 15.54
C THR D 450 -11.69 -16.89 15.24
N ALA D 451 -12.71 -16.75 16.10
CA ALA D 451 -13.71 -15.71 15.96
C ALA D 451 -14.42 -15.50 17.29
N SER D 452 -14.26 -14.33 17.88
CA SER D 452 -14.86 -14.04 19.17
C SER D 452 -16.29 -13.58 18.99
N VAL D 453 -17.10 -13.81 20.02
CA VAL D 453 -18.49 -13.41 20.04
C VAL D 453 -18.62 -12.24 21.01
N GLN D 454 -19.11 -11.10 20.50
CA GLN D 454 -19.18 -9.88 21.28
C GLN D 454 -20.58 -9.30 21.22
N ARG D 455 -21.00 -8.68 22.32
CA ARG D 455 -22.30 -8.01 22.35
C ARG D 455 -22.20 -6.64 21.69
N ASP D 456 -23.01 -6.42 20.67
CA ASP D 456 -22.99 -5.14 19.99
C ASP D 456 -23.60 -4.06 20.86
N PRO D 457 -23.06 -2.84 20.83
CA PRO D 457 -23.63 -1.77 21.69
C PRO D 457 -25.10 -1.50 21.45
N MET D 458 -25.54 -1.55 20.19
CA MET D 458 -26.94 -1.29 19.89
C MET D 458 -27.77 -2.54 19.68
N THR D 459 -27.19 -3.73 19.81
CA THR D 459 -27.96 -4.97 19.83
C THR D 459 -27.45 -5.83 20.97
N ARG D 460 -28.33 -6.14 21.93
CA ARG D 460 -27.92 -6.93 23.09
C ARG D 460 -27.48 -8.33 22.70
N GLU D 461 -27.79 -8.78 21.49
CA GLU D 461 -27.32 -10.07 21.02
C GLU D 461 -25.81 -10.03 20.85
N PHE D 462 -25.13 -11.06 21.31
CA PHE D 462 -23.68 -11.16 21.17
C PHE D 462 -23.34 -11.53 19.74
N TYR D 463 -22.88 -10.55 18.96
CA TYR D 463 -22.59 -10.79 17.56
C TYR D 463 -21.24 -11.48 17.40
N LEU D 464 -21.04 -12.05 16.23
CA LEU D 464 -19.80 -12.74 15.89
C LEU D 464 -18.78 -11.72 15.40
N GLU D 465 -17.74 -11.51 16.21
CA GLU D 465 -16.64 -10.66 15.77
C GLU D 465 -15.54 -11.52 15.17
N GLY D 466 -15.02 -11.10 14.03
CA GLY D 466 -13.97 -11.85 13.36
C GLY D 466 -12.69 -11.94 14.16
N GLY D 467 -12.32 -13.15 14.57
CA GLY D 467 -11.08 -13.36 15.28
C GLY D 467 -9.90 -13.43 14.33
N ALA D 468 -8.75 -13.81 14.90
CA ALA D 468 -7.50 -13.79 14.13
C ALA D 468 -7.57 -14.73 12.93
N MET D 469 -8.06 -15.96 13.13
CA MET D 469 -8.06 -16.93 12.05
C MET D 469 -9.19 -16.69 11.06
N VAL D 470 -10.16 -15.84 11.43
CA VAL D 470 -11.02 -15.25 10.40
C VAL D 470 -10.19 -14.37 9.48
N LEU D 471 -9.38 -13.48 10.07
CA LEU D 471 -8.45 -12.70 9.27
C LEU D 471 -7.39 -13.59 8.65
N ALA D 472 -6.90 -14.56 9.41
CA ALA D 472 -5.88 -15.46 8.88
C ALA D 472 -6.42 -16.32 7.75
N ASP D 473 -7.73 -16.56 7.73
CA ASP D 473 -8.33 -17.29 6.62
C ASP D 473 -8.01 -16.59 5.31
N GLY D 474 -7.53 -17.36 4.33
CA GLY D 474 -6.97 -16.76 3.14
C GLY D 474 -5.59 -16.20 3.32
N GLY D 475 -4.90 -16.52 4.41
CA GLY D 475 -3.58 -15.98 4.65
C GLY D 475 -2.72 -16.90 5.49
N VAL D 476 -1.42 -16.83 5.25
CA VAL D 476 -0.46 -17.62 6.03
C VAL D 476 -0.11 -16.81 7.28
N VAL D 477 -0.46 -17.35 8.45
CA VAL D 477 -0.46 -16.59 9.69
C VAL D 477 0.63 -17.11 10.62
N CYS D 478 1.29 -16.17 11.31
CA CYS D 478 2.27 -16.49 12.33
C CYS D 478 1.78 -15.93 13.66
N ILE D 479 1.83 -16.76 14.70
CA ILE D 479 1.39 -16.37 16.04
C ILE D 479 2.47 -16.78 17.02
N ASP D 480 2.62 -15.99 18.07
CA ASP D 480 3.68 -16.20 19.05
C ASP D 480 3.16 -17.00 20.25
N GLU D 481 4.11 -17.41 21.10
CA GLU D 481 3.86 -17.94 22.44
C GLU D 481 2.78 -19.02 22.45
N PHE D 482 2.92 -20.01 21.57
CA PHE D 482 1.97 -21.12 21.57
C PHE D 482 2.03 -21.87 22.89
N ASP D 483 3.23 -22.17 23.37
CA ASP D 483 3.38 -22.87 24.64
C ASP D 483 2.79 -22.06 25.79
N LYS D 484 3.05 -20.76 25.80
CA LYS D 484 2.57 -19.92 26.90
C LYS D 484 1.06 -19.81 26.89
N MET D 485 0.44 -20.04 25.74
CA MET D 485 -1.01 -19.93 25.65
C MET D 485 -1.67 -21.06 26.44
N ARG D 486 -2.85 -20.76 26.98
CA ARG D 486 -3.67 -21.79 27.61
C ARG D 486 -4.03 -22.85 26.56
N ASP D 487 -3.97 -24.12 26.95
CA ASP D 487 -4.05 -25.20 25.97
C ASP D 487 -5.48 -25.43 25.49
N GLU D 488 -6.47 -25.18 26.36
CA GLU D 488 -7.83 -25.66 26.10
C GLU D 488 -8.41 -25.05 24.82
N ASP D 489 -8.21 -23.75 24.61
CA ASP D 489 -8.74 -23.12 23.41
C ASP D 489 -7.89 -23.46 22.20
N ARG D 490 -6.60 -23.74 22.41
CA ARG D 490 -5.76 -24.20 21.30
C ARG D 490 -6.27 -25.51 20.73
N VAL D 491 -6.97 -26.30 21.55
CA VAL D 491 -7.66 -27.48 21.04
C VAL D 491 -8.71 -27.07 20.01
N ALA D 492 -9.42 -25.98 20.29
CA ALA D 492 -10.43 -25.49 19.34
C ALA D 492 -9.81 -24.98 18.06
N ILE D 493 -8.50 -24.82 18.00
CA ILE D 493 -7.84 -24.31 16.81
C ILE D 493 -7.53 -25.44 15.83
N HIS D 494 -7.10 -26.58 16.36
CA HIS D 494 -6.74 -27.70 15.50
C HIS D 494 -7.93 -28.20 14.70
N GLU D 495 -9.12 -28.23 15.30
CA GLU D 495 -10.30 -28.64 14.56
C GLU D 495 -10.60 -27.65 13.45
N ALA D 496 -10.50 -26.36 13.73
CA ALA D 496 -10.82 -25.35 12.72
C ALA D 496 -9.86 -25.41 11.55
N MET D 497 -8.56 -25.54 11.82
CA MET D 497 -7.59 -25.67 10.74
C MET D 497 -7.78 -26.98 9.99
N GLU D 498 -8.12 -28.05 10.73
CA GLU D 498 -8.35 -29.34 10.09
C GLU D 498 -9.50 -29.26 9.10
N GLN D 499 -10.61 -28.63 9.50
CA GLN D 499 -11.77 -28.54 8.63
C GLN D 499 -11.59 -27.43 7.60
N GLN D 500 -10.58 -26.58 7.77
CA GLN D 500 -10.37 -25.38 6.96
C GLN D 500 -11.52 -24.40 7.06
N THR D 501 -12.45 -24.62 8.00
CA THR D 501 -13.51 -23.69 8.30
C THR D 501 -13.52 -23.44 9.79
N ILE D 502 -14.49 -22.67 10.25
CA ILE D 502 -14.68 -22.41 11.67
C ILE D 502 -16.17 -22.55 11.95
N SER D 503 -16.56 -23.66 12.57
CA SER D 503 -17.96 -23.96 12.82
C SER D 503 -18.31 -23.54 14.24
N ILE D 504 -19.28 -22.65 14.37
CA ILE D 504 -19.70 -22.12 15.66
C ILE D 504 -21.19 -22.33 15.79
N ALA D 505 -21.62 -22.99 16.86
CA ALA D 505 -23.02 -23.03 17.24
C ALA D 505 -23.26 -22.45 18.63
N LYS D 506 -22.30 -21.69 19.14
CA LYS D 506 -22.43 -21.10 20.47
C LYS D 506 -23.50 -20.02 20.48
N ALA D 507 -24.10 -19.82 21.66
CA ALA D 507 -25.07 -18.76 21.89
C ALA D 507 -26.24 -18.85 20.91
N GLY D 508 -26.59 -20.07 20.53
CA GLY D 508 -27.69 -20.26 19.60
C GLY D 508 -27.44 -19.70 18.21
N ILE D 509 -26.19 -19.50 17.83
CA ILE D 509 -25.84 -18.95 16.53
C ILE D 509 -24.97 -19.98 15.82
N THR D 510 -25.48 -20.55 14.73
CA THR D 510 -24.85 -21.68 14.06
C THR D 510 -24.02 -21.27 12.85
N THR D 511 -23.40 -20.09 12.90
CA THR D 511 -22.60 -19.63 11.78
C THR D 511 -21.33 -20.47 11.64
N VAL D 512 -20.94 -20.72 10.39
CA VAL D 512 -19.70 -21.43 10.07
C VAL D 512 -18.90 -20.58 9.09
N LEU D 513 -17.66 -20.29 9.43
CA LEU D 513 -16.80 -19.44 8.63
C LEU D 513 -15.56 -20.21 8.19
N ASN D 514 -15.11 -19.96 6.97
CA ASN D 514 -13.97 -20.68 6.44
C ASN D 514 -12.68 -20.22 7.12
N SER D 515 -11.73 -21.15 7.23
CA SER D 515 -10.40 -20.88 7.79
C SER D 515 -9.36 -21.45 6.84
N ARG D 516 -8.99 -20.68 5.83
CA ARG D 516 -7.92 -21.08 4.89
C ARG D 516 -6.66 -20.35 5.34
N THR D 517 -5.93 -20.97 6.26
CA THR D 517 -4.78 -20.31 6.83
C THR D 517 -3.65 -21.30 7.05
N SER D 518 -2.43 -20.79 7.11
CA SER D 518 -1.24 -21.59 7.40
C SER D 518 -0.62 -21.06 8.69
N VAL D 519 -0.93 -21.72 9.81
CA VAL D 519 -0.49 -21.24 11.11
C VAL D 519 0.97 -21.59 11.35
N LEU D 520 1.75 -20.60 11.75
CA LEU D 520 3.13 -20.82 12.17
C LEU D 520 3.15 -20.78 13.69
N ALA D 521 3.58 -21.88 14.31
CA ALA D 521 3.58 -21.97 15.76
C ALA D 521 4.71 -21.16 16.35
N ALA D 522 4.66 -20.98 17.68
CA ALA D 522 5.78 -20.40 18.43
C ALA D 522 5.69 -20.97 19.84
N ALA D 523 6.42 -22.05 20.08
CA ALA D 523 6.41 -22.67 21.40
C ALA D 523 7.85 -23.09 21.67
N ASN D 524 8.41 -22.59 22.76
CA ASN D 524 9.68 -23.10 23.24
C ASN D 524 9.31 -24.27 24.15
N PRO D 525 9.61 -25.50 23.72
CA PRO D 525 8.90 -26.69 24.22
C PRO D 525 8.73 -26.84 25.72
N ILE D 526 9.83 -26.86 26.46
CA ILE D 526 9.78 -26.98 27.92
C ILE D 526 11.07 -26.41 28.49
N TYR D 527 10.93 -25.71 29.62
CA TYR D 527 12.05 -25.08 30.30
C TYR D 527 12.77 -24.13 29.36
N GLY D 528 12.06 -23.61 28.36
CA GLY D 528 12.64 -22.72 27.38
C GLY D 528 13.29 -23.46 26.23
N ARG D 529 14.40 -24.15 26.52
CA ARG D 529 15.12 -24.88 25.50
C ARG D 529 14.25 -25.97 24.90
N TYR D 530 14.72 -26.54 23.78
CA TYR D 530 13.99 -27.63 23.17
C TYR D 530 13.99 -28.87 24.06
N ASP D 531 15.09 -29.12 24.75
CA ASP D 531 15.26 -30.30 25.61
C ASP D 531 15.14 -31.60 24.80
N ASP D 532 15.88 -31.67 23.69
CA ASP D 532 15.82 -32.87 22.86
C ASP D 532 16.26 -34.11 23.62
N LEU D 533 17.15 -33.95 24.59
CA LEU D 533 17.61 -35.08 25.41
C LEU D 533 16.73 -35.25 26.64
N LYS D 534 15.42 -35.33 26.38
CA LYS D 534 14.43 -35.55 27.42
C LYS D 534 13.19 -36.14 26.76
N SER D 535 12.34 -36.73 27.59
CA SER D 535 11.17 -37.43 27.07
C SER D 535 10.28 -36.47 26.29
N PRO D 536 9.79 -36.84 25.11
CA PRO D 536 8.98 -35.90 24.31
C PRO D 536 7.75 -35.40 25.04
N GLY D 537 7.12 -36.24 25.86
CA GLY D 537 5.99 -35.77 26.65
C GLY D 537 6.38 -34.62 27.56
N ASP D 538 7.54 -34.74 28.22
CA ASP D 538 8.09 -33.61 28.95
C ASP D 538 8.44 -32.48 27.99
N ASN D 539 9.06 -32.82 26.85
CA ASN D 539 9.49 -31.79 25.92
C ASN D 539 8.32 -31.03 25.33
N ILE D 540 7.35 -31.74 24.77
CA ILE D 540 6.24 -31.13 24.08
C ILE D 540 5.08 -31.01 25.07
N ASP D 541 4.90 -29.81 25.61
CA ASP D 541 3.74 -29.55 26.46
C ASP D 541 2.44 -29.69 25.69
N PHE D 542 2.45 -29.35 24.41
CA PHE D 542 1.27 -29.56 23.57
C PHE D 542 0.94 -31.04 23.48
N GLN D 543 -0.35 -31.34 23.41
CA GLN D 543 -0.78 -32.71 23.26
C GLN D 543 -0.42 -33.21 21.86
N THR D 544 0.05 -34.46 21.80
CA THR D 544 0.54 -35.00 20.54
C THR D 544 -0.57 -35.11 19.49
N THR D 545 -1.82 -35.20 19.96
CA THR D 545 -2.95 -35.13 19.04
C THR D 545 -2.95 -33.79 18.30
N ILE D 546 -2.68 -32.71 19.03
CA ILE D 546 -2.61 -31.40 18.41
C ILE D 546 -1.47 -31.36 17.39
N LEU D 547 -0.34 -31.99 17.73
CA LEU D 547 0.79 -32.05 16.80
C LEU D 547 0.39 -32.76 15.52
N SER D 548 -0.28 -33.90 15.65
CA SER D 548 -0.68 -34.67 14.48
C SER D 548 -1.71 -33.90 13.65
N ARG D 549 -2.67 -33.26 14.31
CA ARG D 549 -3.71 -32.54 13.59
C ARG D 549 -3.15 -31.32 12.86
N PHE D 550 -2.14 -30.68 13.45
CA PHE D 550 -1.44 -29.60 12.77
C PHE D 550 -0.39 -30.10 11.80
N ASP D 551 -0.07 -31.39 11.84
CA ASP D 551 0.55 -32.09 10.72
C ASP D 551 2.02 -31.75 10.50
N MET D 552 2.52 -30.73 11.16
CA MET D 552 3.92 -30.33 11.05
C MET D 552 4.66 -30.52 12.36
N ILE D 553 5.97 -30.73 12.23
CA ILE D 553 6.88 -30.86 13.35
C ILE D 553 8.18 -30.17 12.96
N PHE D 554 8.82 -29.53 13.93
CA PHE D 554 10.08 -28.87 13.66
C PHE D 554 10.82 -28.63 14.98
N ILE D 555 12.15 -28.59 14.88
CA ILE D 555 13.02 -28.50 16.04
C ILE D 555 14.03 -27.38 15.84
N VAL D 556 14.26 -26.59 16.90
CA VAL D 556 15.43 -25.74 17.00
C VAL D 556 16.26 -26.28 18.16
N LYS D 557 17.49 -26.68 17.88
CA LYS D 557 18.37 -27.25 18.88
C LYS D 557 19.56 -26.33 19.12
N ASP D 558 20.40 -26.70 20.09
CA ASP D 558 21.58 -25.92 20.43
C ASP D 558 22.66 -26.20 19.40
N ASP D 559 23.01 -25.19 18.61
CA ASP D 559 23.94 -25.39 17.50
C ASP D 559 25.32 -25.80 17.99
N HIS D 560 25.79 -25.19 19.07
CA HIS D 560 27.20 -25.28 19.49
C HIS D 560 28.03 -24.79 18.31
N ASN D 561 29.07 -25.49 17.88
CA ASN D 561 29.87 -25.10 16.72
C ASN D 561 30.46 -23.71 16.92
N GLU D 562 31.39 -23.63 17.87
CA GLU D 562 31.98 -22.35 18.26
C GLU D 562 32.53 -21.59 17.05
N GLU D 563 33.04 -22.31 16.06
CA GLU D 563 33.43 -21.66 14.81
C GLU D 563 32.21 -21.08 14.11
N ARG D 564 31.12 -21.85 14.04
CA ARG D 564 29.90 -21.32 13.46
C ARG D 564 29.32 -20.23 14.33
N ASP D 565 29.49 -20.32 15.66
CA ASP D 565 29.05 -19.25 16.54
C ASP D 565 29.81 -17.97 16.24
N ILE D 566 31.12 -18.08 16.02
CA ILE D 566 31.92 -16.94 15.60
C ILE D 566 31.38 -16.36 14.31
N SER D 567 31.08 -17.21 13.33
CA SER D 567 30.58 -16.73 12.05
C SER D 567 29.22 -16.05 12.21
N ILE D 568 28.36 -16.60 13.07
CA ILE D 568 27.07 -15.98 13.35
C ILE D 568 27.29 -14.61 14.00
N ALA D 569 28.23 -14.52 14.92
CA ALA D 569 28.54 -13.24 15.55
C ALA D 569 28.99 -12.23 14.50
N ASN D 570 29.83 -12.66 13.57
CA ASN D 570 30.25 -11.79 12.48
C ASN D 570 29.03 -11.31 11.71
N HIS D 571 28.14 -12.23 11.35
CA HIS D 571 26.96 -11.86 10.58
C HIS D 571 26.07 -10.88 11.35
N VAL D 572 25.87 -11.13 12.64
CA VAL D 572 24.98 -10.31 13.45
C VAL D 572 25.54 -8.92 13.62
N ILE D 573 26.85 -8.81 13.87
CA ILE D 573 27.45 -7.48 13.96
C ILE D 573 27.41 -6.78 12.62
N ASN D 574 27.64 -7.52 11.54
CA ASN D 574 27.62 -6.95 10.21
C ASN D 574 26.27 -6.33 9.91
N ILE D 575 25.20 -7.07 10.20
CA ILE D 575 23.86 -6.52 10.02
C ILE D 575 23.58 -5.45 11.06
N HIS D 576 24.32 -5.47 12.17
CA HIS D 576 24.10 -4.53 13.25
C HIS D 576 24.80 -3.20 13.02
N THR D 577 25.98 -3.21 12.42
CA THR D 577 26.70 -1.99 12.13
C THR D 577 26.29 -1.49 10.75
N GLY D 578 25.82 -0.24 10.72
CA GLY D 578 25.20 0.29 9.50
C GLY D 578 26.13 0.26 8.30
N ASN D 579 27.42 0.55 8.53
CA ASN D 579 28.38 0.51 7.43
C ASN D 579 28.46 -0.89 6.83
N ALA D 580 28.54 -1.92 7.68
CA ALA D 580 28.49 -3.28 7.18
C ALA D 580 27.06 -3.65 6.78
N ASN D 581 26.07 -3.19 7.54
CA ASN D 581 24.68 -3.51 7.23
C ASN D 581 24.34 -3.15 5.80
N ALA D 582 24.84 -2.01 5.32
CA ALA D 582 24.51 -1.56 3.97
C ALA D 582 25.02 -2.53 2.92
N MET D 583 26.23 -3.06 3.08
CA MET D 583 26.80 -3.91 2.04
C MET D 583 26.10 -5.26 1.99
N GLN D 584 25.77 -5.83 3.15
CA GLN D 584 24.96 -7.04 3.13
C GLN D 584 23.59 -6.76 2.54
N ASN D 585 23.02 -5.59 2.83
CA ASN D 585 21.71 -5.23 2.29
C ASN D 585 21.74 -5.22 0.78
N GLN D 586 22.71 -4.52 0.18
CA GLN D 586 22.78 -4.44 -1.27
C GLN D 586 23.14 -5.78 -1.89
N GLN D 587 24.02 -6.55 -1.22
CA GLN D 587 24.39 -7.86 -1.73
C GLN D 587 23.18 -8.78 -1.79
N GLU D 588 22.35 -8.75 -0.74
CA GLU D 588 21.13 -9.54 -0.76
C GLU D 588 20.15 -9.01 -1.81
N GLU D 589 20.05 -7.69 -1.94
CA GLU D 589 19.04 -7.09 -2.81
C GLU D 589 19.32 -7.41 -4.28
N ASN D 590 20.56 -7.22 -4.73
CA ASN D 590 20.86 -7.35 -6.16
C ASN D 590 20.60 -8.76 -6.65
N GLY D 591 20.96 -9.76 -5.86
CA GLY D 591 20.83 -11.13 -6.29
C GLY D 591 19.70 -11.91 -5.66
N SER D 592 19.48 -11.73 -4.36
CA SER D 592 18.57 -12.62 -3.63
C SER D 592 17.36 -11.93 -3.02
N GLU D 593 17.54 -10.84 -2.28
CA GLU D 593 16.43 -10.19 -1.59
C GLU D 593 15.48 -9.47 -2.54
N ILE D 594 15.92 -9.18 -3.77
CA ILE D 594 15.10 -8.80 -4.92
C ILE D 594 13.74 -8.21 -4.56
N SER D 595 13.73 -7.15 -3.74
CA SER D 595 12.52 -6.36 -3.53
C SER D 595 11.39 -7.23 -2.96
N ILE D 596 11.57 -7.59 -1.69
CA ILE D 596 10.68 -8.45 -0.92
C ILE D 596 9.21 -8.20 -1.25
N GLU D 597 8.84 -6.93 -1.44
CA GLU D 597 7.47 -6.62 -1.84
C GLU D 597 7.11 -7.33 -3.13
N LYS D 598 7.95 -7.24 -4.14
CA LYS D 598 7.56 -7.92 -5.37
C LYS D 598 7.79 -9.42 -5.26
N MET D 599 8.56 -9.88 -4.27
CA MET D 599 8.48 -11.29 -3.92
C MET D 599 7.09 -11.67 -3.50
N LYS D 600 6.47 -10.85 -2.63
CA LYS D 600 5.11 -11.15 -2.20
C LYS D 600 4.15 -11.11 -3.40
N ARG D 601 4.36 -10.14 -4.29
CA ARG D 601 3.56 -10.07 -5.52
C ARG D 601 3.72 -11.34 -6.35
N TYR D 602 4.97 -11.78 -6.54
CA TYR D 602 5.23 -13.01 -7.27
C TYR D 602 4.62 -14.21 -6.55
N ILE D 603 4.66 -14.23 -5.23
CA ILE D 603 4.08 -15.34 -4.48
C ILE D 603 2.59 -15.40 -4.71
N THR D 604 1.93 -14.25 -4.72
CA THR D 604 0.51 -14.22 -5.05
C THR D 604 0.26 -14.73 -6.46
N TYR D 605 1.05 -14.24 -7.43
CA TYR D 605 0.87 -14.67 -8.81
C TYR D 605 1.13 -16.17 -8.96
N CYS D 606 2.06 -16.71 -8.18
CA CYS D 606 2.51 -18.07 -8.40
C CYS D 606 1.72 -19.05 -7.55
N ARG D 607 1.04 -18.56 -6.51
CA ARG D 607 0.00 -19.36 -5.88
C ARG D 607 -1.24 -19.39 -6.75
N LEU D 608 -1.46 -18.31 -7.52
CA LEU D 608 -2.38 -18.42 -8.64
C LEU D 608 -1.85 -19.43 -9.66
N LYS D 609 -0.53 -19.58 -9.73
CA LYS D 609 0.07 -20.62 -10.57
C LYS D 609 0.18 -21.96 -9.84
N CYS D 610 0.07 -21.98 -8.51
CA CYS D 610 -0.03 -23.27 -7.82
C CYS D 610 -1.25 -24.04 -8.32
N ALA D 611 -2.44 -23.51 -8.05
CA ALA D 611 -3.75 -24.10 -8.25
C ALA D 611 -3.96 -24.85 -9.56
N PRO D 612 -3.48 -24.36 -10.74
CA PRO D 612 -3.68 -25.13 -11.97
C PRO D 612 -3.27 -26.59 -11.90
N ARG D 613 -2.02 -26.89 -11.52
CA ARG D 613 -1.64 -28.29 -11.41
C ARG D 613 -0.46 -28.42 -10.46
N LEU D 614 -0.50 -29.48 -9.65
CA LEU D 614 0.56 -29.71 -8.67
C LEU D 614 1.06 -31.15 -8.66
N SER D 615 0.63 -32.01 -9.57
CA SER D 615 1.27 -33.32 -9.64
C SER D 615 1.30 -33.90 -11.05
N PRO D 616 1.77 -33.18 -12.08
CA PRO D 616 1.99 -33.83 -13.37
C PRO D 616 3.20 -34.76 -13.33
N GLN D 617 4.33 -34.23 -12.86
CA GLN D 617 5.57 -34.96 -12.76
C GLN D 617 5.60 -35.89 -11.56
N ALA D 618 4.72 -35.68 -10.58
CA ALA D 618 4.74 -36.48 -9.37
C ALA D 618 4.38 -37.93 -9.66
N ALA D 619 3.26 -38.15 -10.38
CA ALA D 619 2.56 -39.43 -10.39
C ALA D 619 3.49 -40.65 -10.40
N GLU D 620 4.35 -40.75 -11.41
CA GLU D 620 5.14 -41.95 -11.61
C GLU D 620 6.11 -42.19 -10.45
N LYS D 621 6.82 -41.15 -10.03
CA LYS D 621 7.82 -41.33 -8.97
C LYS D 621 7.15 -41.43 -7.61
N LEU D 622 6.07 -40.69 -7.42
CA LEU D 622 5.33 -40.72 -6.17
C LEU D 622 4.71 -42.09 -5.94
N SER D 623 4.30 -42.76 -7.00
CA SER D 623 3.70 -44.09 -6.84
C SER D 623 4.62 -45.02 -6.08
N SER D 624 5.93 -44.80 -6.21
CA SER D 624 6.89 -45.58 -5.43
C SER D 624 7.21 -44.89 -4.11
N ASN D 625 7.48 -43.58 -4.14
CA ASN D 625 8.04 -42.92 -2.96
C ASN D 625 7.02 -42.78 -1.84
N PHE D 626 5.73 -42.72 -2.16
CA PHE D 626 4.73 -42.60 -1.13
C PHE D 626 4.71 -43.85 -0.25
N VAL D 627 4.59 -45.01 -0.88
CA VAL D 627 4.64 -46.26 -0.12
C VAL D 627 6.03 -46.45 0.46
N THR D 628 7.06 -45.88 -0.17
CA THR D 628 8.40 -45.91 0.40
C THR D 628 8.41 -45.25 1.78
N ILE D 629 7.94 -44.01 1.85
CA ILE D 629 7.94 -43.28 3.11
C ILE D 629 7.02 -43.96 4.10
N ARG D 630 5.93 -44.56 3.62
CA ARG D 630 5.10 -45.37 4.49
C ARG D 630 5.92 -46.49 5.13
N LYS D 631 6.77 -47.13 4.33
CA LYS D 631 7.60 -48.21 4.85
C LYS D 631 8.64 -47.68 5.84
N GLN D 632 9.20 -46.50 5.58
CA GLN D 632 10.11 -45.95 6.57
C GLN D 632 9.40 -45.61 7.87
N LEU D 633 8.12 -45.24 7.80
CA LEU D 633 7.35 -45.06 9.02
C LEU D 633 7.19 -46.38 9.77
N LEU D 634 6.97 -47.46 9.02
CA LEU D 634 6.96 -48.78 9.65
C LEU D 634 8.30 -49.09 10.29
N ILE D 635 9.39 -48.74 9.60
CA ILE D 635 10.72 -48.86 10.19
C ILE D 635 10.78 -48.12 11.51
N ASN D 636 10.24 -46.89 11.53
CA ASN D 636 10.29 -46.06 12.72
C ASN D 636 9.55 -46.72 13.88
N GLU D 637 8.37 -47.30 13.62
CA GLU D 637 7.71 -48.00 14.71
C GLU D 637 8.51 -49.23 15.11
N LEU D 638 9.30 -49.78 14.19
CA LEU D 638 10.18 -50.89 14.56
C LEU D 638 11.25 -50.44 15.54
N GLU D 639 11.85 -49.27 15.31
CA GLU D 639 12.79 -48.78 16.32
C GLU D 639 12.06 -48.34 17.59
N SER D 640 10.77 -48.04 17.50
CA SER D 640 10.02 -47.55 18.66
C SER D 640 9.14 -48.64 19.27
N THR D 641 9.64 -49.87 19.33
CA THR D 641 8.95 -50.92 20.07
C THR D 641 8.72 -50.48 21.51
N GLU D 642 7.75 -51.13 22.15
CA GLU D 642 7.04 -50.76 23.39
C GLU D 642 6.06 -49.63 23.09
N ARG D 643 5.87 -49.32 21.81
CA ARG D 643 5.03 -48.24 21.29
C ARG D 643 5.67 -46.88 21.54
N SER D 644 6.75 -46.87 22.33
CA SER D 644 7.39 -45.64 22.78
C SER D 644 6.35 -44.64 23.26
N SER D 645 5.35 -45.14 23.99
CA SER D 645 4.26 -44.33 24.54
C SER D 645 3.36 -43.76 23.44
N ILE D 646 2.34 -43.00 23.86
CA ILE D 646 1.40 -42.44 22.90
C ILE D 646 2.04 -41.52 21.87
N PRO D 647 2.94 -40.58 22.23
CA PRO D 647 3.33 -39.54 21.26
C PRO D 647 3.81 -40.04 19.91
N ILE D 648 4.36 -41.24 19.84
CA ILE D 648 5.00 -41.67 18.60
C ILE D 648 4.03 -42.40 17.69
N THR D 649 2.91 -42.88 18.25
CA THR D 649 2.00 -43.73 17.50
C THR D 649 1.30 -42.97 16.37
N ILE D 650 0.79 -41.77 16.68
CA ILE D 650 0.02 -41.00 15.71
C ILE D 650 0.92 -40.28 14.71
N ARG D 651 2.23 -40.27 14.97
CA ARG D 651 3.14 -39.56 14.08
C ARG D 651 3.14 -40.16 12.69
N GLN D 652 2.96 -41.47 12.57
CA GLN D 652 2.89 -42.09 11.25
C GLN D 652 1.69 -41.60 10.46
N LEU D 653 0.55 -41.43 11.13
CA LEU D 653 -0.65 -40.96 10.44
C LEU D 653 -0.50 -39.49 10.05
N GLU D 654 -0.01 -38.67 10.97
CA GLU D 654 0.20 -37.28 10.61
C GLU D 654 1.24 -37.16 9.50
N ALA D 655 2.17 -38.13 9.43
CA ALA D 655 3.17 -38.12 8.37
C ALA D 655 2.59 -38.54 7.02
N ILE D 656 1.71 -39.54 7.00
CA ILE D 656 1.13 -39.94 5.72
C ILE D 656 0.21 -38.83 5.20
N ILE D 657 -0.50 -38.14 6.10
CA ILE D 657 -1.23 -36.96 5.64
C ILE D 657 -0.26 -35.85 5.28
N ARG D 658 0.90 -35.83 5.94
CA ARG D 658 1.89 -34.79 5.74
C ARG D 658 2.46 -34.84 4.34
N ILE D 659 2.75 -36.04 3.83
CA ILE D 659 3.28 -36.15 2.48
C ILE D 659 2.28 -35.59 1.49
N THR D 660 1.01 -35.97 1.64
CA THR D 660 -0.04 -35.54 0.72
C THR D 660 -0.19 -34.03 0.74
N GLU D 661 -0.19 -33.43 1.94
CA GLU D 661 -0.32 -31.99 2.01
C GLU D 661 0.97 -31.27 1.63
N SER D 662 2.12 -31.92 1.81
CA SER D 662 3.41 -31.25 1.70
C SER D 662 3.89 -31.24 0.26
N LEU D 663 3.48 -32.21 -0.53
CA LEU D 663 3.72 -32.11 -1.97
C LEU D 663 3.04 -30.87 -2.54
N ALA D 664 1.79 -30.62 -2.13
CA ALA D 664 1.11 -29.41 -2.55
C ALA D 664 1.75 -28.16 -1.94
N LYS D 665 2.15 -28.26 -0.67
CA LYS D 665 2.92 -27.21 -0.03
C LYS D 665 4.14 -26.82 -0.86
N LEU D 666 4.87 -27.81 -1.35
CA LEU D 666 6.03 -27.55 -2.19
C LEU D 666 5.64 -27.18 -3.61
N GLU D 667 4.37 -27.38 -3.98
CA GLU D 667 3.79 -26.77 -5.18
C GLU D 667 4.24 -27.44 -6.47
N LEU D 668 5.18 -28.40 -6.38
CA LEU D 668 6.09 -28.76 -7.46
C LEU D 668 7.23 -27.76 -7.53
N SER D 669 7.54 -27.08 -6.41
CA SER D 669 8.56 -26.04 -6.34
C SER D 669 8.01 -24.84 -7.10
N PRO D 670 8.83 -23.83 -7.45
CA PRO D 670 8.33 -22.83 -8.39
C PRO D 670 7.71 -23.42 -9.64
N ILE D 671 8.27 -24.50 -10.18
CA ILE D 671 7.60 -25.28 -11.21
C ILE D 671 8.20 -26.68 -11.26
N ALA D 672 7.32 -27.68 -11.27
CA ALA D 672 7.62 -29.05 -11.72
C ALA D 672 8.87 -29.65 -11.07
N GLN D 673 9.00 -29.50 -9.76
CA GLN D 673 10.10 -30.15 -9.06
C GLN D 673 9.64 -30.74 -7.73
N GLU D 674 8.53 -31.48 -7.77
CA GLU D 674 7.81 -31.84 -6.55
C GLU D 674 8.51 -32.96 -5.78
N ARG D 675 8.60 -34.14 -6.39
CA ARG D 675 8.96 -35.35 -5.65
C ARG D 675 10.41 -35.36 -5.24
N HIS D 676 11.29 -34.90 -6.12
CA HIS D 676 12.73 -35.02 -5.90
C HIS D 676 13.15 -34.27 -4.65
N VAL D 677 12.46 -33.17 -4.35
CA VAL D 677 12.74 -32.42 -3.13
C VAL D 677 11.83 -32.84 -1.98
N ASP D 678 10.57 -33.20 -2.26
CA ASP D 678 9.71 -33.73 -1.21
C ASP D 678 10.33 -34.94 -0.52
N GLU D 679 11.12 -35.73 -1.26
CA GLU D 679 11.81 -36.85 -0.61
C GLU D 679 12.75 -36.36 0.48
N ALA D 680 13.59 -35.38 0.15
CA ALA D 680 14.49 -34.81 1.13
C ALA D 680 13.73 -34.19 2.30
N ILE D 681 12.63 -33.51 2.00
CA ILE D 681 11.85 -32.85 3.06
C ILE D 681 11.24 -33.87 4.00
N ARG D 682 10.70 -34.97 3.45
CA ARG D 682 10.17 -36.02 4.30
C ARG D 682 11.27 -36.64 5.14
N LEU D 683 12.47 -36.79 4.57
CA LEU D 683 13.61 -37.25 5.36
C LEU D 683 13.89 -36.29 6.51
N PHE D 684 13.85 -34.99 6.23
CA PHE D 684 14.12 -33.99 7.25
C PHE D 684 13.11 -34.10 8.38
N GLN D 685 11.83 -34.23 8.02
CA GLN D 685 10.80 -34.39 9.04
C GLN D 685 10.96 -35.70 9.80
N ALA D 686 11.31 -36.78 9.09
CA ALA D 686 11.49 -38.07 9.75
C ALA D 686 12.53 -37.97 10.84
N SER D 687 13.71 -37.43 10.50
CA SER D 687 14.75 -37.28 11.52
C SER D 687 14.37 -36.23 12.56
N THR D 688 13.58 -35.23 12.16
CA THR D 688 13.07 -34.26 13.12
C THR D 688 12.31 -34.96 14.23
N MET D 689 11.36 -35.81 13.86
CA MET D 689 10.63 -36.56 14.88
C MET D 689 11.53 -37.55 15.59
N ASP D 690 12.44 -38.19 14.86
CA ASP D 690 13.33 -39.17 15.48
C ASP D 690 14.17 -38.56 16.58
N ALA D 691 14.53 -37.28 16.44
CA ALA D 691 15.22 -36.59 17.52
C ALA D 691 14.36 -36.53 18.78
N ALA D 692 13.04 -36.61 18.62
CA ALA D 692 12.11 -36.68 19.75
C ALA D 692 11.41 -38.02 19.87
N SER D 693 11.43 -38.84 18.82
CA SER D 693 10.74 -40.13 18.84
C SER D 693 11.68 -41.31 18.97
N GLN D 694 12.98 -41.09 19.19
CA GLN D 694 13.89 -42.20 19.39
C GLN D 694 13.56 -42.97 20.66
N ASP D 695 13.12 -42.27 21.70
CA ASP D 695 12.71 -42.88 22.96
C ASP D 695 11.58 -42.04 23.55
N PRO D 696 10.77 -42.64 24.44
CA PRO D 696 9.76 -41.87 25.17
C PRO D 696 10.37 -41.07 26.33
N THR D 706 13.21 -39.91 27.99
CA THR D 706 14.48 -39.19 28.01
C THR D 706 15.01 -38.98 26.58
N SER D 707 14.30 -39.56 25.62
CA SER D 707 14.63 -39.50 24.18
C SER D 707 16.05 -40.04 24.00
N LEU D 708 16.97 -39.27 23.41
CA LEU D 708 18.29 -39.78 23.05
C LEU D 708 19.09 -40.24 24.26
N SER D 709 18.70 -39.78 25.45
CA SER D 709 19.43 -40.17 26.65
C SER D 709 19.30 -41.66 26.93
N GLU D 710 18.14 -42.25 26.65
CA GLU D 710 17.94 -43.68 26.94
C GLU D 710 18.78 -44.55 26.02
N ILE D 711 18.81 -44.24 24.72
CA ILE D 711 19.68 -44.97 23.81
C ILE D 711 21.14 -44.68 24.08
N ARG D 712 21.45 -43.49 24.59
CA ARG D 712 22.82 -43.23 25.04
C ARG D 712 23.21 -44.15 26.19
N ARG D 713 22.29 -44.31 27.16
CA ARG D 713 22.53 -45.25 28.26
C ARG D 713 22.65 -46.67 27.73
N PHE D 714 21.87 -47.00 26.70
CA PHE D 714 21.94 -48.34 26.10
C PHE D 714 23.31 -48.58 25.49
N GLU D 715 23.84 -47.60 24.73
CA GLU D 715 25.14 -47.81 24.12
C GLU D 715 26.25 -47.79 25.15
N GLN D 716 26.05 -47.09 26.27
CA GLN D 716 27.02 -47.14 27.36
C GLN D 716 27.03 -48.52 28.03
N GLU D 717 25.85 -49.05 28.36
CA GLU D 717 25.79 -50.38 28.95
C GLU D 717 26.15 -51.45 27.93
N LEU D 718 26.23 -51.07 26.65
CA LEU D 718 26.85 -51.94 25.66
C LEU D 718 28.37 -51.89 25.77
N LYS D 719 28.95 -50.71 25.57
CA LYS D 719 30.39 -50.48 25.60
C LYS D 719 31.04 -50.82 26.94
N ARG D 720 30.25 -51.08 27.99
CA ARG D 720 30.86 -51.46 29.26
C ARG D 720 31.47 -52.87 29.17
N ARG D 721 31.23 -53.58 28.07
CA ARG D 721 31.89 -54.87 27.83
C ARG D 721 32.78 -54.88 26.60
N LEU D 722 32.57 -53.99 25.63
CA LEU D 722 33.25 -54.06 24.34
C LEU D 722 34.78 -54.04 24.43
N PRO D 723 35.41 -53.10 25.17
CA PRO D 723 36.88 -53.12 25.24
C PRO D 723 37.41 -54.23 26.14
N ILE D 724 36.81 -54.41 27.32
CA ILE D 724 37.35 -55.35 28.29
C ILE D 724 37.05 -56.79 27.88
N GLY D 725 35.82 -57.07 27.46
CA GLY D 725 35.46 -58.38 26.95
C GLY D 725 34.95 -58.27 25.53
N TRP D 726 34.00 -59.15 25.20
CA TRP D 726 33.28 -59.08 23.92
C TRP D 726 34.25 -59.08 22.74
N SER D 727 35.36 -59.79 22.89
CA SER D 727 36.41 -60.02 21.86
C SER D 727 36.61 -58.72 21.08
N THR D 728 36.66 -58.76 19.74
CA THR D 728 36.82 -57.58 18.91
C THR D 728 36.70 -57.92 17.43
N SER D 729 36.54 -56.89 16.58
CA SER D 729 36.62 -57.01 15.12
C SER D 729 35.58 -57.97 14.56
N TYR D 730 34.34 -57.84 15.03
CA TYR D 730 33.17 -58.51 14.46
C TYR D 730 33.21 -60.03 14.68
N GLN D 731 34.33 -60.53 15.20
CA GLN D 731 34.42 -61.96 15.50
C GLN D 731 33.45 -62.34 16.62
N THR D 732 33.40 -61.52 17.67
CA THR D 732 32.44 -61.75 18.75
C THR D 732 31.01 -61.69 18.22
N LEU D 733 30.74 -60.81 17.26
CA LEU D 733 29.40 -60.74 16.68
C LEU D 733 29.11 -61.98 15.85
N ARG D 734 30.15 -62.60 15.29
CA ARG D 734 29.97 -63.88 14.62
C ARG D 734 29.86 -65.03 15.62
N ARG D 735 30.24 -64.78 16.88
CA ARG D 735 30.24 -65.86 17.86
C ARG D 735 28.95 -65.92 18.68
N GLU D 736 28.62 -64.86 19.43
CA GLU D 736 27.55 -64.94 20.40
C GLU D 736 26.19 -65.04 19.71
N PHE D 737 25.25 -65.69 20.39
CA PHE D 737 23.88 -65.89 19.88
C PHE D 737 23.89 -66.58 18.53
N VAL D 738 24.87 -67.46 18.32
CA VAL D 738 25.03 -68.21 17.08
C VAL D 738 25.07 -67.25 15.91
N ASP D 739 26.19 -66.52 15.77
CA ASP D 739 26.35 -65.45 14.80
C ASP D 739 25.27 -64.38 14.95
N THR D 740 24.90 -64.08 16.20
CA THR D 740 24.01 -63.00 16.63
C THR D 740 22.69 -62.97 15.86
N HIS D 741 22.34 -64.05 15.16
CA HIS D 741 21.22 -64.00 14.22
C HIS D 741 19.91 -63.64 14.93
N ARG D 742 19.64 -64.27 16.07
CA ARG D 742 18.47 -63.89 16.85
C ARG D 742 18.62 -62.47 17.40
N PHE D 743 19.83 -62.13 17.85
CA PHE D 743 20.10 -60.81 18.37
C PHE D 743 20.14 -59.76 17.25
N SER D 744 20.41 -60.19 16.02
CA SER D 744 20.71 -59.26 14.93
C SER D 744 19.48 -58.48 14.48
N GLN D 745 18.36 -59.17 14.29
CA GLN D 745 17.23 -58.56 13.60
C GLN D 745 16.66 -57.37 14.38
N LEU D 746 16.52 -57.50 15.70
CA LEU D 746 16.00 -56.42 16.52
C LEU D 746 17.01 -55.90 17.53
N ALA D 747 17.54 -56.78 18.38
CA ALA D 747 18.39 -56.34 19.48
C ALA D 747 19.69 -55.72 19.00
N LEU D 748 20.34 -56.34 18.02
CA LEU D 748 21.61 -55.80 17.53
C LEU D 748 21.38 -54.53 16.72
N ASP D 749 20.25 -54.44 16.02
CA ASP D 749 19.93 -53.19 15.33
C ASP D 749 19.72 -52.05 16.31
N LYS D 750 19.01 -52.33 17.41
CA LYS D 750 18.88 -51.32 18.48
C LYS D 750 20.25 -50.98 19.07
N ALA D 751 21.11 -51.99 19.19
CA ALA D 751 22.46 -51.76 19.70
C ALA D 751 23.24 -50.81 18.81
N LEU D 752 23.30 -51.09 17.51
CA LEU D 752 24.08 -50.25 16.60
C LEU D 752 23.46 -48.88 16.41
N TYR D 753 22.13 -48.76 16.48
CA TYR D 753 21.52 -47.44 16.38
C TYR D 753 21.98 -46.54 17.52
N ALA D 754 22.19 -47.12 18.69
CA ALA D 754 22.73 -46.37 19.82
C ALA D 754 24.24 -46.14 19.67
N LEU D 755 24.94 -47.13 19.13
CA LEU D 755 26.41 -47.05 19.06
C LEU D 755 26.86 -46.03 18.02
N GLU D 756 26.12 -45.89 16.91
CA GLU D 756 26.65 -45.21 15.73
C GLU D 756 26.98 -43.74 16.01
N LYS D 757 26.14 -43.06 16.79
CA LYS D 757 26.37 -41.65 17.07
C LYS D 757 27.65 -41.44 17.87
N HIS D 758 27.87 -42.26 18.90
CA HIS D 758 29.07 -42.14 19.71
C HIS D 758 30.27 -42.73 19.00
N GLU D 759 30.06 -43.77 18.19
CA GLU D 759 31.13 -44.38 17.42
C GLU D 759 31.37 -43.61 16.12
N TYR D 771 37.19 -40.12 3.48
CA TYR D 771 38.05 -39.27 2.67
C TYR D 771 37.25 -38.35 1.75
N ARG D 772 36.36 -37.54 2.33
CA ARG D 772 35.48 -36.71 1.51
C ARG D 772 35.31 -35.28 2.02
N SER D 773 35.56 -35.00 3.31
CA SER D 773 35.19 -33.68 3.83
C SER D 773 36.27 -32.91 4.56
N GLY D 774 37.10 -33.57 5.36
CA GLY D 774 38.07 -32.85 6.18
C GLY D 774 39.33 -32.32 5.51
N VAL D 775 40.21 -33.22 5.08
CA VAL D 775 41.50 -32.87 4.49
C VAL D 775 41.36 -32.02 3.21
N VAL E 103 -52.52 43.28 53.75
CA VAL E 103 -53.01 43.68 55.06
C VAL E 103 -52.68 42.56 56.05
N ASP E 104 -51.95 42.92 57.09
CA ASP E 104 -51.60 42.00 58.17
C ASP E 104 -52.24 42.49 59.46
N ASP E 105 -52.55 41.55 60.35
CA ASP E 105 -53.17 41.93 61.62
C ASP E 105 -52.27 42.88 62.39
N VAL E 106 -52.89 43.85 63.06
CA VAL E 106 -52.12 44.82 63.84
C VAL E 106 -51.35 44.12 64.94
N THR E 107 -51.82 42.96 65.40
CA THR E 107 -51.03 42.15 66.32
C THR E 107 -49.73 41.70 65.67
N GLY E 108 -49.82 41.29 64.40
CA GLY E 108 -48.64 40.90 63.66
C GLY E 108 -47.62 42.00 63.59
N GLU E 109 -48.06 43.22 63.27
CA GLU E 109 -47.11 44.34 63.20
C GLU E 109 -46.58 44.73 64.57
N LYS E 110 -47.42 44.68 65.61
CA LYS E 110 -46.95 45.09 66.92
C LYS E 110 -45.89 44.12 67.44
N VAL E 111 -46.08 42.81 67.23
CA VAL E 111 -45.00 41.90 67.59
C VAL E 111 -43.85 42.01 66.60
N ARG E 112 -44.14 42.47 65.37
CA ARG E 112 -43.10 42.68 64.37
C ARG E 112 -42.13 43.77 64.79
N GLU E 113 -42.61 44.74 65.54
CA GLU E 113 -41.65 45.61 66.22
C GLU E 113 -41.15 44.97 67.51
N ALA E 114 -42.06 44.34 68.25
CA ALA E 114 -41.76 43.91 69.61
C ALA E 114 -40.54 43.01 69.65
N PHE E 115 -40.37 42.17 68.64
CA PHE E 115 -39.24 41.25 68.72
C PHE E 115 -37.93 42.01 68.75
N GLU E 116 -37.81 43.06 67.94
CA GLU E 116 -36.54 43.79 67.95
C GLU E 116 -36.40 44.69 69.18
N GLN E 117 -37.48 45.35 69.63
CA GLN E 117 -37.17 46.16 70.82
C GLN E 117 -36.95 45.28 72.05
N PHE E 118 -37.38 44.02 72.06
CA PHE E 118 -36.94 43.29 73.24
C PHE E 118 -35.58 42.65 73.01
N LEU E 119 -35.24 42.31 71.76
CA LEU E 119 -33.86 41.92 71.48
C LEU E 119 -32.89 43.01 71.92
N GLU E 120 -33.34 44.27 71.91
CA GLU E 120 -32.55 45.34 72.48
C GLU E 120 -32.90 45.66 73.93
N ASP E 121 -33.92 45.01 74.52
CA ASP E 121 -34.08 45.14 75.97
C ASP E 121 -34.58 43.88 76.68
N PHE E 122 -34.33 42.66 76.16
CA PHE E 122 -34.77 41.46 76.86
C PHE E 122 -34.08 41.30 78.20
N SER E 123 -32.78 41.58 78.27
CA SER E 123 -32.02 41.64 79.52
C SER E 123 -32.05 40.30 80.27
N VAL E 124 -31.46 39.29 79.64
CA VAL E 124 -31.32 37.98 80.28
C VAL E 124 -29.92 37.85 80.87
N GLN E 125 -28.94 38.51 80.24
CA GLN E 125 -27.55 38.37 80.67
C GLN E 125 -27.37 38.92 82.09
N SER E 126 -26.48 38.28 82.84
CA SER E 126 -26.29 38.64 84.25
C SER E 126 -25.73 40.05 84.40
N THR E 127 -24.63 40.35 83.72
CA THR E 127 -24.05 41.69 83.79
C THR E 127 -24.95 42.71 83.13
N ASP E 128 -25.84 42.28 82.25
CA ASP E 128 -26.76 43.18 81.57
C ASP E 128 -27.67 43.88 82.59
N THR E 129 -27.88 45.18 82.37
CA THR E 129 -28.75 45.97 83.22
C THR E 129 -30.20 45.75 82.80
N GLY E 130 -31.10 46.63 83.26
CA GLY E 130 -32.51 46.47 82.96
C GLY E 130 -32.81 46.43 81.48
N GLU E 131 -32.08 47.22 80.69
CA GLU E 131 -32.18 47.14 79.23
C GLU E 131 -30.92 46.48 78.68
N VAL E 132 -31.06 45.84 77.52
CA VAL E 132 -29.96 45.09 76.94
C VAL E 132 -28.79 46.03 76.64
N GLU E 133 -27.58 45.56 76.96
CA GLU E 133 -26.36 46.34 76.78
C GLU E 133 -25.97 46.38 75.32
N LYS E 134 -26.93 46.08 74.45
CA LYS E 134 -26.77 45.92 73.00
C LYS E 134 -26.06 44.62 72.65
N VAL E 135 -26.33 43.55 73.39
CA VAL E 135 -25.72 42.25 73.10
C VAL E 135 -26.29 41.67 71.81
N TYR E 136 -27.55 41.98 71.50
CA TYR E 136 -28.12 41.58 70.22
C TYR E 136 -28.20 42.76 69.26
N ARG E 137 -28.92 43.81 69.64
CA ARG E 137 -29.11 44.95 68.77
C ARG E 137 -27.87 45.83 68.80
N ALA E 138 -27.45 46.27 67.61
CA ALA E 138 -26.26 47.07 67.36
C ALA E 138 -25.02 46.23 67.61
N GLN E 139 -25.18 45.09 68.28
CA GLN E 139 -24.15 44.07 68.21
C GLN E 139 -24.19 43.42 66.84
N ILE E 140 -25.40 43.23 66.31
CA ILE E 140 -25.57 42.83 64.92
C ILE E 140 -24.97 43.87 63.99
N GLU E 141 -25.11 45.15 64.33
CA GLU E 141 -24.44 46.23 63.62
C GLU E 141 -22.95 45.93 63.59
N PHE E 142 -22.34 45.89 64.77
CA PHE E 142 -20.89 45.70 64.88
C PHE E 142 -20.44 44.47 64.10
N MET E 143 -21.24 43.40 64.16
CA MET E 143 -21.07 42.28 63.25
C MET E 143 -20.94 42.76 61.81
N LYS E 144 -22.00 43.37 61.27
CA LYS E 144 -21.99 43.65 59.84
C LYS E 144 -20.84 44.58 59.47
N ILE E 145 -20.35 45.37 60.43
CA ILE E 145 -19.07 46.04 60.19
C ILE E 145 -17.95 45.03 59.96
N TYR E 146 -17.83 44.00 60.81
CA TYR E 146 -16.75 43.05 60.50
C TYR E 146 -17.23 41.63 60.21
N ASP E 147 -18.53 41.42 60.07
CA ASP E 147 -19.07 40.07 59.92
C ASP E 147 -20.28 40.12 59.00
N LEU E 148 -21.06 39.04 58.97
CA LEU E 148 -22.18 38.90 58.06
C LEU E 148 -23.46 39.50 58.65
N ASN E 149 -24.40 39.81 57.77
CA ASN E 149 -25.68 40.37 58.18
C ASN E 149 -26.47 39.38 59.04
N THR E 150 -26.42 38.10 58.69
CA THR E 150 -27.20 37.09 59.40
C THR E 150 -26.70 36.92 60.82
N ILE E 151 -27.60 36.51 61.71
CA ILE E 151 -27.30 36.39 63.14
C ILE E 151 -28.08 35.23 63.74
N TYR E 152 -27.42 34.47 64.60
CA TYR E 152 -28.10 33.46 65.40
C TYR E 152 -28.94 34.13 66.49
N ILE E 153 -30.16 33.62 66.70
CA ILE E 153 -31.03 34.14 67.74
C ILE E 153 -31.66 33.00 68.53
N ASP E 154 -31.40 32.97 69.84
CA ASP E 154 -31.90 31.89 70.67
C ASP E 154 -33.42 31.96 70.83
N TYR E 155 -34.05 30.79 70.83
CA TYR E 155 -35.48 30.72 71.12
C TYR E 155 -35.78 31.17 72.55
N GLN E 156 -34.92 30.78 73.49
CA GLN E 156 -35.17 31.09 74.90
C GLN E 156 -35.14 32.58 75.13
N HIS E 157 -34.10 33.27 74.65
CA HIS E 157 -34.04 34.71 74.78
C HIS E 157 -35.22 35.37 74.09
N LEU E 158 -35.71 34.77 73.00
CA LEU E 158 -36.92 35.26 72.36
C LEU E 158 -38.13 35.11 73.29
N SER E 159 -38.15 34.03 74.07
CA SER E 159 -39.29 33.72 74.91
C SER E 159 -39.42 34.66 76.10
N MET E 160 -40.49 34.49 76.87
CA MET E 160 -40.85 35.17 78.10
C MET E 160 -41.42 36.57 77.87
N ARG E 161 -41.57 37.04 76.64
CA ARG E 161 -42.13 38.37 76.43
C ARG E 161 -43.62 38.27 76.13
N GLU E 162 -44.40 39.05 76.86
CA GLU E 162 -45.85 38.92 76.95
C GLU E 162 -46.24 37.43 76.97
N ASN E 163 -45.67 36.74 77.96
CA ASN E 163 -45.77 35.30 78.25
C ASN E 163 -45.05 34.44 77.22
N GLY E 164 -44.07 35.00 76.52
CA GLY E 164 -43.49 34.28 75.39
C GLY E 164 -44.50 34.12 74.28
N ALA E 165 -45.29 35.15 74.03
CA ALA E 165 -46.34 35.06 73.02
C ALA E 165 -45.75 34.84 71.63
N LEU E 166 -44.82 35.71 71.25
CA LEU E 166 -44.10 35.51 70.00
C LEU E 166 -43.30 34.21 70.03
N ALA E 167 -42.89 33.77 71.21
CA ALA E 167 -42.14 32.53 71.31
C ALA E 167 -42.98 31.33 70.86
N MET E 168 -44.16 31.16 71.44
CA MET E 168 -44.91 30.00 70.98
C MET E 168 -45.55 30.26 69.62
N ALA E 169 -45.71 31.52 69.21
CA ALA E 169 -46.15 31.79 67.85
C ALA E 169 -45.12 31.28 66.84
N ILE E 170 -43.84 31.59 67.08
CA ILE E 170 -42.80 31.11 66.18
C ILE E 170 -42.69 29.60 66.28
N SER E 171 -42.89 29.03 67.47
CA SER E 171 -42.85 27.58 67.61
C SER E 171 -43.94 26.93 66.77
N GLU E 172 -45.16 27.48 66.81
CA GLU E 172 -46.28 26.84 66.12
C GLU E 172 -46.16 27.02 64.60
N GLN E 173 -45.75 28.21 64.13
CA GLN E 173 -45.43 28.29 62.71
C GLN E 173 -44.35 29.35 62.50
N TYR E 174 -43.09 28.88 62.49
CA TYR E 174 -41.96 29.71 62.06
C TYR E 174 -42.24 30.46 60.78
N TYR E 175 -43.12 29.93 59.92
CA TYR E 175 -43.46 30.60 58.68
C TYR E 175 -43.88 32.04 58.92
N ARG E 176 -44.73 32.26 59.94
CA ARG E 176 -45.23 33.60 60.27
C ARG E 176 -45.85 34.28 59.07
N PHE E 177 -46.25 33.46 58.10
CA PHE E 177 -46.79 33.83 56.79
C PHE E 177 -45.67 34.36 55.91
N LEU E 178 -44.50 34.68 56.53
CA LEU E 178 -43.22 35.19 56.02
C LEU E 178 -43.06 36.72 56.03
N PRO E 179 -43.96 37.51 55.43
CA PRO E 179 -43.73 38.97 55.41
C PRO E 179 -43.73 39.60 56.78
N PHE E 180 -44.28 38.94 57.80
CA PHE E 180 -44.15 39.45 59.16
C PHE E 180 -42.68 39.63 59.54
N LEU E 181 -41.92 38.53 59.53
CA LEU E 181 -40.49 38.61 59.82
C LEU E 181 -39.78 39.45 58.77
N GLN E 182 -40.22 39.36 57.51
CA GLN E 182 -39.56 40.11 56.44
C GLN E 182 -39.62 41.61 56.72
N LYS E 183 -40.81 42.09 57.13
CA LYS E 183 -40.99 43.50 57.43
C LYS E 183 -40.27 43.90 58.70
N GLY E 184 -40.27 43.02 59.71
CA GLY E 184 -39.49 43.30 60.90
C GLY E 184 -38.01 43.48 60.58
N LEU E 185 -37.52 42.69 59.64
CA LEU E 185 -36.14 42.84 59.19
C LEU E 185 -35.96 44.11 58.36
N ARG E 186 -34.81 44.77 58.57
CA ARG E 186 -34.35 45.98 57.88
C ARG E 186 -35.17 47.20 58.32
N ARG E 187 -36.32 46.95 58.95
CA ARG E 187 -36.99 48.02 59.69
C ARG E 187 -36.61 48.03 61.15
N VAL E 188 -36.11 46.91 61.67
CA VAL E 188 -35.24 46.98 62.84
C VAL E 188 -34.12 47.99 62.60
N VAL E 189 -33.61 48.04 61.37
CA VAL E 189 -32.60 49.03 61.00
C VAL E 189 -33.24 50.41 60.86
N ARG E 190 -34.41 50.47 60.21
CA ARG E 190 -35.07 51.76 59.97
C ARG E 190 -35.33 52.53 61.26
N LYS E 191 -35.91 51.87 62.28
CA LYS E 191 -36.15 52.61 63.53
C LYS E 191 -34.85 53.01 64.22
N TYR E 192 -33.86 52.13 64.26
CA TYR E 192 -32.61 52.47 64.92
C TYR E 192 -31.50 51.56 64.40
N ALA E 193 -30.27 51.91 64.76
CA ALA E 193 -29.08 51.28 64.20
C ALA E 193 -29.10 51.34 62.67
N PRO E 194 -29.07 52.53 62.08
CA PRO E 194 -29.20 52.65 60.63
C PRO E 194 -27.96 52.15 59.91
N GLU E 195 -28.12 51.96 58.59
CA GLU E 195 -27.06 51.49 57.70
C GLU E 195 -26.70 50.04 58.04
N LEU E 196 -27.38 49.48 59.04
CA LEU E 196 -27.25 48.06 59.34
C LEU E 196 -27.81 47.21 58.20
N LEU E 197 -28.79 47.73 57.47
CA LEU E 197 -29.35 47.01 56.34
C LEU E 197 -28.32 46.84 55.23
N ASN E 198 -27.51 47.85 54.99
CA ASN E 198 -26.56 47.84 53.89
C ASN E 198 -25.45 46.82 54.12
N SER E 255 -23.16 52.25 45.09
CA SER E 255 -22.21 51.30 45.65
C SER E 255 -22.88 49.98 45.99
N PRO E 256 -22.18 48.87 45.75
CA PRO E 256 -22.76 47.55 46.09
C PRO E 256 -23.08 47.38 47.56
N GLU E 257 -22.35 48.06 48.45
CA GLU E 257 -22.60 47.94 49.87
C GLU E 257 -24.00 48.42 50.24
N GLN E 258 -24.50 49.42 49.50
CA GLN E 258 -25.83 49.97 49.79
C GLN E 258 -26.90 48.90 49.65
N THR E 259 -26.77 48.03 48.63
CA THR E 259 -27.71 46.95 48.41
C THR E 259 -27.83 46.10 49.67
N GLU E 260 -29.07 45.86 50.09
CA GLU E 260 -29.31 45.21 51.37
C GLU E 260 -28.78 43.79 51.38
N ARG E 261 -28.08 43.43 52.45
CA ARG E 261 -27.59 42.08 52.66
C ARG E 261 -28.68 41.28 53.38
N VAL E 262 -29.11 40.18 52.75
CA VAL E 262 -30.29 39.42 53.19
C VAL E 262 -30.14 38.97 54.64
N PHE E 263 -31.27 38.85 55.33
CA PHE E 263 -31.30 38.49 56.73
C PHE E 263 -31.64 37.01 56.89
N GLN E 264 -30.79 36.29 57.61
CA GLN E 264 -31.09 34.93 58.03
C GLN E 264 -30.98 34.88 59.54
N ILE E 265 -32.01 34.35 60.19
CA ILE E 265 -32.09 34.33 61.65
C ILE E 265 -32.09 32.86 62.07
N SER E 266 -30.98 32.39 62.62
CA SER E 266 -30.83 31.02 63.06
C SER E 266 -31.21 30.93 64.53
N PHE E 267 -31.89 29.85 64.89
CA PHE E 267 -32.38 29.65 66.25
C PHE E 267 -31.55 28.58 66.93
N PHE E 268 -30.85 28.95 68.00
CA PHE E 268 -30.14 27.99 68.83
C PHE E 268 -30.84 27.87 70.18
N ASN E 269 -30.51 26.81 70.89
CA ASN E 269 -31.08 26.53 72.21
C ASN E 269 -32.60 26.48 72.15
N LEU E 270 -33.11 25.49 71.43
CA LEU E 270 -34.55 25.31 71.34
C LEU E 270 -35.00 24.24 72.34
N PRO E 271 -36.16 24.42 72.98
CA PRO E 271 -36.54 23.54 74.08
C PRO E 271 -36.60 22.06 73.72
N THR E 272 -37.44 21.69 72.75
CA THR E 272 -37.69 20.29 72.44
C THR E 272 -37.14 19.94 71.06
N VAL E 273 -36.53 18.76 70.96
CA VAL E 273 -36.01 18.25 69.71
C VAL E 273 -36.91 17.09 69.29
N HIS E 274 -37.62 17.26 68.19
CA HIS E 274 -38.56 16.25 67.73
C HIS E 274 -37.87 15.05 67.10
N ARG E 275 -36.61 15.22 66.67
CA ARG E 275 -35.83 14.16 66.05
C ARG E 275 -36.55 13.67 64.80
N ILE E 276 -36.19 12.49 64.30
CA ILE E 276 -36.79 11.97 63.07
C ILE E 276 -38.27 11.71 63.26
N ARG E 277 -38.72 11.50 64.49
CA ARG E 277 -40.12 11.33 64.78
C ARG E 277 -40.85 12.67 64.67
N ASP E 278 -42.14 12.65 65.03
CA ASP E 278 -43.02 13.82 64.89
C ASP E 278 -43.04 14.17 63.40
N ILE E 279 -43.00 15.45 63.04
CA ILE E 279 -42.92 15.89 61.65
C ILE E 279 -44.20 15.44 60.95
N ARG E 280 -45.34 15.89 61.47
CA ARG E 280 -46.63 15.51 60.90
C ARG E 280 -47.08 16.51 59.85
N SER E 281 -48.18 16.18 59.19
CA SER E 281 -48.71 17.04 58.13
C SER E 281 -49.43 18.25 58.71
N GLU E 282 -50.04 18.11 59.89
CA GLU E 282 -50.84 19.19 60.45
C GLU E 282 -50.00 20.45 60.65
N LYS E 283 -48.71 20.28 60.92
CA LYS E 283 -47.80 21.41 61.08
C LYS E 283 -47.22 21.74 59.71
N ILE E 284 -47.38 23.00 59.29
CA ILE E 284 -46.81 23.50 58.06
C ILE E 284 -46.16 24.85 58.36
N GLY E 285 -44.95 25.05 57.85
CA GLY E 285 -44.23 26.28 58.15
C GLY E 285 -43.91 26.43 59.62
N SER E 286 -43.69 25.32 60.31
CA SER E 286 -43.55 25.29 61.76
C SER E 286 -42.09 25.17 62.14
N LEU E 287 -41.70 25.82 63.23
CA LEU E 287 -40.36 25.69 63.75
C LEU E 287 -40.22 24.35 64.48
N LEU E 288 -39.29 23.52 64.01
CA LEU E 288 -39.09 22.21 64.60
C LEU E 288 -37.61 21.93 64.76
N SER E 289 -37.24 21.29 65.87
CA SER E 289 -35.87 20.90 66.15
C SER E 289 -35.73 19.40 65.96
N ILE E 290 -34.77 19.00 65.11
CA ILE E 290 -34.59 17.62 64.72
C ILE E 290 -33.16 17.20 64.99
N SER E 291 -32.99 16.05 65.63
CA SER E 291 -31.66 15.48 65.87
C SER E 291 -31.32 14.44 64.80
N GLY E 292 -31.34 14.90 63.55
CA GLY E 292 -31.08 14.01 62.44
C GLY E 292 -29.63 13.58 62.37
N THR E 293 -29.40 12.46 61.71
CA THR E 293 -28.05 11.95 61.46
C THR E 293 -27.78 12.13 59.96
N VAL E 294 -27.21 13.28 59.62
CA VAL E 294 -27.01 13.67 58.23
C VAL E 294 -25.58 13.27 57.86
N THR E 295 -25.46 12.23 57.05
CA THR E 295 -24.16 11.67 56.71
C THR E 295 -23.82 11.79 55.22
N ARG E 296 -24.76 12.22 54.39
CA ARG E 296 -24.49 12.37 52.96
C ARG E 296 -24.60 13.81 52.49
N THR E 297 -25.53 14.57 53.05
CA THR E 297 -25.67 16.02 52.80
C THR E 297 -25.91 16.23 51.31
N SER E 298 -25.18 17.12 50.65
CA SER E 298 -25.31 17.40 49.22
C SER E 298 -24.13 18.27 48.81
N GLU E 299 -24.20 18.82 47.62
CA GLU E 299 -23.25 19.80 47.15
C GLU E 299 -23.83 21.21 47.30
N VAL E 300 -22.94 22.19 47.40
CA VAL E 300 -23.37 23.59 47.45
C VAL E 300 -24.11 23.94 46.16
N ARG E 301 -25.24 24.60 46.30
CA ARG E 301 -26.06 24.95 45.15
C ARG E 301 -26.39 26.43 45.18
N PRO E 302 -26.24 27.13 44.05
CA PRO E 302 -26.42 28.59 44.04
C PRO E 302 -27.76 29.07 44.54
N GLU E 303 -28.85 28.42 44.13
CA GLU E 303 -30.19 28.67 44.67
C GLU E 303 -30.56 30.15 44.56
N LEU E 304 -30.79 30.56 43.31
CA LEU E 304 -31.17 31.94 43.01
C LEU E 304 -32.34 32.38 43.88
N TYR E 305 -32.19 33.56 44.48
CA TYR E 305 -33.27 34.14 45.27
C TYR E 305 -34.12 35.10 44.44
N LYS E 306 -33.49 36.13 43.89
CA LYS E 306 -34.16 37.10 43.02
C LYS E 306 -33.32 37.31 41.78
N ALA E 307 -33.95 37.89 40.75
CA ALA E 307 -33.27 38.12 39.48
C ALA E 307 -34.02 39.18 38.70
N SER E 308 -33.42 39.59 37.58
CA SER E 308 -33.99 40.60 36.71
C SER E 308 -34.36 40.00 35.36
N PHE E 309 -35.20 40.72 34.63
CA PHE E 309 -35.69 40.27 33.33
C PHE E 309 -35.57 41.39 32.32
N THR E 310 -35.13 41.05 31.11
CA THR E 310 -34.95 42.07 30.08
C THR E 310 -36.29 42.50 29.49
N CYS E 311 -37.04 41.55 28.94
CA CYS E 311 -38.26 41.85 28.18
C CYS E 311 -37.98 42.97 27.19
N ASP E 312 -37.07 42.68 26.26
CA ASP E 312 -36.50 43.72 25.42
C ASP E 312 -37.56 44.49 24.66
N MET E 313 -38.61 43.78 24.20
CA MET E 313 -39.61 44.41 23.36
C MET E 313 -40.51 45.38 24.14
N CYS E 314 -40.44 45.38 25.47
CA CYS E 314 -40.98 46.51 26.21
C CYS E 314 -39.88 47.43 26.71
N ARG E 315 -38.64 46.93 26.78
CA ARG E 315 -37.46 47.66 27.23
C ARG E 315 -37.50 47.93 28.73
N ALA E 316 -38.57 47.52 29.40
CA ALA E 316 -38.68 47.74 30.83
C ALA E 316 -38.06 46.58 31.60
N ILE E 317 -37.69 46.84 32.85
CA ILE E 317 -36.89 45.92 33.65
C ILE E 317 -37.61 45.64 34.96
N VAL E 318 -37.73 44.36 35.32
CA VAL E 318 -38.29 43.97 36.60
C VAL E 318 -37.28 44.23 37.71
N ASP E 319 -37.74 44.11 38.95
CA ASP E 319 -36.88 44.14 40.12
C ASP E 319 -37.31 43.04 41.09
N ASN E 320 -36.37 42.17 41.44
CA ASN E 320 -36.56 41.17 42.49
C ASN E 320 -37.72 40.22 42.17
N VAL E 321 -37.55 39.45 41.11
CA VAL E 321 -38.51 38.39 40.80
C VAL E 321 -38.28 37.22 41.74
N GLU E 322 -39.34 36.77 42.40
CA GLU E 322 -39.28 35.66 43.33
C GLU E 322 -40.04 34.47 42.78
N GLN E 323 -39.42 33.29 42.83
CA GLN E 323 -40.06 32.06 42.39
C GLN E 323 -39.96 31.03 43.51
N SER E 324 -41.05 30.28 43.70
CA SER E 324 -41.15 29.35 44.82
C SER E 324 -40.11 28.24 44.74
N PHE E 325 -40.22 27.39 43.72
CA PHE E 325 -39.30 26.26 43.57
C PHE E 325 -38.85 26.13 42.13
N LYS E 326 -39.67 26.60 41.21
CA LYS E 326 -39.39 26.51 39.79
C LYS E 326 -39.16 27.90 39.23
N TYR E 327 -38.15 28.03 38.38
CA TYR E 327 -37.82 29.29 37.72
C TYR E 327 -39.05 29.93 37.12
N THR E 328 -39.44 31.09 37.65
CA THR E 328 -40.67 31.76 37.25
C THR E 328 -40.34 33.17 36.77
N GLU E 329 -41.06 33.59 35.75
CA GLU E 329 -40.86 34.85 35.06
C GLU E 329 -41.97 35.83 35.46
N PRO E 330 -41.80 37.13 35.18
CA PRO E 330 -42.88 38.07 35.49
C PRO E 330 -44.14 37.73 34.73
N THR E 331 -45.28 38.08 35.34
CA THR E 331 -46.58 37.81 34.72
C THR E 331 -46.68 38.46 33.34
N PHE E 332 -46.06 39.61 33.16
CA PHE E 332 -46.06 40.32 31.88
C PHE E 332 -44.81 41.19 31.84
N CYS E 333 -44.65 41.92 30.74
CA CYS E 333 -43.54 42.85 30.65
C CYS E 333 -43.64 43.91 31.75
N PRO E 334 -42.51 44.34 32.32
CA PRO E 334 -42.59 45.32 33.42
C PRO E 334 -43.34 46.58 33.05
N ASN E 335 -43.18 47.03 31.82
CA ASN E 335 -43.97 48.13 31.31
C ASN E 335 -45.41 47.68 31.14
N PRO E 336 -46.39 48.37 31.73
CA PRO E 336 -47.79 48.07 31.40
C PRO E 336 -48.07 48.17 29.92
N SER E 337 -47.46 49.14 29.23
CA SER E 337 -47.43 49.12 27.78
C SER E 337 -46.54 47.99 27.31
N CYS E 338 -46.92 47.37 26.19
CA CYS E 338 -46.25 46.16 25.70
C CYS E 338 -46.24 45.07 26.77
N GLU E 339 -47.32 44.97 27.53
CA GLU E 339 -47.45 43.86 28.48
C GLU E 339 -47.52 42.57 27.68
N ASN E 340 -46.65 41.62 27.97
CA ASN E 340 -46.49 40.44 27.13
C ASN E 340 -46.46 39.20 28.02
N ARG E 341 -47.49 38.36 27.90
CA ARG E 341 -47.51 37.10 28.60
C ARG E 341 -46.80 36.01 27.80
N ALA E 342 -46.32 36.35 26.60
CA ALA E 342 -45.68 35.34 25.76
C ALA E 342 -44.19 35.25 26.02
N PHE E 343 -43.51 36.38 26.16
CA PHE E 343 -42.05 36.41 26.18
C PHE E 343 -41.54 37.18 27.39
N TRP E 344 -40.56 36.59 28.07
CA TRP E 344 -39.73 37.26 29.07
C TRP E 344 -38.35 36.64 29.00
N THR E 345 -37.32 37.45 29.11
CA THR E 345 -35.94 36.97 29.09
C THR E 345 -35.21 37.47 30.33
N LEU E 346 -34.41 36.60 30.93
CA LEU E 346 -33.70 36.93 32.16
C LEU E 346 -32.71 38.07 31.92
N ASN E 347 -32.61 38.97 32.89
CA ASN E 347 -31.64 40.05 32.83
C ASN E 347 -30.46 39.85 33.77
N VAL E 348 -30.49 38.80 34.61
CA VAL E 348 -29.41 38.39 35.51
C VAL E 348 -28.80 39.59 36.24
N THR E 349 -29.59 40.65 36.42
CA THR E 349 -29.14 41.87 37.06
C THR E 349 -29.48 41.91 38.54
N ARG E 350 -30.72 41.62 38.90
CA ARG E 350 -31.10 41.51 40.30
C ARG E 350 -30.76 40.18 40.89
N SER E 351 -29.81 39.48 40.27
CA SER E 351 -29.41 38.15 40.69
C SER E 351 -29.10 38.10 42.17
N ARG E 352 -29.92 37.36 42.93
CA ARG E 352 -29.68 37.10 44.33
C ARG E 352 -29.60 35.60 44.52
N PHE E 353 -28.56 35.15 45.23
CA PHE E 353 -28.29 33.73 45.37
C PHE E 353 -27.98 33.41 46.82
N LEU E 354 -28.37 32.21 47.23
CA LEU E 354 -28.08 31.70 48.56
C LEU E 354 -27.51 30.30 48.40
N ASP E 355 -26.22 30.15 48.71
CA ASP E 355 -25.55 28.85 48.59
C ASP E 355 -26.31 27.80 49.39
N TRP E 356 -26.84 26.80 48.70
CA TRP E 356 -27.75 25.85 49.31
C TRP E 356 -27.22 24.43 49.13
N GLN E 357 -27.53 23.58 50.10
CA GLN E 357 -27.09 22.19 50.05
C GLN E 357 -28.24 21.30 50.51
N LYS E 358 -28.73 20.46 49.60
CA LYS E 358 -29.89 19.61 49.86
C LYS E 358 -29.45 18.46 50.77
N VAL E 359 -29.26 18.78 52.04
CA VAL E 359 -28.76 17.82 53.01
C VAL E 359 -29.92 16.90 53.42
N ARG E 360 -29.73 15.60 53.26
CA ARG E 360 -30.71 14.62 53.69
C ARG E 360 -30.21 13.93 54.95
N ILE E 361 -31.12 13.70 55.89
CA ILE E 361 -30.79 13.12 57.19
C ILE E 361 -31.32 11.70 57.22
N GLN E 362 -30.43 10.75 57.47
CA GLN E 362 -30.84 9.36 57.69
C GLN E 362 -30.93 9.12 59.18
N GLU E 363 -32.04 8.53 59.64
CA GLU E 363 -32.24 8.39 61.07
C GLU E 363 -31.20 7.46 61.67
N ASN E 364 -30.88 7.71 62.94
CA ASN E 364 -29.86 6.94 63.64
C ASN E 364 -30.35 5.53 63.94
N ALA E 365 -29.57 4.76 64.69
CA ALA E 365 -30.02 3.44 65.13
C ALA E 365 -30.79 3.52 66.44
N ASN E 366 -30.26 4.26 67.41
CA ASN E 366 -30.95 4.43 68.68
C ASN E 366 -32.16 5.34 68.53
N GLU E 367 -33.08 5.24 69.48
CA GLU E 367 -34.34 5.98 69.58
C GLU E 367 -35.37 5.52 68.55
N ILE E 368 -35.09 4.46 67.80
CA ILE E 368 -36.08 3.81 66.95
C ILE E 368 -36.44 2.47 67.57
N PRO E 369 -37.72 2.21 67.84
CA PRO E 369 -38.08 0.96 68.55
C PRO E 369 -37.80 -0.29 67.75
N THR E 370 -38.29 -0.39 66.52
CA THR E 370 -38.24 -1.64 65.75
C THR E 370 -37.57 -1.38 64.41
N GLY E 371 -36.24 -1.40 64.41
CA GLY E 371 -35.43 -1.52 63.22
C GLY E 371 -35.87 -0.75 61.99
N SER E 372 -36.47 0.41 62.17
CA SER E 372 -36.93 1.20 61.03
C SER E 372 -35.74 1.65 60.19
N MET E 373 -35.94 1.70 58.88
CA MET E 373 -34.87 2.05 57.97
C MET E 373 -34.41 3.50 58.19
N PRO E 374 -33.17 3.81 57.86
CA PRO E 374 -32.69 5.18 58.05
C PRO E 374 -33.39 6.15 57.12
N ARG E 375 -34.63 6.50 57.46
CA ARG E 375 -35.44 7.39 56.64
C ARG E 375 -34.69 8.68 56.34
N THR E 376 -34.58 9.01 55.05
CA THR E 376 -33.81 10.15 54.58
C THR E 376 -34.75 11.30 54.26
N LEU E 377 -34.54 12.44 54.92
CA LEU E 377 -35.31 13.64 54.66
C LEU E 377 -34.36 14.76 54.27
N ASP E 378 -34.50 15.26 53.05
CA ASP E 378 -33.70 16.38 52.60
C ASP E 378 -34.03 17.62 53.43
N VAL E 379 -33.00 18.40 53.73
CA VAL E 379 -33.14 19.60 54.55
C VAL E 379 -32.53 20.78 53.81
N ILE E 380 -33.23 21.91 53.85
CA ILE E 380 -32.75 23.11 53.18
C ILE E 380 -31.60 23.70 53.98
N LEU E 381 -30.60 24.24 53.28
CA LEU E 381 -29.39 24.74 53.91
C LEU E 381 -29.02 26.09 53.29
N ARG E 382 -28.45 26.97 54.10
CA ARG E 382 -28.04 28.30 53.66
C ARG E 382 -26.53 28.38 53.57
N GLY E 383 -26.04 29.40 52.86
CA GLY E 383 -24.62 29.48 52.56
C GLY E 383 -23.76 29.48 53.81
N ASP E 384 -24.14 30.29 54.80
CA ASP E 384 -23.49 30.20 56.10
C ASP E 384 -23.72 28.84 56.72
N SER E 385 -24.95 28.33 56.63
CA SER E 385 -25.26 27.02 57.18
C SER E 385 -24.51 25.92 56.47
N VAL E 386 -24.37 26.02 55.14
CA VAL E 386 -23.63 25.01 54.40
C VAL E 386 -22.20 24.91 54.91
N GLU E 387 -21.55 26.06 55.09
CA GLU E 387 -20.20 26.06 55.65
C GLU E 387 -20.23 25.69 57.12
N ARG E 388 -21.29 26.09 57.83
CA ARG E 388 -21.43 25.71 59.23
C ARG E 388 -21.54 24.19 59.39
N ALA E 389 -22.32 23.56 58.52
CA ALA E 389 -22.52 22.12 58.61
C ALA E 389 -21.31 21.37 58.08
N LYS E 390 -20.84 20.40 58.88
CA LYS E 390 -19.77 19.52 58.45
C LYS E 390 -20.40 18.21 57.99
N PRO E 391 -20.28 17.85 56.71
CA PRO E 391 -20.97 16.65 56.21
C PRO E 391 -20.51 15.36 56.88
N GLY E 392 -21.26 14.29 56.67
CA GLY E 392 -20.91 13.01 57.24
C GLY E 392 -21.06 12.93 58.73
N ASP E 393 -21.73 13.90 59.34
CA ASP E 393 -21.81 13.98 60.79
C ASP E 393 -23.27 14.18 61.21
N ARG E 394 -23.72 13.40 62.18
CA ARG E 394 -25.05 13.60 62.72
C ARG E 394 -25.13 14.96 63.40
N CYS E 395 -26.25 15.64 63.20
CA CYS E 395 -26.37 17.05 63.59
C CYS E 395 -27.65 17.31 64.37
N LYS E 396 -27.57 18.24 65.31
CA LYS E 396 -28.73 18.78 66.00
C LYS E 396 -29.07 20.10 65.32
N PHE E 397 -30.28 20.19 64.78
CA PHE E 397 -30.65 21.34 63.97
C PHE E 397 -32.12 21.64 64.14
N THR E 398 -32.49 22.87 63.79
CA THR E 398 -33.86 23.32 63.88
C THR E 398 -34.13 24.37 62.82
N GLY E 399 -35.41 24.57 62.54
CA GLY E 399 -35.82 25.55 61.56
C GLY E 399 -37.28 25.36 61.20
N VAL E 400 -37.67 26.01 60.12
CA VAL E 400 -39.05 25.99 59.67
C VAL E 400 -39.30 24.71 58.88
N GLU E 401 -40.43 24.07 59.17
CA GLU E 401 -40.83 22.89 58.41
C GLU E 401 -41.87 23.28 57.36
N ILE E 402 -41.45 23.29 56.10
CA ILE E 402 -42.26 23.79 55.00
C ILE E 402 -42.76 22.61 54.18
N VAL E 403 -43.86 22.82 53.46
CA VAL E 403 -44.39 21.82 52.53
C VAL E 403 -43.67 22.01 51.19
N VAL E 404 -42.97 20.98 50.76
CA VAL E 404 -42.27 21.04 49.48
C VAL E 404 -43.10 20.29 48.43
N PRO E 405 -43.43 20.91 47.30
CA PRO E 405 -44.14 20.20 46.25
C PRO E 405 -43.20 19.28 45.46
N ASP E 406 -43.82 18.33 44.76
CA ASP E 406 -43.05 17.43 43.92
C ASP E 406 -42.49 18.17 42.72
N VAL E 407 -41.49 17.56 42.09
CA VAL E 407 -40.74 18.23 41.05
C VAL E 407 -41.52 18.21 39.73
N THR E 408 -41.13 19.13 38.84
CA THR E 408 -41.66 19.22 37.48
C THR E 408 -43.17 19.46 37.45
N GLN E 409 -43.76 19.80 38.58
CA GLN E 409 -45.21 19.96 38.64
C GLN E 409 -45.65 21.27 38.00
N LEU E 410 -44.88 22.34 38.18
CA LEU E 410 -45.26 23.64 37.64
C LEU E 410 -45.25 23.62 36.12
N GLY E 411 -46.16 24.37 35.52
CA GLY E 411 -46.23 24.49 34.08
C GLY E 411 -45.27 25.51 33.51
N LEU E 412 -44.11 25.65 34.12
CA LEU E 412 -43.11 26.59 33.64
C LEU E 412 -42.52 26.11 32.32
N PRO E 413 -42.05 27.03 31.48
CA PRO E 413 -41.42 26.63 30.22
C PRO E 413 -40.11 25.89 30.47
N GLY E 414 -39.74 25.06 29.50
CA GLY E 414 -38.52 24.26 29.61
C GLY E 414 -38.75 22.98 30.37
N VAL E 415 -39.08 23.09 31.65
CA VAL E 415 -39.38 21.92 32.46
C VAL E 415 -40.78 21.42 32.10
N LYS E 416 -40.89 20.14 31.76
CA LYS E 416 -42.18 19.59 31.38
C LYS E 416 -43.09 19.56 32.61
N PRO E 417 -44.29 20.12 32.51
CA PRO E 417 -45.22 20.06 33.65
C PRO E 417 -45.56 18.61 33.99
N SER E 418 -45.67 18.33 35.28
CA SER E 418 -46.03 16.98 35.74
C SER E 418 -47.54 16.80 35.55
N SER E 419 -47.91 16.18 34.44
CA SER E 419 -49.32 15.98 34.11
C SER E 419 -49.99 15.05 35.12
N ASN E 434 -53.99 12.34 42.98
CA ASN E 434 -54.06 13.69 43.51
C ASN E 434 -55.47 14.25 43.42
N SER E 435 -55.79 15.21 44.29
CA SER E 435 -57.09 15.86 44.28
C SER E 435 -56.89 17.36 44.48
N GLY E 436 -57.85 18.14 43.99
CA GLY E 436 -57.71 19.59 43.97
C GLY E 436 -59.01 20.30 44.29
N VAL E 437 -58.87 21.56 44.70
CA VAL E 437 -60.00 22.43 45.04
C VAL E 437 -60.61 22.99 43.77
N THR E 438 -61.74 23.68 43.90
CA THR E 438 -62.32 24.44 42.81
C THR E 438 -62.32 25.92 43.16
N GLY E 439 -62.20 26.77 42.13
CA GLY E 439 -62.15 28.20 42.33
C GLY E 439 -60.78 28.76 42.61
N LEU E 440 -59.76 28.29 41.89
CA LEU E 440 -58.38 28.63 42.22
C LEU E 440 -57.62 29.33 41.09
N ARG E 441 -57.65 28.81 39.87
CA ARG E 441 -57.11 29.41 38.65
C ARG E 441 -55.62 29.72 38.71
N SER E 442 -54.94 29.40 39.81
CA SER E 442 -53.49 29.46 39.77
C SER E 442 -52.91 28.36 38.90
N LEU E 443 -53.53 27.17 38.95
CA LEU E 443 -53.19 26.07 38.04
C LEU E 443 -54.48 25.25 37.85
N GLY E 444 -55.21 25.56 36.78
CA GLY E 444 -56.53 24.98 36.58
C GLY E 444 -56.51 23.51 36.24
N VAL E 445 -55.42 23.01 35.65
CA VAL E 445 -55.37 21.67 35.10
C VAL E 445 -54.14 20.95 35.62
N ARG E 446 -54.16 19.62 35.54
CA ARG E 446 -53.11 18.66 35.84
C ARG E 446 -52.89 18.49 37.33
N ASP E 447 -53.55 19.25 38.19
CA ASP E 447 -53.43 19.13 39.65
C ASP E 447 -51.97 19.21 40.08
N LEU E 448 -51.63 18.65 41.23
CA LEU E 448 -50.25 18.74 41.73
C LEU E 448 -50.08 17.75 42.88
N THR E 449 -48.82 17.35 43.08
CA THR E 449 -48.44 16.43 44.14
C THR E 449 -47.21 16.98 44.87
N TYR E 450 -47.01 16.51 46.11
CA TYR E 450 -46.06 17.12 47.03
C TYR E 450 -45.12 16.08 47.61
N LYS E 451 -43.94 16.54 48.02
CA LYS E 451 -42.97 15.73 48.77
C LYS E 451 -42.27 16.67 49.75
N ILE E 452 -42.74 16.67 51.00
CA ILE E 452 -42.32 17.68 51.96
C ILE E 452 -40.86 17.51 52.34
N SER E 453 -40.16 18.64 52.50
CA SER E 453 -38.81 18.66 53.03
C SER E 453 -38.72 19.75 54.08
N PHE E 454 -37.72 19.63 54.94
CA PHE E 454 -37.53 20.52 56.08
C PHE E 454 -36.48 21.58 55.77
N LEU E 455 -36.58 22.71 56.44
CA LEU E 455 -35.57 23.76 56.39
C LEU E 455 -35.04 23.99 57.80
N ALA E 456 -33.73 23.92 57.97
CA ALA E 456 -33.09 24.10 59.26
C ALA E 456 -32.45 25.48 59.31
N CYS E 457 -32.95 26.33 60.20
CA CYS E 457 -32.36 27.66 60.36
C CYS E 457 -30.98 27.58 60.98
N HIS E 458 -30.81 26.76 62.01
CA HIS E 458 -29.53 26.57 62.67
C HIS E 458 -29.23 25.09 62.75
N VAL E 459 -27.94 24.76 62.65
CA VAL E 459 -27.48 23.37 62.71
C VAL E 459 -26.24 23.29 63.58
N ILE E 460 -26.22 22.31 64.47
CA ILE E 460 -25.06 21.96 65.28
C ILE E 460 -24.93 20.45 65.25
N SER E 461 -23.73 19.93 65.48
CA SER E 461 -23.54 18.49 65.50
C SER E 461 -24.16 17.88 66.76
N ILE E 462 -25.18 17.04 66.58
CA ILE E 462 -25.74 16.30 67.71
C ILE E 462 -24.72 15.30 68.24
N GLY E 463 -23.92 14.71 67.35
CA GLY E 463 -22.89 13.77 67.74
C GLY E 463 -21.80 13.66 66.70
N ASN E 497 -3.44 18.41 67.04
CA ASN E 497 -2.60 19.02 66.01
C ASN E 497 -1.78 20.17 66.58
N GLU E 498 -1.62 21.22 65.78
CA GLU E 498 -0.91 22.45 66.13
C GLU E 498 0.36 22.17 66.93
N ARG E 499 1.21 21.32 66.35
CA ARG E 499 2.46 20.94 67.01
C ARG E 499 3.55 21.96 66.77
N ASP E 500 3.32 23.20 67.18
CA ASP E 500 4.32 24.27 67.08
C ASP E 500 4.57 24.86 68.45
N GLN E 501 5.83 25.19 68.72
CA GLN E 501 6.21 25.68 70.04
C GLN E 501 5.51 27.00 70.38
N GLU E 502 5.48 27.94 69.44
CA GLU E 502 4.77 29.20 69.69
C GLU E 502 3.29 28.96 69.84
N VAL E 503 2.71 28.12 68.97
CA VAL E 503 1.29 27.80 69.05
C VAL E 503 1.00 27.06 70.35
N PHE E 504 1.89 26.15 70.75
CA PHE E 504 1.69 25.47 72.02
C PHE E 504 1.68 26.47 73.17
N LEU E 505 2.69 27.34 73.24
CA LEU E 505 2.77 28.26 74.37
C LEU E 505 1.59 29.22 74.41
N ASN E 506 1.16 29.73 73.26
CA ASN E 506 0.07 30.72 73.26
C ASN E 506 -1.27 30.06 73.51
N SER E 507 -1.53 28.90 72.88
CA SER E 507 -2.85 28.27 72.99
C SER E 507 -3.01 27.56 74.33
N LEU E 508 -1.94 26.98 74.87
CA LEU E 508 -2.06 26.16 76.06
C LEU E 508 -2.26 27.03 77.30
N SER E 509 -3.03 26.51 78.25
CA SER E 509 -3.27 27.22 79.50
C SER E 509 -2.03 27.17 80.39
N SER E 510 -2.02 28.03 81.41
CA SER E 510 -0.87 28.12 82.31
C SER E 510 -0.67 26.81 83.07
N ASP E 511 -1.75 26.22 83.60
CA ASP E 511 -1.63 24.95 84.28
C ASP E 511 -1.11 23.87 83.34
N GLU E 512 -1.49 23.95 82.06
CA GLU E 512 -0.94 23.03 81.07
C GLU E 512 0.57 23.18 80.96
N ILE E 513 1.05 24.42 80.89
CA ILE E 513 2.50 24.65 80.79
C ILE E 513 3.20 24.14 82.03
N ASN E 514 2.57 24.32 83.20
CA ASN E 514 3.16 23.81 84.43
C ASN E 514 3.23 22.29 84.42
N GLU E 515 2.18 21.63 83.92
CA GLU E 515 2.21 20.17 83.81
C GLU E 515 3.32 19.71 82.87
N LEU E 516 3.46 20.40 81.73
CA LEU E 516 4.59 20.10 80.84
C LEU E 516 5.92 20.27 81.55
N LYS E 517 6.09 21.36 82.29
CA LYS E 517 7.37 21.61 82.95
C LYS E 517 7.66 20.54 83.99
N GLU E 518 6.66 20.19 84.80
CA GLU E 518 6.90 19.19 85.85
C GLU E 518 7.18 17.82 85.25
N MET E 519 6.51 17.48 84.15
CA MET E 519 6.73 16.15 83.59
C MET E 519 8.03 16.06 82.81
N VAL E 520 8.45 17.13 82.13
CA VAL E 520 9.74 17.07 81.46
C VAL E 520 10.87 17.14 82.47
N LYS E 521 10.65 17.82 83.59
CA LYS E 521 11.68 17.95 84.60
C LYS E 521 11.83 16.69 85.43
N ASP E 522 10.76 15.90 85.58
CA ASP E 522 10.84 14.73 86.43
C ASP E 522 11.76 13.69 85.79
N GLU E 523 12.27 12.78 86.63
CA GLU E 523 13.29 11.85 86.16
C GLU E 523 12.68 10.76 85.29
N HIS E 524 11.66 10.07 85.79
CA HIS E 524 11.10 8.93 85.07
C HIS E 524 9.98 9.37 84.11
N ILE E 525 10.27 10.39 83.30
CA ILE E 525 9.32 10.79 82.27
C ILE E 525 9.00 9.62 81.37
N TYR E 526 10.02 8.81 81.06
CA TYR E 526 9.77 7.53 80.41
C TYR E 526 9.19 6.56 81.44
N ASP E 527 8.20 5.78 81.00
CA ASP E 527 7.47 4.79 81.76
C ASP E 527 6.47 5.39 82.74
N LYS E 528 6.60 6.67 83.04
CA LYS E 528 5.51 7.36 83.73
C LYS E 528 4.31 7.48 82.80
N LEU E 529 4.58 7.93 81.57
CA LEU E 529 3.54 8.00 80.57
C LEU E 529 3.06 6.60 80.21
N VAL E 530 3.97 5.63 80.26
CA VAL E 530 3.63 4.24 79.93
C VAL E 530 2.60 3.70 80.92
N ARG E 531 2.84 3.92 82.22
CA ARG E 531 1.79 3.61 83.19
C ARG E 531 0.55 4.43 82.92
N SER E 532 0.72 5.69 82.51
CA SER E 532 -0.43 6.48 82.11
C SER E 532 -1.09 5.93 80.85
N ILE E 533 -0.30 5.42 79.92
CA ILE E 533 -0.81 4.94 78.65
C ILE E 533 -1.46 3.57 78.83
N ALA E 534 -2.63 3.39 78.22
CA ALA E 534 -3.34 2.11 78.12
C ALA E 534 -3.84 1.66 79.47
N PRO E 535 -4.74 0.67 79.52
CA PRO E 535 -5.12 0.10 80.82
C PRO E 535 -3.96 -0.54 81.56
N ALA E 536 -2.84 -0.79 80.89
CA ALA E 536 -1.64 -1.37 81.48
C ALA E 536 -1.92 -2.69 82.17
N VAL E 537 -2.97 -3.39 81.76
CA VAL E 537 -3.36 -4.64 82.42
C VAL E 537 -2.29 -5.71 82.20
N PHE E 538 -1.57 -5.63 81.08
CA PHE E 538 -0.42 -6.49 80.85
C PHE E 538 0.78 -5.88 81.57
N GLY E 539 1.34 -6.62 82.54
CA GLY E 539 2.34 -6.04 83.41
C GLY E 539 3.69 -5.85 82.76
N HIS E 540 3.88 -6.39 81.55
CA HIS E 540 5.16 -6.26 80.87
C HIS E 540 5.49 -4.80 80.59
N GLU E 541 4.51 -4.04 80.11
CA GLU E 541 4.62 -2.60 79.85
C GLU E 541 5.59 -2.30 78.72
N ALA E 542 6.27 -3.32 78.20
CA ALA E 542 7.08 -3.13 77.01
C ALA E 542 6.22 -2.78 75.81
N VAL E 543 5.07 -3.45 75.68
CA VAL E 543 4.12 -3.10 74.64
C VAL E 543 3.67 -1.65 74.81
N LYS E 544 3.44 -1.24 76.06
CA LYS E 544 2.95 0.12 76.29
C LYS E 544 4.03 1.16 75.98
N LYS E 545 5.30 0.86 76.26
CA LYS E 545 6.33 1.82 75.92
C LYS E 545 6.59 1.85 74.42
N GLY E 546 6.39 0.72 73.75
CA GLY E 546 6.37 0.75 72.29
C GLY E 546 5.24 1.63 71.78
N ILE E 547 4.07 1.54 72.41
CA ILE E 547 2.96 2.42 72.06
C ILE E 547 3.34 3.88 72.27
N LEU E 548 4.02 4.16 73.39
CA LEU E 548 4.51 5.51 73.66
C LEU E 548 5.42 6.00 72.55
N LEU E 549 6.42 5.19 72.18
CA LEU E 549 7.36 5.61 71.15
C LEU E 549 6.66 5.81 69.82
N GLN E 550 5.69 4.96 69.51
CA GLN E 550 4.96 5.09 68.26
C GLN E 550 4.05 6.32 68.27
N MET E 551 3.52 6.67 69.44
CA MET E 551 2.92 7.99 69.61
C MET E 551 3.91 9.08 69.21
N LEU E 552 5.12 9.02 69.78
CA LEU E 552 6.13 10.01 69.45
C LEU E 552 6.68 9.79 68.06
N GLY E 553 6.94 8.53 67.70
CA GLY E 553 7.36 8.15 66.37
C GLY E 553 8.57 8.93 65.90
N GLY E 554 8.51 9.38 64.65
CA GLY E 554 9.54 10.22 64.07
C GLY E 554 9.02 10.98 62.87
N VAL E 555 9.59 12.14 62.59
CA VAL E 555 9.15 12.96 61.46
C VAL E 555 9.81 12.45 60.18
N HIS E 556 9.06 12.47 59.09
CA HIS E 556 9.59 12.04 57.81
C HIS E 556 10.79 12.88 57.42
N LYS E 557 11.80 12.24 56.84
CA LYS E 557 13.07 12.87 56.53
C LYS E 557 13.23 12.98 55.02
N SER E 558 13.59 14.18 54.57
CA SER E 558 13.80 14.44 53.14
C SER E 558 15.29 14.68 52.90
N THR E 559 15.92 13.76 52.20
CA THR E 559 17.34 13.92 51.92
C THR E 559 17.54 14.88 50.75
N VAL E 560 18.80 15.27 50.54
CA VAL E 560 19.12 16.18 49.46
C VAL E 560 18.86 15.52 48.11
N GLU E 561 19.02 14.21 48.03
CA GLU E 561 18.68 13.45 46.84
C GLU E 561 17.18 13.15 46.86
N GLY E 562 16.75 12.27 45.95
CA GLY E 562 15.33 11.96 45.86
C GLY E 562 14.84 11.02 46.93
N ILE E 563 15.75 10.40 47.68
CA ILE E 563 15.38 9.35 48.62
C ILE E 563 14.91 9.96 49.93
N LYS E 564 13.62 10.27 50.00
CA LYS E 564 13.05 10.92 51.19
C LYS E 564 12.78 9.87 52.25
N LEU E 565 13.54 9.92 53.34
CA LEU E 565 13.51 8.86 54.34
C LEU E 565 12.27 8.95 55.20
N ARG E 566 11.58 7.82 55.35
CA ARG E 566 10.42 7.76 56.23
C ARG E 566 10.82 7.99 57.67
N GLY E 567 10.02 8.79 58.39
CA GLY E 567 10.28 9.03 59.79
C GLY E 567 9.50 8.14 60.73
N ASP E 568 8.39 7.56 60.26
CA ASP E 568 7.55 6.75 61.12
C ASP E 568 8.18 5.37 61.31
N ILE E 569 8.48 5.01 62.55
CA ILE E 569 9.04 3.71 62.85
C ILE E 569 7.97 2.65 62.63
N ASN E 570 8.39 1.49 62.14
CA ASN E 570 7.48 0.42 61.78
C ASN E 570 7.60 -0.67 62.84
N ILE E 571 6.60 -0.75 63.71
CA ILE E 571 6.68 -1.56 64.92
C ILE E 571 5.59 -2.63 64.89
N CYS E 572 5.90 -3.76 65.51
CA CYS E 572 4.92 -4.79 65.80
C CYS E 572 4.83 -4.96 67.31
N VAL E 573 3.64 -5.33 67.78
CA VAL E 573 3.44 -5.66 69.18
C VAL E 573 2.89 -7.08 69.27
N VAL E 574 3.40 -7.95 68.41
CA VAL E 574 2.90 -9.32 68.24
C VAL E 574 2.65 -9.97 69.59
N GLY E 575 1.43 -10.48 69.77
CA GLY E 575 0.99 -11.02 71.04
C GLY E 575 -0.26 -11.84 70.81
N ASP E 576 -0.76 -12.42 71.87
CA ASP E 576 -1.92 -13.28 71.69
C ASP E 576 -3.21 -12.45 71.65
N PRO E 577 -4.22 -12.91 70.90
CA PRO E 577 -5.53 -12.27 71.01
C PRO E 577 -6.12 -12.36 72.40
N SER E 578 -5.85 -13.47 73.11
CA SER E 578 -6.25 -13.58 74.51
C SER E 578 -5.52 -12.57 75.38
N THR E 579 -4.24 -12.34 75.09
CA THR E 579 -3.47 -11.39 75.87
C THR E 579 -4.00 -9.98 75.69
N SER E 580 -3.42 -9.05 76.47
CA SER E 580 -3.96 -7.72 76.60
C SER E 580 -3.75 -6.83 75.38
N LYS E 581 -2.99 -7.29 74.38
CA LYS E 581 -2.72 -6.43 73.23
C LYS E 581 -4.02 -6.05 72.53
N SER E 582 -4.99 -6.96 72.48
CA SER E 582 -6.26 -6.65 71.84
C SER E 582 -6.95 -5.51 72.57
N GLN E 583 -7.01 -5.59 73.90
CA GLN E 583 -7.59 -4.52 74.69
C GLN E 583 -6.78 -3.23 74.55
N PHE E 584 -5.45 -3.35 74.45
CA PHE E 584 -4.62 -2.16 74.26
C PHE E 584 -4.94 -1.48 72.93
N LEU E 585 -5.14 -2.25 71.88
CA LEU E 585 -5.52 -1.68 70.59
C LEU E 585 -6.91 -1.06 70.65
N LYS E 586 -7.83 -1.68 71.39
CA LYS E 586 -9.14 -1.06 71.58
C LYS E 586 -8.99 0.28 72.30
N TYR E 587 -8.14 0.33 73.32
CA TYR E 587 -7.86 1.58 74.01
C TYR E 587 -7.32 2.62 73.05
N VAL E 588 -6.36 2.23 72.21
CA VAL E 588 -5.74 3.17 71.30
C VAL E 588 -6.76 3.73 70.31
N VAL E 589 -7.56 2.85 69.71
CA VAL E 589 -8.50 3.31 68.69
C VAL E 589 -9.60 4.15 69.32
N GLY E 590 -10.09 3.75 70.49
CA GLY E 590 -11.10 4.53 71.16
C GLY E 590 -10.58 5.81 71.79
N PHE E 591 -9.26 5.96 71.89
CA PHE E 591 -8.65 7.15 72.45
C PHE E 591 -7.79 7.93 71.46
N ALA E 592 -6.80 7.28 70.85
CA ALA E 592 -5.84 8.02 70.04
C ALA E 592 -6.56 8.70 68.88
N PRO E 593 -6.30 9.98 68.64
CA PRO E 593 -7.08 10.72 67.63
C PRO E 593 -6.96 10.09 66.26
N ARG E 594 -8.07 10.08 65.53
CA ARG E 594 -8.16 9.64 64.14
C ARG E 594 -7.30 8.41 63.87
N SER E 595 -7.65 7.32 64.55
CA SER E 595 -6.97 6.03 64.41
C SER E 595 -7.92 5.03 63.77
N VAL E 596 -7.37 4.14 62.95
CA VAL E 596 -8.16 3.15 62.21
C VAL E 596 -8.04 1.80 62.89
N TYR E 597 -9.18 1.13 63.08
CA TYR E 597 -9.23 -0.18 63.72
C TYR E 597 -9.59 -1.22 62.67
N THR E 598 -8.77 -2.27 62.58
CA THR E 598 -9.04 -3.40 61.71
C THR E 598 -9.10 -4.66 62.57
N SER E 599 -10.20 -5.41 62.45
CA SER E 599 -10.37 -6.61 63.26
C SER E 599 -9.28 -7.64 62.97
N GLY E 600 -8.97 -7.84 61.69
CA GLY E 600 -7.99 -8.80 61.30
C GLY E 600 -8.55 -10.03 60.61
N LYS E 601 -9.65 -10.58 61.12
CA LYS E 601 -10.22 -11.77 60.52
C LYS E 601 -10.69 -11.52 59.10
N ALA E 602 -11.25 -10.34 58.85
CA ALA E 602 -11.74 -9.96 57.54
C ALA E 602 -10.99 -8.73 57.04
N SER E 603 -10.66 -8.73 55.75
CA SER E 603 -9.98 -7.62 55.10
C SER E 603 -10.76 -7.23 53.84
N SER E 604 -11.20 -5.97 53.78
CA SER E 604 -11.88 -5.43 52.62
C SER E 604 -11.04 -4.31 52.04
N ALA E 605 -10.79 -4.35 50.73
CA ALA E 605 -9.87 -3.40 50.11
C ALA E 605 -10.36 -1.97 50.28
N ALA E 606 -11.66 -1.78 50.48
CA ALA E 606 -12.19 -0.44 50.75
C ALA E 606 -11.58 0.14 52.02
N GLY E 607 -11.52 -0.66 53.08
CA GLY E 607 -10.95 -0.16 54.32
C GLY E 607 -9.46 0.10 54.24
N LEU E 608 -8.78 -0.58 53.32
CA LEU E 608 -7.34 -0.40 53.15
C LEU E 608 -6.99 0.99 52.64
N THR E 609 -5.69 1.25 52.49
CA THR E 609 -5.22 2.59 52.15
C THR E 609 -5.76 3.04 50.80
N ALA E 610 -5.71 2.17 49.81
CA ALA E 610 -6.11 2.50 48.44
C ALA E 610 -7.30 1.65 48.03
N ALA E 611 -8.31 2.31 47.44
CA ALA E 611 -9.49 1.61 46.96
C ALA E 611 -10.15 2.44 45.87
N VAL E 612 -11.04 1.80 45.13
CA VAL E 612 -11.67 2.39 43.95
C VAL E 612 -13.18 2.44 44.18
N VAL E 613 -13.77 3.61 44.01
CA VAL E 613 -15.22 3.79 44.06
C VAL E 613 -15.65 4.65 42.89
N ARG E 614 -16.57 4.14 42.09
CA ARG E 614 -17.14 4.92 40.99
C ARG E 614 -18.12 5.95 41.54
N ASP E 615 -18.13 7.14 40.92
CA ASP E 615 -19.06 8.20 41.28
C ASP E 615 -18.93 8.60 42.75
N ASP E 620 -19.05 10.09 38.52
CA ASP E 620 -17.67 10.20 38.05
C ASP E 620 -16.79 9.12 38.66
N TYR E 621 -15.65 9.51 39.20
CA TYR E 621 -14.70 8.59 39.80
C TYR E 621 -14.27 9.11 41.17
N THR E 622 -14.18 8.20 42.12
CA THR E 622 -13.81 8.56 43.49
C THR E 622 -12.84 7.53 44.03
N ILE E 623 -12.29 7.82 45.20
CA ILE E 623 -11.40 6.91 45.92
C ILE E 623 -11.96 6.69 47.31
N GLU E 624 -12.11 5.42 47.69
CA GLU E 624 -12.62 5.10 49.01
C GLU E 624 -11.63 5.51 50.09
N ALA E 625 -12.17 5.96 51.23
CA ALA E 625 -11.34 6.42 52.32
C ALA E 625 -10.36 5.34 52.77
N GLY E 626 -9.09 5.71 52.85
CA GLY E 626 -8.04 4.81 53.25
C GLY E 626 -7.78 4.87 54.74
N ALA E 627 -7.11 3.85 55.24
CA ALA E 627 -6.77 3.81 56.67
C ALA E 627 -5.83 4.96 57.03
N LEU E 628 -4.87 5.25 56.15
CA LEU E 628 -3.85 6.25 56.48
C LEU E 628 -4.39 7.67 56.37
N MET E 629 -5.32 7.90 55.44
CA MET E 629 -6.01 9.18 55.39
C MET E 629 -6.80 9.42 56.67
N LEU E 630 -7.47 8.38 57.16
CA LEU E 630 -8.11 8.49 58.47
C LEU E 630 -7.09 8.49 59.58
N ALA E 631 -5.94 7.83 59.37
CA ALA E 631 -4.88 7.87 60.37
C ALA E 631 -4.31 9.27 60.52
N ASP E 632 -4.11 9.98 59.39
CA ASP E 632 -3.53 11.32 59.39
C ASP E 632 -2.20 11.33 60.15
N ASN E 633 -1.27 10.52 59.66
CA ASN E 633 0.01 10.19 60.28
C ASN E 633 -0.19 9.35 61.52
N GLY E 634 -1.43 8.99 61.85
CA GLY E 634 -1.66 8.10 62.97
C GLY E 634 -1.19 6.68 62.66
N ILE E 635 -1.04 5.89 63.72
CA ILE E 635 -0.52 4.55 63.56
C ILE E 635 -1.53 3.68 62.83
N CYS E 636 -1.03 2.78 61.99
CA CYS E 636 -1.86 1.70 61.47
C CYS E 636 -2.15 0.76 62.62
N CYS E 637 -3.34 0.90 63.22
CA CYS E 637 -3.71 0.14 64.40
C CYS E 637 -4.30 -1.21 64.06
N ILE E 638 -3.92 -1.76 62.92
CA ILE E 638 -4.40 -3.08 62.50
C ILE E 638 -4.01 -4.13 63.52
N ASP E 639 -4.82 -5.19 63.60
CA ASP E 639 -4.56 -6.32 64.47
C ASP E 639 -4.66 -7.59 63.66
N GLU E 640 -3.95 -8.63 64.11
CA GLU E 640 -3.99 -9.94 63.48
C GLU E 640 -3.50 -9.88 62.04
N PHE E 641 -2.23 -9.47 61.86
CA PHE E 641 -1.70 -9.36 60.50
C PHE E 641 -1.56 -10.72 59.84
N ASP E 642 -1.38 -11.77 60.64
CA ASP E 642 -1.45 -13.12 60.10
C ASP E 642 -2.84 -13.40 59.54
N LYS E 643 -3.83 -12.58 59.91
CA LYS E 643 -5.20 -12.80 59.48
C LYS E 643 -5.65 -11.88 58.35
N MET E 644 -5.03 -10.71 58.19
CA MET E 644 -5.30 -9.95 56.97
C MET E 644 -4.75 -10.68 55.75
N ASP E 645 -5.47 -10.55 54.64
CA ASP E 645 -5.09 -11.19 53.39
C ASP E 645 -3.92 -10.47 52.76
N ILE E 646 -3.05 -11.23 52.10
CA ILE E 646 -1.91 -10.64 51.40
C ILE E 646 -2.38 -9.70 50.30
N SER E 647 -3.55 -9.98 49.71
CA SER E 647 -4.11 -9.08 48.71
C SER E 647 -4.35 -7.70 49.30
N ASP E 648 -4.64 -7.65 50.60
CA ASP E 648 -4.77 -6.38 51.30
C ASP E 648 -3.46 -5.94 51.93
N GLN E 649 -2.56 -6.88 52.22
CA GLN E 649 -1.25 -6.51 52.73
C GLN E 649 -0.47 -5.70 51.69
N VAL E 650 -0.55 -6.09 50.43
CA VAL E 650 0.21 -5.42 49.38
C VAL E 650 -0.21 -3.97 49.24
N ALA E 651 -1.44 -3.65 49.66
CA ALA E 651 -1.86 -2.26 49.68
C ALA E 651 -0.94 -1.44 50.58
N ILE E 652 -0.49 -2.03 51.68
CA ILE E 652 0.36 -1.30 52.61
C ILE E 652 1.84 -1.53 52.33
N HIS E 653 2.15 -2.55 51.52
CA HIS E 653 3.55 -2.78 51.17
C HIS E 653 4.14 -1.55 50.49
N GLU E 654 3.52 -1.13 49.39
CA GLU E 654 3.90 0.12 48.74
C GLU E 654 3.65 1.30 49.65
N ALA E 655 2.54 1.26 50.41
CA ALA E 655 2.20 2.38 51.28
C ALA E 655 3.27 2.61 52.34
N MET E 656 3.72 1.53 52.98
CA MET E 656 4.70 1.69 54.05
C MET E 656 6.12 1.76 53.49
N GLU E 657 6.29 1.41 52.21
CA GLU E 657 7.51 1.76 51.49
C GLU E 657 7.45 3.22 51.06
N GLN E 658 8.36 4.03 51.59
CA GLN E 658 8.57 5.41 51.18
C GLN E 658 7.35 6.29 51.36
N GLN E 659 6.35 5.84 52.12
CA GLN E 659 5.13 6.60 52.38
C GLN E 659 4.44 6.94 51.06
N THR E 660 4.14 5.90 50.28
CA THR E 660 3.60 6.06 48.93
C THR E 660 2.40 5.15 48.73
N ILE E 661 1.21 5.74 48.64
CA ILE E 661 0.00 5.01 48.31
C ILE E 661 -0.32 5.27 46.85
N SER E 662 -0.39 4.20 46.06
CA SER E 662 -0.75 4.31 44.65
C SER E 662 -1.31 2.98 44.19
N ILE E 663 -2.06 3.02 43.09
CA ILE E 663 -2.70 1.84 42.52
C ILE E 663 -2.14 1.62 41.12
N ALA E 664 -1.61 0.43 40.87
CA ALA E 664 -1.14 0.08 39.54
C ALA E 664 -2.26 -0.13 38.54
N LYS E 665 -3.51 -0.17 39.02
CA LYS E 665 -4.65 -0.37 38.13
C LYS E 665 -5.14 0.95 37.57
N ALA E 666 -6.08 0.87 36.63
CA ALA E 666 -6.62 2.05 35.99
C ALA E 666 -7.46 2.87 36.97
N GLY E 667 -7.54 4.17 36.71
CA GLY E 667 -8.28 5.09 37.53
C GLY E 667 -7.46 6.34 37.77
N ILE E 668 -7.91 7.17 38.71
CA ILE E 668 -7.17 8.37 39.06
C ILE E 668 -5.87 8.00 39.76
N HIS E 669 -5.87 6.89 40.48
CA HIS E 669 -4.71 6.38 41.24
C HIS E 669 -3.97 7.52 41.94
N ALA E 670 -4.73 8.28 42.74
CA ALA E 670 -4.16 9.41 43.45
C ALA E 670 -3.08 8.96 44.41
N THR E 671 -2.01 9.76 44.51
CA THR E 671 -0.89 9.44 45.39
C THR E 671 -1.22 9.87 46.81
N LEU E 672 -2.02 9.04 47.48
CA LEU E 672 -2.41 9.32 48.86
C LEU E 672 -1.18 9.33 49.75
N ASN E 673 -1.12 10.33 50.63
CA ASN E 673 0.06 10.55 51.47
C ASN E 673 0.10 9.48 52.55
N ALA E 674 0.98 8.50 52.38
CA ALA E 674 1.08 7.37 53.29
C ALA E 674 1.99 7.62 54.48
N ARG E 675 2.29 8.88 54.81
CA ARG E 675 3.12 9.14 55.98
C ARG E 675 2.31 8.82 57.24
N THR E 676 2.56 7.65 57.82
CA THR E 676 1.84 7.17 58.99
C THR E 676 2.74 6.20 59.75
N SER E 677 2.56 6.16 61.06
CA SER E 677 3.12 5.08 61.84
C SER E 677 2.34 3.79 61.57
N ILE E 678 3.01 2.65 61.77
CA ILE E 678 2.44 1.36 61.44
C ILE E 678 2.62 0.43 62.63
N LEU E 679 1.58 -0.33 62.96
CA LEU E 679 1.62 -1.33 64.02
C LEU E 679 0.88 -2.58 63.55
N ALA E 680 1.65 -3.62 63.21
CA ALA E 680 1.02 -4.86 62.73
C ALA E 680 0.17 -5.50 63.81
N ALA E 681 0.70 -5.62 65.04
CA ALA E 681 -0.01 -6.26 66.15
C ALA E 681 -0.45 -7.66 65.77
N ALA E 682 0.43 -8.38 65.07
CA ALA E 682 0.08 -9.67 64.49
C ALA E 682 -0.06 -10.74 65.57
N ASN E 683 -0.94 -11.71 65.29
CA ASN E 683 -1.12 -12.88 66.12
C ASN E 683 -0.65 -14.12 65.36
N PRO E 684 0.29 -14.88 65.91
CA PRO E 684 0.92 -15.96 65.14
C PRO E 684 0.00 -17.14 64.88
N VAL E 685 0.54 -18.18 64.23
CA VAL E 685 -0.26 -19.35 63.90
C VAL E 685 -0.83 -19.97 65.16
N GLY E 686 -2.08 -20.41 65.08
CA GLY E 686 -2.76 -20.92 66.25
C GLY E 686 -3.10 -19.88 67.28
N GLY E 687 -2.94 -18.60 66.94
CA GLY E 687 -3.17 -17.53 67.89
C GLY E 687 -2.06 -17.41 68.91
N ARG E 688 -1.81 -18.50 69.63
CA ARG E 688 -0.77 -18.51 70.64
C ARG E 688 0.61 -18.53 69.99
N TYR E 689 1.62 -18.12 70.76
CA TYR E 689 2.99 -18.12 70.28
C TYR E 689 3.60 -19.51 70.31
N ASN E 690 4.36 -19.82 69.27
CA ASN E 690 5.15 -21.05 69.19
C ASN E 690 6.61 -20.69 69.44
N ARG E 691 7.12 -21.07 70.61
CA ARG E 691 8.53 -20.85 70.92
C ARG E 691 9.43 -21.46 69.86
N LYS E 692 8.99 -22.56 69.26
CA LYS E 692 9.75 -23.20 68.19
C LYS E 692 9.85 -22.29 66.97
N LEU E 693 8.73 -21.66 66.61
CA LEU E 693 8.68 -20.84 65.41
C LEU E 693 9.31 -19.47 65.60
N SER E 694 9.66 -19.09 66.83
CA SER E 694 10.38 -17.86 67.12
C SER E 694 9.58 -16.63 66.68
N LEU E 695 10.22 -15.46 66.77
CA LEU E 695 9.57 -14.23 66.31
C LEU E 695 9.35 -14.23 64.81
N ARG E 696 10.29 -14.79 64.05
CA ARG E 696 10.25 -14.77 62.60
C ARG E 696 9.80 -16.12 62.07
N GLY E 697 8.77 -16.11 61.23
CA GLY E 697 8.25 -17.32 60.63
C GLY E 697 7.08 -17.95 61.35
N ASN E 698 6.62 -17.36 62.45
CA ASN E 698 5.44 -17.83 63.17
C ASN E 698 4.13 -17.40 62.53
N LEU E 699 4.17 -17.00 61.25
CA LEU E 699 3.13 -16.16 60.69
C LEU E 699 3.30 -16.03 59.18
N ASN E 700 2.19 -15.71 58.51
CA ASN E 700 2.16 -15.61 57.05
C ASN E 700 2.85 -14.36 56.54
N MET E 701 2.75 -13.26 57.29
CA MET E 701 3.36 -11.98 56.92
C MET E 701 4.79 -12.16 56.42
N THR E 702 5.04 -11.63 55.22
CA THR E 702 6.21 -11.99 54.44
C THR E 702 7.47 -11.31 54.95
N ALA E 703 8.61 -11.79 54.46
CA ALA E 703 9.89 -11.20 54.83
C ALA E 703 10.04 -9.75 54.35
N PRO E 704 9.74 -9.40 53.09
CA PRO E 704 9.91 -8.00 52.69
C PRO E 704 9.07 -7.02 53.50
N ILE E 705 7.83 -7.37 53.82
CA ILE E 705 6.99 -6.47 54.60
C ILE E 705 7.50 -6.35 56.03
N MET E 706 8.01 -7.43 56.62
CA MET E 706 8.61 -7.28 57.94
C MET E 706 9.97 -6.60 57.83
N SER E 707 10.64 -6.77 56.69
CA SER E 707 11.92 -6.08 56.48
C SER E 707 11.71 -4.57 56.60
N ARG E 708 10.56 -4.08 56.14
CA ARG E 708 10.20 -2.70 56.41
C ARG E 708 9.93 -2.48 57.89
N PHE E 709 9.31 -3.45 58.54
CA PHE E 709 9.00 -3.35 59.97
C PHE E 709 10.30 -3.27 60.77
N ASP E 710 10.48 -2.15 61.46
CA ASP E 710 11.73 -1.91 62.17
C ASP E 710 11.89 -2.87 63.35
N LEU E 711 11.01 -2.77 64.34
CA LEU E 711 11.12 -3.61 65.53
C LEU E 711 9.80 -4.33 65.75
N PHE E 712 9.86 -5.39 66.56
CA PHE E 712 8.71 -6.26 66.79
C PHE E 712 8.35 -6.44 68.25
N PHE E 713 9.26 -6.15 69.19
CA PHE E 713 9.05 -6.35 70.62
C PHE E 713 8.66 -7.77 70.97
N VAL E 714 8.81 -8.70 70.02
CA VAL E 714 8.61 -10.14 70.12
C VAL E 714 7.27 -10.54 70.73
N ILE E 715 7.02 -11.84 70.75
CA ILE E 715 5.86 -12.45 71.38
C ILE E 715 6.32 -13.58 72.29
N LEU E 716 5.75 -13.62 73.50
CA LEU E 716 6.00 -14.71 74.42
C LEU E 716 4.70 -15.13 75.07
N ASP E 717 4.40 -16.42 75.03
CA ASP E 717 3.21 -16.98 75.66
C ASP E 717 3.61 -18.22 76.46
N ASP E 718 3.12 -18.29 77.70
CA ASP E 718 3.48 -19.40 78.58
C ASP E 718 2.39 -19.55 79.63
N CYS E 719 2.34 -20.74 80.24
CA CYS E 719 1.41 -20.97 81.33
C CYS E 719 1.70 -20.01 82.49
N ASN E 720 2.98 -19.84 82.84
CA ASN E 720 3.41 -18.79 83.76
C ASN E 720 2.70 -18.90 85.11
N GLU E 721 3.03 -19.98 85.83
CA GLU E 721 2.41 -20.25 87.12
C GLU E 721 2.52 -19.07 88.07
N LYS E 722 3.63 -18.34 88.02
CA LYS E 722 3.79 -17.18 88.88
C LYS E 722 2.77 -16.10 88.55
N ILE E 723 2.53 -15.86 87.24
CA ILE E 723 1.65 -14.78 86.85
C ILE E 723 0.22 -15.11 87.27
N ASP E 724 -0.08 -16.41 87.42
CA ASP E 724 -1.39 -16.85 87.86
C ASP E 724 -1.67 -16.41 89.29
N THR E 725 -0.64 -15.94 90.00
CA THR E 725 -0.83 -15.45 91.35
C THR E 725 -1.13 -13.96 91.35
N GLU E 726 -0.29 -13.16 90.70
CA GLU E 726 -0.41 -11.71 90.77
C GLU E 726 -1.29 -11.15 89.66
N LEU E 727 -1.00 -11.47 88.40
CA LEU E 727 -1.77 -10.85 87.34
C LEU E 727 -3.12 -11.53 87.14
N ALA E 728 -3.24 -12.80 87.49
CA ALA E 728 -4.58 -13.39 87.51
C ALA E 728 -5.46 -12.66 88.51
N SER E 729 -4.92 -12.36 89.69
CA SER E 729 -5.66 -11.56 90.66
C SER E 729 -5.92 -10.15 90.13
N HIS E 730 -4.97 -9.65 89.34
CA HIS E 730 -5.09 -8.29 88.77
C HIS E 730 -6.33 -8.19 87.88
N ILE E 731 -6.56 -9.16 86.98
CA ILE E 731 -7.68 -9.03 85.99
C ILE E 731 -9.01 -8.66 86.66
N VAL E 732 -9.41 -9.37 87.71
CA VAL E 732 -10.76 -9.11 88.31
C VAL E 732 -10.86 -7.65 88.76
N ASP E 733 -9.89 -7.19 89.56
CA ASP E 733 -9.93 -5.79 90.07
C ASP E 733 -9.91 -4.84 88.87
N LEU E 734 -9.09 -5.15 87.86
CA LEU E 734 -9.08 -4.34 86.61
C LEU E 734 -10.47 -4.40 85.96
N HIS E 735 -11.06 -5.59 85.90
CA HIS E 735 -12.37 -5.75 85.21
C HIS E 735 -13.43 -6.41 86.09
N MET E 736 -14.36 -5.62 86.63
CA MET E 736 -15.43 -6.08 87.51
C MET E 736 -16.12 -4.91 88.19
N LYS E 737 -17.04 -5.15 89.13
CA LYS E 737 -17.64 -4.00 89.87
C LYS E 737 -16.57 -3.01 90.29
N ARG E 738 -15.42 -3.51 90.76
CA ARG E 738 -14.29 -2.59 91.04
C ARG E 738 -13.94 -1.90 89.72
N ASP E 739 -13.26 -2.62 88.82
CA ASP E 739 -12.84 -2.00 87.53
C ASP E 739 -12.33 -0.60 87.85
N GLU E 740 -11.54 -0.47 88.93
CA GLU E 740 -11.10 0.88 89.36
C GLU E 740 -9.57 0.94 89.45
N ALA E 741 -8.87 -0.02 88.84
CA ALA E 741 -7.39 0.10 88.84
C ALA E 741 -6.99 1.25 87.90
N ILE E 742 -7.12 2.50 88.35
CA ILE E 742 -6.83 3.66 87.46
C ILE E 742 -5.36 4.04 87.60
N GLU E 743 -4.65 4.17 86.47
CA GLU E 743 -3.21 4.55 86.49
C GLU E 743 -2.96 5.61 85.41
N PRO E 744 -3.52 6.83 85.53
CA PRO E 744 -3.27 7.89 84.57
C PRO E 744 -2.37 9.01 85.11
N PRO E 745 -1.10 8.74 85.48
CA PRO E 745 -0.19 9.80 85.91
C PRO E 745 -0.37 11.02 85.01
N PHE E 746 -0.99 10.84 83.84
CA PHE E 746 -1.29 12.01 82.96
C PHE E 746 -2.74 11.93 82.45
N SER E 747 -3.44 13.08 82.43
CA SER E 747 -4.84 13.13 81.96
C SER E 747 -4.90 12.89 80.45
N ALA E 748 -6.05 12.46 79.94
CA ALA E 748 -6.22 12.22 78.48
C ALA E 748 -5.98 13.52 77.72
N GLU E 749 -6.74 14.58 78.06
CA GLU E 749 -6.52 15.86 77.41
C GLU E 749 -5.05 16.27 77.52
N GLN E 750 -4.50 16.22 78.74
CA GLN E 750 -3.08 16.51 78.91
C GLN E 750 -2.23 15.53 78.11
N LEU E 751 -2.69 14.29 78.00
CA LEU E 751 -1.96 13.30 77.21
C LEU E 751 -1.80 13.76 75.77
N ARG E 752 -2.90 14.14 75.13
CA ARG E 752 -2.79 14.73 73.79
C ARG E 752 -1.95 15.99 73.80
N ARG E 753 -2.05 16.80 74.87
CA ARG E 753 -1.33 18.06 74.89
C ARG E 753 0.18 17.85 74.85
N TYR E 754 0.71 16.98 75.72
CA TYR E 754 2.16 16.79 75.65
C TYR E 754 2.55 15.86 74.53
N ILE E 755 1.62 15.10 73.94
CA ILE E 755 1.95 14.46 72.68
C ILE E 755 2.25 15.51 71.62
N LYS E 756 1.40 16.52 71.54
CA LYS E 756 1.65 17.65 70.64
C LYS E 756 2.97 18.32 70.97
N TYR E 757 3.22 18.57 72.26
CA TYR E 757 4.44 19.27 72.65
C TYR E 757 5.68 18.45 72.34
N ALA E 758 5.61 17.13 72.54
CA ALA E 758 6.71 16.27 72.16
C ALA E 758 6.95 16.33 70.66
N ARG E 759 5.88 16.36 69.88
CA ARG E 759 6.04 16.48 68.43
C ARG E 759 6.57 17.86 68.04
N THR E 760 6.43 18.87 68.90
CA THR E 760 6.97 20.19 68.56
C THR E 760 8.48 20.16 68.40
N PHE E 761 9.19 19.53 69.33
CA PHE E 761 10.64 19.46 69.31
C PHE E 761 11.10 18.04 69.09
N LYS E 762 12.09 17.88 68.21
CA LYS E 762 12.57 16.57 67.80
C LYS E 762 14.08 16.49 67.90
N PRO E 763 14.62 15.50 68.63
CA PRO E 763 16.07 15.44 68.83
C PRO E 763 16.83 15.18 67.53
N ILE E 764 18.05 15.70 67.47
CA ILE E 764 18.95 15.49 66.35
C ILE E 764 20.25 14.92 66.90
N LEU E 765 20.86 13.99 66.16
CA LEU E 765 22.10 13.37 66.59
C LEU E 765 23.21 14.41 66.75
N THR E 766 23.90 14.34 67.88
CA THR E 766 25.12 15.11 68.06
C THR E 766 26.32 14.28 67.64
N LYS E 767 27.45 14.95 67.46
CA LYS E 767 28.65 14.26 66.96
C LYS E 767 29.07 13.14 67.92
N GLU E 768 29.07 13.43 69.23
CA GLU E 768 29.32 12.39 70.21
C GLU E 768 28.22 11.33 70.15
N ALA E 769 26.97 11.77 70.02
CA ALA E 769 25.87 10.82 69.87
C ALA E 769 25.98 10.06 68.56
N ARG E 770 26.47 10.72 67.51
CA ARG E 770 26.65 10.05 66.23
C ARG E 770 27.67 8.92 66.35
N SER E 771 28.83 9.22 66.93
CA SER E 771 29.83 8.17 67.13
C SER E 771 29.32 7.08 68.05
N TYR E 772 28.62 7.46 69.12
CA TYR E 772 28.08 6.49 70.04
C TYR E 772 27.11 5.56 69.34
N LEU E 773 26.22 6.12 68.52
CA LEU E 773 25.23 5.31 67.83
C LEU E 773 25.85 4.45 66.74
N VAL E 774 26.89 4.93 66.06
CA VAL E 774 27.51 4.08 65.05
C VAL E 774 28.24 2.91 65.72
N GLU E 775 28.91 3.17 66.85
CA GLU E 775 29.53 2.07 67.58
C GLU E 775 28.47 1.10 68.09
N LYS E 776 27.33 1.61 68.54
CA LYS E 776 26.28 0.73 69.05
C LYS E 776 25.64 -0.07 67.93
N TYR E 777 25.57 0.49 66.73
CA TYR E 777 25.16 -0.28 65.57
C TYR E 777 26.16 -1.38 65.26
N LYS E 778 27.45 -1.09 65.46
CA LYS E 778 28.45 -2.16 65.33
C LYS E 778 28.20 -3.25 66.36
N GLU E 779 27.84 -2.86 67.58
CA GLU E 779 27.52 -3.84 68.62
C GLU E 779 26.30 -4.68 68.21
N LEU E 780 25.29 -4.02 67.64
CA LEU E 780 24.16 -4.73 67.05
C LEU E 780 24.63 -5.72 66.00
N ARG E 781 25.58 -5.31 65.16
CA ARG E 781 26.09 -6.18 64.12
C ARG E 781 26.75 -7.41 64.71
N LYS E 782 27.57 -7.22 65.77
CA LYS E 782 28.08 -8.36 66.51
C LYS E 782 26.95 -9.23 67.03
N ASP E 783 25.90 -8.58 67.56
CA ASP E 783 24.75 -9.30 68.10
C ASP E 783 24.03 -10.11 67.03
N ASP E 784 24.17 -9.74 65.77
CA ASP E 784 23.58 -10.47 64.66
C ASP E 784 24.55 -11.50 64.08
N ALA E 785 25.34 -12.12 64.95
CA ALA E 785 26.33 -13.12 64.56
C ALA E 785 25.69 -14.29 63.83
N GLN E 786 26.51 -15.22 63.34
CA GLN E 786 26.10 -16.29 62.43
C GLN E 786 25.62 -15.71 61.10
N GLY E 787 26.47 -14.87 60.52
CA GLY E 787 26.19 -14.27 59.22
C GLY E 787 27.40 -13.50 58.74
N PHE E 788 27.30 -13.02 57.50
CA PHE E 788 28.37 -12.27 56.87
C PHE E 788 28.28 -10.80 57.29
N SER E 789 29.43 -10.14 57.35
CA SER E 789 29.54 -8.72 57.68
C SER E 789 29.06 -8.38 59.08
N ARG E 790 28.81 -9.37 59.93
CA ARG E 790 28.01 -9.15 61.11
C ARG E 790 26.67 -8.52 60.69
N SER E 791 25.99 -9.21 59.77
CA SER E 791 25.00 -8.61 58.88
C SER E 791 24.03 -7.70 59.60
N SER E 792 23.70 -6.59 58.94
CA SER E 792 22.60 -5.76 59.40
C SER E 792 21.34 -6.61 59.49
N TYR E 793 21.01 -7.29 58.40
CA TYR E 793 20.01 -8.36 58.38
C TYR E 793 18.72 -7.95 59.09
N ARG E 794 18.51 -8.50 60.29
CA ARG E 794 17.34 -8.11 61.08
C ARG E 794 17.36 -6.62 61.37
N ILE E 795 18.47 -6.14 61.92
CA ILE E 795 18.65 -4.70 62.17
C ILE E 795 19.33 -4.14 60.93
N THR E 796 18.53 -3.89 59.90
CA THR E 796 19.06 -3.53 58.59
C THR E 796 19.33 -2.02 58.59
N VAL E 797 19.71 -1.49 57.44
CA VAL E 797 19.79 -0.04 57.27
C VAL E 797 18.42 0.59 57.52
N ARG E 798 17.35 -0.08 57.09
CA ARG E 798 16.02 0.31 57.53
C ARG E 798 15.97 0.38 59.05
N GLN E 799 16.52 -0.62 59.72
CA GLN E 799 16.56 -0.55 61.17
C GLN E 799 17.63 0.39 61.69
N LEU E 800 18.62 0.77 60.88
CA LEU E 800 19.49 1.85 61.30
C LEU E 800 18.70 3.16 61.41
N GLU E 801 17.87 3.42 60.41
CA GLU E 801 16.86 4.46 60.55
C GLU E 801 16.00 4.22 61.79
N SER E 802 15.68 2.96 62.07
CA SER E 802 14.87 2.67 63.25
C SER E 802 15.56 3.17 64.52
N MET E 803 16.84 2.86 64.70
CA MET E 803 17.55 3.38 65.87
C MET E 803 17.54 4.90 65.88
N ILE E 804 17.75 5.52 64.73
CA ILE E 804 17.80 6.99 64.70
C ILE E 804 16.47 7.58 65.19
N ARG E 805 15.36 7.10 64.61
CA ARG E 805 14.07 7.61 65.03
C ARG E 805 13.71 7.19 66.45
N LEU E 806 14.19 6.03 66.90
CA LEU E 806 13.93 5.61 68.28
C LEU E 806 14.67 6.50 69.27
N SER E 807 15.90 6.88 68.95
CA SER E 807 16.62 7.83 69.80
C SER E 807 15.93 9.18 69.79
N GLU E 808 15.36 9.58 68.65
CA GLU E 808 14.54 10.78 68.62
C GLU E 808 13.34 10.65 69.54
N ALA E 809 12.63 9.53 69.46
CA ALA E 809 11.40 9.34 70.23
C ALA E 809 11.69 9.18 71.72
N ILE E 810 12.86 8.66 72.07
CA ILE E 810 13.23 8.54 73.48
C ILE E 810 13.51 9.93 74.03
N ALA E 811 12.83 10.28 75.12
CA ALA E 811 12.78 11.63 75.67
C ALA E 811 12.24 12.64 74.66
N ARG E 812 11.42 12.18 73.71
CA ARG E 812 10.70 13.11 72.85
C ARG E 812 9.72 13.93 73.68
N ALA E 813 9.13 13.30 74.70
CA ALA E 813 8.28 14.03 75.63
C ALA E 813 9.09 15.08 76.38
N ASN E 814 10.36 14.80 76.65
CA ASN E 814 11.25 15.84 77.17
C ASN E 814 11.46 16.94 76.15
N CYS E 815 11.18 16.66 74.88
CA CYS E 815 11.29 17.63 73.80
C CYS E 815 12.72 18.16 73.67
N VAL E 816 13.70 17.32 74.02
CA VAL E 816 15.09 17.68 73.80
C VAL E 816 15.34 17.80 72.32
N ASP E 817 16.04 18.86 71.92
CA ASP E 817 16.26 19.10 70.50
C ASP E 817 17.41 18.29 69.94
N GLU E 818 18.15 17.58 70.78
CA GLU E 818 19.33 16.83 70.35
C GLU E 818 19.25 15.39 70.84
N ILE E 819 19.75 14.46 70.03
CA ILE E 819 19.84 13.07 70.43
C ILE E 819 21.04 12.88 71.36
N THR E 820 20.83 12.12 72.43
CA THR E 820 21.85 11.85 73.42
C THR E 820 22.22 10.38 73.40
N PRO E 821 23.41 10.02 73.87
CA PRO E 821 23.78 8.60 73.93
C PRO E 821 22.84 7.78 74.81
N SER E 822 22.21 8.39 75.81
CA SER E 822 21.23 7.66 76.61
C SER E 822 20.08 7.15 75.75
N PHE E 823 19.62 7.99 74.82
CA PHE E 823 18.56 7.57 73.92
C PHE E 823 19.00 6.40 73.07
N ILE E 824 20.24 6.46 72.59
CA ILE E 824 20.78 5.39 71.76
C ILE E 824 20.86 4.08 72.55
N ALA E 825 21.31 4.17 73.80
CA ALA E 825 21.39 2.97 74.64
C ALA E 825 20.02 2.40 74.90
N GLU E 826 19.03 3.25 75.17
CA GLU E 826 17.68 2.76 75.42
C GLU E 826 17.10 2.11 74.16
N ALA E 827 17.32 2.72 72.99
CA ALA E 827 16.90 2.11 71.75
C ALA E 827 17.59 0.77 71.56
N TYR E 828 18.86 0.67 71.96
CA TYR E 828 19.58 -0.60 71.91
C TYR E 828 18.90 -1.64 72.78
N ASP E 829 18.45 -1.24 73.97
CA ASP E 829 17.74 -2.16 74.85
C ASP E 829 16.46 -2.65 74.20
N LEU E 830 15.74 -1.74 73.54
CA LEU E 830 14.53 -2.14 72.82
C LEU E 830 14.86 -3.12 71.70
N LEU E 831 15.95 -2.85 70.97
CA LEU E 831 16.41 -3.80 69.96
C LEU E 831 16.62 -5.18 70.58
N ARG E 832 17.42 -5.23 71.64
CA ARG E 832 17.74 -6.52 72.27
C ARG E 832 16.47 -7.25 72.69
N GLN E 833 15.57 -6.57 73.40
CA GLN E 833 14.33 -7.23 73.79
C GLN E 833 13.55 -7.69 72.58
N SER E 834 13.81 -7.09 71.42
CA SER E 834 13.21 -7.59 70.18
C SER E 834 14.10 -8.57 69.42
N ILE E 835 15.28 -8.93 69.93
CA ILE E 835 16.20 -9.78 69.17
C ILE E 835 16.35 -11.18 69.77
N ILE E 836 16.86 -11.26 71.00
CA ILE E 836 17.37 -12.52 71.56
C ILE E 836 16.32 -13.63 71.49
N ARG E 837 15.05 -13.26 71.54
CA ARG E 837 13.99 -14.26 71.51
C ARG E 837 14.06 -15.09 70.22
N VAL E 838 14.11 -16.40 70.39
CA VAL E 838 14.22 -17.32 69.26
C VAL E 838 13.22 -18.46 69.44
N ALA F 4 -68.01 9.23 1.41
CA ALA F 4 -66.57 9.40 1.60
C ALA F 4 -65.86 8.06 1.58
N LEU F 5 -66.58 7.01 1.95
CA LEU F 5 -66.02 5.66 2.01
C LEU F 5 -66.84 4.75 1.11
N PRO F 6 -66.20 4.03 0.18
CA PRO F 6 -66.94 3.10 -0.67
C PRO F 6 -67.60 2.01 0.16
N SER F 7 -68.77 1.57 -0.30
CA SER F 7 -69.58 0.60 0.42
C SER F 7 -70.01 -0.50 -0.53
N ILE F 8 -69.73 -1.75 -0.16
CA ILE F 8 -70.11 -2.90 -0.97
C ILE F 8 -71.27 -3.60 -0.27
N GLN F 9 -72.20 -4.12 -1.07
CA GLN F 9 -73.44 -4.68 -0.56
C GLN F 9 -73.28 -6.18 -0.37
N LEU F 10 -73.70 -6.68 0.78
CA LEU F 10 -73.59 -8.08 1.15
C LEU F 10 -74.94 -8.61 1.57
N PRO F 11 -75.19 -9.90 1.34
CA PRO F 11 -76.47 -10.52 1.72
C PRO F 11 -76.49 -11.08 3.14
N VAL F 12 -76.09 -10.26 4.11
CA VAL F 12 -76.11 -10.71 5.50
C VAL F 12 -77.53 -10.85 6.00
N ASP F 13 -78.42 -9.92 5.60
CA ASP F 13 -79.80 -9.89 6.05
C ASP F 13 -79.87 -9.90 7.58
N TYR F 14 -79.21 -8.91 8.18
CA TYR F 14 -78.99 -8.90 9.62
C TYR F 14 -80.29 -8.80 10.41
N ASN F 15 -81.23 -7.98 9.94
CA ASN F 15 -82.49 -7.83 10.68
C ASN F 15 -83.28 -9.14 10.71
N ASN F 16 -83.30 -9.85 9.58
CA ASN F 16 -83.92 -11.17 9.60
C ASN F 16 -83.16 -12.13 10.50
N LEU F 17 -81.84 -11.98 10.59
CA LEU F 17 -81.09 -12.77 11.55
C LEU F 17 -81.57 -12.49 12.96
N PHE F 18 -81.80 -11.21 13.27
CA PHE F 18 -82.26 -10.83 14.60
C PHE F 18 -83.64 -11.42 14.89
N ASN F 19 -84.56 -11.34 13.94
CA ASN F 19 -85.91 -11.85 14.18
C ASN F 19 -85.91 -13.38 14.26
N GLU F 20 -85.07 -14.04 13.46
CA GLU F 20 -84.91 -15.48 13.58
C GLU F 20 -84.33 -15.85 14.94
N ILE F 21 -83.41 -15.05 15.44
CA ILE F 21 -82.86 -15.28 16.77
C ILE F 21 -83.97 -15.18 17.81
N THR F 22 -84.81 -14.15 17.69
CA THR F 22 -85.93 -14.01 18.61
C THR F 22 -86.86 -15.21 18.54
N ASP F 23 -87.18 -15.66 17.33
CA ASP F 23 -88.03 -16.82 17.16
C ASP F 23 -87.40 -18.05 17.78
N PHE F 24 -86.09 -18.22 17.61
CA PHE F 24 -85.38 -19.33 18.22
C PHE F 24 -85.46 -19.29 19.73
N LEU F 25 -85.20 -18.13 20.31
CA LEU F 25 -85.22 -18.01 21.77
C LEU F 25 -86.61 -18.29 22.32
N VAL F 26 -87.65 -17.82 21.63
CA VAL F 26 -89.01 -18.15 22.04
C VAL F 26 -89.25 -19.65 21.91
N THR F 27 -88.77 -20.25 20.81
CA THR F 27 -89.18 -21.59 20.45
C THR F 27 -88.26 -22.68 21.01
N PHE F 28 -87.15 -22.31 21.65
CA PHE F 28 -86.24 -23.33 22.14
C PHE F 28 -86.66 -23.78 23.53
N LYS F 29 -86.93 -25.06 23.67
CA LYS F 29 -87.40 -25.66 24.91
C LYS F 29 -86.31 -26.52 25.53
N GLN F 30 -86.48 -26.84 26.81
CA GLN F 30 -85.73 -27.96 27.38
C GLN F 30 -86.13 -29.25 26.67
N ASP F 31 -87.42 -29.40 26.36
CA ASP F 31 -87.86 -30.52 25.55
C ASP F 31 -87.23 -30.48 24.16
N THR F 32 -87.17 -29.30 23.55
CA THR F 32 -86.41 -29.14 22.32
C THR F 32 -84.94 -29.41 22.56
N LEU F 33 -84.41 -28.98 23.70
CA LEU F 33 -83.05 -29.34 24.09
C LEU F 33 -82.93 -30.85 24.29
N SER F 34 -83.93 -31.47 24.89
CA SER F 34 -83.93 -32.91 25.10
C SER F 34 -84.02 -33.67 23.79
N GLY F 60 -91.70 -26.21 28.95
CA GLY F 60 -91.58 -24.81 28.59
C GLY F 60 -90.31 -24.49 27.82
N PRO F 61 -90.29 -23.35 27.14
CA PRO F 61 -89.08 -22.95 26.42
C PRO F 61 -87.92 -22.66 27.38
N LYS F 62 -86.72 -23.01 26.92
CA LYS F 62 -85.54 -22.85 27.76
C LYS F 62 -85.17 -21.39 27.98
N TYR F 63 -85.48 -20.52 27.02
CA TYR F 63 -84.94 -19.16 27.10
C TYR F 63 -85.78 -18.25 27.95
N MET F 64 -87.08 -18.49 28.09
CA MET F 64 -87.80 -17.78 29.13
C MET F 64 -87.48 -18.35 30.51
N ALA F 65 -87.06 -19.60 30.59
CA ALA F 65 -86.43 -20.08 31.83
C ALA F 65 -85.16 -19.29 32.11
N MET F 66 -84.37 -19.01 31.08
CA MET F 66 -83.21 -18.16 31.26
C MET F 66 -83.63 -16.75 31.66
N LEU F 67 -84.74 -16.28 31.12
CA LEU F 67 -85.27 -14.97 31.52
C LEU F 67 -85.63 -14.92 32.98
N GLN F 68 -86.24 -15.99 33.51
CA GLN F 68 -86.58 -15.97 34.92
C GLN F 68 -85.35 -16.21 35.79
N LYS F 69 -84.33 -16.88 35.24
CA LYS F 69 -83.01 -16.87 35.88
C LYS F 69 -82.48 -15.46 36.00
N VAL F 70 -82.63 -14.67 34.93
CA VAL F 70 -82.23 -13.28 34.94
C VAL F 70 -83.04 -12.51 35.98
N ALA F 71 -84.34 -12.80 36.04
CA ALA F 71 -85.25 -12.00 36.85
C ALA F 71 -84.87 -12.06 38.32
N ASN F 72 -84.64 -13.27 38.85
CA ASN F 72 -84.14 -13.43 40.20
C ASN F 72 -82.63 -13.32 40.27
N ARG F 73 -81.96 -13.21 39.13
CA ARG F 73 -80.51 -13.16 39.07
C ARG F 73 -79.89 -14.33 39.83
N GLU F 74 -80.42 -15.53 39.56
CA GLU F 74 -79.83 -16.73 40.13
C GLU F 74 -78.39 -16.89 39.71
N LEU F 75 -78.09 -16.63 38.45
CA LEU F 75 -76.73 -16.64 37.93
C LEU F 75 -76.22 -15.21 37.86
N ASN F 76 -74.97 -15.07 37.41
CA ASN F 76 -74.40 -13.77 37.08
C ASN F 76 -74.27 -13.57 35.58
N SER F 77 -74.51 -14.60 34.79
CA SER F 77 -74.36 -14.54 33.34
C SER F 77 -75.38 -15.46 32.70
N VAL F 78 -75.73 -15.13 31.46
CA VAL F 78 -76.49 -16.02 30.60
C VAL F 78 -75.67 -16.23 29.34
N ILE F 79 -75.39 -17.48 29.02
CA ILE F 79 -74.42 -17.83 27.98
C ILE F 79 -75.15 -18.55 26.85
N ILE F 80 -75.04 -18.01 25.64
CA ILE F 80 -75.67 -18.62 24.48
C ILE F 80 -74.96 -19.92 24.15
N ASP F 81 -75.73 -20.97 23.92
CA ASP F 81 -75.20 -22.27 23.52
C ASP F 81 -75.42 -22.46 22.03
N LEU F 82 -74.35 -22.79 21.31
CA LEU F 82 -74.47 -23.08 19.89
C LEU F 82 -75.27 -24.35 19.66
N ASP F 83 -75.18 -25.29 20.60
CA ASP F 83 -75.92 -26.55 20.52
C ASP F 83 -77.41 -26.27 20.41
N ASP F 84 -77.90 -25.29 21.16
CA ASP F 84 -79.28 -24.86 21.03
C ASP F 84 -79.55 -24.34 19.62
N ILE F 85 -78.61 -23.56 19.08
CA ILE F 85 -78.74 -23.08 17.72
C ILE F 85 -78.70 -24.23 16.73
N LEU F 86 -77.91 -25.26 17.01
CA LEU F 86 -77.88 -26.43 16.16
C LEU F 86 -79.25 -27.10 16.10
N GLN F 87 -79.87 -27.31 17.26
CA GLN F 87 -81.20 -27.89 17.29
C GLN F 87 -82.20 -27.00 16.57
N TYR F 88 -82.07 -25.68 16.73
CA TYR F 88 -82.95 -24.76 16.03
C TYR F 88 -82.82 -24.90 14.53
N GLN F 89 -81.58 -24.99 14.03
CA GLN F 89 -81.37 -25.17 12.60
C GLN F 89 -81.96 -26.48 12.14
N ASN F 90 -81.80 -27.55 12.93
CA ASN F 90 -82.40 -28.82 12.59
C ASN F 90 -83.92 -28.68 12.47
N GLU F 91 -84.54 -27.99 13.43
CA GLU F 91 -85.98 -27.79 13.39
C GLU F 91 -86.40 -27.01 12.17
N LYS F 92 -85.66 -25.94 11.85
CA LYS F 92 -86.00 -25.13 10.68
C LYS F 92 -85.87 -25.94 9.39
N PHE F 93 -84.86 -26.80 9.31
CA PHE F 93 -84.76 -27.70 8.16
C PHE F 93 -85.96 -28.65 8.12
N LEU F 94 -86.39 -29.14 9.28
CA LEU F 94 -87.63 -29.89 9.33
C LEU F 94 -88.81 -29.03 8.90
N GLN F 95 -88.85 -27.78 9.34
CA GLN F 95 -89.83 -26.84 8.82
C GLN F 95 -89.55 -26.46 7.37
N GLY F 96 -88.37 -26.78 6.86
CA GLY F 96 -87.98 -26.40 5.52
C GLY F 96 -87.46 -24.99 5.38
N THR F 97 -87.46 -24.20 6.46
CA THR F 97 -86.95 -22.85 6.40
C THR F 97 -85.43 -22.87 6.31
N GLN F 98 -84.88 -22.00 5.47
CA GLN F 98 -83.42 -21.93 5.32
C GLN F 98 -82.76 -21.46 6.61
N ALA F 99 -83.49 -20.73 7.45
CA ALA F 99 -83.02 -20.21 8.72
C ALA F 99 -81.80 -19.30 8.56
N ASP F 100 -81.63 -18.69 7.39
CA ASP F 100 -80.54 -17.79 7.07
C ASP F 100 -79.17 -18.45 7.19
N ASP F 101 -79.13 -19.78 7.36
CA ASP F 101 -77.90 -20.47 7.74
C ASP F 101 -77.23 -19.76 8.93
N LEU F 102 -78.01 -19.64 10.01
CA LEU F 102 -77.60 -18.82 11.13
C LEU F 102 -76.25 -19.24 11.69
N VAL F 103 -76.00 -20.55 11.74
CA VAL F 103 -74.76 -21.05 12.34
C VAL F 103 -73.55 -20.54 11.56
N SER F 104 -73.61 -20.58 10.23
CA SER F 104 -72.49 -20.12 9.44
C SER F 104 -72.23 -18.63 9.63
N ALA F 105 -73.31 -17.84 9.65
CA ALA F 105 -73.16 -16.40 9.81
C ALA F 105 -72.57 -16.05 11.18
N ILE F 106 -73.10 -16.67 12.23
CA ILE F 106 -72.61 -16.36 13.57
C ILE F 106 -71.18 -16.85 13.74
N GLN F 107 -70.83 -17.97 13.10
CA GLN F 107 -69.44 -18.41 13.09
C GLN F 107 -68.55 -17.39 12.41
N GLN F 108 -69.01 -16.85 11.28
CA GLN F 108 -68.20 -15.89 10.54
C GLN F 108 -67.97 -14.62 11.35
N ASN F 109 -69.00 -14.14 12.05
CA ASN F 109 -68.84 -12.93 12.87
C ASN F 109 -69.94 -12.97 13.94
N ALA F 110 -69.55 -13.32 15.16
CA ALA F 110 -70.50 -13.40 16.26
C ALA F 110 -70.50 -12.19 17.18
N ASN F 111 -69.47 -11.34 17.11
CA ASN F 111 -69.44 -10.16 17.98
C ASN F 111 -70.61 -9.23 17.66
N HIS F 112 -70.87 -9.01 16.37
CA HIS F 112 -72.08 -8.31 15.97
C HIS F 112 -73.31 -9.09 16.39
N PHE F 113 -73.26 -10.42 16.24
CA PHE F 113 -74.35 -11.25 16.74
C PHE F 113 -74.45 -11.17 18.25
N THR F 114 -73.31 -11.03 18.93
CA THR F 114 -73.35 -10.84 20.38
C THR F 114 -74.06 -9.54 20.73
N GLU F 115 -73.79 -8.47 19.99
CA GLU F 115 -74.51 -7.22 20.19
C GLU F 115 -75.99 -7.39 19.87
N LEU F 116 -76.30 -8.22 18.88
CA LEU F 116 -77.71 -8.51 18.56
C LEU F 116 -78.38 -9.22 19.73
N PHE F 117 -77.69 -10.18 20.35
CA PHE F 117 -78.24 -10.86 21.51
C PHE F 117 -78.44 -9.88 22.66
N CYS F 118 -77.48 -8.97 22.85
CA CYS F 118 -77.62 -7.96 23.90
C CYS F 118 -78.83 -7.07 23.64
N ARG F 119 -79.01 -6.65 22.39
CA ARG F 119 -80.18 -5.86 22.04
C ARG F 119 -81.46 -6.65 22.32
N ALA F 120 -81.48 -7.92 21.91
CA ALA F 120 -82.66 -8.75 22.10
C ALA F 120 -83.02 -8.89 23.57
N ILE F 121 -82.04 -9.28 24.39
CA ILE F 121 -82.30 -9.41 25.83
C ILE F 121 -82.70 -8.06 26.42
N ASP F 122 -82.24 -6.98 25.80
CA ASP F 122 -82.71 -5.66 26.20
C ASP F 122 -84.05 -5.34 25.55
N ASN F 123 -84.15 -5.50 24.24
CA ASN F 123 -85.36 -5.08 23.53
C ASN F 123 -86.47 -6.12 23.59
N ASN F 124 -86.24 -7.30 23.02
CA ASN F 124 -87.35 -8.22 22.77
C ASN F 124 -87.58 -9.22 23.90
N MET F 125 -86.54 -9.80 24.49
CA MET F 125 -86.76 -10.47 25.76
C MET F 125 -87.16 -9.44 26.82
N PRO F 126 -88.21 -9.71 27.57
CA PRO F 126 -88.84 -8.65 28.39
C PRO F 126 -88.00 -8.26 29.59
N LEU F 127 -88.47 -7.21 30.26
CA LEU F 127 -87.96 -6.82 31.56
C LEU F 127 -88.22 -7.96 32.55
N PRO F 128 -87.32 -8.18 33.53
CA PRO F 128 -87.45 -9.34 34.41
C PRO F 128 -88.81 -9.50 35.09
N THR F 129 -89.36 -8.43 35.66
CA THR F 129 -90.71 -8.42 36.20
C THR F 129 -90.95 -9.55 37.21
N LYS F 130 -90.01 -9.72 38.14
CA LYS F 130 -90.20 -10.69 39.21
C LYS F 130 -89.76 -10.08 40.53
N GLU F 131 -90.53 -10.34 41.58
CA GLU F 131 -90.20 -9.82 42.90
C GLU F 131 -88.95 -10.50 43.45
N ILE F 132 -88.00 -9.70 43.90
CA ILE F 132 -86.73 -10.18 44.44
C ILE F 132 -86.60 -9.71 45.88
N ASP F 133 -85.97 -10.54 46.71
CA ASP F 133 -85.78 -10.19 48.11
C ASP F 133 -84.94 -8.93 48.27
N TYR F 134 -83.67 -9.01 47.89
CA TYR F 134 -82.74 -7.90 48.09
C TYR F 134 -81.47 -8.12 47.28
N LYS F 135 -80.46 -7.29 47.52
CA LYS F 135 -79.10 -7.36 46.97
C LYS F 135 -79.02 -6.91 45.52
N ASP F 136 -80.15 -6.65 44.86
CA ASP F 136 -80.14 -6.06 43.52
C ASP F 136 -80.77 -4.69 43.47
N ASP F 137 -81.59 -4.33 44.47
CA ASP F 137 -82.24 -3.02 44.48
C ASP F 137 -81.21 -1.89 44.54
N VAL F 138 -80.00 -2.17 45.05
CA VAL F 138 -78.99 -1.13 45.18
C VAL F 138 -78.67 -0.51 43.83
N LEU F 139 -78.56 -1.34 42.79
CA LEU F 139 -78.43 -0.79 41.45
C LEU F 139 -79.78 -0.31 40.93
N ASP F 140 -80.87 -1.01 41.29
CA ASP F 140 -82.20 -0.52 40.93
C ASP F 140 -82.50 0.80 41.61
N VAL F 141 -81.86 1.07 42.75
CA VAL F 141 -81.93 2.40 43.34
C VAL F 141 -81.32 3.42 42.40
N ILE F 142 -80.11 3.14 41.92
CA ILE F 142 -79.52 3.97 40.87
C ILE F 142 -80.44 4.00 39.66
N LEU F 143 -81.04 2.86 39.34
CA LEU F 143 -82.00 2.80 38.24
C LEU F 143 -83.25 3.61 38.53
N ASN F 144 -83.66 3.70 39.80
CA ASN F 144 -84.94 4.35 40.10
C ASN F 144 -84.86 5.86 39.97
N GLN F 145 -83.70 6.46 40.30
CA GLN F 145 -83.59 7.91 40.21
C GLN F 145 -83.62 8.41 38.77
N ARG F 146 -83.51 7.50 37.79
CA ARG F 146 -83.47 7.93 36.40
C ARG F 146 -84.78 8.58 35.96
N ARG F 147 -85.92 8.00 36.35
CA ARG F 147 -87.20 8.56 35.95
C ARG F 147 -87.46 9.90 36.64
N LEU F 148 -87.18 9.99 37.94
CA LEU F 148 -87.30 11.27 38.61
C LEU F 148 -86.22 12.21 38.12
N ARG F 149 -86.44 13.51 38.35
CA ARG F 149 -85.60 14.63 37.92
C ARG F 149 -85.73 14.85 36.41
N ASN F 150 -86.44 13.97 35.69
CA ASN F 150 -86.63 14.12 34.26
C ASN F 150 -87.80 15.04 33.95
N GLU F 190 -80.45 4.04 26.74
CA GLU F 190 -80.84 5.45 26.76
C GLU F 190 -80.37 6.11 28.05
N LEU F 191 -81.33 6.55 28.87
CA LEU F 191 -81.00 7.14 30.16
C LEU F 191 -80.33 6.12 31.06
N PHE F 192 -80.73 4.85 30.97
CA PHE F 192 -80.08 3.77 31.67
C PHE F 192 -79.46 2.83 30.65
N PRO F 193 -78.17 2.54 30.72
CA PRO F 193 -77.52 1.69 29.72
C PRO F 193 -78.14 0.31 29.70
N PRO F 194 -78.28 -0.29 28.52
CA PRO F 194 -78.77 -1.68 28.45
C PRO F 194 -77.90 -2.63 29.26
N ASN F 195 -76.58 -2.42 29.24
CA ASN F 195 -75.69 -3.23 30.04
C ASN F 195 -75.96 -3.03 31.53
N LEU F 196 -76.20 -1.78 31.94
CA LEU F 196 -76.61 -1.54 33.32
C LEU F 196 -78.03 -2.02 33.56
N THR F 197 -78.86 -2.01 32.52
CA THR F 197 -80.25 -2.42 32.68
C THR F 197 -80.34 -3.87 33.12
N ARG F 198 -79.64 -4.77 32.44
CA ARG F 198 -79.56 -6.17 32.83
C ARG F 198 -78.11 -6.61 32.76
N ARG F 199 -77.69 -7.37 33.76
CA ARG F 199 -76.28 -7.70 33.97
C ARG F 199 -76.05 -9.18 33.76
N TYR F 200 -75.09 -9.50 32.90
CA TYR F 200 -74.78 -10.88 32.56
C TYR F 200 -73.49 -10.92 31.75
N PHE F 201 -73.06 -12.12 31.37
CA PHE F 201 -71.87 -12.31 30.55
C PHE F 201 -72.22 -13.34 29.48
N LEU F 202 -72.49 -12.88 28.27
CA LEU F 202 -73.08 -13.70 27.22
C LEU F 202 -71.96 -14.32 26.41
N TYR F 203 -71.78 -15.63 26.56
CA TYR F 203 -70.72 -16.37 25.89
C TYR F 203 -71.33 -17.37 24.92
N PHE F 204 -70.44 -18.07 24.20
CA PHE F 204 -70.83 -18.97 23.14
C PHE F 204 -70.16 -20.32 23.33
N LYS F 205 -70.97 -21.38 23.24
CA LYS F 205 -70.48 -22.74 23.46
C LYS F 205 -70.77 -23.61 22.24
N PRO F 206 -69.75 -24.24 21.63
CA PRO F 206 -69.90 -24.84 20.30
C PRO F 206 -71.06 -25.81 20.12
N LEU F 207 -71.52 -25.94 18.88
CA LEU F 207 -72.72 -26.73 18.57
C LEU F 207 -72.39 -28.17 18.25
N SER F 208 -71.21 -28.44 17.67
CA SER F 208 -70.87 -29.80 17.28
C SER F 208 -69.36 -29.91 17.17
N GLN F 209 -68.87 -31.15 17.28
CA GLN F 209 -67.45 -31.43 17.14
C GLN F 209 -67.28 -32.91 16.84
N ASN F 210 -66.58 -33.21 15.75
CA ASN F 210 -66.34 -34.58 15.31
C ASN F 210 -67.65 -35.33 15.10
N CYS F 211 -68.60 -34.67 14.45
CA CYS F 211 -69.90 -35.24 14.16
C CYS F 211 -70.18 -35.15 12.66
N ALA F 212 -71.42 -35.50 12.29
CA ALA F 212 -71.82 -35.49 10.90
C ALA F 212 -71.99 -34.08 10.35
N ARG F 213 -71.94 -33.05 11.20
CA ARG F 213 -72.14 -31.69 10.73
C ARG F 213 -70.94 -31.22 9.91
N ARG F 214 -71.11 -30.04 9.31
CA ARG F 214 -70.11 -29.46 8.41
C ARG F 214 -69.78 -30.44 7.27
N TYR F 215 -70.82 -31.04 6.71
CA TYR F 215 -70.70 -32.07 5.66
C TYR F 215 -69.90 -33.28 6.13
N ARG F 216 -69.70 -33.41 7.44
CA ARG F 216 -68.97 -34.53 8.04
C ARG F 216 -67.56 -34.64 7.46
N LYS F 217 -66.98 -33.53 7.05
CA LYS F 217 -65.65 -33.53 6.47
C LYS F 217 -64.62 -32.99 7.46
N LYS F 218 -63.36 -32.95 7.04
CA LYS F 218 -62.29 -32.51 7.91
C LYS F 218 -62.40 -31.03 8.22
N ALA F 219 -62.22 -30.70 9.50
CA ALA F 219 -62.19 -29.32 9.99
C ALA F 219 -63.47 -28.57 9.68
N ILE F 220 -63.38 -27.54 8.83
CA ILE F 220 -64.48 -26.64 8.54
C ILE F 220 -64.99 -26.05 9.84
N SER F 221 -64.15 -25.26 10.50
CA SER F 221 -64.45 -24.63 11.78
C SER F 221 -64.60 -25.69 12.86
N SER F 222 -65.18 -25.30 14.00
CA SER F 222 -65.45 -26.22 15.11
C SER F 222 -64.16 -26.81 15.66
N LYS F 223 -63.45 -27.60 14.84
CA LYS F 223 -62.24 -28.28 15.27
C LYS F 223 -61.21 -27.29 15.78
N PRO F 224 -60.73 -27.45 17.01
CA PRO F 224 -59.76 -26.51 17.56
C PRO F 224 -58.40 -26.66 16.90
N LEU F 225 -57.71 -25.55 16.75
CA LEU F 225 -56.41 -25.52 16.10
C LEU F 225 -55.43 -24.75 16.98
N SER F 226 -54.15 -25.11 16.85
CA SER F 226 -53.10 -24.42 17.58
C SER F 226 -52.85 -23.06 16.96
N VAL F 227 -51.94 -22.29 17.58
CA VAL F 227 -51.67 -20.93 17.13
C VAL F 227 -51.12 -20.93 15.72
N ARG F 228 -50.32 -21.94 15.37
CA ARG F 228 -49.74 -22.00 14.04
C ARG F 228 -50.82 -22.03 12.97
N GLN F 229 -51.87 -22.82 13.19
CA GLN F 229 -52.94 -22.92 12.18
C GLN F 229 -53.79 -21.67 12.12
N ILE F 230 -53.62 -20.75 13.06
CA ILE F 230 -54.38 -19.51 13.05
C ILE F 230 -53.80 -18.58 11.99
N LYS F 231 -54.68 -17.89 11.27
CA LYS F 231 -54.26 -17.05 10.16
C LYS F 231 -54.99 -15.72 10.23
N GLY F 232 -54.49 -14.76 9.44
CA GLY F 232 -55.10 -13.44 9.42
C GLY F 232 -56.54 -13.46 8.95
N ASP F 233 -56.86 -14.36 8.02
CA ASP F 233 -58.23 -14.48 7.55
C ASP F 233 -59.16 -14.96 8.65
N PHE F 234 -58.59 -15.51 9.73
CA PHE F 234 -59.39 -16.05 10.82
C PHE F 234 -59.74 -15.00 11.86
N LEU F 235 -59.34 -13.75 11.65
CA LEU F 235 -59.60 -12.70 12.63
C LEU F 235 -61.09 -12.45 12.80
N GLY F 236 -61.83 -12.46 11.69
CA GLY F 236 -63.25 -12.17 11.77
C GLY F 236 -64.06 -13.24 12.49
N GLN F 237 -63.72 -14.49 12.27
CA GLN F 237 -64.57 -15.60 12.71
C GLN F 237 -64.19 -16.09 14.09
N LEU F 238 -65.19 -16.65 14.77
CA LEU F 238 -64.97 -17.34 16.03
C LEU F 238 -64.10 -18.58 15.81
N ILE F 239 -63.27 -18.89 16.81
CA ILE F 239 -62.30 -19.96 16.68
C ILE F 239 -62.32 -20.81 17.94
N THR F 240 -61.74 -22.01 17.83
CA THR F 240 -61.49 -22.89 18.96
C THR F 240 -60.02 -23.28 18.92
N VAL F 241 -59.42 -23.47 20.10
CA VAL F 241 -57.99 -23.66 20.20
C VAL F 241 -57.66 -24.76 21.19
N ARG F 242 -56.61 -25.51 20.89
CA ARG F 242 -56.03 -26.49 21.80
C ARG F 242 -54.79 -25.90 22.46
N GLY F 243 -54.32 -26.56 23.50
CA GLY F 243 -53.08 -26.19 24.15
C GLY F 243 -53.27 -25.87 25.62
N ILE F 244 -52.15 -25.51 26.25
CA ILE F 244 -52.11 -25.15 27.65
C ILE F 244 -51.79 -23.66 27.76
N ILE F 245 -52.51 -22.97 28.65
CA ILE F 245 -52.21 -21.58 28.91
C ILE F 245 -50.91 -21.46 29.68
N THR F 246 -50.02 -20.59 29.19
CA THR F 246 -48.73 -20.40 29.86
C THR F 246 -48.92 -19.77 31.23
N ARG F 247 -49.67 -18.67 31.30
CA ARG F 247 -49.80 -17.91 32.52
C ARG F 247 -51.16 -17.24 32.54
N VAL F 248 -51.60 -16.88 33.75
CA VAL F 248 -52.88 -16.23 33.97
C VAL F 248 -52.63 -14.90 34.66
N SER F 249 -53.13 -13.82 34.07
CA SER F 249 -53.04 -12.52 34.71
C SER F 249 -53.98 -12.46 35.91
N ASP F 250 -53.72 -11.52 36.80
CA ASP F 250 -54.64 -11.29 37.91
C ASP F 250 -55.91 -10.62 37.39
N VAL F 251 -56.94 -10.62 38.22
CA VAL F 251 -58.17 -9.93 37.86
C VAL F 251 -57.97 -8.43 37.99
N LYS F 252 -58.60 -7.67 37.09
CA LYS F 252 -58.54 -6.21 37.14
C LYS F 252 -59.94 -5.70 36.81
N PRO F 253 -60.48 -4.75 37.58
CA PRO F 253 -61.79 -4.19 37.23
C PRO F 253 -61.72 -3.48 35.89
N ALA F 254 -62.78 -3.66 35.10
CA ALA F 254 -62.92 -2.97 33.83
C ALA F 254 -64.14 -2.06 33.91
N VAL F 255 -63.91 -0.77 33.68
CA VAL F 255 -64.98 0.22 33.76
C VAL F 255 -65.61 0.29 32.37
N GLU F 256 -66.68 -0.49 32.17
CA GLU F 256 -67.35 -0.48 30.88
C GLU F 256 -68.07 0.83 30.65
N VAL F 257 -69.07 1.11 31.48
CA VAL F 257 -69.84 2.34 31.40
C VAL F 257 -69.63 3.13 32.67
N ILE F 258 -69.36 4.42 32.51
CA ILE F 258 -69.10 5.32 33.63
C ILE F 258 -70.35 6.14 33.88
N ALA F 259 -70.69 6.30 35.15
CA ALA F 259 -71.82 7.14 35.53
C ALA F 259 -71.31 8.54 35.87
N TYR F 260 -71.84 9.54 35.17
CA TYR F 260 -71.35 10.90 35.27
C TYR F 260 -72.21 11.66 36.27
N THR F 261 -71.56 12.37 37.20
CA THR F 261 -72.26 13.18 38.19
C THR F 261 -71.73 14.61 38.14
N CYS F 262 -72.61 15.58 37.93
CA CYS F 262 -72.23 16.98 37.86
C CYS F 262 -72.55 17.66 39.18
N ASP F 263 -71.83 18.75 39.44
CA ASP F 263 -71.96 19.42 40.74
C ASP F 263 -73.27 20.18 40.87
N GLN F 264 -73.48 21.21 40.05
CA GLN F 264 -74.71 22.00 40.23
C GLN F 264 -75.92 21.26 39.69
N CYS F 265 -75.81 20.63 38.53
CA CYS F 265 -76.98 19.99 37.92
C CYS F 265 -77.33 18.70 38.64
N GLY F 266 -76.33 17.89 38.95
CA GLY F 266 -76.58 16.56 39.48
C GLY F 266 -77.06 15.57 38.44
N TYR F 267 -77.00 15.91 37.16
CA TYR F 267 -77.46 15.00 36.12
C TYR F 267 -76.56 13.78 36.05
N GLU F 268 -77.17 12.63 35.73
CA GLU F 268 -76.46 11.37 35.67
C GLU F 268 -76.57 10.83 34.24
N VAL F 269 -75.59 11.17 33.42
CA VAL F 269 -75.50 10.66 32.05
C VAL F 269 -74.46 9.56 32.03
N PHE F 270 -74.67 8.57 31.19
CA PHE F 270 -73.81 7.39 31.16
C PHE F 270 -73.15 7.28 29.79
N GLN F 271 -71.83 7.16 29.78
CA GLN F 271 -71.08 6.84 28.58
C GLN F 271 -70.30 5.57 28.83
N GLU F 272 -70.22 4.71 27.81
CA GLU F 272 -69.55 3.43 27.93
C GLU F 272 -68.31 3.44 27.04
N VAL F 273 -67.16 3.16 27.64
CA VAL F 273 -65.90 3.11 26.93
C VAL F 273 -65.59 1.66 26.58
N ASN F 274 -65.24 1.43 25.31
CA ASN F 274 -64.86 0.11 24.84
C ASN F 274 -63.38 0.03 24.48
N SER F 275 -62.70 1.16 24.36
CA SER F 275 -61.27 1.17 24.08
C SER F 275 -60.42 0.95 25.33
N ARG F 276 -61.07 0.88 26.51
CA ARG F 276 -60.39 0.67 27.79
C ARG F 276 -59.58 1.89 28.16
N THR F 277 -59.52 2.88 27.28
CA THR F 277 -58.88 4.16 27.53
C THR F 277 -59.97 5.21 27.61
N PHE F 278 -60.08 5.86 28.76
CA PHE F 278 -61.18 6.77 29.03
C PHE F 278 -60.70 8.22 28.86
N THR F 279 -61.43 8.98 28.05
CA THR F 279 -61.16 10.40 27.91
C THR F 279 -62.17 11.16 28.77
N PRO F 280 -61.72 11.93 29.76
CA PRO F 280 -62.67 12.71 30.57
C PRO F 280 -63.47 13.68 29.72
N LEU F 281 -64.75 13.80 30.04
CA LEU F 281 -65.63 14.67 29.25
C LEU F 281 -65.36 16.14 29.54
N SER F 282 -65.17 16.49 30.82
CA SER F 282 -64.87 17.82 31.31
C SER F 282 -65.97 18.85 31.01
N GLU F 283 -67.10 18.44 30.43
CA GLU F 283 -68.19 19.34 30.10
C GLU F 283 -69.48 18.75 30.63
N CYS F 284 -70.59 19.47 30.40
CA CYS F 284 -71.90 19.04 30.86
C CYS F 284 -72.90 19.08 29.72
N THR F 285 -73.65 17.99 29.56
CA THR F 285 -74.74 17.95 28.60
C THR F 285 -76.07 18.38 29.20
N SER F 286 -76.14 18.58 30.52
CA SER F 286 -77.36 19.06 31.14
C SER F 286 -77.72 20.43 30.59
N GLU F 287 -79.01 20.64 30.31
CA GLU F 287 -79.43 21.85 29.62
C GLU F 287 -79.16 23.10 30.46
N GLU F 288 -79.45 23.03 31.78
CA GLU F 288 -79.32 24.23 32.59
C GLU F 288 -77.86 24.56 32.84
N CYS F 289 -76.99 23.55 32.81
CA CYS F 289 -75.55 23.82 32.87
C CYS F 289 -75.06 24.43 31.58
N SER F 290 -75.68 24.08 30.46
CA SER F 290 -75.33 24.68 29.18
C SER F 290 -75.76 26.14 29.14
N GLN F 291 -76.99 26.41 29.56
CA GLN F 291 -77.43 27.79 29.70
C GLN F 291 -76.78 28.44 30.92
N ASN F 292 -76.88 29.77 30.96
CA ASN F 292 -76.39 30.75 31.96
C ASN F 292 -74.92 30.52 32.25
N GLN F 293 -74.30 29.63 31.47
CA GLN F 293 -72.85 29.42 31.45
C GLN F 293 -72.30 29.11 32.83
N THR F 294 -73.03 28.31 33.59
CA THR F 294 -72.49 27.73 34.82
C THR F 294 -71.69 26.50 34.44
N LYS F 295 -70.45 26.42 34.94
CA LYS F 295 -69.56 25.34 34.52
C LYS F 295 -70.03 24.00 35.06
N GLY F 296 -70.50 23.14 34.18
CA GLY F 296 -70.92 21.81 34.56
C GLY F 296 -69.86 20.77 34.28
N GLN F 297 -69.26 20.23 35.34
CA GLN F 297 -68.27 19.16 35.22
C GLN F 297 -68.87 17.88 35.79
N LEU F 298 -68.86 16.83 34.98
CA LEU F 298 -69.43 15.55 35.39
C LEU F 298 -68.35 14.71 36.04
N PHE F 299 -68.53 14.41 37.32
CA PHE F 299 -67.53 13.72 38.11
C PHE F 299 -67.76 12.21 38.09
N MET F 300 -66.81 11.49 38.68
CA MET F 300 -66.83 10.05 38.64
C MET F 300 -67.68 9.51 39.77
N SER F 301 -68.79 8.85 39.44
CA SER F 301 -69.63 8.17 40.40
C SER F 301 -69.44 6.67 40.15
N THR F 302 -68.41 6.12 40.79
CA THR F 302 -68.01 4.73 40.50
C THR F 302 -69.09 3.74 40.91
N ARG F 303 -69.61 3.89 42.14
CA ARG F 303 -70.56 2.90 42.66
C ARG F 303 -71.76 2.74 41.74
N ALA F 304 -72.15 3.81 41.05
CA ALA F 304 -73.19 3.68 40.03
C ALA F 304 -72.63 3.08 38.75
N SER F 305 -71.37 3.35 38.45
CA SER F 305 -70.76 2.85 37.22
C SER F 305 -70.51 1.35 37.29
N LYS F 306 -70.39 0.73 36.13
CA LYS F 306 -70.22 -0.70 36.04
C LYS F 306 -68.74 -1.09 36.08
N PHE F 307 -68.47 -2.28 36.62
CA PHE F 307 -67.12 -2.81 36.70
C PHE F 307 -67.15 -4.30 36.38
N SER F 308 -66.01 -4.83 35.95
CA SER F 308 -65.90 -6.25 35.66
C SER F 308 -64.43 -6.66 35.79
N ALA F 309 -64.20 -7.78 36.48
CA ALA F 309 -62.85 -8.30 36.61
C ALA F 309 -62.33 -8.77 35.26
N PHE F 310 -61.09 -8.40 34.96
CA PHE F 310 -60.49 -8.70 33.67
C PHE F 310 -59.26 -9.55 33.85
N GLN F 311 -59.13 -10.56 33.00
CA GLN F 311 -57.95 -11.43 33.03
C GLN F 311 -57.54 -11.78 31.60
N GLU F 312 -56.24 -11.67 31.34
CA GLU F 312 -55.66 -11.99 30.05
C GLU F 312 -54.65 -13.11 30.24
N CYS F 313 -54.72 -14.13 29.40
CA CYS F 313 -53.90 -15.32 29.59
C CYS F 313 -53.26 -15.73 28.27
N LYS F 314 -51.98 -16.07 28.33
CA LYS F 314 -51.22 -16.55 27.18
C LYS F 314 -51.33 -18.07 27.14
N ILE F 315 -51.80 -18.62 26.02
CA ILE F 315 -51.98 -20.05 25.86
C ILE F 315 -50.92 -20.58 24.91
N GLN F 316 -50.18 -21.58 25.36
CA GLN F 316 -49.14 -22.20 24.55
C GLN F 316 -49.74 -23.37 23.78
N GLU F 317 -49.45 -23.43 22.48
CA GLU F 317 -49.85 -24.57 21.68
C GLU F 317 -49.08 -25.81 22.12
N LEU F 318 -49.68 -26.97 21.91
CA LEU F 318 -49.07 -28.22 22.32
C LEU F 318 -47.78 -28.48 21.56
N SER F 319 -46.84 -29.16 22.22
CA SER F 319 -45.54 -29.40 21.61
C SER F 319 -45.67 -30.19 20.32
N GLN F 320 -46.50 -31.23 20.32
CA GLN F 320 -46.74 -31.97 19.10
C GLN F 320 -47.50 -31.13 18.07
N GLN F 321 -48.31 -30.19 18.53
CA GLN F 321 -48.98 -29.28 17.60
C GLN F 321 -47.97 -28.40 16.89
N VAL F 322 -46.90 -28.02 17.57
CA VAL F 322 -45.84 -27.20 17.00
C VAL F 322 -45.17 -27.95 15.86
N PRO F 323 -44.93 -27.30 14.72
CA PRO F 323 -44.29 -28.00 13.60
C PRO F 323 -42.87 -28.41 13.94
N VAL F 324 -42.29 -29.19 13.03
CA VAL F 324 -40.99 -29.82 13.29
C VAL F 324 -39.93 -28.74 13.46
N GLY F 325 -39.26 -28.74 14.61
CA GLY F 325 -38.21 -27.79 14.88
C GLY F 325 -38.67 -26.35 14.89
N HIS F 326 -39.83 -26.07 15.48
CA HIS F 326 -40.39 -24.73 15.50
C HIS F 326 -40.55 -24.26 16.94
N ILE F 327 -40.44 -22.96 17.15
CA ILE F 327 -40.60 -22.37 18.47
C ILE F 327 -42.09 -22.25 18.79
N PRO F 328 -42.56 -22.82 19.89
CA PRO F 328 -44.00 -22.74 20.21
C PRO F 328 -44.45 -21.31 20.37
N ARG F 329 -45.67 -21.03 19.93
CA ARG F 329 -46.24 -19.70 19.94
C ARG F 329 -47.42 -19.64 20.90
N SER F 330 -47.44 -18.63 21.75
CA SER F 330 -48.51 -18.42 22.70
C SER F 330 -49.23 -17.12 22.38
N LEU F 331 -50.54 -17.10 22.61
CA LEU F 331 -51.36 -15.94 22.32
C LEU F 331 -52.23 -15.59 23.52
N ASN F 332 -52.50 -14.30 23.66
CA ASN F 332 -53.27 -13.81 24.79
C ASN F 332 -54.73 -14.21 24.69
N ILE F 333 -55.34 -14.50 25.83
CA ILE F 333 -56.76 -14.81 25.92
C ILE F 333 -57.35 -13.98 27.05
N HIS F 334 -58.39 -13.22 26.75
CA HIS F 334 -58.95 -12.25 27.68
C HIS F 334 -60.34 -12.68 28.11
N VAL F 335 -60.59 -12.67 29.42
CA VAL F 335 -61.83 -13.18 29.98
C VAL F 335 -62.41 -12.18 30.97
N ASN F 336 -63.69 -12.36 31.26
CA ASN F 336 -64.42 -11.47 32.16
C ASN F 336 -65.57 -12.24 32.79
N GLY F 337 -66.13 -11.66 33.85
CA GLY F 337 -67.36 -12.18 34.41
C GLY F 337 -67.18 -13.54 35.06
N THR F 338 -67.78 -14.55 34.44
CA THR F 338 -67.74 -15.89 35.00
C THR F 338 -66.34 -16.50 34.88
N LEU F 339 -65.73 -16.40 33.70
CA LEU F 339 -64.49 -17.12 33.46
C LEU F 339 -63.30 -16.47 34.17
N VAL F 340 -63.37 -15.15 34.38
CA VAL F 340 -62.29 -14.48 35.09
C VAL F 340 -62.20 -15.06 36.50
N ARG F 341 -60.97 -15.26 36.98
CA ARG F 341 -60.60 -15.85 38.27
C ARG F 341 -60.85 -17.35 38.28
N SER F 342 -61.48 -17.92 37.24
CA SER F 342 -61.82 -19.33 37.23
C SER F 342 -60.78 -20.16 36.46
N LEU F 343 -59.63 -19.59 36.14
CA LEU F 343 -58.62 -20.29 35.37
C LEU F 343 -57.29 -20.25 36.10
N SER F 344 -56.50 -21.30 35.87
CA SER F 344 -55.15 -21.42 36.40
C SER F 344 -54.19 -21.81 35.28
N PRO F 345 -52.97 -21.27 35.26
CA PRO F 345 -52.08 -21.53 34.13
C PRO F 345 -51.76 -23.00 33.91
N GLY F 346 -51.70 -23.79 34.97
CA GLY F 346 -51.19 -25.15 34.84
C GLY F 346 -52.04 -26.08 34.01
N ASP F 347 -53.27 -25.69 33.66
CA ASP F 347 -54.19 -26.61 33.01
C ASP F 347 -54.08 -26.52 31.48
N ILE F 348 -54.29 -27.65 30.83
CA ILE F 348 -54.40 -27.70 29.37
C ILE F 348 -55.87 -27.52 29.04
N VAL F 349 -56.19 -26.50 28.25
CA VAL F 349 -57.56 -26.06 28.05
C VAL F 349 -57.88 -26.03 26.57
N ASP F 350 -59.03 -26.58 26.21
CA ASP F 350 -59.58 -26.46 24.87
C ASP F 350 -60.68 -25.42 24.94
N VAL F 351 -60.33 -24.16 24.69
CA VAL F 351 -61.26 -23.06 24.88
C VAL F 351 -61.74 -22.58 23.52
N THR F 352 -62.89 -21.92 23.54
CA THR F 352 -63.55 -21.44 22.33
C THR F 352 -63.83 -19.96 22.47
N GLY F 353 -63.59 -19.21 21.41
CA GLY F 353 -63.84 -17.77 21.45
C GLY F 353 -63.78 -17.14 20.08
N ILE F 354 -64.44 -16.00 19.96
CA ILE F 354 -64.31 -15.19 18.75
C ILE F 354 -62.88 -14.69 18.66
N PHE F 355 -62.39 -14.52 17.44
CA PHE F 355 -61.12 -13.84 17.24
C PHE F 355 -61.34 -12.34 17.30
N LEU F 356 -60.54 -11.65 18.12
CA LEU F 356 -60.70 -10.21 18.32
C LEU F 356 -59.35 -9.53 18.19
N PRO F 357 -59.03 -9.01 17.01
CA PRO F 357 -57.81 -8.20 16.86
C PRO F 357 -57.86 -6.97 17.76
N ALA F 358 -56.69 -6.59 18.27
CA ALA F 358 -56.58 -5.51 19.24
C ALA F 358 -56.21 -4.21 18.53
N PRO F 359 -57.01 -3.16 18.63
CA PRO F 359 -56.54 -1.84 18.22
C PRO F 359 -55.38 -1.39 19.09
N TYR F 360 -54.46 -0.65 18.48
CA TYR F 360 -53.28 -0.20 19.23
C TYR F 360 -53.59 1.05 20.03
N THR F 361 -52.71 1.35 20.98
CA THR F 361 -52.85 2.55 21.79
C THR F 361 -52.73 3.82 20.93
N GLY F 362 -51.78 3.82 20.00
CA GLY F 362 -51.60 4.98 19.15
C GLY F 362 -50.16 5.17 18.70
N PHE F 363 -49.99 5.48 17.41
CA PHE F 363 -48.69 5.79 16.80
C PHE F 363 -47.81 4.55 16.68
N LYS F 364 -48.25 3.44 17.28
CA LYS F 364 -47.61 2.16 16.98
C LYS F 364 -47.85 1.77 15.53
N ALA F 365 -49.08 1.97 15.06
CA ALA F 365 -49.39 1.71 13.67
C ALA F 365 -48.64 2.66 12.74
N LEU F 366 -48.40 3.89 13.18
CA LEU F 366 -47.68 4.85 12.35
C LEU F 366 -46.24 4.39 12.11
N LYS F 367 -45.59 3.84 13.14
CA LYS F 367 -44.20 3.44 13.00
C LYS F 367 -44.05 2.05 12.38
N ALA F 368 -44.96 1.13 12.67
CA ALA F 368 -44.81 -0.26 12.23
C ALA F 368 -45.94 -0.72 11.32
N GLY F 369 -46.60 0.20 10.62
CA GLY F 369 -47.71 -0.24 9.79
C GLY F 369 -48.86 -0.72 10.65
N LEU F 370 -49.84 -1.32 9.98
CA LEU F 370 -51.05 -1.76 10.68
C LEU F 370 -50.71 -2.67 11.85
N LEU F 371 -49.93 -3.71 11.59
CA LEU F 371 -49.37 -4.59 12.63
C LEU F 371 -50.45 -5.10 13.57
N THR F 372 -51.64 -5.35 13.02
CA THR F 372 -52.80 -5.63 13.84
C THR F 372 -52.58 -6.84 14.74
N GLU F 373 -52.58 -6.60 16.04
CA GLU F 373 -52.46 -7.64 17.04
C GLU F 373 -53.83 -7.93 17.62
N THR F 374 -53.93 -8.96 18.45
CA THR F 374 -55.21 -9.42 18.98
C THR F 374 -55.13 -9.63 20.48
N TYR F 375 -56.29 -9.52 21.13
CA TYR F 375 -56.40 -9.94 22.53
C TYR F 375 -57.12 -11.26 22.66
N LEU F 376 -58.01 -11.56 21.70
CA LEU F 376 -58.56 -12.90 21.49
C LEU F 376 -59.28 -13.39 22.76
N GLU F 377 -60.39 -12.72 23.06
CA GLU F 377 -61.25 -13.17 24.13
C GLU F 377 -61.94 -14.46 23.75
N ALA F 378 -62.03 -15.39 24.71
CA ALA F 378 -62.62 -16.70 24.49
C ALA F 378 -63.99 -16.77 25.14
N GLN F 379 -65.01 -17.10 24.35
CA GLN F 379 -66.36 -17.23 24.89
C GLN F 379 -66.49 -18.48 25.75
N PHE F 380 -66.01 -19.62 25.25
CA PHE F 380 -66.13 -20.88 25.97
C PHE F 380 -64.77 -21.39 26.37
N VAL F 381 -64.73 -22.06 27.52
CA VAL F 381 -63.51 -22.67 28.05
C VAL F 381 -63.81 -24.12 28.40
N ARG F 382 -62.95 -25.02 27.95
CA ARG F 382 -63.04 -26.42 28.32
C ARG F 382 -61.65 -26.93 28.62
N GLN F 383 -61.35 -27.11 29.91
CA GLN F 383 -60.08 -27.68 30.30
C GLN F 383 -60.04 -29.17 29.98
N HIS F 384 -58.89 -29.64 29.50
CA HIS F 384 -58.77 -31.02 29.07
C HIS F 384 -58.90 -31.97 30.25
N LYS F 385 -59.01 -33.27 29.95
CA LYS F 385 -59.28 -34.28 30.96
C LYS F 385 -58.26 -34.20 32.09
N LYS F 386 -58.74 -33.81 33.28
CA LYS F 386 -57.90 -33.64 34.44
C LYS F 386 -58.70 -33.87 35.73
N ASP F 396 -68.96 -44.13 37.11
CA ASP F 396 -67.87 -43.32 37.65
C ASP F 396 -68.13 -42.93 39.10
N VAL F 397 -68.91 -43.74 39.80
CA VAL F 397 -69.25 -43.45 41.19
C VAL F 397 -67.99 -43.55 42.05
N GLU F 398 -67.85 -42.60 42.98
CA GLU F 398 -66.68 -42.59 43.86
C GLU F 398 -66.58 -43.88 44.65
N GLU F 399 -67.71 -44.37 45.17
CA GLU F 399 -67.71 -45.63 45.90
C GLU F 399 -67.57 -46.82 44.95
N ARG F 400 -68.01 -46.67 43.70
CA ARG F 400 -67.85 -47.75 42.72
C ARG F 400 -66.38 -48.12 42.57
N VAL F 401 -65.49 -47.13 42.64
CA VAL F 401 -64.06 -47.42 42.64
C VAL F 401 -63.70 -48.31 43.82
N MET F 402 -64.28 -48.03 44.99
CA MET F 402 -63.97 -48.81 46.18
C MET F 402 -64.38 -50.27 45.99
N GLU F 403 -65.51 -50.52 45.32
CA GLU F 403 -65.92 -51.88 45.07
C GLU F 403 -64.92 -52.61 44.19
N LEU F 404 -64.43 -51.93 43.14
CA LEU F 404 -63.51 -52.58 42.22
C LEU F 404 -62.14 -52.80 42.85
N ILE F 405 -61.63 -51.81 43.59
CA ILE F 405 -60.30 -51.93 44.17
C ILE F 405 -60.29 -53.01 45.25
N THR F 406 -61.42 -53.19 45.95
CA THR F 406 -61.51 -54.30 46.88
C THR F 406 -61.37 -55.62 46.15
N SER F 407 -62.05 -55.74 45.00
CA SER F 407 -61.78 -56.85 44.10
C SER F 407 -60.39 -56.74 43.49
N GLY F 408 -59.99 -55.51 43.14
CA GLY F 408 -58.70 -55.33 42.50
C GLY F 408 -57.52 -55.60 43.42
N ASP F 409 -57.65 -55.24 44.70
CA ASP F 409 -56.53 -55.22 45.64
C ASP F 409 -55.44 -54.27 45.13
N VAL F 410 -55.81 -52.99 45.08
CA VAL F 410 -55.04 -51.97 44.37
C VAL F 410 -53.61 -51.91 44.89
N TYR F 411 -53.39 -52.18 46.18
CA TYR F 411 -51.98 -52.24 46.62
C TYR F 411 -51.18 -52.98 45.54
N ASN F 412 -51.30 -54.31 45.55
CA ASN F 412 -50.54 -55.13 44.56
C ASN F 412 -50.87 -54.69 43.15
N ARG F 413 -52.17 -54.61 42.84
CA ARG F 413 -52.60 -54.25 41.47
C ARG F 413 -51.91 -52.95 41.05
N LEU F 414 -52.02 -51.90 41.87
CA LEU F 414 -51.46 -50.60 41.42
C LEU F 414 -49.95 -50.76 41.23
N ALA F 415 -49.27 -51.28 42.25
CA ALA F 415 -47.80 -51.42 42.18
C ALA F 415 -47.42 -52.05 40.84
N LYS F 416 -48.08 -53.13 40.42
CA LYS F 416 -47.62 -53.77 39.15
C LYS F 416 -48.17 -53.00 37.95
N SER F 417 -49.48 -52.78 37.92
CA SER F 417 -50.17 -52.11 36.78
C SER F 417 -49.67 -50.67 36.60
N ILE F 418 -49.03 -50.09 37.62
CA ILE F 418 -48.61 -48.70 37.50
C ILE F 418 -47.44 -48.58 36.53
N ALA F 419 -46.53 -49.55 36.56
CA ALA F 419 -45.39 -49.58 35.65
C ALA F 419 -45.25 -50.97 35.04
N PRO F 420 -46.21 -51.38 34.20
CA PRO F 420 -46.07 -52.67 33.52
C PRO F 420 -44.84 -52.73 32.63
N GLU F 421 -44.45 -51.59 32.06
CA GLU F 421 -43.28 -51.54 31.19
C GLU F 421 -42.01 -51.88 31.95
N ILE F 422 -41.92 -51.43 33.22
CA ILE F 422 -40.71 -51.64 34.01
C ILE F 422 -40.50 -53.13 34.24
N TYR F 423 -41.53 -53.83 34.69
CA TYR F 423 -41.46 -55.26 35.01
C TYR F 423 -40.31 -55.52 35.98
N GLY F 424 -40.47 -55.03 37.20
CA GLY F 424 -39.52 -55.31 38.24
C GLY F 424 -39.67 -54.34 39.38
N ASN F 425 -38.90 -54.60 40.43
CA ASN F 425 -38.88 -53.76 41.62
C ASN F 425 -40.28 -53.62 42.21
N LEU F 426 -40.97 -54.75 42.35
CA LEU F 426 -42.37 -54.73 42.78
C LEU F 426 -42.51 -54.15 44.18
N ASP F 427 -41.55 -54.42 45.07
CA ASP F 427 -41.57 -53.80 46.39
C ASP F 427 -41.48 -52.28 46.28
N VAL F 428 -40.63 -51.80 45.37
CA VAL F 428 -40.55 -50.36 45.11
C VAL F 428 -41.90 -49.86 44.59
N LYS F 429 -42.54 -50.65 43.73
CA LYS F 429 -43.84 -50.25 43.21
C LYS F 429 -44.88 -50.13 44.32
N LYS F 430 -44.87 -51.05 45.27
CA LYS F 430 -45.74 -50.93 46.44
C LYS F 430 -45.40 -49.67 47.22
N ALA F 431 -44.12 -49.40 47.41
CA ALA F 431 -43.69 -48.24 48.19
C ALA F 431 -44.15 -46.93 47.56
N LEU F 432 -44.06 -46.83 46.23
CA LEU F 432 -44.43 -45.60 45.56
C LEU F 432 -45.90 -45.28 45.74
N LEU F 433 -46.75 -46.31 45.81
CA LEU F 433 -48.18 -46.09 46.01
C LEU F 433 -48.44 -45.35 47.32
N LEU F 434 -47.76 -45.76 48.39
CA LEU F 434 -47.90 -45.06 49.66
C LEU F 434 -47.34 -43.65 49.59
N LEU F 435 -46.31 -43.45 48.76
CA LEU F 435 -45.74 -42.12 48.60
C LEU F 435 -46.76 -41.16 48.00
N LEU F 436 -47.65 -41.66 47.15
CA LEU F 436 -48.62 -40.79 46.49
C LEU F 436 -49.54 -40.11 47.50
N VAL F 437 -50.15 -40.88 48.40
CA VAL F 437 -50.99 -40.29 49.43
C VAL F 437 -50.14 -39.53 50.44
N GLY F 438 -49.00 -40.11 50.84
CA GLY F 438 -48.10 -39.44 51.75
C GLY F 438 -48.53 -39.50 53.20
N GLY F 439 -49.75 -39.07 53.48
CA GLY F 439 -50.23 -39.02 54.84
C GLY F 439 -50.25 -37.59 55.37
N VAL F 440 -51.04 -37.40 56.41
CA VAL F 440 -51.23 -36.09 57.05
C VAL F 440 -51.07 -36.26 58.55
N ASP F 441 -50.41 -35.31 59.20
CA ASP F 441 -50.20 -35.32 60.64
C ASP F 441 -50.70 -34.01 61.22
N LYS F 442 -51.36 -34.10 62.39
CA LYS F 442 -51.85 -32.91 63.05
C LYS F 442 -50.70 -32.00 63.47
N ARG F 443 -49.61 -32.59 63.94
CA ARG F 443 -48.45 -31.81 64.36
C ARG F 443 -47.30 -31.97 63.37
N ARG F 451 -44.52 -34.09 59.02
CA ARG F 451 -45.98 -34.00 58.98
C ARG F 451 -46.53 -34.86 57.86
N GLY F 452 -46.54 -36.18 58.08
CA GLY F 452 -47.04 -37.10 57.07
C GLY F 452 -46.26 -37.09 55.78
N ASP F 453 -44.93 -36.98 55.87
CA ASP F 453 -44.06 -36.92 54.71
C ASP F 453 -43.29 -38.22 54.58
N ILE F 454 -43.46 -38.88 53.44
CA ILE F 454 -42.78 -40.16 53.21
C ILE F 454 -41.28 -39.94 53.02
N ASN F 455 -40.90 -38.91 52.29
CA ASN F 455 -39.51 -38.61 51.97
C ASN F 455 -38.84 -39.82 51.30
N VAL F 456 -39.37 -40.16 50.13
CA VAL F 456 -38.85 -41.30 49.37
C VAL F 456 -37.55 -40.88 48.69
N CYS F 457 -36.51 -41.67 48.91
CA CYS F 457 -35.25 -41.53 48.19
C CYS F 457 -35.01 -42.81 47.39
N LEU F 458 -34.89 -42.66 46.07
CA LEU F 458 -34.66 -43.80 45.19
C LEU F 458 -33.25 -43.65 44.61
N MET F 459 -32.27 -44.20 45.33
CA MET F 459 -30.89 -44.14 44.87
C MET F 459 -30.65 -45.15 43.77
N GLY F 460 -31.32 -46.29 43.82
CA GLY F 460 -31.52 -47.24 42.73
C GLY F 460 -30.27 -47.57 41.94
N ASP F 461 -30.49 -47.91 40.67
CA ASP F 461 -29.43 -48.27 39.75
C ASP F 461 -29.44 -47.34 38.55
N PRO F 462 -28.30 -46.78 38.15
CA PRO F 462 -28.27 -45.93 36.97
C PRO F 462 -28.47 -46.74 35.70
N GLY F 463 -29.09 -46.10 34.71
CA GLY F 463 -29.21 -46.73 33.42
C GLY F 463 -30.13 -47.93 33.38
N VAL F 464 -30.98 -48.11 34.38
CA VAL F 464 -31.93 -49.21 34.35
C VAL F 464 -33.35 -48.70 34.54
N ALA F 465 -33.48 -47.62 35.32
CA ALA F 465 -34.80 -47.13 35.71
C ALA F 465 -34.68 -45.81 36.46
N LYS F 466 -35.81 -45.32 36.98
CA LYS F 466 -35.96 -44.06 37.71
C LYS F 466 -36.03 -42.87 36.76
N SER F 467 -36.06 -43.08 35.45
CA SER F 467 -36.47 -42.05 34.51
C SER F 467 -37.70 -42.48 33.74
N GLN F 468 -37.64 -43.65 33.08
CA GLN F 468 -38.85 -44.29 32.60
C GLN F 468 -39.74 -44.65 33.77
N LEU F 469 -39.16 -45.22 34.82
CA LEU F 469 -39.88 -45.43 36.07
C LEU F 469 -40.40 -44.09 36.60
N LEU F 470 -39.63 -43.04 36.42
CA LEU F 470 -40.05 -41.71 36.84
C LEU F 470 -41.15 -41.18 35.91
N LYS F 471 -41.76 -40.08 36.34
CA LYS F 471 -42.63 -39.23 35.53
C LYS F 471 -43.92 -39.94 35.14
N ALA F 472 -44.02 -41.23 35.47
CA ALA F 472 -45.27 -41.93 35.25
C ALA F 472 -46.37 -41.37 36.14
N ILE F 473 -46.03 -41.07 37.40
CA ILE F 473 -47.01 -40.52 38.33
C ILE F 473 -47.29 -39.06 38.00
N CYS F 474 -46.43 -38.42 37.21
CA CYS F 474 -46.60 -37.01 36.91
C CYS F 474 -47.89 -36.76 36.13
N LYS F 475 -48.12 -37.53 35.07
CA LYS F 475 -49.32 -37.33 34.25
C LYS F 475 -50.57 -37.80 34.98
N ILE F 476 -50.50 -38.99 35.59
CA ILE F 476 -51.68 -39.59 36.18
C ILE F 476 -52.16 -38.79 37.39
N SER F 477 -51.22 -38.22 38.15
CA SER F 477 -51.59 -37.47 39.34
C SER F 477 -51.54 -35.98 39.05
N PRO F 478 -52.57 -35.21 39.42
CA PRO F 478 -52.51 -33.77 39.22
C PRO F 478 -51.40 -33.14 40.05
N ARG F 479 -50.89 -31.99 39.58
CA ARG F 479 -49.75 -31.34 40.29
C ARG F 479 -48.52 -32.25 40.22
N GLY F 480 -48.57 -33.29 39.37
CA GLY F 480 -47.39 -34.16 39.19
C GLY F 480 -46.31 -33.46 38.40
N VAL F 481 -45.14 -33.20 39.01
CA VAL F 481 -44.09 -32.41 38.30
C VAL F 481 -42.84 -33.26 38.11
N TYR F 482 -42.37 -33.40 36.87
CA TYR F 482 -41.13 -34.16 36.58
C TYR F 482 -39.94 -33.20 36.67
N THR F 483 -39.73 -32.62 37.86
CA THR F 483 -38.63 -31.64 38.05
C THR F 483 -37.28 -32.30 37.78
N THR F 484 -36.25 -31.50 37.49
CA THR F 484 -34.88 -32.04 37.28
C THR F 484 -33.93 -31.39 38.30
N GLY F 485 -33.32 -32.18 39.18
CA GLY F 485 -32.38 -31.64 40.18
C GLY F 485 -31.26 -30.86 39.52
N LYS F 486 -30.75 -31.35 38.39
CA LYS F 486 -29.71 -30.58 37.64
C LYS F 486 -30.09 -30.54 36.16
N GLY F 487 -29.10 -30.73 35.27
CA GLY F 487 -29.35 -30.68 33.83
C GLY F 487 -29.68 -29.26 33.38
N SER F 488 -29.67 -28.31 34.31
CA SER F 488 -29.98 -26.89 33.99
C SER F 488 -31.35 -26.81 33.31
N SER F 489 -32.23 -27.78 33.60
CA SER F 489 -33.57 -27.82 32.96
C SER F 489 -34.35 -26.54 33.30
N GLY F 490 -34.16 -26.03 34.52
CA GLY F 490 -34.86 -24.80 34.96
C GLY F 490 -33.96 -23.90 35.78
N ALA F 495 -34.83 -23.32 39.75
CA ALA F 495 -35.18 -23.82 41.10
C ALA F 495 -35.75 -22.67 41.94
N ALA F 496 -37.08 -22.55 41.97
CA ALA F 496 -37.74 -21.47 42.75
C ALA F 496 -37.12 -20.12 42.35
N VAL F 497 -36.86 -19.94 41.06
CA VAL F 497 -36.26 -18.66 40.57
C VAL F 497 -37.37 -17.59 40.51
N MET F 498 -37.67 -16.95 41.64
CA MET F 498 -38.69 -15.88 41.69
C MET F 498 -38.24 -14.74 40.77
N LYS F 499 -39.18 -14.14 40.03
CA LYS F 499 -38.82 -13.06 39.07
C LYS F 499 -39.68 -11.83 39.35
N ASP F 500 -39.56 -11.25 40.54
CA ASP F 500 -40.32 -10.01 40.88
C ASP F 500 -40.08 -8.95 39.81
N PRO F 501 -38.83 -8.73 39.32
CA PRO F 501 -38.58 -7.78 38.25
C PRO F 501 -38.90 -8.39 36.88
N VAL F 502 -39.97 -9.20 36.79
CA VAL F 502 -40.36 -9.81 35.50
C VAL F 502 -40.78 -8.71 34.53
N THR F 503 -41.46 -7.67 35.03
CA THR F 503 -41.89 -6.53 34.18
C THR F 503 -41.23 -5.24 34.67
N ASP F 504 -41.34 -4.16 33.90
CA ASP F 504 -40.81 -2.86 34.38
C ASP F 504 -41.16 -2.75 35.86
N GLU F 505 -42.42 -3.02 36.21
CA GLU F 505 -42.84 -3.00 37.60
C GLU F 505 -42.47 -4.32 38.29
N MET F 506 -42.28 -4.25 39.61
CA MET F 506 -41.92 -5.43 40.39
C MET F 506 -43.14 -6.24 40.76
N ILE F 507 -43.47 -7.26 39.95
CA ILE F 507 -44.60 -8.14 40.20
C ILE F 507 -44.07 -9.54 40.49
N LEU F 508 -44.64 -10.20 41.49
CA LEU F 508 -44.14 -11.50 41.93
C LEU F 508 -44.32 -12.54 40.84
N GLU F 509 -43.32 -13.40 40.69
CA GLU F 509 -43.33 -14.46 39.68
C GLU F 509 -42.71 -15.71 40.31
N GLY F 510 -43.42 -16.82 40.25
CA GLY F 510 -42.95 -18.04 40.88
C GLY F 510 -41.72 -18.61 40.19
N GLY F 511 -40.87 -19.25 40.99
CA GLY F 511 -39.71 -19.95 40.50
C GLY F 511 -40.04 -21.39 40.10
N ALA F 512 -38.98 -22.18 39.91
CA ALA F 512 -39.16 -23.56 39.49
C ALA F 512 -39.70 -24.42 40.63
N LEU F 513 -39.13 -24.26 41.83
CA LEU F 513 -39.49 -25.16 42.93
C LEU F 513 -40.88 -24.88 43.47
N VAL F 514 -41.33 -23.63 43.42
CA VAL F 514 -42.65 -23.30 43.93
C VAL F 514 -43.72 -24.01 43.12
N LEU F 515 -43.42 -24.34 41.86
CA LEU F 515 -44.34 -25.15 41.07
C LEU F 515 -44.55 -26.51 41.70
N ALA F 516 -43.47 -27.10 42.23
CA ALA F 516 -43.60 -28.35 42.97
C ALA F 516 -44.48 -28.14 44.19
N ASP F 517 -45.44 -29.04 44.40
CA ASP F 517 -46.41 -28.87 45.46
C ASP F 517 -46.81 -30.24 45.98
N ASN F 518 -47.91 -30.27 46.74
CA ASN F 518 -48.29 -31.47 47.48
C ASN F 518 -48.62 -32.63 46.58
N GLY F 519 -49.09 -32.37 45.35
CA GLY F 519 -49.50 -33.45 44.47
C GLY F 519 -48.39 -34.44 44.18
N ILE F 520 -47.41 -34.02 43.38
CA ILE F 520 -46.26 -34.86 43.04
C ILE F 520 -45.07 -33.94 42.87
N CYS F 521 -43.90 -34.38 43.35
CA CYS F 521 -42.65 -33.67 43.12
C CYS F 521 -41.61 -34.70 42.70
N CYS F 522 -41.41 -34.83 41.38
CA CYS F 522 -40.46 -35.79 40.83
C CYS F 522 -39.18 -35.06 40.48
N ILE F 523 -38.08 -35.44 41.13
CA ILE F 523 -36.76 -34.91 40.82
C ILE F 523 -36.15 -35.73 39.70
N ASP F 524 -35.49 -35.05 38.77
CA ASP F 524 -34.74 -35.70 37.70
C ASP F 524 -33.28 -35.32 37.83
N GLU F 525 -32.38 -36.27 37.57
CA GLU F 525 -30.94 -36.05 37.72
C GLU F 525 -30.61 -35.59 39.13
N PHE F 526 -31.17 -36.29 40.12
CA PHE F 526 -31.01 -35.83 41.50
C PHE F 526 -29.60 -36.03 42.02
N ASP F 527 -28.92 -37.11 41.57
CA ASP F 527 -27.61 -37.43 42.11
C ASP F 527 -26.62 -36.29 41.88
N LYS F 528 -26.61 -35.73 40.67
CA LYS F 528 -25.78 -34.58 40.34
C LYS F 528 -26.67 -33.35 40.22
N MET F 529 -26.45 -32.37 41.09
CA MET F 529 -27.29 -31.19 41.12
C MET F 529 -26.63 -30.13 41.99
N ASP F 530 -27.15 -28.91 41.89
CA ASP F 530 -26.51 -27.76 42.53
C ASP F 530 -26.59 -27.84 44.04
N GLU F 531 -25.45 -27.63 44.70
CA GLU F 531 -25.39 -27.77 46.15
C GLU F 531 -26.21 -26.69 46.84
N SER F 532 -26.19 -25.46 46.33
CA SER F 532 -27.06 -24.43 46.89
C SER F 532 -28.53 -24.82 46.69
N ASP F 533 -28.87 -25.35 45.52
CA ASP F 533 -30.20 -25.90 45.32
C ASP F 533 -30.44 -27.07 46.25
N ARG F 534 -29.42 -27.88 46.51
CA ARG F 534 -29.56 -28.99 47.44
C ARG F 534 -29.97 -28.49 48.81
N THR F 535 -29.27 -27.47 49.31
CA THR F 535 -29.58 -26.91 50.63
C THR F 535 -30.96 -26.27 50.63
N ALA F 536 -31.29 -25.54 49.57
CA ALA F 536 -32.60 -24.90 49.51
C ALA F 536 -33.71 -25.93 49.55
N ILE F 537 -33.60 -26.98 48.74
CA ILE F 537 -34.61 -28.02 48.71
C ILE F 537 -34.67 -28.75 50.03
N HIS F 538 -33.52 -29.03 50.64
CA HIS F 538 -33.49 -29.71 51.92
C HIS F 538 -34.22 -28.90 52.98
N GLU F 539 -33.95 -27.60 53.05
CA GLU F 539 -34.63 -26.75 54.00
C GLU F 539 -36.13 -26.70 53.71
N VAL F 540 -36.49 -26.59 52.43
CA VAL F 540 -37.91 -26.49 52.07
C VAL F 540 -38.64 -27.76 52.50
N MET F 541 -38.07 -28.92 52.20
CA MET F 541 -38.75 -30.17 52.50
C MET F 541 -38.79 -30.43 54.01
N GLU F 542 -37.71 -30.11 54.71
CA GLU F 542 -37.73 -30.29 56.16
C GLU F 542 -38.66 -29.29 56.84
N GLN F 543 -38.98 -28.18 56.17
CA GLN F 543 -39.85 -27.17 56.74
C GLN F 543 -41.22 -27.09 56.06
N GLN F 544 -41.37 -27.66 54.87
CA GLN F 544 -42.58 -27.50 54.06
C GLN F 544 -42.87 -26.01 53.85
N THR F 545 -41.82 -25.22 53.70
CA THR F 545 -41.94 -23.77 53.51
C THR F 545 -40.99 -23.34 52.42
N ILE F 546 -41.32 -22.22 51.79
CA ILE F 546 -40.49 -21.64 50.73
C ILE F 546 -40.26 -20.17 51.04
N SER F 547 -39.01 -19.75 50.96
CA SER F 547 -38.60 -18.37 51.23
C SER F 547 -38.04 -17.78 49.93
N ILE F 548 -38.76 -16.79 49.38
CA ILE F 548 -38.32 -16.19 48.12
C ILE F 548 -37.37 -15.03 48.38
N SER F 549 -37.46 -14.42 49.57
CA SER F 549 -36.62 -13.29 49.94
C SER F 549 -36.79 -12.15 48.95
N LYS F 550 -35.68 -11.68 48.35
CA LYS F 550 -35.70 -10.58 47.40
C LYS F 550 -36.34 -9.35 48.03
N ALA F 551 -37.64 -9.17 47.82
CA ALA F 551 -38.36 -8.13 48.54
C ALA F 551 -38.41 -8.41 50.04
N GLY F 552 -38.05 -9.62 50.45
CA GLY F 552 -38.01 -9.99 51.84
C GLY F 552 -39.22 -10.79 52.31
N ILE F 553 -40.27 -10.85 51.50
CA ILE F 553 -41.49 -11.54 51.90
C ILE F 553 -41.28 -13.04 51.88
N ASN F 554 -41.84 -13.73 52.86
CA ASN F 554 -41.80 -15.19 52.91
C ASN F 554 -43.13 -15.75 52.38
N THR F 555 -43.24 -15.74 51.05
CA THR F 555 -44.40 -16.32 50.39
C THR F 555 -44.27 -17.83 50.50
N THR F 556 -44.82 -18.40 51.55
CA THR F 556 -44.77 -19.83 51.83
C THR F 556 -46.00 -20.48 51.21
N LEU F 557 -45.81 -21.04 50.01
CA LEU F 557 -46.91 -21.73 49.35
C LEU F 557 -46.81 -23.24 49.48
N ASN F 558 -45.61 -23.76 49.69
CA ASN F 558 -45.45 -25.20 49.83
C ASN F 558 -46.07 -25.67 51.14
N ALA F 559 -46.63 -26.88 51.09
CA ALA F 559 -47.06 -27.61 52.27
C ALA F 559 -46.38 -28.95 52.21
N ARG F 560 -46.81 -29.92 53.01
CA ARG F 560 -46.26 -31.26 52.87
C ARG F 560 -46.43 -31.73 51.43
N THR F 561 -45.34 -32.23 50.86
CA THR F 561 -45.35 -32.69 49.47
C THR F 561 -44.61 -34.02 49.37
N SER F 562 -45.11 -34.89 48.52
CA SER F 562 -44.40 -36.13 48.24
C SER F 562 -43.16 -35.84 47.41
N ILE F 563 -42.03 -36.42 47.81
CA ILE F 563 -40.75 -36.17 47.19
C ILE F 563 -40.16 -37.49 46.70
N LEU F 564 -39.66 -37.49 45.47
CA LEU F 564 -39.07 -38.66 44.85
C LEU F 564 -37.68 -38.31 44.33
N ALA F 565 -36.71 -39.15 44.64
CA ALA F 565 -35.30 -38.86 44.36
C ALA F 565 -34.85 -39.64 43.13
N ALA F 566 -34.26 -38.94 42.17
CA ALA F 566 -33.67 -39.57 40.99
C ALA F 566 -32.18 -39.86 41.17
N ALA F 567 -31.67 -39.82 42.39
CA ALA F 567 -30.26 -40.07 42.61
C ALA F 567 -29.89 -41.48 42.16
N ASN F 568 -28.69 -41.62 41.64
CA ASN F 568 -28.12 -42.89 41.26
C ASN F 568 -26.69 -42.96 41.78
N PRO F 569 -26.17 -44.15 42.05
CA PRO F 569 -24.81 -44.25 42.59
C PRO F 569 -23.79 -43.68 41.63
N LEU F 570 -22.76 -43.06 42.20
CA LEU F 570 -21.71 -42.45 41.38
C LEU F 570 -20.96 -43.52 40.61
N TYR F 571 -20.47 -43.14 39.42
CA TYR F 571 -19.77 -43.99 38.47
C TYR F 571 -20.67 -45.04 37.83
N GLY F 572 -21.95 -45.11 38.22
CA GLY F 572 -22.84 -46.11 37.69
C GLY F 572 -22.70 -47.48 38.30
N ARG F 573 -21.78 -47.67 39.24
CA ARG F 573 -21.54 -48.98 39.85
C ARG F 573 -21.26 -48.77 41.34
N TYR F 574 -22.30 -48.96 42.14
CA TYR F 574 -22.17 -48.83 43.59
C TYR F 574 -21.29 -49.96 44.13
N ASN F 575 -20.64 -49.68 45.27
CA ASN F 575 -19.76 -50.65 45.91
C ASN F 575 -20.52 -51.34 47.03
N PRO F 576 -20.94 -52.60 46.87
CA PRO F 576 -21.61 -53.30 47.98
C PRO F 576 -20.75 -53.46 49.21
N ARG F 577 -19.44 -53.60 49.04
CA ARG F 577 -18.56 -53.87 50.18
C ARG F 577 -18.54 -52.71 51.16
N LEU F 578 -18.47 -51.48 50.65
CA LEU F 578 -18.23 -50.32 51.48
C LEU F 578 -19.03 -49.13 50.97
N SER F 579 -19.22 -48.16 51.86
CA SER F 579 -19.84 -46.88 51.59
C SER F 579 -21.25 -47.03 51.02
N PRO F 580 -22.20 -47.62 51.76
CA PRO F 580 -23.58 -47.63 51.29
C PRO F 580 -24.12 -46.22 51.14
N LEU F 581 -23.64 -45.32 51.99
CA LEU F 581 -24.07 -43.93 51.94
C LEU F 581 -23.05 -43.06 51.21
N ASP F 582 -21.78 -43.46 51.24
CA ASP F 582 -20.72 -42.58 50.74
C ASP F 582 -20.41 -42.84 49.26
N ASN F 583 -20.83 -43.98 48.73
CA ASN F 583 -20.64 -44.24 47.29
C ASN F 583 -21.49 -43.32 46.44
N ILE F 584 -22.42 -42.59 47.04
CA ILE F 584 -23.36 -41.75 46.31
C ILE F 584 -23.01 -40.28 46.58
N ASN F 585 -23.14 -39.47 45.53
CA ASN F 585 -22.78 -38.06 45.63
C ASN F 585 -23.59 -37.34 46.70
N LEU F 586 -24.81 -37.78 46.95
CA LEU F 586 -25.66 -37.10 47.91
C LEU F 586 -25.05 -37.17 49.31
N PRO F 587 -24.97 -36.06 50.03
CA PRO F 587 -24.34 -36.08 51.35
C PRO F 587 -25.15 -36.92 52.34
N ALA F 588 -24.45 -37.43 53.36
CA ALA F 588 -25.09 -38.30 54.34
C ALA F 588 -26.23 -37.58 55.05
N ALA F 589 -26.03 -36.32 55.42
CA ALA F 589 -27.10 -35.54 56.05
C ALA F 589 -28.30 -35.46 55.12
N LEU F 590 -28.06 -35.22 53.83
CA LEU F 590 -29.14 -35.26 52.85
C LEU F 590 -29.74 -36.66 52.77
N LEU F 591 -28.90 -37.70 52.78
CA LEU F 591 -29.40 -39.07 52.76
C LEU F 591 -30.20 -39.37 54.02
N SER F 592 -29.64 -39.03 55.18
CA SER F 592 -30.33 -39.30 56.44
C SER F 592 -31.61 -38.49 56.55
N ARG F 593 -31.71 -37.39 55.81
CA ARG F 593 -32.91 -36.56 55.86
C ARG F 593 -34.13 -37.33 55.35
N PHE F 594 -33.96 -38.07 54.26
CA PHE F 594 -35.05 -38.89 53.76
C PHE F 594 -35.41 -39.99 54.74
N ASP F 595 -36.71 -40.20 54.93
CA ASP F 595 -37.16 -41.26 55.83
C ASP F 595 -36.87 -42.64 55.26
N ILE F 596 -36.98 -42.80 53.95
CA ILE F 596 -36.83 -44.11 53.31
C ILE F 596 -35.91 -43.98 52.11
N LEU F 597 -35.04 -44.97 51.94
CA LEU F 597 -34.11 -45.04 50.83
C LEU F 597 -34.02 -46.47 50.33
N PHE F 598 -34.00 -46.64 49.01
CA PHE F 598 -33.95 -47.96 48.40
C PHE F 598 -32.85 -47.99 47.35
N LEU F 599 -32.34 -49.19 47.09
CA LEU F 599 -31.30 -49.42 46.09
C LEU F 599 -31.75 -50.49 45.10
N MET F 600 -31.79 -50.14 43.82
CA MET F 600 -31.97 -51.10 42.74
C MET F 600 -30.60 -51.49 42.20
N LEU F 601 -30.49 -52.74 41.75
CA LEU F 601 -29.21 -53.23 41.22
C LEU F 601 -29.49 -54.24 40.12
N ASP F 602 -28.87 -54.03 38.96
CA ASP F 602 -29.00 -54.97 37.85
C ASP F 602 -27.90 -56.02 37.92
N ILE F 603 -28.31 -57.29 37.81
CA ILE F 603 -27.38 -58.40 37.93
C ILE F 603 -27.56 -59.33 36.73
N PRO F 604 -26.48 -59.77 36.08
CA PRO F 604 -26.59 -60.75 35.00
C PRO F 604 -26.71 -62.20 35.46
N SER F 605 -27.04 -62.45 36.72
CA SER F 605 -27.08 -63.82 37.22
C SER F 605 -28.21 -64.60 36.56
N ARG F 606 -29.41 -64.06 36.55
CA ARG F 606 -30.59 -64.81 36.15
C ARG F 606 -30.97 -64.50 34.70
N ASP F 607 -31.98 -65.20 34.21
CA ASP F 607 -32.49 -65.01 32.86
C ASP F 607 -33.70 -64.09 32.83
N ASP F 608 -33.89 -63.24 33.84
CA ASP F 608 -34.98 -62.28 33.80
C ASP F 608 -34.84 -61.29 32.65
N ASP F 609 -33.63 -61.18 32.10
CA ASP F 609 -33.46 -60.44 30.85
C ASP F 609 -34.43 -60.94 29.80
N GLU F 610 -34.61 -62.25 29.74
CA GLU F 610 -35.51 -62.81 28.75
C GLU F 610 -36.96 -62.51 29.08
N LYS F 611 -37.32 -62.41 30.35
CA LYS F 611 -38.69 -62.07 30.71
C LYS F 611 -38.99 -60.63 30.35
N LEU F 612 -38.07 -59.71 30.66
CA LEU F 612 -38.24 -58.34 30.20
C LEU F 612 -38.23 -58.26 28.68
N ALA F 613 -37.46 -59.13 28.02
CA ALA F 613 -37.49 -59.20 26.57
C ALA F 613 -38.87 -59.60 26.09
N GLU F 614 -39.50 -60.56 26.77
CA GLU F 614 -40.88 -60.92 26.44
C GLU F 614 -41.80 -59.73 26.63
N HIS F 615 -41.54 -58.92 27.65
CA HIS F 615 -42.36 -57.72 27.86
C HIS F 615 -42.20 -56.74 26.70
N VAL F 616 -40.98 -56.50 26.25
CA VAL F 616 -40.76 -55.56 25.16
C VAL F 616 -41.33 -56.12 23.85
N THR F 617 -41.18 -57.42 23.66
CA THR F 617 -41.72 -58.06 22.46
C THR F 617 -43.21 -58.26 22.57
N TYR F 618 -43.77 -57.98 23.74
CA TYR F 618 -45.19 -57.66 23.85
C TYR F 618 -45.37 -56.29 23.24
N VAL F 619 -44.68 -55.30 23.80
CA VAL F 619 -44.82 -53.90 23.42
C VAL F 619 -44.65 -53.75 21.90
N HIS F 620 -43.99 -54.71 21.28
CA HIS F 620 -43.91 -54.82 19.83
C HIS F 620 -44.83 -55.95 19.40
N MET F 621 -45.68 -55.68 18.41
CA MET F 621 -46.80 -56.44 17.86
C MET F 621 -47.93 -56.59 18.89
N HIS F 622 -47.75 -56.16 20.13
CA HIS F 622 -48.85 -55.91 21.06
C HIS F 622 -48.56 -54.52 21.61
N ASN F 623 -48.99 -53.50 20.87
CA ASN F 623 -48.61 -52.14 21.24
C ASN F 623 -49.61 -51.62 22.27
N LYS F 624 -49.83 -52.42 23.31
CA LYS F 624 -50.66 -52.04 24.45
C LYS F 624 -49.89 -52.14 25.76
N GLN F 625 -49.35 -53.31 26.08
CA GLN F 625 -48.60 -53.57 27.29
C GLN F 625 -48.06 -54.99 27.27
N PRO F 626 -47.12 -55.35 28.15
CA PRO F 626 -46.85 -56.77 28.40
C PRO F 626 -48.04 -57.39 29.13
N ASP F 627 -48.71 -58.31 28.46
CA ASP F 627 -49.99 -58.81 28.95
C ASP F 627 -49.79 -59.73 30.15
N LEU F 628 -50.37 -59.33 31.28
CA LEU F 628 -50.29 -60.10 32.52
C LEU F 628 -51.59 -59.85 33.30
N ASP F 629 -51.60 -60.24 34.57
CA ASP F 629 -52.79 -59.98 35.43
C ASP F 629 -52.57 -58.68 36.19
N PHE F 630 -52.05 -57.66 35.50
CA PHE F 630 -51.74 -56.36 36.19
C PHE F 630 -53.01 -55.74 36.74
N THR F 631 -54.14 -55.88 36.04
CA THR F 631 -55.41 -55.23 36.47
C THR F 631 -55.11 -53.75 36.72
N PRO F 632 -55.24 -52.86 35.71
CA PRO F 632 -54.82 -51.47 35.87
C PRO F 632 -55.86 -50.62 36.59
N VAL F 633 -55.39 -49.52 37.16
CA VAL F 633 -56.24 -48.52 37.79
C VAL F 633 -56.13 -47.25 36.96
N GLU F 634 -57.25 -46.84 36.37
CA GLU F 634 -57.25 -45.66 35.52
C GLU F 634 -56.93 -44.43 36.37
N PRO F 635 -56.18 -43.45 35.83
CA PRO F 635 -55.75 -42.32 36.66
C PRO F 635 -56.89 -41.58 37.35
N SER F 636 -58.03 -41.39 36.70
CA SER F 636 -59.17 -40.79 37.37
C SER F 636 -59.64 -41.68 38.52
N LYS F 637 -59.69 -42.99 38.28
CA LYS F 637 -59.97 -43.92 39.37
C LYS F 637 -58.86 -43.88 40.40
N MET F 638 -57.62 -43.71 39.95
CA MET F 638 -56.51 -43.52 40.89
C MET F 638 -56.69 -42.25 41.70
N ARG F 639 -57.22 -41.20 41.08
CA ARG F 639 -57.47 -39.96 41.82
C ARG F 639 -58.49 -40.18 42.92
N GLU F 640 -59.55 -40.94 42.65
CA GLU F 640 -60.52 -41.26 43.69
C GLU F 640 -59.91 -42.16 44.76
N TYR F 641 -59.02 -43.07 44.33
CA TYR F 641 -58.31 -43.90 45.30
C TYR F 641 -57.46 -43.06 46.23
N ILE F 642 -56.85 -42.00 45.70
CA ILE F 642 -56.09 -41.08 46.54
C ILE F 642 -57.03 -40.28 47.44
N ALA F 643 -58.18 -39.86 46.90
CA ALA F 643 -59.13 -39.08 47.68
C ALA F 643 -59.59 -39.86 48.90
N TYR F 644 -59.90 -41.14 48.73
CA TYR F 644 -60.20 -42.00 49.88
C TYR F 644 -58.95 -42.58 50.53
N ALA F 645 -57.76 -42.30 50.00
CA ALA F 645 -56.54 -42.75 50.66
C ALA F 645 -56.28 -41.96 51.93
N LYS F 646 -56.79 -40.73 51.99
CA LYS F 646 -56.81 -39.95 53.23
C LYS F 646 -58.19 -40.16 53.84
N THR F 647 -58.28 -41.07 54.82
CA THR F 647 -59.55 -41.47 55.39
C THR F 647 -59.51 -41.34 56.91
N LYS F 648 -60.51 -40.64 57.45
CA LYS F 648 -60.91 -40.69 58.86
C LYS F 648 -59.82 -40.29 59.84
N ARG F 649 -58.64 -39.89 59.34
CA ARG F 649 -57.51 -39.51 60.19
C ARG F 649 -57.24 -40.57 61.25
N PRO F 650 -56.71 -41.73 60.86
CA PRO F 650 -56.58 -42.85 61.80
C PRO F 650 -55.57 -42.56 62.89
N VAL F 651 -56.04 -42.55 64.13
CA VAL F 651 -55.17 -42.32 65.28
C VAL F 651 -54.47 -43.63 65.64
N MET F 652 -53.15 -43.60 65.66
CA MET F 652 -52.36 -44.82 65.79
C MET F 652 -52.58 -45.47 67.15
N SER F 653 -52.67 -46.79 67.15
CA SER F 653 -52.91 -47.53 68.40
C SER F 653 -51.63 -47.59 69.23
N GLU F 654 -51.80 -47.72 70.54
CA GLU F 654 -50.63 -47.77 71.42
C GLU F 654 -49.94 -49.12 71.36
N ALA F 655 -50.67 -50.18 70.98
CA ALA F 655 -50.01 -51.44 70.69
C ALA F 655 -49.04 -51.29 69.53
N VAL F 656 -49.47 -50.58 68.49
CA VAL F 656 -48.56 -50.17 67.43
C VAL F 656 -47.42 -49.36 68.01
N ASN F 657 -47.71 -48.51 69.00
CA ASN F 657 -46.68 -47.65 69.55
C ASN F 657 -45.57 -48.48 70.21
N ASP F 658 -45.97 -49.49 70.99
CA ASP F 658 -44.99 -50.38 71.59
C ASP F 658 -44.26 -51.21 70.54
N TYR F 659 -44.98 -51.69 69.53
CA TYR F 659 -44.31 -52.50 68.50
C TYR F 659 -43.26 -51.67 67.76
N VAL F 660 -43.59 -50.42 67.42
CA VAL F 660 -42.66 -49.59 66.68
C VAL F 660 -41.50 -49.15 67.56
N VAL F 661 -41.74 -48.92 68.86
CA VAL F 661 -40.61 -48.55 69.71
C VAL F 661 -39.66 -49.73 69.86
N GLN F 662 -40.20 -50.94 70.00
CA GLN F 662 -39.34 -52.12 70.06
C GLN F 662 -38.58 -52.30 68.74
N ALA F 663 -39.26 -52.07 67.62
CA ALA F 663 -38.60 -52.21 66.32
C ALA F 663 -37.48 -51.18 66.15
N TYR F 664 -37.73 -49.94 66.58
CA TYR F 664 -36.71 -48.90 66.50
C TYR F 664 -35.52 -49.24 67.39
N ILE F 665 -35.78 -49.77 68.58
CA ILE F 665 -34.70 -50.20 69.46
C ILE F 665 -33.88 -51.29 68.80
N ARG F 666 -34.55 -52.27 68.19
CA ARG F 666 -33.84 -53.34 67.50
C ARG F 666 -33.01 -52.78 66.35
N LEU F 667 -33.58 -51.84 65.60
CA LEU F 667 -32.85 -51.24 64.48
C LEU F 667 -31.62 -50.50 64.96
N ARG F 668 -31.75 -49.76 66.08
CA ARG F 668 -30.60 -49.07 66.63
C ARG F 668 -29.53 -50.05 67.09
N GLN F 669 -29.94 -51.13 67.74
CA GLN F 669 -28.98 -52.13 68.22
C GLN F 669 -28.25 -52.79 67.05
N ASP F 670 -28.98 -53.13 65.99
CA ASP F 670 -28.34 -53.69 64.80
C ASP F 670 -27.43 -52.67 64.15
N SER F 671 -27.80 -51.39 64.20
CA SER F 671 -26.95 -50.34 63.67
C SER F 671 -25.65 -50.25 64.44
N LYS F 672 -25.70 -50.43 65.76
CA LYS F 672 -24.47 -50.50 66.54
C LYS F 672 -23.62 -51.69 66.11
N ARG F 673 -24.26 -52.83 65.84
CA ARG F 673 -23.57 -53.99 65.31
C ARG F 673 -22.95 -53.68 63.95
N SER F 680 -26.22 -51.02 60.37
CA SER F 680 -24.82 -50.90 60.76
C SER F 680 -24.27 -49.52 60.40
N PHE F 681 -24.25 -49.23 59.10
CA PHE F 681 -23.71 -47.96 58.64
C PHE F 681 -24.59 -46.80 59.09
N GLY F 682 -25.91 -46.97 59.04
CA GLY F 682 -26.82 -45.93 59.44
C GLY F 682 -27.52 -46.21 60.75
N GLN F 683 -27.24 -45.40 61.77
CA GLN F 683 -27.88 -45.58 63.07
C GLN F 683 -29.35 -45.14 63.00
N ALA F 684 -30.19 -45.88 63.72
CA ALA F 684 -31.62 -45.58 63.73
C ALA F 684 -31.88 -44.22 64.36
N THR F 685 -32.73 -43.42 63.72
CA THR F 685 -33.04 -42.06 64.12
C THR F 685 -34.51 -41.93 64.46
N PRO F 686 -34.86 -41.12 65.47
CA PRO F 686 -36.29 -40.96 65.80
C PRO F 686 -37.14 -40.50 64.62
N ARG F 687 -36.60 -39.64 63.75
CA ARG F 687 -37.35 -39.22 62.59
C ARG F 687 -37.60 -40.37 61.62
N THR F 688 -36.69 -41.35 61.59
CA THR F 688 -36.94 -42.55 60.79
C THR F 688 -38.14 -43.31 61.33
N LEU F 689 -38.23 -43.44 62.66
CA LEU F 689 -39.40 -44.08 63.26
C LEU F 689 -40.66 -43.28 62.97
N LEU F 690 -40.55 -41.95 62.98
CA LEU F 690 -41.69 -41.11 62.64
C LEU F 690 -42.13 -41.36 61.19
N GLY F 691 -41.16 -41.51 60.29
CA GLY F 691 -41.51 -41.83 58.90
C GLY F 691 -42.17 -43.19 58.77
N ILE F 692 -41.71 -44.16 59.57
CA ILE F 692 -42.35 -45.47 59.59
C ILE F 692 -43.80 -45.35 60.07
N ILE F 693 -44.03 -44.55 61.11
CA ILE F 693 -45.38 -44.31 61.60
C ILE F 693 -46.22 -43.65 60.52
N ARG F 694 -45.64 -42.71 59.79
CA ARG F 694 -46.35 -42.05 58.70
C ARG F 694 -46.74 -43.05 57.62
N LEU F 695 -45.81 -43.96 57.28
CA LEU F 695 -46.12 -45.02 56.33
C LEU F 695 -47.29 -45.86 56.82
N SER F 696 -47.25 -46.25 58.09
CA SER F 696 -48.30 -47.12 58.65
C SER F 696 -49.64 -46.43 58.60
N GLN F 697 -49.72 -45.17 59.03
CA GLN F 697 -50.99 -44.47 59.06
C GLN F 697 -51.48 -44.18 57.64
N ALA F 698 -50.57 -43.87 56.72
CA ALA F 698 -50.97 -43.61 55.34
C ALA F 698 -51.57 -44.86 54.72
N LEU F 699 -50.96 -46.02 54.94
CA LEU F 699 -51.53 -47.26 54.41
C LEU F 699 -52.84 -47.60 55.12
N ALA F 700 -52.93 -47.29 56.41
CA ALA F 700 -54.16 -47.56 57.15
C ALA F 700 -55.33 -46.79 56.56
N LYS F 701 -55.16 -45.47 56.38
CA LYS F 701 -56.26 -44.68 55.84
C LYS F 701 -56.39 -44.86 54.33
N LEU F 702 -55.39 -45.49 53.70
CA LEU F 702 -55.44 -45.75 52.27
C LEU F 702 -56.67 -46.58 51.92
N ARG F 703 -56.72 -47.81 52.42
CA ARG F 703 -57.85 -48.70 52.17
C ARG F 703 -58.39 -49.34 53.44
N LEU F 704 -57.48 -49.70 54.35
CA LEU F 704 -57.87 -50.37 55.60
C LEU F 704 -58.35 -49.33 56.61
N ALA F 705 -57.80 -49.38 57.83
CA ALA F 705 -58.21 -48.41 58.89
C ALA F 705 -57.15 -48.43 60.00
N ASP F 706 -57.28 -47.54 60.98
CA ASP F 706 -56.34 -47.57 62.12
C ASP F 706 -56.51 -48.90 62.86
N MET F 707 -57.56 -49.03 63.67
CA MET F 707 -57.78 -50.28 64.47
C MET F 707 -56.49 -50.59 65.23
N VAL F 708 -56.18 -51.87 65.41
CA VAL F 708 -54.88 -52.24 66.06
C VAL F 708 -53.78 -51.66 65.18
N ASP F 709 -54.04 -51.54 63.87
CA ASP F 709 -53.06 -50.93 62.94
C ASP F 709 -51.77 -51.75 62.91
N ILE F 710 -51.68 -52.80 63.72
CA ILE F 710 -50.40 -53.51 63.75
C ILE F 710 -50.01 -53.98 62.35
N ASP F 711 -50.93 -54.65 61.65
CA ASP F 711 -50.59 -55.33 60.41
C ASP F 711 -49.98 -54.38 59.39
N ASP F 712 -50.54 -53.17 59.27
CA ASP F 712 -49.95 -52.17 58.40
C ASP F 712 -48.53 -51.84 58.81
N VAL F 713 -48.22 -51.95 60.10
CA VAL F 713 -46.88 -51.63 60.55
C VAL F 713 -45.89 -52.70 60.10
N GLU F 714 -46.25 -53.99 60.18
CA GLU F 714 -45.37 -54.98 59.57
C GLU F 714 -45.28 -54.80 58.07
N GLU F 715 -46.35 -54.34 57.41
CA GLU F 715 -46.24 -54.06 55.98
C GLU F 715 -45.19 -52.99 55.71
N ALA F 716 -45.31 -51.85 56.39
CA ALA F 716 -44.39 -50.74 56.17
C ALA F 716 -42.98 -51.11 56.57
N LEU F 717 -42.83 -51.83 57.68
CA LEU F 717 -41.50 -52.20 58.15
C LEU F 717 -40.90 -53.29 57.27
N ARG F 718 -41.73 -54.11 56.63
CA ARG F 718 -41.24 -55.01 55.61
C ARG F 718 -40.69 -54.24 54.42
N LEU F 719 -41.40 -53.20 54.01
CA LEU F 719 -40.85 -52.30 52.99
C LEU F 719 -39.51 -51.74 53.44
N VAL F 720 -39.43 -51.32 54.71
CA VAL F 720 -38.22 -50.69 55.24
C VAL F 720 -37.06 -51.68 55.24
N ARG F 721 -37.31 -52.91 55.70
CA ARG F 721 -36.21 -53.88 55.79
C ARG F 721 -35.81 -54.39 54.42
N VAL F 722 -36.76 -54.48 53.48
CA VAL F 722 -36.39 -54.77 52.10
C VAL F 722 -35.49 -53.67 51.56
N SER F 723 -35.82 -52.42 51.88
CA SER F 723 -34.97 -51.31 51.48
C SER F 723 -33.57 -51.43 52.08
N LYS F 724 -33.50 -51.75 53.37
CA LYS F 724 -32.20 -51.88 54.04
C LYS F 724 -31.39 -53.01 53.44
N GLU F 725 -32.03 -54.15 53.15
CA GLU F 725 -31.33 -55.25 52.51
C GLU F 725 -30.85 -54.87 51.12
N SER F 726 -31.69 -54.14 50.37
CA SER F 726 -31.29 -53.67 49.04
C SER F 726 -30.06 -52.78 49.13
N LEU F 727 -30.02 -51.90 50.14
CA LEU F 727 -28.82 -51.10 50.37
C LEU F 727 -27.63 -52.00 50.68
N TYR F 728 -27.83 -53.00 51.54
CA TYR F 728 -26.74 -53.89 51.92
C TYR F 728 -26.40 -54.88 50.82
N GLN F 729 -27.42 -55.47 50.19
CA GLN F 729 -27.24 -56.54 49.20
C GLN F 729 -26.37 -57.67 49.74
N MET G 1 -7.87 -39.99 -24.60
CA MET G 1 -7.08 -40.83 -23.71
C MET G 1 -5.71 -41.14 -24.30
N TYR G 2 -5.69 -41.50 -25.59
CA TYR G 2 -4.41 -41.56 -26.30
C TYR G 2 -4.05 -40.17 -26.82
N GLY G 3 -5.01 -39.49 -27.44
CA GLY G 3 -4.85 -38.09 -27.76
C GLY G 3 -4.84 -37.21 -26.54
N ASP G 4 -5.28 -37.73 -25.39
CA ASP G 4 -5.20 -36.96 -24.16
C ASP G 4 -3.76 -36.63 -23.82
N LEU G 5 -2.85 -37.59 -23.99
CA LEU G 5 -1.43 -37.28 -23.88
C LEU G 5 -1.05 -36.20 -24.88
N GLY G 6 -1.47 -36.38 -26.14
CA GLY G 6 -1.32 -35.31 -27.11
C GLY G 6 -2.08 -34.06 -26.72
N ASN G 7 -3.20 -34.21 -26.01
CA ASN G 7 -3.93 -33.04 -25.54
C ASN G 7 -3.09 -32.23 -24.57
N LYS G 8 -2.43 -32.90 -23.62
CA LYS G 8 -1.54 -32.18 -22.73
C LYS G 8 -0.40 -31.55 -23.50
N LEU G 9 0.14 -32.27 -24.49
CA LEU G 9 1.24 -31.71 -25.28
C LEU G 9 0.80 -30.44 -26.00
N VAL G 10 -0.39 -30.46 -26.61
CA VAL G 10 -0.84 -29.29 -27.36
C VAL G 10 -1.23 -28.16 -26.42
N LEU G 11 -1.73 -28.50 -25.23
CA LEU G 11 -1.97 -27.45 -24.24
C LEU G 11 -0.66 -26.80 -23.82
N GLU G 12 0.39 -27.59 -23.65
CA GLU G 12 1.70 -27.03 -23.34
C GLU G 12 2.19 -26.14 -24.48
N ALA G 13 2.00 -26.59 -25.71
CA ALA G 13 2.41 -25.80 -26.87
C ALA G 13 1.64 -24.50 -26.95
N LYS G 14 0.34 -24.53 -26.66
CA LYS G 14 -0.45 -23.32 -26.67
C LYS G 14 -0.01 -22.38 -25.56
N ARG G 15 0.39 -22.94 -24.41
CA ARG G 15 0.95 -22.11 -23.35
C ARG G 15 2.21 -21.42 -23.84
N THR G 16 3.09 -22.16 -24.52
CA THR G 16 4.32 -21.56 -25.02
C THR G 16 4.05 -20.47 -26.04
N LYS G 17 3.11 -20.71 -26.97
CA LYS G 17 2.85 -19.70 -27.99
C LYS G 17 2.17 -18.48 -27.40
N GLN G 18 1.33 -18.67 -26.38
CA GLN G 18 0.77 -17.52 -25.67
C GLN G 18 1.88 -16.75 -24.98
N LEU G 19 2.81 -17.45 -24.34
CA LEU G 19 3.91 -16.80 -23.66
C LEU G 19 4.72 -15.96 -24.62
N TYR G 20 5.03 -16.52 -25.79
CA TYR G 20 5.81 -15.76 -26.77
C TYR G 20 5.00 -14.61 -27.35
N ALA G 21 3.74 -14.86 -27.68
CA ALA G 21 2.95 -13.88 -28.41
C ALA G 21 2.67 -12.65 -27.57
N ARG G 22 2.38 -12.84 -26.27
CA ARG G 22 2.05 -11.71 -25.42
C ARG G 22 3.20 -10.72 -25.30
N SER G 23 4.43 -11.19 -25.49
CA SER G 23 5.60 -10.33 -25.47
C SER G 23 6.04 -10.09 -26.91
N ASN G 24 5.95 -8.84 -27.36
CA ASN G 24 6.39 -8.51 -28.72
C ASN G 24 7.85 -8.86 -28.93
N GLN G 25 8.66 -8.74 -27.89
CA GLN G 25 10.08 -9.06 -27.99
C GLN G 25 10.28 -10.56 -28.14
N ASP G 26 11.51 -10.94 -28.49
CA ASP G 26 11.82 -12.33 -28.73
C ASP G 26 11.78 -13.14 -27.44
N VAL G 27 11.15 -14.30 -27.49
CA VAL G 27 11.12 -15.23 -26.39
C VAL G 27 12.06 -16.38 -26.72
N ASN G 28 13.00 -16.64 -25.82
CA ASN G 28 13.88 -17.79 -25.99
C ASN G 28 13.05 -19.06 -26.06
N LEU G 29 13.39 -19.91 -27.02
CA LEU G 29 12.63 -21.12 -27.25
C LEU G 29 12.67 -22.03 -26.02
N PRO G 30 11.52 -22.48 -25.53
CA PRO G 30 11.53 -23.32 -24.33
C PRO G 30 12.09 -24.71 -24.63
N MET G 31 12.45 -25.40 -23.56
CA MET G 31 13.04 -26.73 -23.69
C MET G 31 12.14 -27.65 -24.51
N TYR G 32 12.75 -28.36 -25.46
CA TYR G 32 12.00 -29.30 -26.26
C TYR G 32 11.42 -30.40 -25.38
N HIS G 33 10.11 -30.54 -25.40
CA HIS G 33 9.40 -31.45 -24.51
C HIS G 33 9.38 -32.86 -25.06
N GLU G 34 10.58 -33.39 -25.31
CA GLU G 34 10.75 -34.71 -25.91
C GLU G 34 10.24 -35.83 -25.01
N ASP G 35 10.02 -35.56 -23.72
CA ASP G 35 9.44 -36.58 -22.85
C ASP G 35 8.06 -36.99 -23.36
N ILE G 36 7.16 -36.02 -23.47
CA ILE G 36 5.82 -36.29 -24.00
C ILE G 36 5.92 -36.82 -25.42
N ILE G 37 6.86 -36.30 -26.20
CA ILE G 37 7.01 -36.74 -27.58
C ILE G 37 7.28 -38.24 -27.62
N ARG G 38 8.26 -38.69 -26.84
CA ARG G 38 8.59 -40.11 -26.79
C ARG G 38 7.45 -40.94 -26.22
N ASN G 39 6.72 -40.39 -25.24
CA ASN G 39 5.56 -41.10 -24.72
C ASN G 39 4.56 -41.37 -25.83
N ILE G 40 4.26 -40.34 -26.62
CA ILE G 40 3.39 -40.52 -27.78
C ILE G 40 4.01 -41.47 -28.78
N LEU G 41 5.34 -41.48 -28.90
CA LEU G 41 6.01 -42.39 -29.83
C LEU G 41 5.73 -43.84 -29.45
N LYS G 42 5.94 -44.18 -28.17
CA LYS G 42 5.60 -45.52 -27.73
C LYS G 42 4.12 -45.80 -27.90
N GLU G 43 3.27 -44.81 -27.63
CA GLU G 43 1.83 -45.04 -27.74
C GLU G 43 1.45 -45.37 -29.18
N VAL G 44 2.03 -44.65 -30.13
CA VAL G 44 1.74 -44.89 -31.55
C VAL G 44 2.32 -46.24 -31.99
N SER G 45 3.50 -46.58 -31.48
CA SER G 45 4.06 -47.89 -31.79
C SER G 45 3.14 -49.00 -31.31
N ASN G 46 2.72 -48.86 -30.04
CA ASN G 46 1.79 -49.85 -29.45
C ASN G 46 0.45 -49.69 -30.16
N LEU G 47 0.14 -48.48 -30.64
CA LEU G 47 -1.11 -48.30 -31.43
C LEU G 47 -0.94 -49.11 -32.72
N ARG G 48 0.25 -49.01 -33.34
CA ARG G 48 0.51 -49.79 -34.57
C ARG G 48 0.50 -51.28 -34.21
N LYS G 49 0.97 -51.63 -33.01
CA LYS G 49 1.00 -53.04 -32.59
C LYS G 49 -0.44 -53.55 -32.52
N ASN G 50 -1.33 -52.74 -31.96
CA ASN G 50 -2.76 -53.13 -31.81
C ASN G 50 -3.41 -53.19 -33.20
N THR G 51 -2.99 -52.32 -34.12
CA THR G 51 -3.53 -52.40 -35.50
C THR G 51 -3.10 -53.74 -36.12
N GLU G 52 -1.85 -54.14 -35.89
CA GLU G 52 -1.36 -55.44 -36.41
C GLU G 52 -2.17 -56.56 -35.76
N TYR G 53 -2.50 -56.41 -34.47
CA TYR G 53 -3.28 -57.44 -33.75
C TYR G 53 -4.66 -57.54 -34.37
N LEU G 54 -5.18 -56.41 -34.85
CA LEU G 54 -6.49 -56.39 -35.54
C LEU G 54 -6.38 -57.18 -36.85
N LYS G 55 -5.29 -56.99 -37.60
CA LYS G 55 -5.10 -57.78 -38.85
C LYS G 55 -4.99 -59.26 -38.49
N GLU G 56 -4.05 -59.59 -37.61
CA GLU G 56 -3.93 -60.99 -37.15
C GLU G 56 -5.22 -61.35 -36.44
N GLN G 57 -5.81 -60.38 -35.76
CA GLN G 57 -7.08 -60.62 -35.02
C GLN G 57 -8.00 -61.31 -36.00
N GLN G 58 -8.29 -60.66 -37.15
CA GLN G 58 -9.18 -61.20 -38.21
C GLN G 58 -8.63 -62.53 -38.72
N GLN G 59 -7.39 -62.53 -39.21
CA GLN G 59 -6.81 -63.77 -39.80
C GLN G 59 -7.23 -64.95 -38.91
N LEU G 60 -7.32 -64.72 -37.60
CA LEU G 60 -7.78 -65.78 -36.65
C LEU G 60 -9.32 -65.84 -36.52
N GLY G 61 -9.95 -64.88 -35.82
CA GLY G 61 -11.42 -65.01 -35.57
C GLY G 61 -12.18 -63.69 -35.64
N MET G 62 -11.51 -62.59 -35.30
CA MET G 62 -12.13 -61.26 -35.49
C MET G 62 -12.35 -61.01 -36.98
N LEU G 63 -13.20 -61.82 -37.61
CA LEU G 63 -13.44 -61.71 -39.07
C LEU G 63 -14.71 -60.87 -39.31
N ASP G 64 -15.33 -60.39 -38.24
CA ASP G 64 -16.57 -59.56 -38.36
C ASP G 64 -16.15 -58.13 -38.70
N ASP G 65 -15.78 -57.86 -39.95
CA ASP G 65 -15.29 -56.51 -40.32
C ASP G 65 -16.23 -55.45 -39.76
N LYS G 66 -17.55 -55.60 -40.00
CA LYS G 66 -18.52 -54.65 -39.40
C LYS G 66 -17.99 -54.28 -38.01
N VAL G 67 -17.59 -55.29 -37.22
CA VAL G 67 -17.00 -55.04 -35.88
C VAL G 67 -15.48 -54.84 -36.02
N ALA G 68 -14.77 -55.88 -36.48
CA ALA G 68 -13.29 -55.81 -36.54
C ALA G 68 -12.85 -54.58 -37.34
N LYS G 69 -13.33 -54.45 -38.57
CA LYS G 69 -12.88 -53.33 -39.43
C LYS G 69 -13.32 -52.02 -38.78
N CYS G 70 -14.49 -52.01 -38.15
CA CYS G 70 -14.88 -50.77 -37.42
C CYS G 70 -13.81 -50.46 -36.36
N GLN G 71 -13.41 -51.47 -35.59
CA GLN G 71 -12.41 -51.26 -34.52
C GLN G 71 -11.13 -50.72 -35.16
N TYR G 72 -10.71 -51.31 -36.28
CA TYR G 72 -9.44 -50.90 -36.94
C TYR G 72 -9.56 -49.44 -37.40
N PHE G 73 -10.71 -49.08 -37.98
CA PHE G 73 -10.91 -47.69 -38.47
C PHE G 73 -10.85 -46.73 -37.28
N VAL G 74 -11.44 -47.13 -36.15
CA VAL G 74 -11.40 -46.29 -34.92
C VAL G 74 -9.94 -46.09 -34.55
N THR G 75 -9.19 -47.19 -34.45
CA THR G 75 -7.73 -47.07 -34.16
C THR G 75 -7.17 -46.02 -35.11
N LEU G 76 -7.46 -46.17 -36.41
CA LEU G 76 -6.99 -45.19 -37.38
C LEU G 76 -7.35 -43.79 -36.96
N LEU G 77 -8.56 -43.59 -36.47
CA LEU G 77 -8.97 -42.26 -36.02
C LEU G 77 -8.07 -41.78 -34.89
N CYS G 78 -7.82 -42.66 -33.92
CA CYS G 78 -6.99 -42.27 -32.79
C CYS G 78 -5.59 -41.89 -33.23
N MET G 79 -4.98 -42.72 -34.08
CA MET G 79 -3.62 -42.46 -34.53
C MET G 79 -3.55 -41.20 -35.38
N GLU G 80 -4.55 -40.96 -36.22
CA GLU G 80 -4.57 -39.73 -37.01
C GLU G 80 -4.68 -38.51 -36.11
N ARG G 81 -5.50 -38.59 -35.06
CA ARG G 81 -5.60 -37.49 -34.11
C ARG G 81 -4.25 -37.22 -33.47
N ASN G 82 -3.58 -38.28 -33.02
CA ASN G 82 -2.27 -38.10 -32.42
C ASN G 82 -1.30 -37.47 -33.40
N LYS G 83 -1.31 -37.95 -34.64
CA LYS G 83 -0.41 -37.45 -35.66
C LYS G 83 -0.66 -35.97 -35.92
N ARG G 84 -1.93 -35.58 -36.02
CA ARG G 84 -2.25 -34.18 -36.30
C ARG G 84 -1.86 -33.29 -35.13
N CYS G 85 -2.02 -33.77 -33.91
CA CYS G 85 -1.57 -33.01 -32.76
C CYS G 85 -0.06 -32.79 -32.83
N LEU G 86 0.68 -33.84 -33.16
CA LEU G 86 2.13 -33.70 -33.26
C LEU G 86 2.51 -32.76 -34.40
N LEU G 87 1.80 -32.83 -35.51
CA LEU G 87 2.08 -31.92 -36.61
C LEU G 87 1.86 -30.48 -36.20
N ALA G 88 0.76 -30.21 -35.48
CA ALA G 88 0.51 -28.84 -35.04
C ALA G 88 1.61 -28.35 -34.11
N TYR G 89 2.00 -29.19 -33.16
CA TYR G 89 3.07 -28.80 -32.23
C TYR G 89 4.36 -28.52 -32.98
N GLN G 90 4.72 -29.40 -33.91
CA GLN G 90 5.98 -29.24 -34.63
C GLN G 90 5.94 -28.01 -35.53
N ARG G 91 4.79 -27.76 -36.17
CA ARG G 91 4.68 -26.57 -37.01
C ARG G 91 4.84 -25.31 -36.17
N LEU G 92 4.21 -25.29 -34.99
CA LEU G 92 4.37 -24.14 -34.11
C LEU G 92 5.84 -23.94 -33.73
N ARG G 93 6.51 -25.04 -33.41
CA ARG G 93 7.94 -24.99 -33.14
C ARG G 93 8.68 -24.35 -34.30
N THR G 94 8.38 -24.79 -35.52
CA THR G 94 9.10 -24.30 -36.69
C THR G 94 8.79 -22.83 -36.96
N ASP G 95 7.56 -22.40 -36.66
CA ASP G 95 7.24 -20.99 -36.78
C ASP G 95 8.10 -20.17 -35.85
N ILE G 96 8.26 -20.65 -34.61
CA ILE G 96 9.15 -19.97 -33.68
C ILE G 96 10.57 -19.96 -34.23
N LEU G 97 10.99 -21.08 -34.83
CA LEU G 97 12.34 -21.15 -35.39
C LEU G 97 12.55 -20.09 -36.46
N ASP G 98 11.59 -19.98 -37.38
CA ASP G 98 11.70 -18.99 -38.44
C ASP G 98 11.72 -17.58 -37.87
N SER G 99 10.85 -17.34 -36.88
CA SER G 99 10.83 -16.03 -36.23
C SER G 99 12.19 -15.68 -35.66
N MET G 100 12.76 -16.60 -34.88
CA MET G 100 14.05 -16.35 -34.24
C MET G 100 15.15 -16.19 -35.27
N ALA G 101 15.12 -17.00 -36.33
CA ALA G 101 16.13 -16.89 -37.38
C ALA G 101 16.11 -15.50 -38.00
N TRP G 102 14.91 -15.03 -38.36
CA TRP G 102 14.80 -13.70 -38.96
C TRP G 102 15.23 -12.62 -37.97
N ASN G 103 14.89 -12.79 -36.70
CA ASN G 103 15.15 -11.73 -35.72
C ASN G 103 16.60 -11.67 -35.28
N ASN G 104 17.33 -12.79 -35.35
CA ASN G 104 18.71 -12.80 -34.86
C ASN G 104 19.73 -13.02 -35.97
N ASN G 105 19.62 -14.11 -36.74
CA ASN G 105 20.56 -14.31 -37.82
C ASN G 105 20.27 -13.36 -38.98
N GLY G 106 18.97 -13.09 -39.18
CA GLY G 106 18.56 -12.18 -40.26
C GLY G 106 18.70 -10.73 -39.82
N LEU G 107 18.38 -10.45 -38.55
CA LEU G 107 18.57 -9.07 -38.02
C LEU G 107 20.00 -8.96 -37.48
N ASP G 108 20.82 -9.99 -37.69
CA ASP G 108 22.24 -9.95 -37.26
C ASP G 108 22.96 -11.21 -37.75
N GLN G 117 17.26 -17.50 -27.41
CA GLN G 117 17.60 -18.93 -27.16
C GLN G 117 18.83 -19.31 -27.98
N GLN G 118 19.90 -18.51 -27.88
CA GLN G 118 21.14 -18.79 -28.64
C GLN G 118 21.55 -20.26 -28.41
N ASP G 119 21.28 -20.79 -27.21
CA ASP G 119 21.66 -22.18 -26.88
C ASP G 119 20.71 -23.14 -27.61
N THR G 120 21.24 -24.27 -28.11
CA THR G 120 20.41 -25.23 -28.80
C THR G 120 19.89 -26.35 -27.91
N ASN G 121 20.11 -26.28 -26.60
CA ASN G 121 19.67 -27.36 -25.72
C ASN G 121 18.16 -27.50 -25.74
N ASN G 122 17.44 -26.37 -25.73
CA ASN G 122 15.99 -26.41 -25.82
C ASN G 122 15.50 -26.98 -27.14
N LEU G 123 16.41 -27.33 -28.03
CA LEU G 123 16.07 -27.63 -29.41
C LEU G 123 16.63 -29.00 -29.77
N SER G 124 15.87 -29.79 -30.53
CA SER G 124 16.39 -31.10 -30.87
C SER G 124 17.28 -30.99 -32.11
N HIS G 125 18.04 -32.06 -32.37
CA HIS G 125 19.02 -32.01 -33.44
C HIS G 125 18.35 -31.73 -34.78
N GLN G 126 17.44 -32.61 -35.19
CA GLN G 126 16.74 -32.50 -36.47
C GLN G 126 16.35 -31.05 -36.75
N GLU G 127 15.62 -30.46 -35.82
CA GLU G 127 15.21 -29.07 -35.97
C GLU G 127 16.39 -28.11 -35.86
N GLN G 128 17.48 -28.52 -35.20
CA GLN G 128 18.66 -27.67 -35.20
C GLN G 128 19.21 -27.49 -36.60
N GLU G 129 19.45 -28.58 -37.32
CA GLU G 129 19.92 -28.39 -38.69
C GLU G 129 18.82 -27.83 -39.57
N TYR G 130 17.56 -28.09 -39.24
CA TYR G 130 16.46 -27.44 -39.96
C TYR G 130 16.62 -25.94 -39.92
N LEU G 131 16.79 -25.37 -38.72
CA LEU G 131 16.90 -23.93 -38.59
C LEU G 131 18.19 -23.43 -39.23
N LYS G 132 19.28 -24.19 -39.10
CA LYS G 132 20.53 -23.77 -39.74
C LYS G 132 20.37 -23.67 -41.24
N GLU G 133 19.79 -24.69 -41.87
CA GLU G 133 19.58 -24.66 -43.31
C GLU G 133 18.56 -23.61 -43.70
N TYR G 134 17.59 -23.34 -42.84
CA TYR G 134 16.63 -22.27 -43.11
C TYR G 134 17.34 -20.91 -43.13
N CYS G 135 18.26 -20.70 -42.19
CA CYS G 135 19.07 -19.48 -42.22
C CYS G 135 19.92 -19.42 -43.48
N ASP G 136 20.49 -20.56 -43.88
CA ASP G 136 21.25 -20.61 -45.13
C ASP G 136 20.38 -20.21 -46.31
N LEU G 137 19.15 -20.71 -46.33
CA LEU G 137 18.21 -20.36 -47.38
C LEU G 137 17.91 -18.87 -47.37
N ILE G 138 17.74 -18.29 -46.18
CA ILE G 138 17.52 -16.85 -46.07
C ILE G 138 18.69 -16.10 -46.68
N THR G 139 19.91 -16.54 -46.36
CA THR G 139 21.09 -15.92 -46.95
C THR G 139 21.08 -16.05 -48.47
N ASP G 140 20.66 -17.20 -48.97
CA ASP G 140 20.57 -17.41 -50.41
C ASP G 140 19.60 -16.42 -51.03
N LEU G 141 18.47 -16.18 -50.36
CA LEU G 141 17.56 -15.13 -50.80
C LEU G 141 18.25 -13.79 -50.81
N LYS G 142 19.01 -13.48 -49.76
CA LYS G 142 19.88 -12.32 -49.78
C LYS G 142 20.93 -12.44 -50.87
N SER G 143 21.44 -13.65 -51.09
CA SER G 143 22.46 -13.86 -52.11
C SER G 143 21.87 -13.63 -53.50
N GLY G 144 22.74 -13.31 -54.44
CA GLY G 144 22.30 -13.11 -55.81
C GLY G 144 21.38 -11.91 -55.92
N ASP G 145 20.20 -12.14 -56.49
CA ASP G 145 19.23 -11.06 -56.70
C ASP G 145 18.67 -10.59 -55.38
N LEU G 146 18.01 -9.41 -55.39
CA LEU G 146 17.40 -8.81 -54.22
C LEU G 146 18.44 -8.46 -53.18
N VAL G 147 19.73 -8.51 -53.57
CA VAL G 147 20.80 -8.12 -52.67
C VAL G 147 20.71 -6.64 -52.35
N ASP G 148 20.10 -5.85 -53.24
CA ASP G 148 20.02 -4.41 -53.03
C ASP G 148 19.25 -4.09 -51.75
N ILE G 149 18.13 -4.76 -51.53
CA ILE G 149 17.36 -4.56 -50.31
C ILE G 149 17.77 -5.61 -49.28
N ASP G 150 17.59 -5.28 -48.01
CA ASP G 150 17.85 -6.23 -46.94
C ASP G 150 16.62 -7.14 -46.82
N LEU G 151 16.84 -8.44 -47.05
CA LEU G 151 15.74 -9.39 -46.97
C LEU G 151 15.09 -9.36 -45.59
N SER G 152 15.91 -9.19 -44.56
CA SER G 152 15.42 -8.96 -43.21
C SER G 152 15.40 -7.48 -42.84
N GLY G 153 15.15 -6.62 -43.83
CA GLY G 153 15.13 -5.19 -43.59
C GLY G 153 14.08 -4.76 -42.58
N SER G 154 14.31 -3.63 -41.92
CA SER G 154 13.40 -3.16 -40.90
C SER G 154 12.01 -2.95 -41.49
N LEU G 155 11.01 -3.47 -40.81
CA LEU G 155 9.64 -3.34 -41.28
C LEU G 155 8.99 -2.05 -40.82
N VAL G 156 9.65 -1.28 -39.97
CA VAL G 156 9.17 0.04 -39.59
C VAL G 156 9.47 1.02 -40.73
N PRO G 157 8.54 1.89 -41.10
CA PRO G 157 8.84 2.92 -42.09
C PRO G 157 9.97 3.81 -41.61
N PRO G 158 10.86 4.21 -42.51
CA PRO G 158 12.00 5.06 -42.10
C PRO G 158 11.54 6.48 -41.83
N SER G 159 11.84 6.97 -40.63
CA SER G 159 11.44 8.32 -40.23
C SER G 159 12.44 9.37 -40.72
N ASP G 160 13.69 9.27 -40.30
CA ASP G 160 14.70 10.27 -40.62
C ASP G 160 16.06 9.59 -40.71
N VAL G 161 16.78 9.86 -41.80
CA VAL G 161 18.08 9.24 -42.00
C VAL G 161 19.09 9.74 -40.98
N PHE G 162 19.19 11.05 -40.81
CA PHE G 162 20.16 11.60 -39.86
C PHE G 162 19.55 11.73 -38.48
N ILE G 163 20.14 11.05 -37.51
CA ILE G 163 19.69 11.08 -36.13
C ILE G 163 20.92 11.03 -35.24
N ASP G 164 20.84 11.70 -34.10
CA ASP G 164 21.92 11.69 -33.13
C ASP G 164 21.74 10.52 -32.17
N VAL G 165 22.82 9.80 -31.92
CA VAL G 165 22.78 8.60 -31.09
C VAL G 165 23.90 8.66 -30.07
N ARG G 166 23.57 8.35 -28.82
CA ARG G 166 24.58 8.22 -27.79
C ARG G 166 25.04 6.77 -27.69
N VAL G 167 26.34 6.60 -27.49
CA VAL G 167 26.95 5.26 -27.50
C VAL G 167 26.56 4.56 -26.21
N LEU G 168 25.89 3.41 -26.34
CA LEU G 168 25.48 2.66 -25.15
C LEU G 168 26.68 2.09 -24.41
N LYS G 169 27.59 1.44 -25.13
CA LYS G 169 28.77 0.84 -24.52
C LYS G 169 30.00 1.20 -25.33
N ASP G 170 31.11 1.45 -24.64
CA ASP G 170 32.34 1.84 -25.29
C ASP G 170 32.97 0.61 -25.94
N ALA G 171 33.16 0.67 -27.27
CA ALA G 171 33.70 -0.46 -28.02
C ALA G 171 34.76 -0.02 -29.01
N GLY G 172 35.34 1.16 -28.85
CA GLY G 172 36.35 1.63 -29.76
C GLY G 172 35.75 2.09 -31.08
N GLU G 173 36.64 2.27 -32.06
CA GLU G 173 36.21 2.73 -33.38
C GLU G 173 35.62 1.57 -34.18
N ILE G 174 34.55 1.88 -34.91
CA ILE G 174 33.98 0.96 -35.89
C ILE G 174 33.84 1.67 -37.21
N GLN G 175 34.35 1.04 -38.27
CA GLN G 175 34.39 1.67 -39.58
C GLN G 175 33.01 1.71 -40.20
N THR G 176 32.62 2.89 -40.67
CA THR G 176 31.41 3.07 -41.46
C THR G 176 31.79 3.02 -42.94
N GLU G 177 30.83 3.40 -43.80
CA GLU G 177 31.12 3.42 -45.23
C GLU G 177 32.18 4.45 -45.56
N TYR G 178 32.05 5.67 -45.03
CA TYR G 178 33.01 6.74 -45.34
C TYR G 178 33.50 7.50 -44.13
N GLY G 179 32.78 7.55 -43.02
CA GLY G 179 33.15 8.35 -41.87
C GLY G 179 33.67 7.49 -40.74
N VAL G 180 34.79 7.92 -40.16
CA VAL G 180 35.32 7.25 -38.97
C VAL G 180 34.35 7.48 -37.82
N PHE G 181 34.17 6.46 -36.99
CA PHE G 181 33.27 6.56 -35.85
C PHE G 181 33.80 5.72 -34.70
N ASN G 182 34.21 6.39 -33.62
CA ASN G 182 34.66 5.74 -32.41
C ASN G 182 33.48 5.61 -31.45
N LEU G 183 33.28 4.40 -30.93
CA LEU G 183 32.22 4.15 -29.95
C LEU G 183 32.76 4.46 -28.56
N ILE G 184 32.89 5.74 -28.28
CA ILE G 184 33.29 6.21 -26.96
C ILE G 184 32.04 6.25 -26.10
N LYS G 185 32.12 5.64 -24.92
CA LYS G 185 30.97 5.45 -24.03
C LYS G 185 30.17 6.75 -23.89
N ASP G 186 28.89 6.68 -24.25
CA ASP G 186 27.95 7.79 -24.06
C ASP G 186 28.41 9.03 -24.82
N SER G 187 28.50 8.90 -26.13
CA SER G 187 28.88 10.01 -27.00
C SER G 187 27.82 10.20 -28.07
N GLN G 188 27.27 11.41 -28.16
CA GLN G 188 26.29 11.71 -29.18
C GLN G 188 26.93 11.66 -30.55
N PHE G 189 26.15 11.25 -31.55
CA PHE G 189 26.69 11.10 -32.90
C PHE G 189 25.52 11.19 -33.88
N PHE G 190 25.51 12.25 -34.67
CA PHE G 190 24.38 12.57 -35.55
C PHE G 190 24.77 12.25 -37.00
N VAL G 191 24.36 11.07 -37.48
CA VAL G 191 24.74 10.58 -38.79
C VAL G 191 23.60 9.82 -39.44
N ARG G 192 23.86 9.25 -40.62
CA ARG G 192 22.84 8.56 -41.38
C ARG G 192 22.27 7.38 -40.60
N GLN G 193 21.18 6.83 -41.16
CA GLN G 193 20.35 5.89 -40.42
C GLN G 193 20.83 4.45 -40.56
N SER G 194 21.51 4.11 -41.66
CA SER G 194 21.97 2.73 -41.87
C SER G 194 22.92 2.28 -40.77
N ASP G 195 23.95 3.09 -40.50
CA ASP G 195 24.95 2.70 -39.52
C ASP G 195 24.33 2.58 -38.14
N VAL G 196 23.50 3.54 -37.75
CA VAL G 196 22.91 3.51 -36.42
C VAL G 196 21.98 2.33 -36.27
N GLU G 197 21.22 2.02 -37.34
CA GLU G 197 20.40 0.80 -37.29
C GLU G 197 21.24 -0.43 -37.07
N ARG G 198 22.31 -0.59 -37.85
CA ARG G 198 23.07 -1.83 -37.75
C ARG G 198 23.75 -1.96 -36.40
N LEU G 199 24.12 -0.82 -35.79
CA LEU G 199 24.71 -0.90 -34.46
C LEU G 199 23.66 -1.14 -33.39
N ILE G 200 22.43 -0.66 -33.59
CA ILE G 200 21.32 -1.03 -32.73
C ILE G 200 21.10 -2.53 -32.80
N GLN G 201 21.30 -3.12 -33.98
CA GLN G 201 21.17 -4.57 -34.12
C GLN G 201 22.11 -5.29 -33.17
N GLN G 202 23.34 -4.78 -33.02
CA GLN G 202 24.22 -5.26 -31.98
C GLN G 202 23.94 -4.59 -30.63
N GLY G 203 23.13 -3.54 -30.62
CA GLY G 203 22.77 -2.87 -29.39
C GLY G 203 23.81 -1.95 -28.81
N TYR G 204 24.94 -1.75 -29.51
CA TYR G 204 25.99 -0.90 -28.97
C TYR G 204 25.56 0.56 -28.90
N LEU G 205 24.49 0.92 -29.61
CA LEU G 205 23.92 2.24 -29.54
C LEU G 205 22.58 2.20 -28.80
N GLN G 206 22.01 3.36 -28.56
CA GLN G 206 20.81 3.45 -27.72
C GLN G 206 20.15 4.81 -27.90
N LYS G 207 19.04 5.00 -27.18
CA LYS G 207 18.24 6.21 -27.01
C LYS G 207 17.69 6.74 -28.34
N ILE G 208 17.92 6.02 -29.42
CA ILE G 208 17.68 6.54 -30.77
C ILE G 208 18.48 7.84 -30.91
N MET H 1 10.38 -13.60 -38.22
CA MET H 1 9.75 -14.38 -39.27
C MET H 1 9.68 -13.57 -40.56
N SER H 2 9.00 -14.10 -41.57
CA SER H 2 8.77 -13.32 -42.78
C SER H 2 7.96 -12.07 -42.48
N LEU H 3 6.90 -12.20 -41.69
CA LEU H 3 6.03 -11.08 -41.38
C LEU H 3 5.29 -11.31 -40.07
N PRO H 4 5.44 -10.41 -39.11
CA PRO H 4 4.70 -10.53 -37.85
C PRO H 4 3.20 -10.53 -38.08
N ALA H 5 2.49 -11.30 -37.26
CA ALA H 5 1.05 -11.49 -37.45
C ALA H 5 0.31 -10.17 -37.37
N HIS H 6 0.69 -9.32 -36.40
CA HIS H 6 0.01 -8.03 -36.27
C HIS H 6 0.18 -7.20 -37.53
N LEU H 7 1.33 -7.30 -38.18
CA LEU H 7 1.59 -6.49 -39.36
C LEU H 7 0.71 -6.94 -40.53
N GLN H 8 0.60 -8.24 -40.77
CA GLN H 8 -0.19 -8.71 -41.90
C GLN H 8 -1.67 -8.45 -41.69
N GLN H 9 -2.13 -8.43 -40.43
CA GLN H 9 -3.54 -8.19 -40.16
C GLN H 9 -3.96 -6.80 -40.61
N THR H 10 -3.16 -5.79 -40.32
CA THR H 10 -3.56 -4.41 -40.58
C THR H 10 -2.32 -3.57 -40.82
N PHE H 11 -2.51 -2.44 -41.50
CA PHE H 11 -1.41 -1.53 -41.75
C PHE H 11 -1.12 -0.72 -40.49
N SER H 12 0.16 -0.66 -40.13
CA SER H 12 0.54 0.06 -38.93
C SER H 12 0.32 1.56 -39.12
N PRO H 13 0.12 2.31 -38.04
CA PRO H 13 0.00 3.77 -38.19
C PRO H 13 1.19 4.39 -38.88
N GLU H 14 2.38 3.85 -38.66
CA GLU H 14 3.56 4.33 -39.36
C GLU H 14 3.47 4.06 -40.85
N GLU H 15 2.90 2.92 -41.23
CA GLU H 15 2.68 2.67 -42.66
C GLU H 15 1.69 3.67 -43.23
N ILE H 16 0.63 3.99 -42.48
CA ILE H 16 -0.29 5.03 -42.92
C ILE H 16 0.45 6.33 -43.11
N GLN H 17 1.34 6.66 -42.16
CA GLN H 17 2.11 7.88 -42.25
C GLN H 17 2.97 7.89 -43.50
N PHE H 18 3.59 6.75 -43.81
CA PHE H 18 4.37 6.63 -45.03
C PHE H 18 3.52 6.87 -46.26
N ILE H 19 2.33 6.25 -46.29
CA ILE H 19 1.44 6.41 -47.44
C ILE H 19 1.07 7.87 -47.63
N VAL H 20 0.76 8.55 -46.52
CA VAL H 20 0.43 9.96 -46.60
C VAL H 20 1.63 10.76 -47.07
N GLU H 21 2.83 10.37 -46.63
CA GLU H 21 4.05 11.00 -47.12
C GLU H 21 4.15 10.88 -48.63
N ASN H 22 3.66 9.77 -49.19
CA ASN H 22 3.68 9.61 -50.63
C ASN H 22 2.72 10.56 -51.34
N GLU H 23 1.88 11.26 -50.61
CA GLU H 23 0.94 12.19 -51.24
C GLU H 23 1.65 13.48 -51.65
N PRO H 24 1.25 14.11 -52.75
CA PRO H 24 1.77 15.44 -53.06
C PRO H 24 1.13 16.49 -52.17
N ILE H 25 1.76 17.67 -52.15
CA ILE H 25 1.29 18.77 -51.31
C ILE H 25 1.79 20.10 -51.85
N LYS H 26 0.99 21.14 -51.64
CA LYS H 26 1.34 22.51 -52.01
C LYS H 26 2.25 23.11 -50.96
N ILE H 27 3.33 23.77 -51.41
CA ILE H 27 4.31 24.39 -50.52
C ILE H 27 4.78 25.70 -51.14
N PHE H 28 5.51 26.49 -50.34
CA PHE H 28 6.26 27.63 -50.83
C PHE H 28 7.76 27.41 -50.64
N PRO H 29 8.55 27.67 -51.67
CA PRO H 29 10.00 27.55 -51.54
C PRO H 29 10.59 28.74 -50.81
N ARG H 30 11.77 28.51 -50.24
CA ARG H 30 12.65 29.60 -49.85
C ARG H 30 13.96 29.55 -50.62
N ILE H 31 14.00 28.77 -51.70
CA ILE H 31 15.17 28.66 -52.57
C ILE H 31 14.70 28.75 -54.01
N THR H 32 15.44 29.50 -54.81
CA THR H 32 15.19 29.60 -56.25
C THR H 32 16.01 28.50 -56.92
N THR H 33 15.44 27.30 -56.98
CA THR H 33 16.13 26.21 -57.67
C THR H 33 16.34 26.53 -59.13
N ARG H 34 15.52 27.41 -59.70
CA ARG H 34 15.76 27.90 -61.04
C ARG H 34 17.11 28.60 -61.11
N GLN H 35 17.83 28.34 -62.20
CA GLN H 35 19.14 28.92 -62.42
C GLN H 35 19.02 30.01 -63.49
N LYS H 36 19.58 31.18 -63.19
CA LYS H 36 19.50 32.29 -64.12
C LYS H 36 20.17 31.94 -65.44
N ILE H 37 19.50 32.27 -66.54
CA ILE H 37 20.12 32.19 -67.85
C ILE H 37 21.24 33.21 -68.00
N ARG H 38 21.24 34.24 -67.17
CA ARG H 38 22.21 35.33 -67.26
C ARG H 38 23.50 34.96 -66.56
N HIS H 47 24.71 22.61 -61.42
CA HIS H 47 24.64 22.22 -60.02
C HIS H 47 24.34 20.73 -59.90
N THR H 48 23.21 20.41 -59.26
CA THR H 48 22.80 19.02 -59.06
C THR H 48 21.29 18.95 -59.10
N ARG H 49 20.75 18.12 -59.98
CA ARG H 49 19.31 17.96 -60.07
C ARG H 49 18.86 16.80 -59.19
N TRP H 50 17.59 16.86 -58.80
CA TRP H 50 17.08 15.92 -57.81
C TRP H 50 16.88 14.53 -58.40
N GLN H 51 16.48 14.47 -59.67
CA GLN H 51 16.53 13.25 -60.47
C GLN H 51 15.86 12.07 -59.76
N LEU H 52 14.59 12.26 -59.41
CA LEU H 52 13.82 11.29 -58.66
C LEU H 52 12.98 10.45 -59.61
N ILE H 53 13.07 9.13 -59.48
CA ILE H 53 12.23 8.25 -60.29
C ILE H 53 10.78 8.34 -59.83
N THR H 54 10.55 8.39 -58.52
CA THR H 54 9.19 8.33 -58.00
C THR H 54 8.44 9.63 -58.24
N THR H 55 9.17 10.74 -58.41
CA THR H 55 8.55 12.04 -58.56
C THR H 55 9.32 12.87 -59.56
N ASP H 56 8.59 13.62 -60.38
CA ASP H 56 9.19 14.47 -61.40
C ASP H 56 10.04 15.55 -60.73
N ASP H 57 11.37 15.47 -60.91
CA ASP H 57 12.23 16.49 -60.36
C ASP H 57 12.21 17.77 -61.17
N LYS H 58 11.57 17.78 -62.33
CA LYS H 58 11.51 18.99 -63.14
C LYS H 58 10.88 20.12 -62.35
N ALA H 59 9.79 19.82 -61.64
CA ALA H 59 9.28 20.78 -60.66
C ALA H 59 10.33 21.05 -59.60
N LEU H 60 11.00 20.00 -59.13
CA LEU H 60 12.02 20.16 -58.10
C LEU H 60 13.19 21.00 -58.62
N ASN H 61 13.46 20.94 -59.91
CA ASN H 61 14.49 21.82 -60.47
C ASN H 61 13.99 23.25 -60.64
N ASN H 62 12.70 23.49 -60.38
CA ASN H 62 12.07 24.74 -60.81
C ASN H 62 11.56 25.61 -59.67
N MET H 63 11.80 25.26 -58.41
CA MET H 63 11.30 26.12 -57.34
C MET H 63 11.98 27.48 -57.37
N VAL H 64 11.20 28.51 -57.06
CA VAL H 64 11.68 29.85 -56.77
C VAL H 64 11.10 30.25 -55.43
N ALA H 65 11.92 30.86 -54.59
CA ALA H 65 11.48 31.24 -53.24
C ALA H 65 10.16 31.99 -53.28
N MET H 66 9.21 31.56 -52.46
CA MET H 66 7.88 32.16 -52.38
C MET H 66 7.17 32.15 -53.73
N ARG H 67 6.93 30.95 -54.24
CA ARG H 67 6.12 30.78 -55.45
C ARG H 67 5.29 29.52 -55.33
N SER H 68 4.28 29.41 -56.18
CA SER H 68 3.36 28.28 -56.11
C SER H 68 4.05 27.00 -56.58
N THR H 69 4.24 26.06 -55.65
CA THR H 69 4.88 24.80 -55.95
C THR H 69 4.17 23.65 -55.23
N GLU H 70 3.97 22.56 -55.96
CA GLU H 70 3.41 21.33 -55.41
C GLU H 70 4.48 20.26 -55.42
N VAL H 71 4.68 19.61 -54.27
CA VAL H 71 5.67 18.54 -54.15
C VAL H 71 5.06 17.41 -53.32
N VAL H 72 5.72 16.24 -53.36
CA VAL H 72 5.27 15.13 -52.55
C VAL H 72 5.51 15.48 -51.08
N LEU H 73 4.74 14.84 -50.20
CA LEU H 73 4.69 15.27 -48.81
C LEU H 73 6.03 15.09 -48.11
N TRP H 74 6.65 13.92 -48.25
CA TRP H 74 7.79 13.61 -47.40
C TRP H 74 8.98 14.52 -47.68
N ILE H 75 9.24 14.82 -48.97
CA ILE H 75 10.31 15.77 -49.26
C ILE H 75 9.96 17.14 -48.71
N ALA H 76 8.68 17.49 -48.74
CA ALA H 76 8.25 18.77 -48.18
C ALA H 76 8.55 18.82 -46.69
N LEU H 77 8.27 17.74 -45.98
CA LEU H 77 8.58 17.68 -44.55
C LEU H 77 10.08 17.76 -44.32
N LEU H 78 10.85 17.05 -45.14
CA LEU H 78 12.29 17.07 -45.02
C LEU H 78 12.82 18.49 -45.15
N LEU H 79 12.36 19.21 -46.16
CA LEU H 79 12.85 20.57 -46.38
C LEU H 79 12.27 21.53 -45.36
N LYS H 80 11.09 21.22 -44.81
CA LYS H 80 10.50 22.07 -43.80
C LYS H 80 11.26 21.95 -42.48
N GLN H 81 11.81 20.76 -42.21
CA GLN H 81 12.77 20.63 -41.12
C GLN H 81 13.88 21.65 -41.30
N GLN H 82 14.38 21.77 -42.52
CA GLN H 82 15.28 22.84 -42.86
C GLN H 82 14.52 24.17 -42.94
N SER H 83 15.28 25.25 -42.95
CA SER H 83 14.66 26.57 -43.06
C SER H 83 14.24 26.90 -44.48
N LYS H 84 14.45 26.00 -45.44
CA LYS H 84 14.34 26.35 -46.85
C LYS H 84 12.95 26.09 -47.44
N CYS H 85 12.00 25.56 -46.67
CA CYS H 85 10.70 25.20 -47.21
C CYS H 85 9.58 25.85 -46.40
N SER H 86 8.52 26.24 -47.10
CA SER H 86 7.31 26.78 -46.48
C SER H 86 6.13 25.95 -46.96
N ILE H 87 5.31 25.47 -46.02
CA ILE H 87 4.22 24.56 -46.34
C ILE H 87 2.93 25.37 -46.50
N VAL H 88 2.00 24.81 -47.28
CA VAL H 88 0.70 25.41 -47.52
C VAL H 88 -0.37 24.53 -46.91
N ALA H 89 -1.22 25.12 -46.08
CA ALA H 89 -2.31 24.39 -45.45
C ALA H 89 -3.39 24.04 -46.47
N PRO H 90 -4.04 22.89 -46.32
CA PRO H 90 -5.14 22.53 -47.21
C PRO H 90 -6.39 23.36 -46.94
N GLN H 91 -7.25 23.40 -47.95
CA GLN H 91 -8.44 24.24 -47.87
C GLN H 91 -9.43 23.68 -46.85
N TRP H 92 -9.60 22.36 -46.82
CA TRP H 92 -10.45 21.77 -45.79
C TRP H 92 -9.89 22.05 -44.40
N LEU H 93 -8.57 22.18 -44.27
CA LEU H 93 -7.97 22.47 -42.98
C LEU H 93 -8.40 23.82 -42.44
N THR H 94 -8.88 24.72 -43.29
CA THR H 94 -9.29 26.04 -42.83
C THR H 94 -10.40 25.93 -41.80
N THR H 95 -10.34 26.81 -40.79
CA THR H 95 -11.27 26.74 -39.68
C THR H 95 -12.72 26.85 -40.15
N LYS H 96 -12.98 27.66 -41.18
CA LYS H 96 -14.34 27.79 -41.68
C LYS H 96 -14.83 26.46 -42.24
N GLU H 97 -13.97 25.79 -43.02
CA GLU H 97 -14.33 24.47 -43.54
C GLU H 97 -14.55 23.49 -42.41
N LEU H 98 -13.71 23.55 -41.38
CA LEU H 98 -13.86 22.66 -40.24
C LEU H 98 -15.21 22.87 -39.58
N ASP H 99 -15.60 24.14 -39.40
CA ASP H 99 -16.88 24.44 -38.78
C ASP H 99 -18.03 23.94 -39.65
N ARG H 100 -17.92 24.12 -40.96
CA ARG H 100 -18.96 23.61 -41.85
C ARG H 100 -19.08 22.10 -41.75
N LYS H 101 -17.95 21.41 -41.70
CA LYS H 101 -17.99 19.95 -41.57
C LYS H 101 -18.59 19.53 -40.24
N ILE H 102 -18.27 20.26 -39.17
CA ILE H 102 -18.86 19.96 -37.87
C ILE H 102 -20.36 20.12 -37.93
N GLN H 103 -20.82 21.22 -38.52
CA GLN H 103 -22.25 21.46 -38.63
C GLN H 103 -22.93 20.39 -39.46
N TYR H 104 -22.27 19.97 -40.55
CA TYR H 104 -22.81 18.89 -41.36
C TYR H 104 -22.96 17.62 -40.54
N GLU H 105 -21.91 17.26 -39.81
CA GLU H 105 -21.94 16.02 -39.03
C GLU H 105 -23.04 16.06 -38.00
N LYS H 106 -23.18 17.19 -37.30
CA LYS H 106 -24.29 17.34 -36.38
C LYS H 106 -25.63 17.27 -37.11
N THR H 107 -25.67 17.76 -38.35
CA THR H 107 -26.92 17.77 -39.10
C THR H 107 -27.31 16.38 -39.56
N HIS H 108 -26.32 15.54 -39.84
CA HIS H 108 -26.55 14.23 -40.45
C HIS H 108 -25.91 13.15 -39.60
N PRO H 109 -26.57 12.76 -38.51
CA PRO H 109 -26.04 11.67 -37.68
C PRO H 109 -25.93 10.36 -38.43
N ASP H 110 -26.71 10.20 -39.50
CA ASP H 110 -26.70 8.94 -40.24
C ASP H 110 -25.33 8.67 -40.86
N ARG H 111 -24.71 9.69 -41.44
CA ARG H 111 -23.55 9.50 -42.30
C ARG H 111 -22.43 10.44 -41.89
N PHE H 112 -21.32 10.34 -42.61
CA PHE H 112 -20.13 11.13 -42.33
C PHE H 112 -19.98 12.21 -43.38
N SER H 113 -18.93 13.03 -43.25
CA SER H 113 -18.64 14.10 -44.20
C SER H 113 -17.45 13.71 -45.06
N GLU H 114 -17.44 14.24 -46.29
CA GLU H 114 -16.46 13.84 -47.29
C GLU H 114 -15.08 14.40 -46.97
N LEU H 115 -14.52 13.95 -45.87
CA LEU H 115 -13.18 14.38 -45.49
C LEU H 115 -12.12 13.65 -46.30
N PRO H 116 -11.01 14.29 -46.58
CA PRO H 116 -9.91 13.60 -47.26
C PRO H 116 -9.27 12.57 -46.34
N TRP H 117 -9.50 11.29 -46.63
CA TRP H 117 -9.22 10.17 -45.73
C TRP H 117 -7.96 10.37 -44.90
N ASN H 118 -6.90 10.86 -45.52
CA ASN H 118 -5.64 11.10 -44.83
C ASN H 118 -5.66 12.33 -43.93
N TRP H 119 -6.81 13.00 -43.79
CA TRP H 119 -6.87 14.25 -43.05
C TRP H 119 -6.37 14.12 -41.62
N LEU H 120 -6.64 12.98 -40.98
CA LEU H 120 -6.17 12.77 -39.61
C LEU H 120 -4.65 12.80 -39.56
N VAL H 121 -4.01 12.02 -40.42
CA VAL H 121 -2.56 11.94 -40.43
C VAL H 121 -1.96 13.28 -40.83
N LEU H 122 -2.57 13.95 -41.82
CA LEU H 122 -2.13 15.27 -42.21
C LEU H 122 -2.15 16.22 -41.03
N ALA H 123 -3.26 16.22 -40.30
CA ALA H 123 -3.37 17.10 -39.14
C ALA H 123 -2.29 16.79 -38.12
N ARG H 124 -2.06 15.50 -37.86
CA ARG H 124 -1.01 15.14 -36.93
C ARG H 124 0.33 15.70 -37.35
N ILE H 125 0.72 15.44 -38.59
CA ILE H 125 2.06 15.81 -39.04
C ILE H 125 2.21 17.32 -39.03
N LEU H 126 1.19 18.03 -39.53
CA LEU H 126 1.28 19.49 -39.58
C LEU H 126 1.35 20.08 -38.19
N PHE H 127 0.56 19.54 -37.26
CA PHE H 127 0.69 19.99 -35.88
C PHE H 127 2.08 19.70 -35.34
N ASN H 128 2.68 18.59 -35.76
CA ASN H 128 4.04 18.28 -35.33
C ASN H 128 5.04 19.29 -35.85
N LYS H 129 4.91 19.68 -37.12
CA LYS H 129 5.93 20.52 -37.73
C LYS H 129 5.39 21.86 -38.22
N ALA H 130 4.25 21.83 -38.88
CA ALA H 130 3.75 23.05 -39.53
C ALA H 130 3.03 23.97 -38.59
N LYS H 131 3.27 23.84 -37.29
CA LYS H 131 2.59 24.68 -36.31
C LYS H 131 2.77 26.16 -36.63
N ASP H 132 3.93 26.52 -37.17
CA ASP H 132 4.22 27.92 -37.47
C ASP H 132 3.33 28.45 -38.59
N ASP H 133 3.12 27.65 -39.63
CA ASP H 133 2.56 28.19 -40.86
C ASP H 133 1.03 28.26 -40.83
N PHE H 134 0.40 27.77 -39.77
CA PHE H 134 -1.05 27.87 -39.68
C PHE H 134 -1.48 29.31 -39.47
N HIS H 135 -2.21 29.86 -40.44
CA HIS H 135 -2.76 31.21 -40.27
C HIS H 135 -3.75 31.25 -39.11
N ASP H 136 -4.60 30.24 -39.01
CA ASP H 136 -5.51 30.16 -37.88
C ASP H 136 -4.75 29.70 -36.64
N PRO H 137 -5.18 30.13 -35.46
CA PRO H 137 -4.56 29.63 -34.23
C PRO H 137 -4.67 28.12 -34.12
N ILE H 138 -3.54 27.49 -33.78
CA ILE H 138 -3.42 26.05 -33.93
C ILE H 138 -4.29 25.31 -32.92
N HIS H 139 -4.36 25.82 -31.69
CA HIS H 139 -5.05 25.10 -30.63
C HIS H 139 -6.52 24.91 -30.96
N GLU H 140 -7.16 25.92 -31.53
CA GLU H 140 -8.56 25.78 -31.91
C GLU H 140 -8.71 24.72 -32.99
N LEU H 141 -7.76 24.66 -33.92
CA LEU H 141 -7.79 23.62 -34.94
C LEU H 141 -7.67 22.24 -34.30
N ARG H 142 -6.78 22.09 -33.32
CA ARG H 142 -6.65 20.83 -32.61
C ARG H 142 -7.98 20.45 -31.97
N GLY H 143 -8.61 21.40 -31.29
CA GLY H 143 -9.87 21.12 -30.64
C GLY H 143 -10.95 20.71 -31.63
N LYS H 144 -11.04 21.42 -32.75
CA LYS H 144 -12.07 21.11 -33.74
C LYS H 144 -11.86 19.74 -34.34
N ILE H 145 -10.62 19.40 -34.70
CA ILE H 145 -10.38 18.09 -35.28
C ILE H 145 -10.61 17.00 -34.24
N GLN H 146 -10.29 17.27 -32.98
CA GLN H 146 -10.60 16.32 -31.93
C GLN H 146 -12.10 16.07 -31.85
N ASP H 147 -12.88 17.15 -31.90
CA ASP H 147 -14.33 17.02 -31.83
C ASP H 147 -14.86 16.23 -33.01
N LEU H 148 -14.31 16.49 -34.20
CA LEU H 148 -14.73 15.73 -35.38
C LEU H 148 -14.41 14.25 -35.21
N ARG H 149 -13.23 13.95 -34.67
CA ARG H 149 -12.87 12.57 -34.40
C ARG H 149 -13.86 11.92 -33.44
N GLU H 150 -14.22 12.64 -32.38
CA GLU H 150 -15.19 12.12 -31.41
C GLU H 150 -16.51 11.83 -32.09
N ILE H 151 -17.00 12.77 -32.89
CA ILE H 151 -18.29 12.62 -33.55
C ILE H 151 -18.25 11.43 -34.49
N ARG H 152 -17.17 11.28 -35.24
CA ARG H 152 -17.05 10.13 -36.13
C ARG H 152 -17.08 8.83 -35.35
N GLN H 153 -16.38 8.78 -34.21
CA GLN H 153 -16.42 7.59 -33.38
C GLN H 153 -17.83 7.28 -32.92
N ILE H 154 -18.55 8.31 -32.47
CA ILE H 154 -19.91 8.11 -31.98
C ILE H 154 -20.80 7.58 -33.09
N LYS H 155 -20.69 8.18 -34.28
CA LYS H 155 -21.45 7.69 -35.42
C LYS H 155 -21.11 6.25 -35.73
N VAL H 156 -19.85 5.87 -35.53
CA VAL H 156 -19.46 4.47 -35.67
C VAL H 156 -20.24 3.62 -34.68
N LEU H 157 -20.35 4.09 -33.44
CA LEU H 157 -21.00 3.30 -32.39
C LEU H 157 -22.42 2.94 -32.77
N LYS H 158 -23.18 3.91 -33.29
CA LYS H 158 -24.53 3.60 -33.75
C LYS H 158 -24.49 2.60 -34.91
N GLY H 159 -23.48 2.70 -35.76
CA GLY H 159 -23.31 1.70 -36.80
C GLY H 159 -23.05 0.32 -36.22
N LEU H 160 -22.33 0.27 -35.09
CA LEU H 160 -22.09 -1.01 -34.43
C LEU H 160 -23.40 -1.64 -33.98
N LYS H 161 -24.38 -0.81 -33.62
CA LYS H 161 -25.71 -1.34 -33.33
C LYS H 161 -26.30 -2.03 -34.55
N TYR H 162 -25.88 -1.62 -35.74
CA TYR H 162 -26.44 -2.13 -36.99
C TYR H 162 -25.48 -3.02 -37.75
N LEU H 163 -24.54 -3.66 -37.07
CA LEU H 163 -23.64 -4.59 -37.75
C LEU H 163 -24.43 -5.73 -38.36
N ASN H 164 -24.05 -6.10 -39.58
CA ASN H 164 -24.78 -7.09 -40.35
C ASN H 164 -23.84 -8.20 -40.79
N GLU H 165 -24.41 -9.39 -41.00
CA GLU H 165 -23.69 -10.51 -41.55
C GLU H 165 -23.56 -10.44 -43.07
N SER H 166 -24.34 -9.58 -43.73
CA SER H 166 -24.34 -9.51 -45.18
C SER H 166 -23.43 -8.42 -45.72
N HIS H 167 -23.70 -7.17 -45.35
CA HIS H 167 -23.04 -6.03 -45.98
C HIS H 167 -22.71 -4.98 -44.94
N LEU H 168 -21.50 -4.43 -45.02
CA LEU H 168 -21.10 -3.27 -44.23
C LEU H 168 -20.54 -2.22 -45.18
N GLN H 169 -21.03 -0.99 -45.04
CA GLN H 169 -20.64 0.11 -45.91
C GLN H 169 -20.20 1.31 -45.08
N LEU H 170 -19.11 1.94 -45.52
CA LEU H 170 -18.59 3.14 -44.86
C LEU H 170 -18.30 4.16 -45.95
N ASP H 171 -19.13 5.21 -46.02
CA ASP H 171 -19.01 6.18 -47.11
C ASP H 171 -17.79 7.07 -46.95
N ASN H 172 -17.69 7.77 -45.82
CA ASN H 172 -16.75 8.87 -45.67
C ASN H 172 -15.78 8.68 -44.52
N LEU H 173 -15.56 7.45 -44.08
CA LEU H 173 -14.68 7.22 -42.94
C LEU H 173 -13.22 7.37 -43.35
N SER H 174 -12.42 7.94 -42.46
CA SER H 174 -11.01 8.22 -42.75
C SER H 174 -10.20 6.93 -42.81
N LEU H 175 -9.05 7.02 -43.48
CA LEU H 175 -8.20 5.85 -43.63
C LEU H 175 -7.66 5.39 -42.28
N LEU H 176 -7.30 6.34 -41.41
CA LEU H 176 -6.75 5.98 -40.12
C LEU H 176 -7.76 5.17 -39.30
N GLU H 177 -8.98 5.69 -39.19
CA GLU H 177 -9.98 5.03 -38.36
C GLU H 177 -10.38 3.68 -38.94
N ILE H 178 -10.52 3.59 -40.25
CA ILE H 178 -10.88 2.30 -40.85
C ILE H 178 -9.74 1.30 -40.65
N ASN H 179 -8.50 1.78 -40.71
CA ASN H 179 -7.37 0.87 -40.48
C ASN H 179 -7.38 0.35 -39.05
N GLU H 180 -7.57 1.25 -38.07
CA GLU H 180 -7.55 0.79 -36.69
C GLU H 180 -8.76 -0.08 -36.39
N LEU H 181 -9.85 0.10 -37.13
CA LEU H 181 -11.05 -0.70 -36.89
C LEU H 181 -11.04 -2.02 -37.64
N ARG H 182 -10.27 -2.15 -38.70
CA ARG H 182 -10.37 -3.34 -39.56
C ARG H 182 -10.19 -4.66 -38.81
N PRO H 183 -9.26 -4.82 -37.85
CA PRO H 183 -9.09 -6.16 -37.28
C PRO H 183 -10.36 -6.66 -36.60
N PHE H 184 -10.88 -5.88 -35.66
CA PHE H 184 -12.06 -6.29 -34.92
C PHE H 184 -13.27 -6.45 -35.83
N ILE H 185 -13.46 -5.49 -36.74
CA ILE H 185 -14.61 -5.54 -37.63
C ILE H 185 -14.56 -6.77 -38.50
N THR H 186 -13.39 -7.06 -39.09
CA THR H 186 -13.25 -8.23 -39.93
C THR H 186 -13.45 -9.51 -39.13
N GLU H 187 -12.89 -9.57 -37.92
CA GLU H 187 -13.07 -10.77 -37.10
C GLU H 187 -14.56 -11.02 -36.87
N ILE H 188 -15.28 -10.00 -36.41
CA ILE H 188 -16.71 -10.16 -36.14
C ILE H 188 -17.45 -10.53 -37.40
N MET H 189 -17.14 -9.84 -38.50
CA MET H 189 -17.87 -10.01 -39.74
C MET H 189 -17.70 -11.43 -40.27
N ASP H 190 -16.45 -11.90 -40.29
CA ASP H 190 -16.18 -13.24 -40.80
C ASP H 190 -16.71 -14.31 -39.86
N LYS H 191 -16.72 -14.04 -38.55
CA LYS H 191 -17.35 -14.98 -37.63
C LYS H 191 -18.83 -15.11 -37.90
N LEU H 192 -19.51 -13.98 -38.14
CA LEU H 192 -20.92 -14.04 -38.51
C LEU H 192 -21.11 -14.80 -39.81
N ARG H 193 -20.23 -14.56 -40.79
CA ARG H 193 -20.32 -15.27 -42.05
C ARG H 193 -20.17 -16.77 -41.85
N GLU H 194 -19.20 -17.17 -41.04
CA GLU H 194 -19.00 -18.59 -40.75
C GLU H 194 -20.22 -19.18 -40.06
N ILE H 195 -20.80 -18.45 -39.12
CA ILE H 195 -22.00 -18.91 -38.43
C ILE H 195 -23.10 -19.15 -39.43
N HIS H 196 -23.32 -18.19 -40.32
CA HIS H 196 -24.39 -18.33 -41.30
C HIS H 196 -24.13 -19.51 -42.23
N THR H 197 -22.88 -19.66 -42.69
CA THR H 197 -22.55 -20.77 -43.57
C THR H 197 -22.80 -22.10 -42.89
N ALA H 198 -22.42 -22.20 -41.62
CA ALA H 198 -22.72 -23.42 -40.85
C ALA H 198 -24.22 -23.63 -40.76
N SER H 199 -24.99 -22.55 -40.60
CA SER H 199 -26.44 -22.65 -40.60
C SER H 199 -26.95 -23.16 -41.95
N LEU H 200 -26.37 -22.67 -43.04
CA LEU H 200 -26.76 -23.15 -44.35
C LEU H 200 -26.30 -24.58 -44.57
N THR H 201 -27.02 -25.30 -45.41
CA THR H 201 -26.73 -26.69 -45.70
C THR H 201 -25.73 -26.81 -46.85
N MET I 1 -11.77 -23.35 -41.23
CA MET I 1 -10.96 -23.28 -40.02
C MET I 1 -9.58 -23.87 -40.27
N GLY I 2 -8.57 -23.31 -39.59
CA GLY I 2 -7.21 -23.78 -39.74
C GLY I 2 -7.01 -25.20 -39.25
N TYR I 3 -6.44 -26.06 -40.10
CA TYR I 3 -6.14 -27.42 -39.66
C TYR I 3 -5.12 -27.41 -38.54
N TYR I 4 -4.11 -26.57 -38.64
CA TYR I 4 -3.09 -26.48 -37.60
C TYR I 4 -3.52 -25.61 -36.43
N ASP I 5 -4.75 -25.08 -36.46
CA ASP I 5 -5.22 -24.28 -35.35
C ASP I 5 -5.21 -25.06 -34.04
N ILE I 6 -4.65 -24.45 -33.00
CA ILE I 6 -4.60 -25.11 -31.70
C ILE I 6 -6.01 -25.27 -31.13
N ASP I 7 -6.83 -24.22 -31.21
CA ASP I 7 -8.18 -24.29 -30.66
C ASP I 7 -9.00 -25.34 -31.40
N ASP I 8 -8.72 -25.53 -32.68
CA ASP I 8 -9.37 -26.58 -33.45
C ASP I 8 -9.16 -27.93 -32.76
N VAL I 9 -7.91 -28.25 -32.48
CA VAL I 9 -7.59 -29.53 -31.85
C VAL I 9 -8.20 -29.60 -30.46
N LEU I 10 -8.07 -28.51 -29.69
CA LEU I 10 -8.55 -28.51 -28.31
C LEU I 10 -10.06 -28.76 -28.25
N ALA I 11 -10.82 -28.02 -29.06
CA ALA I 11 -12.26 -28.24 -29.12
C ALA I 11 -12.57 -29.66 -29.60
N ASP I 12 -11.77 -30.17 -30.54
CA ASP I 12 -11.98 -31.53 -31.01
C ASP I 12 -11.79 -32.54 -29.89
N GLY I 13 -10.84 -32.28 -28.99
CA GLY I 13 -10.51 -33.27 -27.97
C GLY I 13 -11.59 -33.43 -26.91
N THR I 14 -12.37 -32.38 -26.68
CA THR I 14 -13.35 -32.40 -25.60
C THR I 14 -14.32 -33.56 -25.76
N GLU I 15 -14.57 -34.27 -24.65
CA GLU I 15 -15.49 -35.39 -24.71
C GLU I 15 -16.94 -34.91 -24.66
N PHE I 16 -17.80 -35.62 -25.39
CA PHE I 16 -19.22 -35.31 -25.44
C PHE I 16 -20.03 -36.58 -25.24
N PRO I 17 -21.20 -36.47 -24.62
CA PRO I 17 -21.99 -37.66 -24.32
C PRO I 17 -22.50 -38.34 -25.59
N CYS I 18 -22.16 -39.63 -25.72
CA CYS I 18 -22.57 -40.41 -26.87
C CYS I 18 -23.26 -41.67 -26.37
N LYS I 19 -24.43 -41.97 -26.92
CA LYS I 19 -25.15 -43.18 -26.58
C LYS I 19 -24.88 -44.24 -27.65
N PHE I 20 -24.49 -45.43 -27.21
CA PHE I 20 -24.09 -46.49 -28.13
C PHE I 20 -25.34 -47.15 -28.73
N GLN I 21 -25.61 -46.86 -29.99
CA GLN I 21 -26.69 -47.54 -30.71
C GLN I 21 -26.29 -48.93 -31.16
N TYR I 22 -25.03 -49.31 -30.96
CA TYR I 22 -24.54 -50.62 -31.34
C TYR I 22 -23.80 -51.23 -30.15
N ASP I 23 -23.81 -52.56 -30.09
CA ASP I 23 -23.05 -53.32 -29.10
C ASP I 23 -21.97 -54.09 -29.85
N ILE I 24 -20.83 -53.43 -30.05
CA ILE I 24 -19.76 -53.94 -30.89
C ILE I 24 -18.61 -54.40 -29.99
N PRO I 25 -18.16 -55.65 -30.11
CA PRO I 25 -17.09 -56.13 -29.23
C PRO I 25 -15.75 -55.50 -29.55
N GLY I 26 -14.88 -55.49 -28.54
CA GLY I 26 -13.50 -55.09 -28.69
C GLY I 26 -13.20 -53.64 -28.40
N LEU I 27 -14.22 -52.77 -28.37
CA LEU I 27 -14.01 -51.35 -28.14
C LEU I 27 -14.00 -50.99 -26.67
N GLY I 28 -13.83 -51.97 -25.77
CA GLY I 28 -13.85 -51.70 -24.35
C GLY I 28 -12.71 -50.84 -23.87
N TYR I 29 -11.62 -50.77 -24.64
CA TYR I 29 -10.52 -49.90 -24.28
C TYR I 29 -10.95 -48.44 -24.28
N LEU I 30 -11.98 -48.11 -25.09
CA LEU I 30 -12.54 -46.77 -25.05
C LEU I 30 -13.12 -46.45 -23.68
N GLU I 31 -13.55 -47.48 -22.95
CA GLU I 31 -13.98 -47.35 -21.57
C GLU I 31 -12.90 -47.78 -20.59
N ASN I 32 -11.66 -47.96 -21.06
CA ASN I 32 -10.53 -48.44 -20.27
C ASN I 32 -10.75 -49.84 -19.74
N ASN I 33 -11.67 -50.59 -20.34
CA ASN I 33 -11.91 -52.00 -20.00
C ASN I 33 -11.93 -52.80 -21.28
N PRO I 34 -10.76 -53.02 -21.89
CA PRO I 34 -10.74 -53.67 -23.22
C PRO I 34 -11.36 -55.06 -23.23
N GLY I 35 -11.27 -55.79 -22.12
CA GLY I 35 -11.88 -57.11 -22.07
C GLY I 35 -13.39 -57.05 -22.21
N ARG I 36 -14.02 -56.10 -21.52
CA ARG I 36 -15.47 -55.95 -21.61
C ARG I 36 -15.84 -55.25 -22.91
N PRO I 37 -16.72 -55.82 -23.73
CA PRO I 37 -17.08 -55.20 -25.01
C PRO I 37 -18.14 -54.11 -24.80
N ILE I 38 -18.61 -53.57 -25.92
CA ILE I 38 -19.64 -52.54 -25.91
C ILE I 38 -21.01 -53.20 -25.87
N THR I 39 -21.92 -52.62 -25.10
CA THR I 39 -23.29 -53.10 -25.01
C THR I 39 -24.25 -52.05 -25.55
N LYS I 40 -25.42 -52.52 -25.97
CA LYS I 40 -26.39 -51.68 -26.65
C LYS I 40 -26.97 -50.62 -25.72
N ASN I 41 -27.28 -49.45 -26.30
CA ASN I 41 -28.05 -48.41 -25.63
C ASN I 41 -27.34 -47.90 -24.37
N THR I 42 -26.06 -47.60 -24.51
CA THR I 42 -25.25 -47.10 -23.40
C THR I 42 -24.76 -45.70 -23.72
N LYS I 43 -25.03 -44.76 -22.82
CA LYS I 43 -24.58 -43.39 -22.96
C LYS I 43 -23.18 -43.25 -22.38
N LEU I 44 -22.31 -42.53 -23.09
CA LEU I 44 -20.94 -42.35 -22.64
C LEU I 44 -20.35 -41.11 -23.29
N SER I 45 -19.68 -40.28 -22.49
CA SER I 45 -18.97 -39.13 -23.04
C SER I 45 -17.78 -39.62 -23.86
N LEU I 46 -17.64 -39.04 -25.05
CA LEU I 46 -16.57 -39.44 -25.95
C LEU I 46 -15.98 -38.20 -26.60
N PRO I 47 -14.69 -38.20 -26.91
CA PRO I 47 -14.05 -36.98 -27.43
C PRO I 47 -14.73 -36.50 -28.70
N LEU I 48 -14.91 -35.18 -28.78
CA LEU I 48 -15.65 -34.58 -29.88
C LEU I 48 -15.09 -35.00 -31.22
N TRP I 49 -13.76 -35.02 -31.33
CA TRP I 49 -13.14 -35.40 -32.59
C TRP I 49 -13.51 -36.84 -32.97
N LEU I 50 -13.50 -37.73 -31.99
CA LEU I 50 -14.14 -39.02 -32.21
C LEU I 50 -15.64 -38.89 -32.38
N ALA I 51 -16.26 -38.04 -31.56
CA ALA I 51 -17.71 -38.09 -31.41
C ALA I 51 -18.43 -37.81 -32.72
N ARG I 52 -17.99 -36.78 -33.45
CA ARG I 52 -18.80 -36.37 -34.60
C ARG I 52 -18.72 -37.44 -35.68
N ILE I 53 -17.56 -38.08 -35.82
CA ILE I 53 -17.43 -39.19 -36.76
C ILE I 53 -18.30 -40.35 -36.31
N LEU I 54 -18.29 -40.65 -35.01
CA LEU I 54 -19.05 -41.79 -34.51
C LEU I 54 -20.54 -41.60 -34.74
N ALA I 55 -21.02 -40.36 -34.61
CA ALA I 55 -22.39 -40.08 -35.01
C ALA I 55 -22.58 -40.28 -36.51
N ILE I 56 -21.59 -39.87 -37.30
CA ILE I 56 -21.70 -40.01 -38.75
C ILE I 56 -21.76 -41.48 -39.15
N VAL I 57 -20.86 -42.29 -38.60
CA VAL I 57 -20.78 -43.69 -39.01
C VAL I 57 -22.04 -44.42 -38.56
N GLY I 58 -22.51 -45.34 -39.40
CA GLY I 58 -23.71 -46.10 -39.11
C GLY I 58 -24.20 -46.93 -40.28
N PRO I 68 -27.20 -46.32 -42.67
CA PRO I 68 -28.36 -46.71 -41.87
C PRO I 68 -28.39 -46.05 -40.50
N VAL I 69 -28.66 -46.83 -39.47
CA VAL I 69 -28.71 -46.35 -38.09
C VAL I 69 -27.28 -46.06 -37.64
N PRO I 70 -27.00 -44.86 -37.10
CA PRO I 70 -25.64 -44.58 -36.63
C PRO I 70 -25.24 -45.57 -35.55
N PHE I 71 -23.97 -46.00 -35.62
CA PHE I 71 -23.48 -46.99 -34.65
C PHE I 71 -23.51 -46.43 -33.24
N VAL I 72 -23.10 -45.18 -33.08
CA VAL I 72 -23.16 -44.48 -31.79
C VAL I 72 -23.84 -43.14 -32.01
N GLU I 73 -24.73 -42.78 -31.10
CA GLU I 73 -25.50 -41.56 -31.19
C GLU I 73 -25.11 -40.59 -30.09
N LEU I 74 -24.92 -39.32 -30.48
CA LEU I 74 -24.58 -38.26 -29.54
C LEU I 74 -25.79 -37.93 -28.67
N LEU I 75 -25.54 -37.15 -27.63
CA LEU I 75 -26.59 -36.72 -26.71
C LEU I 75 -26.67 -35.20 -26.71
N PRO I 76 -27.86 -34.64 -26.51
CA PRO I 76 -28.00 -33.18 -26.45
C PRO I 76 -27.24 -32.63 -25.25
N PRO I 77 -26.18 -31.87 -25.48
CA PRO I 77 -25.35 -31.43 -24.35
C PRO I 77 -26.09 -30.46 -23.46
N ASP I 78 -25.81 -30.54 -22.16
CA ASP I 78 -26.14 -29.44 -21.26
C ASP I 78 -25.43 -28.18 -21.71
N MET I 79 -24.29 -28.35 -22.37
CA MET I 79 -23.54 -27.28 -22.99
C MET I 79 -24.47 -26.51 -23.91
N PHE I 80 -25.40 -27.23 -24.53
CA PHE I 80 -26.44 -26.63 -25.37
C PHE I 80 -27.83 -26.79 -24.76
N SER I 81 -27.93 -26.88 -23.44
CA SER I 81 -29.23 -27.07 -22.80
C SER I 81 -30.11 -25.85 -23.02
N THR I 82 -31.42 -26.09 -22.95
CA THR I 82 -32.37 -25.00 -23.18
C THR I 82 -32.14 -23.84 -22.21
N LYS I 83 -31.78 -24.15 -20.96
CA LYS I 83 -31.51 -23.08 -20.01
C LYS I 83 -30.29 -22.27 -20.43
N VAL I 84 -29.35 -22.88 -21.17
CA VAL I 84 -28.22 -22.13 -21.68
C VAL I 84 -28.70 -21.02 -22.60
N MET I 85 -29.56 -21.38 -23.57
CA MET I 85 -30.09 -20.36 -24.48
C MET I 85 -30.97 -19.37 -23.73
N ASN I 86 -31.68 -19.83 -22.71
CA ASN I 86 -32.48 -18.91 -21.92
C ASN I 86 -31.61 -17.86 -21.25
N ALA I 87 -30.51 -18.29 -20.64
CA ALA I 87 -29.58 -17.36 -20.03
C ALA I 87 -28.98 -16.42 -21.05
N ILE I 88 -28.67 -16.94 -22.23
CA ILE I 88 -28.12 -16.10 -23.29
C ILE I 88 -29.10 -15.00 -23.66
N LYS I 89 -30.36 -15.38 -23.91
CA LYS I 89 -31.34 -14.40 -24.37
C LYS I 89 -31.66 -13.40 -23.28
N THR I 90 -31.65 -13.84 -22.02
CA THR I 90 -31.90 -12.90 -20.92
C THR I 90 -30.86 -11.78 -20.93
N ASP I 91 -29.58 -12.14 -20.95
CA ASP I 91 -28.52 -11.16 -21.09
C ASP I 91 -27.29 -11.82 -21.70
N PRO I 92 -26.97 -11.52 -22.96
CA PRO I 92 -25.72 -12.04 -23.53
C PRO I 92 -24.50 -11.59 -22.76
N VAL I 93 -24.50 -10.35 -22.26
CA VAL I 93 -23.32 -9.82 -21.59
C VAL I 93 -23.10 -10.50 -20.25
N ALA I 94 -24.19 -10.78 -19.52
CA ALA I 94 -24.06 -11.24 -18.13
C ALA I 94 -23.33 -12.58 -18.06
N LEU I 95 -23.63 -13.49 -18.98
CA LEU I 95 -23.10 -14.84 -18.88
C LEU I 95 -21.57 -14.85 -18.98
N ASP I 96 -20.95 -15.63 -18.11
CA ASP I 96 -19.51 -15.87 -18.17
C ASP I 96 -19.29 -17.04 -19.12
N LEU I 97 -19.00 -16.71 -20.38
CA LEU I 97 -18.85 -17.76 -21.39
C LEU I 97 -17.68 -18.68 -21.06
N HIS I 98 -16.57 -18.10 -20.58
CA HIS I 98 -15.41 -18.92 -20.24
C HIS I 98 -15.75 -19.96 -19.19
N SER I 99 -16.54 -19.58 -18.18
CA SER I 99 -17.01 -20.54 -17.21
C SER I 99 -17.81 -21.64 -17.89
N ILE I 100 -18.65 -21.27 -18.85
CA ILE I 100 -19.36 -22.27 -19.62
C ILE I 100 -18.39 -23.06 -20.47
N ASN I 101 -17.46 -22.37 -21.15
CA ASN I 101 -16.38 -23.02 -21.87
C ASN I 101 -15.42 -21.96 -22.40
N SER I 102 -14.16 -22.35 -22.51
CA SER I 102 -13.16 -21.54 -23.19
C SER I 102 -13.23 -21.68 -24.71
N HIS I 103 -14.06 -22.60 -25.21
CA HIS I 103 -14.21 -22.82 -26.63
C HIS I 103 -15.68 -22.97 -27.03
N PHE I 104 -16.58 -22.31 -26.31
CA PHE I 104 -18.01 -22.45 -26.56
C PHE I 104 -18.36 -22.13 -28.01
N PHE I 105 -17.84 -21.01 -28.53
CA PHE I 105 -18.19 -20.61 -29.88
C PHE I 105 -17.77 -21.66 -30.89
N SER I 106 -16.55 -22.19 -30.72
CA SER I 106 -16.07 -23.21 -31.63
C SER I 106 -16.95 -24.46 -31.57
N LEU I 107 -17.33 -24.87 -30.36
CA LEU I 107 -18.20 -26.03 -30.21
C LEU I 107 -19.54 -25.80 -30.89
N ALA I 108 -20.10 -24.60 -30.72
CA ALA I 108 -21.35 -24.27 -31.38
C ALA I 108 -21.19 -24.34 -32.89
N ILE I 109 -20.05 -23.86 -33.40
CA ILE I 109 -19.81 -23.92 -34.85
C ILE I 109 -19.82 -25.35 -35.33
N LYS I 110 -19.10 -26.23 -34.61
CA LYS I 110 -19.08 -27.63 -35.01
C LYS I 110 -20.48 -28.24 -34.95
N TRP I 111 -21.23 -27.95 -33.89
CA TRP I 111 -22.57 -28.53 -33.77
C TRP I 111 -23.46 -28.07 -34.91
N ILE I 112 -23.40 -26.78 -35.23
CA ILE I 112 -24.27 -26.24 -36.28
C ILE I 112 -23.88 -26.81 -37.64
N MET I 113 -22.57 -26.99 -37.88
CA MET I 113 -22.18 -27.69 -39.10
C MET I 113 -22.73 -29.11 -39.10
N LEU I 114 -22.70 -29.77 -37.95
CA LEU I 114 -23.33 -31.08 -37.83
C LEU I 114 -24.85 -30.96 -37.88
N PHE I 115 -25.42 -29.94 -37.25
CA PHE I 115 -26.87 -29.81 -37.14
C PHE I 115 -27.24 -28.36 -37.41
N SER I 116 -27.80 -28.09 -38.58
CA SER I 116 -28.11 -26.72 -39.00
C SER I 116 -29.37 -26.26 -38.30
N GLU I 117 -29.21 -25.79 -37.06
CA GLU I 117 -30.29 -25.19 -36.29
C GLU I 117 -30.14 -23.68 -36.36
N LYS I 118 -31.02 -23.05 -37.13
CA LYS I 118 -30.94 -21.60 -37.31
C LYS I 118 -31.16 -20.87 -35.98
N GLU I 119 -32.15 -21.32 -35.20
CA GLU I 119 -32.45 -20.65 -33.94
C GLU I 119 -31.24 -20.66 -33.02
N LEU I 120 -30.52 -21.79 -32.97
CA LEU I 120 -29.26 -21.81 -32.25
C LEU I 120 -28.25 -20.88 -32.90
N ALA I 121 -28.19 -20.92 -34.23
CA ALA I 121 -27.33 -19.98 -34.94
C ALA I 121 -27.77 -18.55 -34.69
N ASN I 122 -29.08 -18.29 -34.67
CA ASN I 122 -29.57 -16.94 -34.45
C ASN I 122 -29.17 -16.44 -33.07
N VAL I 123 -29.40 -17.24 -32.03
CA VAL I 123 -29.10 -16.80 -30.68
C VAL I 123 -27.59 -16.67 -30.49
N VAL I 124 -26.82 -17.56 -31.11
CA VAL I 124 -25.37 -17.47 -31.04
C VAL I 124 -24.90 -16.17 -31.68
N SER I 125 -25.46 -15.84 -32.85
CA SER I 125 -25.09 -14.61 -33.51
C SER I 125 -25.46 -13.40 -32.67
N GLU I 126 -26.64 -13.42 -32.05
CA GLU I 126 -27.05 -12.30 -31.21
C GLU I 126 -26.12 -12.12 -30.03
N LEU I 127 -25.78 -13.22 -29.36
CA LEU I 127 -24.85 -13.16 -28.24
C LEU I 127 -23.50 -12.63 -28.69
N LEU I 128 -23.01 -13.14 -29.82
CA LEU I 128 -21.72 -12.69 -30.33
C LEU I 128 -21.76 -11.21 -30.62
N LEU I 129 -22.86 -10.73 -31.19
CA LEU I 129 -22.98 -9.32 -31.53
C LEU I 129 -22.94 -8.46 -30.27
N GLN I 130 -23.70 -8.85 -29.25
CA GLN I 130 -23.74 -8.06 -28.02
C GLN I 130 -22.38 -8.03 -27.36
N ARG I 131 -21.74 -9.19 -27.23
CA ARG I 131 -20.38 -9.22 -26.70
C ARG I 131 -19.43 -8.45 -27.58
N ALA I 132 -19.73 -8.34 -28.87
CA ALA I 132 -18.88 -7.57 -29.76
C ALA I 132 -18.97 -6.08 -29.47
N GLN I 133 -20.18 -5.56 -29.29
CA GLN I 133 -20.28 -4.16 -28.89
C GLN I 133 -19.58 -3.91 -27.56
N GLU I 134 -19.83 -4.79 -26.59
CA GLU I 134 -19.20 -4.57 -25.29
C GLU I 134 -17.69 -4.67 -25.38
N LEU I 135 -17.18 -5.60 -26.19
CA LEU I 135 -15.76 -5.75 -26.38
C LEU I 135 -15.16 -4.52 -27.04
N ASN I 136 -15.89 -3.95 -28.00
CA ASN I 136 -15.44 -2.70 -28.60
C ASN I 136 -15.36 -1.60 -27.57
N HIS I 137 -16.37 -1.52 -26.69
CA HIS I 137 -16.33 -0.53 -25.62
C HIS I 137 -15.09 -0.72 -24.76
N HIS I 138 -14.82 -1.96 -24.37
CA HIS I 138 -13.71 -2.22 -23.46
C HIS I 138 -12.36 -1.96 -24.13
N ALA I 139 -12.20 -2.43 -25.37
CA ALA I 139 -10.95 -2.22 -26.08
C ALA I 139 -10.71 -0.74 -26.33
N SER I 140 -11.75 0.00 -26.67
CA SER I 140 -11.61 1.43 -26.90
C SER I 140 -11.17 2.14 -25.64
N SER I 141 -11.54 1.61 -24.48
CA SER I 141 -11.05 2.17 -23.23
C SER I 141 -9.56 1.93 -23.10
N LEU I 142 -8.81 3.00 -22.81
CA LEU I 142 -7.35 2.94 -22.76
C LEU I 142 -6.86 3.51 -21.44
N SER I 143 -5.89 2.82 -20.84
CA SER I 143 -5.24 3.34 -19.65
C SER I 143 -4.27 4.47 -20.02
N ILE I 144 -4.00 5.32 -19.04
CA ILE I 144 -3.10 6.44 -19.24
C ILE I 144 -2.02 6.47 -18.16
N THR I 158 -5.62 -0.53 -14.30
CA THR I 158 -6.66 -1.08 -15.16
C THR I 158 -8.01 -1.09 -14.45
N ASN I 159 -9.07 -1.33 -15.20
CA ASN I 159 -10.41 -1.36 -14.64
C ASN I 159 -10.80 -2.77 -14.22
N ILE I 160 -11.52 -2.84 -13.10
CA ILE I 160 -11.97 -4.13 -12.58
C ILE I 160 -13.06 -4.72 -13.47
N ALA I 161 -13.98 -3.87 -13.95
CA ALA I 161 -15.09 -4.37 -14.76
C ALA I 161 -14.60 -4.94 -16.08
N THR I 162 -13.57 -4.31 -16.67
CA THR I 162 -13.01 -4.83 -17.91
C THR I 162 -12.40 -6.20 -17.70
N SER I 163 -11.68 -6.38 -16.59
CA SER I 163 -11.12 -7.69 -16.28
C SER I 163 -12.22 -8.72 -16.06
N THR I 164 -13.29 -8.31 -15.37
CA THR I 164 -14.41 -9.22 -15.15
C THR I 164 -15.04 -9.64 -16.47
N PHE I 165 -15.20 -8.68 -17.38
CA PHE I 165 -15.70 -9.00 -18.71
C PHE I 165 -14.77 -9.97 -19.41
N LEU I 166 -13.46 -9.73 -19.32
CA LEU I 166 -12.48 -10.63 -19.90
C LEU I 166 -12.68 -12.04 -19.36
N LEU I 167 -12.91 -12.17 -18.06
CA LEU I 167 -13.19 -13.47 -17.48
C LEU I 167 -14.47 -14.06 -18.06
N LYS I 168 -15.46 -13.22 -18.32
CA LYS I 168 -16.73 -13.72 -18.85
C LYS I 168 -16.63 -14.17 -20.30
N LEU I 169 -15.52 -13.88 -20.98
CA LEU I 169 -15.44 -14.11 -22.41
C LEU I 169 -14.74 -15.41 -22.75
N GLU I 170 -15.09 -15.97 -23.90
CA GLU I 170 -14.37 -17.11 -24.46
C GLU I 170 -12.98 -16.67 -24.89
N GLU I 171 -12.05 -17.63 -24.90
CA GLU I 171 -10.65 -17.29 -25.19
C GLU I 171 -10.49 -16.61 -26.54
N MET I 172 -11.20 -17.10 -27.56
CA MET I 172 -11.13 -16.47 -28.87
C MET I 172 -11.63 -15.03 -28.80
N GLU I 173 -12.68 -14.80 -28.02
CA GLU I 173 -13.13 -13.44 -27.75
C GLU I 173 -12.02 -12.63 -27.10
N LYS I 174 -11.32 -13.24 -26.14
CA LYS I 174 -10.21 -12.56 -25.50
C LYS I 174 -9.15 -12.18 -26.52
N GLU I 175 -8.91 -13.05 -27.51
CA GLU I 175 -7.94 -12.75 -28.54
C GLU I 175 -8.38 -11.55 -29.37
N ILE I 176 -9.66 -11.50 -29.73
CA ILE I 176 -10.18 -10.37 -30.49
C ILE I 176 -10.00 -9.09 -29.69
N TYR I 177 -10.31 -9.14 -28.40
CA TYR I 177 -10.12 -7.97 -27.55
C TYR I 177 -8.66 -7.57 -27.51
N LYS I 178 -7.77 -8.55 -27.39
CA LYS I 178 -6.35 -8.26 -27.33
C LYS I 178 -5.90 -7.52 -28.58
N LYS I 179 -6.25 -8.04 -29.75
CA LYS I 179 -5.84 -7.41 -31.00
C LYS I 179 -6.45 -6.01 -31.15
N SER I 180 -7.74 -5.88 -30.82
CA SER I 180 -8.39 -4.58 -30.98
C SER I 180 -7.78 -3.55 -30.05
N HIS I 181 -7.62 -3.89 -28.77
CA HIS I 181 -7.01 -2.98 -27.83
C HIS I 181 -5.56 -2.69 -28.22
N GLU I 182 -4.87 -3.67 -28.81
CA GLU I 182 -3.52 -3.43 -29.28
C GLU I 182 -3.50 -2.38 -30.38
N SER I 183 -4.44 -2.49 -31.31
CA SER I 183 -4.55 -1.47 -32.36
C SER I 183 -4.85 -0.11 -31.74
N TYR I 184 -5.73 -0.07 -30.75
CA TYR I 184 -6.05 1.18 -30.09
C TYR I 184 -4.80 1.79 -29.45
N LYS I 185 -4.02 0.96 -28.77
CA LYS I 185 -2.82 1.45 -28.12
C LYS I 185 -1.79 1.94 -29.13
N ASP I 186 -1.64 1.21 -30.24
CA ASP I 186 -0.74 1.66 -31.30
C ASP I 186 -1.15 3.03 -31.80
N THR I 187 -2.43 3.20 -32.07
CA THR I 187 -2.92 4.50 -32.51
C THR I 187 -2.61 5.57 -31.48
N LYS I 188 -3.03 5.35 -30.23
CA LYS I 188 -2.92 6.41 -29.23
C LYS I 188 -1.47 6.81 -29.01
N ARG I 189 -0.56 5.83 -29.03
CA ARG I 189 0.85 6.17 -28.95
C ARG I 189 1.30 6.89 -30.22
N TRP I 190 0.60 6.66 -31.33
CA TRP I 190 1.04 7.25 -32.58
C TRP I 190 0.67 8.72 -32.67
N MET I 191 -0.62 9.05 -32.61
CA MET I 191 -0.97 10.45 -32.87
C MET I 191 -0.61 11.33 -31.70
N PHE I 192 -0.61 10.80 -30.49
CA PHE I 192 -0.41 11.66 -29.32
C PHE I 192 1.04 11.90 -28.99
N LYS I 193 1.97 11.18 -29.62
CA LYS I 193 3.38 11.43 -29.36
C LYS I 193 4.20 10.92 -30.53
N LYS I 194 5.33 11.58 -30.78
CA LYS I 194 6.23 11.17 -31.85
C LYS I 194 6.90 9.85 -31.52
N ASP J 2 -27.92 26.96 -76.39
CA ASP J 2 -26.79 27.10 -77.30
C ASP J 2 -26.16 25.74 -77.60
N ILE J 3 -25.57 25.64 -78.79
CA ILE J 3 -24.84 24.43 -79.15
C ILE J 3 -23.66 24.24 -78.20
N ASN J 4 -23.33 22.98 -77.93
CA ASN J 4 -22.25 22.64 -77.02
C ASN J 4 -21.00 22.28 -77.81
N ILE J 5 -19.94 23.05 -77.61
CA ILE J 5 -18.68 22.83 -78.30
C ILE J 5 -17.65 22.12 -77.45
N ASP J 6 -18.05 21.62 -76.28
CA ASP J 6 -17.09 20.98 -75.38
C ASP J 6 -16.43 19.77 -76.05
N ASP J 7 -17.19 19.06 -76.87
CA ASP J 7 -16.58 18.01 -77.71
C ASP J 7 -15.54 18.60 -78.65
N ILE J 8 -15.91 19.65 -79.37
CA ILE J 8 -14.95 20.35 -80.22
C ILE J 8 -13.84 20.92 -79.37
N LEU J 9 -14.16 21.41 -78.18
CA LEU J 9 -13.14 21.97 -77.30
C LEU J 9 -12.06 20.94 -76.99
N ALA J 10 -12.48 19.75 -76.56
CA ALA J 10 -11.50 18.69 -76.29
C ALA J 10 -10.77 18.28 -77.56
N GLU J 11 -11.49 18.22 -78.68
CA GLU J 11 -10.86 17.86 -79.96
C GLU J 11 -9.70 18.79 -80.28
N LEU J 12 -9.91 20.09 -80.04
CA LEU J 12 -8.82 21.04 -80.22
C LEU J 12 -7.78 20.89 -79.13
N ASP J 13 -8.19 20.46 -77.94
CA ASP J 13 -7.24 20.28 -76.85
C ASP J 13 -6.21 19.20 -77.19
N LYS J 14 -6.64 18.14 -77.88
CA LYS J 14 -5.68 17.13 -78.32
C LYS J 14 -4.63 17.74 -79.24
N GLU J 15 -5.04 18.58 -80.17
CA GLU J 15 -4.11 19.22 -81.08
C GLU J 15 -3.60 20.54 -80.50
N VAL J 54 6.54 4.73 -70.12
CA VAL J 54 5.97 4.58 -68.78
C VAL J 54 6.69 5.49 -67.79
N SER J 55 5.92 6.20 -66.98
CA SER J 55 6.50 7.12 -66.01
C SER J 55 6.84 6.36 -64.73
N PRO J 56 8.08 6.42 -64.25
CA PRO J 56 8.42 5.73 -63.00
C PRO J 56 7.57 6.17 -61.83
N GLN J 57 7.09 7.41 -61.85
CA GLN J 57 6.11 7.84 -60.85
C GLN J 57 4.89 6.93 -60.85
N GLN J 58 4.28 6.74 -62.03
CA GLN J 58 3.11 5.89 -62.10
C GLN J 58 3.45 4.45 -61.80
N ASP J 59 4.63 4.00 -62.22
CA ASP J 59 5.04 2.64 -61.93
C ASP J 59 5.13 2.41 -60.43
N PHE J 60 5.70 3.37 -59.70
CA PHE J 60 5.77 3.26 -58.25
C PHE J 60 4.38 3.31 -57.63
N SER J 61 3.50 4.14 -58.18
CA SER J 61 2.13 4.20 -57.66
C SER J 61 1.45 2.84 -57.80
N ASP J 62 1.59 2.22 -58.97
CA ASP J 62 1.03 0.89 -59.17
C ASP J 62 1.66 -0.11 -58.22
N LEU J 63 2.97 -0.02 -58.03
CA LEU J 63 3.66 -0.90 -57.09
C LEU J 63 3.06 -0.80 -55.70
N MET J 64 2.92 0.44 -55.20
CA MET J 64 2.45 0.61 -53.83
C MET J 64 1.00 0.18 -53.70
N LYS J 65 0.17 0.47 -54.70
CA LYS J 65 -1.21 0.00 -54.65
C LYS J 65 -1.28 -1.52 -54.64
N SER J 66 -0.47 -2.16 -55.47
CA SER J 66 -0.46 -3.62 -55.52
C SER J 66 -0.01 -4.20 -54.19
N TRP J 67 1.01 -3.59 -53.58
CA TRP J 67 1.49 -4.08 -52.29
C TRP J 67 0.44 -3.90 -51.21
N LYS J 68 -0.26 -2.76 -51.22
CA LYS J 68 -1.37 -2.57 -50.28
C LYS J 68 -2.39 -3.69 -50.44
N ASN J 69 -2.79 -3.95 -51.68
CA ASN J 69 -3.78 -4.99 -51.92
C ASN J 69 -3.28 -6.34 -51.45
N GLU J 70 -2.02 -6.66 -51.76
CA GLU J 70 -1.46 -7.95 -51.36
C GLU J 70 -1.46 -8.11 -49.85
N ARG J 71 -1.13 -7.04 -49.13
CA ARG J 71 -1.25 -7.09 -47.67
C ARG J 71 -2.69 -7.34 -47.26
N CYS J 72 -3.62 -6.63 -47.88
CA CYS J 72 -5.04 -6.87 -47.60
C CYS J 72 -5.47 -8.26 -48.07
N SER J 73 -4.99 -8.68 -49.23
CA SER J 73 -5.43 -9.94 -49.80
C SER J 73 -4.89 -11.12 -48.99
N PRO J 74 -5.75 -12.01 -48.50
CA PRO J 74 -5.24 -13.23 -47.87
C PRO J 74 -4.70 -14.21 -48.91
N GLU J 75 -5.32 -14.26 -50.07
CA GLU J 75 -4.82 -15.10 -51.14
C GLU J 75 -3.75 -14.35 -51.95
N LEU J 76 -2.68 -15.07 -52.28
CA LEU J 76 -1.58 -14.43 -52.99
C LEU J 76 -2.02 -14.01 -54.39
N LEU J 77 -1.55 -12.85 -54.79
CA LEU J 77 -1.86 -12.26 -56.08
C LEU J 77 -0.80 -12.63 -57.10
N PRO J 78 -1.11 -12.49 -58.39
CA PRO J 78 -0.09 -12.73 -59.41
C PRO J 78 1.10 -11.80 -59.24
N TYR J 79 2.24 -12.24 -59.75
CA TYR J 79 3.48 -11.50 -59.62
C TYR J 79 3.74 -10.74 -60.92
N PRO J 80 3.56 -9.42 -60.96
CA PRO J 80 3.84 -8.67 -62.19
C PRO J 80 5.33 -8.58 -62.46
N HIS J 81 5.89 -9.67 -62.98
CA HIS J 81 7.35 -9.82 -63.06
C HIS J 81 7.97 -8.65 -63.82
N GLN J 82 7.35 -8.23 -64.92
CA GLN J 82 7.88 -7.11 -65.68
C GLN J 82 7.94 -5.85 -64.83
N LEU J 83 6.88 -5.60 -64.07
CA LEU J 83 6.83 -4.41 -63.22
C LEU J 83 8.01 -4.40 -62.26
N MET J 84 8.19 -5.48 -61.50
CA MET J 84 9.25 -5.49 -60.51
C MET J 84 10.64 -5.54 -61.12
N LYS J 85 10.80 -6.16 -62.30
CA LYS J 85 12.13 -6.14 -62.91
C LYS J 85 12.48 -4.73 -63.38
N ARG J 86 11.51 -4.00 -63.93
CA ARG J 86 11.75 -2.60 -64.25
C ARG J 86 12.07 -1.81 -63.00
N LEU J 87 11.35 -2.09 -61.91
CA LEU J 87 11.63 -1.42 -60.65
C LEU J 87 13.05 -1.70 -60.20
N LEU J 88 13.49 -2.95 -60.32
CA LEU J 88 14.85 -3.30 -59.94
C LEU J 88 15.87 -2.57 -60.78
N ASN J 89 15.60 -2.44 -62.08
CA ASN J 89 16.49 -1.68 -62.94
C ASN J 89 16.57 -0.24 -62.45
N ARG J 90 15.43 0.34 -62.08
CA ARG J 90 15.42 1.69 -61.57
C ARG J 90 16.21 1.80 -60.27
N ILE J 91 16.03 0.84 -59.36
CA ILE J 91 16.75 0.85 -58.10
C ILE J 91 18.25 0.80 -58.35
N SER J 92 18.67 -0.09 -59.25
CA SER J 92 20.08 -0.17 -59.60
C SER J 92 20.57 1.18 -60.10
N MET J 93 19.99 1.67 -61.19
CA MET J 93 20.51 2.89 -61.81
C MET J 93 20.55 4.05 -60.82
N GLN J 94 19.53 4.14 -59.95
CA GLN J 94 19.60 5.11 -58.86
C GLN J 94 20.80 4.87 -57.96
N SER J 95 21.07 3.59 -57.65
CA SER J 95 22.18 3.28 -56.76
C SER J 95 23.51 3.71 -57.38
N GLN J 96 23.76 3.34 -58.64
CA GLN J 96 25.00 3.79 -59.26
C GLN J 96 25.05 5.31 -59.37
N LEU J 97 23.93 5.95 -59.65
CA LEU J 97 23.93 7.41 -59.70
C LEU J 97 24.36 8.00 -58.37
N ILE J 98 23.79 7.49 -57.27
CA ILE J 98 24.17 7.96 -55.95
C ILE J 98 25.65 7.70 -55.69
N GLU J 99 26.15 6.56 -56.17
CA GLU J 99 27.56 6.24 -56.02
C GLU J 99 28.42 7.27 -56.74
N ASN J 100 28.01 7.64 -57.95
CA ASN J 100 28.78 8.63 -58.71
C ASN J 100 28.76 9.97 -58.01
N ILE J 101 27.62 10.37 -57.47
CA ILE J 101 27.55 11.64 -56.75
C ILE J 101 28.46 11.61 -55.53
N SER J 102 28.43 10.48 -54.81
CA SER J 102 29.25 10.34 -53.61
C SER J 102 30.73 10.44 -53.96
N MET J 103 31.16 9.71 -55.00
CA MET J 103 32.57 9.71 -55.34
C MET J 103 33.01 11.07 -55.88
N GLY J 104 32.14 11.73 -56.64
CA GLY J 104 32.44 13.08 -57.08
C GLY J 104 32.60 14.03 -55.91
N PHE J 105 31.78 13.87 -54.88
CA PHE J 105 31.95 14.65 -53.66
C PHE J 105 33.25 14.29 -52.95
N LEU J 106 33.67 13.03 -53.05
CA LEU J 106 34.96 12.64 -52.47
C LEU J 106 36.12 13.31 -53.17
N ASP J 107 35.92 13.80 -54.39
CA ASP J 107 36.99 14.45 -55.15
C ASP J 107 37.28 15.84 -54.59
N ASN J 120 27.59 20.18 -56.28
CA ASN J 120 27.34 21.52 -55.78
C ASN J 120 27.44 21.62 -54.26
N GLU J 121 27.38 22.84 -53.75
CA GLU J 121 27.54 23.05 -52.31
C GLU J 121 26.39 22.43 -51.52
N SER J 122 25.18 22.51 -52.06
CA SER J 122 24.01 21.99 -51.37
C SER J 122 23.85 20.51 -51.69
N LYS J 123 24.20 19.66 -50.73
CA LYS J 123 24.13 18.22 -50.91
C LYS J 123 22.74 17.66 -50.63
N LEU J 124 21.78 18.52 -50.28
CA LEU J 124 20.44 18.05 -49.95
C LEU J 124 19.75 17.27 -51.07
N PRO J 125 19.84 17.63 -52.35
CA PRO J 125 19.17 16.79 -53.37
C PRO J 125 19.68 15.37 -53.38
N LEU J 126 20.97 15.16 -53.09
CA LEU J 126 21.48 13.81 -52.96
C LEU J 126 20.79 13.07 -51.83
N LEU J 127 20.59 13.75 -50.71
CA LEU J 127 19.94 13.09 -49.58
C LEU J 127 18.49 12.81 -49.88
N CYS J 128 17.84 13.68 -50.66
CA CYS J 128 16.50 13.39 -51.15
C CYS J 128 16.48 12.14 -52.01
N MET J 129 17.48 12.01 -52.89
CA MET J 129 17.59 10.78 -53.69
C MET J 129 17.71 9.58 -52.78
N GLU J 130 18.57 9.68 -51.78
CA GLU J 130 18.80 8.57 -50.86
C GLU J 130 17.53 8.22 -50.10
N THR J 131 16.79 9.23 -49.68
CA THR J 131 15.56 9.00 -48.94
C THR J 131 14.51 8.34 -49.82
N GLU J 132 14.40 8.78 -51.07
CA GLU J 132 13.50 8.13 -52.00
C GLU J 132 13.88 6.66 -52.18
N LEU J 133 15.18 6.41 -52.33
CA LEU J 133 15.67 5.04 -52.49
C LEU J 133 15.30 4.20 -51.28
N GLU J 134 15.52 4.76 -50.09
CA GLU J 134 15.21 4.03 -48.87
C GLU J 134 13.73 3.73 -48.77
N ARG J 135 12.89 4.72 -49.10
CA ARG J 135 11.45 4.53 -49.04
C ARG J 135 11.01 3.40 -49.96
N LEU J 136 11.47 3.45 -51.22
CA LEU J 136 11.05 2.43 -52.18
C LEU J 136 11.59 1.06 -51.77
N LYS J 137 12.83 0.99 -51.30
CA LYS J 137 13.37 -0.29 -50.86
C LYS J 137 12.58 -0.84 -49.68
N PHE J 138 12.16 0.03 -48.77
CA PHE J 138 11.34 -0.41 -47.65
C PHE J 138 10.02 -0.97 -48.13
N VAL J 139 9.39 -0.30 -49.08
CA VAL J 139 8.12 -0.79 -49.62
C VAL J 139 8.33 -2.15 -50.28
N ILE J 140 9.41 -2.29 -51.03
CA ILE J 140 9.70 -3.55 -51.71
C ILE J 140 9.93 -4.65 -50.70
N ARG J 141 10.67 -4.34 -49.64
CA ARG J 141 10.90 -5.31 -48.57
C ARG J 141 9.58 -5.76 -47.97
N SER J 142 8.69 -4.81 -47.71
CA SER J 142 7.39 -5.16 -47.14
C SER J 142 6.62 -6.08 -48.08
N TYR J 143 6.61 -5.76 -49.37
CA TYR J 143 5.90 -6.58 -50.33
C TYR J 143 6.48 -7.99 -50.39
N ILE J 144 7.81 -8.08 -50.43
CA ILE J 144 8.45 -9.39 -50.52
C ILE J 144 8.16 -10.21 -49.28
N ARG J 145 8.27 -9.61 -48.10
CA ARG J 145 8.02 -10.33 -46.87
C ARG J 145 6.57 -10.79 -46.80
N CYS J 146 5.63 -9.95 -47.23
CA CYS J 146 4.24 -10.35 -47.25
C CYS J 146 4.03 -11.55 -48.17
N ARG J 147 4.61 -11.50 -49.37
CA ARG J 147 4.45 -12.61 -50.29
C ARG J 147 5.09 -13.88 -49.72
N LEU J 148 6.23 -13.74 -49.06
CA LEU J 148 6.86 -14.91 -48.45
C LEU J 148 5.99 -15.51 -47.37
N SER J 149 5.38 -14.65 -46.54
CA SER J 149 4.49 -15.15 -45.51
C SER J 149 3.30 -15.89 -46.12
N LYS J 150 2.73 -15.34 -47.18
CA LYS J 150 1.63 -16.02 -47.86
C LYS J 150 2.09 -17.37 -48.40
N ILE J 151 3.32 -17.41 -48.93
CA ILE J 151 3.89 -18.68 -49.37
C ILE J 151 3.92 -19.68 -48.22
N ASP J 152 4.44 -19.23 -47.08
CA ASP J 152 4.62 -20.12 -45.95
C ASP J 152 3.29 -20.66 -45.44
N LYS J 153 2.27 -19.80 -45.40
CA LYS J 153 1.00 -20.21 -44.81
C LYS J 153 0.36 -21.35 -45.58
N PHE J 154 0.46 -21.32 -46.90
CA PHE J 154 -0.22 -22.30 -47.73
C PHE J 154 0.73 -23.05 -48.65
N SER J 155 1.99 -23.24 -48.22
CA SER J 155 2.99 -23.86 -49.07
C SER J 155 2.54 -25.24 -49.54
N LEU J 156 1.93 -26.02 -48.65
CA LEU J 156 1.36 -27.30 -49.06
C LEU J 156 0.26 -27.09 -50.09
N TYR J 157 -0.60 -26.10 -49.84
CA TYR J 157 -1.66 -25.81 -50.80
C TYR J 157 -1.09 -25.31 -52.12
N LEU J 158 -0.04 -24.50 -52.06
CA LEU J 158 0.62 -24.06 -53.29
C LEU J 158 1.16 -25.26 -54.06
N ARG J 159 1.79 -26.19 -53.35
CA ARG J 159 2.23 -27.42 -53.99
C ARG J 159 1.06 -28.12 -54.66
N GLN J 160 -0.01 -28.35 -53.90
CA GLN J 160 -1.18 -29.05 -54.42
C GLN J 160 -1.65 -28.42 -55.71
N LEU J 161 -1.65 -27.09 -55.76
CA LEU J 161 -1.92 -26.40 -57.01
C LEU J 161 -0.89 -26.76 -58.08
N ASN J 162 0.38 -26.87 -57.68
CA ASN J 162 1.43 -27.14 -58.65
C ASN J 162 1.23 -28.49 -59.32
N GLU J 163 1.04 -29.56 -58.53
CA GLU J 163 0.73 -30.84 -59.15
C GLU J 163 -0.64 -30.84 -59.79
N ASP J 164 -1.51 -29.90 -59.43
CA ASP J 164 -2.82 -29.81 -60.07
C ASP J 164 -2.61 -29.26 -61.48
N GLU J 165 -2.58 -30.16 -62.47
CA GLU J 165 -2.41 -29.72 -63.85
C GLU J 165 -3.67 -29.04 -64.37
N ASN J 166 -4.82 -29.30 -63.76
CA ASN J 166 -6.03 -28.59 -64.14
C ASN J 166 -5.99 -27.12 -63.76
N SER J 167 -5.02 -26.73 -62.92
CA SER J 167 -4.88 -25.34 -62.52
C SER J 167 -4.71 -24.44 -63.73
N LEU J 168 -5.63 -23.49 -63.88
CA LEU J 168 -5.55 -22.55 -64.99
C LEU J 168 -4.28 -21.71 -64.92
N ILE J 169 -3.79 -21.46 -63.71
CA ILE J 169 -2.60 -20.66 -63.49
C ILE J 169 -1.49 -21.56 -62.98
N SER J 170 -0.27 -21.32 -63.45
CA SER J 170 0.88 -22.06 -62.94
C SER J 170 1.49 -21.31 -61.77
N LEU J 171 2.15 -22.07 -60.90
CA LEU J 171 2.86 -21.45 -59.78
C LEU J 171 3.94 -20.49 -60.29
N THR J 172 4.56 -20.83 -61.41
CA THR J 172 5.57 -19.94 -61.99
C THR J 172 4.95 -18.62 -62.42
N ASP J 173 3.65 -18.62 -62.74
CA ASP J 173 3.00 -17.38 -63.13
C ASP J 173 2.73 -16.50 -61.92
N LEU J 174 2.28 -17.10 -60.82
CA LEU J 174 1.90 -16.33 -59.65
C LEU J 174 3.09 -15.82 -58.87
N LEU J 175 4.27 -16.42 -59.07
CA LEU J 175 5.45 -16.10 -58.29
C LEU J 175 6.66 -15.94 -59.21
N SER J 176 7.69 -15.29 -58.68
CA SER J 176 8.94 -15.20 -59.42
C SER J 176 9.74 -16.49 -59.29
N LYS J 177 10.77 -16.60 -60.12
CA LYS J 177 11.60 -17.81 -60.14
C LYS J 177 12.26 -18.06 -58.79
N ASP J 178 12.83 -17.00 -58.20
CA ASP J 178 13.42 -17.15 -56.87
C ASP J 178 12.35 -17.40 -55.83
N GLU J 179 11.16 -16.81 -56.01
CA GLU J 179 10.04 -17.13 -55.13
C GLU J 179 9.73 -18.62 -55.17
N ILE J 180 9.65 -19.17 -56.37
CA ILE J 180 9.35 -20.59 -56.53
C ILE J 180 10.46 -21.43 -55.91
N LYS J 181 11.71 -21.04 -56.14
CA LYS J 181 12.84 -21.78 -55.59
C LYS J 181 12.78 -21.79 -54.07
N TYR J 182 12.50 -20.64 -53.46
CA TYR J 182 12.38 -20.56 -52.01
C TYR J 182 11.25 -21.45 -51.52
N HIS J 183 10.10 -21.39 -52.19
CA HIS J 183 8.97 -22.22 -51.75
C HIS J 183 9.32 -23.69 -51.80
N ASP J 184 9.96 -24.12 -52.89
CA ASP J 184 10.34 -25.51 -53.03
C ASP J 184 11.33 -25.92 -51.94
N THR J 185 12.34 -25.09 -51.71
CA THR J 185 13.34 -25.42 -50.70
C THR J 185 12.72 -25.49 -49.31
N HIS J 186 11.88 -24.52 -48.97
CA HIS J 186 11.25 -24.49 -47.66
C HIS J 186 10.34 -25.69 -47.47
N SER J 187 9.51 -26.00 -48.46
CA SER J 187 8.65 -27.16 -48.36
C SER J 187 9.49 -28.43 -48.22
N LEU J 188 10.55 -28.53 -49.00
CA LEU J 188 11.43 -29.70 -48.93
C LEU J 188 11.97 -29.88 -47.51
N ILE J 189 12.57 -28.83 -46.96
CA ILE J 189 13.23 -28.98 -45.66
C ILE J 189 12.19 -29.26 -44.57
N TRP J 190 11.10 -28.50 -44.56
CA TRP J 190 10.09 -28.69 -43.53
C TRP J 190 9.51 -30.09 -43.60
N LEU J 191 9.11 -30.52 -44.79
CA LEU J 191 8.45 -31.82 -44.92
C LEU J 191 9.43 -32.95 -44.64
N LYS J 192 10.68 -32.82 -45.07
CA LYS J 192 11.64 -33.89 -44.79
C LYS J 192 11.90 -34.01 -43.30
N LEU J 193 11.97 -32.88 -42.59
CA LEU J 193 12.10 -32.95 -41.15
C LEU J 193 10.89 -33.61 -40.53
N VAL J 194 9.69 -33.27 -41.01
CA VAL J 194 8.49 -33.89 -40.48
C VAL J 194 8.54 -35.40 -40.69
N ASN J 195 8.94 -35.83 -41.89
CA ASN J 195 9.13 -37.24 -42.16
C ASN J 195 10.02 -37.88 -41.11
N ASP J 196 11.26 -37.39 -41.04
CA ASP J 196 12.25 -37.98 -40.14
C ASP J 196 11.76 -38.02 -38.70
N SER J 197 11.06 -36.97 -38.29
CA SER J 197 10.64 -36.87 -36.89
C SER J 197 9.51 -37.83 -36.58
N ILE J 198 8.51 -37.91 -37.46
CA ILE J 198 7.20 -38.46 -37.12
C ILE J 198 6.86 -39.66 -38.00
N LEU J 199 7.03 -39.51 -39.31
CA LEU J 199 6.36 -40.40 -40.25
C LEU J 199 6.95 -41.81 -40.21
N LYS J 200 8.22 -41.93 -39.82
CA LYS J 200 8.78 -43.27 -39.65
C LYS J 200 8.07 -44.01 -38.53
N TYR J 201 7.53 -43.28 -37.56
CA TYR J 201 6.66 -43.88 -36.56
C TYR J 201 5.22 -43.94 -37.01
N MET J 202 4.91 -43.40 -38.17
CA MET J 202 3.53 -43.31 -38.58
C MET J 202 3.18 -44.53 -39.44
N PRO J 203 1.95 -45.03 -39.36
CA PRO J 203 1.55 -46.14 -40.23
C PRO J 203 1.65 -45.77 -41.70
N GLU J 204 1.96 -46.77 -42.52
CA GLU J 204 2.31 -46.52 -43.91
C GLU J 204 1.19 -45.84 -44.67
N GLU J 205 -0.06 -46.23 -44.42
CA GLU J 205 -1.15 -45.63 -45.15
C GLU J 205 -1.40 -44.19 -44.73
N LEU J 206 -0.74 -43.74 -43.67
CA LEU J 206 -1.05 -42.45 -43.07
C LEU J 206 0.13 -41.50 -42.94
N GLN J 207 1.19 -41.66 -43.73
CA GLN J 207 2.17 -40.57 -43.78
C GLN J 207 1.78 -39.47 -44.77
N ALA J 208 0.64 -39.60 -45.44
CA ALA J 208 0.25 -38.63 -46.46
C ALA J 208 0.20 -37.22 -45.88
N ILE J 209 1.17 -36.40 -46.25
CA ILE J 209 1.30 -35.06 -45.69
C ILE J 209 0.12 -34.20 -46.09
N ASN J 210 -0.38 -34.39 -47.31
CA ASN J 210 -1.45 -33.57 -47.86
C ASN J 210 -2.78 -34.29 -47.96
N ASP J 211 -2.97 -35.36 -47.20
CA ASP J 211 -4.18 -36.16 -47.30
C ASP J 211 -5.42 -35.34 -46.96
N THR J 212 -6.44 -35.47 -47.80
CA THR J 212 -7.75 -34.90 -47.54
C THR J 212 -8.76 -35.94 -47.09
N GLU J 213 -8.37 -37.22 -47.03
CA GLU J 213 -9.28 -38.26 -46.58
C GLU J 213 -9.69 -38.03 -45.13
N GLY J 214 -8.75 -37.61 -44.29
CA GLY J 214 -9.10 -37.24 -42.93
C GLY J 214 -10.13 -36.13 -42.93
N SER J 215 -10.96 -36.12 -41.89
CA SER J 215 -12.07 -35.18 -41.83
C SER J 215 -11.60 -33.73 -41.93
N VAL J 216 -10.37 -33.45 -41.51
CA VAL J 216 -9.75 -32.16 -41.71
C VAL J 216 -8.54 -32.39 -42.63
N ASN J 217 -8.52 -31.68 -43.76
CA ASN J 217 -7.40 -31.79 -44.67
C ASN J 217 -6.23 -30.95 -44.18
N MET J 218 -5.03 -31.50 -44.28
CA MET J 218 -3.83 -30.72 -43.98
C MET J 218 -3.68 -29.56 -44.95
N ILE J 219 -4.02 -29.77 -46.22
CA ILE J 219 -4.01 -28.68 -47.18
C ILE J 219 -5.01 -27.62 -46.75
N ASP J 220 -4.53 -26.40 -46.56
CA ASP J 220 -5.36 -25.30 -46.11
C ASP J 220 -5.31 -24.18 -47.13
N GLU J 221 -6.46 -23.56 -47.36
CA GLU J 221 -6.63 -22.60 -48.43
C GLU J 221 -7.12 -21.28 -47.87
N PRO J 222 -6.62 -20.16 -48.39
CA PRO J 222 -7.13 -18.85 -47.94
C PRO J 222 -8.62 -18.71 -48.22
N ASP J 223 -9.40 -18.57 -47.16
CA ASP J 223 -10.86 -18.55 -47.29
C ASP J 223 -11.26 -17.36 -48.15
N TRP J 224 -11.70 -17.65 -49.38
CA TRP J 224 -12.17 -16.60 -50.26
C TRP J 224 -13.39 -15.90 -49.66
N ASN J 225 -14.20 -16.63 -48.89
CA ASN J 225 -15.48 -16.10 -48.44
C ASN J 225 -15.33 -15.02 -47.39
N LYS J 226 -14.13 -14.80 -46.86
CA LYS J 226 -13.96 -13.83 -45.79
C LYS J 226 -14.22 -12.41 -46.28
N PHE J 227 -14.94 -11.65 -45.48
CA PHE J 227 -15.19 -10.25 -45.80
C PHE J 227 -13.92 -9.43 -45.64
N VAL J 228 -13.73 -8.47 -46.54
CA VAL J 228 -12.55 -7.61 -46.52
C VAL J 228 -12.98 -6.19 -46.82
N PHE J 229 -12.35 -5.23 -46.14
CA PHE J 229 -12.59 -3.83 -46.44
C PHE J 229 -12.19 -3.51 -47.87
N ILE J 230 -13.06 -2.81 -48.58
CA ILE J 230 -12.81 -2.49 -49.98
C ILE J 230 -13.37 -1.09 -50.27
N HIS J 231 -12.63 -0.33 -51.07
CA HIS J 231 -13.09 0.97 -51.53
C HIS J 231 -13.20 0.96 -53.05
N VAL J 232 -14.38 1.35 -53.53
CA VAL J 232 -14.69 1.24 -54.96
C VAL J 232 -13.99 2.36 -55.72
N ASN J 233 -12.84 2.05 -56.32
CA ASN J 233 -12.14 3.01 -57.14
C ASN J 233 -12.90 3.34 -58.41
N GLY J 234 -13.56 2.33 -58.99
CA GLY J 234 -14.18 2.48 -60.27
C GLY J 234 -13.19 2.27 -61.39
N PRO J 235 -13.67 2.23 -62.63
CA PRO J 235 -12.78 2.06 -63.77
C PRO J 235 -11.74 3.17 -63.83
N PRO J 236 -10.50 2.84 -64.21
CA PRO J 236 -9.50 3.90 -64.40
C PRO J 236 -9.90 4.91 -65.44
N ASP J 237 -10.72 4.52 -66.42
CA ASP J 237 -11.26 5.45 -67.39
C ASP J 237 -12.08 6.51 -66.68
N GLY J 238 -11.91 7.77 -67.10
CA GLY J 238 -12.71 8.84 -66.54
C GLY J 238 -14.19 8.64 -66.82
N LYS J 239 -14.53 8.27 -68.05
CA LYS J 239 -15.89 7.87 -68.38
C LYS J 239 -16.10 6.42 -67.98
N TRP J 240 -17.26 6.13 -67.42
CA TRP J 240 -17.57 4.79 -66.94
C TRP J 240 -18.66 4.11 -67.76
N ASN J 241 -19.33 4.85 -68.63
CA ASN J 241 -20.30 4.24 -69.54
C ASN J 241 -19.63 3.22 -70.43
N GLU J 242 -18.37 3.47 -70.81
CA GLU J 242 -17.65 2.55 -71.67
C GLU J 242 -17.48 1.18 -71.03
N ASP J 243 -17.43 1.12 -69.71
CA ASP J 243 -17.21 -0.16 -69.04
C ASP J 243 -18.47 -1.00 -69.08
N PRO J 244 -18.45 -2.20 -69.66
CA PRO J 244 -19.65 -3.03 -69.66
C PRO J 244 -20.00 -3.56 -68.28
N LEU J 245 -18.99 -3.81 -67.45
CA LEU J 245 -19.24 -4.37 -66.12
C LEU J 245 -20.01 -3.38 -65.25
N LEU J 246 -19.70 -2.10 -65.39
CA LEU J 246 -20.42 -1.08 -64.65
C LEU J 246 -21.81 -0.87 -65.23
N GLN J 247 -22.77 -0.57 -64.36
CA GLN J 247 -24.14 -0.27 -64.75
C GLN J 247 -24.55 1.05 -64.12
N GLU J 248 -25.43 1.76 -64.79
CA GLU J 248 -25.94 3.00 -64.22
C GLU J 248 -26.87 2.70 -63.06
N ASN J 249 -26.63 3.36 -61.94
CA ASN J 249 -27.46 3.27 -60.75
C ASN J 249 -28.50 4.38 -60.81
N GLU J 250 -29.51 4.30 -59.95
CA GLU J 250 -30.37 5.46 -59.80
C GLU J 250 -29.58 6.57 -59.11
N PHE J 251 -30.20 7.74 -58.97
CA PHE J 251 -29.58 8.92 -58.42
C PHE J 251 -28.44 9.43 -59.30
N GLY J 252 -28.49 9.12 -60.59
CA GLY J 252 -27.46 9.56 -61.52
C GLY J 252 -26.08 9.04 -61.17
N LYS J 253 -25.95 7.76 -60.87
CA LYS J 253 -24.70 7.21 -60.39
C LYS J 253 -24.28 6.01 -61.25
N PRO J 254 -23.03 5.93 -61.69
CA PRO J 254 -22.56 4.72 -62.37
C PRO J 254 -22.11 3.65 -61.38
N CYS J 255 -22.87 2.57 -61.24
CA CYS J 255 -22.62 1.61 -60.17
C CYS J 255 -22.09 0.29 -60.70
N TYR J 256 -21.58 -0.51 -59.76
CA TYR J 256 -21.19 -1.89 -60.01
C TYR J 256 -22.08 -2.78 -59.15
N THR J 257 -22.45 -3.94 -59.67
CA THR J 257 -23.34 -4.82 -58.94
C THR J 257 -22.91 -6.27 -59.11
N VAL J 258 -22.74 -6.95 -57.98
CA VAL J 258 -22.47 -8.38 -57.96
C VAL J 258 -23.35 -9.01 -56.90
N THR J 259 -23.25 -10.33 -56.74
CA THR J 259 -24.01 -11.06 -55.74
C THR J 259 -23.13 -12.11 -55.10
N ILE J 260 -23.66 -12.75 -54.07
CA ILE J 260 -22.99 -13.88 -53.44
C ILE J 260 -23.95 -15.05 -53.45
N PRO J 261 -23.54 -16.23 -53.92
CA PRO J 261 -24.48 -17.33 -54.13
C PRO J 261 -25.27 -17.72 -52.89
N ASP J 262 -24.62 -17.72 -51.72
CA ASP J 262 -25.35 -18.02 -50.49
C ASP J 262 -26.26 -16.85 -50.13
N LEU J 263 -25.79 -15.63 -50.34
CA LEU J 263 -26.61 -14.45 -50.07
C LEU J 263 -27.81 -14.41 -51.00
N LYS J 264 -27.61 -14.77 -52.26
CA LYS J 264 -28.65 -14.74 -53.28
C LYS J 264 -29.21 -13.34 -53.49
N GLU J 265 -28.41 -12.31 -53.24
CA GLU J 265 -28.84 -10.93 -53.42
C GLU J 265 -27.76 -10.14 -54.13
N GLU J 266 -28.17 -9.28 -55.04
CA GLU J 266 -27.25 -8.45 -55.82
C GLU J 266 -26.85 -7.23 -55.01
N VAL J 267 -25.58 -7.14 -54.64
CA VAL J 267 -25.05 -6.01 -53.91
C VAL J 267 -24.51 -4.99 -54.91
N GLU J 268 -24.87 -3.72 -54.71
CA GLU J 268 -24.52 -2.65 -55.62
C GLU J 268 -23.33 -1.88 -55.05
N LEU J 269 -22.43 -1.46 -55.92
CA LEU J 269 -21.17 -0.85 -55.53
C LEU J 269 -21.17 0.61 -55.94
N THR J 270 -20.81 1.49 -55.01
CA THR J 270 -20.74 2.91 -55.30
C THR J 270 -19.29 3.37 -55.35
N ILE J 271 -18.91 3.94 -56.49
CA ILE J 271 -17.54 4.41 -56.73
C ILE J 271 -17.17 5.41 -55.65
N GLY J 272 -15.94 5.32 -55.16
CA GLY J 272 -15.49 6.24 -54.14
C GLY J 272 -15.99 5.94 -52.76
N SER J 273 -16.73 4.86 -52.58
CA SER J 273 -17.23 4.45 -51.28
C SER J 273 -16.50 3.20 -50.82
N ILE J 274 -16.55 2.96 -49.52
CA ILE J 274 -15.78 1.89 -48.88
C ILE J 274 -16.76 0.90 -48.29
N TYR J 275 -16.61 -0.38 -48.67
CA TYR J 275 -17.42 -1.46 -48.15
C TYR J 275 -16.52 -2.50 -47.51
N VAL J 276 -17.15 -3.48 -46.88
CA VAL J 276 -16.46 -4.66 -46.37
C VAL J 276 -17.22 -5.87 -46.91
N MET J 277 -16.81 -6.35 -48.09
CA MET J 277 -17.43 -7.50 -48.73
C MET J 277 -16.48 -8.68 -48.76
N ARG J 278 -17.04 -9.83 -49.12
CA ARG J 278 -16.28 -11.06 -49.18
C ARG J 278 -15.17 -10.97 -50.21
N TYR J 279 -13.98 -11.42 -49.82
CA TYR J 279 -12.84 -11.40 -50.73
C TYR J 279 -13.15 -12.16 -52.01
N GLU J 280 -13.96 -13.22 -51.92
CA GLU J 280 -14.30 -14.04 -53.08
C GLU J 280 -14.96 -13.22 -54.17
N VAL J 281 -16.17 -12.71 -53.89
CA VAL J 281 -16.94 -12.03 -54.92
C VAL J 281 -16.32 -10.72 -55.35
N ILE J 282 -15.21 -10.32 -54.74
CA ILE J 282 -14.59 -9.05 -55.08
C ILE J 282 -13.25 -9.23 -55.77
N ARG J 283 -12.64 -10.41 -55.67
CA ARG J 283 -11.40 -10.65 -56.40
C ARG J 283 -11.55 -10.39 -57.88
N ASP J 284 -12.75 -10.60 -58.41
CA ASP J 284 -13.08 -10.27 -59.78
C ASP J 284 -12.80 -8.81 -60.10
N LEU J 285 -13.31 -7.88 -59.28
CA LEU J 285 -13.01 -6.48 -59.50
C LEU J 285 -11.58 -6.14 -59.14
N LEU J 286 -10.97 -6.94 -58.26
CA LEU J 286 -9.54 -6.77 -58.00
C LEU J 286 -8.74 -6.99 -59.27
N ARG J 287 -9.07 -8.06 -60.01
CA ARG J 287 -8.51 -8.21 -61.35
C ARG J 287 -8.92 -7.04 -62.23
N ASP J 288 -10.15 -6.54 -62.03
CA ASP J 288 -10.60 -5.40 -62.81
C ASP J 288 -9.93 -4.12 -62.34
N ASP J 289 -9.45 -4.09 -61.11
CA ASP J 289 -8.79 -2.97 -60.45
C ASP J 289 -9.77 -1.83 -60.17
N LYS J 290 -11.08 -2.06 -60.31
CA LYS J 290 -12.07 -1.01 -60.06
C LYS J 290 -12.26 -0.73 -58.59
N VAL J 291 -11.67 -1.52 -57.71
CA VAL J 291 -11.90 -1.40 -56.27
C VAL J 291 -10.56 -1.51 -55.55
N ALA J 292 -10.40 -0.72 -54.48
CA ALA J 292 -9.19 -0.71 -53.68
C ALA J 292 -9.34 -1.66 -52.52
N LEU J 293 -8.38 -2.57 -52.37
CA LEU J 293 -8.35 -3.42 -51.19
C LEU J 293 -8.01 -2.59 -49.96
N ILE J 294 -8.87 -2.65 -48.96
CA ILE J 294 -8.68 -1.88 -47.75
C ILE J 294 -8.56 -2.84 -46.57
N MET K 1 45.20 38.48 -32.08
CA MET K 1 43.76 38.47 -32.28
C MET K 1 43.42 37.35 -33.25
N TYR K 2 43.46 36.11 -32.75
CA TYR K 2 43.36 34.95 -33.63
C TYR K 2 42.01 34.92 -34.34
N TYR K 3 40.92 35.03 -33.60
CA TYR K 3 39.56 35.09 -34.16
C TYR K 3 38.87 36.39 -33.77
N GLY K 4 38.66 37.26 -34.77
CA GLY K 4 37.88 38.45 -34.56
C GLY K 4 36.43 38.11 -34.27
N ILE K 5 35.77 39.00 -33.53
CA ILE K 5 34.37 38.80 -33.18
C ILE K 5 33.52 38.67 -34.44
N SER K 6 33.72 39.58 -35.39
CA SER K 6 33.03 39.48 -36.66
C SER K 6 33.53 38.30 -37.47
N GLN K 7 34.81 37.94 -37.27
CA GLN K 7 35.42 36.87 -38.05
C GLN K 7 34.99 35.51 -37.52
N PHE K 8 34.18 35.51 -36.46
CA PHE K 8 33.65 34.26 -35.95
C PHE K 8 32.82 33.54 -37.00
N SER K 9 31.98 34.29 -37.72
CA SER K 9 31.20 33.68 -38.79
C SER K 9 32.09 33.12 -39.88
N GLU K 10 33.17 33.84 -40.21
CA GLU K 10 34.10 33.35 -41.24
C GLU K 10 34.74 32.04 -40.80
N ALA K 11 35.17 31.97 -39.55
CA ALA K 11 35.73 30.73 -39.02
C ALA K 11 34.70 29.62 -39.06
N TYR K 12 33.44 29.95 -38.74
CA TYR K 12 32.37 28.97 -38.78
C TYR K 12 32.18 28.42 -40.18
N ASN K 13 32.20 29.29 -41.18
CA ASN K 13 32.06 28.85 -42.56
C ASN K 13 33.25 28.00 -42.98
N LYS K 14 34.44 28.36 -42.52
CA LYS K 14 35.62 27.55 -42.81
C LYS K 14 35.48 26.16 -42.22
N ILE K 15 34.97 26.08 -40.99
CA ILE K 15 34.72 24.79 -40.39
C ILE K 15 33.71 24.00 -41.21
N LEU K 16 32.66 24.67 -41.66
CA LEU K 16 31.67 24.00 -42.49
C LEU K 16 32.30 23.39 -43.73
N ARG K 17 33.04 24.19 -44.48
CA ARG K 17 33.62 23.72 -45.73
C ARG K 17 34.65 22.62 -45.46
N ASN K 18 35.35 22.69 -44.33
CA ASN K 18 36.27 21.62 -43.98
C ASN K 18 35.52 20.32 -43.71
N SER K 19 34.38 20.41 -43.01
CA SER K 19 33.60 19.23 -42.66
C SER K 19 32.33 19.11 -43.50
N SER K 20 32.32 19.68 -44.70
CA SER K 20 31.16 19.60 -45.59
C SER K 20 31.12 18.22 -46.25
N SER K 21 30.81 17.22 -45.42
CA SER K 21 30.72 15.83 -45.89
C SER K 21 29.58 15.16 -45.14
N HIS K 22 28.41 15.07 -45.80
CA HIS K 22 27.29 14.37 -45.20
C HIS K 22 27.56 12.88 -45.13
N SER K 23 28.39 12.37 -46.04
CA SER K 23 28.69 10.94 -46.04
C SER K 23 29.63 10.57 -44.90
N SER K 24 30.59 11.43 -44.60
CA SER K 24 31.64 11.13 -43.64
C SER K 24 31.71 12.22 -42.58
N CYS K 25 31.66 11.81 -41.31
CA CYS K 25 31.75 12.75 -40.21
C CYS K 25 33.18 13.23 -40.05
N GLN K 26 33.37 14.56 -40.05
CA GLN K 26 34.68 15.16 -39.88
C GLN K 26 34.70 16.15 -38.71
N LEU K 27 33.74 16.04 -37.80
CA LEU K 27 33.63 16.96 -36.67
C LEU K 27 33.46 16.18 -35.38
N VAL K 28 34.21 16.58 -34.37
CA VAL K 28 34.10 16.02 -33.02
C VAL K 28 33.95 17.19 -32.05
N ILE K 29 33.10 17.01 -31.05
CA ILE K 29 32.82 18.04 -30.06
C ILE K 29 33.38 17.58 -28.72
N PHE K 30 34.25 18.40 -28.14
CA PHE K 30 34.79 18.16 -26.81
C PHE K 30 34.31 19.25 -25.88
N VAL K 31 33.68 18.85 -24.78
CA VAL K 31 33.06 19.79 -23.85
C VAL K 31 33.51 19.46 -22.43
N SER K 32 33.75 20.50 -21.64
CA SER K 32 34.06 20.35 -20.23
C SER K 32 32.82 19.84 -19.51
N CYS K 33 32.98 18.76 -18.75
CA CYS K 33 31.88 18.31 -17.90
C CYS K 33 31.65 19.32 -16.78
N LEU K 34 30.44 19.28 -16.22
CA LEU K 34 30.07 20.04 -15.04
C LEU K 34 30.06 21.55 -15.26
N ASN K 35 29.76 22.01 -16.47
CA ASN K 35 29.60 23.43 -16.74
C ASN K 35 28.26 23.64 -17.43
N ILE K 36 27.40 24.47 -16.83
CA ILE K 36 26.09 24.73 -17.41
C ILE K 36 26.24 25.46 -18.73
N ASP K 37 27.04 26.52 -18.75
CA ASP K 37 27.22 27.30 -19.98
C ASP K 37 27.80 26.43 -21.08
N ALA K 38 28.67 25.48 -20.73
CA ALA K 38 29.18 24.55 -21.71
C ALA K 38 28.05 23.73 -22.32
N LEU K 39 27.11 23.27 -21.48
CA LEU K 39 25.98 22.51 -21.99
C LEU K 39 25.10 23.35 -22.90
N CYS K 40 24.89 24.62 -22.53
CA CYS K 40 24.10 25.50 -23.38
C CYS K 40 24.78 25.68 -24.73
N ALA K 41 26.10 25.89 -24.74
CA ALA K 41 26.82 26.03 -26.00
C ALA K 41 26.75 24.76 -26.83
N THR K 42 26.82 23.60 -26.19
CA THR K 42 26.72 22.35 -26.92
C THR K 42 25.34 22.20 -27.55
N LYS K 43 24.29 22.59 -26.82
CA LYS K 43 22.96 22.59 -27.42
C LYS K 43 22.92 23.53 -28.62
N MET K 44 23.52 24.70 -28.49
CA MET K 44 23.60 25.65 -29.59
C MET K 44 24.21 24.98 -30.81
N LEU K 45 25.37 24.36 -30.61
CA LEU K 45 26.09 23.74 -31.72
C LEU K 45 25.28 22.61 -32.33
N SER K 46 24.62 21.81 -31.48
CA SER K 46 23.83 20.70 -31.97
C SER K 46 22.69 21.20 -32.87
N LEU K 47 22.00 22.24 -32.43
CA LEU K 47 20.92 22.77 -33.25
C LEU K 47 21.47 23.35 -34.56
N LEU K 48 22.60 24.05 -34.49
CA LEU K 48 23.19 24.61 -35.69
C LEU K 48 23.56 23.51 -36.67
N PHE K 49 24.15 22.43 -36.15
CA PHE K 49 24.59 21.34 -37.02
C PHE K 49 23.41 20.61 -37.63
N LYS K 50 22.38 20.34 -36.84
CA LYS K 50 21.19 19.71 -37.38
C LYS K 50 20.50 20.62 -38.39
N LYS K 51 20.69 21.93 -38.27
CA LYS K 51 20.29 22.81 -39.36
C LYS K 51 21.15 22.57 -40.60
N GLN K 52 22.45 22.39 -40.42
CA GLN K 52 23.35 22.11 -41.52
C GLN K 52 23.51 20.62 -41.79
N LEU K 53 22.88 19.76 -40.98
CA LEU K 53 22.89 18.32 -41.20
C LEU K 53 24.31 17.76 -41.17
N VAL K 54 25.23 18.48 -40.54
CA VAL K 54 26.63 18.07 -40.54
C VAL K 54 26.83 16.96 -39.52
N GLN K 55 27.43 15.86 -39.96
CA GLN K 55 27.73 14.75 -39.06
C GLN K 55 28.75 15.18 -38.01
N SER K 56 28.55 14.72 -36.78
CA SER K 56 29.39 15.16 -35.68
C SER K 56 29.24 14.21 -34.51
N GLN K 57 30.31 14.08 -33.74
CA GLN K 57 30.29 13.32 -32.49
C GLN K 57 30.54 14.25 -31.30
N ILE K 58 29.71 14.09 -30.28
CA ILE K 58 29.74 14.93 -29.09
C ILE K 58 30.24 14.10 -27.92
N VAL K 59 31.29 14.58 -27.25
CA VAL K 59 31.93 13.85 -26.17
C VAL K 59 32.04 14.75 -24.95
N PRO K 60 31.56 14.33 -23.79
CA PRO K 60 31.81 15.11 -22.56
C PRO K 60 33.08 14.65 -21.86
N ILE K 61 33.90 15.60 -21.41
CA ILE K 61 35.16 15.29 -20.77
C ILE K 61 35.26 16.10 -19.49
N PHE K 62 36.03 15.58 -18.55
CA PHE K 62 36.22 16.22 -17.26
C PHE K 62 37.71 16.42 -16.97
N GLY K 63 38.55 15.59 -17.56
CA GLY K 63 39.98 15.58 -17.25
C GLY K 63 40.83 15.97 -18.44
N TYR K 64 41.92 16.68 -18.15
CA TYR K 64 42.83 17.12 -19.22
C TYR K 64 43.56 15.94 -19.85
N SER K 65 44.11 15.05 -19.02
CA SER K 65 44.72 13.83 -19.56
C SER K 65 43.69 12.99 -20.27
N GLU K 66 42.43 13.04 -19.83
CA GLU K 66 41.36 12.40 -20.59
C GLU K 66 41.28 13.01 -21.98
N LEU K 67 41.39 14.34 -22.08
CA LEU K 67 41.40 14.97 -23.38
C LEU K 67 42.56 14.47 -24.22
N ARG K 68 43.75 14.35 -23.61
CA ARG K 68 44.92 13.91 -24.37
C ARG K 68 44.73 12.50 -24.89
N ARG K 69 44.28 11.59 -24.04
CA ARG K 69 44.12 10.21 -24.46
C ARG K 69 43.01 10.08 -25.51
N HIS K 70 41.93 10.86 -25.36
CA HIS K 70 40.90 10.87 -26.38
C HIS K 70 41.44 11.37 -27.70
N TYR K 71 42.23 12.45 -27.67
CA TYR K 71 42.84 12.97 -28.88
C TYR K 71 43.69 11.91 -29.55
N SER K 72 44.43 11.14 -28.73
CA SER K 72 45.15 10.00 -29.26
C SER K 72 44.20 9.01 -29.91
N GLN K 73 43.04 8.78 -29.29
CA GLN K 73 42.02 7.91 -29.86
C GLN K 73 41.47 8.49 -31.16
N LEU K 74 41.43 9.81 -31.28
CA LEU K 74 40.78 10.45 -32.42
C LEU K 74 41.48 10.12 -33.72
N ASP K 75 40.67 9.97 -34.77
CA ASP K 75 41.19 9.79 -36.11
C ASP K 75 41.68 11.12 -36.65
N ASP K 76 42.73 11.07 -37.48
CA ASP K 76 43.29 12.30 -38.02
C ASP K 76 42.35 12.95 -39.03
N ASN K 77 41.46 12.17 -39.66
CA ASN K 77 40.62 12.73 -40.72
C ASN K 77 39.70 13.82 -40.20
N ILE K 78 39.40 13.82 -38.89
CA ILE K 78 38.43 14.75 -38.34
C ILE K 78 39.01 16.16 -38.40
N ASN K 79 38.54 16.95 -39.36
CA ASN K 79 39.09 18.29 -39.54
C ASN K 79 38.48 19.31 -38.60
N SER K 80 37.58 18.90 -37.70
CA SER K 80 36.85 19.84 -36.86
C SER K 80 36.77 19.29 -35.44
N LEU K 81 37.40 19.99 -34.50
CA LEU K 81 37.26 19.68 -33.09
C LEU K 81 37.02 20.99 -32.33
N LEU K 82 36.00 20.97 -31.47
CA LEU K 82 35.62 22.15 -30.72
C LEU K 82 35.84 21.92 -29.24
N LEU K 83 36.40 22.95 -28.59
CA LEU K 83 36.65 22.93 -27.16
C LEU K 83 35.85 24.05 -26.50
N VAL K 84 35.21 23.71 -25.39
CA VAL K 84 34.27 24.63 -24.76
C VAL K 84 34.78 25.08 -23.40
N GLY K 85 35.50 26.20 -23.38
CA GLY K 85 35.80 26.88 -22.14
C GLY K 85 36.84 26.22 -21.25
N PHE K 86 37.52 25.19 -21.74
CA PHE K 86 38.50 24.48 -20.92
C PHE K 86 39.88 24.56 -21.54
N GLY K 87 40.88 24.80 -20.69
CA GLY K 87 42.27 24.73 -21.10
C GLY K 87 42.76 25.89 -21.92
N GLY K 88 41.95 26.93 -22.12
CA GLY K 88 42.37 28.03 -22.98
C GLY K 88 43.64 28.70 -22.49
N VAL K 89 43.74 28.89 -21.17
CA VAL K 89 44.91 29.56 -20.61
C VAL K 89 46.14 28.66 -20.69
N ILE K 90 45.99 27.38 -20.34
CA ILE K 90 47.12 26.48 -20.41
C ILE K 90 47.47 26.23 -21.87
N ASP K 91 48.76 26.10 -22.16
CA ASP K 91 49.15 25.91 -23.56
C ASP K 91 48.74 24.52 -24.01
N LEU K 92 47.56 24.42 -24.61
CA LEU K 92 47.05 23.11 -25.02
C LEU K 92 47.96 22.48 -26.06
N GLU K 93 48.51 23.28 -26.97
CA GLU K 93 49.45 22.74 -27.95
C GLU K 93 50.64 22.10 -27.25
N ALA K 94 51.21 22.79 -26.28
CA ALA K 94 52.24 22.18 -25.44
C ALA K 94 51.67 20.98 -24.70
N PHE K 95 50.44 21.11 -24.19
CA PHE K 95 49.77 19.97 -23.57
C PHE K 95 49.49 18.89 -24.59
N LEU K 96 49.23 19.27 -25.85
CA LEU K 96 48.97 18.29 -26.90
C LEU K 96 50.25 17.75 -27.51
N GLU K 97 51.33 18.54 -27.50
CA GLU K 97 52.62 18.14 -28.07
C GLU K 97 52.48 17.77 -29.54
N ILE K 98 51.87 18.66 -30.34
CA ILE K 98 51.62 18.39 -31.74
C ILE K 98 52.76 18.91 -32.59
N ASP K 99 52.96 18.32 -33.76
CA ASP K 99 53.87 18.86 -34.76
C ASP K 99 53.07 19.48 -35.90
N PRO K 100 53.05 20.80 -36.03
CA PRO K 100 52.30 21.40 -37.15
C PRO K 100 52.81 20.95 -38.51
N GLN K 101 54.11 20.68 -38.62
CA GLN K 101 54.66 20.23 -39.89
C GLN K 101 54.03 18.92 -40.31
N GLU K 102 53.79 18.02 -39.37
CA GLU K 102 52.98 16.84 -39.65
C GLU K 102 51.59 17.26 -40.12
N TYR K 103 51.01 18.25 -39.47
CA TYR K 103 49.62 18.59 -39.73
C TYR K 103 49.47 19.43 -40.99
N VAL K 104 50.44 20.28 -41.30
CA VAL K 104 50.25 21.21 -42.41
C VAL K 104 50.21 20.43 -43.72
N ILE K 105 49.15 20.67 -44.50
CA ILE K 105 49.07 20.23 -45.89
C ILE K 105 49.23 21.45 -46.77
N ASP K 106 50.15 21.39 -47.72
CA ASP K 106 50.38 22.46 -48.68
C ASP K 106 50.70 23.77 -47.98
N THR K 107 51.86 23.80 -47.32
CA THR K 107 52.30 25.02 -46.65
C THR K 107 52.31 26.20 -47.60
N ASP K 108 52.69 25.97 -48.86
CA ASP K 108 52.66 27.02 -49.88
C ASP K 108 51.28 27.06 -50.53
N SER K 111 53.56 32.58 -51.18
CA SER K 111 52.26 32.31 -50.57
C SER K 111 52.37 31.25 -49.49
N GLY K 112 51.57 31.39 -48.44
CA GLY K 112 51.56 30.40 -47.38
C GLY K 112 50.18 30.13 -46.81
N GLU K 113 49.75 28.87 -46.84
CA GLU K 113 48.49 28.47 -46.23
C GLU K 113 48.74 27.25 -45.36
N GLN K 114 47.97 27.14 -44.29
CA GLN K 114 48.16 26.10 -43.27
C GLN K 114 46.91 25.24 -43.20
N SER K 115 46.96 24.06 -43.83
CA SER K 115 45.86 23.11 -43.82
C SER K 115 46.25 21.89 -43.01
N PHE K 116 45.40 21.52 -42.06
CA PHE K 116 45.68 20.39 -41.18
C PHE K 116 44.53 19.41 -41.26
N ARG K 117 44.84 18.11 -41.17
CA ARG K 117 43.77 17.13 -41.27
C ARG K 117 42.89 17.13 -40.02
N ARG K 118 43.44 17.56 -38.89
CA ARG K 118 42.63 17.90 -37.72
C ARG K 118 42.83 19.38 -37.41
N ASP K 119 41.73 20.13 -37.40
CA ASP K 119 41.73 21.53 -36.99
C ASP K 119 40.91 21.64 -35.72
N ILE K 120 41.52 22.16 -34.67
CA ILE K 120 40.90 22.18 -33.34
C ILE K 120 40.62 23.63 -32.97
N TYR K 121 39.34 23.94 -32.80
CA TYR K 121 38.89 25.30 -32.54
C TYR K 121 38.47 25.40 -31.09
N VAL K 122 39.06 26.34 -30.37
CA VAL K 122 38.94 26.41 -28.92
C VAL K 122 38.26 27.70 -28.53
N LEU K 123 37.10 27.58 -27.90
CA LEU K 123 36.43 28.70 -27.27
C LEU K 123 36.59 28.55 -25.77
N ASP K 124 37.26 29.51 -25.14
CA ASP K 124 37.60 29.44 -23.73
C ASP K 124 36.95 30.58 -22.96
N ALA K 125 36.53 30.28 -21.73
CA ALA K 125 35.98 31.28 -20.84
C ALA K 125 37.02 31.88 -19.91
N HIS K 126 38.18 31.24 -19.78
CA HIS K 126 39.19 31.68 -18.84
C HIS K 126 39.89 32.93 -19.34
N ARG K 127 40.25 33.81 -18.41
CA ARG K 127 40.74 35.15 -18.72
C ARG K 127 42.22 35.27 -19.08
N PRO K 128 43.15 34.57 -18.40
CA PRO K 128 44.57 34.81 -18.70
C PRO K 128 44.95 34.67 -20.17
N TRP K 129 44.38 33.71 -20.89
CA TRP K 129 44.42 33.69 -22.35
C TRP K 129 45.86 33.74 -22.88
N ASN K 130 46.59 32.66 -22.62
CA ASN K 130 48.00 32.61 -23.01
C ASN K 130 48.19 32.86 -24.51
N LEU K 131 48.99 33.87 -24.83
CA LEU K 131 49.21 34.24 -26.23
C LEU K 131 49.88 33.11 -26.99
N ASP K 132 50.88 32.48 -26.40
CA ASP K 132 51.52 31.33 -27.03
C ASP K 132 50.50 30.23 -27.28
N ASN K 133 49.58 30.05 -26.34
CA ASN K 133 48.44 29.17 -26.60
C ASN K 133 47.60 29.71 -27.75
N ILE K 134 47.36 31.02 -27.77
CA ILE K 134 46.56 31.60 -28.84
C ILE K 134 47.33 31.61 -30.15
N PHE K 135 48.60 31.99 -30.13
CA PHE K 135 49.34 32.28 -31.34
C PHE K 135 50.44 31.28 -31.68
N GLY K 136 50.81 30.40 -30.75
CA GLY K 136 51.90 29.48 -31.02
C GLY K 136 51.64 28.57 -32.20
N SER K 137 50.42 28.08 -32.33
CA SER K 137 50.07 27.16 -33.39
C SER K 137 48.80 27.63 -34.09
N GLN K 138 48.80 27.55 -35.42
CA GLN K 138 47.57 27.80 -36.16
C GLN K 138 46.58 26.66 -36.03
N ILE K 139 47.07 25.46 -35.73
CA ILE K 139 46.18 24.35 -35.42
C ILE K 139 45.32 24.69 -34.22
N ILE K 140 45.90 25.34 -33.22
CA ILE K 140 45.15 25.85 -32.08
C ILE K 140 44.36 27.05 -32.56
N GLN K 141 43.05 26.89 -32.71
CA GLN K 141 42.19 27.96 -33.17
C GLN K 141 41.40 28.50 -31.99
N CYS K 142 41.69 29.73 -31.60
CA CYS K 142 41.13 30.35 -30.40
C CYS K 142 40.13 31.42 -30.82
N PHE K 143 38.91 31.31 -30.31
CA PHE K 143 37.92 32.35 -30.49
C PHE K 143 38.18 33.46 -29.50
N ASP K 144 38.33 34.68 -29.99
CA ASP K 144 38.81 35.80 -29.18
C ASP K 144 37.69 36.82 -29.02
N ASP K 145 37.38 37.14 -27.76
CA ASP K 145 36.41 38.19 -27.47
C ASP K 145 36.90 39.56 -27.90
N GLY K 146 38.21 39.73 -28.09
CA GLY K 146 38.78 41.02 -28.41
C GLY K 146 39.04 41.84 -27.17
N THR K 147 38.11 41.75 -26.22
CA THR K 147 38.19 42.55 -25.00
C THR K 147 39.49 42.27 -24.24
N VAL K 148 39.83 41.00 -24.09
CA VAL K 148 41.13 40.66 -23.52
C VAL K 148 42.24 40.94 -24.51
N ASP K 149 41.97 40.71 -25.80
CA ASP K 149 43.03 40.70 -26.80
C ASP K 149 43.59 42.10 -27.03
N ASP K 150 42.71 43.07 -27.23
CA ASP K 150 43.19 44.44 -27.46
C ASP K 150 43.92 44.96 -26.22
N THR K 151 43.38 44.67 -25.03
CA THR K 151 44.08 45.02 -23.80
C THR K 151 45.39 44.28 -23.68
N LEU K 152 45.52 43.12 -24.31
CA LEU K 152 46.77 42.38 -24.31
C LEU K 152 47.72 42.86 -25.40
N GLY K 153 47.39 43.96 -26.07
CA GLY K 153 48.23 44.44 -27.16
C GLY K 153 49.67 44.68 -26.74
N GLU K 154 49.86 45.29 -25.57
CA GLU K 154 51.21 45.44 -25.05
C GLU K 154 51.81 44.07 -24.76
N GLN K 155 51.03 43.19 -24.13
CA GLN K 155 51.50 41.84 -23.87
C GLN K 155 51.73 41.08 -25.16
N LYS K 156 50.85 41.27 -26.14
CA LYS K 156 51.00 40.56 -27.40
C LYS K 156 52.25 41.01 -28.14
N GLU K 157 52.55 42.31 -28.10
CA GLU K 157 53.76 42.78 -28.79
C GLU K 157 55.00 42.36 -28.04
N ALA K 158 54.95 42.33 -26.70
CA ALA K 158 56.07 41.80 -25.94
C ALA K 158 56.31 40.34 -26.29
N TYR K 159 55.25 39.55 -26.38
CA TYR K 159 55.37 38.15 -26.78
C TYR K 159 55.92 38.02 -28.18
N TYR K 160 55.48 38.89 -29.09
CA TYR K 160 56.01 38.89 -30.44
C TYR K 160 57.51 39.17 -30.45
N LYS K 161 57.93 40.17 -29.66
CA LYS K 161 59.35 40.47 -29.55
C LYS K 161 60.13 39.28 -29.01
N LEU K 162 59.56 38.60 -28.01
CA LEU K 162 60.19 37.39 -27.50
C LEU K 162 60.33 36.34 -28.60
N LEU K 163 59.31 36.23 -29.45
CA LEU K 163 59.41 35.32 -30.59
C LEU K 163 60.53 35.74 -31.54
N GLU K 164 60.67 37.04 -31.79
CA GLU K 164 61.71 37.52 -32.69
C GLU K 164 63.09 37.21 -32.15
N LEU K 165 63.31 37.46 -30.87
CA LEU K 165 64.61 37.30 -30.24
C LEU K 165 64.68 35.94 -29.58
N ASP K 166 65.38 35.01 -30.20
CA ASP K 166 65.51 33.65 -29.68
C ASP K 166 66.99 33.30 -29.47
N ARG K 223 73.34 40.99 -26.63
CA ARG K 223 73.42 42.42 -26.33
C ARG K 223 72.69 42.72 -25.02
N LYS K 224 73.28 43.60 -24.20
CA LYS K 224 72.69 43.94 -22.92
C LYS K 224 71.33 44.62 -23.09
N GLN K 225 71.21 45.53 -24.06
CA GLN K 225 69.95 46.24 -24.26
C GLN K 225 68.84 45.28 -24.67
N ARG K 226 69.11 44.40 -25.64
CA ARG K 226 68.10 43.45 -26.06
C ARG K 226 67.81 42.44 -24.95
N LYS K 227 68.83 42.07 -24.17
CA LYS K 227 68.62 41.16 -23.06
C LYS K 227 67.68 41.76 -22.02
N LYS K 228 67.91 43.02 -21.66
CA LYS K 228 67.07 43.65 -20.66
C LYS K 228 65.66 43.93 -21.20
N GLN K 229 65.56 44.21 -22.51
CA GLN K 229 64.24 44.34 -23.11
C GLN K 229 63.47 43.03 -23.02
N ILE K 230 64.13 41.92 -23.35
CA ILE K 230 63.51 40.61 -23.25
C ILE K 230 63.13 40.31 -21.81
N HIS K 231 64.00 40.68 -20.87
CA HIS K 231 63.71 40.46 -19.46
C HIS K 231 62.49 41.27 -19.01
N GLU K 232 62.38 42.50 -19.50
CA GLU K 232 61.20 43.32 -19.20
C GLU K 232 59.95 42.71 -19.78
N TYR K 233 60.04 42.17 -21.01
CA TYR K 233 58.91 41.47 -21.59
C TYR K 233 58.52 40.27 -20.73
N GLU K 234 59.51 39.52 -20.25
CA GLU K 234 59.24 38.39 -19.38
C GLU K 234 58.58 38.85 -18.09
N GLY K 235 59.03 39.98 -17.55
CA GLY K 235 58.36 40.54 -16.39
C GLY K 235 56.90 40.83 -16.66
N VAL K 236 56.62 41.39 -17.83
CA VAL K 236 55.23 41.64 -18.23
C VAL K 236 54.44 40.34 -18.31
N LEU K 237 55.06 39.30 -18.87
CA LEU K 237 54.43 37.99 -18.88
C LEU K 237 54.03 37.58 -17.47
N GLU K 238 54.98 37.64 -16.56
CA GLU K 238 54.68 37.30 -15.17
C GLU K 238 53.61 38.21 -14.60
N GLU K 239 53.51 39.43 -15.11
CA GLU K 239 52.44 40.31 -14.66
C GLU K 239 51.08 39.75 -15.04
N TYR K 240 50.90 39.34 -16.31
CA TYR K 240 49.61 38.69 -16.54
C TYR K 240 49.64 37.23 -16.13
N TYR K 241 50.82 36.69 -15.87
CA TYR K 241 50.90 35.40 -15.21
C TYR K 241 50.60 35.60 -13.73
N SER K 242 50.65 34.50 -12.98
CA SER K 242 50.41 34.54 -11.53
C SER K 242 49.09 35.21 -11.20
N GLN K 243 48.13 35.11 -12.11
CA GLN K 243 46.83 35.74 -11.97
C GLN K 243 45.74 34.67 -11.94
N GLY K 244 44.90 34.72 -10.92
CA GLY K 244 43.83 33.77 -10.80
C GLY K 244 42.85 33.86 -11.95
N THR K 245 42.69 32.77 -12.68
CA THR K 245 41.82 32.79 -13.85
C THR K 245 40.37 33.02 -13.44
N THR K 246 39.65 33.74 -14.29
CA THR K 246 38.24 34.02 -14.08
C THR K 246 37.53 33.93 -15.42
N VAL K 247 36.30 34.40 -15.46
CA VAL K 247 35.53 34.49 -16.71
C VAL K 247 34.82 35.83 -16.74
N VAL K 248 34.87 36.50 -17.89
CA VAL K 248 34.10 37.71 -18.11
C VAL K 248 33.06 37.56 -19.20
N ASN K 249 33.04 36.42 -19.90
CA ASN K 249 32.11 36.20 -21.00
C ASN K 249 31.44 34.85 -20.80
N SER K 250 30.14 34.88 -20.53
CA SER K 250 29.33 33.66 -20.57
C SER K 250 29.42 33.08 -21.96
N ILE K 251 29.85 31.82 -22.08
CA ILE K 251 30.11 31.20 -23.37
C ILE K 251 28.86 31.32 -24.24
N SER K 252 27.71 31.11 -23.62
CA SER K 252 26.44 31.24 -24.32
C SER K 252 26.30 32.61 -24.97
N ALA K 253 26.85 33.64 -24.33
CA ALA K 253 26.71 34.99 -24.87
C ALA K 253 27.39 35.14 -26.22
N GLN K 254 28.67 34.79 -26.33
CA GLN K 254 29.34 34.95 -27.62
C GLN K 254 28.87 33.89 -28.61
N ILE K 255 28.44 32.73 -28.13
CA ILE K 255 27.85 31.75 -29.04
C ILE K 255 26.61 32.35 -29.70
N TYR K 256 25.71 32.91 -28.89
CA TYR K 256 24.52 33.53 -29.43
C TYR K 256 24.86 34.73 -30.28
N SER K 257 25.95 35.44 -29.96
CA SER K 257 26.41 36.52 -30.81
C SER K 257 26.77 35.99 -32.19
N LEU K 258 27.48 34.87 -32.24
CA LEU K 258 27.80 34.25 -33.52
C LEU K 258 26.54 33.81 -34.25
N LEU K 259 25.55 33.29 -33.51
CA LEU K 259 24.29 32.91 -34.13
C LEU K 259 23.62 34.13 -34.76
N SER K 260 23.63 35.25 -34.04
CA SER K 260 23.08 36.49 -34.58
C SER K 260 23.84 36.92 -35.82
N ALA K 261 25.16 36.77 -35.81
CA ALA K 261 25.95 37.01 -37.00
C ALA K 261 25.46 36.15 -38.15
N ILE K 262 25.13 34.89 -37.86
CA ILE K 262 24.48 34.03 -38.85
C ILE K 262 23.00 34.30 -38.94
N GLY K 263 22.40 34.91 -37.91
CA GLY K 263 21.00 35.24 -37.94
C GLY K 263 20.07 34.09 -37.65
N GLU K 264 20.57 32.98 -37.12
CA GLU K 264 19.76 31.80 -36.86
C GLU K 264 19.15 31.81 -35.47
N THR K 265 19.28 32.91 -34.74
CA THR K 265 18.79 32.98 -33.38
C THR K 265 17.28 32.76 -33.32
N ASN K 266 16.84 31.98 -32.35
CA ASN K 266 15.43 31.83 -32.03
C ASN K 266 15.20 32.19 -30.57
N LEU K 267 13.97 31.96 -30.11
CA LEU K 267 13.68 32.16 -28.70
C LEU K 267 14.50 31.21 -27.83
N SER K 268 14.64 29.97 -28.26
CA SER K 268 15.38 28.99 -27.47
C SER K 268 16.83 29.39 -27.32
N ASN K 269 17.46 29.82 -28.42
CA ASN K 269 18.85 30.25 -28.36
C ASN K 269 19.03 31.34 -27.31
N LEU K 270 18.18 32.36 -27.37
CA LEU K 270 18.25 33.42 -26.37
C LEU K 270 17.92 32.86 -24.99
N TRP K 271 16.95 31.95 -24.92
CA TRP K 271 16.61 31.36 -23.63
C TRP K 271 17.78 30.61 -23.03
N LEU K 272 18.46 29.80 -23.84
CA LEU K 272 19.60 29.05 -23.32
C LEU K 272 20.76 29.96 -22.98
N ASN K 273 20.93 31.04 -23.75
CA ASN K 273 21.95 32.03 -23.40
C ASN K 273 21.64 32.65 -22.05
N ILE K 274 20.36 32.95 -21.80
CA ILE K 274 19.95 33.45 -20.50
C ILE K 274 20.30 32.45 -19.42
N LEU K 275 20.04 31.17 -19.68
CA LEU K 275 20.33 30.14 -18.68
C LEU K 275 21.82 30.08 -18.38
N GLY K 276 22.65 30.11 -19.42
CA GLY K 276 24.08 30.07 -19.20
C GLY K 276 24.59 31.27 -18.43
N THR K 277 24.09 32.46 -18.78
CA THR K 277 24.48 33.65 -18.05
C THR K 277 24.04 33.59 -16.60
N THR K 278 22.83 33.09 -16.36
CA THR K 278 22.33 32.93 -15.00
C THR K 278 23.23 31.98 -14.22
N SER K 279 23.69 30.92 -14.88
CA SER K 279 24.65 30.02 -14.26
C SER K 279 25.92 30.78 -13.89
N LEU K 280 26.39 31.65 -14.78
CA LEU K 280 27.59 32.41 -14.49
C LEU K 280 27.38 33.41 -13.36
N ASP K 281 26.12 33.78 -13.09
CA ASP K 281 25.84 34.91 -12.20
C ASP K 281 26.53 34.78 -10.85
N ILE K 282 26.42 33.62 -10.21
CA ILE K 282 26.98 33.47 -8.88
C ILE K 282 28.50 33.64 -8.90
N ALA K 283 29.15 33.06 -9.91
CA ALA K 283 30.60 33.17 -10.01
C ALA K 283 31.03 34.61 -10.26
N TYR K 284 30.32 35.30 -11.15
CA TYR K 284 30.65 36.69 -11.50
C TYR K 284 29.34 37.45 -11.65
N ALA K 285 28.89 38.04 -10.54
CA ALA K 285 27.63 38.79 -10.56
C ALA K 285 27.72 39.99 -11.49
N GLN K 286 28.84 40.72 -11.44
CA GLN K 286 28.98 41.94 -12.22
C GLN K 286 28.91 41.65 -13.71
N VAL K 287 29.49 40.53 -14.14
CA VAL K 287 29.43 40.16 -15.55
C VAL K 287 27.99 39.90 -15.96
N TYR K 288 27.26 39.19 -15.10
CA TYR K 288 25.85 38.94 -15.35
C TYR K 288 25.08 40.24 -15.47
N ASN K 289 25.34 41.18 -14.55
CA ASN K 289 24.64 42.45 -14.59
C ASN K 289 24.94 43.21 -15.86
N ARG K 290 26.21 43.18 -16.29
CA ARG K 290 26.58 43.90 -17.50
C ARG K 290 25.91 43.29 -18.73
N LEU K 291 25.84 41.96 -18.79
CA LEU K 291 25.23 41.33 -19.95
C LEU K 291 23.70 41.39 -19.89
N TYR K 292 23.16 41.64 -18.70
CA TYR K 292 21.71 41.62 -18.51
C TYR K 292 20.95 42.57 -19.43
N PRO K 293 21.33 43.85 -19.57
CA PRO K 293 20.59 44.71 -20.52
C PRO K 293 20.66 44.19 -21.94
N LEU K 294 21.79 43.61 -22.34
CA LEU K 294 21.90 43.05 -23.67
C LEU K 294 20.89 41.93 -23.86
N LEU K 295 20.77 41.05 -22.86
CA LEU K 295 19.81 39.97 -22.94
C LEU K 295 18.39 40.50 -23.02
N GLN K 296 18.08 41.51 -22.21
CA GLN K 296 16.74 42.09 -22.24
C GLN K 296 16.45 42.70 -23.60
N ASP K 297 17.42 43.40 -24.17
CA ASP K 297 17.23 44.02 -25.48
C ASP K 297 17.01 42.97 -26.55
N GLU K 298 17.77 41.87 -26.49
CA GLU K 298 17.55 40.79 -27.44
C GLU K 298 16.17 40.17 -27.25
N VAL K 299 15.71 40.10 -26.00
CA VAL K 299 14.36 39.60 -25.74
C VAL K 299 13.36 40.48 -26.47
N LYS K 300 13.47 41.79 -26.26
CA LYS K 300 12.60 42.73 -26.96
C LYS K 300 12.68 42.53 -28.47
N ARG K 301 13.90 42.26 -28.96
CA ARG K 301 14.08 41.95 -30.37
C ARG K 301 13.27 40.72 -30.76
N LEU K 302 13.11 39.78 -29.84
CA LEU K 302 12.43 38.53 -30.15
C LEU K 302 11.09 38.37 -29.44
N THR K 303 10.60 39.40 -28.75
CA THR K 303 9.27 39.30 -28.16
C THR K 303 8.23 39.12 -29.25
N PRO K 304 7.24 38.27 -29.06
CA PRO K 304 6.12 38.20 -30.02
C PRO K 304 5.30 39.47 -29.98
N SER K 305 4.68 39.80 -31.11
CA SER K 305 3.87 41.00 -31.19
C SER K 305 2.65 40.92 -30.29
N SER K 306 2.04 39.73 -30.22
CA SER K 306 0.81 39.58 -29.45
C SER K 306 1.03 39.96 -27.99
N ARG K 307 0.12 40.76 -27.47
CA ARG K 307 0.19 41.25 -26.09
C ARG K 307 -0.93 40.63 -25.28
N ASN K 308 -0.60 40.26 -24.03
CA ASN K 308 -1.52 39.76 -23.01
C ASN K 308 -2.58 38.82 -23.57
N SER K 309 -2.21 38.00 -24.54
CA SER K 309 -3.14 37.03 -25.10
C SER K 309 -3.48 35.98 -24.05
N VAL K 310 -4.70 35.45 -24.14
CA VAL K 310 -5.14 34.42 -23.21
C VAL K 310 -4.21 33.23 -23.32
N LYS K 311 -3.78 32.71 -22.18
CA LYS K 311 -2.84 31.60 -22.19
C LYS K 311 -3.50 30.35 -22.75
N THR K 312 -2.84 29.74 -23.73
CA THR K 312 -3.27 28.51 -24.36
C THR K 312 -2.09 27.56 -24.42
N PRO K 313 -2.35 26.25 -24.44
CA PRO K 313 -1.22 25.30 -24.37
C PRO K 313 -0.18 25.48 -25.44
N ASP K 314 -0.59 25.83 -26.66
CA ASP K 314 0.36 26.06 -27.74
C ASP K 314 1.28 27.24 -27.42
N THR K 315 0.73 28.29 -26.82
CA THR K 315 1.51 29.50 -26.59
C THR K 315 2.60 29.27 -25.56
N LEU K 316 3.80 29.77 -25.87
CA LEU K 316 4.93 29.80 -24.96
C LEU K 316 5.40 31.24 -24.83
N THR K 317 5.59 31.70 -23.59
CA THR K 317 6.02 33.06 -23.36
C THR K 317 7.18 33.08 -22.37
N LEU K 318 8.13 33.98 -22.63
CA LEU K 318 9.20 34.29 -21.72
C LEU K 318 9.05 35.75 -21.29
N ASN K 319 9.15 35.99 -19.98
CA ASN K 319 8.92 37.31 -19.42
C ASN K 319 10.19 37.79 -18.72
N ILE K 320 10.30 39.11 -18.63
CA ILE K 320 11.32 39.77 -17.84
C ILE K 320 10.59 40.46 -16.69
N GLN K 321 10.46 39.79 -15.56
CA GLN K 321 9.70 40.29 -14.43
C GLN K 321 10.53 40.14 -13.17
N PRO K 322 10.21 40.88 -12.12
CA PRO K 322 11.04 40.86 -10.91
C PRO K 322 11.21 39.45 -10.36
N ASP K 323 12.44 39.13 -9.99
CA ASP K 323 12.80 37.83 -9.44
C ASP K 323 13.40 38.02 -8.06
N TYR K 324 13.13 37.08 -7.18
CA TYR K 324 13.58 37.16 -5.80
C TYR K 324 14.63 36.09 -5.58
N TYR K 325 15.73 36.46 -4.94
CA TYR K 325 16.89 35.57 -4.81
C TYR K 325 16.59 34.47 -3.79
N LEU K 326 15.53 33.72 -4.08
CA LEU K 326 15.13 32.55 -3.32
C LEU K 326 15.05 31.37 -4.26
N PHE K 327 15.86 30.34 -3.98
CA PHE K 327 15.88 29.15 -4.83
C PHE K 327 14.49 28.53 -4.93
N LEU K 328 14.12 28.15 -6.16
CA LEU K 328 12.91 27.37 -6.40
C LEU K 328 11.66 28.04 -5.85
N LEU K 329 11.67 29.37 -5.83
CA LEU K 329 10.65 30.12 -5.10
C LEU K 329 9.26 29.73 -5.54
N ARG K 330 9.03 29.68 -6.86
CA ARG K 330 7.71 29.29 -7.37
C ARG K 330 7.38 27.86 -6.98
N HIS K 331 8.32 26.95 -7.22
CA HIS K 331 8.05 25.52 -7.09
C HIS K 331 8.35 25.00 -5.69
N SER K 332 8.92 25.82 -4.83
CA SER K 332 9.06 25.51 -3.42
C SER K 332 8.15 26.42 -2.62
N SER K 333 8.22 26.28 -1.30
CA SER K 333 7.45 27.16 -0.44
C SER K 333 8.10 28.53 -0.33
N LEU K 334 7.55 29.33 0.59
CA LEU K 334 8.18 30.61 0.91
C LEU K 334 9.22 30.44 2.01
N TYR K 335 8.83 29.81 3.11
CA TYR K 335 9.71 29.63 4.25
C TYR K 335 10.98 28.91 3.85
N ASP K 336 10.84 27.79 3.15
CA ASP K 336 12.02 27.04 2.73
C ASP K 336 12.87 27.83 1.75
N SER K 337 12.23 28.51 0.81
CA SER K 337 12.97 29.31 -0.17
C SER K 337 13.84 30.34 0.53
N PHE K 338 13.32 30.96 1.59
CA PHE K 338 14.16 31.79 2.43
C PHE K 338 15.21 30.93 3.15
N TYR K 339 14.83 29.72 3.53
CA TYR K 339 15.60 28.97 4.52
C TYR K 339 16.98 28.59 4.00
N TYR K 340 17.04 28.00 2.81
CA TYR K 340 18.32 27.58 2.26
C TYR K 340 18.93 28.61 1.33
N SER K 341 18.32 29.78 1.18
CA SER K 341 18.90 30.84 0.37
C SER K 341 20.19 31.32 1.01
N ASN K 342 21.32 31.13 0.31
CA ASN K 342 22.63 31.45 0.89
C ASN K 342 22.72 32.92 1.24
N TYR K 343 22.29 33.79 0.34
CA TYR K 343 22.30 35.22 0.63
C TYR K 343 21.41 35.55 1.81
N VAL K 344 20.21 34.97 1.84
CA VAL K 344 19.29 35.21 2.95
C VAL K 344 19.90 34.70 4.25
N ASN K 345 20.48 33.50 4.21
CA ASN K 345 21.10 32.94 5.40
C ASN K 345 22.20 33.86 5.92
N ALA K 346 23.10 34.28 5.03
CA ALA K 346 24.21 35.12 5.45
C ALA K 346 23.73 36.46 5.99
N LYS K 347 22.73 37.05 5.33
CA LYS K 347 22.17 38.31 5.82
C LYS K 347 21.55 38.13 7.20
N LEU K 348 20.87 37.01 7.42
CA LEU K 348 20.15 36.78 8.66
C LEU K 348 20.87 35.85 9.61
N SER K 349 22.05 35.36 9.25
CA SER K 349 22.79 34.41 10.07
C SER K 349 21.92 33.20 10.41
N LEU K 350 21.15 32.73 9.43
CA LEU K 350 20.14 31.70 9.71
C LEU K 350 20.78 30.44 10.27
N TRP K 351 22.08 30.26 10.07
CA TRP K 351 22.80 29.13 10.62
C TRP K 351 22.62 29.04 12.13
N ASN K 352 22.57 30.18 12.82
CA ASN K 352 22.34 30.14 14.25
C ASN K 352 20.85 30.19 14.55
N GLU K 353 20.52 29.88 15.80
CA GLU K 353 19.13 29.91 16.24
C GLU K 353 18.54 31.31 16.13
N ASN K 354 19.36 32.33 16.41
CA ASN K 354 18.89 33.70 16.26
C ASN K 354 18.55 34.02 14.82
N GLY K 355 19.20 33.36 13.86
CA GLY K 355 18.76 33.49 12.48
C GLY K 355 17.33 33.06 12.30
N LYS K 356 16.97 31.91 12.88
CA LYS K 356 15.59 31.45 12.81
C LYS K 356 14.66 32.42 13.51
N LYS K 357 15.08 32.94 14.67
CA LYS K 357 14.26 33.90 15.39
C LYS K 357 13.97 35.12 14.54
N ARG K 358 15.02 35.67 13.92
CA ARG K 358 14.85 36.83 13.06
C ARG K 358 13.99 36.50 11.85
N LEU K 359 14.11 35.26 11.34
CA LEU K 359 13.30 34.85 10.21
C LEU K 359 11.82 34.85 10.58
N HIS K 360 11.50 34.32 11.76
CA HIS K 360 10.11 34.35 12.22
C HIS K 360 9.65 35.77 12.44
N LYS K 361 10.52 36.61 12.99
CA LYS K 361 10.17 38.01 13.22
C LYS K 361 9.84 38.71 11.91
N MET K 362 10.68 38.53 10.90
CA MET K 362 10.45 39.19 9.62
C MET K 362 9.22 38.63 8.94
N PHE K 363 9.01 37.32 9.01
CA PHE K 363 7.80 36.74 8.44
C PHE K 363 6.57 37.35 9.06
N ALA K 364 6.53 37.43 10.38
CA ALA K 364 5.41 38.07 11.06
C ALA K 364 5.33 39.55 10.68
N ARG K 365 6.48 40.16 10.38
CA ARG K 365 6.47 41.54 9.93
C ARG K 365 5.73 41.69 8.61
N MET K 366 5.91 40.74 7.70
CA MET K 366 5.03 40.73 6.54
C MET K 366 3.61 40.36 6.91
N GLY K 367 3.37 39.86 8.12
CA GLY K 367 2.07 39.38 8.48
C GLY K 367 1.64 38.12 7.78
N ILE K 368 2.58 37.38 7.19
CA ILE K 368 2.22 36.12 6.57
C ILE K 368 2.03 35.07 7.65
N PRO K 369 0.90 34.36 7.68
CA PRO K 369 0.77 33.24 8.62
C PRO K 369 1.84 32.20 8.35
N LEU K 370 2.34 31.61 9.44
CA LEU K 370 3.45 30.66 9.32
C LEU K 370 3.07 29.50 8.42
N SER K 371 2.05 28.73 8.81
CA SER K 371 1.67 27.55 8.05
C SER K 371 1.47 27.88 6.57
N THR K 372 0.98 29.08 6.29
CA THR K 372 0.93 29.55 4.92
C THR K 372 2.32 29.65 4.32
N ALA K 373 3.28 30.14 5.11
CA ALA K 373 4.62 30.35 4.59
C ALA K 373 5.31 29.04 4.26
N GLN K 374 5.23 28.04 5.15
CA GLN K 374 5.89 26.77 4.85
C GLN K 374 5.19 25.99 3.75
N GLU K 375 3.99 26.42 3.36
CA GLU K 375 3.32 25.74 2.26
C GLU K 375 3.78 26.34 0.93
N THR K 376 3.68 25.53 -0.12
CA THR K 376 4.34 25.85 -1.39
C THR K 376 3.75 27.09 -2.03
N TRP K 377 4.60 27.80 -2.78
CA TRP K 377 4.19 29.02 -3.47
C TRP K 377 3.06 28.74 -4.44
N LEU K 378 3.14 27.62 -5.16
CA LEU K 378 2.11 27.31 -6.14
C LEU K 378 0.77 27.07 -5.47
N TYR K 379 0.77 26.49 -4.27
CA TYR K 379 -0.48 26.28 -3.57
C TYR K 379 -1.00 27.53 -2.87
N MET K 380 -0.22 28.61 -2.86
CA MET K 380 -0.66 29.85 -2.26
C MET K 380 -1.83 30.44 -3.03
N ASP K 381 -2.74 31.09 -2.31
CA ASP K 381 -3.79 31.84 -2.97
C ASP K 381 -3.19 33.05 -3.68
N HIS K 382 -3.64 33.27 -4.91
CA HIS K 382 -3.11 34.38 -5.70
C HIS K 382 -3.41 35.72 -5.04
N SER K 383 -4.49 35.78 -4.27
CA SER K 383 -4.92 37.03 -3.64
C SER K 383 -3.78 37.64 -2.83
N ILE K 384 -3.00 36.81 -2.16
CA ILE K 384 -1.82 37.28 -1.48
C ILE K 384 -0.60 37.27 -2.40
N LYS K 385 -0.57 36.33 -3.35
CA LYS K 385 0.62 36.16 -4.18
C LYS K 385 0.92 37.41 -4.99
N ARG K 386 -0.11 38.05 -5.52
CA ARG K 386 0.11 39.29 -6.26
C ARG K 386 0.69 40.37 -5.36
N GLU K 387 0.20 40.45 -4.13
CA GLU K 387 0.61 41.52 -3.23
C GLU K 387 2.00 41.30 -2.64
N LEU K 388 2.59 40.13 -2.82
CA LEU K 388 3.82 39.80 -2.12
C LEU K 388 4.92 40.81 -2.40
N GLY K 389 5.08 41.19 -3.67
CA GLY K 389 6.21 42.04 -4.04
C GLY K 389 6.22 43.36 -3.29
N ILE K 390 5.07 44.04 -3.24
CA ILE K 390 5.01 45.31 -2.53
C ILE K 390 5.21 45.09 -1.04
N ILE K 391 4.77 43.95 -0.52
CA ILE K 391 4.98 43.65 0.89
C ILE K 391 6.46 43.57 1.19
N PHE K 392 7.22 42.88 0.34
CA PHE K 392 8.67 42.84 0.52
C PHE K 392 9.25 44.24 0.38
N ASP K 393 8.77 45.00 -0.60
CA ASP K 393 9.23 46.38 -0.76
C ASP K 393 9.07 47.17 0.53
N LYS K 394 7.97 46.92 1.24
CA LYS K 394 7.74 47.60 2.50
C LYS K 394 8.60 47.03 3.63
N ASN K 395 8.97 45.76 3.55
CA ASN K 395 9.59 45.08 4.69
C ASN K 395 11.07 44.78 4.50
N LEU K 396 11.49 44.36 3.30
CA LEU K 396 12.88 43.99 3.11
C LEU K 396 13.81 45.14 3.39
N ASP K 397 13.42 46.35 2.95
CA ASP K 397 14.21 47.54 3.22
C ASP K 397 14.35 47.77 4.71
N ARG K 398 13.24 47.62 5.45
CA ARG K 398 13.29 47.76 6.89
C ARG K 398 14.30 46.80 7.50
N TYR K 399 14.42 45.61 6.90
CA TYR K 399 15.45 44.67 7.30
C TYR K 399 16.73 44.84 6.49
N GLY K 400 16.74 45.70 5.48
CA GLY K 400 17.86 45.84 4.59
C GLY K 400 17.94 44.77 3.52
N LEU K 401 16.93 43.91 3.43
CA LEU K 401 16.93 42.78 2.51
C LEU K 401 16.34 43.13 1.15
N GLN K 402 16.39 44.40 0.74
CA GLN K 402 15.69 44.78 -0.48
C GLN K 402 16.48 44.44 -1.74
N ASP K 403 17.80 44.32 -1.64
CA ASP K 403 18.61 44.06 -2.82
C ASP K 403 18.32 42.70 -3.43
N ILE K 404 17.73 41.79 -2.64
CA ILE K 404 17.34 40.48 -3.14
C ILE K 404 16.32 40.57 -4.26
N ILE K 405 15.40 41.54 -4.19
CA ILE K 405 14.48 41.73 -5.31
C ILE K 405 15.23 42.31 -6.50
N ARG K 406 15.04 41.68 -7.66
CA ARG K 406 15.64 42.13 -8.92
C ARG K 406 14.85 41.51 -10.06
N ASP K 407 14.87 42.14 -11.22
CA ASP K 407 14.16 41.55 -12.34
C ASP K 407 14.90 40.32 -12.85
N GLY K 408 14.14 39.36 -13.36
CA GLY K 408 14.71 38.14 -13.91
C GLY K 408 13.90 37.64 -15.08
N PHE K 409 14.45 36.60 -15.72
CA PHE K 409 13.79 35.94 -16.84
C PHE K 409 13.10 34.69 -16.35
N VAL K 410 11.77 34.66 -16.45
CA VAL K 410 10.98 33.49 -16.12
C VAL K 410 10.13 33.15 -17.34
N ARG K 411 10.23 31.91 -17.81
CA ARG K 411 9.55 31.47 -19.01
C ARG K 411 8.51 30.43 -18.65
N THR K 412 7.40 30.45 -19.37
CA THR K 412 6.33 29.49 -19.19
C THR K 412 5.87 28.98 -20.56
N LEU K 413 5.31 27.78 -20.54
CA LEU K 413 4.74 27.17 -21.74
C LEU K 413 3.39 26.59 -21.39
N GLY K 414 2.38 26.97 -22.18
CA GLY K 414 1.06 26.40 -21.98
C GLY K 414 0.56 26.62 -20.58
N TYR K 415 0.09 25.55 -19.96
CA TYR K 415 -0.37 25.58 -18.58
C TYR K 415 0.56 24.84 -17.63
N ARG K 416 1.77 24.50 -18.08
CA ARG K 416 2.73 23.84 -17.20
C ARG K 416 3.12 24.75 -16.04
N GLY K 417 3.28 26.03 -16.30
CA GLY K 417 3.66 26.95 -15.25
C GLY K 417 4.92 27.72 -15.60
N SER K 418 5.21 28.74 -14.81
CA SER K 418 6.37 29.59 -15.04
C SER K 418 7.54 29.13 -14.20
N ILE K 419 8.71 29.07 -14.84
CA ILE K 419 9.92 28.58 -14.19
C ILE K 419 11.01 29.62 -14.34
N SER K 420 11.61 30.01 -13.21
CA SER K 420 12.70 30.95 -13.24
C SER K 420 13.93 30.32 -13.89
N ALA K 421 14.66 31.13 -14.66
CA ALA K 421 15.95 30.68 -15.17
C ALA K 421 16.87 30.27 -14.04
N SER K 422 16.81 30.97 -12.91
CA SER K 422 17.58 30.56 -11.74
C SER K 422 17.13 29.18 -11.27
N GLU K 423 15.82 28.96 -11.20
CA GLU K 423 15.31 27.65 -10.85
C GLU K 423 15.80 26.61 -11.84
N PHE K 424 15.81 26.95 -13.13
CA PHE K 424 16.25 26.03 -14.16
C PHE K 424 17.71 25.63 -13.95
N VAL K 425 18.57 26.62 -13.72
CA VAL K 425 19.99 26.33 -13.57
C VAL K 425 20.24 25.57 -12.27
N GLU K 426 19.45 25.84 -11.24
CA GLU K 426 19.56 25.06 -10.01
C GLU K 426 19.24 23.60 -10.27
N ALA K 427 18.16 23.34 -11.00
CA ALA K 427 17.79 21.96 -11.32
C ALA K 427 18.88 21.29 -12.16
N LEU K 428 19.43 22.04 -13.12
CA LEU K 428 20.50 21.48 -13.96
C LEU K 428 21.71 21.12 -13.11
N THR K 429 22.11 22.02 -12.22
CA THR K 429 23.25 21.75 -11.35
C THR K 429 22.98 20.53 -10.48
N ALA K 430 21.76 20.42 -9.95
CA ALA K 430 21.42 19.27 -9.13
C ALA K 430 21.51 17.98 -9.92
N LEU K 431 21.00 17.98 -11.15
CA LEU K 431 21.05 16.77 -11.97
C LEU K 431 22.49 16.41 -12.31
N LEU K 432 23.33 17.43 -12.52
CA LEU K 432 24.75 17.16 -12.71
C LEU K 432 25.36 16.52 -11.47
N GLU K 433 25.00 17.04 -10.30
CA GLU K 433 25.64 16.59 -9.07
C GLU K 433 25.24 15.16 -8.72
N VAL K 434 23.94 14.87 -8.73
CA VAL K 434 23.43 13.61 -8.21
C VAL K 434 22.57 12.88 -9.23
N GLY K 435 22.84 13.06 -10.52
CA GLY K 435 22.12 12.29 -11.53
C GLY K 435 22.33 10.80 -11.35
N ASN K 436 23.54 10.39 -10.99
CA ASN K 436 23.84 9.00 -10.73
C ASN K 436 24.77 8.85 -9.53
N ASN K 461 42.20 0.67 -9.16
CA ASN K 461 41.36 0.57 -7.97
C ASN K 461 40.74 1.91 -7.63
N SER K 462 41.44 2.68 -6.78
CA SER K 462 40.97 4.02 -6.44
C SER K 462 40.90 4.90 -7.68
N ALA K 463 41.94 4.85 -8.52
CA ALA K 463 41.88 5.54 -9.80
C ALA K 463 40.76 4.96 -10.66
N GLN K 464 40.63 3.62 -10.66
CA GLN K 464 39.52 2.99 -11.35
C GLN K 464 38.19 3.44 -10.77
N LYS K 465 38.10 3.57 -9.45
CA LYS K 465 36.91 4.13 -8.84
C LYS K 465 36.71 5.57 -9.28
N LEU K 466 37.80 6.34 -9.39
CA LEU K 466 37.66 7.71 -9.89
C LEU K 466 37.23 7.73 -11.35
N THR K 467 37.69 6.78 -12.16
CA THR K 467 37.17 6.66 -13.52
C THR K 467 35.68 6.35 -13.50
N ASN K 468 35.25 5.51 -12.57
CA ASN K 468 33.82 5.21 -12.44
C ASN K 468 33.03 6.47 -12.09
N LEU K 469 33.55 7.28 -11.17
CA LEU K 469 32.90 8.54 -10.85
C LEU K 469 32.89 9.47 -12.04
N ARG K 470 33.97 9.51 -12.82
CA ARG K 470 33.98 10.33 -14.03
C ARG K 470 32.93 9.85 -15.02
N LYS K 471 32.78 8.53 -15.16
CA LYS K 471 31.75 7.99 -16.01
C LYS K 471 30.36 8.39 -15.52
N ARG K 472 30.15 8.32 -14.21
CA ARG K 472 28.84 8.70 -13.66
C ARG K 472 28.59 10.18 -13.83
N TRP K 473 29.64 11.00 -13.76
CA TRP K 473 29.48 12.44 -13.94
C TRP K 473 29.17 12.75 -15.40
N VAL K 474 29.80 12.03 -16.33
CA VAL K 474 29.42 12.13 -17.73
C VAL K 474 27.97 11.73 -17.92
N SER K 475 27.53 10.68 -17.23
CA SER K 475 26.13 10.27 -17.31
C SER K 475 25.21 11.35 -16.80
N ASN K 476 25.56 11.99 -15.67
CA ASN K 476 24.76 13.09 -15.17
C ASN K 476 24.74 14.25 -16.15
N PHE K 477 25.88 14.50 -16.80
CA PHE K 477 25.92 15.51 -17.85
C PHE K 477 24.92 15.20 -18.94
N TRP K 478 24.90 13.95 -19.39
CA TRP K 478 23.96 13.57 -20.45
C TRP K 478 22.53 13.69 -19.97
N LEU K 479 22.27 13.35 -18.70
CA LEU K 479 20.95 13.50 -18.14
C LEU K 479 20.52 14.97 -18.16
N SER K 480 21.42 15.86 -17.77
CA SER K 480 21.11 17.29 -17.78
C SER K 480 20.88 17.78 -19.19
N TRP K 481 21.71 17.30 -20.13
CA TRP K 481 21.52 17.57 -21.54
C TRP K 481 20.11 17.20 -21.96
N ASP K 482 19.68 15.98 -21.59
CA ASP K 482 18.36 15.51 -21.96
C ASP K 482 17.28 16.35 -21.31
N ALA K 483 17.48 16.75 -20.06
CA ALA K 483 16.50 17.55 -19.35
C ALA K 483 16.25 18.88 -20.04
N LEU K 484 17.26 19.41 -20.73
CA LEU K 484 17.09 20.68 -21.43
C LEU K 484 16.00 20.57 -22.49
N ASP K 485 15.78 19.36 -23.01
CA ASP K 485 14.67 19.16 -23.93
C ASP K 485 13.35 19.45 -23.23
N ASP K 486 12.41 20.01 -24.00
CA ASP K 486 11.13 20.42 -23.42
C ASP K 486 10.35 19.24 -22.87
N ARG K 487 10.35 18.11 -23.60
CA ARG K 487 9.48 17.01 -23.24
C ARG K 487 9.82 16.43 -21.87
N LYS K 488 11.05 16.58 -21.42
CA LYS K 488 11.45 15.98 -20.15
C LYS K 488 11.16 16.91 -18.98
N VAL K 489 9.92 17.40 -18.89
CA VAL K 489 9.50 18.20 -17.76
C VAL K 489 9.59 17.38 -16.48
N GLU K 490 9.30 16.08 -16.58
CA GLU K 490 9.40 15.20 -15.43
C GLU K 490 10.84 15.13 -14.92
N LEU K 491 11.79 14.97 -15.84
CA LEU K 491 13.19 14.96 -15.46
C LEU K 491 13.60 16.30 -14.87
N LEU K 492 13.04 17.39 -15.39
CA LEU K 492 13.28 18.70 -14.81
C LEU K 492 12.79 18.75 -13.36
N ASN K 493 11.62 18.17 -13.10
CA ASN K 493 11.12 18.11 -11.73
C ASN K 493 12.02 17.25 -10.85
N ARG K 494 12.59 16.19 -11.42
CA ARG K 494 13.54 15.37 -10.67
C ARG K 494 14.75 16.19 -10.28
N GLY K 495 15.29 16.96 -11.23
CA GLY K 495 16.38 17.87 -10.91
C GLY K 495 15.98 18.89 -9.88
N ILE K 496 14.72 19.33 -9.91
CA ILE K 496 14.20 20.24 -8.90
C ILE K 496 14.28 19.60 -7.51
N GLN K 497 13.82 18.35 -7.41
CA GLN K 497 13.86 17.66 -6.14
C GLN K 497 15.30 17.46 -5.67
N LEU K 498 16.18 17.11 -6.59
CA LEU K 498 17.60 16.97 -6.25
C LEU K 498 18.16 18.28 -5.73
N ALA K 499 17.74 19.40 -6.33
CA ALA K 499 18.18 20.70 -5.86
C ALA K 499 17.71 20.97 -4.45
N GLN K 500 16.45 20.64 -4.15
CA GLN K 500 15.95 20.79 -2.80
C GLN K 500 16.81 20.00 -1.82
N ASP K 501 17.05 18.74 -2.15
CA ASP K 501 17.81 17.87 -1.25
C ASP K 501 19.22 18.38 -1.05
N LEU K 502 19.87 18.81 -2.14
CA LEU K 502 21.24 19.28 -2.04
C LEU K 502 21.32 20.56 -1.24
N GLN K 503 20.37 21.48 -1.43
CA GLN K 503 20.35 22.70 -0.63
C GLN K 503 20.18 22.36 0.84
N ARG K 504 19.29 21.42 1.14
CA ARG K 504 19.09 20.99 2.51
C ARG K 504 20.37 20.45 3.11
N ALA K 505 21.04 19.53 2.40
CA ALA K 505 22.25 18.92 2.93
C ALA K 505 23.36 19.93 3.09
N ILE K 506 23.52 20.83 2.12
CA ILE K 506 24.53 21.87 2.21
C ILE K 506 24.26 22.75 3.43
N PHE K 507 23.00 23.10 3.66
CA PHE K 507 22.65 23.89 4.82
C PHE K 507 23.00 23.16 6.11
N ASN K 508 22.68 21.87 6.18
CA ASN K 508 22.96 21.11 7.37
C ASN K 508 24.46 21.08 7.64
N THR K 509 25.25 20.82 6.60
CA THR K 509 26.70 20.77 6.77
C THR K 509 27.25 22.12 7.21
N GLY K 510 26.76 23.20 6.59
CA GLY K 510 27.25 24.51 6.93
C GLY K 510 26.93 24.92 8.35
N VAL K 511 25.68 24.68 8.77
CA VAL K 511 25.34 25.02 10.15
C VAL K 511 26.12 24.15 11.11
N ALA K 512 26.35 22.87 10.75
CA ALA K 512 27.13 22.00 11.62
C ALA K 512 28.54 22.53 11.81
N ILE K 513 29.19 22.92 10.72
CA ILE K 513 30.56 23.39 10.83
C ILE K 513 30.60 24.75 11.53
N LEU K 514 29.55 25.55 11.36
CA LEU K 514 29.54 26.87 11.98
C LEU K 514 29.38 26.78 13.49
N GLU K 515 28.42 25.97 13.96
CA GLU K 515 28.26 25.81 15.40
C GLU K 515 29.50 25.20 16.02
N LYS K 516 30.11 24.24 15.32
CA LYS K 516 31.34 23.64 15.80
C LYS K 516 32.57 24.48 15.47
N LYS K 517 32.41 25.59 14.76
CA LYS K 517 33.52 26.48 14.43
C LYS K 517 34.64 25.71 13.72
N LEU K 518 34.25 24.84 12.80
CA LEU K 518 35.23 24.02 12.11
C LEU K 518 36.09 24.84 11.17
N ILE K 519 35.66 26.06 10.83
CA ILE K 519 36.55 26.97 10.12
C ILE K 519 37.68 27.39 11.04
N LYS K 520 38.91 27.30 10.52
CA LYS K 520 40.11 27.69 11.26
C LYS K 520 40.90 28.61 10.33
N HIS K 521 40.65 29.91 10.45
CA HIS K 521 41.33 30.88 9.61
C HIS K 521 42.76 31.08 10.09
N LEU K 522 43.70 30.99 9.16
CA LEU K 522 45.11 31.20 9.45
C LEU K 522 45.59 32.56 8.99
N ARG K 523 44.67 33.52 8.87
CA ARG K 523 44.92 34.92 8.52
C ARG K 523 45.64 35.05 7.17
N ILE K 524 45.85 33.92 6.51
CA ILE K 524 46.35 33.89 5.14
C ILE K 524 45.25 33.29 4.28
N TYR K 525 44.44 32.42 4.90
CA TYR K 525 43.30 31.78 4.26
C TYR K 525 42.47 31.11 5.34
N ARG K 526 41.16 31.29 5.28
CA ARG K 526 40.27 30.64 6.23
C ARG K 526 40.15 29.16 5.86
N LEU K 527 40.53 28.29 6.77
CA LEU K 527 40.67 26.87 6.47
C LEU K 527 39.61 26.07 7.20
N CYS K 528 38.87 25.27 6.44
CA CYS K 528 37.97 24.28 6.99
C CYS K 528 38.18 22.98 6.24
N VAL K 529 38.00 21.86 6.93
CA VAL K 529 38.24 20.54 6.36
C VAL K 529 37.07 19.63 6.69
N LEU K 530 36.83 18.65 5.81
CA LEU K 530 35.77 17.68 5.96
C LEU K 530 36.38 16.34 6.33
N GLN K 531 36.11 15.87 7.53
CA GLN K 531 36.58 14.57 7.99
C GLN K 531 35.43 13.65 8.40
N ASP K 532 34.50 14.15 9.20
CA ASP K 532 33.36 13.38 9.68
C ASP K 532 32.09 13.86 8.99
N GLY K 533 30.96 13.30 9.43
CA GLY K 533 29.68 13.66 8.87
C GLY K 533 29.38 12.85 7.63
N PRO K 534 28.10 12.70 7.33
CA PRO K 534 27.71 11.93 6.14
C PRO K 534 27.89 12.72 4.86
N ASP K 535 27.47 12.15 3.73
CA ASP K 535 27.42 12.79 2.42
C ASP K 535 28.79 13.20 1.91
N LEU K 536 29.88 12.72 2.51
CA LEU K 536 31.21 13.00 1.98
C LEU K 536 31.34 12.49 0.56
N ASP K 537 30.68 11.36 0.26
CA ASP K 537 30.59 10.89 -1.12
C ASP K 537 29.86 11.91 -1.98
N LEU K 538 28.81 12.52 -1.45
CA LEU K 538 28.17 13.63 -2.15
C LEU K 538 29.12 14.82 -2.22
N TYR K 539 29.83 15.09 -1.13
CA TYR K 539 30.66 16.27 -1.07
C TYR K 539 31.87 16.15 -1.99
N ARG K 540 32.46 14.95 -2.09
CA ARG K 540 33.60 14.76 -2.97
C ARG K 540 33.25 15.00 -4.42
N ASN K 541 31.98 14.94 -4.77
CA ASN K 541 31.55 15.41 -6.07
C ASN K 541 31.87 16.90 -6.15
N PRO K 542 32.70 17.34 -7.11
CA PRO K 542 33.23 18.70 -7.04
C PRO K 542 32.17 19.78 -6.93
N LEU K 543 31.06 19.64 -7.65
CA LEU K 543 30.06 20.70 -7.67
C LEU K 543 29.42 20.89 -6.30
N THR K 544 29.22 19.80 -5.56
CA THR K 544 28.67 19.92 -4.22
C THR K 544 29.62 20.72 -3.33
N LEU K 545 30.91 20.42 -3.41
CA LEU K 545 31.91 21.18 -2.66
C LEU K 545 31.88 22.65 -3.08
N LEU K 546 31.74 22.90 -4.38
CA LEU K 546 31.69 24.27 -4.87
C LEU K 546 30.49 25.01 -4.31
N ARG K 547 29.33 24.35 -4.28
CA ARG K 547 28.14 25.01 -3.76
C ARG K 547 28.27 25.30 -2.28
N LEU K 548 28.79 24.35 -1.51
CA LEU K 548 29.04 24.62 -0.09
C LEU K 548 30.02 25.76 0.08
N GLY K 549 31.05 25.79 -0.77
CA GLY K 549 32.00 26.89 -0.71
C GLY K 549 31.36 28.22 -1.01
N ASN K 550 30.47 28.26 -2.00
CA ASN K 550 29.75 29.50 -2.30
C ASN K 550 28.92 29.94 -1.12
N TRP K 551 28.23 29.00 -0.49
CA TRP K 551 27.42 29.33 0.68
C TRP K 551 28.28 29.90 1.80
N LEU K 552 29.42 29.28 2.08
CA LEU K 552 30.25 29.76 3.18
C LEU K 552 30.93 31.08 2.83
N ILE K 553 31.30 31.26 1.56
CA ILE K 553 31.84 32.55 1.14
C ILE K 553 30.81 33.64 1.33
N GLU K 554 29.55 33.35 0.96
CA GLU K 554 28.47 34.31 1.17
C GLU K 554 28.32 34.63 2.65
N CYS K 555 28.37 33.60 3.49
CA CYS K 555 28.23 33.81 4.93
C CYS K 555 29.36 34.67 5.48
N CYS K 556 30.61 34.39 5.08
CA CYS K 556 31.74 35.17 5.56
C CYS K 556 31.68 36.60 5.04
N ALA K 557 31.33 36.77 3.77
CA ALA K 557 31.30 38.10 3.17
C ALA K 557 30.23 38.96 3.82
N GLU K 558 29.06 38.39 4.11
CA GLU K 558 28.03 39.15 4.80
C GLU K 558 28.47 39.53 6.20
N SER K 559 29.46 38.83 6.75
CA SER K 559 30.10 39.22 8.00
C SER K 559 31.24 40.16 7.65
N GLU K 560 30.92 41.43 7.46
CA GLU K 560 31.91 42.42 7.04
C GLU K 560 32.94 42.70 8.12
N ASP K 561 32.69 42.23 9.35
CA ASP K 561 33.65 42.43 10.43
C ASP K 561 35.00 41.82 10.08
N LYS K 562 34.99 40.62 9.51
CA LYS K 562 36.21 39.99 9.04
C LYS K 562 36.37 40.26 7.55
N GLN K 563 37.58 40.64 7.14
CA GLN K 563 37.84 41.01 5.77
C GLN K 563 37.80 39.78 4.86
N LEU K 564 37.87 40.03 3.56
CA LEU K 564 37.96 38.94 2.60
C LEU K 564 39.32 38.25 2.74
N LEU K 565 39.29 36.94 2.84
CA LEU K 565 40.48 36.11 2.93
C LEU K 565 40.26 34.90 2.04
N PRO K 566 41.34 34.26 1.56
CA PRO K 566 41.15 33.08 0.71
C PRO K 566 40.39 31.96 1.43
N MET K 567 39.55 31.27 0.66
CA MET K 567 38.73 30.16 1.14
C MET K 567 39.34 28.85 0.67
N VAL K 568 39.80 28.03 1.60
CA VAL K 568 40.35 26.72 1.30
C VAL K 568 39.49 25.66 1.99
N LEU K 569 39.15 24.61 1.25
CA LEU K 569 38.27 23.56 1.77
C LEU K 569 38.80 22.21 1.34
N ALA K 570 38.83 21.26 2.28
CA ALA K 570 39.35 19.93 2.03
C ALA K 570 38.35 18.89 2.51
N SER K 571 38.05 17.91 1.66
CA SER K 571 37.08 16.87 1.98
C SER K 571 37.71 15.50 1.80
N ILE K 572 37.31 14.56 2.65
CA ILE K 572 37.83 13.20 2.63
C ILE K 572 36.84 12.28 1.95
N ASP K 573 37.36 11.29 1.22
CA ASP K 573 36.60 10.14 0.79
C ASP K 573 37.30 8.88 1.30
N GLU K 574 36.62 8.12 2.15
CA GLU K 574 37.23 6.93 2.72
C GLU K 574 37.46 5.86 1.66
N ASN K 575 36.62 5.85 0.61
CA ASN K 575 36.83 4.90 -0.47
C ASN K 575 38.16 5.14 -1.16
N THR K 576 38.51 6.41 -1.39
CA THR K 576 39.82 6.73 -1.92
C THR K 576 40.84 6.97 -0.81
N ASP K 577 40.37 7.20 0.42
CA ASP K 577 41.21 7.45 1.57
C ASP K 577 42.17 8.62 1.36
N THR K 578 41.77 9.58 0.52
CA THR K 578 42.59 10.76 0.25
C THR K 578 41.70 11.99 0.25
N TYR K 579 42.29 13.13 0.58
CA TYR K 579 41.52 14.36 0.72
C TYR K 579 41.20 14.98 -0.63
N LEU K 580 40.08 15.68 -0.69
CA LEU K 580 39.64 16.41 -1.87
C LEU K 580 39.62 17.90 -1.54
N VAL K 581 40.31 18.71 -2.33
CA VAL K 581 40.57 20.10 -2.00
C VAL K 581 40.12 20.99 -3.14
N ALA K 582 39.43 22.08 -2.79
CA ALA K 582 39.10 23.13 -3.74
C ALA K 582 39.50 24.46 -3.12
N GLY K 583 40.23 25.27 -3.90
CA GLY K 583 40.68 26.57 -3.41
C GLY K 583 39.84 27.72 -3.93
N LEU K 584 38.96 28.23 -3.08
CA LEU K 584 37.96 29.22 -3.50
C LEU K 584 38.47 30.62 -3.19
N THR K 585 38.50 31.47 -4.21
CA THR K 585 38.88 32.85 -4.02
C THR K 585 37.79 33.59 -3.24
N PRO K 586 38.17 34.59 -2.44
CA PRO K 586 37.16 35.39 -1.74
C PRO K 586 36.30 36.17 -2.72
N ARG K 587 35.06 36.44 -2.29
CA ARG K 587 34.07 37.10 -3.13
C ARG K 587 33.34 38.17 -2.33
N TYR K 588 33.11 39.32 -2.96
CA TYR K 588 32.35 40.38 -2.33
C TYR K 588 30.88 39.95 -2.15
N PRO K 589 30.19 40.51 -1.16
CA PRO K 589 28.75 40.25 -1.06
C PRO K 589 28.01 40.85 -2.24
N ARG K 590 26.88 40.26 -2.57
CA ARG K 590 26.08 40.76 -3.67
C ARG K 590 25.54 42.16 -3.34
N GLY K 591 25.39 42.98 -4.37
CA GLY K 591 25.00 44.36 -4.18
C GLY K 591 26.14 45.29 -3.84
N LEU K 592 27.38 44.80 -3.83
CA LEU K 592 28.55 45.61 -3.49
C LEU K 592 29.05 46.29 -4.76
N ASP K 593 28.51 47.48 -5.00
CA ASP K 593 28.87 48.27 -6.16
C ASP K 593 29.97 49.29 -5.89
N THR K 594 30.62 49.21 -4.74
CA THR K 594 31.72 50.12 -4.42
C THR K 594 32.89 49.87 -5.37
N ILE K 595 33.70 50.91 -5.59
CA ILE K 595 34.76 50.83 -6.58
C ILE K 595 35.78 49.76 -6.19
N HIS K 596 36.08 49.63 -4.90
CA HIS K 596 37.01 48.59 -4.48
C HIS K 596 36.40 47.21 -4.70
N THR K 597 35.07 47.11 -4.62
CA THR K 597 34.39 45.88 -4.97
C THR K 597 34.23 45.71 -6.47
N LYS K 598 34.41 46.76 -7.25
CA LYS K 598 34.36 46.63 -8.70
C LYS K 598 35.53 45.81 -9.23
N LYS K 599 36.71 46.01 -8.65
CA LYS K 599 37.87 45.22 -9.05
C LYS K 599 37.70 43.78 -8.60
N PRO K 600 37.74 42.81 -9.51
CA PRO K 600 37.52 41.42 -9.12
C PRO K 600 38.74 40.82 -8.43
N ILE K 601 38.50 39.71 -7.74
CA ILE K 601 39.56 38.98 -7.04
C ILE K 601 40.03 37.85 -7.94
N LEU K 602 41.34 37.62 -7.94
CA LEU K 602 41.94 36.56 -8.73
C LEU K 602 42.30 35.40 -7.82
N ASN K 603 41.96 34.19 -8.24
CA ASN K 603 42.17 33.01 -7.42
C ASN K 603 43.64 32.66 -7.31
N ASN K 604 44.30 33.13 -6.24
CA ASN K 604 45.69 32.77 -6.01
C ASN K 604 45.85 31.29 -5.71
N PHE K 605 44.77 30.59 -5.40
CA PHE K 605 44.84 29.17 -5.09
C PHE K 605 45.44 28.39 -6.24
N SER K 606 45.02 28.72 -7.47
CA SER K 606 45.52 27.99 -8.64
C SER K 606 47.02 28.08 -8.75
N MET K 607 47.58 29.28 -8.60
CA MET K 607 49.03 29.45 -8.72
C MET K 607 49.76 28.72 -7.61
N ALA K 608 49.20 28.74 -6.40
CA ALA K 608 49.81 27.99 -5.31
C ALA K 608 49.84 26.50 -5.62
N PHE K 609 48.75 25.98 -6.17
CA PHE K 609 48.70 24.56 -6.53
C PHE K 609 49.73 24.24 -7.61
N GLN K 610 49.83 25.11 -8.62
CA GLN K 610 50.81 24.88 -9.68
C GLN K 610 52.22 24.91 -9.13
N GLN K 611 52.49 25.85 -8.22
CA GLN K 611 53.80 25.95 -7.60
C GLN K 611 54.12 24.69 -6.81
N ILE K 612 53.14 24.17 -6.06
CA ILE K 612 53.37 22.97 -5.28
C ILE K 612 53.62 21.78 -6.20
N THR K 613 52.86 21.69 -7.29
CA THR K 613 53.11 20.64 -8.26
C THR K 613 54.51 20.75 -8.84
N ALA K 614 55.01 21.98 -9.01
CA ALA K 614 56.33 22.17 -9.60
C ALA K 614 57.43 21.55 -8.73
N GLU K 615 57.37 21.78 -7.42
CA GLU K 615 58.37 21.22 -6.52
C GLU K 615 57.72 20.79 -5.22
N THR K 616 58.26 19.71 -4.63
CA THR K 616 57.73 19.12 -3.41
C THR K 616 56.24 18.78 -3.54
N ASP K 617 55.86 18.24 -4.68
CA ASP K 617 54.46 17.94 -4.94
C ASP K 617 53.99 16.80 -4.02
N ALA K 618 52.77 16.94 -3.51
CA ALA K 618 52.16 15.94 -2.65
C ALA K 618 51.25 15.00 -3.42
N LYS K 619 51.57 14.73 -4.68
CA LYS K 619 50.80 13.84 -5.55
C LYS K 619 49.36 14.30 -5.73
N VAL K 620 49.17 15.60 -5.92
CA VAL K 620 47.82 16.12 -6.18
C VAL K 620 47.44 15.81 -7.62
N ARG K 621 46.14 15.87 -7.90
CA ARG K 621 45.62 15.67 -9.24
C ARG K 621 45.08 16.98 -9.79
N ILE K 622 45.52 17.33 -11.00
CA ILE K 622 45.13 18.57 -11.63
C ILE K 622 44.49 18.26 -12.98
N ASP K 623 44.24 16.98 -13.23
CA ASP K 623 43.60 16.58 -14.48
C ASP K 623 42.25 17.26 -14.66
N ASN K 624 41.56 17.56 -13.56
CA ASN K 624 40.28 18.24 -13.64
C ASN K 624 40.44 19.60 -14.31
N PHE K 625 39.40 20.00 -15.03
CA PHE K 625 39.44 21.27 -15.76
C PHE K 625 39.48 22.47 -14.83
N GLU K 626 39.18 22.29 -13.55
CA GLU K 626 39.26 23.37 -12.57
C GLU K 626 40.56 23.24 -11.80
N SER K 627 41.38 24.30 -11.85
CA SER K 627 42.66 24.27 -11.14
C SER K 627 42.45 24.31 -9.64
N SER K 628 41.44 25.06 -9.17
CA SER K 628 41.23 25.19 -7.73
C SER K 628 40.90 23.86 -7.09
N ILE K 629 40.07 23.06 -7.75
CA ILE K 629 39.74 21.74 -7.23
C ILE K 629 40.93 20.82 -7.44
N ILE K 630 41.43 20.24 -6.34
CA ILE K 630 42.60 19.37 -6.40
C ILE K 630 42.36 18.19 -5.46
N GLU K 631 42.74 17.00 -5.91
CA GLU K 631 42.65 15.79 -5.12
C GLU K 631 44.03 15.43 -4.58
N ILE K 632 44.14 15.28 -3.26
CA ILE K 632 45.42 15.06 -2.61
C ILE K 632 45.31 13.87 -1.66
N ARG K 633 46.44 13.21 -1.46
CA ARG K 633 46.56 12.23 -0.39
C ARG K 633 46.22 12.89 0.93
N ARG K 634 45.40 12.21 1.74
CA ARG K 634 44.98 12.79 3.00
C ARG K 634 46.17 13.01 3.93
N GLU K 635 47.11 12.07 3.93
CA GLU K 635 48.31 12.22 4.75
C GLU K 635 49.19 13.35 4.26
N ASP K 636 49.26 13.53 2.93
CA ASP K 636 50.13 14.54 2.36
C ASP K 636 49.51 15.93 2.38
N LEU K 637 48.26 16.07 2.84
CA LEU K 637 47.63 17.37 2.86
C LEU K 637 48.23 18.26 3.95
N SER K 638 48.61 17.68 5.08
CA SER K 638 49.21 18.50 6.13
C SER K 638 50.48 19.20 5.67
N PRO K 639 51.47 18.53 5.04
CA PRO K 639 52.60 19.28 4.49
C PRO K 639 52.17 20.28 3.42
N PHE K 640 51.09 19.97 2.69
CA PHE K 640 50.59 20.93 1.72
C PHE K 640 50.15 22.22 2.41
N LEU K 641 49.45 22.10 3.54
CA LEU K 641 49.07 23.29 4.31
C LEU K 641 50.29 24.01 4.83
N GLU K 642 51.31 23.26 5.26
CA GLU K 642 52.53 23.91 5.71
C GLU K 642 53.14 24.74 4.58
N LYS K 643 53.18 24.17 3.37
CA LYS K 643 53.71 24.90 2.23
C LYS K 643 52.83 26.10 1.89
N LEU K 644 51.52 25.95 2.02
CA LEU K 644 50.60 27.06 1.75
C LEU K 644 50.88 28.21 2.71
N THR K 645 51.10 27.90 3.98
CA THR K 645 51.54 28.92 4.92
C THR K 645 52.86 29.51 4.48
N LEU K 646 53.78 28.67 4.01
CA LEU K 646 55.04 29.17 3.47
C LEU K 646 54.81 30.01 2.22
N SER K 647 53.87 29.60 1.37
CA SER K 647 53.61 30.32 0.13
C SER K 647 53.16 31.75 0.42
N GLY K 648 53.80 32.71 -0.24
CA GLY K 648 53.45 34.10 -0.04
C GLY K 648 52.45 34.64 -1.04
N LEU K 649 52.19 33.91 -2.12
CA LEU K 649 51.24 34.37 -3.13
C LEU K 649 49.80 34.24 -2.66
N LEU K 650 49.56 33.52 -1.57
CA LEU K 650 48.21 33.37 -1.03
C LEU K 650 47.77 34.61 -0.27
N LYS L 473 -3.54 70.86 -46.50
CA LYS L 473 -3.27 70.42 -47.87
C LYS L 473 -2.69 69.02 -47.89
N PHE L 474 -1.36 68.92 -47.90
CA PHE L 474 -0.66 67.64 -47.99
C PHE L 474 0.39 67.56 -46.90
N ARG L 475 0.35 66.48 -46.13
CA ARG L 475 1.32 66.33 -45.04
C ARG L 475 2.70 65.96 -45.56
N TYR L 476 2.76 65.27 -46.70
CA TYR L 476 4.02 64.79 -47.28
C TYR L 476 4.79 63.91 -46.31
N MET L 477 4.06 63.07 -45.58
CA MET L 477 4.70 62.08 -44.73
C MET L 477 5.48 61.08 -45.60
N PRO L 478 6.65 60.65 -45.16
CA PRO L 478 7.46 59.76 -46.00
C PRO L 478 6.79 58.40 -46.16
N PHE L 479 6.98 57.81 -47.33
CA PHE L 479 6.38 56.52 -47.67
C PHE L 479 7.46 55.52 -48.05
N SER L 480 7.36 54.32 -47.51
CA SER L 480 8.20 53.20 -47.89
C SER L 480 7.33 52.13 -48.52
N PRO L 481 7.83 51.39 -49.51
CA PRO L 481 7.01 50.38 -50.18
C PRO L 481 6.44 49.35 -49.23
N ALA L 482 5.10 49.35 -49.10
CA ALA L 482 4.37 48.45 -48.23
C ALA L 482 4.87 48.47 -46.79
N GLY L 483 5.38 49.62 -46.34
CA GLY L 483 5.86 49.72 -44.97
C GLY L 483 4.70 49.66 -43.99
N THR L 484 4.93 49.02 -42.86
CA THR L 484 3.92 48.93 -41.83
C THR L 484 4.02 50.14 -40.90
N PRO L 485 2.93 50.88 -40.71
CA PRO L 485 2.96 51.98 -39.74
C PRO L 485 3.39 51.51 -38.37
N PHE L 486 3.85 52.45 -37.55
CA PHE L 486 4.36 52.10 -36.23
C PHE L 486 3.28 51.42 -35.39
N GLY L 487 2.08 51.98 -35.38
CA GLY L 487 0.96 51.37 -34.68
C GLY L 487 1.14 51.37 -33.17
N PHE L 488 0.21 50.70 -32.51
CA PHE L 488 0.28 50.57 -31.05
C PHE L 488 1.52 49.80 -30.64
N THR L 489 1.81 48.69 -31.31
CA THR L 489 2.99 47.91 -31.00
C THR L 489 4.25 48.69 -31.34
N ASP L 490 5.28 48.50 -30.52
CA ASP L 490 6.55 49.18 -30.77
C ASP L 490 7.23 48.63 -32.01
N ARG L 491 7.08 47.33 -32.27
CA ARG L 491 7.66 46.76 -33.47
C ARG L 491 6.88 47.19 -34.70
N ARG L 492 7.58 47.27 -35.83
CA ARG L 492 6.94 47.72 -37.06
C ARG L 492 7.83 47.38 -38.24
N TYR L 493 7.20 47.07 -39.36
CA TYR L 493 7.92 46.79 -40.60
C TYR L 493 8.28 48.11 -41.29
N LEU L 494 9.41 48.12 -42.00
CA LEU L 494 9.81 49.32 -42.71
C LEU L 494 9.44 49.25 -44.18
N THR L 495 9.79 48.15 -44.85
CA THR L 495 9.60 48.05 -46.29
C THR L 495 9.48 46.58 -46.67
N MET L 496 8.47 46.25 -47.46
CA MET L 496 8.22 44.89 -47.90
C MET L 496 8.67 44.73 -49.34
N ASN L 497 9.54 43.76 -49.58
CA ASN L 497 10.01 43.46 -50.93
C ASN L 497 10.20 41.97 -51.07
N GLU L 498 10.11 41.48 -52.30
CA GLU L 498 10.32 40.07 -52.61
C GLU L 498 11.70 39.63 -52.15
N VAL L 499 12.68 40.53 -52.19
CA VAL L 499 14.03 40.19 -51.78
C VAL L 499 14.05 39.88 -50.29
N GLY L 500 13.25 40.59 -49.51
CA GLY L 500 13.21 40.36 -48.08
C GLY L 500 12.29 41.38 -47.44
N TYR L 501 11.99 41.12 -46.17
CA TYR L 501 11.13 41.99 -45.37
C TYR L 501 11.91 42.51 -44.19
N VAL L 502 11.77 43.81 -43.91
CA VAL L 502 12.53 44.49 -42.87
C VAL L 502 11.55 45.04 -41.85
N SER L 503 11.84 44.78 -40.58
CA SER L 503 11.05 45.30 -39.47
C SER L 503 11.98 45.88 -38.43
N THR L 504 11.40 46.61 -37.47
CA THR L 504 12.18 47.18 -36.39
C THR L 504 11.30 47.43 -35.18
N VAL L 505 11.92 47.47 -34.02
CA VAL L 505 11.27 47.80 -32.77
C VAL L 505 12.19 48.70 -31.97
N LYS L 506 11.65 49.77 -31.40
CA LYS L 506 12.45 50.64 -30.55
C LYS L 506 12.68 49.96 -29.20
N ASN L 507 13.93 49.95 -28.77
CA ASN L 507 14.32 49.30 -27.53
C ASN L 507 14.07 50.19 -26.32
N SER L 508 13.20 51.19 -26.46
CA SER L 508 12.93 52.29 -25.55
C SER L 508 14.02 53.35 -25.63
N GLU L 509 15.10 53.12 -26.38
CA GLU L 509 16.10 54.16 -26.60
C GLU L 509 16.40 54.29 -28.08
N GLN L 510 16.27 53.20 -28.83
CA GLN L 510 16.55 53.21 -30.26
C GLN L 510 15.89 51.99 -30.89
N TYR L 511 15.77 52.04 -32.21
CA TYR L 511 15.06 51.01 -32.95
C TYR L 511 16.00 49.89 -33.37
N SER L 512 15.48 48.66 -33.34
CA SER L 512 16.30 47.49 -33.63
C SER L 512 16.08 47.05 -35.07
N ILE L 513 17.10 47.23 -35.90
CA ILE L 513 17.01 46.94 -37.32
C ILE L 513 17.28 45.46 -37.54
N THR L 514 16.36 44.78 -38.20
CA THR L 514 16.58 43.40 -38.63
C THR L 514 16.35 43.30 -40.13
N VAL L 515 17.23 42.57 -40.80
CA VAL L 515 17.20 42.44 -42.26
C VAL L 515 16.89 40.98 -42.56
N SER L 516 15.61 40.66 -42.69
CA SER L 516 15.15 39.30 -42.90
C SER L 516 14.91 39.05 -44.38
N PHE L 517 15.17 37.82 -44.82
CA PHE L 517 15.17 37.47 -46.24
C PHE L 517 14.17 36.35 -46.48
N PHE L 518 13.41 36.45 -47.56
CA PHE L 518 12.51 35.37 -47.93
C PHE L 518 13.29 34.17 -48.48
N ASP L 519 14.35 34.43 -49.23
CA ASP L 519 15.23 33.37 -49.70
C ASP L 519 16.44 33.30 -48.78
N VAL L 520 16.51 32.23 -47.99
CA VAL L 520 17.63 32.06 -47.07
C VAL L 520 18.92 31.82 -47.84
N GLY L 521 18.83 31.08 -48.95
CA GLY L 521 20.02 30.80 -49.74
C GLY L 521 20.65 32.05 -50.31
N ARG L 522 19.83 33.04 -50.66
CA ARG L 522 20.38 34.30 -51.16
C ARG L 522 21.16 35.02 -50.07
N PHE L 523 20.55 35.21 -48.90
CA PHE L 523 21.17 36.02 -47.87
C PHE L 523 20.78 35.53 -46.50
N ARG L 524 21.58 35.93 -45.51
CA ARG L 524 21.43 35.48 -44.13
C ARG L 524 21.09 36.70 -43.29
N GLU L 525 20.10 36.56 -42.41
CA GLU L 525 19.63 37.69 -41.62
C GLU L 525 20.78 38.27 -40.80
N TYR L 526 20.91 39.59 -40.85
CA TYR L 526 21.75 40.34 -39.92
C TYR L 526 20.89 41.42 -39.28
N HIS L 527 20.74 41.35 -37.97
CA HIS L 527 19.94 42.31 -37.22
C HIS L 527 20.85 43.13 -36.33
N PHE L 528 20.63 44.44 -36.30
CA PHE L 528 21.51 45.34 -35.59
C PHE L 528 20.71 46.52 -35.05
N GLU L 529 21.43 47.53 -34.58
CA GLU L 529 20.84 48.66 -33.87
C GLU L 529 21.29 49.96 -34.50
N ASP L 530 20.47 51.00 -34.36
CA ASP L 530 20.86 52.35 -34.71
C ASP L 530 20.15 53.31 -33.76
N LEU L 531 20.93 54.16 -33.10
CA LEU L 531 20.34 55.23 -32.31
C LEU L 531 19.61 56.22 -33.21
N PHE L 532 19.92 56.23 -34.51
CA PHE L 532 19.25 57.11 -35.44
C PHE L 532 17.77 56.78 -35.55
N GLY L 533 17.43 55.49 -35.55
CA GLY L 533 16.06 55.10 -35.81
C GLY L 533 15.63 55.53 -37.20
N TYR L 534 16.41 55.12 -38.20
CA TYR L 534 16.19 55.53 -39.58
C TYR L 534 14.72 55.42 -39.97
N ASP L 535 14.19 56.51 -40.52
CA ASP L 535 12.78 56.58 -40.83
C ASP L 535 12.40 55.55 -41.89
N LEU L 536 13.23 55.40 -42.92
CA LEU L 536 12.96 54.48 -44.01
C LEU L 536 14.17 53.60 -44.28
N CYS L 537 13.90 52.43 -44.85
CA CYS L 537 14.93 51.48 -45.23
C CYS L 537 14.64 50.95 -46.63
N PHE L 538 15.66 50.91 -47.47
CA PHE L 538 15.58 50.29 -48.78
C PHE L 538 16.56 49.13 -48.83
N LEU L 539 16.22 48.11 -49.62
CA LEU L 539 17.05 46.93 -49.75
C LEU L 539 16.92 46.35 -51.16
N ASN L 540 18.01 45.78 -51.64
CA ASN L 540 18.00 45.06 -52.91
C ASN L 540 19.16 44.07 -52.92
N GLU L 541 19.14 43.18 -53.92
CA GLU L 541 20.03 42.03 -53.98
C GLU L 541 21.50 42.37 -53.75
N LYS L 542 21.89 43.63 -53.95
CA LYS L 542 23.29 43.98 -53.74
C LYS L 542 23.49 44.63 -52.37
N GLY L 543 22.68 45.64 -52.05
CA GLY L 543 22.87 46.37 -50.83
C GLY L 543 21.55 46.87 -50.28
N THR L 544 21.62 47.45 -49.09
CA THR L 544 20.43 47.98 -48.44
C THR L 544 20.69 49.38 -47.93
N LEU L 545 19.62 50.18 -47.90
CA LEU L 545 19.68 51.58 -47.50
C LEU L 545 18.84 51.80 -46.26
N PHE L 546 19.19 52.83 -45.50
CA PHE L 546 18.45 53.21 -44.29
C PHE L 546 18.45 54.72 -44.21
N GLY L 547 17.26 55.32 -44.29
CA GLY L 547 17.14 56.77 -44.33
C GLY L 547 16.37 57.30 -43.15
N GLN L 548 16.86 58.39 -42.59
CA GLN L 548 16.18 59.14 -41.54
C GLN L 548 15.86 60.52 -42.11
N SER L 549 14.58 60.79 -42.36
CA SER L 549 14.19 61.99 -43.08
C SER L 549 14.52 63.25 -42.29
N LYS L 550 14.15 63.28 -41.01
CA LYS L 550 14.33 64.50 -40.23
C LYS L 550 15.82 64.84 -40.08
N THR L 551 16.65 63.84 -39.84
CA THR L 551 18.08 64.07 -39.73
C THR L 551 18.79 64.04 -41.07
N GLY L 552 18.15 63.52 -42.11
CA GLY L 552 18.76 63.49 -43.42
C GLY L 552 19.88 62.48 -43.53
N GLN L 553 20.02 61.63 -42.52
CA GLN L 553 21.06 60.61 -42.54
C GLN L 553 20.66 59.45 -43.42
N ILE L 554 21.64 58.92 -44.15
CA ILE L 554 21.43 57.76 -45.01
C ILE L 554 22.52 56.73 -44.73
N GLN L 555 22.11 55.50 -44.43
CA GLN L 555 23.04 54.42 -44.16
C GLN L 555 22.93 53.38 -45.26
N TYR L 556 24.08 52.96 -45.79
CA TYR L 556 24.12 51.91 -46.79
C TYR L 556 24.88 50.72 -46.26
N ARG L 557 24.35 49.53 -46.52
CA ARG L 557 25.01 48.27 -46.20
C ARG L 557 24.89 47.35 -47.39
N PRO L 558 26.00 46.89 -47.98
CA PRO L 558 25.91 45.85 -49.00
C PRO L 558 25.25 44.61 -48.41
N HIS L 559 24.37 43.98 -49.19
CA HIS L 559 23.72 42.78 -48.70
C HIS L 559 24.72 41.65 -48.51
N ASP L 560 25.64 41.49 -49.47
CA ASP L 560 26.77 40.57 -49.25
C ASP L 560 27.66 41.08 -48.13
N SER L 561 27.74 42.40 -47.98
CA SER L 561 28.41 43.04 -46.85
C SER L 561 29.91 42.72 -46.80
N ILE L 562 30.42 42.07 -47.86
CA ILE L 562 31.87 41.90 -47.95
C ILE L 562 32.54 43.25 -48.11
N HIS L 563 31.87 44.18 -48.80
CA HIS L 563 32.33 45.56 -48.86
C HIS L 563 31.89 46.28 -47.59
N SER L 564 32.72 47.22 -47.13
CA SER L 564 32.41 47.94 -45.91
C SER L 564 31.14 48.78 -46.07
N ASN L 565 30.30 48.75 -45.04
CA ASN L 565 29.11 49.59 -45.03
C ASN L 565 29.53 51.05 -44.96
N TRP L 566 28.85 51.90 -45.74
CA TRP L 566 29.10 53.33 -45.66
C TRP L 566 27.80 54.08 -45.44
N THR L 567 27.91 55.19 -44.73
CA THR L 567 26.76 55.96 -44.27
C THR L 567 27.04 57.44 -44.43
N LYS L 568 26.10 58.17 -45.01
CA LYS L 568 26.23 59.61 -45.21
C LYS L 568 25.00 60.30 -44.66
N ILE L 569 25.03 61.63 -44.70
CA ILE L 569 23.89 62.47 -44.32
C ILE L 569 23.69 63.47 -45.44
N ILE L 570 22.48 63.54 -45.96
CA ILE L 570 22.19 64.43 -47.09
C ILE L 570 21.95 65.83 -46.56
N PRO L 571 22.34 66.87 -47.28
CA PRO L 571 21.93 68.22 -46.90
C PRO L 571 20.43 68.41 -47.08
N LEU L 572 19.85 69.27 -46.26
CA LEU L 572 18.42 69.54 -46.34
C LEU L 572 18.13 70.86 -45.63
N GLN L 573 17.06 71.51 -46.09
CA GLN L 573 16.66 72.78 -45.51
C GLN L 573 15.93 72.56 -44.19
N ALA L 574 15.57 73.68 -43.55
CA ALA L 574 14.91 73.62 -42.26
C ALA L 574 13.51 73.03 -42.38
N GLY L 575 13.31 71.88 -41.74
CA GLY L 575 12.05 71.18 -41.84
C GLY L 575 11.91 70.30 -43.06
N GLU L 576 12.95 70.16 -43.87
CA GLU L 576 12.89 69.30 -45.04
C GLU L 576 12.75 67.84 -44.62
N ARG L 577 12.04 67.07 -45.43
CA ARG L 577 11.77 65.67 -45.15
C ARG L 577 12.07 64.83 -46.39
N ILE L 578 12.67 63.67 -46.19
CA ILE L 578 12.94 62.73 -47.26
C ILE L 578 11.78 61.75 -47.34
N THR L 579 11.05 61.79 -48.46
CA THR L 579 9.86 60.96 -48.60
C THR L 579 10.24 59.48 -48.76
N SER L 580 11.23 59.21 -49.60
CA SER L 580 11.60 57.83 -49.89
C SER L 580 13.03 57.80 -50.42
N VAL L 581 13.61 56.61 -50.41
CA VAL L 581 14.99 56.39 -50.83
C VAL L 581 15.05 55.06 -51.57
N ALA L 582 15.85 55.00 -52.64
CA ALA L 582 15.97 53.81 -53.46
C ALA L 582 17.43 53.52 -53.75
N ALA L 583 17.75 52.25 -53.97
CA ALA L 583 19.10 51.79 -54.25
C ALA L 583 19.10 50.96 -55.52
N THR L 584 20.15 51.13 -56.33
CA THR L 584 20.38 50.29 -57.50
C THR L 584 21.84 49.91 -57.54
N PRO L 585 22.16 48.78 -58.16
CA PRO L 585 23.58 48.42 -58.35
C PRO L 585 24.34 49.44 -59.19
N VAL L 586 23.66 50.31 -59.92
CA VAL L 586 24.34 51.31 -60.72
C VAL L 586 24.41 52.65 -60.02
N ARG L 587 23.32 53.09 -59.38
CA ARG L 587 23.28 54.40 -58.75
C ARG L 587 22.48 54.30 -57.45
N VAL L 588 22.60 55.34 -56.62
CA VAL L 588 21.86 55.44 -55.38
C VAL L 588 20.92 56.63 -55.47
N ILE L 589 19.68 56.42 -55.03
CA ILE L 589 18.58 57.33 -55.29
C ILE L 589 18.17 58.01 -54.00
N VAL L 590 18.06 59.34 -54.05
CA VAL L 590 17.67 60.16 -52.92
C VAL L 590 16.48 61.01 -53.34
N GLY L 591 15.38 60.92 -52.60
CA GLY L 591 14.21 61.71 -52.90
C GLY L 591 13.53 62.29 -51.68
N THR L 592 13.40 63.62 -51.64
CA THR L 592 12.90 64.32 -50.47
C THR L 592 11.52 64.93 -50.74
N SER L 593 10.84 65.32 -49.66
CA SER L 593 9.56 66.00 -49.79
C SER L 593 9.72 67.36 -50.46
N LEU L 594 10.89 67.98 -50.32
CA LEU L 594 11.17 69.22 -51.03
C LEU L 594 11.28 69.01 -52.53
N GLY L 595 11.39 67.77 -52.98
CA GLY L 595 11.60 67.49 -54.38
C GLY L 595 13.04 67.48 -54.82
N TYR L 596 13.97 67.86 -53.94
CA TYR L 596 15.38 67.76 -54.27
C TYR L 596 15.77 66.31 -54.49
N PHE L 597 16.58 66.08 -55.51
CA PHE L 597 16.90 64.72 -55.93
C PHE L 597 18.41 64.58 -56.04
N ARG L 598 18.95 63.53 -55.43
CA ARG L 598 20.38 63.30 -55.39
C ARG L 598 20.70 61.91 -55.91
N SER L 599 21.73 61.83 -56.76
CA SER L 599 22.21 60.56 -57.29
C SER L 599 23.58 60.28 -56.70
N PHE L 600 23.77 59.06 -56.20
CA PHE L 600 25.00 58.66 -55.54
C PHE L 600 25.47 57.33 -56.11
N ASN L 601 26.77 57.08 -56.01
CA ASN L 601 27.28 55.79 -56.43
C ASN L 601 27.09 54.76 -55.31
N GLN L 602 27.41 53.51 -55.65
CA GLN L 602 27.29 52.44 -54.67
C GLN L 602 28.29 52.61 -53.53
N PHE L 603 29.25 53.51 -53.70
CA PHE L 603 30.32 53.68 -52.73
C PHE L 603 30.19 54.95 -51.91
N GLY L 604 29.20 55.80 -52.21
CA GLY L 604 28.99 57.03 -51.47
C GLY L 604 29.29 58.29 -52.27
N VAL L 605 29.95 58.18 -53.42
CA VAL L 605 30.20 59.38 -54.22
C VAL L 605 28.87 59.85 -54.80
N PRO L 606 28.51 61.12 -54.62
CA PRO L 606 27.30 61.64 -55.27
C PRO L 606 27.52 61.77 -56.77
N PHE L 607 26.62 61.18 -57.55
CA PHE L 607 26.67 61.39 -58.98
C PHE L 607 26.32 62.82 -59.35
N ALA L 608 25.20 63.32 -58.82
CA ALA L 608 24.75 64.67 -59.11
C ALA L 608 23.58 64.99 -58.19
N VAL L 609 23.35 66.28 -57.98
CA VAL L 609 22.18 66.80 -57.28
C VAL L 609 21.32 67.54 -58.29
N GLU L 610 20.02 67.26 -58.25
CA GLU L 610 19.10 67.82 -59.24
C GLU L 610 17.75 68.06 -58.61
N LYS L 611 17.02 69.02 -59.17
CA LYS L 611 15.75 69.49 -58.61
C LYS L 611 14.60 68.81 -59.34
N THR L 612 13.67 68.26 -58.56
CA THR L 612 12.53 67.53 -59.11
C THR L 612 11.28 67.93 -58.35
N SER L 613 10.14 67.53 -58.90
CA SER L 613 8.90 67.65 -58.14
C SER L 613 8.93 66.67 -56.98
N PRO L 614 8.28 67.01 -55.87
CA PRO L 614 8.23 66.08 -54.73
C PRO L 614 7.65 64.74 -55.14
N ILE L 615 8.22 63.67 -54.61
CA ILE L 615 7.90 62.31 -55.01
C ILE L 615 7.20 61.61 -53.85
N VAL L 616 6.08 60.95 -54.15
CA VAL L 616 5.42 60.14 -53.13
C VAL L 616 6.24 58.88 -52.84
N ALA L 617 6.82 58.27 -53.87
CA ALA L 617 7.46 56.98 -53.71
C ALA L 617 8.59 56.84 -54.72
N LEU L 618 9.29 55.71 -54.65
CA LEU L 618 10.37 55.38 -55.56
C LEU L 618 10.25 53.91 -55.94
N THR L 619 10.66 53.60 -57.17
CA THR L 619 10.64 52.23 -57.67
C THR L 619 11.98 51.95 -58.33
N ALA L 620 12.73 51.00 -57.78
CA ALA L 620 14.07 50.70 -58.25
C ALA L 620 14.19 49.22 -58.57
N GLN L 621 14.94 48.94 -59.62
CA GLN L 621 15.33 47.58 -59.99
C GLN L 621 16.85 47.56 -60.12
N ASN L 622 17.38 46.49 -60.69
CA ASN L 622 18.81 46.41 -60.93
C ASN L 622 19.28 47.63 -61.71
N TYR L 623 18.63 47.91 -62.83
CA TYR L 623 18.86 49.10 -63.60
C TYR L 623 17.59 49.87 -63.90
N ARG L 624 16.43 49.22 -63.88
CA ARG L 624 15.17 49.89 -64.11
C ARG L 624 14.79 50.71 -62.89
N VAL L 625 14.49 51.98 -63.11
CA VAL L 625 14.11 52.87 -62.02
C VAL L 625 12.89 53.66 -62.43
N PHE L 626 11.86 53.63 -61.59
CA PHE L 626 10.65 54.38 -61.83
C PHE L 626 10.48 55.47 -60.79
N SER L 627 10.16 56.67 -61.24
CA SER L 627 10.01 57.83 -60.39
C SER L 627 8.59 58.37 -60.56
N VAL L 628 7.91 58.60 -59.43
CA VAL L 628 6.58 59.19 -59.41
C VAL L 628 6.62 60.43 -58.53
N HIS L 629 6.16 61.55 -59.08
CA HIS L 629 6.24 62.83 -58.40
C HIS L 629 4.86 63.34 -58.06
N TYR L 630 4.75 64.06 -56.96
CA TYR L 630 3.50 64.69 -56.57
C TYR L 630 3.73 66.13 -56.16
N SER L 631 2.82 66.99 -56.58
CA SER L 631 2.73 68.36 -56.08
C SER L 631 1.27 68.75 -56.17
N GLN L 632 0.74 69.36 -55.10
CA GLN L 632 -0.66 69.78 -55.16
C GLN L 632 -0.88 70.77 -56.28
N PHE L 633 0.19 71.47 -56.70
CA PHE L 633 0.13 72.23 -57.94
C PHE L 633 0.19 71.31 -59.15
N HIS L 634 1.08 70.33 -59.13
CA HIS L 634 1.33 69.47 -60.29
C HIS L 634 0.48 68.21 -60.29
N GLY L 635 -0.31 67.97 -59.25
CA GLY L 635 -1.05 66.72 -59.18
C GLY L 635 -0.09 65.56 -59.07
N LEU L 636 -0.40 64.48 -59.79
CA LEU L 636 0.40 63.26 -59.77
C LEU L 636 1.10 63.12 -61.10
N SER L 637 2.44 63.07 -61.06
CA SER L 637 3.24 62.90 -62.27
C SER L 637 4.24 61.77 -62.02
N TYR L 638 4.67 61.12 -63.10
CA TYR L 638 5.57 59.99 -62.95
C TYR L 638 6.50 59.88 -64.15
N SER L 639 7.74 59.51 -63.88
CA SER L 639 8.76 59.32 -64.91
C SER L 639 9.42 57.97 -64.73
N LEU L 640 9.63 57.29 -65.85
CA LEU L 640 10.34 56.02 -65.86
C LEU L 640 11.74 56.22 -66.41
N SER L 641 12.73 55.72 -65.69
CA SER L 641 14.13 55.90 -66.05
C SER L 641 14.79 54.54 -66.22
N GLU L 642 15.49 54.36 -67.34
CA GLU L 642 16.31 53.18 -67.55
C GLU L 642 17.77 53.62 -67.55
N LEU L 643 18.41 53.45 -66.39
CA LEU L 643 19.80 53.88 -66.26
C LEU L 643 20.74 52.88 -66.93
N GLY L 644 20.44 51.59 -66.82
CA GLY L 644 21.34 50.59 -67.35
C GLY L 644 22.65 50.57 -66.57
N THR L 645 23.64 49.93 -67.19
CA THR L 645 25.00 50.00 -66.64
C THR L 645 25.50 51.43 -66.68
N SER L 646 25.25 52.13 -67.78
CA SER L 646 25.59 53.54 -67.91
C SER L 646 24.65 54.15 -68.95
N SER L 647 24.85 55.43 -69.24
CA SER L 647 24.02 56.14 -70.21
C SER L 647 22.55 56.09 -69.81
N LYS L 648 22.24 56.68 -68.66
CA LYS L 648 20.87 56.68 -68.17
C LYS L 648 19.96 57.40 -69.14
N ARG L 649 18.74 56.86 -69.30
CA ARG L 649 17.77 57.42 -70.24
C ARG L 649 16.38 57.08 -69.74
N TYR L 650 15.46 58.01 -69.94
CA TYR L 650 14.13 57.92 -69.36
C TYR L 650 13.15 57.44 -70.43
N TYR L 651 12.43 56.35 -70.13
CA TYR L 651 11.32 55.97 -71.00
C TYR L 651 10.22 57.02 -70.94
N LYS L 652 9.93 57.54 -69.76
CA LYS L 652 8.92 58.55 -69.60
C LYS L 652 9.43 59.63 -68.65
N ARG L 653 8.90 60.84 -68.82
CA ARG L 653 9.31 62.00 -68.03
C ARG L 653 8.07 62.68 -67.46
N GLU L 654 7.80 62.42 -66.18
CA GLU L 654 6.77 63.13 -65.43
C GLU L 654 5.39 63.01 -66.09
N CYS L 655 5.06 61.80 -66.54
CA CYS L 655 3.72 61.57 -67.08
C CYS L 655 2.69 61.77 -65.97
N PRO L 656 1.56 62.41 -66.26
CA PRO L 656 0.49 62.50 -65.26
C PRO L 656 0.02 61.10 -64.86
N LEU L 657 -0.20 60.93 -63.56
CA LEU L 657 -0.48 59.60 -63.02
C LEU L 657 -1.96 59.42 -62.78
N PRO L 658 -2.62 58.48 -63.46
CA PRO L 658 -4.00 58.12 -63.10
C PRO L 658 -4.02 57.23 -61.87
N MET L 659 -4.54 57.76 -60.76
CA MET L 659 -4.68 56.99 -59.53
C MET L 659 -5.65 57.72 -58.64
N SER L 660 -6.44 56.95 -57.89
CA SER L 660 -7.51 57.51 -57.05
C SER L 660 -6.99 57.69 -55.63
N LEU L 661 -6.79 58.94 -55.23
CA LEU L 661 -6.41 59.23 -53.86
C LEU L 661 -7.56 58.86 -52.93
N PRO L 662 -7.26 58.31 -51.75
CA PRO L 662 -8.32 58.04 -50.78
C PRO L 662 -9.04 59.33 -50.37
N ASN L 663 -10.35 59.22 -50.19
CA ASN L 663 -11.15 60.37 -49.83
C ASN L 663 -11.02 60.67 -48.34
N ILE L 664 -11.04 61.95 -47.99
CA ILE L 664 -10.94 62.37 -46.60
C ILE L 664 -12.32 62.67 -46.03
N LYS L 670 -12.69 52.99 -39.84
CA LYS L 670 -12.44 54.29 -40.42
C LYS L 670 -11.22 54.93 -39.79
N ASP L 671 -10.82 54.44 -38.62
CA ASP L 671 -9.63 54.96 -37.96
C ASP L 671 -8.35 54.43 -38.60
N ALA L 672 -8.37 53.17 -39.07
CA ALA L 672 -7.16 52.56 -39.59
C ALA L 672 -6.64 53.28 -40.83
N ASN L 673 -7.54 53.65 -41.75
CA ASN L 673 -7.09 54.34 -42.95
C ASN L 673 -6.56 55.72 -42.62
N LEU L 674 -7.18 56.40 -41.64
CA LEU L 674 -6.65 57.68 -41.19
C LEU L 674 -5.26 57.53 -40.61
N ASP L 675 -5.04 56.47 -39.82
CA ASP L 675 -3.71 56.21 -39.29
C ASP L 675 -2.72 55.95 -40.41
N TYR L 676 -3.16 55.23 -41.45
CA TYR L 676 -2.30 55.00 -42.60
C TYR L 676 -1.94 56.31 -43.29
N TYR L 677 -2.91 57.21 -43.42
CA TYR L 677 -2.63 58.51 -44.01
C TYR L 677 -1.64 59.28 -43.15
N ASN L 678 -1.78 59.15 -41.83
CA ASN L 678 -0.76 59.69 -40.94
C ASN L 678 0.60 59.10 -41.27
N PHE L 679 0.63 57.82 -41.62
CA PHE L 679 1.86 57.22 -42.12
C PHE L 679 2.10 57.57 -43.58
N ASN L 680 1.11 57.35 -44.43
CA ASN L 680 1.21 57.62 -45.86
C ASN L 680 -0.04 58.35 -46.32
N PRO L 681 0.01 59.68 -46.40
CA PRO L 681 -1.19 60.44 -46.79
C PRO L 681 -1.70 60.08 -48.18
N MET L 682 -0.80 59.79 -49.11
CA MET L 682 -1.22 59.45 -50.47
C MET L 682 -1.99 58.14 -50.53
N GLY L 683 -1.93 57.33 -49.48
CA GLY L 683 -2.77 56.16 -49.39
C GLY L 683 -2.36 55.00 -50.28
N ILE L 684 -1.24 55.11 -51.00
CA ILE L 684 -0.79 54.01 -51.83
C ILE L 684 -0.20 52.92 -50.92
N LYS L 685 -0.62 51.68 -51.13
CA LYS L 685 -0.12 50.61 -50.28
C LYS L 685 1.32 50.27 -50.63
N SER L 686 1.63 50.15 -51.92
CA SER L 686 2.97 49.79 -52.35
C SER L 686 3.11 50.11 -53.83
N LEU L 687 4.37 50.17 -54.26
CA LEU L 687 4.71 50.40 -55.66
C LEU L 687 6.03 49.71 -55.96
N PHE L 688 6.04 48.96 -57.06
CA PHE L 688 7.17 48.07 -57.32
C PHE L 688 7.12 47.64 -58.79
N PHE L 689 8.10 46.84 -59.17
CA PHE L 689 8.14 46.18 -60.46
C PHE L 689 7.66 44.75 -60.31
N SER L 690 7.11 44.20 -61.39
CA SER L 690 6.62 42.83 -61.34
C SER L 690 7.78 41.83 -61.45
N SER L 691 7.42 40.57 -61.60
CA SER L 691 8.42 39.54 -61.84
C SER L 691 9.22 39.83 -63.10
N TYR L 692 8.60 40.45 -64.08
CA TYR L 692 9.28 40.85 -65.31
C TYR L 692 9.74 42.31 -65.27
N GLY L 693 9.52 42.99 -64.16
CA GLY L 693 10.12 44.30 -63.95
C GLY L 693 9.31 45.48 -64.43
N ASP L 694 8.08 45.27 -64.90
CA ASP L 694 7.24 46.39 -65.30
C ASP L 694 6.56 46.98 -64.08
N PRO L 695 6.20 48.27 -64.14
CA PRO L 695 5.72 48.95 -62.94
C PRO L 695 4.40 48.38 -62.43
N CYS L 696 4.19 48.51 -61.12
CA CYS L 696 3.04 47.91 -60.45
C CYS L 696 2.59 48.86 -59.34
N ILE L 697 1.61 49.70 -59.63
CA ILE L 697 1.12 50.70 -58.68
C ILE L 697 -0.02 50.09 -57.88
N PHE L 698 0.16 50.03 -56.56
CA PHE L 698 -0.88 49.53 -55.67
C PHE L 698 -1.28 50.66 -54.72
N GLY L 699 -2.55 51.03 -54.73
CA GLY L 699 -2.99 52.18 -53.97
C GLY L 699 -4.15 51.93 -53.05
N SER L 700 -4.78 53.02 -52.59
CA SER L 700 -5.92 52.90 -51.68
C SER L 700 -7.09 52.18 -52.36
N ASP L 701 -7.20 52.29 -53.69
CA ASP L 701 -8.20 51.53 -54.41
C ASP L 701 -8.00 50.03 -54.21
N ASN L 702 -6.79 49.62 -53.85
CA ASN L 702 -6.37 48.24 -53.68
C ASN L 702 -6.43 47.47 -54.97
N THR L 703 -6.74 48.12 -56.09
CA THR L 703 -6.81 47.49 -57.40
C THR L 703 -5.58 47.95 -58.16
N LEU L 704 -4.56 47.09 -58.21
CA LEU L 704 -3.30 47.47 -58.82
C LEU L 704 -3.47 47.71 -60.32
N LEU L 705 -2.77 48.72 -60.81
CA LEU L 705 -2.73 49.04 -62.22
C LEU L 705 -1.43 48.53 -62.82
N LEU L 706 -1.50 48.09 -64.07
CA LEU L 706 -0.35 47.53 -64.75
C LEU L 706 0.02 48.38 -65.95
N LEU L 707 1.30 48.70 -66.07
CA LEU L 707 1.77 49.52 -67.17
C LEU L 707 2.09 48.64 -68.37
N SER L 708 1.51 49.00 -69.52
CA SER L 708 1.68 48.23 -70.74
C SER L 708 2.74 48.88 -71.62
N LYS L 709 3.55 48.02 -72.26
CA LYS L 709 4.54 48.40 -73.26
C LYS L 709 5.24 49.71 -72.93
N TRP L 710 5.81 49.76 -71.72
CA TRP L 710 6.58 50.94 -71.33
C TRP L 710 7.85 51.10 -72.14
N ARG L 711 8.27 50.04 -72.85
CA ARG L 711 9.41 50.18 -73.75
C ARG L 711 9.12 51.20 -74.83
N SER L 712 7.92 51.17 -75.39
CA SER L 712 7.51 52.20 -76.34
C SER L 712 6.85 53.35 -75.57
N PRO L 713 7.43 54.55 -75.59
CA PRO L 713 6.89 55.64 -74.77
C PRO L 713 5.48 56.03 -75.17
N GLU L 714 5.30 56.33 -76.45
CA GLU L 714 3.97 56.72 -76.93
C GLU L 714 2.97 55.59 -76.74
N GLU L 715 3.38 54.36 -77.00
CA GLU L 715 2.45 53.23 -76.92
C GLU L 715 2.12 52.88 -75.48
N SER L 716 3.01 53.19 -74.56
CA SER L 716 2.82 52.80 -73.17
C SER L 716 1.54 53.39 -72.60
N LYS L 717 0.81 52.58 -71.84
CA LYS L 717 -0.40 53.04 -71.18
C LYS L 717 -0.69 52.13 -70.00
N TRP L 718 -1.44 52.66 -69.04
CA TRP L 718 -1.75 51.95 -67.81
C TRP L 718 -3.10 51.25 -67.93
N LEU L 719 -3.10 49.96 -67.62
CA LEU L 719 -4.29 49.14 -67.78
C LEU L 719 -4.73 48.62 -66.43
N PRO L 720 -6.03 48.65 -66.13
CA PRO L 720 -6.51 47.98 -64.91
C PRO L 720 -6.22 46.50 -64.98
N ILE L 721 -5.57 45.97 -63.95
CA ILE L 721 -5.17 44.56 -63.94
C ILE L 721 -5.70 43.80 -62.75
N LEU L 722 -6.24 44.47 -61.74
CA LEU L 722 -6.71 43.80 -60.55
C LEU L 722 -8.07 44.37 -60.14
N ASP L 723 -8.94 43.48 -59.66
CA ASP L 723 -10.19 43.86 -59.01
C ASP L 723 -10.18 43.25 -57.62
N SER L 724 -9.54 43.96 -56.68
CA SER L 724 -9.36 43.42 -55.34
C SER L 724 -10.69 43.23 -54.64
N ASN L 725 -11.50 44.29 -54.59
CA ASN L 725 -12.77 44.21 -53.88
C ASN L 725 -13.70 43.22 -54.57
N MET L 726 -13.65 43.15 -55.89
CA MET L 726 -14.49 42.21 -56.62
C MET L 726 -14.05 40.78 -56.38
N GLU L 727 -12.74 40.54 -56.36
CA GLU L 727 -12.25 39.21 -56.02
C GLU L 727 -12.62 38.82 -54.60
N ILE L 728 -12.64 39.80 -53.69
CA ILE L 728 -13.11 39.53 -52.33
C ILE L 728 -14.57 39.14 -52.34
N TRP L 729 -15.39 39.89 -53.09
CA TRP L 729 -16.81 39.55 -53.18
C TRP L 729 -16.98 38.14 -53.69
N LYS L 730 -16.13 37.73 -54.64
CA LYS L 730 -16.08 36.32 -55.04
C LYS L 730 -15.75 35.43 -53.85
N MET L 731 -14.68 35.76 -53.13
CA MET L 731 -14.27 35.00 -51.96
C MET L 731 -15.29 35.12 -50.85
N SER L 732 -15.73 36.34 -50.53
CA SER L 732 -16.70 36.52 -49.46
C SER L 732 -18.02 35.85 -49.79
N GLY L 733 -18.36 35.73 -51.06
CA GLY L 733 -19.64 35.18 -51.44
C GLY L 733 -20.82 36.06 -51.08
N GLY L 734 -20.68 37.38 -51.24
CA GLY L 734 -21.75 38.30 -51.00
C GLY L 734 -21.66 39.08 -49.70
N LYS L 735 -20.79 38.67 -48.78
CA LYS L 735 -20.68 39.32 -47.46
C LYS L 735 -19.36 40.06 -47.41
N GLU L 736 -19.37 41.32 -47.86
CA GLU L 736 -18.16 42.13 -47.84
C GLU L 736 -17.63 42.28 -46.42
N THR L 737 -16.33 42.07 -46.26
CA THR L 737 -15.66 42.19 -44.97
C THR L 737 -14.57 43.23 -45.06
N THR L 738 -14.58 44.18 -44.13
CA THR L 738 -13.61 45.27 -44.16
C THR L 738 -12.26 44.87 -43.58
N ASP L 739 -12.20 43.76 -42.85
CA ASP L 739 -10.93 43.36 -42.23
C ASP L 739 -9.91 42.95 -43.28
N ILE L 740 -10.34 42.70 -44.51
CA ILE L 740 -9.43 42.21 -45.54
C ILE L 740 -8.58 43.36 -46.04
N HIS L 741 -7.26 43.22 -45.87
CA HIS L 741 -6.30 44.18 -46.38
C HIS L 741 -5.14 43.41 -46.99
N VAL L 742 -4.57 43.95 -48.06
CA VAL L 742 -3.64 43.20 -48.88
C VAL L 742 -2.42 44.06 -49.20
N TRP L 743 -1.25 43.42 -49.25
CA TRP L 743 0.01 44.09 -49.56
C TRP L 743 0.81 43.18 -50.47
N PRO L 744 0.88 43.48 -51.75
CA PRO L 744 1.70 42.67 -52.65
C PRO L 744 3.17 43.02 -52.57
N LEU L 745 3.97 42.12 -52.01
CA LEU L 745 5.41 42.35 -51.96
C LEU L 745 6.02 42.35 -53.35
N ALA L 746 5.40 41.63 -54.29
CA ALA L 746 5.86 41.58 -55.66
C ALA L 746 4.74 41.01 -56.53
N LEU L 747 4.89 41.16 -57.84
CA LEU L 747 3.94 40.65 -58.80
C LEU L 747 4.61 39.59 -59.68
N ALA L 748 4.16 38.36 -59.55
CA ALA L 748 4.50 37.34 -60.53
C ALA L 748 3.66 37.59 -61.78
N TYR L 749 4.27 37.37 -62.94
CA TYR L 749 3.59 37.70 -64.20
C TYR L 749 2.28 36.94 -64.33
N ASP L 750 2.28 35.66 -63.98
CA ASP L 750 1.07 34.85 -64.11
C ASP L 750 -0.02 35.32 -63.15
N THR L 751 0.33 35.46 -61.86
CA THR L 751 -0.64 35.79 -60.83
C THR L 751 0.03 36.67 -59.80
N LEU L 752 -0.78 37.42 -59.07
CA LEU L 752 -0.24 38.27 -58.02
C LEU L 752 0.11 37.45 -56.78
N ASN L 753 1.31 37.68 -56.26
CA ASN L 753 1.71 37.19 -54.95
C ASN L 753 1.53 38.32 -53.94
N CYS L 754 0.73 38.06 -52.92
CA CYS L 754 0.36 39.11 -51.98
C CYS L 754 -0.10 38.46 -50.69
N ILE L 755 -0.20 39.28 -49.65
CA ILE L 755 -0.53 38.81 -48.31
C ILE L 755 -1.77 39.53 -47.80
N LEU L 756 -2.57 38.81 -47.02
CA LEU L 756 -3.85 39.29 -46.54
C LEU L 756 -3.89 39.27 -45.03
N VAL L 757 -4.86 39.99 -44.46
CA VAL L 757 -5.04 40.07 -43.01
C VAL L 757 -6.50 39.80 -42.68
N LYS L 758 -6.72 39.08 -41.59
CA LYS L 758 -8.05 38.95 -40.99
C LYS L 758 -8.13 39.86 -39.76
N GLY L 759 -8.21 41.16 -40.02
CA GLY L 759 -8.21 42.09 -38.90
C GLY L 759 -8.40 43.52 -39.35
N LYS L 760 -8.66 44.38 -38.35
CA LYS L 760 -8.95 45.78 -38.63
C LYS L 760 -7.75 46.49 -39.25
N HIS L 761 -6.54 46.03 -38.94
CA HIS L 761 -5.34 46.71 -39.40
C HIS L 761 -5.20 46.62 -40.91
N ILE L 762 -4.86 47.74 -41.54
CA ILE L 762 -4.61 47.78 -42.97
C ILE L 762 -3.10 47.66 -43.17
N TRP L 763 -2.42 47.16 -42.14
CA TRP L 763 -1.01 46.85 -42.19
C TRP L 763 -0.78 45.48 -41.57
N PRO L 764 0.22 44.75 -42.04
CA PRO L 764 0.48 43.41 -41.50
C PRO L 764 0.99 43.48 -40.06
N GLU L 765 1.19 42.30 -39.49
CA GLU L 765 1.63 42.15 -38.11
C GLU L 765 3.00 41.50 -38.07
N PHE L 766 3.71 41.72 -36.96
CA PHE L 766 5.06 41.18 -36.80
C PHE L 766 5.15 39.68 -37.06
N PRO L 767 4.28 38.82 -36.50
CA PRO L 767 4.29 37.43 -36.96
C PRO L 767 3.89 37.39 -38.41
N LEU L 768 4.83 37.09 -39.29
CA LEU L 768 4.60 37.28 -40.71
C LEU L 768 3.75 36.17 -41.27
N PRO L 769 2.55 36.48 -41.77
CA PRO L 769 1.73 35.46 -42.41
C PRO L 769 2.31 35.06 -43.76
N LEU L 770 1.84 33.93 -44.25
CA LEU L 770 2.28 33.44 -45.55
C LEU L 770 1.53 34.18 -46.65
N PRO L 771 2.22 34.86 -47.56
CA PRO L 771 1.52 35.53 -48.66
C PRO L 771 0.78 34.53 -49.52
N SER L 772 -0.40 34.94 -50.00
CA SER L 772 -1.27 34.06 -50.77
C SER L 772 -1.33 34.57 -52.21
N GLU L 773 -0.99 33.69 -53.15
CA GLU L 773 -0.95 34.07 -54.55
C GLU L 773 -2.36 34.26 -55.10
N MET L 774 -2.63 35.45 -55.62
CA MET L 774 -3.93 35.79 -56.17
C MET L 774 -3.87 35.87 -57.69
N GLU L 775 -4.84 35.24 -58.35
CA GLU L 775 -4.97 35.38 -59.79
C GLU L 775 -5.25 36.83 -60.17
N ILE L 776 -4.54 37.31 -61.18
CA ILE L 776 -4.74 38.66 -61.68
C ILE L 776 -5.95 38.66 -62.60
N ARG L 777 -6.88 39.60 -62.38
CA ARG L 777 -8.10 39.66 -63.16
C ARG L 777 -8.52 41.11 -63.35
N MET L 778 -9.08 41.40 -64.51
CA MET L 778 -9.57 42.76 -64.72
C MET L 778 -10.95 42.93 -64.10
N PRO L 779 -11.31 44.16 -63.69
CA PRO L 779 -12.63 44.43 -63.10
C PRO L 779 -13.74 44.62 -64.13
N VAL L 780 -13.77 43.74 -65.13
CA VAL L 780 -14.83 43.78 -66.12
C VAL L 780 -16.13 43.18 -65.61
N PHE L 781 -16.08 42.45 -64.50
CA PHE L 781 -17.26 41.79 -63.97
C PHE L 781 -18.28 42.80 -63.47
N VAL L 782 -19.54 42.43 -63.56
CA VAL L 782 -20.66 43.28 -63.16
C VAL L 782 -21.21 42.76 -61.85
N LYS L 783 -21.34 43.66 -60.87
CA LYS L 783 -21.86 43.27 -59.56
C LYS L 783 -23.28 42.71 -59.68
N SER L 784 -24.15 43.42 -60.39
CA SER L 784 -25.54 42.99 -60.48
C SER L 784 -25.67 41.67 -61.22
N LYS L 785 -24.93 41.50 -62.31
CA LYS L 785 -25.01 40.27 -63.08
C LYS L 785 -24.56 39.07 -62.25
N LEU L 786 -23.45 39.21 -61.52
CA LEU L 786 -22.99 38.11 -60.70
C LEU L 786 -23.91 37.88 -59.51
N LEU L 787 -24.55 38.93 -58.99
CA LEU L 787 -25.57 38.75 -57.96
C LEU L 787 -26.73 37.92 -58.50
N GLU L 788 -27.14 38.19 -59.73
CA GLU L 788 -28.17 37.37 -60.37
C GLU L 788 -27.70 35.94 -60.54
N GLU L 789 -26.42 35.76 -60.89
CA GLU L 789 -25.85 34.42 -61.02
C GLU L 789 -25.94 33.66 -59.70
N ASN L 790 -25.63 34.34 -58.60
CA ASN L 790 -25.77 33.71 -57.29
C ASN L 790 -27.23 33.37 -57.00
N LYS L 791 -28.14 34.28 -57.36
CA LYS L 791 -29.57 34.06 -57.15
C LYS L 791 -30.20 33.43 -58.38
N GLU L 814 -17.10 31.13 -54.28
CA GLU L 814 -18.40 30.49 -54.24
C GLU L 814 -19.41 31.27 -55.08
N ILE L 815 -18.95 32.34 -55.70
CA ILE L 815 -19.78 33.20 -56.52
C ILE L 815 -19.86 32.61 -57.93
N GLN L 816 -21.08 32.35 -58.38
CA GLN L 816 -21.30 31.80 -59.71
C GLN L 816 -20.93 32.82 -60.77
N ILE L 817 -20.20 32.38 -61.79
CA ILE L 817 -19.72 33.23 -62.86
C ILE L 817 -20.29 32.70 -64.17
N PRO L 818 -20.88 33.55 -65.01
CA PRO L 818 -21.29 33.07 -66.34
C PRO L 818 -20.09 32.61 -67.12
N VAL L 819 -20.26 31.50 -67.84
CA VAL L 819 -19.20 31.05 -68.74
C VAL L 819 -18.91 32.12 -69.79
N SER L 820 -19.95 32.89 -70.17
CA SER L 820 -19.74 33.99 -71.10
C SER L 820 -18.84 35.06 -70.50
N MET L 821 -19.17 35.52 -69.29
CA MET L 821 -18.43 36.64 -68.73
C MET L 821 -17.04 36.19 -68.28
N ALA L 822 -16.95 34.98 -67.72
CA ALA L 822 -15.65 34.43 -67.39
C ALA L 822 -14.79 34.29 -68.63
N ALA L 823 -15.38 33.83 -69.73
CA ALA L 823 -14.65 33.74 -70.99
C ALA L 823 -14.17 35.10 -71.45
N GLU L 824 -15.02 36.13 -71.28
CA GLU L 824 -14.62 37.49 -71.61
C GLU L 824 -13.37 37.88 -70.85
N GLU L 825 -13.42 37.75 -69.52
CA GLU L 825 -12.29 38.14 -68.68
C GLU L 825 -11.04 37.37 -69.07
N GLU L 826 -11.17 36.06 -69.32
CA GLU L 826 -9.96 35.28 -69.55
C GLU L 826 -9.37 35.54 -70.92
N TYR L 827 -10.18 35.85 -71.95
CA TYR L 827 -9.49 36.11 -73.21
C TYR L 827 -8.85 37.48 -73.17
N LEU L 828 -9.47 38.43 -72.46
CA LEU L 828 -8.79 39.72 -72.28
C LEU L 828 -7.48 39.54 -71.54
N ARG L 829 -7.48 38.71 -70.50
CA ARG L 829 -6.25 38.38 -69.79
C ARG L 829 -5.23 37.75 -70.74
N SER L 830 -5.68 36.82 -71.57
CA SER L 830 -4.78 36.17 -72.51
C SER L 830 -4.17 37.19 -73.45
N LYS L 831 -4.99 38.08 -73.99
CA LYS L 831 -4.50 39.09 -74.91
C LYS L 831 -3.43 39.95 -74.25
N VAL L 832 -3.73 40.48 -73.08
CA VAL L 832 -2.80 41.42 -72.44
C VAL L 832 -1.52 40.71 -72.02
N LEU L 833 -1.64 39.52 -71.45
CA LEU L 833 -0.45 38.79 -71.01
C LEU L 833 0.41 38.37 -72.19
N SER L 834 -0.23 37.92 -73.28
CA SER L 834 0.53 37.56 -74.46
C SER L 834 1.28 38.76 -75.01
N GLU L 835 0.61 39.91 -75.09
CA GLU L 835 1.28 41.10 -75.60
C GLU L 835 2.46 41.47 -74.72
N LEU L 836 2.27 41.47 -73.41
CA LEU L 836 3.35 41.86 -72.50
C LEU L 836 4.51 40.87 -72.59
N LEU L 837 4.21 39.58 -72.63
CA LEU L 837 5.26 38.58 -72.70
C LEU L 837 6.03 38.70 -74.01
N THR L 838 5.33 38.89 -75.12
CA THR L 838 6.02 39.07 -76.39
C THR L 838 6.92 40.29 -76.35
N ASP L 839 6.41 41.40 -75.81
CA ASP L 839 7.22 42.61 -75.74
C ASP L 839 8.46 42.40 -74.88
N THR L 840 8.32 41.65 -73.79
CA THR L 840 9.47 41.32 -72.97
C THR L 840 10.48 40.50 -73.76
N LEU L 841 10.00 39.52 -74.53
CA LEU L 841 10.89 38.77 -75.40
C LEU L 841 11.59 39.70 -76.40
N GLU L 842 10.91 40.77 -76.80
CA GLU L 842 11.52 41.70 -77.75
C GLU L 842 12.65 42.47 -77.09
N ASN L 843 12.33 43.24 -76.06
CA ASN L 843 13.33 44.16 -75.50
C ASN L 843 14.43 43.39 -74.78
N ASP L 844 14.08 42.33 -74.06
CA ASP L 844 15.06 41.61 -73.25
C ASP L 844 15.17 40.13 -73.54
N GLY L 845 14.19 39.52 -74.19
CA GLY L 845 14.29 38.09 -74.46
C GLY L 845 13.65 37.25 -73.38
N GLU L 846 14.18 36.04 -73.19
CA GLU L 846 13.64 35.07 -72.25
C GLU L 846 14.40 35.11 -70.94
N MET L 847 13.67 35.26 -69.84
CA MET L 847 14.31 35.29 -68.53
C MET L 847 14.75 33.90 -68.10
N TYR L 848 13.98 32.86 -68.43
CA TYR L 848 14.34 31.51 -68.02
C TYR L 848 14.10 30.47 -69.13
N GLY L 849 13.99 30.90 -70.38
CA GLY L 849 13.86 29.95 -71.47
C GLY L 849 12.46 29.43 -71.67
N ASN L 850 11.74 29.20 -70.57
CA ASN L 850 10.40 28.64 -70.64
C ASN L 850 9.38 29.59 -71.25
N GLU L 851 9.78 30.82 -71.56
CA GLU L 851 8.82 31.84 -71.94
C GLU L 851 8.10 31.52 -73.24
N ASN L 852 8.82 30.96 -74.21
CA ASN L 852 8.22 30.73 -75.52
C ASN L 852 7.08 29.71 -75.45
N GLU L 853 7.29 28.61 -74.74
CA GLU L 853 6.27 27.58 -74.72
C GLU L 853 5.08 27.97 -73.85
N VAL L 854 5.32 28.66 -72.74
CA VAL L 854 4.19 29.15 -71.95
C VAL L 854 3.43 30.20 -72.74
N LEU L 855 4.14 30.99 -73.54
CA LEU L 855 3.48 31.94 -74.42
C LEU L 855 2.62 31.22 -75.45
N ALA L 856 3.14 30.14 -76.04
CA ALA L 856 2.36 29.39 -77.02
C ALA L 856 1.13 28.76 -76.38
N ALA L 857 1.28 28.24 -75.16
CA ALA L 857 0.11 27.70 -74.44
C ALA L 857 -0.89 28.81 -74.16
N LEU L 858 -0.40 30.01 -73.86
CA LEU L 858 -1.28 31.15 -73.67
C LEU L 858 -2.02 31.47 -74.96
N ASN L 859 -1.33 31.40 -76.09
CA ASN L 859 -1.98 31.64 -77.38
C ASN L 859 -3.06 30.60 -77.64
N GLY L 860 -2.78 29.33 -77.32
CA GLY L 860 -3.79 28.31 -77.48
C GLY L 860 -5.00 28.54 -76.60
N ALA L 861 -4.75 28.96 -75.35
CA ALA L 861 -5.87 29.28 -74.46
C ALA L 861 -6.68 30.45 -75.00
N TYR L 862 -5.99 31.46 -75.54
CA TYR L 862 -6.69 32.60 -76.14
C TYR L 862 -7.54 32.17 -77.33
N ASP L 863 -7.01 31.28 -78.16
CA ASP L 863 -7.77 30.78 -79.29
C ASP L 863 -8.99 29.98 -78.82
N LYS L 864 -8.81 29.15 -77.78
CA LYS L 864 -9.94 28.45 -77.20
C LYS L 864 -10.99 29.43 -76.71
N ALA L 865 -10.55 30.51 -76.07
CA ALA L 865 -11.46 31.55 -75.64
C ALA L 865 -12.21 32.15 -76.80
N LEU L 866 -11.50 32.44 -77.89
CA LEU L 866 -12.13 33.01 -79.07
C LEU L 866 -13.17 32.06 -79.64
N LEU L 867 -12.88 30.76 -79.63
CA LEU L 867 -13.84 29.79 -80.15
C LEU L 867 -15.05 29.67 -79.25
N ARG L 868 -14.87 29.76 -77.93
CA ARG L 868 -16.01 29.80 -77.04
C ARG L 868 -16.87 31.03 -77.32
N LEU L 869 -16.22 32.18 -77.53
CA LEU L 869 -16.95 33.38 -77.90
C LEU L 869 -17.66 33.21 -79.23
N PHE L 870 -17.06 32.44 -80.15
CA PHE L 870 -17.72 32.13 -81.40
C PHE L 870 -18.99 31.32 -81.17
N ALA L 871 -18.92 30.35 -80.25
CA ALA L 871 -20.12 29.60 -79.90
C ALA L 871 -21.18 30.52 -79.31
N SER L 872 -20.77 31.47 -78.47
CA SER L 872 -21.71 32.43 -77.92
C SER L 872 -22.34 33.28 -79.01
N ALA L 873 -21.54 33.70 -80.00
CA ALA L 873 -22.08 34.47 -81.11
C ALA L 873 -23.05 33.64 -81.93
N CYS L 874 -22.75 32.35 -82.11
CA CYS L 874 -23.68 31.46 -82.79
C CYS L 874 -24.99 31.35 -82.04
N SER L 875 -24.92 31.32 -80.71
CA SER L 875 -26.13 31.41 -79.90
C SER L 875 -26.85 32.72 -80.18
N ASP L 876 -26.11 33.81 -80.28
CA ASP L 876 -26.70 35.09 -80.66
C ASP L 876 -27.21 35.04 -82.09
N GLN L 877 -26.66 34.13 -82.90
CA GLN L 877 -27.06 33.94 -84.30
C GLN L 877 -26.87 35.23 -85.09
N ASN L 878 -25.71 35.86 -84.92
CA ASN L 878 -25.36 37.08 -85.64
C ASN L 878 -24.08 36.86 -86.43
N VAL L 879 -24.15 37.07 -87.74
CA VAL L 879 -23.01 36.79 -88.61
C VAL L 879 -21.87 37.76 -88.35
N GLU L 880 -22.19 39.02 -88.04
CA GLU L 880 -21.16 40.02 -87.84
C GLU L 880 -20.28 39.69 -86.65
N LYS L 881 -20.88 39.22 -85.55
CA LYS L 881 -20.12 38.86 -84.37
C LYS L 881 -19.18 37.70 -84.67
N ALA L 882 -19.69 36.68 -85.36
CA ALA L 882 -18.85 35.54 -85.73
C ALA L 882 -17.72 35.96 -86.64
N LEU L 883 -18.00 36.86 -87.59
CA LEU L 883 -16.96 37.34 -88.50
C LEU L 883 -15.88 38.09 -87.74
N SER L 884 -16.29 38.94 -86.80
CA SER L 884 -15.32 39.68 -85.99
C SER L 884 -14.46 38.72 -85.18
N LEU L 885 -15.08 37.69 -84.61
CA LEU L 885 -14.31 36.68 -83.87
C LEU L 885 -13.35 35.96 -84.79
N ALA L 886 -13.77 35.69 -86.02
CA ALA L 886 -12.89 35.08 -87.01
C ALA L 886 -11.68 35.96 -87.28
N HIS L 887 -11.89 37.28 -87.32
CA HIS L 887 -10.76 38.19 -87.51
C HIS L 887 -9.76 38.06 -86.36
N GLU L 888 -10.26 38.00 -85.12
CA GLU L 888 -9.37 37.93 -83.97
C GLU L 888 -8.67 36.58 -83.89
N LEU L 889 -9.25 35.54 -84.47
CA LEU L 889 -8.61 34.23 -84.45
C LEU L 889 -7.29 34.28 -85.21
N LYS L 890 -6.26 33.64 -84.66
CA LYS L 890 -4.92 33.70 -85.20
C LYS L 890 -4.36 32.33 -85.57
N GLN L 891 -5.19 31.31 -85.66
CA GLN L 891 -4.76 29.97 -86.04
C GLN L 891 -5.68 29.41 -87.12
N ASP L 892 -5.08 28.76 -88.12
CA ASP L 892 -5.86 28.13 -89.17
C ASP L 892 -6.74 27.00 -88.63
N ARG L 893 -6.17 26.17 -87.75
CA ARG L 893 -6.97 25.11 -87.14
C ARG L 893 -8.05 25.71 -86.24
N ALA L 894 -7.79 26.88 -85.66
CA ALA L 894 -8.85 27.61 -84.98
C ALA L 894 -9.94 28.01 -85.96
N LEU L 895 -9.56 28.34 -87.19
CA LEU L 895 -10.56 28.64 -88.21
C LEU L 895 -11.38 27.41 -88.57
N THR L 896 -10.73 26.24 -88.61
CA THR L 896 -11.47 25.00 -88.79
C THR L 896 -12.45 24.77 -87.65
N ALA L 897 -12.01 25.07 -86.43
CA ALA L 897 -12.89 24.97 -85.27
C ALA L 897 -14.08 25.91 -85.41
N ALA L 898 -13.83 27.12 -85.90
CA ALA L 898 -14.92 28.06 -86.13
C ALA L 898 -15.89 27.54 -87.18
N VAL L 899 -15.36 26.90 -88.23
CA VAL L 899 -16.21 26.26 -89.22
C VAL L 899 -17.09 25.21 -88.56
N LYS L 900 -16.50 24.41 -87.67
CA LYS L 900 -17.26 23.38 -86.98
C LYS L 900 -18.35 23.99 -86.11
N ILE L 901 -18.03 25.08 -85.40
CA ILE L 901 -19.02 25.74 -84.56
C ILE L 901 -20.15 26.29 -85.42
N SER L 902 -19.82 26.89 -86.56
CA SER L 902 -20.84 27.47 -87.42
C SER L 902 -21.76 26.40 -88.00
N GLU L 903 -21.19 25.28 -88.44
CA GLU L 903 -22.04 24.22 -88.98
C GLU L 903 -22.87 23.58 -87.87
N ARG L 904 -22.35 23.56 -86.64
CA ARG L 904 -23.16 23.11 -85.51
C ARG L 904 -24.30 24.08 -85.25
N ALA L 905 -24.06 25.38 -85.47
CA ALA L 905 -25.12 26.37 -85.39
C ALA L 905 -25.99 26.38 -86.65
N GLU L 906 -25.60 25.61 -87.66
CA GLU L 906 -26.35 25.29 -88.87
C GLU L 906 -26.48 26.46 -89.85
N LEU L 907 -25.86 27.61 -89.58
CA LEU L 907 -25.87 28.68 -90.56
C LEU L 907 -24.68 28.48 -91.51
N PRO L 908 -24.91 28.34 -92.80
CA PRO L 908 -23.80 28.04 -93.72
C PRO L 908 -23.07 29.28 -94.19
N SER L 909 -23.74 30.44 -94.15
CA SER L 909 -23.11 31.67 -94.56
C SER L 909 -21.89 31.98 -93.70
N LEU L 910 -22.02 31.80 -92.38
CA LEU L 910 -20.87 31.95 -91.51
C LEU L 910 -19.79 30.94 -91.84
N VAL L 911 -20.19 29.70 -92.14
CA VAL L 911 -19.21 28.67 -92.49
C VAL L 911 -18.37 29.12 -93.68
N LYS L 912 -19.03 29.61 -94.72
CA LYS L 912 -18.32 29.98 -95.95
C LYS L 912 -17.55 31.28 -95.79
N LYS L 913 -18.02 32.19 -94.93
CA LYS L 913 -17.18 33.33 -94.56
C LYS L 913 -15.92 32.90 -93.84
N ILE L 914 -16.03 31.94 -92.90
CA ILE L 914 -14.83 31.45 -92.24
C ILE L 914 -13.90 30.81 -93.26
N ASN L 915 -14.47 30.08 -94.21
CA ASN L 915 -13.64 29.49 -95.26
C ASN L 915 -12.87 30.56 -96.01
N ASN L 916 -13.59 31.60 -96.47
CA ASN L 916 -12.93 32.71 -97.17
C ASN L 916 -11.83 33.31 -96.32
N ILE L 917 -12.08 33.45 -95.02
CA ILE L 917 -11.02 33.91 -94.11
C ILE L 917 -9.85 32.95 -94.13
N ARG L 918 -10.12 31.65 -94.23
CA ARG L 918 -9.04 30.68 -94.28
C ARG L 918 -8.18 30.88 -95.51
N GLU L 919 -8.80 31.03 -96.69
CA GLU L 919 -7.98 31.27 -97.88
C GLU L 919 -7.25 32.60 -97.79
N ALA L 920 -7.85 33.58 -97.11
CA ALA L 920 -7.14 34.83 -96.88
C ALA L 920 -5.90 34.60 -96.01
N ARG L 921 -6.03 33.76 -94.99
CA ARG L 921 -4.95 33.55 -94.04
C ARG L 921 -3.83 32.70 -94.65
N TYR L 922 -4.17 31.81 -95.58
CA TYR L 922 -3.16 30.93 -96.16
C TYR L 922 -2.02 31.72 -96.79
N GLU L 923 -2.31 32.89 -97.34
CA GLU L 923 -1.30 33.71 -97.98
C GLU L 923 -1.36 35.14 -97.47
N PHE M 474 -14.83 67.69 -57.19
CA PHE M 474 -15.57 68.05 -58.39
C PHE M 474 -16.84 67.23 -58.52
N ARG M 475 -17.91 67.87 -58.99
CA ARG M 475 -19.21 67.21 -59.00
C ARG M 475 -19.26 66.07 -60.00
N TYR M 476 -18.68 66.26 -61.19
CA TYR M 476 -18.56 65.21 -62.21
C TYR M 476 -19.91 64.70 -62.69
N MET M 477 -20.73 65.63 -63.17
CA MET M 477 -21.98 65.24 -63.82
C MET M 477 -21.72 64.76 -65.26
N PRO M 478 -22.53 63.82 -65.75
CA PRO M 478 -22.32 63.31 -67.11
C PRO M 478 -22.58 64.37 -68.17
N PHE M 479 -21.89 64.23 -69.30
CA PHE M 479 -21.99 65.17 -70.39
C PHE M 479 -22.28 64.43 -71.69
N SER M 480 -23.16 65.00 -72.50
CA SER M 480 -23.43 64.52 -73.85
C SER M 480 -23.14 65.67 -74.82
N PRO M 481 -22.45 65.43 -75.93
CA PRO M 481 -22.14 66.51 -76.86
C PRO M 481 -23.40 67.22 -77.35
N ALA M 482 -23.36 68.54 -77.31
CA ALA M 482 -24.49 69.38 -77.73
C ALA M 482 -25.79 68.99 -77.03
N GLY M 483 -25.70 68.53 -75.80
CA GLY M 483 -26.88 68.18 -75.04
C GLY M 483 -27.54 69.40 -74.42
N THR M 484 -28.77 69.20 -73.97
CA THR M 484 -29.55 70.26 -73.33
C THR M 484 -30.05 69.76 -71.97
N PRO M 485 -29.83 70.51 -70.90
CA PRO M 485 -30.35 70.09 -69.59
C PRO M 485 -31.87 69.99 -69.60
N PHE M 486 -32.40 69.06 -68.80
CA PHE M 486 -33.84 68.96 -68.63
C PHE M 486 -34.40 70.25 -68.05
N GLY M 487 -33.84 70.71 -66.94
CA GLY M 487 -34.20 72.00 -66.37
C GLY M 487 -35.68 72.12 -66.10
N PHE M 488 -36.23 73.29 -66.43
CA PHE M 488 -37.66 73.51 -66.29
C PHE M 488 -38.45 72.73 -67.33
N THR M 489 -37.90 72.61 -68.54
CA THR M 489 -38.61 71.96 -69.62
C THR M 489 -38.79 70.46 -69.36
N ASP M 490 -39.97 69.95 -69.71
CA ASP M 490 -40.21 68.52 -69.63
C ASP M 490 -39.52 67.76 -70.75
N ARG M 491 -38.95 68.48 -71.73
CA ARG M 491 -38.30 67.87 -72.88
C ARG M 491 -36.92 68.50 -73.08
N ARG M 492 -36.04 67.78 -73.77
CA ARG M 492 -34.68 68.25 -73.96
C ARG M 492 -34.03 67.50 -75.11
N TYR M 493 -32.88 68.00 -75.54
CA TYR M 493 -32.05 67.32 -76.53
C TYR M 493 -30.94 66.58 -75.81
N LEU M 494 -30.89 65.26 -76.00
CA LEU M 494 -29.76 64.49 -75.50
C LEU M 494 -28.47 64.89 -76.21
N THR M 495 -28.54 65.10 -77.51
CA THR M 495 -27.35 65.39 -78.31
C THR M 495 -27.79 65.95 -79.65
N MET M 496 -27.14 67.02 -80.08
CA MET M 496 -27.40 67.64 -81.38
C MET M 496 -26.23 67.30 -82.28
N ASN M 497 -26.47 66.44 -83.26
CA ASN M 497 -25.44 65.94 -84.16
C ASN M 497 -25.80 66.30 -85.60
N GLU M 498 -24.78 66.45 -86.44
CA GLU M 498 -25.04 66.77 -87.84
C GLU M 498 -25.81 65.65 -88.53
N VAL M 499 -25.56 64.39 -88.12
CA VAL M 499 -26.32 63.28 -88.66
C VAL M 499 -27.79 63.37 -88.24
N GLY M 500 -28.03 63.86 -87.03
CA GLY M 500 -29.39 63.99 -86.54
C GLY M 500 -29.41 64.64 -85.18
N TYR M 501 -30.54 65.24 -84.84
CA TYR M 501 -30.75 65.85 -83.54
C TYR M 501 -31.77 65.01 -82.77
N VAL M 502 -31.36 64.50 -81.61
CA VAL M 502 -32.25 63.69 -80.80
C VAL M 502 -32.94 64.60 -79.79
N SER M 503 -34.23 64.85 -80.03
CA SER M 503 -35.09 65.53 -79.07
C SER M 503 -35.88 64.47 -78.32
N THR M 504 -36.16 64.73 -77.05
CA THR M 504 -36.75 63.70 -76.21
C THR M 504 -37.45 64.34 -75.04
N VAL M 505 -38.46 63.64 -74.51
CA VAL M 505 -39.31 64.14 -73.45
C VAL M 505 -39.35 63.12 -72.32
N LYS M 506 -39.47 63.60 -71.09
CA LYS M 506 -39.68 62.76 -69.93
C LYS M 506 -41.17 62.67 -69.65
N ASN M 507 -41.69 61.45 -69.57
CA ASN M 507 -43.10 61.23 -69.32
C ASN M 507 -43.41 61.03 -67.84
N SER M 508 -42.43 61.20 -66.97
CA SER M 508 -42.46 61.06 -65.52
C SER M 508 -42.52 59.59 -65.09
N GLU M 509 -42.64 58.64 -66.01
CA GLU M 509 -42.50 57.23 -65.70
C GLU M 509 -41.58 56.59 -66.74
N GLN M 510 -41.49 57.21 -67.90
CA GLN M 510 -40.66 56.73 -69.00
C GLN M 510 -40.17 57.95 -69.78
N TYR M 511 -39.15 57.73 -70.59
CA TYR M 511 -38.46 58.83 -71.27
C TYR M 511 -38.70 58.72 -72.77
N SER M 512 -39.71 59.44 -73.26
CA SER M 512 -40.03 59.39 -74.68
C SER M 512 -38.92 60.05 -75.50
N ILE M 513 -38.48 59.35 -76.55
CA ILE M 513 -37.37 59.80 -77.37
C ILE M 513 -37.87 60.00 -78.79
N THR M 514 -37.59 61.17 -79.35
CA THR M 514 -37.91 61.48 -80.74
C THR M 514 -36.58 61.56 -81.49
N VAL M 515 -36.16 60.44 -82.07
CA VAL M 515 -34.83 60.36 -82.66
C VAL M 515 -34.90 60.98 -84.05
N SER M 516 -34.68 62.29 -84.11
CA SER M 516 -34.85 63.04 -85.35
C SER M 516 -33.53 63.13 -86.10
N PHE M 517 -33.59 62.97 -87.41
CA PHE M 517 -32.41 62.96 -88.27
C PHE M 517 -32.44 64.15 -89.21
N PHE M 518 -31.29 64.83 -89.34
CA PHE M 518 -31.20 65.96 -90.24
C PHE M 518 -31.31 65.53 -91.70
N ASP M 519 -30.97 64.27 -91.99
CA ASP M 519 -31.09 63.72 -93.34
C ASP M 519 -32.03 62.52 -93.25
N VAL M 520 -33.33 62.79 -93.40
CA VAL M 520 -34.32 61.73 -93.34
C VAL M 520 -34.17 60.77 -94.51
N GLY M 521 -33.78 61.30 -95.69
CA GLY M 521 -33.53 60.42 -96.82
C GLY M 521 -32.42 59.43 -96.55
N ARG M 522 -31.34 59.90 -95.93
CA ARG M 522 -30.25 59.00 -95.54
C ARG M 522 -30.70 58.04 -94.46
N PHE M 523 -31.38 58.54 -93.43
CA PHE M 523 -31.91 57.72 -92.34
C PHE M 523 -33.31 58.24 -92.03
N ARG M 524 -34.32 57.45 -92.33
CA ARG M 524 -35.70 57.85 -92.07
C ARG M 524 -35.89 58.09 -90.58
N GLU M 525 -36.67 59.12 -90.24
CA GLU M 525 -36.88 59.46 -88.85
C GLU M 525 -37.63 58.35 -88.14
N TYR M 526 -37.17 58.00 -86.94
CA TYR M 526 -37.86 57.08 -86.07
C TYR M 526 -37.79 57.62 -84.65
N HIS M 527 -38.65 57.08 -83.79
CA HIS M 527 -38.73 57.55 -82.42
C HIS M 527 -39.41 56.49 -81.58
N PHE M 528 -38.72 56.00 -80.56
CA PHE M 528 -39.23 54.94 -79.70
C PHE M 528 -39.23 55.41 -78.25
N GLU M 529 -40.27 55.04 -77.51
CA GLU M 529 -40.30 55.32 -76.08
C GLU M 529 -39.21 54.55 -75.36
N ASP M 530 -38.56 55.21 -74.40
CA ASP M 530 -37.53 54.58 -73.59
C ASP M 530 -38.01 54.50 -72.16
N LEU M 531 -38.11 53.28 -71.64
CA LEU M 531 -38.42 53.08 -70.22
C LEU M 531 -37.20 53.33 -69.34
N PHE M 532 -36.01 52.98 -69.82
CA PHE M 532 -34.80 53.14 -69.01
C PHE M 532 -34.49 54.60 -68.76
N GLY M 533 -34.55 55.43 -69.81
CA GLY M 533 -34.14 56.80 -69.70
C GLY M 533 -32.64 56.95 -69.79
N TYR M 534 -32.05 56.46 -70.87
CA TYR M 534 -30.61 56.50 -71.06
C TYR M 534 -30.10 57.94 -71.02
N ASP M 535 -29.31 58.24 -69.99
CA ASP M 535 -28.89 59.62 -69.74
C ASP M 535 -28.04 60.16 -70.88
N LEU M 536 -27.14 59.35 -71.41
CA LEU M 536 -26.22 59.76 -72.46
C LEU M 536 -26.58 59.07 -73.76
N CYS M 537 -26.68 59.85 -74.84
CA CYS M 537 -26.98 59.30 -76.16
C CYS M 537 -25.94 59.79 -77.16
N PHE M 538 -25.39 58.87 -77.93
CA PHE M 538 -24.50 59.18 -79.03
C PHE M 538 -25.09 58.62 -80.32
N LEU M 539 -25.07 59.42 -81.38
CA LEU M 539 -25.60 59.00 -82.67
C LEU M 539 -24.61 59.35 -83.77
N ASN M 540 -24.40 58.42 -84.69
CA ASN M 540 -23.63 58.65 -85.89
C ASN M 540 -24.06 57.65 -86.96
N GLU M 541 -23.60 57.88 -88.19
CA GLU M 541 -24.20 57.23 -89.35
C GLU M 541 -24.18 55.71 -89.23
N LYS M 542 -23.23 55.16 -88.47
CA LYS M 542 -23.19 53.72 -88.28
C LYS M 542 -24.29 53.27 -87.32
N GLY M 543 -24.59 54.07 -86.31
CA GLY M 543 -25.62 53.70 -85.35
C GLY M 543 -25.79 54.72 -84.26
N THR M 544 -26.95 54.69 -83.64
CA THR M 544 -27.27 55.56 -82.51
C THR M 544 -27.15 54.77 -81.22
N LEU M 545 -26.50 55.38 -80.23
CA LEU M 545 -26.13 54.71 -79.00
C LEU M 545 -26.76 55.42 -77.81
N PHE M 546 -27.35 54.66 -76.90
CA PHE M 546 -28.04 55.20 -75.75
C PHE M 546 -27.47 54.57 -74.49
N GLY M 547 -27.05 55.41 -73.55
CA GLY M 547 -26.50 54.93 -72.30
C GLY M 547 -27.04 55.70 -71.13
N GLN M 548 -27.34 54.98 -70.05
CA GLN M 548 -27.79 55.57 -68.81
C GLN M 548 -26.61 55.58 -67.85
N SER M 549 -26.22 56.79 -67.42
CA SER M 549 -24.96 56.96 -66.72
C SER M 549 -24.92 56.19 -65.41
N LYS M 550 -26.00 56.28 -64.63
CA LYS M 550 -26.02 55.62 -63.33
C LYS M 550 -26.14 54.11 -63.47
N THR M 551 -27.04 53.65 -64.34
CA THR M 551 -27.29 52.22 -64.45
C THR M 551 -26.08 51.49 -65.05
N GLY M 552 -25.43 52.10 -66.03
CA GLY M 552 -24.32 51.48 -66.71
C GLY M 552 -24.68 50.62 -67.89
N GLN M 553 -25.96 50.39 -68.13
CA GLN M 553 -26.41 49.65 -69.30
C GLN M 553 -26.32 50.53 -70.54
N ILE M 554 -25.75 49.97 -71.61
CA ILE M 554 -25.51 50.70 -72.85
C ILE M 554 -26.37 50.07 -73.94
N GLN M 555 -27.13 50.91 -74.65
CA GLN M 555 -28.02 50.48 -75.71
C GLN M 555 -27.54 51.05 -77.03
N TYR M 556 -27.50 50.19 -78.05
CA TYR M 556 -27.07 50.58 -79.38
C TYR M 556 -28.17 50.28 -80.38
N ARG M 557 -28.36 51.17 -81.36
CA ARG M 557 -29.26 50.94 -82.48
C ARG M 557 -28.58 51.48 -83.73
N PRO M 558 -28.39 50.67 -84.76
CA PRO M 558 -27.87 51.21 -86.02
C PRO M 558 -28.84 52.20 -86.63
N HIS M 559 -28.30 53.31 -87.17
CA HIS M 559 -29.14 54.20 -87.95
C HIS M 559 -29.65 53.50 -89.20
N ASP M 560 -28.78 52.74 -89.87
CA ASP M 560 -29.25 51.88 -90.95
C ASP M 560 -30.21 50.82 -90.43
N SER M 561 -30.01 50.41 -89.17
CA SER M 561 -30.89 49.48 -88.48
C SER M 561 -30.96 48.12 -89.19
N ILE M 562 -30.12 47.93 -90.20
CA ILE M 562 -30.04 46.61 -90.84
C ILE M 562 -29.42 45.61 -89.88
N HIS M 563 -28.66 46.10 -88.91
CA HIS M 563 -28.12 45.26 -87.85
C HIS M 563 -29.01 45.34 -86.61
N SER M 564 -28.88 44.34 -85.75
CA SER M 564 -29.70 44.29 -84.55
C SER M 564 -29.33 45.41 -83.58
N ASN M 565 -30.32 45.85 -82.80
CA ASN M 565 -30.10 46.88 -81.80
C ASN M 565 -29.58 46.22 -80.52
N TRP M 566 -28.28 45.95 -80.48
CA TRP M 566 -27.72 45.23 -79.33
C TRP M 566 -27.61 46.15 -78.12
N THR M 567 -27.73 45.54 -76.94
CA THR M 567 -27.71 46.26 -75.68
C THR M 567 -26.87 45.49 -74.68
N LYS M 568 -25.98 46.22 -74.00
CA LYS M 568 -25.11 45.61 -73.00
C LYS M 568 -25.03 46.53 -71.79
N ILE M 569 -24.33 46.08 -70.76
CA ILE M 569 -24.12 46.85 -69.53
C ILE M 569 -22.64 46.84 -69.19
N ILE M 570 -22.12 48.01 -68.82
CA ILE M 570 -20.72 48.16 -68.46
C ILE M 570 -20.55 47.83 -66.98
N PRO M 571 -19.43 47.23 -66.58
CA PRO M 571 -19.13 47.14 -65.15
C PRO M 571 -18.97 48.52 -64.54
N LEU M 572 -19.41 48.66 -63.29
CA LEU M 572 -19.37 49.93 -62.59
C LEU M 572 -18.68 49.76 -61.25
N GLN M 573 -17.73 50.65 -60.96
CA GLN M 573 -17.13 50.69 -59.64
C GLN M 573 -18.12 51.31 -58.65
N ALA M 574 -17.72 51.34 -57.38
CA ALA M 574 -18.54 51.95 -56.35
C ALA M 574 -18.73 53.43 -56.65
N GLY M 575 -19.97 53.82 -56.94
CA GLY M 575 -20.26 55.19 -57.28
C GLY M 575 -19.73 55.63 -58.62
N GLU M 576 -19.33 54.69 -59.48
CA GLU M 576 -18.84 55.03 -60.81
C GLU M 576 -20.01 55.33 -61.73
N ARG M 577 -19.86 56.37 -62.53
CA ARG M 577 -20.92 56.82 -63.43
C ARG M 577 -20.32 57.17 -64.78
N ILE M 578 -21.12 57.03 -65.82
CA ILE M 578 -20.66 57.26 -67.19
C ILE M 578 -20.74 58.74 -67.49
N THR M 579 -19.58 59.40 -67.58
CA THR M 579 -19.57 60.84 -67.84
C THR M 579 -19.89 61.14 -69.30
N SER M 580 -19.32 60.37 -70.23
CA SER M 580 -19.44 60.66 -71.65
C SER M 580 -19.68 59.37 -72.42
N VAL M 581 -20.29 59.52 -73.60
CA VAL M 581 -20.63 58.40 -74.47
C VAL M 581 -19.98 58.65 -75.83
N ALA M 582 -19.50 57.59 -76.47
CA ALA M 582 -18.87 57.68 -77.77
C ALA M 582 -19.28 56.48 -78.63
N ALA M 583 -19.54 56.74 -79.91
CA ALA M 583 -19.86 55.69 -80.87
C ALA M 583 -19.05 55.91 -82.14
N THR M 584 -18.43 54.83 -82.63
CA THR M 584 -17.60 54.81 -83.81
C THR M 584 -17.86 53.54 -84.62
N PRO M 585 -17.87 53.63 -85.94
CA PRO M 585 -18.03 52.39 -86.74
C PRO M 585 -16.93 51.37 -86.46
N VAL M 586 -15.70 51.83 -86.24
CA VAL M 586 -14.62 50.90 -85.89
C VAL M 586 -14.80 50.35 -84.48
N ARG M 587 -15.12 51.20 -83.52
CA ARG M 587 -15.10 50.78 -82.12
C ARG M 587 -16.15 51.56 -81.33
N VAL M 588 -16.42 51.09 -80.11
CA VAL M 588 -17.34 51.76 -79.21
C VAL M 588 -16.59 52.11 -77.93
N ILE M 589 -16.67 53.37 -77.52
CA ILE M 589 -15.89 53.89 -76.41
C ILE M 589 -16.84 54.43 -75.34
N VAL M 590 -16.52 54.14 -74.09
CA VAL M 590 -17.33 54.54 -72.95
C VAL M 590 -16.51 55.46 -72.05
N GLY M 591 -17.08 56.62 -71.71
CA GLY M 591 -16.42 57.55 -70.83
C GLY M 591 -17.09 57.67 -69.48
N THR M 592 -16.40 57.25 -68.42
CA THR M 592 -16.99 57.14 -67.10
C THR M 592 -16.33 58.09 -66.11
N SER M 593 -16.87 58.10 -64.89
CA SER M 593 -16.39 59.01 -63.86
C SER M 593 -14.99 58.63 -63.37
N LEU M 594 -14.75 57.35 -63.14
CA LEU M 594 -13.45 56.94 -62.60
C LEU M 594 -12.36 56.90 -63.65
N GLY M 595 -12.58 57.48 -64.84
CA GLY M 595 -11.52 57.55 -65.82
C GLY M 595 -11.21 56.26 -66.52
N TYR M 596 -12.12 55.28 -66.48
CA TYR M 596 -11.90 54.04 -67.19
C TYR M 596 -12.21 54.22 -68.67
N PHE M 597 -11.31 53.72 -69.51
CA PHE M 597 -11.50 53.69 -70.95
C PHE M 597 -11.91 52.28 -71.34
N ARG M 598 -13.03 52.17 -72.03
CA ARG M 598 -13.56 50.88 -72.47
C ARG M 598 -13.60 50.86 -73.99
N SER M 599 -12.77 50.01 -74.59
CA SER M 599 -12.76 49.82 -76.04
C SER M 599 -13.69 48.68 -76.38
N PHE M 600 -14.76 48.99 -77.10
CA PHE M 600 -15.73 48.00 -77.54
C PHE M 600 -15.83 48.07 -79.05
N ASN M 601 -16.28 46.99 -79.67
CA ASN M 601 -16.59 47.09 -81.09
C ASN M 601 -17.99 47.64 -81.28
N GLN M 602 -18.31 47.95 -82.54
CA GLN M 602 -19.64 48.42 -82.87
C GLN M 602 -20.71 47.38 -82.55
N PHE M 603 -20.32 46.12 -82.40
CA PHE M 603 -21.24 45.05 -82.05
C PHE M 603 -21.36 44.83 -80.55
N GLY M 604 -20.53 45.50 -79.74
CA GLY M 604 -20.57 45.36 -78.30
C GLY M 604 -19.49 44.49 -77.71
N VAL M 605 -18.62 43.91 -78.53
CA VAL M 605 -17.50 43.14 -77.99
C VAL M 605 -16.48 44.09 -77.38
N PRO M 606 -16.15 43.95 -76.10
CA PRO M 606 -15.14 44.83 -75.50
C PRO M 606 -13.75 44.51 -76.02
N PHE M 607 -13.21 45.38 -76.87
CA PHE M 607 -11.88 45.14 -77.41
C PHE M 607 -10.80 45.32 -76.35
N ALA M 608 -10.92 46.36 -75.52
CA ALA M 608 -9.92 46.62 -74.49
C ALA M 608 -10.55 47.47 -73.39
N VAL M 609 -9.90 47.47 -72.23
CA VAL M 609 -10.29 48.29 -71.09
C VAL M 609 -9.05 48.98 -70.55
N GLU M 610 -9.15 50.28 -70.33
CA GLU M 610 -8.04 51.07 -69.81
C GLU M 610 -8.57 51.99 -68.71
N LYS M 611 -7.69 52.39 -67.80
CA LYS M 611 -8.01 53.35 -66.77
C LYS M 611 -7.08 54.54 -66.86
N THR M 612 -7.66 55.74 -66.84
CA THR M 612 -6.89 56.97 -66.86
C THR M 612 -7.59 57.97 -65.94
N SER M 613 -7.20 59.24 -66.07
CA SER M 613 -7.83 60.29 -65.29
C SER M 613 -9.30 60.40 -65.65
N PRO M 614 -10.15 60.90 -64.73
CA PRO M 614 -11.58 61.01 -65.01
C PRO M 614 -11.88 61.73 -66.32
N ILE M 615 -12.42 60.97 -67.26
CA ILE M 615 -12.76 61.49 -68.59
C ILE M 615 -14.10 62.24 -68.53
N VAL M 616 -14.03 63.56 -68.40
CA VAL M 616 -15.25 64.35 -68.39
C VAL M 616 -15.87 64.39 -69.78
N ALA M 617 -15.04 64.47 -70.82
CA ALA M 617 -15.52 64.66 -72.19
C ALA M 617 -14.84 63.69 -73.13
N LEU M 618 -15.57 63.26 -74.15
CA LEU M 618 -15.12 62.21 -75.05
C LEU M 618 -15.60 62.50 -76.47
N THR M 619 -14.74 62.23 -77.45
CA THR M 619 -15.03 62.48 -78.86
C THR M 619 -14.77 61.21 -79.66
N ALA M 620 -15.64 60.92 -80.63
CA ALA M 620 -15.54 59.72 -81.45
C ALA M 620 -15.63 60.07 -82.94
N GLN M 621 -14.71 59.49 -83.72
CA GLN M 621 -14.86 59.38 -85.16
C GLN M 621 -14.51 57.96 -85.56
N ASN M 622 -14.98 57.56 -86.75
CA ASN M 622 -14.58 56.30 -87.34
C ASN M 622 -13.08 56.06 -87.18
N TYR M 623 -12.27 57.07 -87.43
CA TYR M 623 -10.82 56.94 -87.37
C TYR M 623 -10.17 57.70 -86.23
N ARG M 624 -10.79 58.77 -85.75
CA ARG M 624 -10.20 59.61 -84.71
C ARG M 624 -11.00 59.50 -83.41
N VAL M 625 -10.28 59.36 -82.30
CA VAL M 625 -10.88 59.30 -80.98
C VAL M 625 -10.20 60.34 -80.12
N PHE M 626 -10.95 61.34 -79.69
CA PHE M 626 -10.43 62.39 -78.81
C PHE M 626 -11.06 62.26 -77.44
N SER M 627 -10.23 62.35 -76.41
CA SER M 627 -10.66 62.20 -75.04
C SER M 627 -10.16 63.36 -74.20
N VAL M 628 -11.06 63.93 -73.40
CA VAL M 628 -10.75 65.07 -72.53
C VAL M 628 -10.96 64.63 -71.09
N HIS M 629 -10.00 64.95 -70.24
CA HIS M 629 -9.94 64.36 -68.90
C HIS M 629 -9.78 65.47 -67.88
N TYR M 630 -10.63 65.46 -66.86
CA TYR M 630 -10.46 66.33 -65.72
C TYR M 630 -10.25 65.52 -64.46
N SER M 631 -9.12 65.74 -63.79
CA SER M 631 -8.89 65.29 -62.43
C SER M 631 -8.66 66.51 -61.56
N GLN M 632 -9.42 66.64 -60.48
CA GLN M 632 -9.23 67.80 -59.62
C GLN M 632 -7.82 67.80 -59.03
N PHE M 633 -7.16 66.65 -59.04
CA PHE M 633 -5.72 66.61 -58.78
C PHE M 633 -4.92 67.12 -59.97
N HIS M 634 -5.32 66.75 -61.18
CA HIS M 634 -4.57 67.07 -62.39
C HIS M 634 -5.20 68.19 -63.20
N GLY M 635 -6.22 68.86 -62.66
CA GLY M 635 -6.94 69.85 -63.45
C GLY M 635 -7.58 69.16 -64.64
N LEU M 636 -7.49 69.81 -65.80
CA LEU M 636 -8.05 69.29 -67.03
C LEU M 636 -6.93 68.80 -67.94
N SER M 637 -7.14 67.67 -68.59
CA SER M 637 -6.19 67.13 -69.55
C SER M 637 -6.94 66.58 -70.74
N TYR M 638 -6.27 66.55 -71.89
CA TYR M 638 -6.85 66.04 -73.12
C TYR M 638 -5.92 64.99 -73.73
N SER M 639 -6.51 63.90 -74.22
CA SER M 639 -5.78 62.86 -74.91
C SER M 639 -6.48 62.60 -76.24
N LEU M 640 -5.73 62.75 -77.33
CA LEU M 640 -6.25 62.54 -78.67
C LEU M 640 -5.66 61.27 -79.26
N SER M 641 -6.51 60.41 -79.80
CA SER M 641 -6.09 59.13 -80.33
C SER M 641 -6.58 58.96 -81.77
N GLU M 642 -5.70 58.46 -82.62
CA GLU M 642 -6.08 58.03 -83.95
C GLU M 642 -6.49 56.56 -83.86
N LEU M 643 -7.80 56.31 -83.92
CA LEU M 643 -8.31 54.97 -83.61
C LEU M 643 -7.80 53.94 -84.61
N GLY M 644 -7.98 54.20 -85.90
CA GLY M 644 -7.56 53.26 -86.92
C GLY M 644 -8.32 51.95 -86.89
N THR M 645 -8.11 51.11 -87.89
CA THR M 645 -8.70 49.78 -87.89
C THR M 645 -8.14 48.93 -86.76
N SER M 646 -6.82 49.01 -86.54
CA SER M 646 -6.15 48.25 -85.49
C SER M 646 -4.93 49.03 -85.05
N SER M 647 -4.32 48.56 -83.95
CA SER M 647 -3.17 49.24 -83.35
C SER M 647 -3.48 50.70 -83.08
N LYS M 648 -4.56 50.94 -82.34
CA LYS M 648 -5.02 52.29 -82.06
C LYS M 648 -3.91 53.11 -81.42
N ARG M 649 -3.67 54.30 -81.96
CA ARG M 649 -2.58 55.15 -81.54
C ARG M 649 -3.09 56.52 -81.13
N TYR M 650 -2.31 57.21 -80.31
CA TYR M 650 -2.66 58.52 -79.79
C TYR M 650 -1.76 59.57 -80.42
N TYR M 651 -2.37 60.62 -80.98
CA TYR M 651 -1.59 61.79 -81.34
C TYR M 651 -1.11 62.54 -80.10
N LYS M 652 -1.95 62.62 -79.08
CA LYS M 652 -1.57 63.28 -77.83
C LYS M 652 -2.09 62.46 -76.66
N ARG M 653 -1.37 62.52 -75.54
CA ARG M 653 -1.63 61.67 -74.39
C ARG M 653 -1.81 62.53 -73.13
N GLU M 654 -3.06 62.82 -72.81
CA GLU M 654 -3.44 63.36 -71.49
C GLU M 654 -2.73 64.67 -71.16
N CYS M 655 -2.35 65.43 -72.19
CA CYS M 655 -1.81 66.75 -71.93
C CYS M 655 -2.94 67.70 -71.51
N PRO M 656 -2.62 68.72 -70.73
CA PRO M 656 -3.68 69.63 -70.25
C PRO M 656 -4.28 70.45 -71.37
N LEU M 657 -5.55 70.80 -71.18
CA LEU M 657 -6.30 71.59 -72.14
C LEU M 657 -6.64 72.94 -71.53
N PRO M 658 -6.41 74.04 -72.25
CA PRO M 658 -6.75 75.36 -71.70
C PRO M 658 -8.22 75.69 -71.84
N MET M 659 -8.89 75.97 -70.72
CA MET M 659 -10.32 76.27 -70.75
C MET M 659 -10.64 77.12 -69.52
N SER M 660 -11.63 78.00 -69.67
CA SER M 660 -11.99 78.97 -68.65
C SER M 660 -13.28 78.53 -67.96
N LEU M 661 -13.16 78.07 -66.72
CA LEU M 661 -14.33 77.63 -65.99
C LEU M 661 -15.24 78.82 -65.70
N PRO M 662 -16.56 78.63 -65.74
CA PRO M 662 -17.46 79.73 -65.39
C PRO M 662 -17.37 80.07 -63.90
N ASN M 663 -17.90 81.24 -63.56
CA ASN M 663 -17.89 81.74 -62.19
C ASN M 663 -18.60 80.78 -61.24
N LYS M 670 -29.63 84.81 -64.00
CA LYS M 670 -28.51 84.10 -63.40
C LYS M 670 -28.97 82.73 -62.93
N ASP M 671 -30.08 82.25 -63.48
CA ASP M 671 -30.63 80.94 -63.12
C ASP M 671 -30.36 79.87 -64.16
N ALA M 672 -30.52 80.20 -65.45
CA ALA M 672 -30.31 79.21 -66.50
C ALA M 672 -28.86 78.75 -66.55
N ASN M 673 -27.92 79.68 -66.39
CA ASN M 673 -26.52 79.29 -66.36
C ASN M 673 -26.22 78.38 -65.18
N LEU M 674 -26.79 78.69 -64.01
CA LEU M 674 -26.58 77.82 -62.84
C LEU M 674 -27.17 76.44 -63.07
N ASP M 675 -28.36 76.37 -63.68
CA ASP M 675 -28.94 75.07 -64.00
C ASP M 675 -28.06 74.29 -64.95
N TYR M 676 -27.49 74.97 -65.95
CA TYR M 676 -26.59 74.29 -66.87
C TYR M 676 -25.34 73.81 -66.15
N TYR M 677 -24.82 74.61 -65.22
CA TYR M 677 -23.64 74.19 -64.46
C TYR M 677 -23.96 72.99 -63.59
N ASN M 678 -25.19 72.92 -63.07
CA ASN M 678 -25.64 71.70 -62.43
C ASN M 678 -25.62 70.54 -63.42
N PHE M 679 -26.07 70.80 -64.66
CA PHE M 679 -25.97 69.81 -65.72
C PHE M 679 -24.52 69.61 -66.15
N ASN M 680 -23.80 70.70 -66.40
CA ASN M 680 -22.41 70.65 -66.85
C ASN M 680 -21.55 71.49 -65.91
N PRO M 681 -20.98 70.87 -64.87
CA PRO M 681 -20.11 71.65 -63.96
C PRO M 681 -18.95 72.31 -64.67
N MET M 682 -18.39 71.64 -65.68
CA MET M 682 -17.36 72.27 -66.49
C MET M 682 -17.93 73.42 -67.31
N GLY M 683 -19.23 73.40 -67.57
CA GLY M 683 -19.88 74.43 -68.35
C GLY M 683 -19.62 74.35 -69.83
N ILE M 684 -18.97 73.29 -70.32
CA ILE M 684 -18.66 73.19 -71.74
C ILE M 684 -19.96 73.01 -72.51
N LYS M 685 -20.24 73.94 -73.41
CA LYS M 685 -21.51 73.91 -74.13
C LYS M 685 -21.63 72.64 -74.97
N SER M 686 -20.59 72.28 -75.69
CA SER M 686 -20.62 71.09 -76.51
C SER M 686 -19.20 70.73 -76.91
N LEU M 687 -18.85 69.45 -76.76
CA LEU M 687 -17.63 68.91 -77.33
C LEU M 687 -18.00 68.10 -78.57
N PHE M 688 -17.64 68.62 -79.74
CA PHE M 688 -17.83 67.92 -80.98
C PHE M 688 -16.50 67.95 -81.73
N PHE M 689 -16.51 67.49 -82.97
CA PHE M 689 -15.27 67.20 -83.65
C PHE M 689 -15.41 67.54 -85.13
N SER M 690 -14.33 68.04 -85.72
CA SER M 690 -14.42 68.62 -87.06
C SER M 690 -14.60 67.53 -88.11
N SER M 691 -15.19 67.92 -89.24
CA SER M 691 -15.20 67.06 -90.41
C SER M 691 -13.79 66.74 -90.86
N TYR M 692 -12.87 67.68 -90.69
CA TYR M 692 -11.50 67.48 -91.16
C TYR M 692 -10.59 66.86 -90.11
N GLY M 693 -11.14 66.46 -88.96
CA GLY M 693 -10.38 65.84 -87.90
C GLY M 693 -9.77 66.81 -86.91
N ASP M 694 -9.88 68.10 -87.16
CA ASP M 694 -9.35 69.08 -86.22
C ASP M 694 -10.18 69.06 -84.95
N PRO M 695 -9.57 68.99 -83.78
CA PRO M 695 -10.34 68.91 -82.52
C PRO M 695 -11.15 70.16 -82.27
N CYS M 696 -12.48 69.99 -82.24
CA CYS M 696 -13.40 71.10 -82.04
C CYS M 696 -13.69 71.25 -80.55
N ILE M 697 -13.46 72.46 -80.03
CA ILE M 697 -13.74 72.78 -78.64
C ILE M 697 -14.70 73.94 -78.57
N PHE M 698 -15.78 73.79 -77.80
CA PHE M 698 -16.71 74.88 -77.57
C PHE M 698 -17.20 74.73 -76.13
N GLY M 699 -16.54 75.44 -75.21
CA GLY M 699 -16.84 75.29 -73.81
C GLY M 699 -17.59 76.47 -73.21
N SER M 700 -17.48 76.63 -71.89
CA SER M 700 -18.08 77.77 -71.22
C SER M 700 -17.49 79.08 -71.70
N ASP M 701 -16.31 79.04 -72.33
CA ASP M 701 -15.74 80.23 -72.95
C ASP M 701 -16.67 80.78 -74.02
N ASN M 702 -17.51 79.93 -74.61
CA ASN M 702 -18.45 80.25 -75.67
C ASN M 702 -17.73 80.66 -76.95
N THR M 703 -16.41 80.54 -76.99
CA THR M 703 -15.64 80.80 -78.20
C THR M 703 -15.05 79.49 -78.70
N LEU M 704 -15.21 79.23 -80.00
CA LEU M 704 -14.66 78.02 -80.58
C LEU M 704 -13.15 77.99 -80.43
N LEU M 705 -12.64 76.88 -79.90
CA LEU M 705 -11.21 76.66 -79.75
C LEU M 705 -10.82 75.49 -80.63
N LEU M 706 -9.70 75.61 -81.34
CA LEU M 706 -9.30 74.62 -82.32
C LEU M 706 -7.83 74.26 -82.14
N LEU M 707 -7.51 72.99 -82.34
CA LEU M 707 -6.14 72.53 -82.28
C LEU M 707 -5.52 72.54 -83.67
N SER M 708 -4.43 73.26 -83.83
CA SER M 708 -3.77 73.42 -85.12
C SER M 708 -2.55 72.50 -85.21
N LYS M 709 -2.40 71.87 -86.38
CA LYS M 709 -1.30 70.92 -86.61
C LYS M 709 -1.30 69.81 -85.56
N TRP M 710 -2.51 69.34 -85.23
CA TRP M 710 -2.67 68.40 -84.13
C TRP M 710 -1.99 67.08 -84.42
N ARG M 711 -2.04 66.61 -85.67
CA ARG M 711 -1.44 65.31 -86.00
C ARG M 711 0.05 65.29 -85.73
N SER M 712 0.69 66.45 -85.75
CA SER M 712 2.09 66.55 -85.37
C SER M 712 2.19 66.99 -83.92
N PRO M 713 2.79 66.20 -83.03
CA PRO M 713 2.74 66.51 -81.59
C PRO M 713 3.30 67.88 -81.23
N GLU M 714 4.54 68.15 -81.62
CA GLU M 714 5.14 69.45 -81.34
C GLU M 714 4.39 70.56 -82.07
N GLU M 715 4.01 70.31 -83.32
CA GLU M 715 3.32 71.33 -84.11
C GLU M 715 1.91 71.58 -83.59
N SER M 716 1.39 70.68 -82.77
CA SER M 716 0.06 70.86 -82.21
C SER M 716 0.02 72.13 -81.35
N LYS M 717 -1.03 72.92 -81.56
CA LYS M 717 -1.17 74.20 -80.86
C LYS M 717 -2.63 74.63 -80.87
N TRP M 718 -3.05 75.24 -79.78
CA TRP M 718 -4.44 75.57 -79.54
C TRP M 718 -4.71 77.00 -79.99
N LEU M 719 -5.68 77.17 -80.90
CA LEU M 719 -6.02 78.47 -81.44
C LEU M 719 -7.54 78.63 -81.41
N PRO M 720 -8.07 79.66 -80.76
CA PRO M 720 -9.52 79.91 -80.83
C PRO M 720 -9.89 80.54 -82.16
N ILE M 721 -10.50 79.76 -83.04
CA ILE M 721 -10.70 80.21 -84.41
C ILE M 721 -12.03 80.95 -84.61
N LEU M 722 -13.01 80.74 -83.74
CA LEU M 722 -14.24 81.51 -83.82
C LEU M 722 -14.57 82.08 -82.44
N ASP M 723 -15.02 83.33 -82.46
CA ASP M 723 -15.38 84.08 -81.26
C ASP M 723 -16.88 84.38 -81.34
N SER M 724 -17.68 83.44 -80.83
CA SER M 724 -19.13 83.61 -80.91
C SER M 724 -19.59 84.85 -80.14
N ASN M 725 -19.06 85.04 -78.93
CA ASN M 725 -19.45 86.20 -78.13
C ASN M 725 -19.17 87.49 -78.87
N MET M 726 -18.10 87.53 -79.66
CA MET M 726 -17.82 88.70 -80.47
C MET M 726 -18.97 88.97 -81.43
N GLU M 727 -19.46 87.95 -82.11
CA GLU M 727 -20.55 88.16 -83.06
C GLU M 727 -21.87 88.44 -82.36
N ILE M 728 -22.07 87.87 -81.17
CA ILE M 728 -23.27 88.17 -80.39
C ILE M 728 -23.27 89.64 -80.01
N TRP M 729 -22.10 90.17 -79.63
CA TRP M 729 -21.95 91.60 -79.44
C TRP M 729 -22.16 92.34 -80.75
N LYS M 730 -21.70 91.75 -81.86
CA LYS M 730 -21.76 92.40 -83.17
C LYS M 730 -23.19 92.74 -83.56
N MET M 731 -24.05 91.73 -83.69
CA MET M 731 -25.37 92.06 -84.19
C MET M 731 -26.16 92.82 -83.10
N SER M 732 -27.36 93.25 -83.47
CA SER M 732 -28.16 94.16 -82.64
C SER M 732 -27.41 95.47 -82.40
N GLY M 733 -26.70 95.94 -83.41
CA GLY M 733 -26.04 97.23 -83.36
C GLY M 733 -24.93 97.37 -82.33
N GLY M 734 -24.03 96.39 -82.26
CA GLY M 734 -22.94 96.47 -81.31
C GLY M 734 -23.33 96.27 -79.87
N LYS M 735 -24.44 95.57 -79.61
CA LYS M 735 -24.95 95.38 -78.26
C LYS M 735 -25.04 93.89 -77.97
N GLU M 736 -24.60 93.50 -76.77
CA GLU M 736 -24.66 92.10 -76.37
C GLU M 736 -26.07 91.75 -75.89
N THR M 737 -26.59 90.64 -76.40
CA THR M 737 -27.94 90.19 -76.11
C THR M 737 -27.88 88.91 -75.27
N THR M 738 -28.59 88.92 -74.13
CA THR M 738 -28.60 87.74 -73.27
C THR M 738 -29.49 86.65 -73.83
N ASP M 739 -30.53 87.02 -74.58
CA ASP M 739 -31.46 86.03 -75.10
C ASP M 739 -30.77 85.09 -76.08
N ILE M 740 -29.87 85.61 -76.90
CA ILE M 740 -29.17 84.77 -77.88
C ILE M 740 -28.33 83.73 -77.18
N HIS M 741 -28.44 82.48 -77.64
CA HIS M 741 -27.58 81.40 -77.21
C HIS M 741 -27.10 80.65 -78.44
N VAL M 742 -25.87 80.14 -78.39
CA VAL M 742 -25.23 79.47 -79.52
C VAL M 742 -24.94 78.04 -79.12
N TRP M 743 -25.32 77.10 -79.98
CA TRP M 743 -25.18 75.67 -79.69
C TRP M 743 -24.76 74.94 -80.96
N PRO M 744 -23.46 74.63 -81.09
CA PRO M 744 -22.95 74.02 -82.32
C PRO M 744 -23.16 72.52 -82.32
N LEU M 745 -23.67 72.01 -83.45
CA LEU M 745 -23.77 70.57 -83.64
C LEU M 745 -22.64 70.03 -84.51
N ALA M 746 -22.06 70.88 -85.34
CA ALA M 746 -21.01 70.46 -86.28
C ALA M 746 -20.18 71.68 -86.64
N LEU M 747 -19.20 71.46 -87.52
CA LEU M 747 -18.33 72.54 -87.98
C LEU M 747 -17.98 72.31 -89.43
N ALA M 748 -18.44 73.20 -90.31
CA ALA M 748 -17.92 73.22 -91.66
C ALA M 748 -16.48 73.72 -91.64
N TYR M 749 -15.76 73.47 -92.73
CA TYR M 749 -14.33 73.74 -92.75
C TYR M 749 -14.03 75.21 -92.48
N ASP M 750 -14.82 76.11 -93.06
CA ASP M 750 -14.62 77.54 -92.89
C ASP M 750 -15.72 78.21 -92.09
N THR M 751 -16.81 77.50 -91.79
CA THR M 751 -17.96 78.08 -91.13
C THR M 751 -18.44 77.13 -90.04
N LEU M 752 -19.18 77.67 -89.08
CA LEU M 752 -19.63 76.91 -87.92
C LEU M 752 -21.08 76.50 -88.07
N ASN M 753 -21.35 75.22 -87.85
CA ASN M 753 -22.72 74.70 -87.79
C ASN M 753 -23.20 74.82 -86.35
N CYS M 754 -23.80 75.96 -86.04
CA CYS M 754 -24.36 76.24 -84.73
C CYS M 754 -25.73 76.87 -84.88
N ILE M 755 -26.62 76.55 -83.95
CA ILE M 755 -27.96 77.10 -83.94
C ILE M 755 -27.97 78.37 -83.10
N LEU M 756 -28.57 79.42 -83.64
CA LEU M 756 -28.64 80.71 -82.96
C LEU M 756 -30.01 80.79 -82.29
N VAL M 757 -30.08 80.33 -81.05
CA VAL M 757 -31.35 80.17 -80.35
C VAL M 757 -31.52 81.32 -79.36
N LYS M 758 -32.72 81.90 -79.34
CA LYS M 758 -33.06 83.01 -78.47
C LYS M 758 -33.97 82.48 -77.37
N GLY M 759 -33.38 82.17 -76.22
CA GLY M 759 -34.16 81.65 -75.11
C GLY M 759 -33.54 82.07 -73.79
N LYS M 760 -34.39 82.15 -72.77
CA LYS M 760 -33.90 82.44 -71.43
C LYS M 760 -32.98 81.33 -70.94
N HIS M 761 -33.36 80.07 -71.19
CA HIS M 761 -32.47 78.97 -70.89
C HIS M 761 -31.24 79.01 -71.79
N ILE M 762 -30.09 78.66 -71.23
CA ILE M 762 -28.87 78.62 -72.02
C ILE M 762 -29.01 77.60 -73.14
N TRP M 763 -29.56 76.42 -72.81
CA TRP M 763 -29.75 75.40 -73.82
C TRP M 763 -30.86 75.80 -74.79
N PRO M 764 -30.80 75.31 -76.03
CA PRO M 764 -31.80 75.71 -77.02
C PRO M 764 -33.19 75.21 -76.66
N GLU M 765 -34.19 75.93 -77.15
CA GLU M 765 -35.58 75.51 -76.99
C GLU M 765 -35.83 74.23 -77.79
N PHE M 766 -36.93 73.56 -77.45
CA PHE M 766 -37.25 72.29 -78.10
C PHE M 766 -37.42 72.41 -79.60
N PRO M 767 -38.12 73.39 -80.16
CA PRO M 767 -38.03 73.62 -81.60
C PRO M 767 -36.60 73.95 -82.00
N LEU M 768 -36.19 73.45 -83.17
CA LEU M 768 -34.81 73.59 -83.61
C LEU M 768 -34.72 74.58 -84.76
N PRO M 769 -34.20 75.78 -84.53
CA PRO M 769 -33.88 76.66 -85.66
C PRO M 769 -32.74 76.10 -86.48
N LEU M 770 -32.75 76.43 -87.76
CA LEU M 770 -31.71 75.93 -88.65
C LEU M 770 -30.34 76.44 -88.18
N PRO M 771 -29.31 75.59 -88.19
CA PRO M 771 -28.01 76.01 -87.67
C PRO M 771 -27.43 77.18 -88.46
N SER M 772 -27.10 78.24 -87.73
CA SER M 772 -26.53 79.43 -88.34
C SER M 772 -25.10 79.16 -88.76
N GLU M 773 -24.77 79.48 -90.00
CA GLU M 773 -23.47 79.23 -90.58
C GLU M 773 -22.75 80.56 -90.81
N MET M 774 -21.59 80.72 -90.18
CA MET M 774 -20.85 81.98 -90.25
C MET M 774 -19.36 81.70 -90.35
N GLU M 775 -18.65 82.61 -91.01
CA GLU M 775 -17.22 82.48 -91.21
C GLU M 775 -16.50 82.44 -89.87
N ILE M 776 -15.58 81.49 -89.72
CA ILE M 776 -14.79 81.40 -88.51
C ILE M 776 -13.88 82.61 -88.41
N ARG M 777 -13.91 83.30 -87.27
CA ARG M 777 -13.27 84.59 -87.13
C ARG M 777 -12.50 84.66 -85.82
N MET M 778 -11.27 85.17 -85.89
CA MET M 778 -10.56 85.23 -84.63
C MET M 778 -10.68 86.63 -84.01
N PRO M 779 -10.70 86.71 -82.68
CA PRO M 779 -10.81 88.02 -81.99
C PRO M 779 -9.47 88.72 -81.86
N VAL M 780 -8.81 88.96 -82.99
CA VAL M 780 -7.54 89.70 -82.97
C VAL M 780 -7.79 91.17 -82.65
N PHE M 781 -8.97 91.67 -83.03
CA PHE M 781 -9.29 93.07 -82.78
C PHE M 781 -9.83 93.29 -81.38
N VAL M 782 -9.92 94.56 -81.00
CA VAL M 782 -10.35 94.99 -79.68
C VAL M 782 -11.78 95.47 -79.76
N LYS M 783 -12.62 95.04 -78.81
CA LYS M 783 -14.03 95.42 -78.83
C LYS M 783 -14.20 96.92 -78.71
N SER M 784 -13.41 97.56 -77.84
CA SER M 784 -13.59 98.99 -77.58
C SER M 784 -13.27 99.83 -78.82
N LYS M 785 -12.24 99.46 -79.57
CA LYS M 785 -11.86 100.30 -80.71
C LYS M 785 -12.76 100.06 -81.92
N LEU M 786 -13.41 98.90 -82.00
CA LEU M 786 -14.52 98.77 -82.95
C LEU M 786 -15.76 99.52 -82.47
N LEU M 787 -15.94 99.61 -81.15
CA LEU M 787 -17.04 100.43 -80.63
C LEU M 787 -16.85 101.89 -81.02
N GLU M 788 -15.62 102.40 -80.89
CA GLU M 788 -15.35 103.77 -81.33
C GLU M 788 -15.28 103.86 -82.84
N GLU M 789 -15.07 102.73 -83.54
CA GLU M 789 -15.12 102.73 -84.99
C GLU M 789 -16.49 103.11 -85.50
N ASN M 790 -17.55 102.58 -84.87
CA ASN M 790 -18.91 102.89 -85.29
C ASN M 790 -19.66 103.67 -84.21
N GLU M 814 -22.90 94.07 -88.50
CA GLU M 814 -23.17 95.40 -89.05
C GLU M 814 -22.20 96.42 -88.48
N ILE M 815 -21.31 95.95 -87.60
CA ILE M 815 -20.33 96.84 -87.00
C ILE M 815 -19.33 97.28 -88.04
N GLN M 816 -18.91 98.55 -87.96
CA GLN M 816 -17.90 99.06 -88.87
C GLN M 816 -16.54 98.47 -88.52
N ILE M 817 -15.85 97.96 -89.53
CA ILE M 817 -14.62 97.18 -89.35
C ILE M 817 -13.52 97.84 -90.16
N PRO M 818 -12.37 98.16 -89.55
CA PRO M 818 -11.23 98.64 -90.34
C PRO M 818 -10.82 97.63 -91.40
N VAL M 819 -10.67 98.11 -92.63
CA VAL M 819 -10.40 97.21 -93.75
C VAL M 819 -9.02 96.59 -93.63
N SER M 820 -8.04 97.34 -93.13
CA SER M 820 -6.72 96.75 -92.89
C SER M 820 -6.80 95.71 -91.78
N MET M 821 -7.45 96.04 -90.67
CA MET M 821 -7.61 95.08 -89.60
C MET M 821 -8.46 93.89 -90.03
N ALA M 822 -9.52 94.16 -90.80
CA ALA M 822 -10.33 93.07 -91.33
C ALA M 822 -9.47 92.14 -92.18
N ALA M 823 -8.63 92.71 -93.04
CA ALA M 823 -7.67 91.91 -93.81
C ALA M 823 -6.76 91.14 -92.87
N GLU M 824 -6.43 91.71 -91.72
CA GLU M 824 -5.57 91.03 -90.76
C GLU M 824 -6.19 89.71 -90.31
N GLU M 825 -7.39 89.78 -89.71
CA GLU M 825 -7.99 88.52 -89.27
C GLU M 825 -8.30 87.60 -90.43
N GLU M 826 -8.58 88.15 -91.62
CA GLU M 826 -9.01 87.23 -92.67
C GLU M 826 -7.82 86.54 -93.35
N TYR M 827 -6.63 87.15 -93.34
CA TYR M 827 -5.51 86.34 -93.80
C TYR M 827 -5.11 85.37 -92.70
N LEU M 828 -5.34 85.73 -91.43
CA LEU M 828 -5.12 84.77 -90.37
C LEU M 828 -6.04 83.55 -90.54
N ARG M 829 -7.29 83.80 -90.91
CA ARG M 829 -8.21 82.71 -91.24
C ARG M 829 -7.69 81.92 -92.43
N SER M 830 -7.20 82.61 -93.45
CA SER M 830 -6.68 81.94 -94.64
C SER M 830 -5.53 81.01 -94.26
N LYS M 831 -4.61 81.49 -93.42
CA LYS M 831 -3.57 80.62 -92.89
C LYS M 831 -4.15 79.44 -92.14
N VAL M 832 -4.88 79.67 -91.06
CA VAL M 832 -5.38 78.57 -90.23
C VAL M 832 -6.01 77.50 -91.12
N LEU M 833 -6.79 77.93 -92.11
CA LEU M 833 -7.33 77.00 -93.09
C LEU M 833 -6.21 76.33 -93.88
N SER M 834 -5.15 77.06 -94.21
CA SER M 834 -4.07 76.47 -95.00
C SER M 834 -3.37 75.36 -94.23
N GLU M 835 -3.06 75.60 -92.95
CA GLU M 835 -2.41 74.56 -92.16
C GLU M 835 -3.33 73.35 -91.97
N LEU M 836 -4.62 73.58 -91.68
CA LEU M 836 -5.50 72.41 -91.50
C LEU M 836 -5.67 71.65 -92.81
N LEU M 837 -5.76 72.37 -93.93
CA LEU M 837 -5.91 71.71 -95.22
C LEU M 837 -4.66 70.94 -95.59
N THR M 838 -3.48 71.50 -95.32
CA THR M 838 -2.25 70.75 -95.57
C THR M 838 -2.19 69.50 -94.70
N ASP M 839 -2.59 69.63 -93.43
CA ASP M 839 -2.67 68.46 -92.58
C ASP M 839 -3.52 67.39 -93.22
N THR M 840 -4.70 67.78 -93.72
CA THR M 840 -5.59 66.82 -94.37
C THR M 840 -4.93 66.21 -95.61
N LEU M 841 -4.44 67.05 -96.52
CA LEU M 841 -3.94 66.57 -97.81
C LEU M 841 -2.76 65.63 -97.63
N GLU M 842 -1.74 66.06 -96.89
CA GLU M 842 -0.62 65.17 -96.61
C GLU M 842 -1.00 64.06 -95.64
N ASN M 843 -2.21 64.07 -95.08
CA ASN M 843 -2.67 62.96 -94.25
C ASN M 843 -3.76 62.13 -94.92
N ASP M 844 -4.82 62.75 -95.42
CA ASP M 844 -5.92 61.99 -96.03
C ASP M 844 -6.31 62.52 -97.41
N GLY M 845 -5.51 63.38 -98.02
CA GLY M 845 -5.78 63.79 -99.39
C GLY M 845 -7.06 64.59 -99.52
N GLU M 846 -7.68 64.49 -100.69
CA GLU M 846 -8.92 65.21 -100.97
C GLU M 846 -10.10 64.39 -100.48
N MET M 847 -10.60 64.74 -99.30
CA MET M 847 -11.76 64.09 -98.72
C MET M 847 -13.04 64.44 -99.48
N TYR M 848 -13.14 65.67 -99.97
CA TYR M 848 -14.28 66.04 -100.80
C TYR M 848 -13.81 66.62 -102.14
N GLY M 849 -12.58 66.33 -102.54
CA GLY M 849 -12.11 66.75 -103.86
C GLY M 849 -11.76 68.22 -104.01
N ASN M 850 -12.60 69.11 -103.49
CA ASN M 850 -12.35 70.55 -103.60
C ASN M 850 -11.24 71.02 -102.68
N GLU M 851 -10.58 70.12 -101.96
CA GLU M 851 -9.62 70.53 -100.93
C GLU M 851 -8.45 71.32 -101.54
N ASN M 852 -7.88 70.84 -102.64
CA ASN M 852 -6.77 71.56 -103.25
C ASN M 852 -7.22 72.91 -103.79
N GLU M 853 -8.39 72.94 -104.42
CA GLU M 853 -8.92 74.20 -104.96
C GLU M 853 -9.20 75.20 -103.85
N VAL M 854 -9.79 74.74 -102.74
CA VAL M 854 -10.03 75.61 -101.61
C VAL M 854 -8.72 76.10 -101.01
N LEU M 855 -7.73 75.21 -100.95
CA LEU M 855 -6.42 75.61 -100.43
C LEU M 855 -5.79 76.70 -101.29
N ALA M 856 -5.85 76.54 -102.61
CA ALA M 856 -5.32 77.57 -103.51
C ALA M 856 -6.09 78.87 -103.35
N ALA M 857 -7.42 78.79 -103.23
CA ALA M 857 -8.23 79.99 -103.07
C ALA M 857 -7.89 80.72 -101.79
N LEU M 858 -7.71 79.99 -100.69
CA LEU M 858 -7.38 80.63 -99.42
C LEU M 858 -5.95 81.17 -99.44
N ASN M 859 -5.03 80.51 -100.14
CA ASN M 859 -3.70 81.07 -100.29
C ASN M 859 -3.75 82.39 -101.06
N GLY M 860 -4.55 82.44 -102.13
CA GLY M 860 -4.72 83.68 -102.85
C GLY M 860 -5.35 84.77 -102.00
N ALA M 861 -6.35 84.40 -101.20
CA ALA M 861 -6.98 85.37 -100.30
C ALA M 861 -5.99 85.90 -99.27
N TYR M 862 -5.15 85.01 -98.73
CA TYR M 862 -4.11 85.43 -97.80
C TYR M 862 -3.14 86.39 -98.46
N ASP M 863 -2.74 86.09 -99.70
CA ASP M 863 -1.80 86.96 -100.41
C ASP M 863 -2.42 88.32 -100.70
N LYS M 864 -3.70 88.34 -101.09
CA LYS M 864 -4.38 89.62 -101.30
C LYS M 864 -4.55 90.39 -99.99
N ALA M 865 -4.75 89.68 -98.87
CA ALA M 865 -4.79 90.36 -97.58
C ALA M 865 -3.45 90.97 -97.22
N LEU M 866 -2.37 90.24 -97.50
CA LEU M 866 -1.03 90.81 -97.33
C LEU M 866 -0.86 92.03 -98.21
N LEU M 867 -1.39 91.98 -99.43
CA LEU M 867 -1.33 93.12 -100.33
C LEU M 867 -2.07 94.32 -99.75
N ARG M 868 -3.27 94.09 -99.22
CA ARG M 868 -4.05 95.18 -98.64
C ARG M 868 -3.36 95.77 -97.43
N LEU M 869 -2.79 94.92 -96.57
CA LEU M 869 -2.10 95.43 -95.40
C LEU M 869 -0.79 96.11 -95.76
N PHE M 870 -0.12 95.64 -96.81
CA PHE M 870 1.05 96.35 -97.33
C PHE M 870 0.64 97.73 -97.85
N ALA M 871 -0.53 97.81 -98.47
CA ALA M 871 -1.07 99.10 -98.88
C ALA M 871 -1.34 99.99 -97.68
N SER M 872 -1.87 99.41 -96.60
CA SER M 872 -2.11 100.18 -95.38
C SER M 872 -0.80 100.69 -94.80
N ALA M 873 0.25 99.86 -94.81
CA ALA M 873 1.55 100.29 -94.33
C ALA M 873 2.11 101.41 -95.20
N CYS M 874 1.95 101.30 -96.51
CA CYS M 874 2.38 102.35 -97.42
C CYS M 874 1.63 103.65 -97.14
N SER M 875 0.34 103.55 -96.85
CA SER M 875 -0.41 104.72 -96.41
C SER M 875 0.16 105.30 -95.13
N ASP M 876 0.52 104.43 -94.18
CA ASP M 876 1.24 104.87 -92.99
C ASP M 876 2.64 105.37 -93.33
N GLN M 877 3.12 105.07 -94.54
CA GLN M 877 4.42 105.52 -95.02
C GLN M 877 5.57 104.99 -94.16
N ASN M 878 5.34 103.90 -93.45
CA ASN M 878 6.37 103.30 -92.60
C ASN M 878 7.12 102.26 -93.42
N VAL M 879 8.42 102.49 -93.62
CA VAL M 879 9.22 101.57 -94.43
C VAL M 879 9.31 100.21 -93.75
N GLU M 880 9.58 100.19 -92.44
CA GLU M 880 9.84 98.93 -91.74
C GLU M 880 8.62 98.02 -91.74
N LYS M 881 7.43 98.59 -91.52
CA LYS M 881 6.22 97.79 -91.56
C LYS M 881 6.03 97.16 -92.93
N ALA M 882 6.31 97.92 -94.00
CA ALA M 882 6.20 97.38 -95.34
C ALA M 882 7.23 96.29 -95.59
N LEU M 883 8.45 96.46 -95.09
CA LEU M 883 9.44 95.40 -95.18
C LEU M 883 8.89 94.11 -94.56
N SER M 884 8.41 94.23 -93.31
CA SER M 884 7.89 93.06 -92.62
C SER M 884 6.74 92.41 -93.41
N LEU M 885 5.80 93.23 -93.87
CA LEU M 885 4.63 92.69 -94.56
C LEU M 885 5.01 92.00 -95.86
N ALA M 886 5.92 92.61 -96.63
CA ALA M 886 6.33 92.00 -97.88
C ALA M 886 7.16 90.74 -97.65
N HIS M 887 7.81 90.63 -96.48
CA HIS M 887 8.60 89.44 -96.21
C HIS M 887 7.74 88.19 -96.16
N GLU M 888 6.54 88.28 -95.58
CA GLU M 888 5.69 87.09 -95.47
C GLU M 888 5.06 86.73 -96.80
N LEU M 889 5.08 87.63 -97.79
CA LEU M 889 4.46 87.35 -99.08
C LEU M 889 5.16 86.20 -99.77
N LYS M 890 4.40 85.16 -100.12
CA LYS M 890 4.95 83.95 -100.72
C LYS M 890 4.36 83.66 -102.10
N GLN M 891 3.77 84.65 -102.75
CA GLN M 891 3.20 84.48 -104.08
C GLN M 891 3.84 85.48 -105.04
N ASP M 892 4.33 84.98 -106.17
CA ASP M 892 5.04 85.83 -107.13
C ASP M 892 4.11 86.89 -107.72
N ARG M 893 2.87 86.50 -108.06
CA ARG M 893 1.92 87.48 -108.57
C ARG M 893 1.57 88.50 -107.49
N ALA M 894 1.35 88.04 -106.26
CA ALA M 894 1.13 88.96 -105.15
C ALA M 894 2.36 89.82 -104.90
N LEU M 895 3.56 89.28 -105.13
CA LEU M 895 4.76 90.08 -104.98
C LEU M 895 4.86 91.16 -106.06
N THR M 896 4.42 90.84 -107.28
CA THR M 896 4.37 91.86 -108.32
C THR M 896 3.35 92.94 -108.00
N ALA M 897 2.20 92.53 -107.42
CA ALA M 897 1.25 93.52 -106.94
C ALA M 897 1.86 94.35 -105.82
N ALA M 898 2.72 93.76 -105.01
CA ALA M 898 3.47 94.54 -104.02
C ALA M 898 4.40 95.54 -104.70
N VAL M 899 5.02 95.13 -105.82
CA VAL M 899 5.84 96.06 -106.59
C VAL M 899 5.02 97.26 -107.01
N LYS M 900 3.83 97.01 -107.57
CA LYS M 900 3.02 98.13 -108.06
C LYS M 900 2.49 98.99 -106.92
N ILE M 901 2.17 98.38 -105.78
CA ILE M 901 1.75 99.14 -104.62
C ILE M 901 2.88 100.05 -104.13
N SER M 902 4.10 99.52 -104.08
CA SER M 902 5.24 100.36 -103.71
C SER M 902 5.46 101.47 -104.71
N GLU M 903 5.32 101.16 -106.00
CA GLU M 903 5.50 102.16 -107.04
C GLU M 903 4.49 103.30 -106.89
N ARG M 904 3.23 102.97 -106.62
CA ARG M 904 2.25 104.02 -106.41
C ARG M 904 2.41 104.67 -105.05
N ALA M 905 3.18 104.06 -104.14
CA ALA M 905 3.46 104.65 -102.84
C ALA M 905 4.46 105.81 -102.92
N GLU M 906 4.89 106.17 -104.13
CA GLU M 906 5.69 107.35 -104.48
C GLU M 906 6.95 107.50 -103.63
N LEU M 907 7.42 106.46 -102.96
CA LEU M 907 8.70 106.54 -102.26
C LEU M 907 9.61 105.45 -102.78
N PRO M 908 10.85 105.76 -103.14
CA PRO M 908 11.67 104.79 -103.90
C PRO M 908 12.29 103.70 -103.05
N SER M 909 12.47 103.92 -101.73
CA SER M 909 13.17 102.93 -100.91
C SER M 909 12.41 101.61 -100.88
N LEU M 910 11.10 101.68 -100.65
CA LEU M 910 10.31 100.45 -100.62
C LEU M 910 10.21 99.82 -102.00
N VAL M 911 10.17 100.63 -103.06
CA VAL M 911 10.16 100.08 -104.41
C VAL M 911 11.43 99.29 -104.66
N LYS M 912 12.57 99.85 -104.27
CA LYS M 912 13.84 99.15 -104.43
C LYS M 912 13.86 97.87 -103.59
N LYS M 913 13.34 97.93 -102.37
CA LYS M 913 13.28 96.74 -101.53
C LYS M 913 12.44 95.65 -102.18
N ILE M 914 11.28 96.02 -102.73
CA ILE M 914 10.42 95.03 -103.37
C ILE M 914 11.09 94.48 -104.63
N ASN M 915 11.81 95.32 -105.36
CA ASN M 915 12.54 94.82 -106.53
C ASN M 915 13.61 93.81 -106.10
N ASN M 916 14.31 94.09 -105.01
CA ASN M 916 15.31 93.16 -104.51
C ASN M 916 14.67 91.85 -104.08
N ILE M 917 13.53 91.90 -103.41
CA ILE M 917 12.88 90.68 -102.96
C ILE M 917 12.33 89.90 -104.17
N ARG M 918 11.89 90.62 -105.21
CA ARG M 918 11.47 89.95 -106.44
C ARG M 918 12.64 89.20 -107.06
N GLU M 919 13.81 89.85 -107.13
CA GLU M 919 14.99 89.18 -107.66
C GLU M 919 15.36 87.96 -106.82
N ALA M 920 15.28 88.10 -105.49
CA ALA M 920 15.58 86.98 -104.62
C ALA M 920 14.59 85.83 -104.82
N ARG M 921 13.36 86.16 -105.21
CA ARG M 921 12.38 85.12 -105.49
C ARG M 921 12.62 84.46 -106.84
N TYR M 922 13.02 85.25 -107.84
CA TYR M 922 13.23 84.69 -109.18
C TYR M 922 14.35 83.67 -109.18
N GLU M 923 15.49 84.02 -108.58
CA GLU M 923 16.63 83.12 -108.45
C GLU M 923 16.92 82.91 -106.98
N GLN M 924 17.11 81.64 -106.59
CA GLN M 924 17.32 81.22 -105.20
C GLN M 924 16.43 81.97 -104.22
N LYS N 473 -9.97 82.12 -56.76
CA LYS N 473 -9.94 83.50 -57.19
C LYS N 473 -8.53 84.09 -57.09
N PHE N 474 -7.60 83.48 -57.83
CA PHE N 474 -6.23 83.95 -57.82
C PHE N 474 -6.13 85.30 -58.55
N ARG N 475 -5.15 86.11 -58.13
CA ARG N 475 -5.08 87.49 -58.59
C ARG N 475 -4.78 87.57 -60.09
N TYR N 476 -3.76 86.84 -60.55
CA TYR N 476 -3.25 86.96 -61.92
C TYR N 476 -2.87 88.41 -62.23
N MET N 477 -2.26 89.07 -61.25
CA MET N 477 -1.84 90.44 -61.46
C MET N 477 -0.58 90.49 -62.33
N PRO N 478 -0.41 91.54 -63.13
CA PRO N 478 0.73 91.58 -64.05
C PRO N 478 2.05 91.72 -63.31
N PHE N 479 3.11 91.21 -63.93
CA PHE N 479 4.44 91.23 -63.35
C PHE N 479 5.51 91.20 -64.43
N SER N 480 6.53 92.04 -64.26
CA SER N 480 7.68 92.09 -65.14
C SER N 480 8.87 91.46 -64.46
N PRO N 481 9.69 90.68 -65.18
CA PRO N 481 10.81 89.98 -64.53
C PRO N 481 11.77 90.94 -63.84
N ALA N 482 12.13 90.60 -62.61
CA ALA N 482 13.06 91.39 -61.80
C ALA N 482 12.58 92.82 -61.63
N GLY N 483 11.42 92.99 -61.01
CA GLY N 483 10.88 94.29 -60.70
C GLY N 483 10.80 94.54 -59.19
N THR N 484 10.10 95.62 -58.84
CA THR N 484 9.89 95.99 -57.44
C THR N 484 8.42 96.33 -57.24
N PRO N 485 7.87 96.10 -56.05
CA PRO N 485 6.50 96.57 -55.77
C PRO N 485 6.43 98.08 -55.84
N PHE N 486 5.30 98.58 -56.35
CA PHE N 486 5.11 100.03 -56.39
C PHE N 486 5.02 100.61 -54.99
N GLY N 487 4.27 99.95 -54.11
CA GLY N 487 4.15 100.37 -52.73
C GLY N 487 3.53 101.74 -52.59
N PHE N 488 3.79 102.36 -51.43
CA PHE N 488 3.32 103.72 -51.20
C PHE N 488 4.09 104.73 -52.04
N THR N 489 5.38 104.47 -52.27
CA THR N 489 6.22 105.42 -52.96
C THR N 489 5.84 105.52 -54.44
N ASP N 490 5.90 106.74 -54.98
CA ASP N 490 5.58 106.94 -56.39
C ASP N 490 6.70 106.45 -57.30
N ARG N 491 7.95 106.70 -56.93
CA ARG N 491 9.08 106.20 -57.70
C ARG N 491 9.21 104.70 -57.48
N ARG N 492 9.52 103.98 -58.55
CA ARG N 492 9.58 102.53 -58.46
C ARG N 492 10.18 101.97 -59.74
N TYR N 493 10.93 100.89 -59.59
CA TYR N 493 11.56 100.23 -60.72
C TYR N 493 10.57 99.28 -61.39
N LEU N 494 10.26 99.56 -62.66
CA LEU N 494 9.39 98.66 -63.42
C LEU N 494 10.00 97.27 -63.54
N THR N 495 11.28 97.20 -63.90
CA THR N 495 11.99 95.93 -63.98
C THR N 495 13.48 96.21 -64.05
N MET N 496 14.27 95.21 -63.65
CA MET N 496 15.72 95.27 -63.73
C MET N 496 16.20 94.21 -64.72
N ASN N 497 17.04 94.61 -65.66
CA ASN N 497 17.52 93.70 -66.68
C ASN N 497 18.94 94.07 -67.07
N GLU N 498 19.63 93.13 -67.70
CA GLU N 498 21.03 93.37 -68.09
C GLU N 498 21.12 94.56 -69.03
N VAL N 499 20.21 94.65 -70.00
CA VAL N 499 20.23 95.77 -70.94
C VAL N 499 20.01 97.09 -70.22
N GLY N 500 19.18 97.07 -69.18
CA GLY N 500 18.95 98.31 -68.44
C GLY N 500 17.98 98.09 -67.29
N TYR N 501 17.88 99.12 -66.47
CA TYR N 501 16.98 99.17 -65.33
C TYR N 501 16.04 100.34 -65.54
N VAL N 502 14.74 100.07 -65.58
CA VAL N 502 13.74 101.10 -65.79
C VAL N 502 13.00 101.33 -64.47
N SER N 503 12.97 102.59 -64.05
CA SER N 503 12.25 103.00 -62.85
C SER N 503 11.16 103.98 -63.23
N THR N 504 9.96 103.76 -62.71
CA THR N 504 8.82 104.62 -63.00
C THR N 504 8.53 105.50 -61.78
N VAL N 505 8.09 106.72 -62.03
CA VAL N 505 7.71 107.66 -60.99
C VAL N 505 6.33 108.19 -61.33
N LYS N 506 5.31 107.74 -60.60
CA LYS N 506 3.95 108.19 -60.88
C LYS N 506 3.82 109.66 -60.54
N ASN N 507 3.06 110.38 -61.37
CA ASN N 507 2.86 111.81 -61.19
C ASN N 507 1.48 112.13 -60.64
N SER N 508 0.78 111.13 -60.09
CA SER N 508 -0.58 111.15 -59.56
C SER N 508 -1.62 111.18 -60.68
N GLU N 509 -1.23 111.33 -61.94
CA GLU N 509 -2.12 111.12 -63.08
C GLU N 509 -1.55 110.10 -64.04
N GLN N 510 -0.28 110.23 -64.40
CA GLN N 510 0.41 109.27 -65.23
C GLN N 510 1.77 108.97 -64.62
N TYR N 511 2.38 107.87 -65.06
CA TYR N 511 3.64 107.42 -64.48
C TYR N 511 4.80 107.95 -65.34
N SER N 512 5.65 108.78 -64.73
CA SER N 512 6.86 109.20 -65.41
C SER N 512 7.85 108.04 -65.46
N ILE N 513 8.41 107.81 -66.64
CA ILE N 513 9.25 106.64 -66.90
C ILE N 513 10.68 107.08 -67.05
N THR N 514 11.59 106.44 -66.32
CA THR N 514 13.02 106.65 -66.45
C THR N 514 13.60 105.47 -67.20
N VAL N 515 13.84 105.65 -68.50
CA VAL N 515 14.33 104.56 -69.35
C VAL N 515 15.85 104.54 -69.19
N SER N 516 16.30 103.88 -68.13
CA SER N 516 17.70 103.89 -67.76
C SER N 516 18.36 102.58 -68.15
N PHE N 517 19.63 102.65 -68.53
CA PHE N 517 20.37 101.51 -69.01
C PHE N 517 21.61 101.29 -68.16
N PHE N 518 21.93 100.02 -67.89
CA PHE N 518 23.21 99.72 -67.24
C PHE N 518 24.37 100.08 -68.15
N ASP N 519 24.24 99.80 -69.45
CA ASP N 519 25.23 100.20 -70.44
C ASP N 519 24.75 101.45 -71.17
N VAL N 520 24.98 102.60 -70.53
CA VAL N 520 24.60 103.87 -71.14
C VAL N 520 25.44 104.17 -72.37
N GLY N 521 26.62 103.56 -72.47
CA GLY N 521 27.48 103.84 -73.60
C GLY N 521 26.84 103.47 -74.93
N ARG N 522 26.21 102.30 -75.00
CA ARG N 522 25.51 101.92 -76.21
C ARG N 522 24.22 102.72 -76.38
N PHE N 523 23.47 102.89 -75.29
CA PHE N 523 22.16 103.52 -75.34
C PHE N 523 22.09 104.63 -74.31
N ARG N 524 21.98 105.86 -74.77
CA ARG N 524 21.83 107.00 -73.88
C ARG N 524 20.49 106.91 -73.14
N GLU N 525 20.49 107.34 -71.88
CA GLU N 525 19.25 107.35 -71.10
C GLU N 525 18.28 108.36 -71.67
N TYR N 526 17.00 108.02 -71.64
CA TYR N 526 15.93 108.95 -72.01
C TYR N 526 14.73 108.68 -71.11
N HIS N 527 14.65 109.43 -70.01
CA HIS N 527 13.53 109.35 -69.08
C HIS N 527 12.41 110.25 -69.60
N PHE N 528 11.19 109.75 -69.52
CA PHE N 528 10.05 110.49 -70.07
C PHE N 528 8.79 110.11 -69.29
N GLU N 529 7.90 111.08 -69.13
CA GLU N 529 6.62 110.78 -68.53
C GLU N 529 5.71 110.11 -69.55
N ASP N 530 5.08 109.02 -69.15
CA ASP N 530 4.21 108.25 -70.03
C ASP N 530 2.76 108.50 -69.65
N LEU N 531 2.04 109.21 -70.52
CA LEU N 531 0.63 109.50 -70.27
C LEU N 531 -0.21 108.23 -70.25
N PHE N 532 0.26 107.18 -70.92
CA PHE N 532 -0.52 105.95 -71.02
C PHE N 532 -0.72 105.29 -69.66
N GLY N 533 0.16 105.55 -68.71
CA GLY N 533 0.13 104.84 -67.45
C GLY N 533 0.34 103.35 -67.61
N TYR N 534 1.18 102.95 -68.56
CA TYR N 534 1.39 101.54 -68.87
C TYR N 534 1.95 100.80 -67.66
N ASP N 535 1.29 99.69 -67.30
CA ASP N 535 1.65 98.98 -66.08
C ASP N 535 3.04 98.38 -66.17
N LEU N 536 3.36 97.73 -67.29
CA LEU N 536 4.54 96.89 -67.39
C LEU N 536 5.46 97.41 -68.50
N CYS N 537 6.76 97.27 -68.27
CA CYS N 537 7.76 97.60 -69.27
C CYS N 537 8.69 96.42 -69.48
N PHE N 538 8.90 96.07 -70.74
CA PHE N 538 9.89 95.08 -71.13
C PHE N 538 10.90 95.74 -72.05
N LEU N 539 12.18 95.55 -71.78
CA LEU N 539 13.23 96.21 -72.52
C LEU N 539 14.33 95.22 -72.89
N ASN N 540 14.87 95.38 -74.10
CA ASN N 540 16.06 94.68 -74.54
C ASN N 540 16.82 95.57 -75.50
N GLU N 541 18.04 95.18 -75.84
CA GLU N 541 18.92 96.03 -76.64
C GLU N 541 18.26 96.44 -77.95
N LYS N 542 17.36 95.60 -78.46
CA LYS N 542 16.58 96.01 -79.63
C LYS N 542 15.65 97.17 -79.30
N GLY N 543 15.00 97.12 -78.15
CA GLY N 543 14.08 98.19 -77.77
C GLY N 543 13.38 97.87 -76.48
N THR N 544 12.52 98.79 -76.07
CA THR N 544 11.74 98.64 -74.85
C THR N 544 10.26 98.68 -75.17
N LEU N 545 9.48 97.91 -74.41
CA LEU N 545 8.04 97.80 -74.58
C LEU N 545 7.34 98.37 -73.36
N PHE N 546 6.24 99.08 -73.58
CA PHE N 546 5.43 99.65 -72.52
C PHE N 546 4.00 99.16 -72.69
N GLY N 547 3.42 98.64 -71.61
CA GLY N 547 2.07 98.10 -71.69
C GLY N 547 1.24 98.24 -70.44
N GLN N 548 -0.08 98.35 -70.61
CA GLN N 548 -1.03 98.48 -69.51
C GLN N 548 -2.06 97.37 -69.63
N SER N 549 -2.31 96.66 -68.53
CA SER N 549 -3.23 95.52 -68.57
C SER N 549 -4.66 95.96 -68.85
N LYS N 550 -5.15 96.94 -68.10
CA LYS N 550 -6.55 97.34 -68.24
C LYS N 550 -6.81 98.00 -69.59
N THR N 551 -5.87 98.84 -70.06
CA THR N 551 -6.06 99.45 -71.36
C THR N 551 -5.86 98.43 -72.49
N GLY N 552 -4.98 97.45 -72.28
CA GLY N 552 -4.70 96.50 -73.32
C GLY N 552 -3.79 97.02 -74.42
N GLN N 553 -3.18 98.18 -74.23
CA GLN N 553 -2.37 98.78 -75.27
C GLN N 553 -0.89 98.51 -75.03
N ILE N 554 -0.15 98.30 -76.11
CA ILE N 554 1.28 98.03 -76.05
C ILE N 554 2.01 99.07 -76.88
N GLN N 555 3.08 99.62 -76.31
CA GLN N 555 3.93 100.59 -76.98
C GLN N 555 5.36 100.09 -76.97
N TYR N 556 6.06 100.26 -78.08
CA TYR N 556 7.46 99.87 -78.20
C TYR N 556 8.28 101.07 -78.64
N ARG N 557 9.38 101.33 -77.93
CA ARG N 557 10.35 102.34 -78.33
C ARG N 557 11.70 101.66 -78.50
N PRO N 558 12.33 101.75 -79.67
CA PRO N 558 13.66 101.15 -79.84
C PRO N 558 14.66 101.77 -78.87
N HIS N 559 15.55 100.93 -78.35
CA HIS N 559 16.60 101.44 -77.46
C HIS N 559 17.54 102.36 -78.22
N ASP N 560 17.89 102.00 -79.45
CA ASP N 560 18.61 102.92 -80.32
C ASP N 560 17.69 104.02 -80.83
N SER N 561 16.38 103.79 -80.80
CA SER N 561 15.34 104.74 -81.19
C SER N 561 15.46 105.20 -82.64
N ILE N 562 16.26 104.52 -83.45
CA ILE N 562 16.35 104.87 -84.87
C ILE N 562 15.03 104.56 -85.57
N HIS N 563 14.32 103.55 -85.09
CA HIS N 563 13.00 103.23 -85.62
C HIS N 563 11.93 104.02 -84.88
N SER N 564 10.81 104.25 -85.56
CA SER N 564 9.72 105.00 -84.96
C SER N 564 9.09 104.23 -83.81
N ASN N 565 8.76 104.95 -82.74
CA ASN N 565 8.05 104.36 -81.61
C ASN N 565 6.58 104.20 -81.98
N TRP N 566 6.09 102.96 -81.95
CA TRP N 566 4.72 102.66 -82.33
C TRP N 566 3.95 102.09 -81.14
N THR N 567 2.62 102.10 -81.28
CA THR N 567 1.73 101.65 -80.23
C THR N 567 0.65 100.76 -80.84
N LYS N 568 0.30 99.70 -80.12
CA LYS N 568 -0.78 98.81 -80.53
C LYS N 568 -1.55 98.39 -79.29
N ILE N 569 -2.74 97.82 -79.52
CA ILE N 569 -3.65 97.42 -78.45
C ILE N 569 -3.98 95.94 -78.64
N ILE N 570 -3.79 95.15 -77.58
CA ILE N 570 -4.14 93.73 -77.61
C ILE N 570 -5.65 93.60 -77.45
N PRO N 571 -6.29 92.61 -78.06
CA PRO N 571 -7.70 92.34 -77.76
C PRO N 571 -7.89 92.02 -76.29
N LEU N 572 -8.86 92.70 -75.67
CA LEU N 572 -9.13 92.55 -74.26
C LEU N 572 -10.52 91.95 -74.06
N GLN N 573 -10.64 91.09 -73.06
CA GLN N 573 -11.90 90.47 -72.70
C GLN N 573 -12.30 90.89 -71.29
N ALA N 574 -13.43 90.36 -70.82
CA ALA N 574 -13.94 90.73 -69.50
C ALA N 574 -13.00 90.25 -68.42
N GLY N 575 -12.54 91.18 -67.58
CA GLY N 575 -11.65 90.86 -66.48
C GLY N 575 -10.33 90.27 -66.93
N GLU N 576 -9.72 90.85 -67.96
CA GLU N 576 -8.48 90.35 -68.52
C GLU N 576 -7.34 91.32 -68.24
N ARG N 577 -6.18 90.76 -67.87
CA ARG N 577 -4.99 91.54 -67.55
C ARG N 577 -3.80 90.96 -68.31
N ILE N 578 -2.87 91.84 -68.69
CA ILE N 578 -1.69 91.43 -69.44
C ILE N 578 -0.59 91.12 -68.43
N THR N 579 -0.30 89.83 -68.26
CA THR N 579 0.70 89.44 -67.26
C THR N 579 2.09 89.94 -67.62
N SER N 580 2.48 89.81 -68.88
CA SER N 580 3.84 90.17 -69.28
C SER N 580 3.87 90.35 -70.80
N VAL N 581 4.97 90.90 -71.29
CA VAL N 581 5.21 91.06 -72.73
C VAL N 581 6.65 90.67 -73.01
N ALA N 582 6.86 89.98 -74.13
CA ALA N 582 8.18 89.51 -74.53
C ALA N 582 8.55 90.13 -75.87
N ALA N 583 9.75 90.69 -75.94
CA ALA N 583 10.24 91.34 -77.15
C ALA N 583 11.56 90.70 -77.57
N THR N 584 11.63 90.28 -78.83
CA THR N 584 12.82 89.71 -79.43
C THR N 584 13.06 90.39 -80.76
N PRO N 585 14.30 90.36 -81.27
CA PRO N 585 14.55 90.93 -82.60
C PRO N 585 13.72 90.27 -83.69
N VAL N 586 13.40 88.98 -83.55
CA VAL N 586 12.64 88.30 -84.59
C VAL N 586 11.14 88.46 -84.36
N ARG N 587 10.68 88.36 -83.11
CA ARG N 587 9.25 88.33 -82.84
C ARG N 587 9.00 88.93 -81.46
N VAL N 588 7.79 89.45 -81.27
CA VAL N 588 7.39 90.07 -80.02
C VAL N 588 6.15 89.36 -79.50
N ILE N 589 6.16 89.01 -78.22
CA ILE N 589 5.08 88.25 -77.60
C ILE N 589 4.51 89.04 -76.45
N VAL N 590 3.21 88.84 -76.21
CA VAL N 590 2.49 89.48 -75.12
C VAL N 590 1.77 88.40 -74.33
N GLY N 591 1.95 88.41 -73.02
CA GLY N 591 1.29 87.44 -72.17
C GLY N 591 0.23 88.06 -71.29
N THR N 592 -0.97 87.51 -71.33
CA THR N 592 -2.10 88.03 -70.56
C THR N 592 -2.53 87.03 -69.50
N SER N 593 -3.36 87.50 -68.57
CA SER N 593 -3.86 86.65 -67.50
C SER N 593 -4.71 85.51 -68.02
N LEU N 594 -5.27 85.66 -69.22
CA LEU N 594 -6.08 84.61 -69.81
C LEU N 594 -5.25 83.59 -70.57
N GLY N 595 -3.92 83.72 -70.58
CA GLY N 595 -3.08 82.78 -71.29
C GLY N 595 -3.02 82.98 -72.78
N TYR N 596 -3.54 84.10 -73.28
CA TYR N 596 -3.50 84.35 -74.71
C TYR N 596 -2.07 84.64 -75.17
N PHE N 597 -1.61 83.84 -76.12
CA PHE N 597 -0.28 83.98 -76.68
C PHE N 597 -0.38 84.78 -77.98
N ARG N 598 0.23 85.95 -77.99
CA ARG N 598 0.11 86.87 -79.13
C ARG N 598 1.49 87.12 -79.70
N SER N 599 1.66 86.84 -80.99
CA SER N 599 2.92 87.03 -81.68
C SER N 599 2.88 88.34 -82.46
N PHE N 600 3.94 89.13 -82.33
CA PHE N 600 4.09 90.37 -83.08
C PHE N 600 5.53 90.51 -83.50
N ASN N 601 5.79 91.47 -84.38
CA ASN N 601 7.14 91.82 -84.74
C ASN N 601 7.59 93.03 -83.94
N GLN N 602 8.91 93.20 -83.85
CA GLN N 602 9.45 94.42 -83.24
C GLN N 602 9.09 95.66 -84.04
N PHE N 603 8.67 95.49 -85.30
CA PHE N 603 8.01 96.59 -86.00
C PHE N 603 6.54 96.69 -85.66
N GLY N 604 5.97 95.65 -85.03
CA GLY N 604 4.61 95.68 -84.54
C GLY N 604 3.65 94.74 -85.23
N VAL N 605 3.97 94.31 -86.45
CA VAL N 605 3.01 93.48 -87.20
C VAL N 605 2.79 92.15 -86.49
N PRO N 606 1.55 91.71 -86.30
CA PRO N 606 1.30 90.46 -85.58
C PRO N 606 1.67 89.26 -86.43
N PHE N 607 2.61 88.44 -85.92
CA PHE N 607 2.97 87.21 -86.62
C PHE N 607 1.86 86.17 -86.53
N ALA N 608 1.34 85.93 -85.33
CA ALA N 608 0.38 84.85 -85.12
C ALA N 608 -0.33 85.08 -83.79
N VAL N 609 -1.28 84.19 -83.49
CA VAL N 609 -2.09 84.24 -82.28
C VAL N 609 -2.23 82.83 -81.74
N GLU N 610 -2.10 82.68 -80.42
CA GLU N 610 -2.18 81.37 -79.79
C GLU N 610 -2.84 81.52 -78.43
N LYS N 611 -3.49 80.44 -77.98
CA LYS N 611 -4.14 80.40 -76.68
C LYS N 611 -3.62 79.22 -75.89
N THR N 612 -3.19 79.46 -74.65
CA THR N 612 -2.72 78.42 -73.77
C THR N 612 -3.35 78.65 -72.39
N SER N 613 -2.91 77.88 -71.40
CA SER N 613 -3.32 78.11 -70.04
C SER N 613 -2.75 79.44 -69.55
N PRO N 614 -3.36 80.04 -68.51
CA PRO N 614 -2.92 81.37 -68.06
C PRO N 614 -1.41 81.47 -67.85
N ILE N 615 -0.79 82.32 -68.64
CA ILE N 615 0.67 82.48 -68.61
C ILE N 615 1.02 83.45 -67.48
N VAL N 616 2.06 83.11 -66.72
CA VAL N 616 2.43 83.96 -65.59
C VAL N 616 3.60 84.85 -65.94
N ALA N 617 4.58 84.32 -66.68
CA ALA N 617 5.80 85.05 -66.97
C ALA N 617 6.26 84.77 -68.39
N LEU N 618 7.04 85.71 -68.91
CA LEU N 618 7.67 85.61 -70.23
C LEU N 618 9.16 85.83 -70.09
N THR N 619 9.94 85.04 -70.82
CA THR N 619 11.39 85.18 -70.86
C THR N 619 11.86 84.86 -72.26
N ALA N 620 12.58 85.79 -72.87
CA ALA N 620 12.89 85.73 -74.29
C ALA N 620 14.38 85.88 -74.53
N GLN N 621 14.83 85.31 -75.63
CA GLN N 621 16.19 85.47 -76.14
C GLN N 621 16.08 86.12 -77.52
N ASN N 622 17.22 86.20 -78.23
CA ASN N 622 17.22 86.77 -79.57
C ASN N 622 16.25 86.03 -80.49
N TYR N 623 16.33 84.70 -80.50
CA TYR N 623 15.50 83.87 -81.37
C TYR N 623 14.76 82.79 -80.60
N ARG N 624 14.50 83.00 -79.31
CA ARG N 624 13.85 82.01 -78.47
C ARG N 624 13.18 82.68 -77.28
N VAL N 625 11.94 82.31 -77.02
CA VAL N 625 11.22 82.81 -75.86
C VAL N 625 10.56 81.66 -75.13
N PHE N 626 10.91 81.46 -73.87
CA PHE N 626 10.29 80.42 -73.07
C PHE N 626 9.02 80.93 -72.41
N SER N 627 8.05 80.04 -72.29
CA SER N 627 6.74 80.38 -71.74
C SER N 627 6.44 79.48 -70.54
N VAL N 628 6.03 80.10 -69.45
CA VAL N 628 5.62 79.39 -68.24
C VAL N 628 4.20 79.80 -67.91
N HIS N 629 3.35 78.82 -67.62
CA HIS N 629 1.92 79.06 -67.42
C HIS N 629 1.50 78.46 -66.10
N TYR N 630 0.54 79.11 -65.44
CA TYR N 630 -0.11 78.56 -64.26
C TYR N 630 -1.62 78.68 -64.39
N SER N 631 -2.31 77.61 -64.07
CA SER N 631 -3.76 77.62 -63.95
C SER N 631 -4.13 77.13 -62.57
N GLN N 632 -5.18 77.73 -61.98
CA GLN N 632 -5.65 77.29 -60.69
C GLN N 632 -5.97 75.81 -60.70
N PHE N 633 -6.41 75.30 -61.86
CA PHE N 633 -6.73 73.89 -61.98
C PHE N 633 -5.55 73.09 -62.52
N HIS N 634 -4.90 73.60 -63.57
CA HIS N 634 -3.77 72.91 -64.18
C HIS N 634 -2.47 73.08 -63.40
N GLY N 635 -2.44 73.96 -62.40
CA GLY N 635 -1.21 74.18 -61.69
C GLY N 635 -0.17 74.83 -62.56
N LEU N 636 1.09 74.60 -62.23
CA LEU N 636 2.20 75.15 -63.01
C LEU N 636 2.38 74.36 -64.29
N SER N 637 2.63 75.06 -65.39
CA SER N 637 2.81 74.43 -66.69
C SER N 637 3.75 75.28 -67.51
N TYR N 638 5.02 74.90 -67.55
CA TYR N 638 6.03 75.63 -68.30
C TYR N 638 6.26 74.94 -69.64
N SER N 639 6.27 75.71 -70.71
CA SER N 639 6.48 75.21 -72.06
C SER N 639 7.71 75.89 -72.63
N LEU N 640 8.82 75.15 -72.70
CA LEU N 640 10.01 75.68 -73.33
C LEU N 640 9.77 75.80 -74.83
N SER N 641 10.09 76.96 -75.39
CA SER N 641 9.74 77.26 -76.77
C SER N 641 10.85 78.09 -77.40
N GLU N 642 11.21 77.73 -78.63
CA GLU N 642 12.20 78.48 -79.40
C GLU N 642 11.54 79.07 -80.64
N LEU N 643 11.75 80.38 -80.84
CA LEU N 643 11.05 81.09 -81.90
C LEU N 643 11.45 80.58 -83.29
N GLY N 644 12.75 80.55 -83.56
CA GLY N 644 13.21 80.30 -84.91
C GLY N 644 12.81 81.42 -85.83
N THR N 645 13.07 81.27 -87.13
CA THR N 645 12.57 82.24 -88.10
C THR N 645 11.07 82.11 -88.29
N SER N 646 10.60 80.87 -88.44
CA SER N 646 9.18 80.59 -88.60
C SER N 646 8.92 79.17 -88.13
N SER N 647 7.64 78.83 -88.00
CA SER N 647 7.23 77.55 -87.43
C SER N 647 7.85 77.36 -86.05
N LYS N 648 7.50 78.27 -85.14
CA LYS N 648 8.09 78.31 -83.81
C LYS N 648 7.93 76.98 -83.09
N ARG N 649 9.06 76.32 -82.84
CA ARG N 649 9.07 75.00 -82.21
C ARG N 649 9.28 75.13 -80.71
N TYR N 650 8.76 74.15 -79.98
CA TYR N 650 8.80 74.15 -78.52
C TYR N 650 9.60 72.92 -78.08
N TYR N 651 10.52 73.10 -77.14
CA TYR N 651 11.19 71.95 -76.55
C TYR N 651 10.29 71.27 -75.54
N LYS N 652 9.57 72.05 -74.74
CA LYS N 652 8.68 71.51 -73.71
C LYS N 652 7.29 72.09 -73.90
N ARG N 653 6.30 71.35 -73.42
CA ARG N 653 4.89 71.69 -73.60
C ARG N 653 4.20 71.69 -72.26
N GLU N 654 4.11 72.86 -71.64
CA GLU N 654 3.34 73.07 -70.41
C GLU N 654 3.76 72.10 -69.31
N CYS N 655 5.06 71.86 -69.21
CA CYS N 655 5.56 70.96 -68.18
C CYS N 655 5.42 71.61 -66.80
N PRO N 656 5.23 70.81 -65.76
CA PRO N 656 5.09 71.38 -64.41
C PRO N 656 6.42 71.91 -63.90
N LEU N 657 6.38 73.08 -63.26
CA LEU N 657 7.70 73.53 -62.86
C LEU N 657 7.88 73.41 -61.35
N PRO N 658 9.01 72.86 -60.89
CA PRO N 658 9.26 72.75 -59.45
C PRO N 658 9.79 74.07 -58.91
N MET N 659 9.04 74.68 -57.99
CA MET N 659 9.44 75.93 -57.36
C MET N 659 8.77 76.03 -55.99
N SER N 660 9.29 76.93 -55.18
CA SER N 660 8.78 77.13 -53.81
C SER N 660 7.69 78.18 -53.83
N LEU N 661 6.47 77.77 -53.53
CA LEU N 661 5.39 78.74 -53.34
C LEU N 661 5.67 79.59 -52.11
N PRO N 662 5.45 80.89 -52.16
CA PRO N 662 5.54 81.70 -50.94
C PRO N 662 4.51 81.23 -49.92
N ASN N 663 4.90 81.29 -48.65
CA ASN N 663 4.00 80.88 -47.57
C ASN N 663 2.79 81.80 -47.52
N ILE N 664 1.64 81.23 -47.15
CA ILE N 664 0.41 82.00 -47.08
C ILE N 664 0.52 83.07 -45.99
N ASN N 665 1.19 82.74 -44.89
CA ASN N 665 1.39 83.70 -43.80
C ASN N 665 2.84 84.19 -43.79
N LYS N 670 7.30 91.58 -41.49
CA LYS N 670 6.22 90.76 -42.03
C LYS N 670 5.44 91.52 -43.10
N ASP N 671 5.32 92.83 -42.89
CA ASP N 671 4.56 93.67 -43.83
C ASP N 671 5.23 93.71 -45.21
N ALA N 672 6.56 93.76 -45.24
CA ALA N 672 7.26 93.89 -46.51
C ALA N 672 7.02 92.68 -47.41
N ASN N 673 7.18 91.47 -46.85
CA ASN N 673 6.97 90.28 -47.66
C ASN N 673 5.52 90.15 -48.08
N LEU N 674 4.57 90.54 -47.21
CA LEU N 674 3.17 90.51 -47.58
C LEU N 674 2.87 91.46 -48.74
N ASP N 675 3.44 92.67 -48.69
CA ASP N 675 3.25 93.60 -49.79
C ASP N 675 3.88 93.07 -51.07
N TYR N 676 5.02 92.40 -50.95
CA TYR N 676 5.60 91.77 -52.13
C TYR N 676 4.70 90.67 -52.68
N TYR N 677 4.07 89.90 -51.79
CA TYR N 677 3.12 88.89 -52.23
C TYR N 677 1.94 89.53 -52.92
N ASN N 678 1.54 90.72 -52.47
CA ASN N 678 0.58 91.49 -53.23
C ASN N 678 1.14 91.86 -54.60
N PHE N 679 2.45 92.09 -54.66
CA PHE N 679 3.10 92.38 -55.95
C PHE N 679 3.52 91.10 -56.66
N ASN N 680 3.69 90.01 -55.92
CA ASN N 680 3.97 88.69 -56.50
C ASN N 680 3.32 87.60 -55.68
N PRO N 681 2.05 87.30 -55.96
CA PRO N 681 1.43 86.12 -55.34
C PRO N 681 2.13 84.83 -55.69
N MET N 682 2.70 84.74 -56.90
CA MET N 682 3.48 83.59 -57.27
C MET N 682 4.82 83.55 -56.54
N GLY N 683 5.30 84.69 -56.05
CA GLY N 683 6.56 84.76 -55.35
C GLY N 683 7.79 84.74 -56.23
N ILE N 684 7.62 84.80 -57.55
CA ILE N 684 8.75 84.79 -58.47
C ILE N 684 9.34 86.20 -58.51
N LYS N 685 10.59 86.32 -58.05
CA LYS N 685 11.27 87.61 -58.18
C LYS N 685 11.67 87.88 -59.63
N SER N 686 12.18 86.88 -60.32
CA SER N 686 12.64 87.08 -61.68
C SER N 686 12.81 85.73 -62.36
N LEU N 687 12.87 85.77 -63.69
CA LEU N 687 13.23 84.61 -64.46
C LEU N 687 13.74 85.11 -65.81
N PHE N 688 14.96 84.72 -66.14
CA PHE N 688 15.62 85.30 -67.31
C PHE N 688 16.49 84.25 -67.97
N PHE N 689 17.05 84.63 -69.11
CA PHE N 689 18.00 83.79 -69.81
C PHE N 689 19.41 84.25 -69.50
N SER N 690 20.32 83.31 -69.35
CA SER N 690 21.71 83.64 -69.02
C SER N 690 22.43 84.08 -70.29
N SER N 691 23.76 84.17 -70.20
CA SER N 691 24.56 84.48 -71.37
C SER N 691 24.34 83.46 -72.47
N TYR N 692 24.27 82.18 -72.11
CA TYR N 692 23.94 81.13 -73.06
C TYR N 692 22.45 81.06 -73.34
N GLY N 693 21.65 81.85 -72.63
CA GLY N 693 20.22 81.92 -72.91
C GLY N 693 19.39 80.84 -72.27
N ASP N 694 19.98 79.96 -71.48
CA ASP N 694 19.19 78.99 -70.74
C ASP N 694 18.38 79.69 -69.65
N PRO N 695 17.20 79.19 -69.31
CA PRO N 695 16.36 79.87 -68.32
C PRO N 695 17.03 79.93 -66.96
N CYS N 696 16.82 81.04 -66.26
CA CYS N 696 17.32 81.25 -64.92
C CYS N 696 16.13 81.42 -63.98
N ILE N 697 15.88 80.40 -63.17
CA ILE N 697 14.66 80.34 -62.37
C ILE N 697 14.93 80.97 -61.02
N PHE N 698 14.08 81.91 -60.61
CA PHE N 698 14.29 82.63 -59.36
C PHE N 698 12.93 82.92 -58.74
N GLY N 699 12.63 82.25 -57.63
CA GLY N 699 11.34 82.42 -56.97
C GLY N 699 11.45 82.49 -55.47
N SER N 700 10.35 82.16 -54.77
CA SER N 700 10.34 82.27 -53.31
C SER N 700 11.36 81.34 -52.65
N ASP N 701 11.88 80.36 -53.40
CA ASP N 701 13.01 79.59 -52.91
C ASP N 701 14.21 80.48 -52.65
N ASN N 702 14.25 81.65 -53.28
CA ASN N 702 15.30 82.67 -53.21
C ASN N 702 16.59 82.17 -53.84
N THR N 703 16.62 80.97 -54.41
CA THR N 703 17.83 80.40 -54.96
C THR N 703 17.64 80.17 -56.46
N LEU N 704 18.72 80.40 -57.22
CA LEU N 704 18.64 80.26 -58.66
C LEU N 704 18.55 78.80 -59.07
N LEU N 705 17.73 78.53 -60.09
CA LEU N 705 17.56 77.19 -60.62
C LEU N 705 17.84 77.20 -62.11
N LEU N 706 18.27 76.05 -62.64
CA LEU N 706 18.67 75.95 -64.04
C LEU N 706 18.04 74.72 -64.66
N LEU N 707 17.80 74.79 -65.97
CA LEU N 707 17.35 73.65 -66.75
C LEU N 707 18.50 73.13 -67.60
N SER N 708 18.82 71.84 -67.44
CA SER N 708 19.98 71.24 -68.07
C SER N 708 19.58 70.61 -69.39
N LYS N 709 20.50 70.66 -70.36
CA LYS N 709 20.33 70.07 -71.70
C LYS N 709 18.89 70.19 -72.18
N TRP N 710 18.38 71.41 -72.09
CA TRP N 710 16.97 71.68 -72.36
C TRP N 710 16.63 71.55 -73.84
N ARG N 711 17.63 71.45 -74.71
CA ARG N 711 17.35 71.32 -76.14
C ARG N 711 16.60 70.04 -76.45
N SER N 712 16.94 68.95 -75.75
CA SER N 712 16.20 67.71 -75.89
C SER N 712 15.26 67.55 -74.72
N PRO N 713 13.94 67.46 -74.95
CA PRO N 713 13.01 67.30 -73.82
C PRO N 713 13.31 66.08 -72.98
N GLU N 714 13.73 64.98 -73.60
CA GLU N 714 14.16 63.82 -72.84
C GLU N 714 15.37 64.15 -71.99
N GLU N 715 16.32 64.90 -72.55
CA GLU N 715 17.50 65.30 -71.78
C GLU N 715 17.16 66.38 -70.77
N SER N 716 16.20 67.25 -71.09
CA SER N 716 15.95 68.44 -70.29
C SER N 716 15.69 68.09 -68.83
N LYS N 717 16.44 68.73 -67.94
CA LYS N 717 16.34 68.43 -66.52
C LYS N 717 16.66 69.67 -65.70
N TRP N 718 15.93 69.83 -64.60
CA TRP N 718 16.09 71.00 -63.74
C TRP N 718 17.33 70.85 -62.86
N LEU N 719 17.92 71.99 -62.48
CA LEU N 719 19.15 72.01 -61.71
C LEU N 719 19.01 73.01 -60.57
N PRO N 720 19.38 72.65 -59.35
CA PRO N 720 19.56 73.65 -58.30
C PRO N 720 20.91 74.34 -58.45
N ILE N 721 21.03 75.19 -59.46
CA ILE N 721 22.34 75.68 -59.89
C ILE N 721 22.96 76.55 -58.80
N LEU N 722 22.16 77.35 -58.13
CA LEU N 722 22.65 78.29 -57.12
C LEU N 722 21.77 78.22 -55.88
N ASP N 723 22.40 78.45 -54.72
CA ASP N 723 21.70 78.54 -53.44
C ASP N 723 22.07 79.87 -52.80
N SER N 724 21.22 80.87 -52.98
CA SER N 724 21.54 82.22 -52.53
C SER N 724 21.60 82.30 -51.01
N ASN N 725 20.72 81.58 -50.32
CA ASN N 725 20.67 81.65 -48.87
C ASN N 725 21.99 81.16 -48.26
N MET N 726 22.51 80.04 -48.74
CA MET N 726 23.80 79.54 -48.25
C MET N 726 24.91 80.51 -48.56
N GLU N 727 24.90 81.09 -49.77
CA GLU N 727 25.94 82.03 -50.15
C GLU N 727 25.92 83.26 -49.27
N ILE N 728 24.73 83.76 -48.94
CA ILE N 728 24.62 84.86 -48.01
C ILE N 728 25.14 84.46 -46.64
N TRP N 729 24.78 83.25 -46.19
CA TRP N 729 25.21 82.80 -44.87
C TRP N 729 26.72 82.74 -44.77
N LYS N 730 27.38 82.18 -45.79
CA LYS N 730 28.83 82.07 -45.76
C LYS N 730 29.50 83.43 -45.95
N MET N 731 28.89 84.29 -46.75
CA MET N 731 29.40 85.66 -46.88
C MET N 731 29.07 86.51 -45.67
N SER N 732 28.15 86.07 -44.82
CA SER N 732 27.83 86.76 -43.59
C SER N 732 28.65 86.26 -42.41
N GLY N 733 29.57 85.33 -42.63
CA GLY N 733 30.33 84.77 -41.53
C GLY N 733 29.51 83.93 -40.58
N GLY N 734 28.50 83.23 -41.09
CA GLY N 734 27.72 82.32 -40.28
C GLY N 734 26.51 82.92 -39.59
N LYS N 735 26.26 84.22 -39.74
CA LYS N 735 25.16 84.89 -39.07
C LYS N 735 24.24 85.52 -40.11
N GLU N 736 23.08 84.91 -40.32
CA GLU N 736 22.11 85.43 -41.28
C GLU N 736 21.58 86.79 -40.84
N THR N 737 21.43 87.70 -41.81
CA THR N 737 20.91 89.03 -41.57
C THR N 737 19.73 89.27 -42.49
N THR N 738 18.68 89.92 -41.95
CA THR N 738 17.46 90.11 -42.72
C THR N 738 17.63 91.18 -43.79
N ASP N 739 18.54 92.15 -43.57
CA ASP N 739 18.67 93.25 -44.50
C ASP N 739 19.15 92.79 -45.87
N ILE N 740 19.95 91.73 -45.92
CA ILE N 740 20.54 91.29 -47.18
C ILE N 740 19.43 90.83 -48.12
N HIS N 741 19.43 91.37 -49.34
CA HIS N 741 18.48 90.96 -50.36
C HIS N 741 19.19 90.96 -51.70
N VAL N 742 18.70 90.11 -52.61
CA VAL N 742 19.36 89.84 -53.88
C VAL N 742 18.38 90.06 -55.01
N TRP N 743 18.82 90.74 -56.06
CA TRP N 743 18.01 90.95 -57.25
C TRP N 743 18.91 90.84 -58.47
N PRO N 744 18.81 89.73 -59.22
CA PRO N 744 19.75 89.48 -60.32
C PRO N 744 19.26 90.11 -61.61
N LEU N 745 20.11 90.93 -62.22
CA LEU N 745 19.79 91.48 -63.54
C LEU N 745 20.01 90.44 -64.63
N ALA N 746 21.04 89.61 -64.49
CA ALA N 746 21.34 88.59 -65.49
C ALA N 746 22.33 87.60 -64.92
N LEU N 747 22.50 86.48 -65.63
CA LEU N 747 23.43 85.42 -65.27
C LEU N 747 24.49 85.30 -66.34
N ALA N 748 25.77 85.39 -65.93
CA ALA N 748 26.85 85.13 -66.85
C ALA N 748 27.02 83.62 -67.05
N TYR N 749 28.02 83.25 -67.84
CA TYR N 749 28.22 81.84 -68.14
C TYR N 749 28.63 81.07 -66.89
N ASP N 750 29.27 81.74 -65.94
CA ASP N 750 29.75 81.08 -64.73
C ASP N 750 29.37 81.81 -63.45
N THR N 751 28.96 83.07 -63.51
CA THR N 751 28.61 83.81 -62.31
C THR N 751 27.30 84.54 -62.54
N LEU N 752 26.67 84.94 -61.44
CA LEU N 752 25.38 85.62 -61.49
C LEU N 752 25.54 87.06 -61.04
N ASN N 753 25.15 88.00 -61.89
CA ASN N 753 25.16 89.41 -61.55
C ASN N 753 23.86 89.73 -60.82
N CYS N 754 23.98 90.08 -59.55
CA CYS N 754 22.81 90.40 -58.72
C CYS N 754 23.16 91.53 -57.78
N ILE N 755 22.26 92.51 -57.67
CA ILE N 755 22.47 93.59 -56.72
C ILE N 755 22.23 93.09 -55.32
N LEU N 756 23.04 93.54 -54.38
CA LEU N 756 22.93 93.15 -52.98
C LEU N 756 22.41 94.36 -52.21
N VAL N 757 21.11 94.45 -52.04
CA VAL N 757 20.46 95.57 -51.38
C VAL N 757 20.25 95.21 -49.90
N LYS N 758 20.66 96.10 -49.01
CA LYS N 758 20.55 95.91 -47.58
C LYS N 758 19.44 96.79 -47.04
N GLY N 759 18.50 96.20 -46.33
CA GLY N 759 17.43 96.96 -45.71
C GLY N 759 16.22 96.09 -45.48
N LYS N 760 15.19 96.71 -44.89
CA LYS N 760 13.96 96.00 -44.60
C LYS N 760 13.26 95.53 -45.86
N HIS N 761 13.22 96.38 -46.89
CA HIS N 761 12.55 96.02 -48.13
C HIS N 761 13.37 94.97 -48.87
N ILE N 762 12.70 93.89 -49.28
CA ILE N 762 13.35 92.91 -50.14
C ILE N 762 13.72 93.54 -51.48
N TRP N 763 12.80 94.31 -52.04
CA TRP N 763 13.06 94.99 -53.28
C TRP N 763 14.06 96.12 -53.07
N PRO N 764 14.91 96.41 -54.05
CA PRO N 764 15.81 97.55 -53.93
C PRO N 764 15.05 98.86 -53.98
N GLU N 765 15.63 99.88 -53.36
CA GLU N 765 15.06 101.21 -53.40
C GLU N 765 15.41 101.89 -54.72
N PHE N 766 14.94 103.13 -54.87
CA PHE N 766 15.25 103.89 -56.07
C PHE N 766 16.75 104.05 -56.31
N PRO N 767 17.60 104.32 -55.32
CA PRO N 767 19.04 104.25 -55.56
C PRO N 767 19.44 102.86 -56.01
N LEU N 768 20.37 102.80 -56.95
CA LEU N 768 20.75 101.52 -57.54
C LEU N 768 22.01 100.98 -56.89
N PRO N 769 21.91 99.88 -56.16
CA PRO N 769 23.12 99.20 -55.68
C PRO N 769 23.90 98.62 -56.85
N LEU N 770 25.21 98.60 -56.71
CA LEU N 770 26.06 98.09 -57.78
C LEU N 770 25.87 96.58 -57.89
N PRO N 771 25.53 96.06 -59.06
CA PRO N 771 25.27 94.62 -59.18
C PRO N 771 26.51 93.79 -58.87
N SER N 772 26.29 92.67 -58.21
CA SER N 772 27.37 91.81 -57.73
C SER N 772 27.36 90.51 -58.52
N GLU N 773 28.50 90.20 -59.16
CA GLU N 773 28.64 88.96 -59.90
C GLU N 773 28.97 87.83 -58.94
N MET N 774 27.98 86.96 -58.68
CA MET N 774 28.11 85.88 -57.72
C MET N 774 28.30 84.55 -58.41
N GLU N 775 29.31 83.80 -57.96
CA GLU N 775 29.56 82.47 -58.48
C GLU N 775 28.38 81.55 -58.14
N ILE N 776 27.99 80.73 -59.11
CA ILE N 776 26.87 79.81 -58.96
C ILE N 776 27.39 78.50 -58.37
N ARG N 777 26.72 78.01 -57.34
CA ARG N 777 27.11 76.75 -56.72
C ARG N 777 25.87 76.03 -56.21
N MET N 778 25.80 74.74 -56.49
CA MET N 778 24.67 73.93 -56.08
C MET N 778 24.79 73.55 -54.60
N PRO N 779 23.65 73.36 -53.91
CA PRO N 779 23.69 73.16 -52.46
C PRO N 779 24.12 71.77 -52.04
N VAL N 780 25.41 71.46 -52.20
CA VAL N 780 25.93 70.20 -51.68
C VAL N 780 26.32 70.36 -50.22
N PHE N 781 26.52 71.60 -49.78
CA PHE N 781 26.97 71.86 -48.41
C PHE N 781 25.91 71.42 -47.42
N VAL N 782 26.38 70.93 -46.27
CA VAL N 782 25.53 70.46 -45.19
C VAL N 782 25.52 71.52 -44.11
N LYS N 783 24.32 71.86 -43.61
CA LYS N 783 24.23 72.87 -42.57
C LYS N 783 24.99 72.47 -41.33
N SER N 784 24.96 71.18 -40.97
CA SER N 784 25.70 70.72 -39.79
C SER N 784 27.20 70.90 -39.97
N LYS N 785 27.72 70.60 -41.16
CA LYS N 785 29.14 70.79 -41.40
C LYS N 785 29.51 72.28 -41.35
N LEU N 786 28.60 73.14 -41.80
CA LEU N 786 28.84 74.58 -41.73
C LEU N 786 28.82 75.05 -40.29
N LEU N 787 27.96 74.47 -39.47
CA LEU N 787 27.92 74.82 -38.05
C LEU N 787 29.20 74.39 -37.35
N GLU N 788 29.67 73.18 -37.64
CA GLU N 788 30.84 72.65 -36.93
C GLU N 788 32.12 73.33 -37.39
N GLU N 789 32.22 73.69 -38.67
CA GLU N 789 33.44 74.34 -39.15
C GLU N 789 33.60 75.72 -38.54
N ASN N 790 32.49 76.36 -38.16
CA ASN N 790 32.54 77.68 -37.56
C ASN N 790 32.06 77.64 -36.11
N GLU N 814 33.41 83.42 -46.43
CA GLU N 814 34.57 83.55 -45.55
C GLU N 814 34.67 82.35 -44.62
N ILE N 815 33.69 81.45 -44.69
CA ILE N 815 33.70 80.28 -43.83
C ILE N 815 34.59 79.20 -44.41
N GLN N 816 35.15 78.38 -43.54
CA GLN N 816 36.01 77.28 -44.00
C GLN N 816 35.17 76.14 -44.56
N ILE N 817 35.70 75.51 -45.61
CA ILE N 817 35.05 74.37 -46.25
C ILE N 817 36.03 73.20 -46.23
N PRO N 818 35.58 71.98 -45.92
CA PRO N 818 36.49 70.83 -45.97
C PRO N 818 37.05 70.64 -47.38
N VAL N 819 38.32 70.23 -47.44
CA VAL N 819 39.02 70.15 -48.71
C VAL N 819 38.35 69.14 -49.64
N SER N 820 38.03 67.95 -49.12
CA SER N 820 37.31 66.98 -49.93
C SER N 820 35.92 67.48 -50.27
N MET N 821 35.25 68.12 -49.31
CA MET N 821 33.89 68.58 -49.53
C MET N 821 33.86 69.67 -50.61
N ALA N 822 34.70 70.69 -50.44
CA ALA N 822 34.80 71.76 -51.43
C ALA N 822 35.20 71.21 -52.78
N ALA N 823 36.13 70.24 -52.79
CA ALA N 823 36.46 69.56 -54.03
C ALA N 823 35.23 68.94 -54.65
N GLU N 824 34.32 68.41 -53.83
CA GLU N 824 33.10 67.83 -54.35
C GLU N 824 32.23 68.88 -55.04
N GLU N 825 31.99 70.03 -54.37
CA GLU N 825 31.12 71.02 -55.01
C GLU N 825 31.75 71.55 -56.29
N GLU N 826 33.06 71.83 -56.27
CA GLU N 826 33.69 72.37 -57.47
C GLU N 826 33.78 71.32 -58.58
N TYR N 827 33.91 70.05 -58.21
CA TYR N 827 33.82 68.98 -59.19
C TYR N 827 32.46 68.94 -59.86
N LEU N 828 31.39 69.03 -59.06
CA LEU N 828 30.05 69.01 -59.62
C LEU N 828 29.81 70.23 -60.50
N ARG N 829 30.32 71.39 -60.07
CA ARG N 829 30.23 72.59 -60.89
C ARG N 829 30.94 72.40 -62.21
N SER N 830 32.15 71.82 -62.18
CA SER N 830 32.88 71.55 -63.42
C SER N 830 32.07 70.64 -64.32
N LYS N 831 31.49 69.59 -63.75
CA LYS N 831 30.71 68.63 -64.54
C LYS N 831 29.54 69.33 -65.22
N VAL N 832 28.73 70.05 -64.45
CA VAL N 832 27.51 70.62 -65.01
C VAL N 832 27.84 71.70 -66.02
N LEU N 833 28.83 72.54 -65.72
CA LEU N 833 29.19 73.60 -66.65
C LEU N 833 29.81 73.02 -67.92
N SER N 834 30.57 71.94 -67.80
CA SER N 834 31.12 71.29 -68.98
C SER N 834 30.02 70.74 -69.86
N GLU N 835 29.01 70.11 -69.25
CA GLU N 835 27.90 69.59 -70.04
C GLU N 835 27.15 70.72 -70.73
N LEU N 836 26.92 71.83 -70.02
CA LEU N 836 26.24 72.96 -70.64
C LEU N 836 27.06 73.54 -71.79
N LEU N 837 28.37 73.67 -71.60
CA LEU N 837 29.23 74.17 -72.67
C LEU N 837 29.19 73.26 -73.88
N THR N 838 29.24 71.95 -73.66
CA THR N 838 29.16 71.03 -74.79
C THR N 838 27.84 71.18 -75.52
N ASP N 839 26.73 71.23 -74.78
CA ASP N 839 25.42 71.35 -75.41
C ASP N 839 25.31 72.62 -76.22
N THR N 840 25.77 73.74 -75.67
CA THR N 840 25.83 74.98 -76.45
C THR N 840 26.71 74.81 -77.67
N LEU N 841 27.79 74.02 -77.55
CA LEU N 841 28.67 73.80 -78.68
C LEU N 841 27.95 73.12 -79.83
N GLU N 842 27.15 72.08 -79.53
CA GLU N 842 26.36 71.51 -80.63
C GLU N 842 25.34 72.52 -81.13
N ASN N 843 24.72 73.28 -80.23
CA ASN N 843 23.65 74.17 -80.67
C ASN N 843 24.21 75.48 -81.22
N ASP N 844 24.84 76.28 -80.38
CA ASP N 844 25.31 77.60 -80.78
C ASP N 844 26.81 77.63 -81.08
N GLY N 845 27.49 76.51 -80.99
CA GLY N 845 28.93 76.50 -81.26
C GLY N 845 29.66 77.41 -80.30
N GLU N 846 30.52 78.27 -80.86
CA GLU N 846 31.27 79.25 -80.07
C GLU N 846 30.46 80.53 -80.03
N MET N 847 29.65 80.68 -78.98
CA MET N 847 28.84 81.88 -78.84
C MET N 847 29.71 83.12 -78.66
N TYR N 848 30.91 82.95 -78.10
CA TYR N 848 31.85 84.06 -77.95
C TYR N 848 33.26 83.64 -78.32
N GLY N 849 33.40 82.64 -79.20
CA GLY N 849 34.71 82.25 -79.67
C GLY N 849 35.49 81.37 -78.72
N ASN N 850 35.89 81.93 -77.57
CA ASN N 850 36.72 81.18 -76.63
C ASN N 850 35.94 80.16 -75.82
N GLU N 851 34.70 79.86 -76.23
CA GLU N 851 33.89 78.91 -75.48
C GLU N 851 34.54 77.52 -75.47
N ASN N 852 35.15 77.12 -76.59
CA ASN N 852 35.85 75.84 -76.63
C ASN N 852 37.05 75.84 -75.69
N GLU N 853 37.80 76.94 -75.65
CA GLU N 853 38.93 77.04 -74.73
C GLU N 853 38.45 77.04 -73.28
N VAL N 854 37.33 77.72 -73.01
CA VAL N 854 36.75 77.69 -71.68
C VAL N 854 36.38 76.26 -71.30
N LEU N 855 35.80 75.52 -72.25
CA LEU N 855 35.44 74.13 -71.99
C LEU N 855 36.67 73.27 -71.74
N ALA N 856 37.74 73.49 -72.50
CA ALA N 856 38.96 72.71 -72.30
C ALA N 856 39.56 72.97 -70.93
N ALA N 857 39.66 74.25 -70.54
CA ALA N 857 40.19 74.59 -69.23
C ALA N 857 39.31 74.05 -68.12
N LEU N 858 37.99 74.11 -68.32
CA LEU N 858 37.07 73.61 -67.32
C LEU N 858 37.16 72.10 -67.20
N ASN N 859 37.39 71.40 -68.30
CA ASN N 859 37.58 69.96 -68.24
C ASN N 859 38.88 69.61 -67.53
N GLY N 860 39.93 70.40 -67.75
CA GLY N 860 41.13 70.22 -66.96
C GLY N 860 40.87 70.41 -65.48
N ALA N 861 40.14 71.47 -65.12
CA ALA N 861 39.79 71.69 -63.72
C ALA N 861 38.90 70.57 -63.18
N TYR N 862 38.04 70.03 -64.03
CA TYR N 862 37.24 68.85 -63.68
C TYR N 862 38.13 67.67 -63.33
N ASP N 863 39.16 67.44 -64.14
CA ASP N 863 40.09 66.35 -63.87
C ASP N 863 40.85 66.58 -62.57
N LYS N 864 41.31 67.81 -62.34
CA LYS N 864 42.01 68.10 -61.09
C LYS N 864 41.07 67.98 -59.89
N ALA N 865 39.79 68.30 -60.10
CA ALA N 865 38.79 68.06 -59.07
C ALA N 865 38.73 66.59 -58.73
N LEU N 866 38.66 65.75 -59.77
CA LEU N 866 38.74 64.31 -59.56
C LEU N 866 40.03 63.93 -58.86
N LEU N 867 41.10 64.70 -59.08
CA LEU N 867 42.37 64.39 -58.43
C LEU N 867 42.28 64.63 -56.93
N ARG N 868 41.71 65.77 -56.49
CA ARG N 868 41.49 65.94 -55.06
C ARG N 868 40.55 64.87 -54.51
N LEU N 869 39.51 64.51 -55.26
CA LEU N 869 38.61 63.48 -54.76
C LEU N 869 39.31 62.14 -54.62
N PHE N 870 40.18 61.79 -55.58
CA PHE N 870 40.96 60.57 -55.49
C PHE N 870 41.90 60.61 -54.31
N ALA N 871 42.54 61.75 -54.07
CA ALA N 871 43.41 61.90 -52.92
C ALA N 871 42.64 61.73 -51.62
N SER N 872 41.43 62.30 -51.56
CA SER N 872 40.61 62.14 -50.38
C SER N 872 40.23 60.70 -50.14
N ALA N 873 39.90 59.98 -51.22
CA ALA N 873 39.58 58.56 -51.09
C ALA N 873 40.80 57.77 -50.63
N CYS N 874 41.97 58.08 -51.17
CA CYS N 874 43.19 57.39 -50.77
C CYS N 874 43.50 57.66 -49.30
N SER N 875 43.25 58.87 -48.83
CA SER N 875 43.34 59.16 -47.41
C SER N 875 42.36 58.31 -46.62
N ASP N 876 41.13 58.17 -47.14
CA ASP N 876 40.18 57.24 -46.56
C ASP N 876 40.64 55.79 -46.73
N GLN N 877 41.48 55.54 -47.73
CA GLN N 877 42.05 54.22 -47.98
C GLN N 877 40.96 53.18 -48.26
N ASN N 878 40.14 53.44 -49.28
CA ASN N 878 39.10 52.53 -49.71
C ASN N 878 39.27 52.26 -51.20
N VAL N 879 39.02 51.00 -51.59
CA VAL N 879 39.29 50.60 -52.97
C VAL N 879 38.20 51.10 -53.90
N GLU N 880 36.94 50.81 -53.57
CA GLU N 880 35.86 51.09 -54.52
C GLU N 880 35.67 52.58 -54.74
N LYS N 881 35.93 53.41 -53.71
CA LYS N 881 36.00 54.84 -53.92
C LYS N 881 36.97 55.17 -55.05
N ALA N 882 38.16 54.58 -54.97
CA ALA N 882 39.19 54.84 -55.97
C ALA N 882 38.76 54.34 -57.34
N LEU N 883 38.11 53.17 -57.40
CA LEU N 883 37.62 52.67 -58.68
C LEU N 883 36.66 53.66 -59.30
N SER N 884 35.68 54.11 -58.51
CA SER N 884 34.65 55.02 -59.03
C SER N 884 35.29 56.32 -59.53
N LEU N 885 36.21 56.89 -58.74
CA LEU N 885 36.82 58.15 -59.14
C LEU N 885 37.70 57.96 -60.38
N ALA N 886 38.46 56.87 -60.43
CA ALA N 886 39.36 56.64 -61.54
C ALA N 886 38.59 56.45 -62.84
N HIS N 887 37.51 55.67 -62.79
CA HIS N 887 36.68 55.51 -63.98
C HIS N 887 36.02 56.83 -64.36
N GLU N 888 35.76 57.69 -63.37
CA GLU N 888 35.23 59.02 -63.68
C GLU N 888 36.27 59.87 -64.40
N LEU N 889 37.55 59.66 -64.12
CA LEU N 889 38.59 60.42 -64.78
C LEU N 889 38.59 60.15 -66.27
N LYS N 890 38.90 61.18 -67.06
CA LYS N 890 38.75 61.13 -68.51
C LYS N 890 39.96 61.68 -69.25
N GLN N 891 40.99 62.13 -68.55
CA GLN N 891 42.17 62.70 -69.18
C GLN N 891 43.39 61.86 -68.84
N ASP N 892 44.12 61.43 -69.87
CA ASP N 892 45.19 60.46 -69.67
C ASP N 892 46.25 60.99 -68.71
N ARG N 893 46.63 62.26 -68.85
CA ARG N 893 47.58 62.84 -67.90
C ARG N 893 46.98 62.93 -66.52
N ALA N 894 45.68 63.20 -66.42
CA ALA N 894 45.01 63.17 -65.13
C ALA N 894 45.03 61.77 -64.54
N LEU N 895 44.88 60.74 -65.39
CA LEU N 895 45.03 59.39 -64.88
C LEU N 895 46.47 59.08 -64.48
N THR N 896 47.47 59.70 -65.13
CA THR N 896 48.84 59.55 -64.65
C THR N 896 49.00 60.17 -63.27
N ALA N 897 48.37 61.32 -63.06
CA ALA N 897 48.33 61.89 -61.72
C ALA N 897 47.66 60.93 -60.74
N ALA N 898 46.60 60.26 -61.18
CA ALA N 898 45.96 59.24 -60.36
C ALA N 898 46.91 58.09 -60.06
N VAL N 899 47.73 57.70 -61.05
CA VAL N 899 48.76 56.70 -60.81
C VAL N 899 49.67 57.17 -59.68
N LYS N 900 50.14 58.41 -59.77
CA LYS N 900 51.03 58.96 -58.75
C LYS N 900 50.37 58.92 -57.38
N ILE N 901 49.09 59.28 -57.31
CA ILE N 901 48.35 59.16 -56.06
C ILE N 901 48.32 57.71 -55.60
N SER N 902 48.25 56.77 -56.55
CA SER N 902 48.25 55.36 -56.19
C SER N 902 49.55 54.95 -55.52
N GLU N 903 50.69 55.40 -56.06
CA GLU N 903 51.95 55.10 -55.37
C GLU N 903 52.02 55.83 -54.04
N ARG N 904 51.41 57.02 -53.95
CA ARG N 904 51.31 57.67 -52.65
C ARG N 904 50.40 56.91 -51.70
N ALA N 905 49.56 56.02 -52.22
CA ALA N 905 48.67 55.23 -51.38
C ALA N 905 49.29 53.91 -50.98
N GLU N 906 50.16 53.34 -51.83
CA GLU N 906 50.96 52.16 -51.49
C GLU N 906 50.09 50.94 -51.19
N LEU N 907 49.33 50.49 -52.18
CA LEU N 907 48.59 49.23 -52.07
C LEU N 907 48.54 48.55 -53.44
N PRO N 908 48.85 47.26 -53.52
CA PRO N 908 49.12 46.66 -54.84
C PRO N 908 47.87 46.43 -55.69
N SER N 909 46.75 46.04 -55.07
CA SER N 909 45.54 45.78 -55.85
C SER N 909 45.07 47.04 -56.56
N LEU N 910 45.09 48.17 -55.85
CA LEU N 910 44.73 49.43 -56.49
C LEU N 910 45.72 49.80 -57.58
N VAL N 911 47.00 49.48 -57.39
CA VAL N 911 48.00 49.79 -58.40
C VAL N 911 47.74 48.98 -59.68
N LYS N 912 47.44 47.69 -59.52
CA LYS N 912 47.17 46.89 -60.71
C LYS N 912 45.87 47.30 -61.37
N LYS N 913 44.87 47.69 -60.58
CA LYS N 913 43.66 48.29 -61.15
C LYS N 913 44.01 49.55 -61.94
N ILE N 914 44.91 50.37 -61.40
CA ILE N 914 45.34 51.57 -62.09
C ILE N 914 45.99 51.21 -63.43
N ASN N 915 46.82 50.18 -63.43
CA ASN N 915 47.43 49.74 -64.68
C ASN N 915 46.37 49.30 -65.68
N ASN N 916 45.37 48.54 -65.21
CA ASN N 916 44.31 48.08 -66.09
C ASN N 916 43.53 49.26 -66.69
N ILE N 917 43.19 50.24 -65.87
CA ILE N 917 42.42 51.37 -66.38
C ILE N 917 43.27 52.23 -67.31
N ARG N 918 44.57 52.34 -67.02
CA ARG N 918 45.46 53.04 -67.95
C ARG N 918 45.48 52.37 -69.30
N GLU N 919 45.60 51.04 -69.31
CA GLU N 919 45.58 50.30 -70.57
C GLU N 919 44.26 50.48 -71.28
N ALA N 920 43.15 50.47 -70.54
CA ALA N 920 41.85 50.68 -71.14
C ALA N 920 41.76 52.07 -71.79
N ARG N 921 42.31 53.08 -71.13
CA ARG N 921 42.25 54.43 -71.69
C ARG N 921 43.22 54.60 -72.86
N TYR N 922 44.29 53.80 -72.91
CA TYR N 922 45.23 53.92 -74.02
C TYR N 922 44.65 53.37 -75.32
N GLU N 923 43.76 52.39 -75.23
CA GLU N 923 43.19 51.74 -76.41
C GLU N 923 41.70 52.07 -76.50
N GLN N 924 41.29 52.65 -77.63
CA GLN N 924 39.90 52.99 -77.84
C GLN N 924 39.38 52.38 -79.14
N SER Q 1316 85.31 -86.30 3.01
CA SER Q 1316 85.64 -86.85 1.70
C SER Q 1316 84.43 -86.84 0.78
N TYR Q 1317 83.28 -87.26 1.31
CA TYR Q 1317 82.03 -87.30 0.58
C TYR Q 1317 80.93 -86.76 1.48
N ALA Q 1318 80.52 -85.50 1.24
CA ALA Q 1318 79.47 -84.81 2.00
C ALA Q 1318 79.87 -84.86 3.48
N ASN Q 1319 78.98 -85.29 4.38
CA ASN Q 1319 79.28 -85.37 5.81
C ASN Q 1319 79.73 -84.02 6.36
N SER Q 1320 79.15 -82.95 5.83
CA SER Q 1320 79.51 -81.59 6.21
C SER Q 1320 78.43 -80.66 5.69
N THR Q 1321 78.69 -79.35 5.80
CA THR Q 1321 77.73 -78.35 5.35
C THR Q 1321 77.89 -78.08 3.86
N TRP Q 1322 76.78 -77.83 3.19
CA TRP Q 1322 76.79 -77.45 1.79
C TRP Q 1322 76.76 -75.94 1.69
N GLU Q 1323 77.71 -75.38 0.93
CA GLU Q 1323 77.80 -73.93 0.82
C GLU Q 1323 76.70 -73.36 -0.06
N VAL Q 1324 76.41 -74.03 -1.18
CA VAL Q 1324 75.43 -73.55 -2.16
C VAL Q 1324 74.45 -74.67 -2.43
N LEU Q 1325 73.16 -74.32 -2.52
CA LEU Q 1325 72.11 -75.27 -2.87
C LEU Q 1325 71.29 -74.67 -4.00
N GLN Q 1326 71.36 -75.28 -5.18
CA GLN Q 1326 70.70 -74.74 -6.36
C GLN Q 1326 70.10 -75.89 -7.16
N TYR Q 1327 69.15 -75.54 -8.04
CA TYR Q 1327 68.53 -76.53 -8.90
C TYR Q 1327 69.53 -77.08 -9.91
N LYS Q 1328 69.41 -78.38 -10.18
CA LYS Q 1328 70.26 -79.00 -11.20
C LYS Q 1328 69.97 -78.42 -12.58
N ASP Q 1329 68.69 -78.25 -12.91
CA ASP Q 1329 68.27 -77.73 -14.20
C ASP Q 1329 66.80 -77.36 -14.12
N SER Q 1330 66.35 -76.56 -15.09
CA SER Q 1330 64.92 -76.27 -15.20
C SER Q 1330 64.15 -77.55 -15.46
N GLY Q 1331 64.66 -78.42 -16.34
CA GLY Q 1331 64.08 -79.72 -16.50
C GLY Q 1331 64.38 -80.62 -15.32
N GLU Q 1332 63.67 -81.75 -15.28
CA GLU Q 1332 63.73 -82.71 -14.17
C GLU Q 1332 63.47 -81.98 -12.85
N PRO Q 1333 62.26 -81.50 -12.62
CA PRO Q 1333 61.98 -80.82 -11.35
C PRO Q 1333 62.04 -81.78 -10.18
N GLY Q 1334 62.41 -81.25 -9.02
CA GLY Q 1334 62.51 -82.04 -7.81
C GLY Q 1334 63.89 -82.59 -7.51
N VAL Q 1335 64.81 -82.53 -8.47
CA VAL Q 1335 66.19 -82.98 -8.27
C VAL Q 1335 67.08 -81.76 -8.27
N LEU Q 1336 67.85 -81.59 -7.19
CA LEU Q 1336 68.66 -80.41 -6.99
C LEU Q 1336 70.12 -80.82 -6.84
N GLU Q 1337 71.02 -79.99 -7.38
CA GLU Q 1337 72.44 -80.21 -7.17
C GLU Q 1337 72.87 -79.70 -5.80
N VAL Q 1338 73.88 -80.33 -5.23
CA VAL Q 1338 74.41 -79.96 -3.92
C VAL Q 1338 75.87 -79.56 -4.11
N PHE Q 1339 76.23 -78.37 -3.62
CA PHE Q 1339 77.60 -77.88 -3.66
C PHE Q 1339 78.34 -78.15 -2.36
N VAL Q 1340 78.07 -79.28 -1.72
CA VAL Q 1340 78.61 -79.55 -0.38
C VAL Q 1340 80.11 -79.69 -0.46
N THR Q 1341 80.82 -78.95 0.39
CA THR Q 1341 82.26 -79.15 0.58
C THR Q 1341 82.46 -80.12 1.73
N ILE Q 1342 82.98 -81.32 1.42
CA ILE Q 1342 83.18 -82.35 2.42
C ILE Q 1342 84.35 -81.97 3.30
N ASN Q 1343 84.53 -82.71 4.40
CA ASN Q 1343 85.69 -82.46 5.30
C ASN Q 1343 86.96 -82.65 4.47
N GLY Q 1344 86.81 -82.98 3.19
CA GLY Q 1344 87.99 -83.20 2.31
C GLY Q 1344 87.93 -82.36 1.05
N LYS Q 1345 87.14 -82.78 0.06
CA LYS Q 1345 87.12 -82.06 -1.24
C LYS Q 1345 85.68 -81.83 -1.71
N VAL Q 1346 84.99 -80.84 -1.13
CA VAL Q 1346 83.61 -80.49 -1.60
C VAL Q 1346 82.89 -81.76 -2.08
N GLN Q 1347 82.14 -81.69 -3.19
CA GLN Q 1347 81.48 -82.88 -3.79
C GLN Q 1347 80.21 -83.27 -3.04
N ASN Q 1348 79.07 -83.32 -3.74
CA ASN Q 1348 77.78 -83.78 -3.13
C ASN Q 1348 76.65 -83.70 -4.16
N ILE Q 1349 75.50 -84.31 -3.85
CA ILE Q 1349 74.33 -84.30 -4.79
C ILE Q 1349 73.06 -84.55 -3.97
N THR Q 1350 71.88 -84.43 -4.60
CA THR Q 1350 70.60 -84.71 -3.89
C THR Q 1350 69.65 -85.48 -4.82
N PHE Q 1351 68.72 -86.25 -4.24
CA PHE Q 1351 67.76 -87.06 -5.04
C PHE Q 1351 66.56 -86.20 -5.44
N HIS Q 1352 65.44 -86.85 -5.78
CA HIS Q 1352 64.20 -86.11 -6.17
C HIS Q 1352 63.46 -85.67 -4.91
N ILE Q 1353 62.88 -84.46 -4.94
CA ILE Q 1353 62.10 -83.93 -3.78
C ILE Q 1353 60.71 -83.55 -4.29
N PRO Q 1354 59.61 -84.08 -3.72
CA PRO Q 1354 58.26 -83.82 -4.24
C PRO Q 1354 57.87 -82.33 -4.21
N LYS Q 1355 57.01 -81.90 -5.13
CA LYS Q 1355 56.50 -80.50 -5.13
C LYS Q 1355 55.63 -80.31 -3.89
N THR Q 1356 56.15 -79.61 -2.88
CA THR Q 1356 55.39 -79.44 -1.61
C THR Q 1356 54.20 -78.51 -1.83
N ILE Q 1357 53.00 -79.09 -2.05
CA ILE Q 1357 51.80 -78.27 -2.19
C ILE Q 1357 50.63 -79.01 -1.57
N TYR Q 1358 50.00 -78.39 -0.57
CA TYR Q 1358 48.99 -79.04 0.25
C TYR Q 1358 47.61 -78.60 -0.23
N MET Q 1359 46.79 -79.57 -0.67
CA MET Q 1359 45.41 -79.25 -1.02
C MET Q 1359 44.41 -79.73 0.02
N LYS Q 1360 44.87 -80.32 1.13
CA LYS Q 1360 44.01 -80.68 2.26
C LYS Q 1360 43.08 -81.84 1.89
N PHE Q 1361 43.09 -82.25 0.63
CA PHE Q 1361 42.13 -83.20 0.10
C PHE Q 1361 42.86 -84.35 -0.56
N LYS Q 1362 42.42 -85.58 -0.28
CA LYS Q 1362 43.07 -86.78 -0.81
C LYS Q 1362 42.10 -87.83 -1.35
N SER Q 1363 40.83 -87.81 -0.94
CA SER Q 1363 39.91 -88.89 -1.32
C SER Q 1363 39.73 -88.96 -2.82
N GLN Q 1364 39.37 -87.84 -3.45
CA GLN Q 1364 39.21 -87.77 -4.89
C GLN Q 1364 40.41 -87.13 -5.58
N THR Q 1365 41.51 -86.90 -4.85
CA THR Q 1365 42.71 -86.35 -5.46
C THR Q 1365 43.30 -87.34 -6.46
N MET Q 1366 43.37 -88.62 -6.09
CA MET Q 1366 43.94 -89.62 -7.00
C MET Q 1366 43.23 -89.70 -8.34
N PRO Q 1367 41.90 -89.84 -8.41
CA PRO Q 1367 41.26 -89.86 -9.74
C PRO Q 1367 41.45 -88.57 -10.51
N LEU Q 1368 41.46 -87.42 -9.82
CA LEU Q 1368 41.62 -86.15 -10.52
C LEU Q 1368 43.05 -85.94 -11.00
N GLN Q 1369 44.03 -86.21 -10.14
CA GLN Q 1369 45.43 -86.00 -10.48
C GLN Q 1369 46.28 -87.10 -9.86
N LYS Q 1370 47.45 -87.33 -10.44
CA LYS Q 1370 48.37 -88.35 -9.94
C LYS Q 1370 49.29 -87.69 -8.92
N ILE Q 1371 48.79 -87.53 -7.70
CA ILE Q 1371 49.57 -86.92 -6.63
C ILE Q 1371 50.72 -87.83 -6.22
N LYS Q 1372 50.51 -89.15 -6.26
CA LYS Q 1372 51.49 -90.20 -5.98
C LYS Q 1372 52.25 -89.99 -4.67
N ASN Q 1373 51.59 -89.39 -3.67
CA ASN Q 1373 52.05 -89.45 -2.28
C ASN Q 1373 50.89 -89.03 -1.39
N CYS Q 1374 50.59 -89.85 -0.39
CA CYS Q 1374 49.36 -89.68 0.38
C CYS Q 1374 49.57 -88.79 1.60
N LEU Q 1375 48.58 -87.95 1.89
CA LEU Q 1375 48.56 -87.15 3.10
C LEU Q 1375 47.12 -86.68 3.33
N ILE Q 1376 46.57 -86.99 4.50
CA ILE Q 1376 45.19 -86.68 4.86
C ILE Q 1376 45.20 -86.19 6.30
N GLU Q 1377 43.99 -85.88 6.82
CA GLU Q 1377 43.82 -85.45 8.21
C GLU Q 1377 44.61 -84.17 8.49
N LYS Q 1378 44.12 -83.07 7.89
CA LYS Q 1378 44.75 -81.76 7.97
C LYS Q 1378 46.06 -81.75 7.17
N SER Q 1379 45.96 -82.12 5.89
CA SER Q 1379 47.12 -82.07 5.01
C SER Q 1379 47.64 -80.64 4.87
N SER Q 1380 46.75 -79.68 4.71
CA SER Q 1380 47.13 -78.29 4.54
C SER Q 1380 47.19 -77.58 5.89
N ALA Q 1381 47.73 -76.37 5.88
CA ALA Q 1381 47.86 -75.54 7.06
C ALA Q 1381 46.99 -74.30 6.92
N SER Q 1382 46.21 -74.00 7.94
CA SER Q 1382 45.41 -72.78 7.99
C SER Q 1382 46.13 -71.74 8.82
N LEU Q 1383 46.37 -70.58 8.22
CA LEU Q 1383 47.18 -69.55 8.85
C LEU Q 1383 46.46 -68.21 8.79
N PRO Q 1384 46.69 -67.33 9.78
CA PRO Q 1384 45.90 -66.10 9.86
C PRO Q 1384 46.06 -65.21 8.64
N ASN Q 1385 44.95 -64.64 8.20
CA ASN Q 1385 44.87 -63.70 7.08
C ASN Q 1385 43.46 -63.17 7.01
N ASN Q 1386 43.23 -62.24 6.08
CA ASN Q 1386 41.91 -61.62 5.95
C ASN Q 1386 40.80 -62.61 5.64
N PRO Q 1387 40.93 -63.53 4.68
CA PRO Q 1387 39.86 -64.51 4.47
C PRO Q 1387 39.64 -65.37 5.70
N LYS Q 1388 38.38 -65.69 5.97
CA LYS Q 1388 38.05 -66.53 7.11
C LYS Q 1388 38.36 -67.99 6.83
N THR Q 1389 38.30 -68.40 5.55
CA THR Q 1389 38.54 -69.78 5.20
C THR Q 1389 39.98 -70.19 5.53
N SER Q 1390 40.95 -69.33 5.24
CA SER Q 1390 42.34 -69.66 5.50
C SER Q 1390 42.72 -69.47 6.96
N ASN Q 1391 41.89 -68.79 7.74
CA ASN Q 1391 42.21 -68.55 9.13
C ASN Q 1391 42.20 -69.87 9.91
N PRO Q 1392 43.10 -70.05 10.88
CA PRO Q 1392 43.16 -71.27 11.70
C PRO Q 1392 42.02 -71.35 12.70
N GLU Q 1404 47.79 -81.92 0.71
CA GLU Q 1404 48.75 -83.05 0.61
C GLU Q 1404 49.80 -82.75 -0.46
N SER Q 1405 51.07 -82.68 -0.08
CA SER Q 1405 52.15 -82.36 -1.06
C SER Q 1405 52.11 -83.35 -2.21
N VAL Q 1406 52.36 -82.88 -3.44
CA VAL Q 1406 52.31 -83.78 -4.64
C VAL Q 1406 53.73 -84.17 -5.03
N PHE Q 1407 53.99 -85.48 -5.15
CA PHE Q 1407 55.36 -85.96 -5.49
C PHE Q 1407 55.76 -85.41 -6.86
N LEU Q 1408 54.83 -85.40 -7.82
CA LEU Q 1408 55.14 -84.91 -9.19
C LEU Q 1408 54.57 -83.50 -9.38
N GLU Q 1409 55.22 -82.68 -10.19
CA GLU Q 1409 54.69 -81.32 -10.48
C GLU Q 1409 53.62 -81.42 -11.57
N GLU Q 1410 52.54 -82.15 -11.28
CA GLU Q 1410 51.46 -82.36 -12.29
C GLU Q 1410 50.73 -81.03 -12.52
N LYS Q 1411 50.21 -80.83 -13.74
CA LYS Q 1411 49.43 -79.60 -14.05
C LYS Q 1411 48.12 -79.64 -13.26
N GLU Q 1412 47.70 -78.49 -12.71
CA GLU Q 1412 46.44 -78.42 -11.91
C GLU Q 1412 45.26 -78.79 -12.82
N ASN Q 1413 44.28 -79.53 -12.29
CA ASN Q 1413 43.09 -79.93 -13.09
C ASN Q 1413 41.83 -79.71 -12.25
N CYS Q 1414 41.54 -78.46 -11.89
CA CYS Q 1414 40.28 -78.13 -11.13
C CYS Q 1414 40.08 -79.13 -9.98
N THR Q 1415 40.98 -79.14 -9.00
CA THR Q 1415 40.80 -80.01 -7.81
C THR Q 1415 40.13 -79.21 -6.70
N SER Q 1416 39.72 -77.97 -6.99
CA SER Q 1416 39.11 -77.08 -5.96
C SER Q 1416 37.93 -77.82 -5.29
N ILE Q 1417 37.16 -78.57 -6.07
CA ILE Q 1417 36.01 -79.35 -5.51
C ILE Q 1417 36.57 -80.29 -4.42
N PHE Q 1418 35.94 -80.28 -3.24
CA PHE Q 1418 36.47 -81.11 -2.11
C PHE Q 1418 35.36 -81.97 -1.52
N ASN Q 1419 35.30 -83.25 -1.89
CA ASN Q 1419 34.32 -84.15 -1.31
C ASN Q 1419 34.61 -84.47 0.15
N ASP Q 1420 35.64 -83.86 0.74
CA ASP Q 1420 35.98 -84.12 2.13
C ASP Q 1420 35.12 -83.35 3.11
N GLU Q 1421 34.23 -82.49 2.62
CA GLU Q 1421 33.37 -81.58 3.37
C GLU Q 1421 34.19 -80.46 3.99
N ASN Q 1422 35.49 -80.37 3.71
CA ASN Q 1422 36.30 -79.26 4.17
C ASN Q 1422 36.03 -78.03 3.30
N VAL Q 1423 36.83 -76.98 3.53
CA VAL Q 1423 36.67 -75.76 2.76
C VAL Q 1423 37.04 -76.00 1.31
N LEU Q 1424 36.20 -75.52 0.40
CA LEU Q 1424 36.45 -75.70 -1.03
C LEU Q 1424 37.69 -74.93 -1.45
N GLY Q 1425 38.48 -75.54 -2.34
CA GLY Q 1425 39.69 -74.91 -2.82
C GLY Q 1425 40.95 -75.63 -2.39
N VAL Q 1426 41.86 -75.89 -3.33
CA VAL Q 1426 43.08 -76.62 -3.01
C VAL Q 1426 43.96 -75.82 -2.06
N PHE Q 1427 44.02 -74.49 -2.26
CA PHE Q 1427 44.83 -73.59 -1.47
C PHE Q 1427 46.33 -73.81 -1.72
N GLU Q 1428 47.13 -72.80 -1.41
CA GLU Q 1428 48.58 -72.84 -1.57
C GLU Q 1428 49.26 -72.31 -0.31
N GLY Q 1429 48.78 -72.77 0.85
CA GLY Q 1429 49.29 -72.26 2.11
C GLY Q 1429 50.77 -72.55 2.28
N THR Q 1430 51.24 -73.68 1.75
CA THR Q 1430 52.65 -74.07 1.80
C THR Q 1430 53.09 -74.46 0.40
N ILE Q 1431 53.55 -73.47 -0.37
CA ILE Q 1431 54.15 -73.70 -1.68
C ILE Q 1431 55.55 -73.11 -1.65
N THR Q 1432 56.55 -73.99 -1.57
CA THR Q 1432 57.94 -73.59 -1.47
C THR Q 1432 58.77 -74.42 -2.44
N PRO Q 1433 59.86 -73.87 -2.96
CA PRO Q 1433 60.80 -74.68 -3.73
C PRO Q 1433 61.37 -75.80 -2.86
N HIS Q 1434 61.55 -76.98 -3.46
CA HIS Q 1434 62.05 -78.12 -2.70
C HIS Q 1434 63.47 -77.88 -2.22
N GLN Q 1435 64.27 -77.15 -3.01
CA GLN Q 1435 65.61 -76.78 -2.56
C GLN Q 1435 65.54 -75.92 -1.31
N ARG Q 1436 64.61 -74.97 -1.28
CA ARG Q 1436 64.36 -74.24 -0.04
C ARG Q 1436 63.75 -75.14 1.02
N ALA Q 1437 62.85 -76.03 0.60
CA ALA Q 1437 62.18 -76.92 1.55
C ALA Q 1437 63.16 -77.85 2.24
N ILE Q 1438 64.09 -78.44 1.48
CA ILE Q 1438 65.09 -79.30 2.09
C ILE Q 1438 66.02 -78.50 3.00
N MET Q 1439 66.28 -77.24 2.63
CA MET Q 1439 66.98 -76.35 3.54
C MET Q 1439 66.16 -76.11 4.80
N ASP Q 1440 64.85 -75.95 4.65
CA ASP Q 1440 63.97 -75.86 5.80
C ASP Q 1440 63.92 -77.19 6.56
N LEU Q 1441 63.85 -78.30 5.82
CA LEU Q 1441 63.69 -79.59 6.47
C LEU Q 1441 64.96 -80.04 7.19
N GLY Q 1442 66.12 -79.83 6.58
CA GLY Q 1442 67.36 -80.36 7.12
C GLY Q 1442 68.34 -79.30 7.61
N ALA Q 1443 69.23 -79.71 8.52
CA ALA Q 1443 70.25 -78.83 9.04
C ALA Q 1443 71.34 -78.61 7.99
N SER Q 1444 72.19 -77.62 8.26
CA SER Q 1444 73.28 -77.30 7.33
C SER Q 1444 74.25 -78.47 7.21
N VAL Q 1445 74.60 -79.10 8.32
CA VAL Q 1445 75.56 -80.20 8.32
C VAL Q 1445 74.85 -81.49 7.90
N THR Q 1446 75.34 -82.11 6.83
CA THR Q 1446 74.80 -83.39 6.39
C THR Q 1446 75.91 -84.42 6.20
N TYR Q 1476 80.66 -77.31 15.50
CA TYR Q 1476 81.64 -77.66 14.47
C TYR Q 1476 80.98 -77.75 13.10
N LEU Q 1477 80.76 -76.59 12.47
CA LEU Q 1477 80.18 -76.59 11.13
C LEU Q 1477 81.17 -77.16 10.12
N SER Q 1478 82.33 -76.52 9.98
CA SER Q 1478 83.38 -77.00 9.08
C SER Q 1478 84.70 -76.43 9.59
N GLY Q 1479 85.47 -77.25 10.30
CA GLY Q 1479 86.72 -76.80 10.90
C GLY Q 1479 87.93 -77.18 10.06
N PHE Q 1480 87.78 -77.06 8.74
CA PHE Q 1480 88.85 -77.42 7.82
C PHE Q 1480 90.04 -76.48 7.91
N SER Q 1481 91.21 -77.01 7.56
CA SER Q 1481 92.37 -76.20 7.21
C SER Q 1481 92.40 -75.86 5.73
N MET Q 1482 91.25 -75.97 5.07
CA MET Q 1482 91.15 -75.81 3.63
C MET Q 1482 91.42 -74.37 3.22
N ASP Q 1483 92.00 -74.21 2.04
CA ASP Q 1483 92.18 -72.89 1.44
C ASP Q 1483 91.02 -72.59 0.51
N ILE Q 1484 90.66 -71.30 0.42
CA ILE Q 1484 89.53 -70.85 -0.37
C ILE Q 1484 89.99 -69.75 -1.30
N GLY Q 1485 89.67 -69.88 -2.59
CA GLY Q 1485 90.00 -68.87 -3.57
C GLY Q 1485 89.27 -67.56 -3.30
N TYR Q 1486 89.87 -66.44 -3.70
CA TYR Q 1486 89.34 -65.12 -3.37
C TYR Q 1486 89.28 -64.18 -4.58
N LEU Q 1487 88.76 -64.64 -5.71
CA LEU Q 1487 88.59 -63.74 -6.85
C LEU Q 1487 87.16 -63.20 -6.89
N LEU Q 1488 87.05 -61.89 -7.10
CA LEU Q 1488 85.76 -61.22 -7.12
C LEU Q 1488 85.95 -59.84 -7.75
N HIS Q 1489 84.85 -59.11 -7.89
CA HIS Q 1489 84.89 -57.76 -8.43
C HIS Q 1489 85.38 -56.78 -7.37
N PHE Q 1490 86.49 -56.11 -7.65
CA PHE Q 1490 86.94 -55.13 -6.68
C PHE Q 1490 86.14 -53.84 -6.82
N PRO Q 1491 85.83 -53.17 -5.71
CA PRO Q 1491 85.03 -51.95 -5.79
C PRO Q 1491 85.73 -50.87 -6.61
N THR Q 1492 84.92 -50.13 -7.38
CA THR Q 1492 85.41 -49.05 -8.22
C THR Q 1492 84.77 -47.75 -7.75
N SER Q 1493 85.55 -46.67 -7.76
CA SER Q 1493 85.06 -45.40 -7.24
C SER Q 1493 83.96 -44.83 -8.13
N ILE Q 1494 84.28 -44.53 -9.39
CA ILE Q 1494 83.30 -43.95 -10.29
C ILE Q 1494 83.15 -44.82 -11.53
N GLY Q 1495 84.20 -44.92 -12.34
CA GLY Q 1495 84.15 -45.69 -13.57
C GLY Q 1495 85.42 -46.44 -13.86
N TYR Q 1496 86.17 -46.83 -12.82
CA TYR Q 1496 87.46 -47.46 -13.03
C TYR Q 1496 87.33 -48.92 -13.45
N GLU Q 1497 86.16 -49.53 -13.24
CA GLU Q 1497 85.92 -50.94 -13.60
C GLU Q 1497 86.92 -51.88 -12.93
N PHE Q 1498 87.17 -51.68 -11.64
CA PHE Q 1498 88.12 -52.50 -10.92
C PHE Q 1498 87.62 -53.94 -10.80
N PHE Q 1499 88.52 -54.89 -11.00
CA PHE Q 1499 88.19 -56.30 -10.91
C PHE Q 1499 89.45 -57.08 -10.55
N SER Q 1500 89.25 -58.25 -9.95
CA SER Q 1500 90.36 -59.10 -9.52
C SER Q 1500 90.10 -60.55 -9.91
N LEU Q 1501 91.15 -61.21 -10.39
CA LEU Q 1501 91.13 -62.66 -10.66
C LEU Q 1501 92.22 -63.27 -9.81
N PHE Q 1502 91.91 -63.53 -8.54
CA PHE Q 1502 92.89 -63.91 -7.54
C PHE Q 1502 92.61 -65.30 -7.00
N LYS Q 1503 93.66 -66.12 -6.93
CA LYS Q 1503 93.59 -67.42 -6.31
C LYS Q 1503 94.44 -67.40 -5.05
N SER Q 1504 93.83 -67.77 -3.91
CA SER Q 1504 94.56 -67.71 -2.65
C SER Q 1504 95.78 -68.62 -2.68
N TRP Q 1505 95.63 -69.82 -3.24
CA TRP Q 1505 96.79 -70.68 -3.47
C TRP Q 1505 97.65 -70.19 -4.63
N GLY Q 1506 97.07 -69.41 -5.55
CA GLY Q 1506 97.85 -68.91 -6.67
C GLY Q 1506 98.81 -67.80 -6.27
N ASP Q 1507 98.50 -67.10 -5.18
CA ASP Q 1507 99.35 -66.04 -4.62
C ASP Q 1507 99.44 -64.83 -5.55
N THR Q 1508 98.79 -64.90 -6.71
CA THR Q 1508 98.81 -63.81 -7.68
C THR Q 1508 97.44 -63.17 -7.72
N ILE Q 1509 97.39 -61.85 -7.48
CA ILE Q 1509 96.12 -61.14 -7.51
C ILE Q 1509 95.54 -61.13 -8.91
N THR Q 1510 96.41 -61.06 -9.94
CA THR Q 1510 96.03 -61.11 -11.35
C THR Q 1510 94.75 -60.31 -11.60
N ILE Q 1511 94.78 -59.04 -11.22
CA ILE Q 1511 93.59 -58.21 -11.31
C ILE Q 1511 93.33 -57.80 -12.76
N LEU Q 1512 92.06 -57.73 -13.12
CA LEU Q 1512 91.59 -57.04 -14.30
C LEU Q 1512 91.30 -55.59 -14.01
N VAL Q 1513 91.57 -55.14 -12.77
CA VAL Q 1513 91.24 -53.80 -12.33
C VAL Q 1513 91.90 -52.76 -13.24
N LEU Q 1514 91.34 -51.55 -13.22
CA LEU Q 1514 91.68 -50.50 -14.18
C LEU Q 1514 91.48 -51.02 -15.60
N LYS Q 1515 90.30 -51.59 -15.84
CA LYS Q 1515 89.98 -52.14 -17.17
C LYS Q 1515 90.19 -51.14 -18.30
N PRO Q 1516 89.73 -49.87 -18.20
CA PRO Q 1516 90.09 -48.90 -19.25
C PRO Q 1516 91.58 -48.73 -19.40
N SER Q 1517 92.12 -49.08 -20.57
CA SER Q 1517 93.55 -49.01 -20.80
C SER Q 1517 94.04 -47.58 -20.97
N ASN Q 1518 93.14 -46.63 -21.24
CA ASN Q 1518 93.56 -45.26 -21.49
C ASN Q 1518 94.21 -44.62 -20.26
N GLN Q 1519 93.64 -44.88 -19.08
CA GLN Q 1519 94.12 -44.29 -17.84
C GLN Q 1519 94.56 -45.39 -16.87
N ALA Q 1520 95.65 -45.14 -16.16
CA ALA Q 1520 96.21 -46.10 -15.20
C ALA Q 1520 95.56 -45.86 -13.84
N GLN Q 1521 94.34 -46.37 -13.70
CA GLN Q 1521 93.63 -46.26 -12.41
C GLN Q 1521 94.37 -47.02 -11.31
N GLU Q 1522 94.88 -48.20 -11.62
CA GLU Q 1522 95.54 -49.03 -10.63
C GLU Q 1522 96.99 -48.59 -10.44
N ILE Q 1523 97.40 -48.45 -9.18
CA ILE Q 1523 98.77 -48.04 -8.87
C ILE Q 1523 99.66 -49.28 -8.80
N ASN Q 1524 100.98 -49.04 -8.84
CA ASN Q 1524 101.94 -50.14 -8.73
C ASN Q 1524 101.80 -50.88 -7.41
N ALA Q 1525 101.40 -50.17 -6.35
CA ALA Q 1525 101.09 -50.76 -5.04
C ALA Q 1525 102.30 -51.43 -4.40
N SER Q 1526 103.50 -50.88 -4.60
CA SER Q 1526 104.66 -51.34 -3.86
C SER Q 1526 104.72 -50.69 -2.48
N SER Q 1527 104.69 -49.36 -2.44
CA SER Q 1527 104.52 -48.66 -1.17
C SER Q 1527 103.18 -49.00 -0.55
N LEU Q 1528 102.13 -49.11 -1.37
CA LEU Q 1528 100.86 -49.63 -0.87
C LEU Q 1528 101.05 -51.02 -0.29
N GLY Q 1529 101.91 -51.84 -0.90
CA GLY Q 1529 102.16 -53.18 -0.37
C GLY Q 1529 102.85 -53.17 0.99
N GLN Q 1530 103.83 -52.30 1.17
CA GLN Q 1530 104.53 -52.28 2.46
C GLN Q 1530 103.64 -51.68 3.55
N ILE Q 1531 102.86 -50.64 3.23
CA ILE Q 1531 101.90 -50.15 4.21
C ILE Q 1531 100.84 -51.20 4.50
N TYR Q 1532 100.47 -51.96 3.46
CA TYR Q 1532 99.57 -53.10 3.60
C TYR Q 1532 100.07 -54.07 4.64
N LYS Q 1533 101.32 -54.49 4.51
CA LYS Q 1533 101.90 -55.42 5.47
C LYS Q 1533 102.04 -54.80 6.86
N GLN Q 1534 102.43 -53.53 6.95
CA GLN Q 1534 102.64 -52.97 8.28
C GLN Q 1534 101.32 -52.83 9.03
N MET Q 1535 100.22 -52.54 8.33
CA MET Q 1535 98.92 -52.65 8.98
C MET Q 1535 98.54 -54.11 9.21
N PHE Q 1536 99.07 -55.03 8.39
CA PHE Q 1536 98.79 -56.44 8.57
C PHE Q 1536 99.31 -56.92 9.92
N GLU Q 1537 100.51 -56.47 10.31
CA GLU Q 1537 100.94 -56.70 11.69
C GLU Q 1537 100.20 -55.78 12.66
N LYS Q 1538 99.79 -54.60 12.21
CA LYS Q 1538 98.96 -53.76 13.08
C LYS Q 1538 97.61 -54.41 13.36
N LYS Q 1539 96.99 -55.00 12.33
CA LYS Q 1539 95.72 -55.67 12.49
C LYS Q 1539 95.89 -57.19 12.63
N LYS Q 1540 97.05 -57.64 13.12
CA LYS Q 1540 97.31 -59.07 13.18
C LYS Q 1540 96.35 -59.79 14.12
N GLY Q 1541 95.86 -59.09 15.15
CA GLY Q 1541 95.04 -59.74 16.16
C GLY Q 1541 93.80 -60.40 15.58
N LYS Q 1542 93.13 -59.71 14.65
CA LYS Q 1542 92.08 -60.35 13.86
C LYS Q 1542 92.65 -61.26 12.79
N ILE Q 1543 93.94 -61.08 12.44
CA ILE Q 1543 94.51 -61.83 11.32
C ILE Q 1543 94.64 -63.31 11.65
N GLU Q 1544 95.15 -63.64 12.85
CA GLU Q 1544 95.35 -65.08 13.09
C GLU Q 1544 94.01 -65.81 13.08
N THR Q 1545 92.96 -65.13 13.53
CA THR Q 1545 91.61 -65.68 13.37
C THR Q 1545 91.23 -65.78 11.90
N TYR Q 1546 91.57 -64.77 11.11
CA TYR Q 1546 91.31 -64.81 9.67
C TYR Q 1546 92.36 -65.62 8.91
N SER Q 1547 93.53 -65.88 9.51
CA SER Q 1547 94.55 -66.69 8.84
C SER Q 1547 94.09 -68.14 8.72
N TYR Q 1548 93.30 -68.61 9.67
CA TYR Q 1548 92.70 -69.94 9.56
C TYR Q 1548 91.61 -69.91 8.49
N LEU Q 1549 91.34 -71.08 7.92
CA LEU Q 1549 90.24 -71.37 7.00
C LEU Q 1549 90.51 -70.79 5.60
N VAL Q 1550 91.55 -69.98 5.42
CA VAL Q 1550 91.90 -69.41 4.12
C VAL Q 1550 93.30 -68.81 4.21
N ASP Q 1551 94.08 -68.92 3.13
CA ASP Q 1551 95.44 -68.39 3.12
C ASP Q 1551 95.39 -66.89 2.90
N ILE Q 1552 95.58 -66.13 3.97
CA ILE Q 1552 95.54 -64.68 3.90
C ILE Q 1552 96.80 -64.02 4.44
N LYS Q 1553 97.52 -64.65 5.38
CA LYS Q 1553 98.73 -64.05 5.91
C LYS Q 1553 99.77 -63.82 4.82
N GLU Q 1554 99.70 -64.59 3.74
CA GLU Q 1554 100.58 -64.37 2.59
C GLU Q 1554 100.40 -62.97 2.02
N ASP Q 1555 101.52 -62.36 1.64
CA ASP Q 1555 101.49 -61.08 0.96
C ASP Q 1555 100.99 -61.24 -0.47
N ILE Q 1556 100.13 -60.33 -0.90
CA ILE Q 1556 99.53 -60.38 -2.22
C ILE Q 1556 100.23 -59.37 -3.11
N ASN Q 1557 100.81 -59.85 -4.20
CA ASN Q 1557 101.43 -58.97 -5.19
C ASN Q 1557 100.37 -58.21 -5.97
N PHE Q 1558 100.80 -57.19 -6.70
CA PHE Q 1558 99.91 -56.35 -7.48
C PHE Q 1558 100.33 -56.39 -8.96
N GLU Q 1559 99.42 -56.83 -9.82
CA GLU Q 1559 99.68 -56.92 -11.26
C GLU Q 1559 98.44 -56.45 -12.01
N PHE Q 1560 98.40 -55.15 -12.31
CA PHE Q 1560 97.25 -54.58 -12.99
C PHE Q 1560 97.25 -54.97 -14.48
N VAL Q 1561 96.06 -55.24 -15.01
CA VAL Q 1561 95.87 -55.61 -16.39
C VAL Q 1561 94.86 -54.65 -17.02
N TYR Q 1562 95.19 -54.13 -18.19
CA TYR Q 1562 94.35 -53.18 -18.91
C TYR Q 1562 93.74 -53.85 -20.12
N PHE Q 1563 92.42 -53.73 -20.27
CA PHE Q 1563 91.69 -54.37 -21.36
C PHE Q 1563 90.93 -53.31 -22.16
N THR Q 1564 91.25 -53.19 -23.44
CA THR Q 1564 90.54 -52.26 -24.30
C THR Q 1564 89.08 -52.67 -24.47
N ASP Q 1565 88.82 -53.98 -24.64
CA ASP Q 1565 87.48 -54.49 -24.90
C ASP Q 1565 87.04 -55.40 -23.76
N ILE Q 1566 85.76 -55.30 -23.38
CA ILE Q 1566 85.24 -56.08 -22.28
C ILE Q 1566 85.06 -57.55 -22.65
N SER Q 1567 84.95 -57.86 -23.94
CA SER Q 1567 84.86 -59.27 -24.34
C SER Q 1567 86.16 -60.00 -24.02
N LYS Q 1568 87.30 -59.33 -24.18
CA LYS Q 1568 88.57 -59.91 -23.74
C LYS Q 1568 88.57 -60.13 -22.22
N LEU Q 1569 87.92 -59.23 -21.48
CA LEU Q 1569 87.76 -59.43 -20.04
C LEU Q 1569 86.94 -60.67 -19.75
N TYR Q 1570 85.85 -60.88 -20.50
CA TYR Q 1570 85.03 -62.07 -20.31
C TYR Q 1570 85.82 -63.33 -20.64
N ARG Q 1571 86.64 -63.27 -21.68
CA ARG Q 1571 87.49 -64.41 -22.01
C ARG Q 1571 88.52 -64.67 -20.92
N ARG Q 1572 89.07 -63.62 -20.31
CA ARG Q 1572 90.02 -63.81 -19.22
C ARG Q 1572 89.33 -64.44 -18.02
N LEU Q 1573 88.10 -64.03 -17.73
CA LEU Q 1573 87.33 -64.68 -16.66
C LEU Q 1573 87.04 -66.15 -16.99
N SER Q 1574 86.72 -66.44 -18.25
CA SER Q 1574 86.51 -67.82 -18.65
C SER Q 1574 87.76 -68.66 -18.42
N GLN Q 1575 88.93 -68.11 -18.79
CA GLN Q 1575 90.17 -68.85 -18.59
C GLN Q 1575 90.52 -68.96 -17.11
N GLU Q 1576 90.14 -67.96 -16.31
CA GLU Q 1576 90.28 -68.07 -14.86
C GLU Q 1576 89.42 -69.21 -14.32
N THR Q 1577 88.20 -69.34 -14.84
CA THR Q 1577 87.37 -70.47 -14.45
C THR Q 1577 88.00 -71.79 -14.88
N THR Q 1578 88.67 -71.80 -16.04
CA THR Q 1578 89.37 -73.00 -16.48
C THR Q 1578 90.50 -73.35 -15.52
N LYS Q 1579 91.14 -72.34 -14.91
CA LYS Q 1579 92.05 -72.64 -13.81
C LYS Q 1579 91.29 -73.17 -12.60
N LEU Q 1580 90.14 -72.57 -12.29
CA LEU Q 1580 89.41 -72.92 -11.08
C LEU Q 1580 88.84 -74.33 -11.18
N LYS Q 1581 89.16 -75.16 -10.20
CA LYS Q 1581 88.85 -76.60 -10.07
C LYS Q 1581 89.77 -77.46 -10.92
N GLU Q 1582 90.85 -76.92 -11.48
CA GLU Q 1582 91.90 -77.70 -12.13
C GLU Q 1582 93.27 -77.44 -11.53
N GLU Q 1583 93.57 -76.19 -11.16
CA GLU Q 1583 94.78 -75.91 -10.41
C GLU Q 1583 94.77 -76.63 -9.07
N ARG Q 1584 93.62 -76.59 -8.38
CA ARG Q 1584 93.42 -77.45 -7.22
C ARG Q 1584 92.96 -78.85 -7.62
N GLY Q 1585 92.48 -79.01 -8.84
CA GLY Q 1585 91.99 -80.30 -9.30
C GLY Q 1585 90.67 -80.64 -8.67
N LEU Q 1586 90.69 -80.84 -7.36
CA LEU Q 1586 89.49 -80.99 -6.55
C LEU Q 1586 89.65 -80.14 -5.30
N GLN Q 1587 88.61 -80.12 -4.48
CA GLN Q 1587 88.63 -79.41 -3.21
C GLN Q 1587 88.95 -77.93 -3.42
N PHE Q 1588 88.05 -77.24 -4.12
CA PHE Q 1588 88.18 -75.83 -4.40
C PHE Q 1588 86.95 -75.08 -3.91
N LEU Q 1589 87.17 -74.03 -3.13
CA LEU Q 1589 86.13 -73.09 -2.75
C LEU Q 1589 86.51 -71.69 -3.21
N LEU Q 1590 85.50 -70.91 -3.58
CA LEU Q 1590 85.67 -69.55 -4.04
C LEU Q 1590 84.88 -68.60 -3.15
N LEU Q 1591 85.48 -67.44 -2.84
CA LEU Q 1591 84.83 -66.37 -2.09
C LEU Q 1591 84.54 -65.24 -3.06
N LEU Q 1592 83.26 -64.99 -3.31
CA LEU Q 1592 82.82 -63.92 -4.20
C LEU Q 1592 81.84 -63.05 -3.40
N GLN Q 1593 82.38 -62.04 -2.73
CA GLN Q 1593 81.58 -61.11 -1.95
C GLN Q 1593 81.20 -59.85 -2.71
N SER Q 1594 81.51 -59.76 -3.99
CA SER Q 1594 81.19 -58.58 -4.77
C SER Q 1594 79.76 -58.66 -5.29
N PRO Q 1595 78.86 -57.79 -4.83
CA PRO Q 1595 77.46 -57.88 -5.31
C PRO Q 1595 77.31 -57.64 -6.80
N PHE Q 1596 78.15 -56.79 -7.39
CA PHE Q 1596 78.00 -56.45 -8.80
C PHE Q 1596 78.26 -57.67 -9.69
N ILE Q 1597 79.27 -58.48 -9.33
CA ILE Q 1597 79.61 -59.67 -10.11
C ILE Q 1597 79.12 -60.96 -9.46
N THR Q 1598 78.30 -60.87 -8.41
CA THR Q 1598 77.79 -62.08 -7.78
C THR Q 1598 76.90 -62.86 -8.74
N LYS Q 1599 76.02 -62.17 -9.47
CA LYS Q 1599 75.11 -62.86 -10.38
C LYS Q 1599 75.82 -63.31 -11.65
N LEU Q 1600 76.78 -62.50 -12.14
CA LEU Q 1600 77.42 -62.81 -13.42
C LEU Q 1600 78.36 -64.01 -13.29
N LEU Q 1601 79.14 -64.06 -12.21
CA LEU Q 1601 80.10 -65.15 -12.03
C LEU Q 1601 79.39 -66.49 -11.89
N GLY Q 1602 78.26 -66.50 -11.18
CA GLY Q 1602 77.50 -67.74 -11.04
C GLY Q 1602 77.09 -68.32 -12.39
N THR Q 1603 76.70 -67.45 -13.33
CA THR Q 1603 76.43 -67.90 -14.68
C THR Q 1603 77.70 -68.34 -15.39
N ILE Q 1604 78.78 -67.56 -15.22
CA ILE Q 1604 80.04 -67.91 -15.87
C ILE Q 1604 80.63 -69.18 -15.26
N ARG Q 1605 80.64 -69.26 -13.94
CA ARG Q 1605 81.16 -70.45 -13.26
C ARG Q 1605 80.18 -71.61 -13.41
N LEU Q 1606 80.73 -72.80 -13.62
CA LEU Q 1606 79.94 -74.02 -13.75
C LEU Q 1606 80.26 -74.94 -12.57
N LEU Q 1607 79.23 -75.27 -11.79
CA LEU Q 1607 79.33 -76.15 -10.63
C LEU Q 1607 80.28 -75.62 -9.57
N ASN Q 1608 80.67 -74.35 -9.64
CA ASN Q 1608 81.57 -73.79 -8.64
C ASN Q 1608 80.79 -73.37 -7.40
N GLN Q 1609 81.51 -73.26 -6.28
CA GLN Q 1609 80.93 -72.99 -4.98
C GLN Q 1609 81.37 -71.60 -4.52
N MET Q 1610 80.39 -70.77 -4.13
CA MET Q 1610 80.70 -69.44 -3.64
C MET Q 1610 79.60 -68.94 -2.71
N PRO Q 1611 79.94 -68.38 -1.56
CA PRO Q 1611 78.92 -67.78 -0.70
C PRO Q 1611 78.33 -66.53 -1.35
N ILE Q 1612 77.08 -66.24 -0.97
CA ILE Q 1612 76.35 -65.12 -1.55
C ILE Q 1612 76.54 -63.82 -0.78
N VAL Q 1613 77.04 -63.88 0.45
CA VAL Q 1613 77.16 -62.70 1.29
C VAL Q 1613 78.10 -61.69 0.64
N LYS Q 1614 77.88 -60.41 0.93
CA LYS Q 1614 78.59 -59.33 0.28
C LYS Q 1614 79.57 -58.65 1.23
N LEU Q 1615 80.68 -58.18 0.66
CA LEU Q 1615 81.59 -57.27 1.34
C LEU Q 1615 81.07 -55.85 1.19
N SER Q 1616 81.80 -54.87 1.71
CA SER Q 1616 81.46 -53.48 1.51
C SER Q 1616 81.27 -53.19 0.03
N LEU Q 1617 80.17 -52.50 -0.30
CA LEU Q 1617 79.78 -52.33 -1.70
C LEU Q 1617 80.83 -51.54 -2.47
N ASN Q 1618 81.39 -50.50 -1.86
CA ASN Q 1618 82.41 -49.68 -2.52
C ASN Q 1618 83.42 -49.22 -1.48
N GLU Q 1619 84.54 -48.70 -1.97
CA GLU Q 1619 85.62 -48.21 -1.14
C GLU Q 1619 85.60 -46.68 -1.14
N VAL Q 1620 86.63 -46.08 -0.52
CA VAL Q 1620 86.72 -44.63 -0.48
C VAL Q 1620 86.84 -44.07 -1.89
N LEU Q 1621 86.12 -43.00 -2.15
CA LEU Q 1621 86.04 -42.41 -3.50
C LEU Q 1621 87.29 -41.56 -3.73
N LEU Q 1622 88.37 -42.23 -4.13
CA LEU Q 1622 89.62 -41.55 -4.43
C LEU Q 1622 90.27 -42.12 -5.69
N GLN Q 1624 90.95 -40.31 -9.89
CA GLN Q 1624 91.32 -41.68 -9.59
C GLN Q 1624 92.83 -41.87 -9.56
N LEU Q 1625 93.56 -40.77 -9.78
CA LEU Q 1625 95.02 -40.84 -9.73
C LEU Q 1625 95.51 -41.22 -8.35
N ASN Q 1626 94.91 -40.65 -7.31
CA ASN Q 1626 95.26 -40.98 -5.92
C ASN Q 1626 94.43 -42.16 -5.40
N TRP Q 1627 94.45 -43.25 -6.16
CA TRP Q 1627 93.70 -44.44 -5.76
C TRP Q 1627 94.43 -45.26 -4.70
N GLN Q 1628 95.72 -44.99 -4.48
CA GLN Q 1628 96.47 -45.75 -3.48
C GLN Q 1628 95.88 -45.68 -2.08
N PRO Q 1629 95.54 -44.51 -1.53
CA PRO Q 1629 94.98 -44.50 -0.17
C PRO Q 1629 93.71 -45.33 -0.02
N THR Q 1630 92.85 -45.34 -1.05
CA THR Q 1630 91.62 -46.13 -0.97
C THR Q 1630 91.80 -47.56 -1.45
N LEU Q 1631 92.71 -47.80 -2.41
CA LEU Q 1631 93.01 -49.18 -2.79
C LEU Q 1631 93.59 -49.94 -1.62
N LEU Q 1632 94.46 -49.29 -0.85
CA LEU Q 1632 95.07 -49.91 0.31
C LEU Q 1632 94.01 -50.34 1.32
N LYS Q 1633 93.12 -49.42 1.68
CA LYS Q 1633 92.07 -49.73 2.65
C LYS Q 1633 91.12 -50.79 2.11
N LYS Q 1634 90.77 -50.71 0.82
CA LYS Q 1634 89.87 -51.68 0.23
C LYS Q 1634 90.48 -53.09 0.25
N LEU Q 1635 91.77 -53.19 -0.05
CA LEU Q 1635 92.41 -54.50 -0.05
C LEU Q 1635 92.59 -55.04 1.37
N VAL Q 1636 92.89 -54.14 2.33
CA VAL Q 1636 92.93 -54.56 3.73
C VAL Q 1636 91.58 -55.12 4.15
N ASN Q 1637 90.52 -54.40 3.80
CA ASN Q 1637 89.17 -54.87 4.11
C ASN Q 1637 88.89 -56.20 3.43
N HIS Q 1638 89.37 -56.37 2.20
CA HIS Q 1638 89.15 -57.63 1.48
C HIS Q 1638 89.80 -58.81 2.20
N VAL Q 1639 91.08 -58.66 2.57
CA VAL Q 1639 91.78 -59.79 3.17
C VAL Q 1639 91.23 -60.09 4.57
N LEU Q 1640 90.92 -59.06 5.34
CA LEU Q 1640 90.31 -59.32 6.65
C LEU Q 1640 88.92 -59.91 6.49
N SER Q 1641 88.18 -59.47 5.46
CA SER Q 1641 86.81 -59.87 5.28
C SER Q 1641 86.69 -61.30 4.77
N SER Q 1642 87.70 -61.79 4.05
CA SER Q 1642 87.70 -63.20 3.69
C SER Q 1642 87.46 -64.06 4.92
N GLY Q 1643 88.38 -63.97 5.88
CA GLY Q 1643 88.23 -64.72 7.11
C GLY Q 1643 87.03 -64.31 7.94
N SER Q 1644 86.74 -63.00 7.97
CA SER Q 1644 85.61 -62.52 8.76
C SER Q 1644 84.30 -63.10 8.25
N TRP Q 1645 84.08 -63.06 6.94
CA TRP Q 1645 82.86 -63.60 6.36
C TRP Q 1645 82.82 -65.11 6.51
N ILE Q 1646 83.96 -65.79 6.36
CA ILE Q 1646 83.98 -67.24 6.53
C ILE Q 1646 83.56 -67.61 7.95
N SER Q 1647 84.17 -66.98 8.96
CA SER Q 1647 83.84 -67.28 10.34
C SER Q 1647 82.41 -66.89 10.67
N HIS Q 1648 81.96 -65.73 10.18
CA HIS Q 1648 80.59 -65.30 10.44
C HIS Q 1648 79.58 -66.25 9.82
N LEU Q 1649 79.83 -66.71 8.59
CA LEU Q 1649 78.95 -67.70 7.97
C LEU Q 1649 78.94 -69.00 8.76
N ILE Q 1650 80.11 -69.43 9.23
CA ILE Q 1650 80.18 -70.69 9.97
C ILE Q 1650 79.39 -70.59 11.26
N LYS Q 1651 79.59 -69.53 12.02
CA LYS Q 1651 78.90 -69.39 13.30
C LYS Q 1651 77.40 -69.14 13.10
N LEU Q 1652 77.04 -68.38 12.07
CA LEU Q 1652 75.62 -68.14 11.79
C LEU Q 1652 74.94 -69.43 11.33
N SER Q 1653 75.65 -70.29 10.60
CA SER Q 1653 75.06 -71.55 10.18
C SER Q 1653 74.95 -72.51 11.36
N GLN Q 1654 75.93 -72.49 12.27
CA GLN Q 1654 75.81 -73.27 13.49
C GLN Q 1654 74.60 -72.84 14.31
N TYR Q 1655 74.40 -71.52 14.42
CA TYR Q 1655 73.22 -71.00 15.10
C TYR Q 1655 71.95 -71.31 14.30
N SER Q 1656 72.06 -71.48 12.98
CA SER Q 1656 70.91 -71.48 12.09
C SER Q 1656 70.65 -72.80 11.39
N ASN Q 1657 71.66 -73.68 11.28
CA ASN Q 1657 71.54 -74.92 10.52
C ASN Q 1657 71.14 -74.64 9.07
N ILE Q 1658 71.71 -73.58 8.50
CA ILE Q 1658 71.36 -73.13 7.16
C ILE Q 1658 72.65 -73.01 6.34
N PRO Q 1659 72.56 -73.16 5.03
CA PRO Q 1659 73.77 -73.09 4.19
C PRO Q 1659 74.30 -71.67 4.08
N ILE Q 1660 75.55 -71.58 3.61
CA ILE Q 1660 76.14 -70.29 3.32
C ILE Q 1660 75.46 -69.59 2.14
N CYS Q 1661 74.75 -70.35 1.30
CA CYS Q 1661 74.03 -69.76 0.19
C CYS Q 1661 72.87 -68.88 0.65
N ASN Q 1662 72.41 -69.05 1.89
CA ASN Q 1662 71.34 -68.22 2.42
C ASN Q 1662 71.75 -66.75 2.36
N LEU Q 1663 70.85 -65.92 1.83
CA LEU Q 1663 71.15 -64.52 1.58
C LEU Q 1663 71.09 -63.73 2.88
N ARG Q 1664 72.18 -63.02 3.17
CA ARG Q 1664 72.23 -62.13 4.33
C ARG Q 1664 72.90 -60.81 3.98
N LEU Q 1665 73.26 -60.60 2.72
CA LEU Q 1665 73.95 -59.38 2.33
C LEU Q 1665 73.07 -58.15 2.54
N ASP Q 1666 71.80 -58.25 2.16
CA ASP Q 1666 70.85 -57.20 2.50
C ASP Q 1666 70.52 -57.22 3.99
N SER Q 1667 70.22 -58.41 4.51
CA SER Q 1667 69.89 -58.63 5.91
C SER Q 1667 69.78 -60.13 6.14
N MET Q 1668 70.07 -60.54 7.37
CA MET Q 1668 69.91 -61.95 7.73
C MET Q 1668 68.46 -62.34 8.00
N ASP Q 1669 67.50 -61.52 7.56
CA ASP Q 1669 66.09 -61.86 7.71
C ASP Q 1669 65.70 -63.11 6.95
N TYR Q 1670 66.46 -63.48 5.91
CA TYR Q 1670 66.20 -64.75 5.25
C TYR Q 1670 66.54 -65.93 6.15
N ILE Q 1671 67.60 -65.77 6.96
CA ILE Q 1671 67.89 -66.75 8.00
C ILE Q 1671 66.77 -66.79 9.02
N ILE Q 1672 66.21 -65.63 9.34
CA ILE Q 1672 65.03 -65.62 10.22
C ILE Q 1672 63.89 -66.40 9.58
N ASP Q 1673 63.73 -66.27 8.26
CA ASP Q 1673 62.71 -67.03 7.55
C ASP Q 1673 62.95 -68.52 7.67
N VAL Q 1674 64.19 -68.95 7.46
CA VAL Q 1674 64.46 -70.39 7.45
C VAL Q 1674 64.32 -70.98 8.85
N LEU Q 1675 64.75 -70.23 9.88
CA LEU Q 1675 64.55 -70.70 11.25
C LEU Q 1675 63.08 -70.74 11.63
N TYR Q 1676 62.30 -69.73 11.25
CA TYR Q 1676 60.87 -69.78 11.58
C TYR Q 1676 60.18 -70.90 10.83
N ALA Q 1677 60.61 -71.18 9.60
CA ALA Q 1677 60.08 -72.32 8.86
C ALA Q 1677 60.40 -73.62 9.57
N ARG Q 1678 61.63 -73.76 10.07
CA ARG Q 1678 61.99 -74.95 10.83
C ARG Q 1678 61.14 -75.08 12.09
N LYS Q 1679 60.94 -73.97 12.80
CA LYS Q 1679 60.14 -74.00 14.02
C LYS Q 1679 58.70 -74.39 13.74
N LEU Q 1680 58.11 -73.83 12.68
CA LEU Q 1680 56.74 -74.18 12.33
C LEU Q 1680 56.64 -75.64 11.88
N LYS Q 1681 57.63 -76.12 11.13
CA LYS Q 1681 57.62 -77.52 10.69
C LYS Q 1681 57.60 -78.47 11.87
N LYS Q 1682 58.17 -78.08 13.01
CA LYS Q 1682 58.08 -78.90 14.21
C LYS Q 1682 56.63 -79.05 14.67
N GLU Q 1683 55.86 -77.97 14.62
CA GLU Q 1683 54.48 -78.00 15.07
C GLU Q 1683 53.57 -78.58 13.99
N ASN Q 1684 52.33 -78.85 14.37
CA ASN Q 1684 51.35 -79.38 13.42
C ASN Q 1684 51.08 -78.39 12.29
N ILE Q 1685 50.97 -77.10 12.62
CA ILE Q 1685 50.79 -76.10 11.58
C ILE Q 1685 52.04 -76.04 10.71
N VAL Q 1686 51.85 -75.65 9.46
CA VAL Q 1686 52.92 -75.65 8.48
C VAL Q 1686 53.13 -74.22 8.00
N LEU Q 1687 54.39 -73.91 7.68
CA LEU Q 1687 54.84 -72.58 7.30
C LEU Q 1687 53.98 -71.97 6.19
N TRP Q 1688 53.94 -70.64 6.14
CA TRP Q 1688 53.31 -69.91 5.06
C TRP Q 1688 54.33 -69.29 4.11
N TRP Q 1689 55.59 -69.71 4.20
CA TRP Q 1689 56.66 -69.11 3.40
C TRP Q 1689 56.40 -69.31 1.92
N ASN Q 1690 56.78 -68.30 1.13
CA ASN Q 1690 56.59 -68.33 -0.32
C ASN Q 1690 57.64 -67.41 -0.94
N GLU Q 1691 58.66 -68.03 -1.57
CA GLU Q 1691 59.72 -67.24 -2.19
C GLU Q 1691 59.19 -66.40 -3.35
N LYS Q 1692 58.27 -66.97 -4.14
CA LYS Q 1692 57.78 -66.27 -5.33
C LYS Q 1692 57.15 -64.93 -4.96
N ALA Q 1693 56.24 -64.93 -3.99
CA ALA Q 1693 55.61 -63.70 -3.54
C ALA Q 1693 56.04 -63.39 -2.11
N PRO Q 1694 56.80 -62.31 -1.88
CA PRO Q 1694 57.19 -61.97 -0.50
C PRO Q 1694 56.01 -61.68 0.41
N LEU Q 1695 54.84 -61.38 -0.14
CA LEU Q 1695 53.64 -61.25 0.67
C LEU Q 1695 53.32 -62.59 1.34
N PRO Q 1696 52.72 -62.57 2.53
CA PRO Q 1696 52.47 -63.83 3.25
C PRO Q 1696 51.52 -64.72 2.47
N ASP Q 1697 51.78 -66.01 2.48
CA ASP Q 1697 51.00 -66.98 1.71
C ASP Q 1697 50.14 -67.78 2.68
N HIS Q 1698 48.97 -67.24 2.99
CA HIS Q 1698 48.01 -67.90 3.84
C HIS Q 1698 46.86 -68.40 2.98
N GLY Q 1699 46.52 -69.68 3.14
CA GLY Q 1699 45.50 -70.27 2.30
C GLY Q 1699 45.93 -70.28 0.85
N GLY Q 1700 44.96 -70.06 -0.03
CA GLY Q 1700 45.24 -70.15 -1.46
C GLY Q 1700 45.28 -68.83 -2.19
N ILE Q 1701 44.51 -67.85 -1.73
CA ILE Q 1701 44.42 -66.58 -2.45
C ILE Q 1701 45.73 -65.80 -2.36
N GLN Q 1702 46.19 -65.51 -1.14
CA GLN Q 1702 47.43 -64.77 -0.91
C GLN Q 1702 47.35 -63.37 -1.52
N ASN Q 1703 46.22 -63.05 -2.15
CA ASN Q 1703 46.08 -61.83 -2.92
C ASN Q 1703 44.74 -61.15 -2.70
N ASP Q 1704 43.94 -61.62 -1.74
CA ASP Q 1704 42.63 -61.02 -1.50
C ASP Q 1704 42.78 -59.61 -0.95
N PHE Q 1705 41.99 -58.68 -1.49
CA PHE Q 1705 42.05 -57.29 -1.09
C PHE Q 1705 40.71 -56.87 -0.49
N ASP Q 1706 40.77 -56.22 0.67
CA ASP Q 1706 39.59 -55.67 1.31
C ASP Q 1706 40.02 -54.48 2.16
N LEU Q 1707 39.08 -53.94 2.94
CA LEU Q 1707 39.39 -52.80 3.79
C LEU Q 1707 40.42 -53.17 4.85
N ASN Q 1708 40.34 -54.40 5.37
CA ASN Q 1708 41.28 -54.82 6.41
C ASN Q 1708 42.69 -55.01 5.85
N THR Q 1709 42.78 -55.43 4.58
CA THR Q 1709 44.09 -55.65 3.98
C THR Q 1709 44.91 -54.36 3.94
N SER Q 1710 44.27 -53.26 3.53
CA SER Q 1710 44.95 -51.97 3.57
C SER Q 1710 45.04 -51.43 4.98
N TRP Q 1711 44.13 -51.85 5.86
CA TRP Q 1711 44.11 -51.35 7.23
C TRP Q 1711 45.37 -51.78 7.99
N ILE Q 1712 45.79 -53.04 7.80
CA ILE Q 1712 46.91 -53.56 8.57
C ILE Q 1712 48.22 -52.91 8.12
N MET Q 1713 48.39 -52.71 6.81
CA MET Q 1713 49.65 -52.16 6.32
C MET Q 1713 49.76 -50.66 6.62
N ASN Q 1714 48.66 -49.94 6.48
CA ASN Q 1714 48.67 -48.50 6.69
C ASN Q 1714 48.65 -48.16 8.17
N ASP Q 1715 48.70 -46.85 8.46
CA ASP Q 1715 48.63 -46.29 9.81
C ASP Q 1715 49.52 -47.04 10.81
N SER Q 1716 50.67 -47.50 10.33
CA SER Q 1716 51.65 -48.17 11.18
C SER Q 1716 52.69 -47.17 11.66
N GLU Q 1717 52.19 -46.11 12.30
CA GLU Q 1717 53.03 -45.04 12.83
C GLU Q 1717 52.90 -45.01 14.34
N PHE Q 1718 53.99 -44.71 15.02
CA PHE Q 1718 53.94 -44.59 16.47
C PHE Q 1718 53.27 -43.28 16.85
N PRO Q 1719 52.15 -43.30 17.55
CA PRO Q 1719 51.53 -42.04 17.99
C PRO Q 1719 52.46 -41.28 18.94
N LYS Q 1720 52.45 -39.96 18.80
CA LYS Q 1720 53.28 -39.10 19.62
C LYS Q 1720 52.41 -38.18 20.46
N ILE Q 1721 52.74 -38.10 21.75
CA ILE Q 1721 52.05 -37.22 22.69
C ILE Q 1721 52.99 -36.06 22.99
N ASN Q 1722 52.50 -34.84 22.80
CA ASN Q 1722 53.30 -33.64 23.00
C ASN Q 1722 52.51 -32.66 23.85
N ASN Q 1723 53.14 -32.12 24.89
CA ASN Q 1723 52.55 -31.08 25.74
C ASN Q 1723 53.56 -29.94 25.77
N SER Q 1724 53.27 -28.87 25.02
CA SER Q 1724 54.18 -27.74 24.92
C SER Q 1724 54.12 -26.90 26.18
N GLY Q 1725 55.26 -26.74 26.85
CA GLY Q 1725 55.28 -25.97 28.08
C GLY Q 1725 56.70 -25.78 28.57
N VAL Q 1726 56.82 -24.98 29.61
CA VAL Q 1726 58.09 -24.73 30.31
C VAL Q 1726 57.90 -25.15 31.75
N TYR Q 1727 58.83 -25.94 32.28
CA TYR Q 1727 58.65 -26.59 33.57
C TYR Q 1727 59.91 -26.49 34.40
N ASP Q 1728 59.73 -26.57 35.72
CA ASP Q 1728 60.83 -26.33 36.66
C ASP Q 1728 61.90 -27.41 36.55
N ASN Q 1729 61.50 -28.67 36.42
CA ASN Q 1729 62.44 -29.79 36.41
C ASN Q 1729 61.99 -30.78 35.35
N VAL Q 1730 62.74 -30.86 34.25
CA VAL Q 1730 62.41 -31.71 33.12
C VAL Q 1730 63.53 -32.71 32.91
N VAL Q 1731 63.17 -33.94 32.54
CA VAL Q 1731 64.15 -34.97 32.26
C VAL Q 1731 63.79 -35.65 30.94
N LEU Q 1732 64.76 -35.73 30.02
CA LEU Q 1732 64.54 -36.46 28.78
C LEU Q 1732 64.55 -37.96 29.00
N ASP Q 1733 65.00 -38.41 30.17
CA ASP Q 1733 64.81 -39.79 30.63
C ASP Q 1733 65.63 -40.79 29.83
N VAL Q 1734 65.31 -42.07 29.98
CA VAL Q 1734 66.15 -43.15 29.46
C VAL Q 1734 66.22 -43.10 27.94
N GLY Q 1735 65.09 -42.85 27.29
CA GLY Q 1735 65.05 -42.95 25.84
C GLY Q 1735 65.13 -44.39 25.38
N VAL Q 1736 64.08 -45.17 25.65
CA VAL Q 1736 64.11 -46.59 25.38
C VAL Q 1736 64.21 -46.85 23.87
N ASP Q 1737 65.05 -47.82 23.51
CA ASP Q 1737 65.24 -48.26 22.15
C ASP Q 1737 64.62 -49.64 21.96
N ASN Q 1738 64.62 -50.10 20.71
CA ASN Q 1738 64.14 -51.43 20.29
C ASN Q 1738 62.91 -51.88 21.10
N LEU Q 1739 61.93 -50.98 21.19
CA LEU Q 1739 60.74 -51.26 21.99
C LEU Q 1739 59.88 -52.37 21.40
N THR Q 1740 60.05 -52.69 20.11
CA THR Q 1740 59.23 -53.73 19.51
C THR Q 1740 59.54 -55.10 20.11
N VAL Q 1741 60.81 -55.47 20.18
CA VAL Q 1741 61.17 -56.78 20.74
C VAL Q 1741 60.87 -56.80 22.24
N ASN Q 1742 61.12 -55.69 22.94
CA ASN Q 1742 60.78 -55.61 24.35
C ASN Q 1742 59.29 -55.84 24.56
N THR Q 1743 58.47 -55.22 23.71
CA THR Q 1743 57.02 -55.36 23.84
C THR Q 1743 56.57 -56.77 23.54
N ILE Q 1744 57.11 -57.40 22.50
CA ILE Q 1744 56.66 -58.75 22.17
C ILE Q 1744 57.09 -59.73 23.25
N LEU Q 1745 58.26 -59.51 23.87
CA LEU Q 1745 58.66 -60.36 24.99
C LEU Q 1745 57.78 -60.12 26.20
N THR Q 1746 57.46 -58.87 26.51
CA THR Q 1746 56.61 -58.56 27.66
C THR Q 1746 55.17 -59.05 27.45
N SER Q 1747 54.73 -59.17 26.20
CA SER Q 1747 53.40 -59.70 25.95
C SER Q 1747 53.29 -61.15 26.43
N ALA Q 1748 54.36 -61.92 26.25
CA ALA Q 1748 54.38 -63.28 26.79
C ALA Q 1748 54.37 -63.27 28.32
N LEU Q 1749 54.71 -62.11 28.91
CA LEU Q 1749 54.68 -61.92 30.36
C LEU Q 1749 55.61 -62.90 31.07
N SER Q 1784 47.10 -64.61 14.30
CA SER Q 1784 46.32 -65.50 15.14
C SER Q 1784 47.09 -65.88 16.40
N ASN Q 1785 46.39 -66.53 17.33
CA ASN Q 1785 47.00 -66.83 18.63
C ASN Q 1785 48.04 -67.93 18.53
N ASP Q 1786 47.86 -68.89 17.62
CA ASP Q 1786 48.84 -69.98 17.49
C ASP Q 1786 50.16 -69.47 16.94
N ALA Q 1787 50.11 -68.69 15.85
CA ALA Q 1787 51.32 -68.09 15.31
C ALA Q 1787 51.94 -67.13 16.32
N LEU Q 1788 51.10 -66.39 17.06
CA LEU Q 1788 51.61 -65.51 18.10
C LEU Q 1788 52.36 -66.29 19.16
N ASN Q 1789 51.81 -67.44 19.58
CA ASN Q 1789 52.47 -68.26 20.59
C ASN Q 1789 53.79 -68.82 20.07
N VAL Q 1790 53.80 -69.28 18.81
CA VAL Q 1790 55.04 -69.82 18.22
C VAL Q 1790 56.10 -68.73 18.16
N LEU Q 1791 55.72 -67.53 17.72
CA LEU Q 1791 56.68 -66.43 17.63
C LEU Q 1791 57.15 -66.00 19.02
N ARG Q 1792 56.27 -66.04 20.02
CA ARG Q 1792 56.67 -65.69 21.38
C ARG Q 1792 57.65 -66.72 21.93
N GLY Q 1793 57.43 -68.00 21.67
CA GLY Q 1793 58.38 -69.01 22.09
C GLY Q 1793 59.72 -68.85 21.41
N MET Q 1794 59.72 -68.57 20.11
CA MET Q 1794 60.95 -68.33 19.38
C MET Q 1794 61.67 -67.09 19.91
N LEU Q 1795 60.91 -66.04 20.24
CA LEU Q 1795 61.50 -64.81 20.76
C LEU Q 1795 62.11 -65.04 22.14
N LYS Q 1796 61.44 -65.82 22.99
CA LYS Q 1796 62.01 -66.14 24.30
C LYS Q 1796 63.28 -66.98 24.14
N GLU Q 1797 63.26 -67.93 23.20
CA GLU Q 1797 64.46 -68.72 22.92
C GLU Q 1797 65.61 -67.81 22.48
N TRP Q 1798 65.33 -66.86 21.59
CA TRP Q 1798 66.36 -65.95 21.11
C TRP Q 1798 66.85 -65.03 22.21
N TRP Q 1799 65.94 -64.59 23.09
CA TRP Q 1799 66.33 -63.77 24.23
C TRP Q 1799 67.27 -64.53 25.15
N ASP Q 1800 66.98 -65.81 25.38
CA ASP Q 1800 67.92 -66.66 26.11
C ASP Q 1800 69.25 -66.74 25.37
N GLU Q 1801 69.19 -66.85 24.04
CA GLU Q 1801 70.42 -66.79 23.24
C GLU Q 1801 70.98 -65.38 23.20
N ALA Q 1802 70.13 -64.36 23.36
CA ALA Q 1802 70.61 -62.99 23.31
C ALA Q 1802 71.46 -62.61 24.51
N LEU Q 1803 71.45 -63.44 25.56
CA LEU Q 1803 72.19 -63.15 26.78
C LEU Q 1803 73.38 -64.10 26.91
N LYS Q 1804 74.57 -63.54 27.11
CA LYS Q 1804 75.79 -64.28 27.42
C LYS Q 1804 76.05 -65.39 26.38
N GLU Q 1805 75.99 -65.01 25.12
CA GLU Q 1805 76.23 -65.94 24.02
C GLU Q 1805 76.91 -65.18 22.88
N ASN Q 1806 76.92 -65.79 21.71
CA ASN Q 1806 77.57 -65.20 20.54
C ASN Q 1806 76.83 -63.94 20.10
N SER Q 1807 77.59 -63.03 19.47
CA SER Q 1807 77.00 -61.79 18.97
C SER Q 1807 76.03 -62.04 17.82
N THR Q 1808 76.13 -63.18 17.14
CA THR Q 1808 75.19 -63.49 16.08
C THR Q 1808 73.77 -63.64 16.61
N ALA Q 1809 73.62 -64.23 17.81
CA ALA Q 1809 72.30 -64.31 18.42
C ALA Q 1809 71.74 -62.92 18.68
N ASP Q 1810 72.58 -62.01 19.18
CA ASP Q 1810 72.14 -60.63 19.42
C ASP Q 1810 71.73 -59.95 18.12
N LEU Q 1811 72.52 -60.14 17.07
CA LEU Q 1811 72.19 -59.53 15.78
C LEU Q 1811 70.88 -60.08 15.24
N LEU Q 1812 70.66 -61.39 15.38
CA LEU Q 1812 69.42 -61.99 14.93
C LEU Q 1812 68.23 -61.47 15.74
N VAL Q 1813 68.40 -61.29 17.05
CA VAL Q 1813 67.35 -60.72 17.87
C VAL Q 1813 67.02 -59.30 17.41
N ASN Q 1814 68.06 -58.49 17.15
CA ASN Q 1814 67.83 -57.13 16.69
C ASN Q 1814 67.12 -57.10 15.35
N SER Q 1815 67.50 -57.99 14.44
CA SER Q 1815 66.92 -58.01 13.09
C SER Q 1815 65.59 -58.73 13.03
N LEU Q 1816 65.19 -59.42 14.10
CA LEU Q 1816 63.86 -60.03 14.11
C LEU Q 1816 62.76 -58.99 14.01
N ALA Q 1817 62.94 -57.85 14.69
CA ALA Q 1817 61.98 -56.77 14.59
C ALA Q 1817 61.87 -56.24 13.17
N SER Q 1818 63.02 -56.08 12.50
CA SER Q 1818 63.01 -55.65 11.11
C SER Q 1818 62.32 -56.67 10.21
N TRP Q 1819 62.58 -57.96 10.44
CA TRP Q 1819 61.93 -59.00 9.65
C TRP Q 1819 60.42 -58.99 9.83
N VAL Q 1820 59.97 -58.74 11.06
CA VAL Q 1820 58.54 -58.66 11.33
C VAL Q 1820 57.89 -57.56 10.51
N GLN Q 1821 58.64 -56.52 10.15
CA GLN Q 1821 58.11 -55.42 9.37
C GLN Q 1821 58.62 -55.37 7.94
N ASN Q 1822 59.66 -56.11 7.60
CA ASN Q 1822 60.25 -56.02 6.26
C ASN Q 1822 59.36 -56.74 5.25
N PRO Q 1823 58.85 -56.07 4.23
CA PRO Q 1823 58.10 -56.78 3.18
C PRO Q 1823 58.99 -57.62 2.28
N ASN Q 1824 60.24 -57.20 2.05
CA ASN Q 1824 61.13 -57.97 1.21
C ASN Q 1824 61.43 -59.33 1.81
N ALA Q 1825 61.66 -59.38 3.12
CA ALA Q 1825 61.83 -60.66 3.80
C ALA Q 1825 60.52 -61.43 3.77
N LYS Q 1826 60.59 -62.70 3.39
CA LYS Q 1826 59.39 -63.53 3.32
C LYS Q 1826 58.96 -63.94 4.72
N LEU Q 1827 57.87 -64.70 4.81
CA LEU Q 1827 57.21 -65.00 6.09
C LEU Q 1827 56.83 -63.72 6.82
N PHE Q 1828 56.63 -62.64 6.06
CA PHE Q 1828 56.21 -61.35 6.58
C PHE Q 1828 54.70 -61.24 6.46
N ASP Q 1829 54.03 -61.05 7.59
CA ASP Q 1829 52.57 -60.94 7.63
C ASP Q 1829 52.19 -59.50 7.94
N GLY Q 1830 51.30 -58.94 7.11
CA GLY Q 1830 50.76 -57.64 7.42
C GLY Q 1830 50.02 -57.62 8.74
N LEU Q 1831 49.28 -58.69 9.03
CA LEU Q 1831 48.64 -58.81 10.34
C LEU Q 1831 49.69 -58.84 11.44
N LEU Q 1832 50.80 -59.53 11.24
CA LEU Q 1832 51.86 -59.57 12.24
C LEU Q 1832 52.43 -58.18 12.48
N ARG Q 1833 52.73 -57.45 11.40
CA ARG Q 1833 53.27 -56.10 11.56
C ARG Q 1833 52.28 -55.18 12.27
N TYR Q 1834 51.01 -55.24 11.87
CA TYR Q 1834 50.01 -54.38 12.50
C TYR Q 1834 49.82 -54.74 13.96
N HIS Q 1835 49.84 -56.03 14.29
CA HIS Q 1835 49.64 -56.43 15.68
C HIS Q 1835 50.85 -56.08 16.54
N VAL Q 1836 52.05 -56.17 15.99
CA VAL Q 1836 53.23 -55.70 16.73
C VAL Q 1836 53.15 -54.20 16.95
N HIS Q 1837 52.70 -53.46 15.94
CA HIS Q 1837 52.50 -52.02 16.12
C HIS Q 1837 51.49 -51.73 17.22
N ASN Q 1838 50.36 -52.46 17.22
CA ASN Q 1838 49.35 -52.26 18.25
C ASN Q 1838 49.88 -52.64 19.64
N LEU Q 1839 50.67 -53.71 19.71
CA LEU Q 1839 51.28 -54.09 20.98
C LEU Q 1839 52.21 -52.99 21.48
N THR Q 1840 52.99 -52.39 20.59
CA THR Q 1840 53.82 -51.27 20.99
C THR Q 1840 52.96 -50.10 21.45
N LYS Q 1841 51.80 -49.91 20.84
CA LYS Q 1841 50.88 -48.87 21.30
C LYS Q 1841 50.42 -49.12 22.73
N LYS Q 1842 49.98 -50.35 23.03
CA LYS Q 1842 49.61 -50.66 24.40
C LYS Q 1842 50.79 -50.57 25.35
N ALA Q 1843 51.99 -50.88 24.87
CA ALA Q 1843 53.17 -50.75 25.72
C ALA Q 1843 53.41 -49.28 26.08
N LEU Q 1844 53.29 -48.39 25.10
CA LEU Q 1844 53.42 -46.96 25.39
C LEU Q 1844 52.31 -46.50 26.34
N LEU Q 1845 51.09 -47.01 26.15
CA LEU Q 1845 50.00 -46.64 27.04
C LEU Q 1845 50.28 -47.09 28.47
N GLN Q 1846 50.79 -48.31 28.65
CA GLN Q 1846 51.10 -48.79 29.99
C GLN Q 1846 52.24 -48.01 30.60
N LEU Q 1847 53.24 -47.63 29.79
CA LEU Q 1847 54.33 -46.79 30.30
C LEU Q 1847 53.78 -45.44 30.75
N VAL Q 1848 52.84 -44.87 30.00
CA VAL Q 1848 52.23 -43.60 30.37
C VAL Q 1848 51.46 -43.76 31.68
N ASN Q 1849 50.69 -44.84 31.82
CA ASN Q 1849 49.95 -45.07 33.05
C ASN Q 1849 50.89 -45.22 34.24
N GLU Q 1850 52.02 -45.93 34.04
CA GLU Q 1850 52.98 -46.08 35.12
C GLU Q 1850 53.61 -44.75 35.50
N PHE Q 1851 53.93 -43.92 34.51
CA PHE Q 1851 54.44 -42.59 34.81
C PHE Q 1851 53.37 -41.71 35.45
N SER Q 1852 52.10 -42.00 35.16
CA SER Q 1852 51.02 -41.19 35.73
C SER Q 1852 50.96 -41.30 37.24
N ALA Q 1853 51.24 -42.49 37.77
CA ALA Q 1853 51.22 -42.68 39.22
C ALA Q 1853 52.25 -41.79 39.90
N LEU Q 1854 53.44 -41.68 39.33
CA LEU Q 1854 54.45 -40.79 39.87
C LEU Q 1854 54.01 -39.34 39.77
N GLY Q 1855 54.44 -38.53 40.73
CA GLY Q 1855 54.11 -37.12 40.73
C GLY Q 1855 54.83 -36.35 39.66
N SER Q 1856 54.62 -36.75 38.41
CA SER Q 1856 55.30 -36.17 37.26
C SER Q 1856 54.41 -36.29 36.04
N THR Q 1857 54.63 -35.40 35.07
CA THR Q 1857 53.79 -35.31 33.88
C THR Q 1857 54.62 -35.59 32.64
N ILE Q 1858 54.08 -36.40 31.74
CA ILE Q 1858 54.73 -36.73 30.47
C ILE Q 1858 54.41 -35.60 29.50
N VAL Q 1859 55.35 -34.67 29.34
CA VAL Q 1859 55.10 -33.53 28.47
C VAL Q 1859 55.34 -33.89 27.02
N TYR Q 1860 56.12 -34.94 26.76
CA TYR Q 1860 56.34 -35.41 25.40
C TYR Q 1860 56.50 -36.91 25.38
N ALA Q 1861 56.10 -37.52 24.26
CA ALA Q 1861 56.20 -38.97 24.07
C ALA Q 1861 56.58 -39.23 22.62
N ASP Q 1862 57.73 -39.86 22.42
CA ASP Q 1862 58.19 -40.20 21.07
C ASP Q 1862 58.31 -41.69 20.82
N ARG Q 1863 58.28 -42.50 21.88
CA ARG Q 1863 58.42 -43.96 21.82
C ARG Q 1863 59.84 -44.35 21.46
N ASN Q 1864 60.67 -43.36 21.16
CA ASN Q 1864 62.12 -43.50 21.04
C ASN Q 1864 62.85 -42.82 22.19
N GLN Q 1865 62.43 -41.62 22.55
CA GLN Q 1865 62.81 -40.97 23.80
C GLN Q 1865 61.53 -40.46 24.46
N ILE Q 1866 61.41 -40.69 25.76
CA ILE Q 1866 60.20 -40.35 26.50
C ILE Q 1866 60.53 -39.20 27.44
N LEU Q 1867 59.74 -38.14 27.38
CA LEU Q 1867 60.03 -36.89 28.08
C LEU Q 1867 59.02 -36.64 29.18
N ILE Q 1868 59.50 -36.52 30.42
CA ILE Q 1868 58.68 -36.27 31.58
C ILE Q 1868 59.33 -35.18 32.42
N LYS Q 1869 58.51 -34.28 32.95
CA LYS Q 1869 58.95 -33.27 33.90
C LYS Q 1869 58.40 -33.63 35.28
N THR Q 1870 59.15 -33.26 36.32
CA THR Q 1870 58.69 -33.50 37.68
C THR Q 1870 57.99 -32.27 38.22
N ASN Q 1871 56.84 -32.48 38.88
CA ASN Q 1871 56.05 -31.35 39.37
C ASN Q 1871 56.80 -30.55 40.43
N LYS Q 1872 57.49 -31.24 41.33
CA LYS Q 1872 58.14 -30.57 42.45
C LYS Q 1872 59.32 -29.71 41.99
N TYR Q 1873 59.59 -28.66 42.76
CA TYR Q 1873 60.70 -27.75 42.52
C TYR Q 1873 61.97 -28.17 43.25
N SER Q 1874 62.12 -29.47 43.51
CA SER Q 1874 63.18 -29.95 44.38
C SER Q 1874 64.56 -29.80 43.75
N PRO Q 1875 65.60 -29.60 44.57
CA PRO Q 1875 66.95 -29.36 44.05
C PRO Q 1875 67.71 -30.63 43.69
N GLU Q 1876 69.02 -30.46 43.45
CA GLU Q 1876 69.95 -31.51 43.00
C GLU Q 1876 69.69 -32.88 43.61
N ASN Q 1877 69.45 -32.93 44.93
CA ASN Q 1877 69.23 -34.20 45.59
C ASN Q 1877 68.05 -34.96 44.99
N CYS Q 1878 67.10 -34.25 44.37
CA CYS Q 1878 66.00 -34.91 43.69
C CYS Q 1878 66.48 -35.72 42.50
N TYR Q 1879 67.55 -35.26 41.84
CA TYR Q 1879 68.05 -35.99 40.67
C TYR Q 1879 68.54 -37.38 41.05
N ALA Q 1880 69.29 -37.48 42.15
CA ALA Q 1880 69.56 -38.80 42.70
C ALA Q 1880 68.27 -39.48 43.15
N TYR Q 1881 67.38 -38.72 43.78
CA TYR Q 1881 66.07 -39.25 44.13
C TYR Q 1881 65.26 -39.59 42.88
N SER Q 1882 65.46 -38.84 41.78
CA SER Q 1882 64.82 -39.19 40.52
C SER Q 1882 65.32 -40.54 40.02
N GLN Q 1883 66.62 -40.77 40.11
CA GLN Q 1883 67.17 -42.07 39.72
C GLN Q 1883 66.59 -43.18 40.59
N TYR Q 1884 66.51 -42.96 41.90
CA TYR Q 1884 65.94 -43.98 42.78
C TYR Q 1884 64.49 -44.25 42.43
N MET Q 1885 63.71 -43.20 42.16
CA MET Q 1885 62.29 -43.42 41.89
C MET Q 1885 62.09 -44.09 40.54
N MET Q 1886 62.94 -43.81 39.55
CA MET Q 1886 62.72 -44.47 38.26
C MET Q 1886 63.22 -45.91 38.29
N LYS Q 1887 64.22 -46.21 39.13
CA LYS Q 1887 64.50 -47.61 39.46
C LYS Q 1887 63.27 -48.29 40.05
N ALA Q 1888 62.65 -47.65 41.04
CA ALA Q 1888 61.45 -48.23 41.65
C ALA Q 1888 60.34 -48.40 40.63
N VAL Q 1889 60.22 -47.46 39.69
CA VAL Q 1889 59.20 -47.52 38.66
C VAL Q 1889 59.45 -48.70 37.73
N ARG Q 1890 60.69 -48.84 37.24
CA ARG Q 1890 60.97 -49.91 36.28
C ARG Q 1890 60.93 -51.28 36.93
N THR Q 1891 61.20 -51.37 38.23
CA THR Q 1891 61.17 -52.67 38.90
C THR Q 1891 59.75 -53.20 39.01
N ASN Q 1892 58.77 -52.32 39.16
CA ASN Q 1892 57.40 -52.73 39.48
C ASN Q 1892 56.77 -53.64 38.43
N PRO Q 1893 56.78 -53.29 37.14
CA PRO Q 1893 56.15 -54.18 36.16
C PRO Q 1893 57.07 -55.35 35.80
N MET Q 1894 56.49 -56.31 35.08
CA MET Q 1894 57.17 -57.55 34.73
C MET Q 1894 57.91 -57.43 33.40
N PHE Q 1895 58.70 -56.36 33.29
CA PHE Q 1895 59.54 -56.14 32.12
C PHE Q 1895 60.99 -56.00 32.56
N SER Q 1896 61.89 -56.36 31.65
CA SER Q 1896 63.33 -56.18 31.88
C SER Q 1896 64.07 -55.72 30.64
N TYR Q 1897 63.38 -55.45 29.54
CA TYR Q 1897 64.01 -55.17 28.26
C TYR Q 1897 64.03 -53.70 27.90
N LEU Q 1898 63.52 -52.83 28.77
CA LEU Q 1898 63.51 -51.40 28.49
C LEU Q 1898 64.81 -50.76 28.92
N ASP Q 1899 65.16 -49.67 28.25
CA ASP Q 1899 66.43 -49.01 28.49
C ASP Q 1899 66.45 -48.36 29.87
N LEU Q 1900 67.52 -48.60 30.62
CA LEU Q 1900 67.77 -47.99 31.91
C LEU Q 1900 68.64 -46.74 31.70
N ASN Q 1901 69.23 -46.22 32.78
CA ASN Q 1901 70.17 -45.09 32.71
C ASN Q 1901 69.48 -43.83 32.19
N ILE Q 1902 68.58 -43.32 33.01
CA ILE Q 1902 67.96 -42.01 32.82
C ILE Q 1902 69.03 -40.98 32.42
N LYS Q 1903 68.71 -40.13 31.45
CA LYS Q 1903 69.72 -39.26 30.88
C LYS Q 1903 69.09 -37.99 30.33
N ARG Q 1904 69.95 -37.00 30.06
CA ARG Q 1904 69.58 -35.75 29.39
C ARG Q 1904 68.50 -34.99 30.13
N TYR Q 1905 68.60 -34.92 31.45
CA TYR Q 1905 67.67 -34.11 32.23
C TYR Q 1905 67.83 -32.63 31.88
N TRP Q 1906 66.72 -31.91 31.90
CA TRP Q 1906 66.69 -30.49 31.55
C TRP Q 1906 66.27 -29.69 32.77
N ASP Q 1907 67.22 -28.95 33.34
CA ASP Q 1907 66.88 -28.06 34.44
C ASP Q 1907 65.88 -27.01 34.01
N LEU Q 1908 65.90 -26.64 32.73
CA LEU Q 1908 64.87 -25.79 32.15
C LEU Q 1908 64.68 -26.23 30.70
N LEU Q 1909 63.42 -26.38 30.29
CA LEU Q 1909 63.10 -26.75 28.93
C LEU Q 1909 61.93 -25.93 28.43
N ILE Q 1910 62.07 -25.35 27.25
CA ILE Q 1910 61.02 -24.62 26.59
C ILE Q 1910 60.57 -25.47 25.41
N TRP Q 1911 59.58 -26.33 25.65
CA TRP Q 1911 59.24 -27.40 24.72
C TRP Q 1911 58.20 -26.94 23.71
N MET Q 1912 58.60 -26.86 22.45
CA MET Q 1912 57.68 -26.63 21.34
C MET Q 1912 57.45 -27.89 20.52
N ASP Q 1913 58.52 -28.50 20.03
CA ASP Q 1913 58.43 -29.76 19.28
C ASP Q 1913 59.79 -30.43 19.35
N LYS Q 1914 60.01 -31.41 18.47
CA LYS Q 1914 61.29 -32.09 18.42
C LYS Q 1914 62.45 -31.11 18.19
N PHE Q 1915 62.21 -30.07 17.39
CA PHE Q 1915 63.28 -29.25 16.85
C PHE Q 1915 63.32 -27.84 17.44
N ASN Q 1916 62.43 -27.53 18.38
CA ASN Q 1916 62.44 -26.22 19.01
C ASN Q 1916 62.32 -26.41 20.52
N PHE Q 1917 63.44 -26.23 21.22
CA PHE Q 1917 63.47 -26.46 22.66
C PHE Q 1917 64.72 -25.77 23.22
N SER Q 1918 64.76 -25.65 24.54
CA SER Q 1918 65.84 -24.96 25.23
C SER Q 1918 66.28 -25.75 26.45
N GLY Q 1919 66.45 -27.06 26.28
CA GLY Q 1919 66.90 -27.88 27.39
C GLY Q 1919 68.30 -27.50 27.84
N LEU Q 1920 68.53 -27.61 29.14
CA LEU Q 1920 69.79 -27.19 29.74
C LEU Q 1920 70.30 -28.26 30.70
N ALA Q 1921 71.63 -28.33 30.82
CA ALA Q 1921 72.30 -29.17 31.81
C ALA Q 1921 71.90 -30.64 31.67
N CYS Q 1922 72.32 -31.22 30.54
CA CYS Q 1922 72.03 -32.62 30.23
C CYS Q 1922 72.71 -33.56 31.23
N ILE Q 1923 72.55 -34.87 31.03
CA ILE Q 1923 73.02 -35.89 31.97
C ILE Q 1923 74.45 -35.60 32.41
N GLU Q 1924 74.66 -35.57 33.72
CA GLU Q 1924 75.91 -35.19 34.34
C GLU Q 1924 75.90 -35.68 35.78
N ILE Q 1925 76.79 -35.13 36.60
CA ILE Q 1925 76.83 -35.47 38.03
C ILE Q 1925 75.60 -34.86 38.71
N GLU Q 1926 74.77 -34.14 37.93
CA GLU Q 1926 73.47 -33.64 38.38
C GLU Q 1926 73.62 -32.63 39.52
N GLU Q 1927 74.27 -31.51 39.22
CA GLU Q 1927 74.42 -30.41 40.18
C GLU Q 1927 73.45 -29.26 39.92
N LYS Q 1928 72.45 -29.44 39.05
CA LYS Q 1928 71.42 -28.44 38.79
C LYS Q 1928 72.04 -27.13 38.28
N GLU Q 1929 72.57 -27.20 37.06
CA GLU Q 1929 73.10 -26.10 36.26
C GLU Q 1929 74.50 -25.65 36.66
N ASN Q 1930 75.17 -26.32 37.60
CA ASN Q 1930 76.55 -25.96 37.93
C ASN Q 1930 77.46 -26.15 36.72
N GLN Q 1931 77.42 -27.34 36.13
CA GLN Q 1931 78.09 -27.62 34.86
C GLN Q 1931 77.03 -27.48 33.77
N ASP Q 1932 76.64 -26.24 33.51
CA ASP Q 1932 75.52 -25.96 32.62
C ASP Q 1932 75.91 -26.28 31.19
N TYR Q 1933 75.28 -27.31 30.63
CA TYR Q 1933 75.40 -27.56 29.20
C TYR Q 1933 74.63 -26.51 28.43
N THR Q 1934 75.25 -25.97 27.39
CA THR Q 1934 74.62 -24.92 26.60
C THR Q 1934 73.30 -25.43 26.01
N ALA Q 1935 72.30 -24.55 26.00
CA ALA Q 1935 70.96 -24.94 25.57
C ALA Q 1935 70.98 -25.46 24.13
N VAL Q 1936 70.68 -26.75 23.98
CA VAL Q 1936 70.58 -27.36 22.67
C VAL Q 1936 69.25 -26.92 22.06
N SER Q 1937 69.32 -26.37 20.85
CA SER Q 1937 68.14 -25.72 20.27
C SER Q 1937 68.28 -25.76 18.74
N GLN Q 1938 67.56 -26.70 18.13
CA GLN Q 1938 67.58 -26.81 16.67
C GLN Q 1938 66.87 -25.63 16.01
N TRP Q 1939 65.69 -25.28 16.52
CA TRP Q 1939 64.89 -24.17 16.00
C TRP Q 1939 64.61 -24.31 14.51
N GLN Q 1940 63.85 -25.36 14.17
CA GLN Q 1940 63.38 -25.51 12.79
C GLN Q 1940 62.47 -24.34 12.41
N LEU Q 1941 61.93 -23.59 13.39
CA LEU Q 1941 61.17 -22.36 12.99
C LEU Q 1941 62.15 -21.16 12.90
N LYS Q 1942 63.14 -21.16 13.79
CA LYS Q 1942 64.15 -20.07 13.78
C LYS Q 1942 64.90 -20.14 12.46
N LYS Q 1943 65.18 -21.34 11.94
CA LYS Q 1943 65.83 -21.46 10.61
C LYS Q 1943 64.89 -20.85 9.58
N PHE Q 1944 63.62 -21.27 9.57
CA PHE Q 1944 62.60 -20.66 8.68
C PHE Q 1944 62.81 -19.15 8.61
N LEU Q 1945 62.97 -18.48 9.76
CA LEU Q 1945 63.07 -16.98 9.77
C LEU Q 1945 63.95 -16.31 8.67
N SER Q 1946 63.89 -14.97 8.51
CA SER Q 1946 64.84 -14.28 7.58
C SER Q 1946 66.25 -14.36 8.17
N PRO Q 1947 67.29 -14.63 7.37
CA PRO Q 1947 68.65 -14.83 7.92
C PRO Q 1947 69.17 -13.68 8.75
N ILE Q 1948 68.59 -12.48 8.60
CA ILE Q 1948 69.02 -11.36 9.43
C ILE Q 1948 68.23 -11.31 10.73
N TYR Q 1949 66.94 -11.66 10.67
CA TYR Q 1949 66.12 -11.67 11.88
C TYR Q 1949 66.41 -12.89 12.74
N GLN Q 1950 66.99 -13.93 12.16
CA GLN Q 1950 67.34 -15.14 12.92
C GLN Q 1950 68.31 -14.86 14.06
N PRO Q 1951 69.44 -14.15 13.86
CA PRO Q 1951 70.31 -13.85 15.01
C PRO Q 1951 69.61 -13.03 16.08
N GLU Q 1952 68.75 -12.09 15.69
CA GLU Q 1952 68.04 -11.31 16.69
C GLU Q 1952 67.11 -12.19 17.52
N PHE Q 1953 66.36 -13.06 16.86
CA PHE Q 1953 65.46 -13.96 17.57
C PHE Q 1953 66.23 -14.89 18.49
N GLU Q 1954 67.34 -15.45 18.01
CA GLU Q 1954 68.14 -16.34 18.84
C GLU Q 1954 68.75 -15.60 20.03
N ASP Q 1955 69.27 -14.39 19.80
CA ASP Q 1955 69.83 -13.61 20.90
C ASP Q 1955 68.78 -13.31 21.94
N TRP Q 1956 67.57 -12.96 21.50
CA TRP Q 1956 66.52 -12.67 22.48
C TRP Q 1956 66.05 -13.94 23.17
N MET Q 1957 66.13 -15.10 22.54
CA MET Q 1957 65.74 -16.29 23.28
C MET Q 1957 66.81 -16.68 24.30
N MET Q 1958 68.10 -16.43 24.01
CA MET Q 1958 69.09 -16.56 25.09
C MET Q 1958 68.82 -15.57 26.22
N ILE Q 1959 68.46 -14.33 25.88
CA ILE Q 1959 68.17 -13.34 26.93
C ILE Q 1959 67.00 -13.82 27.77
N ILE Q 1960 65.95 -14.32 27.11
CA ILE Q 1960 64.78 -14.84 27.81
C ILE Q 1960 65.16 -16.01 28.69
N LEU Q 1961 65.98 -16.93 28.17
CA LEU Q 1961 66.40 -18.09 28.94
C LEU Q 1961 67.17 -17.67 30.18
N ASP Q 1962 68.09 -16.73 30.02
CA ASP Q 1962 68.86 -16.25 31.17
C ASP Q 1962 67.95 -15.62 32.21
N SER Q 1963 66.97 -14.84 31.75
CA SER Q 1963 66.07 -14.19 32.70
C SER Q 1963 65.23 -15.21 33.47
N MET Q 1964 64.69 -16.22 32.78
CA MET Q 1964 63.91 -17.22 33.50
C MET Q 1964 64.79 -18.01 34.45
N LEU Q 1965 66.03 -18.32 34.05
CA LEU Q 1965 66.95 -19.01 34.93
C LEU Q 1965 67.19 -18.22 36.20
N LYS Q 1966 67.49 -16.92 36.06
CA LYS Q 1966 67.76 -16.10 37.23
C LYS Q 1966 66.55 -16.04 38.14
N THR Q 1967 65.36 -15.85 37.57
CA THR Q 1967 64.16 -15.87 38.38
C THR Q 1967 63.93 -17.25 39.00
N LYS Q 1968 64.46 -18.30 38.36
CA LYS Q 1968 64.34 -19.63 38.93
C LYS Q 1968 65.21 -19.79 40.18
N GLN Q 1969 66.46 -19.32 40.14
CA GLN Q 1969 67.23 -19.33 41.40
C GLN Q 1969 66.58 -18.41 42.44
N SER Q 1970 66.01 -17.29 42.01
CA SER Q 1970 65.34 -16.40 42.95
C SER Q 1970 64.18 -17.13 43.64
N TYR Q 1971 63.36 -17.82 42.87
CA TYR Q 1971 62.23 -18.56 43.43
C TYR Q 1971 62.71 -19.71 44.32
N LEU Q 1972 63.78 -20.39 43.92
CA LEU Q 1972 64.30 -21.48 44.73
C LEU Q 1972 64.81 -20.97 46.06
N LYS Q 1973 65.51 -19.83 46.05
CA LYS Q 1973 65.96 -19.23 47.30
C LYS Q 1973 64.79 -18.80 48.16
N LEU Q 1974 63.73 -18.28 47.53
CA LEU Q 1974 62.53 -17.93 48.28
C LEU Q 1974 61.93 -19.16 48.94
N ASN Q 1975 61.83 -20.27 48.20
CA ASN Q 1975 61.33 -21.51 48.78
C ASN Q 1975 62.32 -22.07 49.81
N SER Q 1976 63.61 -22.04 49.49
CA SER Q 1976 64.66 -22.54 50.38
C SER Q 1976 64.42 -23.98 50.79
N GLU Q 1997 53.89 -21.71 37.90
CA GLU Q 1997 55.28 -21.32 37.73
C GLU Q 1997 55.51 -19.88 38.18
N ASN Q 1998 55.65 -19.70 39.50
CA ASN Q 1998 55.84 -18.37 40.05
C ASN Q 1998 57.16 -17.75 39.60
N SER Q 1999 58.19 -18.58 39.44
CA SER Q 1999 59.46 -18.09 38.91
C SER Q 1999 59.28 -17.51 37.52
N LEU Q 2000 58.51 -18.20 36.67
CA LEU Q 2000 58.23 -17.68 35.34
C LEU Q 2000 57.38 -16.42 35.41
N ASN Q 2001 56.46 -16.35 36.37
CA ASN Q 2001 55.65 -15.16 36.54
C ASN Q 2001 56.53 -13.95 36.85
N GLY Q 2002 57.49 -14.11 37.76
CA GLY Q 2002 58.43 -13.03 38.02
C GLY Q 2002 59.31 -12.73 36.82
N PHE Q 2003 59.72 -13.79 36.10
CA PHE Q 2003 60.48 -13.64 34.87
C PHE Q 2003 59.77 -12.74 33.87
N SER Q 2004 58.45 -12.91 33.74
CA SER Q 2004 57.69 -12.13 32.77
C SER Q 2004 57.83 -10.64 33.04
N HIS Q 2005 57.56 -10.23 34.28
CA HIS Q 2005 57.72 -8.83 34.64
C HIS Q 2005 59.18 -8.39 34.53
N LEU Q 2006 60.11 -9.32 34.76
CA LEU Q 2006 61.52 -8.98 34.67
C LEU Q 2006 61.90 -8.57 33.25
N PHE Q 2007 61.53 -9.37 32.27
CA PHE Q 2007 61.98 -9.10 30.91
C PHE Q 2007 60.99 -8.27 30.12
N SER Q 2008 59.84 -7.90 30.71
CA SER Q 2008 58.86 -7.10 29.99
C SER Q 2008 59.46 -5.80 29.43
N LYS Q 2009 60.12 -5.03 30.29
CA LYS Q 2009 60.67 -3.74 29.85
C LYS Q 2009 61.72 -3.89 28.75
N PRO Q 2010 62.76 -4.73 28.90
CA PRO Q 2010 63.69 -4.88 27.77
C PRO Q 2010 63.02 -5.38 26.52
N LEU Q 2011 62.06 -6.30 26.65
CA LEU Q 2011 61.37 -6.83 25.48
C LEU Q 2011 60.64 -5.72 24.74
N MET Q 2012 59.81 -4.96 25.46
CA MET Q 2012 59.02 -3.92 24.79
C MET Q 2012 59.91 -2.83 24.21
N LYS Q 2013 60.95 -2.43 24.95
CA LYS Q 2013 61.83 -1.38 24.44
C LYS Q 2013 62.56 -1.83 23.19
N ARG Q 2014 63.04 -3.07 23.16
CA ARG Q 2014 63.74 -3.54 21.98
C ARG Q 2014 62.79 -3.78 20.82
N VAL Q 2015 61.55 -4.18 21.14
CA VAL Q 2015 60.53 -4.41 20.08
C VAL Q 2015 60.37 -3.12 19.25
N LYS Q 2016 59.90 -2.04 19.89
CA LYS Q 2016 59.65 -0.78 19.15
C LYS Q 2016 60.96 -0.33 18.49
N LYS Q 2017 62.07 -0.35 19.23
CA LYS Q 2017 63.38 0.00 18.63
C LYS Q 2017 63.50 -0.71 17.29
N LEU Q 2018 63.34 -2.03 17.29
CA LEU Q 2018 63.42 -2.81 16.06
C LEU Q 2018 62.35 -2.38 15.07
N PHE Q 2019 61.13 -2.10 15.55
CA PHE Q 2019 60.09 -1.61 14.66
C PHE Q 2019 60.48 -0.27 14.05
N LYS Q 2020 60.99 0.64 14.88
CA LYS Q 2020 61.41 1.95 14.37
C LYS Q 2020 62.50 1.80 13.33
N ASN Q 2021 63.46 0.90 13.57
CA ASN Q 2021 64.50 0.62 12.57
C ASN Q 2021 63.87 0.07 11.29
N GLN Q 2022 62.92 -0.84 11.42
CA GLN Q 2022 62.28 -1.43 10.25
C GLN Q 2022 61.54 -0.39 9.43
N GLN Q 2023 61.06 0.68 10.07
CA GLN Q 2023 60.39 1.74 9.33
C GLN Q 2023 61.28 2.27 8.20
N GLU Q 2024 62.55 2.52 8.50
CA GLU Q 2024 63.48 2.89 7.44
C GLU Q 2024 64.17 1.69 6.83
N PHE Q 2025 64.25 0.58 7.59
CA PHE Q 2025 64.92 -0.65 7.09
C PHE Q 2025 64.16 -1.18 5.87
N ILE Q 2026 62.84 -1.03 5.87
CA ILE Q 2026 62.01 -1.58 4.75
C ILE Q 2026 62.29 -0.77 3.49
N LEU Q 2027 62.01 -1.35 2.32
CA LEU Q 2027 62.19 -0.62 1.02
C LEU Q 2027 63.68 -0.41 0.72
N ASP Q 2028 64.56 -1.23 1.30
CA ASP Q 2028 65.97 -1.13 0.96
C ASP Q 2028 66.39 -2.36 0.18
N PRO Q 2029 66.82 -2.21 -1.08
CA PRO Q 2029 67.14 -3.41 -1.88
C PRO Q 2029 68.19 -4.31 -1.25
N GLN Q 2030 69.21 -3.73 -0.61
CA GLN Q 2030 70.19 -4.53 0.10
C GLN Q 2030 69.55 -5.24 1.29
N TYR Q 2031 68.69 -4.54 2.04
CA TYR Q 2031 68.08 -5.14 3.21
C TYR Q 2031 66.99 -6.14 2.84
N GLU Q 2032 66.15 -5.80 1.86
CA GLU Q 2032 65.04 -6.69 1.50
C GLU Q 2032 65.55 -8.02 0.95
N ALA Q 2033 66.76 -8.04 0.38
CA ALA Q 2033 67.36 -9.31 -0.02
C ALA Q 2033 67.60 -10.21 1.19
N ASP Q 2034 68.04 -9.62 2.30
CA ASP Q 2034 68.17 -10.39 3.53
C ASP Q 2034 66.83 -10.54 4.25
N TYR Q 2035 65.96 -9.54 4.14
CA TYR Q 2035 64.72 -9.55 4.91
C TYR Q 2035 63.74 -10.61 4.42
N VAL Q 2036 63.93 -11.11 3.19
CA VAL Q 2036 62.98 -12.08 2.65
C VAL Q 2036 63.04 -13.37 3.46
N ILE Q 2037 61.88 -13.88 3.82
CA ILE Q 2037 61.83 -15.15 4.58
C ILE Q 2037 62.22 -16.29 3.65
N PRO Q 2038 63.20 -17.11 4.03
CA PRO Q 2038 63.57 -18.25 3.18
C PRO Q 2038 62.40 -19.21 3.01
N VAL Q 2039 62.26 -19.73 1.79
CA VAL Q 2039 61.15 -20.63 1.47
C VAL Q 2039 61.49 -22.02 2.00
N LEU Q 2040 60.71 -22.48 2.97
CA LEU Q 2040 60.93 -23.76 3.63
C LEU Q 2040 59.68 -24.61 3.52
N PRO Q 2041 59.82 -25.93 3.54
CA PRO Q 2041 58.63 -26.79 3.34
C PRO Q 2041 57.64 -26.73 4.49
N GLY Q 2042 58.07 -26.23 5.65
CA GLY Q 2042 57.21 -26.31 6.83
C GLY Q 2042 56.04 -25.34 6.79
N SER Q 2043 56.29 -24.11 6.36
CA SER Q 2043 55.33 -23.04 6.54
C SER Q 2043 54.82 -22.49 5.21
N HIS Q 2044 53.57 -22.00 5.23
CA HIS Q 2044 52.96 -21.32 4.11
C HIS Q 2044 52.27 -20.02 4.54
N LEU Q 2045 52.65 -19.48 5.69
CA LEU Q 2045 52.01 -18.28 6.20
C LEU Q 2045 52.39 -17.06 5.36
N ASN Q 2046 51.57 -16.02 5.46
CA ASN Q 2046 51.83 -14.78 4.76
C ASN Q 2046 53.05 -14.08 5.36
N VAL Q 2047 53.63 -13.16 4.59
CA VAL Q 2047 54.85 -12.47 5.03
C VAL Q 2047 54.57 -11.65 6.28
N LYS Q 2048 53.48 -10.90 6.29
CA LYS Q 2048 53.01 -10.13 7.44
C LYS Q 2048 54.16 -9.45 8.20
N ASN Q 2049 54.97 -8.69 7.46
CA ASN Q 2049 56.04 -7.91 8.06
C ASN Q 2049 56.95 -8.78 8.91
N PRO Q 2050 57.88 -9.54 8.30
CA PRO Q 2050 58.63 -10.59 9.02
C PRO Q 2050 59.06 -10.24 10.44
N LEU Q 2051 59.30 -8.96 10.71
CA LEU Q 2051 59.54 -8.54 12.09
C LEU Q 2051 58.33 -8.85 12.96
N LEU Q 2052 57.13 -8.60 12.44
CA LEU Q 2052 55.93 -9.02 13.14
C LEU Q 2052 55.86 -10.54 13.28
N GLU Q 2053 56.33 -11.26 12.28
CA GLU Q 2053 56.47 -12.70 12.41
C GLU Q 2053 57.41 -13.05 13.56
N LEU Q 2054 58.47 -12.26 13.73
CA LEU Q 2054 59.41 -12.51 14.82
C LEU Q 2054 58.72 -12.40 16.17
N VAL Q 2055 57.96 -11.33 16.38
CA VAL Q 2055 57.32 -11.13 17.67
C VAL Q 2055 56.20 -12.12 17.88
N LYS Q 2056 55.52 -12.52 16.80
CA LYS Q 2056 54.50 -13.56 16.92
C LYS Q 2056 55.11 -14.89 17.34
N SER Q 2057 56.27 -15.23 16.76
CA SER Q 2057 56.99 -16.43 17.18
C SER Q 2057 57.42 -16.32 18.63
N LEU Q 2058 57.88 -15.14 19.03
CA LEU Q 2058 58.25 -14.92 20.43
C LEU Q 2058 57.06 -15.16 21.34
N CYS Q 2059 55.89 -14.63 20.96
CA CYS Q 2059 54.68 -14.88 21.73
C CYS Q 2059 54.39 -16.37 21.83
N HIS Q 2060 54.46 -17.08 20.70
CA HIS Q 2060 54.14 -18.50 20.69
C HIS Q 2060 55.08 -19.28 21.61
N VAL Q 2061 56.38 -18.99 21.55
CA VAL Q 2061 57.31 -19.71 22.42
C VAL Q 2061 57.11 -19.31 23.87
N MET Q 2062 56.63 -18.08 24.11
CA MET Q 2062 56.32 -17.69 25.48
C MET Q 2062 55.01 -18.29 25.97
N LEU Q 2063 54.03 -18.45 25.07
CA LEU Q 2063 52.69 -18.90 25.46
C LEU Q 2063 52.70 -20.25 26.17
N LEU Q 2064 53.84 -20.95 26.18
CA LEU Q 2064 53.91 -22.25 26.82
C LEU Q 2064 53.63 -22.17 28.31
N SER Q 2065 54.22 -21.18 28.98
CA SER Q 2065 54.03 -21.02 30.42
C SER Q 2065 52.60 -20.58 30.69
N LYS Q 2066 51.81 -21.46 31.30
CA LYS Q 2066 50.39 -21.18 31.52
C LYS Q 2066 50.19 -20.01 32.47
N SER Q 2067 51.02 -19.91 33.50
CA SER Q 2067 50.85 -18.84 34.49
C SER Q 2067 51.15 -17.47 33.89
N THR Q 2068 52.16 -17.38 33.04
CA THR Q 2068 52.55 -16.09 32.47
C THR Q 2068 51.67 -15.68 31.30
N ILE Q 2069 50.71 -16.51 30.90
CA ILE Q 2069 49.88 -16.21 29.74
C ILE Q 2069 49.18 -14.86 29.90
N LEU Q 2070 48.81 -14.50 31.12
CA LEU Q 2070 48.27 -13.16 31.35
C LEU Q 2070 49.32 -12.09 31.09
N GLU Q 2071 50.55 -12.30 31.58
CA GLU Q 2071 51.62 -11.35 31.31
C GLU Q 2071 51.98 -11.34 29.83
N ILE Q 2072 51.88 -12.51 29.18
CA ILE Q 2072 52.08 -12.57 27.73
C ILE Q 2072 51.02 -11.73 27.02
N ARG Q 2073 49.78 -11.77 27.52
CA ARG Q 2073 48.73 -10.93 26.97
C ARG Q 2073 49.05 -9.46 27.16
N THR Q 2074 49.58 -9.11 28.34
CA THR Q 2074 50.02 -7.73 28.57
C THR Q 2074 51.07 -7.32 27.55
N LEU Q 2075 52.06 -8.18 27.32
CA LEU Q 2075 53.10 -7.88 26.35
C LEU Q 2075 52.53 -7.76 24.94
N ARG Q 2076 51.55 -8.60 24.61
CA ARG Q 2076 50.93 -8.49 23.29
C ARG Q 2076 50.17 -7.18 23.14
N LYS Q 2077 49.46 -6.77 24.18
CA LYS Q 2077 48.81 -5.46 24.14
C LYS Q 2077 49.84 -4.36 23.94
N GLU Q 2078 50.97 -4.45 24.64
CA GLU Q 2078 52.03 -3.47 24.47
C GLU Q 2078 52.54 -3.46 23.03
N LEU Q 2079 52.71 -4.64 22.44
CA LEU Q 2079 53.24 -4.72 21.07
C LEU Q 2079 52.24 -4.17 20.06
N LEU Q 2080 50.95 -4.43 20.26
CA LEU Q 2080 49.94 -3.89 19.37
C LEU Q 2080 49.76 -2.39 19.58
N LYS Q 2081 50.20 -1.88 20.72
CA LYS Q 2081 50.40 -0.44 20.84
C LYS Q 2081 51.64 0.00 20.08
N ILE Q 2082 52.68 -0.84 20.04
CA ILE Q 2082 53.90 -0.50 19.32
C ILE Q 2082 53.63 -0.44 17.82
N PHE Q 2083 52.98 -1.47 17.28
CA PHE Q 2083 52.50 -1.45 15.91
C PHE Q 2083 50.98 -1.60 15.93
N GLU Q 2084 50.30 -0.69 15.25
CA GLU Q 2084 48.84 -0.64 15.28
C GLU Q 2084 48.22 -1.97 14.88
N LEU Q 2085 47.38 -2.51 15.77
CA LEU Q 2085 46.66 -3.75 15.52
C LEU Q 2085 45.68 -3.96 16.67
N ARG Q 2086 44.58 -4.63 16.35
CA ARG Q 2086 43.54 -4.89 17.34
C ARG Q 2086 44.09 -5.74 18.47
N GLU Q 2087 43.61 -5.46 19.70
CA GLU Q 2087 44.14 -6.12 20.89
C GLU Q 2087 44.09 -7.63 20.76
N PHE Q 2088 42.96 -8.16 20.32
CA PHE Q 2088 42.81 -9.57 19.98
C PHE Q 2088 42.53 -9.64 18.50
N ALA Q 2089 43.30 -10.45 17.77
CA ALA Q 2089 43.11 -10.53 16.33
C ALA Q 2089 43.55 -11.89 15.80
N LYS Q 2090 42.77 -12.43 14.85
CA LYS Q 2090 43.22 -13.64 14.14
C LYS Q 2090 44.50 -13.36 13.36
N VAL Q 2091 44.61 -12.18 12.77
CA VAL Q 2091 45.86 -11.81 12.11
C VAL Q 2091 46.99 -11.75 13.12
N ALA Q 2092 46.68 -11.33 14.36
CA ALA Q 2092 47.67 -11.36 15.43
C ALA Q 2092 47.98 -12.79 15.87
N GLU Q 2093 47.07 -13.72 15.63
CA GLU Q 2093 47.32 -15.12 15.99
C GLU Q 2093 48.42 -15.70 15.11
N PHE Q 2094 49.11 -16.71 15.65
CA PHE Q 2094 50.31 -17.24 15.00
C PHE Q 2094 49.94 -18.24 13.91
N LYS Q 2095 49.31 -19.35 14.29
CA LYS Q 2095 48.90 -20.40 13.34
C LYS Q 2095 50.08 -20.87 12.49
N ASP Q 2096 51.15 -21.24 13.17
CA ASP Q 2096 52.36 -21.68 12.47
C ASP Q 2096 52.11 -23.01 11.76
N PRO Q 2097 52.44 -23.12 10.48
CA PRO Q 2097 52.29 -24.40 9.79
C PRO Q 2097 53.52 -25.28 9.93
N SER Q 2098 53.31 -26.57 10.23
CA SER Q 2098 54.42 -27.52 10.35
C SER Q 2098 54.65 -28.30 9.06
N LEU Q 2099 53.58 -28.80 8.44
CA LEU Q 2099 53.66 -29.50 7.16
C LEU Q 2099 54.63 -30.67 7.22
N SER Q 2100 54.53 -31.45 8.30
CA SER Q 2100 55.46 -32.54 8.55
C SER Q 2100 55.14 -33.73 7.64
N LEU Q 2101 56.07 -34.06 6.76
CA LEU Q 2101 55.97 -35.25 5.92
C LEU Q 2101 56.80 -36.35 6.55
N VAL Q 2102 56.14 -37.41 7.02
CA VAL Q 2102 56.79 -38.44 7.82
C VAL Q 2102 56.45 -39.81 7.25
N VAL Q 2103 57.46 -40.67 7.17
CA VAL Q 2103 57.28 -42.07 6.83
C VAL Q 2103 57.16 -42.86 8.13
N PRO Q 2104 56.09 -43.60 8.35
CA PRO Q 2104 55.91 -44.31 9.62
C PRO Q 2104 56.96 -45.40 9.82
N ASP Q 2105 57.53 -45.43 11.03
CA ASP Q 2105 58.40 -46.52 11.49
C ASP Q 2105 59.54 -46.79 10.52
N PHE Q 2106 60.27 -45.74 10.16
CA PHE Q 2106 61.41 -45.91 9.27
C PHE Q 2106 62.56 -46.57 10.02
N LEU Q 2107 63.35 -47.37 9.28
CA LEU Q 2107 64.39 -48.19 9.89
C LEU Q 2107 65.68 -48.05 9.11
N CYS Q 2108 66.80 -48.09 9.85
CA CYS Q 2108 68.13 -48.12 9.26
C CYS Q 2108 68.68 -49.53 9.39
N GLU Q 2109 69.03 -50.13 8.25
CA GLU Q 2109 69.39 -51.54 8.22
C GLU Q 2109 70.62 -51.83 9.09
N TYR Q 2110 71.61 -50.93 9.06
CA TYR Q 2110 72.80 -51.11 9.89
C TYR Q 2110 72.46 -50.95 11.37
N CYS Q 2111 71.66 -49.95 11.71
CA CYS Q 2111 71.37 -49.67 13.12
C CYS Q 2111 70.18 -50.48 13.64
N PHE Q 2112 69.28 -50.90 12.74
CA PHE Q 2112 68.06 -51.65 13.07
C PHE Q 2112 67.09 -50.85 13.94
N PHE Q 2113 67.31 -49.55 14.09
CA PHE Q 2113 66.42 -48.72 14.90
C PHE Q 2113 65.13 -48.45 14.14
N ILE Q 2114 64.02 -48.42 14.86
CA ILE Q 2114 62.70 -48.14 14.30
C ILE Q 2114 62.26 -46.77 14.80
N SER Q 2115 62.04 -45.85 13.88
CA SER Q 2115 61.65 -44.49 14.24
C SER Q 2115 61.05 -43.80 13.02
N ASP Q 2116 59.98 -43.04 13.25
CA ASP Q 2116 59.40 -42.25 12.18
C ASP Q 2116 60.37 -41.16 11.75
N ILE Q 2117 60.52 -40.98 10.44
CA ILE Q 2117 61.43 -40.00 9.87
C ILE Q 2117 60.62 -38.90 9.23
N ASP Q 2118 60.81 -37.66 9.69
CA ASP Q 2118 60.04 -36.50 9.25
C ASP Q 2118 60.92 -35.71 8.28
N PHE Q 2119 60.54 -35.74 7.00
CA PHE Q 2119 61.42 -35.21 5.96
C PHE Q 2119 61.44 -33.68 5.94
N CYS Q 2120 60.28 -33.05 6.10
CA CYS Q 2120 60.23 -31.60 6.05
C CYS Q 2120 60.82 -30.97 7.30
N LYS Q 2121 60.47 -31.51 8.47
CA LYS Q 2121 60.86 -30.87 9.72
C LYS Q 2121 62.32 -31.13 10.07
N ALA Q 2122 62.83 -32.34 9.80
CA ALA Q 2122 64.18 -32.66 10.20
C ALA Q 2122 65.20 -31.94 9.30
N ALA Q 2123 66.40 -31.79 9.84
CA ALA Q 2123 67.48 -31.14 9.11
C ALA Q 2123 67.87 -31.98 7.90
N PRO Q 2124 68.41 -31.34 6.85
CA PRO Q 2124 68.73 -32.08 5.62
C PRO Q 2124 69.61 -33.30 5.85
N GLU Q 2125 70.58 -33.21 6.77
CA GLU Q 2125 71.39 -34.37 7.10
C GLU Q 2125 70.69 -35.28 8.10
N SER Q 2126 69.70 -34.77 8.83
CA SER Q 2126 68.98 -35.59 9.79
C SER Q 2126 68.18 -36.69 9.09
N ILE Q 2127 67.53 -36.34 7.97
CA ILE Q 2127 66.88 -37.36 7.16
C ILE Q 2127 67.91 -38.35 6.62
N PHE Q 2128 69.05 -37.82 6.15
CA PHE Q 2128 70.05 -38.68 5.54
C PHE Q 2128 70.64 -39.66 6.54
N SER Q 2129 71.11 -39.16 7.68
CA SER Q 2129 71.78 -39.97 8.69
C SER Q 2129 70.92 -40.05 9.94
N CYS Q 2130 70.65 -41.27 10.38
CA CYS Q 2130 69.87 -41.47 11.60
C CYS Q 2130 70.71 -41.14 12.83
N VAL Q 2131 70.02 -40.86 13.95
CA VAL Q 2131 70.69 -40.43 15.16
C VAL Q 2131 71.48 -41.59 15.79
N ARG Q 2132 70.90 -42.80 15.79
CA ARG Q 2132 71.52 -43.90 16.50
C ARG Q 2132 72.90 -44.22 15.96
N CYS Q 2133 72.99 -44.65 14.71
CA CYS Q 2133 74.26 -45.03 14.11
C CYS Q 2133 74.63 -44.06 13.01
N HIS Q 2134 75.93 -44.00 12.70
CA HIS Q 2134 76.43 -43.06 11.72
C HIS Q 2134 75.93 -43.35 10.31
N LYS Q 2135 75.42 -44.57 10.08
CA LYS Q 2135 75.01 -44.95 8.75
C LYS Q 2135 73.92 -44.03 8.21
N ALA Q 2136 74.08 -43.62 6.96
CA ALA Q 2136 73.16 -42.68 6.33
C ALA Q 2136 72.17 -43.41 5.44
N PHE Q 2137 70.92 -43.01 5.52
CA PHE Q 2137 69.88 -43.59 4.67
C PHE Q 2137 70.16 -43.28 3.21
N ASN Q 2138 70.00 -44.29 2.36
CA ASN Q 2138 70.08 -44.06 0.92
C ASN Q 2138 68.85 -43.32 0.42
N GLN Q 2139 69.04 -42.49 -0.61
CA GLN Q 2139 67.96 -41.65 -1.10
C GLN Q 2139 66.84 -42.47 -1.73
N VAL Q 2140 67.20 -43.56 -2.41
CA VAL Q 2140 66.21 -44.32 -3.16
C VAL Q 2140 65.13 -44.89 -2.24
N LEU Q 2141 65.54 -45.47 -1.10
CA LEU Q 2141 64.55 -46.00 -0.16
C LEU Q 2141 63.73 -44.89 0.46
N LEU Q 2142 64.35 -43.72 0.69
CA LEU Q 2142 63.61 -42.58 1.20
C LEU Q 2142 62.48 -42.19 0.25
N GLN Q 2143 62.79 -42.03 -1.03
CA GLN Q 2143 61.77 -41.69 -2.01
C GLN Q 2143 60.74 -42.80 -2.13
N GLU Q 2144 61.18 -44.06 -2.09
CA GLU Q 2144 60.24 -45.18 -2.18
C GLU Q 2144 59.24 -45.15 -1.04
N HIS Q 2145 59.73 -44.91 0.19
CA HIS Q 2145 58.83 -44.89 1.34
C HIS Q 2145 57.91 -43.68 1.31
N LEU Q 2146 58.43 -42.52 0.91
CA LEU Q 2146 57.61 -41.32 0.84
C LEU Q 2146 56.48 -41.50 -0.17
N ILE Q 2147 56.81 -42.00 -1.36
CA ILE Q 2147 55.80 -42.28 -2.36
C ILE Q 2147 54.86 -43.38 -1.89
N GLN Q 2148 55.39 -44.35 -1.14
CA GLN Q 2148 54.56 -45.40 -0.58
C GLN Q 2148 53.45 -44.80 0.28
N LYS Q 2149 53.82 -43.95 1.24
CA LYS Q 2149 52.82 -43.31 2.08
C LYS Q 2149 51.87 -42.44 1.26
N LEU Q 2150 52.42 -41.65 0.34
CA LEU Q 2150 51.60 -40.75 -0.47
C LEU Q 2150 50.52 -41.52 -1.22
N ARG Q 2151 50.93 -42.44 -2.09
CA ARG Q 2151 49.93 -43.15 -2.87
C ARG Q 2151 49.05 -44.01 -1.96
N SER Q 2152 49.61 -44.71 -0.98
CA SER Q 2152 48.78 -45.50 -0.07
C SER Q 2152 47.65 -44.66 0.48
N ASP Q 2153 47.93 -43.40 0.81
CA ASP Q 2153 46.86 -42.46 1.15
C ASP Q 2153 45.94 -42.20 -0.04
N ILE Q 2154 46.48 -42.22 -1.26
CA ILE Q 2154 45.62 -41.99 -2.44
C ILE Q 2154 44.58 -43.10 -2.58
N GLU Q 2155 45.02 -44.36 -2.56
CA GLU Q 2155 44.05 -45.47 -2.58
C GLU Q 2155 43.15 -45.44 -1.36
N SER Q 2156 43.67 -45.05 -0.20
CA SER Q 2156 42.80 -44.87 0.95
C SER Q 2156 41.67 -43.90 0.64
N TYR Q 2157 42.02 -42.77 0.02
CA TYR Q 2157 41.03 -41.83 -0.50
C TYR Q 2157 40.07 -42.51 -1.46
N LEU Q 2158 40.55 -43.50 -2.21
CA LEU Q 2158 39.67 -44.19 -3.15
C LEU Q 2158 38.82 -45.26 -2.49
N ILE Q 2159 39.05 -45.59 -1.21
CA ILE Q 2159 38.38 -46.73 -0.59
C ILE Q 2159 37.71 -46.31 0.72
N GLN Q 2160 37.41 -45.02 0.85
CA GLN Q 2160 36.85 -44.53 2.09
C GLN Q 2160 35.39 -44.94 2.23
N ASP Q 2161 34.82 -44.66 3.40
CA ASP Q 2161 33.42 -44.93 3.68
C ASP Q 2161 32.77 -43.65 4.17
N LEU Q 2162 31.67 -43.26 3.52
CA LEU Q 2162 31.03 -41.99 3.82
C LEU Q 2162 30.33 -42.01 5.16
N ARG Q 2163 30.16 -40.82 5.74
CA ARG Q 2163 29.59 -40.64 7.06
C ARG Q 2163 28.52 -39.55 6.97
N CYS Q 2164 27.38 -39.79 7.61
CA CYS Q 2164 26.22 -38.94 7.40
C CYS Q 2164 26.38 -37.59 8.09
N SER Q 2165 25.42 -36.70 7.81
CA SER Q 2165 25.46 -35.34 8.38
C SER Q 2165 24.77 -35.28 9.73
N ARG Q 2166 23.51 -35.73 9.79
CA ARG Q 2166 22.74 -35.62 11.03
C ARG Q 2166 22.91 -36.86 11.90
N CYS Q 2167 22.52 -38.03 11.39
CA CYS Q 2167 22.69 -39.25 12.17
C CYS Q 2167 24.15 -39.61 12.32
N HIS Q 2168 24.96 -39.29 11.31
CA HIS Q 2168 26.40 -39.58 11.26
C HIS Q 2168 26.71 -41.07 11.21
N LYS Q 2169 25.83 -41.89 10.66
CA LYS Q 2169 26.16 -43.29 10.48
C LYS Q 2169 27.19 -43.45 9.36
N VAL Q 2170 27.63 -44.68 9.16
CA VAL Q 2170 28.57 -45.02 8.10
C VAL Q 2170 27.79 -45.56 6.92
N LYS Q 2171 28.36 -45.46 5.73
CA LYS Q 2171 27.71 -45.90 4.50
C LYS Q 2171 27.75 -47.42 4.40
N ARG Q 2172 26.83 -48.05 5.12
CA ARG Q 2172 26.63 -49.48 4.97
C ARG Q 2172 25.93 -49.82 3.67
N ASP Q 2173 25.43 -48.83 2.96
CA ASP Q 2173 24.66 -49.04 1.74
C ASP Q 2173 25.48 -48.65 0.52
N TYR Q 2174 25.57 -49.57 -0.45
CA TYR Q 2174 26.20 -49.26 -1.71
C TYR Q 2174 25.32 -48.38 -2.59
N MET Q 2175 24.00 -48.51 -2.46
CA MET Q 2175 23.03 -47.68 -3.18
C MET Q 2175 22.43 -46.74 -2.13
N SER Q 2176 23.11 -45.63 -1.87
CA SER Q 2176 22.63 -44.72 -0.84
C SER Q 2176 21.88 -43.54 -1.45
N ALA Q 2177 22.59 -42.75 -2.26
CA ALA Q 2177 22.03 -41.54 -2.86
C ALA Q 2177 21.32 -40.69 -1.80
N HIS Q 2178 22.14 -40.18 -0.87
CA HIS Q 2178 21.73 -39.50 0.35
C HIS Q 2178 21.35 -40.53 1.43
N CYS Q 2179 21.62 -40.18 2.69
CA CYS Q 2179 21.41 -41.11 3.79
C CYS Q 2179 19.93 -41.42 3.97
N PRO Q 2180 19.62 -42.62 4.48
CA PRO Q 2180 18.26 -42.84 5.01
C PRO Q 2180 17.95 -41.95 6.18
N CYS Q 2181 18.98 -41.35 6.76
CA CYS Q 2181 18.83 -40.22 7.67
C CYS Q 2181 18.55 -38.95 6.88
N ALA Q 2182 18.07 -37.92 7.58
CA ALA Q 2182 17.81 -36.64 6.92
C ALA Q 2182 19.07 -35.99 6.42
N GLY Q 2183 20.17 -36.10 7.17
CA GLY Q 2183 21.43 -35.54 6.71
C GLY Q 2183 22.04 -36.35 5.58
N ALA Q 2184 22.89 -35.69 4.81
CA ALA Q 2184 23.63 -36.33 3.74
C ALA Q 2184 24.94 -36.88 4.28
N TRP Q 2185 25.66 -37.59 3.42
CA TRP Q 2185 26.93 -38.20 3.82
C TRP Q 2185 28.02 -37.16 3.71
N GLU Q 2186 28.51 -36.69 4.87
CA GLU Q 2186 29.52 -35.64 4.88
C GLU Q 2186 30.82 -36.11 4.25
N GLY Q 2187 31.49 -37.06 4.88
CA GLY Q 2187 32.82 -37.48 4.49
C GLY Q 2187 33.87 -37.11 5.53
N THR Q 2188 35.10 -37.52 5.25
CA THR Q 2188 36.16 -37.44 6.26
C THR Q 2188 37.40 -36.65 5.82
N LEU Q 2189 37.93 -36.87 4.61
CA LEU Q 2189 39.24 -36.32 4.23
C LEU Q 2189 39.43 -36.20 2.71
N PRO Q 2190 38.94 -35.14 2.07
CA PRO Q 2190 38.96 -35.09 0.60
C PRO Q 2190 40.28 -34.69 -0.04
N ARG Q 2191 40.20 -34.41 -1.34
CA ARG Q 2191 41.38 -34.36 -2.21
C ARG Q 2191 42.23 -33.12 -1.99
N GLU Q 2192 41.62 -32.00 -1.60
CA GLU Q 2192 42.30 -30.70 -1.76
C GLU Q 2192 43.59 -30.59 -0.94
N SER Q 2193 43.54 -30.97 0.34
CA SER Q 2193 44.76 -30.87 1.12
C SER Q 2193 45.72 -32.00 0.79
N ILE Q 2194 45.22 -33.09 0.19
CA ILE Q 2194 46.13 -34.07 -0.39
C ILE Q 2194 46.89 -33.43 -1.54
N VAL Q 2195 46.23 -32.58 -2.33
CA VAL Q 2195 46.89 -31.89 -3.42
C VAL Q 2195 47.92 -30.91 -2.89
N GLN Q 2196 47.59 -30.20 -1.80
CA GLN Q 2196 48.60 -29.31 -1.23
C GLN Q 2196 49.77 -30.11 -0.65
N LYS Q 2197 49.50 -31.30 -0.12
CA LYS Q 2197 50.58 -32.19 0.29
C LYS Q 2197 51.44 -32.60 -0.90
N LEU Q 2198 50.80 -32.82 -2.06
CA LEU Q 2198 51.55 -33.07 -3.28
C LEU Q 2198 52.43 -31.88 -3.63
N ASN Q 2199 51.92 -30.67 -3.42
CA ASN Q 2199 52.73 -29.48 -3.65
C ASN Q 2199 53.92 -29.42 -2.71
N VAL Q 2200 53.71 -29.82 -1.45
CA VAL Q 2200 54.83 -29.90 -0.50
C VAL Q 2200 55.84 -30.95 -0.96
N PHE Q 2201 55.35 -32.07 -1.49
CA PHE Q 2201 56.22 -33.07 -2.08
C PHE Q 2201 57.05 -32.47 -3.21
N LYS Q 2202 56.42 -31.66 -4.06
CA LYS Q 2202 57.14 -31.01 -5.14
C LYS Q 2202 58.18 -30.04 -4.60
N GLN Q 2203 57.84 -29.30 -3.55
CA GLN Q 2203 58.81 -28.40 -2.93
C GLN Q 2203 60.01 -29.16 -2.41
N VAL Q 2204 59.77 -30.30 -1.76
CA VAL Q 2204 60.88 -31.16 -1.31
C VAL Q 2204 61.67 -31.66 -2.50
N ALA Q 2205 60.98 -31.95 -3.61
CA ALA Q 2205 61.66 -32.44 -4.81
C ALA Q 2205 62.59 -31.38 -5.39
N LYS Q 2206 62.19 -30.11 -5.34
CA LYS Q 2206 63.15 -29.05 -5.64
C LYS Q 2206 64.26 -29.02 -4.61
N TYR Q 2207 63.91 -29.22 -3.33
CA TYR Q 2207 64.91 -29.20 -2.27
C TYR Q 2207 65.87 -30.37 -2.39
N TYR Q 2208 65.33 -31.58 -2.54
CA TYR Q 2208 66.11 -32.81 -2.65
C TYR Q 2208 65.82 -33.43 -4.01
N GLY Q 2209 66.87 -33.75 -4.76
CA GLY Q 2209 66.75 -34.23 -6.13
C GLY Q 2209 65.61 -35.20 -6.34
N PHE Q 2210 65.67 -36.35 -5.69
CA PHE Q 2210 64.55 -37.28 -5.58
C PHE Q 2210 63.94 -37.60 -6.96
N ASP Q 2211 64.76 -38.24 -7.80
CA ASP Q 2211 64.32 -38.58 -9.14
C ASP Q 2211 63.12 -39.53 -9.14
N ILE Q 2212 63.11 -40.51 -8.23
CA ILE Q 2212 61.93 -41.36 -8.11
C ILE Q 2212 60.72 -40.53 -7.70
N LEU Q 2213 60.90 -39.61 -6.76
CA LEU Q 2213 59.81 -38.72 -6.37
C LEU Q 2213 59.38 -37.83 -7.53
N LEU Q 2214 60.36 -37.35 -8.31
CA LEU Q 2214 60.02 -36.55 -9.48
C LEU Q 2214 59.17 -37.33 -10.47
N SER Q 2215 59.53 -38.59 -10.72
CA SER Q 2215 58.75 -39.43 -11.61
C SER Q 2215 57.35 -39.66 -11.07
N CYS Q 2216 57.24 -39.92 -9.75
CA CYS Q 2216 55.93 -40.11 -9.15
C CYS Q 2216 55.07 -38.86 -9.29
N ILE Q 2217 55.66 -37.69 -9.07
CA ILE Q 2217 54.92 -36.44 -9.21
C ILE Q 2217 54.46 -36.27 -10.66
N ALA Q 2218 55.34 -36.55 -11.61
CA ALA Q 2218 54.98 -36.42 -13.01
C ALA Q 2218 53.83 -37.35 -13.37
N ASP Q 2219 53.85 -38.58 -12.84
CA ASP Q 2219 52.74 -39.50 -13.08
C ASP Q 2219 51.45 -38.98 -12.46
N LEU Q 2220 51.52 -38.45 -11.24
CA LEU Q 2220 50.31 -38.02 -10.54
C LEU Q 2220 49.67 -36.82 -11.22
N THR Q 2221 50.48 -35.96 -11.83
CA THR Q 2221 49.92 -34.83 -12.58
C THR Q 2221 49.07 -35.30 -13.75
N ILE Q 2222 49.44 -36.42 -14.36
CA ILE Q 2222 48.70 -36.95 -15.50
C ILE Q 2222 47.44 -37.66 -15.02
N ILE R 12 47.94 -0.55 -46.52
CA ILE R 12 48.03 0.13 -47.80
C ILE R 12 46.68 0.66 -48.24
N GLN R 13 46.55 1.99 -48.24
CA GLN R 13 45.35 2.68 -48.66
C GLN R 13 44.09 2.17 -47.94
N PRO R 14 43.97 2.43 -46.64
CA PRO R 14 42.76 2.01 -45.91
C PRO R 14 41.50 2.72 -46.40
N PRO R 15 41.49 4.06 -46.52
CA PRO R 15 40.21 4.74 -46.79
C PRO R 15 39.52 4.30 -48.08
N LEU R 16 40.29 3.94 -49.10
CA LEU R 16 39.67 3.45 -50.33
C LEU R 16 38.98 2.11 -50.09
N LEU R 17 39.63 1.24 -49.30
CA LEU R 17 39.02 -0.04 -48.97
C LEU R 17 37.86 0.12 -48.00
N ARG R 18 37.76 1.27 -47.34
CA ARG R 18 36.75 1.49 -46.30
C ARG R 18 35.33 1.25 -46.82
N PRO R 19 34.88 1.90 -47.89
CA PRO R 19 33.53 1.59 -48.38
C PRO R 19 33.43 0.19 -48.95
N LEU R 20 34.52 -0.30 -49.57
CA LEU R 20 34.52 -1.64 -50.11
C LEU R 20 34.33 -2.67 -49.00
N ALA R 21 35.13 -2.58 -47.95
CA ALA R 21 34.98 -3.49 -46.82
C ALA R 21 33.63 -3.32 -46.15
N TYR R 22 33.13 -2.09 -46.08
CA TYR R 22 31.81 -1.88 -45.51
C TYR R 22 30.76 -2.65 -46.29
N ARG R 23 30.77 -2.52 -47.62
CA ARG R 23 29.85 -3.28 -48.46
C ARG R 23 30.02 -4.77 -48.24
N VAL R 24 31.25 -5.24 -48.18
CA VAL R 24 31.51 -6.67 -48.12
C VAL R 24 30.96 -7.25 -46.81
N LEU R 25 31.21 -6.58 -45.69
CA LEU R 25 30.92 -7.16 -44.38
C LEU R 25 29.65 -6.61 -43.74
N SER R 26 29.56 -5.30 -43.57
CA SER R 26 28.44 -4.74 -42.81
C SER R 26 27.14 -4.95 -43.54
N ARG R 27 27.11 -4.68 -44.84
CA ARG R 27 25.87 -4.85 -45.59
C ARG R 27 25.48 -6.32 -45.68
N LYS R 28 26.47 -7.21 -45.79
CA LYS R 28 26.17 -8.63 -45.90
C LYS R 28 25.64 -9.19 -44.59
N TYR R 29 26.31 -8.89 -43.48
CA TYR R 29 26.01 -9.54 -42.21
C TYR R 29 25.70 -8.59 -41.06
N GLY R 30 25.76 -7.28 -41.26
CA GLY R 30 25.65 -6.38 -40.12
C GLY R 30 26.80 -6.50 -39.15
N LEU R 31 28.01 -6.71 -39.66
CA LEU R 31 29.17 -6.98 -38.83
C LEU R 31 29.96 -5.70 -38.59
N SER R 32 30.48 -5.56 -37.38
CA SER R 32 31.25 -4.38 -37.00
C SER R 32 32.73 -4.58 -37.31
N ILE R 33 33.34 -3.57 -37.93
CA ILE R 33 34.76 -3.62 -38.29
C ILE R 33 35.43 -2.39 -37.69
N LYS R 34 36.48 -2.62 -36.92
CA LYS R 34 37.25 -1.52 -36.39
C LYS R 34 38.22 -0.98 -37.44
N SER R 35 38.74 0.22 -37.18
CA SER R 35 39.74 0.80 -38.08
C SER R 35 40.98 -0.08 -38.15
N ASP R 36 41.28 -0.80 -37.07
CA ASP R 36 42.48 -1.61 -37.00
C ASP R 36 42.35 -2.85 -37.89
N GLY R 37 41.19 -3.50 -37.87
CA GLY R 37 40.97 -4.61 -38.80
C GLY R 37 40.89 -4.14 -40.24
N LEU R 38 40.36 -2.93 -40.46
CA LEU R 38 40.36 -2.39 -41.82
C LEU R 38 41.78 -2.13 -42.29
N SER R 39 42.65 -1.66 -41.40
CA SER R 39 44.05 -1.54 -41.73
C SER R 39 44.67 -2.90 -42.03
N ALA R 40 44.25 -3.92 -41.28
CA ALA R 40 44.67 -5.29 -41.57
C ALA R 40 44.33 -5.66 -43.01
N LEU R 41 43.08 -5.44 -43.40
CA LEU R 41 42.68 -5.68 -44.78
C LEU R 41 43.49 -4.83 -45.75
N ALA R 42 43.87 -3.63 -45.33
CA ALA R 42 44.68 -2.77 -46.19
C ALA R 42 46.04 -3.40 -46.48
N GLU R 43 46.71 -3.93 -45.45
CA GLU R 43 48.00 -4.56 -45.75
C GLU R 43 47.81 -5.88 -46.48
N PHE R 44 46.66 -6.54 -46.29
CA PHE R 44 46.38 -7.72 -47.09
C PHE R 44 46.26 -7.37 -48.57
N VAL R 45 45.56 -6.26 -48.87
CA VAL R 45 45.50 -5.77 -50.25
C VAL R 45 46.90 -5.44 -50.75
N GLY R 46 47.74 -4.86 -49.88
CA GLY R 46 49.12 -4.63 -50.26
C GLY R 46 49.85 -5.91 -50.61
N THR R 47 49.61 -6.97 -49.83
CA THR R 47 50.17 -8.28 -50.16
C THR R 47 49.66 -8.76 -51.52
N ASN R 48 48.43 -8.40 -51.87
CA ASN R 48 47.95 -8.63 -53.22
C ASN R 48 48.69 -7.68 -54.15
N ILE R 49 49.69 -8.21 -54.86
CA ILE R 49 50.47 -7.38 -55.78
C ILE R 49 49.57 -6.79 -56.85
N GLY R 50 48.67 -7.61 -57.39
CA GLY R 50 47.70 -7.11 -58.35
C GLY R 50 46.69 -6.18 -57.71
N ALA R 51 46.06 -5.38 -58.55
CA ALA R 51 45.07 -4.42 -58.06
C ALA R 51 43.88 -5.15 -57.46
N ASN R 52 43.31 -4.54 -56.42
CA ASN R 52 42.25 -5.15 -55.62
C ASN R 52 40.91 -5.12 -56.35
N TRP R 53 40.75 -6.06 -57.29
CA TRP R 53 39.47 -6.26 -57.97
C TRP R 53 38.79 -7.55 -57.57
N ARG R 54 39.49 -8.67 -57.61
CA ARG R 54 38.93 -9.94 -57.16
C ARG R 54 39.12 -10.17 -55.68
N GLN R 55 39.72 -9.21 -54.96
CA GLN R 55 39.71 -9.28 -53.50
C GLN R 55 38.28 -9.25 -52.97
N GLY R 56 37.37 -8.63 -53.71
CA GLY R 56 35.96 -8.60 -53.36
C GLY R 56 35.43 -10.00 -53.08
N PRO R 57 35.51 -10.88 -54.08
CA PRO R 57 35.19 -12.29 -53.81
C PRO R 57 36.08 -12.91 -52.74
N ALA R 58 37.37 -12.54 -52.72
CA ALA R 58 38.25 -13.05 -51.68
C ALA R 58 37.80 -12.59 -50.30
N THR R 59 37.41 -11.32 -50.18
CA THR R 59 36.90 -10.83 -48.91
C THR R 59 35.56 -11.47 -48.57
N ILE R 60 34.78 -11.81 -49.59
CA ILE R 60 33.51 -12.50 -49.34
C ILE R 60 33.76 -13.86 -48.75
N LYS R 61 34.68 -14.62 -49.33
CA LYS R 61 35.05 -15.93 -48.77
C LYS R 61 35.62 -15.76 -47.37
N PHE R 62 36.41 -14.71 -47.17
CA PHE R 62 36.92 -14.36 -45.86
C PHE R 62 35.78 -14.21 -44.86
N LEU R 63 34.75 -13.44 -45.24
CA LEU R 63 33.60 -13.22 -44.39
C LEU R 63 32.85 -14.52 -44.10
N GLU R 64 32.68 -15.35 -45.12
CA GLU R 64 31.97 -16.61 -44.92
C GLU R 64 32.71 -17.52 -43.95
N GLN R 65 34.03 -17.60 -44.10
CA GLN R 65 34.83 -18.40 -43.17
C GLN R 65 34.75 -17.84 -41.76
N PHE R 66 34.82 -16.52 -41.63
CA PHE R 66 34.73 -15.91 -40.30
C PHE R 66 33.38 -16.22 -39.65
N ALA R 67 32.30 -16.10 -40.43
CA ALA R 67 30.98 -16.42 -39.89
C ALA R 67 30.86 -17.89 -39.54
N ALA R 68 31.43 -18.76 -40.36
CA ALA R 68 31.34 -20.20 -40.10
C ALA R 68 32.10 -20.59 -38.85
N VAL R 69 33.28 -20.02 -38.63
CA VAL R 69 34.15 -20.49 -37.56
C VAL R 69 34.00 -19.63 -36.31
N TRP R 70 34.32 -18.34 -36.42
CA TRP R 70 34.39 -17.48 -35.23
C TRP R 70 33.00 -17.19 -34.67
N LYS R 71 32.05 -16.84 -35.54
CA LYS R 71 30.70 -16.50 -35.11
C LYS R 71 30.70 -15.39 -34.06
N GLN R 72 31.52 -14.38 -34.28
CA GLN R 72 31.70 -13.31 -33.30
C GLN R 72 31.57 -11.95 -33.96
N GLN R 73 31.09 -10.98 -33.19
CA GLN R 73 31.05 -9.59 -33.61
C GLN R 73 32.46 -9.00 -33.54
N GLU R 74 32.60 -7.76 -34.02
CA GLU R 74 33.86 -7.02 -33.93
C GLU R 74 34.97 -7.73 -34.69
N ARG R 75 34.74 -7.97 -35.98
CA ARG R 75 35.72 -8.66 -36.79
C ARG R 75 36.97 -7.82 -37.04
N GLY R 76 36.86 -6.50 -36.95
CA GLY R 76 37.98 -5.63 -37.28
C GLY R 76 39.08 -5.62 -36.23
N LEU R 77 39.54 -6.80 -35.82
CA LEU R 77 40.48 -6.89 -34.71
C LEU R 77 41.93 -6.77 -35.16
N PHE R 78 42.30 -7.35 -36.31
CA PHE R 78 43.66 -7.36 -36.81
C PHE R 78 44.58 -8.21 -35.93
N ILE R 79 44.05 -8.71 -34.81
CA ILE R 79 44.77 -9.65 -33.96
C ILE R 79 44.15 -11.02 -34.14
N ASP R 80 42.89 -11.16 -33.72
CA ASP R 80 42.13 -12.34 -34.10
C ASP R 80 41.85 -12.35 -35.59
N GLN R 81 41.58 -11.18 -36.17
CA GLN R 81 41.43 -11.07 -37.61
C GLN R 81 42.70 -11.50 -38.33
N SER R 82 43.87 -11.27 -37.75
CA SER R 82 45.11 -11.78 -38.36
C SER R 82 45.11 -13.29 -38.39
N GLY R 83 44.67 -13.93 -37.30
CA GLY R 83 44.53 -15.37 -37.31
C GLY R 83 43.49 -15.84 -38.32
N VAL R 84 42.44 -15.04 -38.51
CA VAL R 84 41.44 -15.35 -39.52
C VAL R 84 42.06 -15.29 -40.91
N LYS R 85 42.91 -14.30 -41.15
CA LYS R 85 43.63 -14.21 -42.41
C LYS R 85 44.54 -15.41 -42.61
N GLU R 86 45.21 -15.84 -41.54
CA GLU R 86 46.08 -17.01 -41.64
C GLU R 86 45.27 -18.27 -41.97
N VAL R 87 44.12 -18.44 -41.32
CA VAL R 87 43.26 -19.57 -41.63
C VAL R 87 42.77 -19.49 -43.06
N ILE R 88 42.46 -18.28 -43.53
CA ILE R 88 42.00 -18.08 -44.90
C ILE R 88 43.09 -18.47 -45.90
N GLN R 89 44.33 -18.07 -45.64
CA GLN R 89 45.40 -18.41 -46.57
C GLN R 89 45.74 -19.89 -46.51
N GLU R 90 45.59 -20.52 -45.34
CA GLU R 90 45.72 -21.98 -45.28
C GLU R 90 44.65 -22.66 -46.12
N MET R 91 43.40 -22.19 -46.01
CA MET R 91 42.33 -22.75 -46.82
C MET R 91 42.60 -22.53 -48.31
N LYS R 92 43.11 -21.36 -48.67
CA LYS R 92 43.41 -21.09 -50.08
C LYS R 92 44.53 -22.01 -50.58
N GLU R 93 45.57 -22.21 -49.77
CA GLU R 93 46.63 -23.12 -50.16
C GLU R 93 46.10 -24.54 -50.31
N ARG R 94 45.16 -24.94 -49.44
CA ARG R 94 44.48 -26.22 -49.62
C ARG R 94 43.66 -26.22 -50.91
N GLU R 95 43.18 -25.05 -51.32
CA GLU R 95 42.40 -24.95 -52.55
C GLU R 95 43.29 -25.18 -53.77
N LYS R 96 44.49 -24.60 -53.79
CA LYS R 96 45.38 -24.82 -54.93
C LYS R 96 45.77 -26.29 -55.07
N VAL R 97 46.06 -26.95 -53.94
CA VAL R 97 46.56 -28.33 -54.02
C VAL R 97 45.47 -29.28 -54.49
N GLU R 98 44.21 -28.85 -54.42
CA GLU R 98 43.11 -29.65 -54.95
C GLU R 98 43.15 -29.69 -56.47
N ASP R 165 42.26 -43.12 -44.50
CA ASP R 165 43.54 -43.32 -43.85
C ASP R 165 43.46 -44.42 -42.81
N TRP R 166 44.59 -45.10 -42.58
CA TRP R 166 44.68 -46.19 -41.62
C TRP R 166 45.36 -45.79 -40.32
N ARG R 167 46.42 -44.98 -40.40
CA ARG R 167 47.18 -44.62 -39.21
C ARG R 167 46.40 -43.64 -38.33
N ASP R 168 45.50 -42.84 -38.92
CA ASP R 168 44.70 -41.92 -38.12
C ASP R 168 43.82 -42.68 -37.13
N TYR R 169 43.21 -43.77 -37.56
CA TYR R 169 42.46 -44.65 -36.68
C TYR R 169 43.44 -45.58 -35.96
N PHE R 170 42.88 -46.60 -35.31
CA PHE R 170 43.65 -47.58 -34.54
C PHE R 170 44.39 -46.94 -33.37
N LYS R 171 43.97 -45.75 -32.95
CA LYS R 171 44.68 -45.01 -31.92
C LYS R 171 44.62 -45.74 -30.58
N VAL R 172 45.72 -45.67 -29.84
CA VAL R 172 45.81 -46.28 -28.52
C VAL R 172 45.44 -45.22 -27.48
N ILE R 173 44.45 -45.53 -26.65
CA ILE R 173 43.97 -44.61 -25.63
C ILE R 173 44.10 -45.29 -24.27
N ASN R 174 44.49 -44.52 -23.26
CA ASN R 174 44.61 -45.03 -21.90
C ASN R 174 43.22 -45.22 -21.31
N ALA R 175 43.19 -45.56 -20.02
CA ALA R 175 41.92 -45.69 -19.33
C ALA R 175 41.19 -44.35 -19.26
N SER R 176 41.91 -43.29 -18.91
CA SER R 176 41.28 -41.98 -18.72
C SER R 176 40.99 -41.26 -20.03
N GLN R 177 41.54 -41.73 -21.15
CA GLN R 177 41.38 -41.02 -22.41
C GLN R 177 39.96 -41.12 -22.94
N GLN R 178 39.31 -42.25 -22.73
CA GLN R 178 37.95 -42.43 -23.23
C GLN R 178 36.99 -41.45 -22.57
N GLN R 179 36.11 -40.86 -23.38
CA GLN R 179 35.17 -39.87 -22.89
C GLN R 179 34.19 -40.51 -21.91
N ARG R 180 33.92 -39.82 -20.80
CA ARG R 180 32.98 -40.32 -19.82
C ARG R 180 31.56 -40.23 -20.35
N PHE R 181 30.72 -41.18 -19.92
CA PHE R 181 29.32 -41.19 -20.29
C PHE R 181 28.49 -41.56 -19.07
N SER R 182 27.39 -40.83 -18.87
CA SER R 182 26.50 -41.05 -17.73
C SER R 182 25.08 -41.23 -18.24
N TYR R 183 24.37 -42.18 -17.63
CA TYR R 183 22.99 -42.43 -18.03
C TYR R 183 22.10 -41.27 -17.60
N ASN R 184 21.09 -40.97 -18.42
CA ASN R 184 20.10 -39.96 -18.10
C ASN R 184 18.77 -40.42 -18.68
N PRO R 185 17.70 -40.44 -17.88
CA PRO R 185 16.39 -40.82 -18.45
C PRO R 185 15.95 -39.92 -19.59
N HIS R 186 16.25 -38.62 -19.52
CA HIS R 186 15.87 -37.72 -20.60
C HIS R 186 16.70 -37.99 -21.85
N LYS R 187 18.02 -38.08 -21.69
CA LYS R 187 18.93 -38.40 -22.79
C LYS R 187 19.66 -39.69 -22.42
N MET R 188 19.33 -40.76 -23.13
CA MET R 188 19.70 -42.13 -22.76
C MET R 188 21.12 -42.25 -22.21
N GLN R 189 22.06 -41.49 -22.77
CA GLN R 189 23.44 -41.46 -22.30
C GLN R 189 23.89 -40.00 -22.29
N PHE R 190 23.74 -39.34 -21.15
CA PHE R 190 24.19 -37.97 -21.02
C PHE R 190 25.71 -37.91 -21.18
N ILE R 191 26.18 -36.94 -21.97
CA ILE R 191 27.60 -36.82 -22.22
C ILE R 191 28.32 -36.33 -20.97
N PHE R 192 29.45 -36.95 -20.65
CA PHE R 192 30.28 -36.57 -19.53
C PHE R 192 31.72 -36.45 -19.99
N VAL R 193 32.59 -36.04 -19.07
CA VAL R 193 34.00 -35.78 -19.36
C VAL R 193 34.85 -36.55 -18.35
N PRO R 194 35.85 -37.30 -18.79
CA PRO R 194 36.74 -37.95 -17.82
C PRO R 194 37.66 -36.94 -17.15
N ASN R 195 38.22 -37.34 -16.01
CA ASN R 195 39.11 -36.50 -15.22
C ASN R 195 38.41 -35.21 -14.79
N GLY R 202 43.70 -35.49 -17.42
CA GLY R 202 45.12 -35.50 -17.11
C GLY R 202 45.55 -34.39 -16.18
N GLY R 203 44.71 -34.12 -15.18
CA GLY R 203 44.98 -33.08 -14.20
C GLY R 203 45.31 -33.67 -12.84
N ILE R 204 46.25 -33.03 -12.14
CA ILE R 204 46.62 -33.50 -10.81
C ILE R 204 45.44 -33.39 -9.86
N ALA R 205 44.66 -32.32 -9.98
CA ALA R 205 43.44 -32.22 -9.19
C ALA R 205 42.33 -33.08 -9.80
N GLY R 206 42.25 -33.12 -11.13
CA GLY R 206 41.12 -33.76 -11.78
C GLY R 206 41.07 -35.26 -11.58
N PHE R 207 42.24 -35.92 -11.56
CA PHE R 207 42.26 -37.38 -11.60
C PHE R 207 41.67 -37.99 -10.33
N LEU R 208 41.65 -37.25 -9.23
CA LEU R 208 41.11 -37.79 -7.99
C LEU R 208 39.59 -37.79 -8.03
N PRO R 209 38.94 -38.92 -7.75
CA PRO R 209 37.48 -38.97 -7.82
C PRO R 209 36.82 -38.22 -6.68
N ASP R 210 35.50 -38.07 -6.79
CA ASP R 210 34.71 -37.26 -5.87
C ASP R 210 33.66 -38.08 -5.15
N ILE R 211 32.96 -37.42 -4.23
CA ILE R 211 31.83 -38.04 -3.54
C ILE R 211 30.72 -38.37 -4.54
N GLU R 212 30.42 -37.43 -5.44
CA GLU R 212 29.47 -37.71 -6.51
C GLU R 212 29.95 -38.86 -7.38
N ASP R 213 31.28 -38.95 -7.58
CA ASP R 213 31.83 -40.09 -8.32
C ASP R 213 31.59 -41.38 -7.55
N LYS R 214 31.75 -41.35 -6.22
CA LYS R 214 31.45 -42.54 -5.44
C LYS R 214 30.00 -43.00 -5.64
N VAL R 215 29.04 -42.08 -5.47
CA VAL R 215 27.65 -42.52 -5.59
C VAL R 215 27.33 -42.93 -7.02
N GLN R 216 27.87 -42.19 -7.99
CA GLN R 216 27.51 -42.33 -9.39
C GLN R 216 28.16 -43.52 -10.08
N MET R 217 29.27 -44.05 -9.57
CA MET R 217 29.78 -45.27 -10.16
C MET R 217 28.81 -46.43 -9.94
N PHE R 218 28.35 -46.60 -8.69
CA PHE R 218 27.29 -47.57 -8.41
C PHE R 218 26.03 -47.24 -9.20
N LEU R 219 25.57 -45.99 -9.13
CA LEU R 219 24.34 -45.61 -9.80
C LEU R 219 24.44 -45.81 -11.31
N THR R 220 25.62 -45.58 -11.88
CA THR R 220 25.79 -45.71 -13.32
C THR R 220 25.77 -47.17 -13.73
N ARG R 221 26.43 -48.04 -12.96
CA ARG R 221 26.27 -49.47 -13.23
C ARG R 221 24.80 -49.85 -13.21
N TYR R 222 24.06 -49.40 -12.19
CA TYR R 222 22.66 -49.78 -12.10
C TYR R 222 21.86 -49.20 -13.27
N TYR R 223 22.14 -47.97 -13.67
CA TYR R 223 21.33 -47.33 -14.69
C TYR R 223 21.57 -47.96 -16.05
N LEU R 224 22.84 -48.27 -16.37
CA LEU R 224 23.13 -49.00 -17.60
C LEU R 224 22.47 -50.37 -17.58
N THR R 225 22.55 -51.07 -16.44
CA THR R 225 21.87 -52.35 -16.34
C THR R 225 20.37 -52.19 -16.56
N ASN R 226 19.77 -51.16 -15.96
CA ASN R 226 18.34 -50.95 -16.06
C ASN R 226 17.91 -50.65 -17.49
N ASP R 227 18.67 -49.80 -18.18
CA ASP R 227 18.28 -49.44 -19.54
C ASP R 227 18.46 -50.61 -20.50
N ARG R 228 19.57 -51.35 -20.39
CA ARG R 228 19.74 -52.50 -21.26
C ARG R 228 18.71 -53.57 -20.94
N VAL R 229 18.34 -53.72 -19.66
CA VAL R 229 17.34 -54.70 -19.27
C VAL R 229 15.97 -54.33 -19.82
N MET R 230 15.60 -53.05 -19.74
CA MET R 230 14.29 -52.65 -20.24
C MET R 230 14.24 -52.77 -21.76
N ARG R 231 15.34 -52.46 -22.45
CA ARG R 231 15.38 -52.72 -23.89
C ARG R 231 15.24 -54.21 -24.19
N ASN R 232 15.94 -55.06 -23.45
CA ASN R 232 15.88 -56.49 -23.70
C ASN R 232 14.48 -57.05 -23.37
N GLU R 233 13.81 -56.47 -22.37
CA GLU R 233 12.49 -56.94 -22.00
C GLU R 233 11.44 -56.48 -23.02
N ASN R 234 11.63 -55.27 -23.56
CA ASN R 234 10.84 -54.86 -24.71
C ASN R 234 11.04 -55.83 -25.86
N PHE R 235 12.28 -56.29 -26.05
CA PHE R 235 12.57 -57.27 -27.09
C PHE R 235 11.86 -58.60 -26.80
N GLN R 236 11.82 -59.00 -25.52
CA GLN R 236 11.28 -60.31 -25.16
C GLN R 236 9.80 -60.42 -25.50
N ASN R 237 9.01 -59.41 -25.12
CA ASN R 237 7.57 -59.46 -25.35
C ASN R 237 7.04 -58.08 -25.73
N SER R 263 4.32 -54.92 -25.64
CA SER R 263 5.50 -54.18 -26.18
C SER R 263 6.75 -54.57 -25.38
N SER R 264 6.58 -55.23 -24.23
CA SER R 264 7.73 -55.64 -23.38
C SER R 264 7.37 -56.89 -22.59
N SER R 265 8.37 -57.56 -22.02
CA SER R 265 8.13 -58.76 -21.18
C SER R 265 7.76 -58.33 -19.76
N MET R 266 7.86 -59.25 -18.79
CA MET R 266 7.57 -58.89 -17.38
C MET R 266 8.45 -57.70 -16.98
N SER R 267 7.94 -56.81 -16.12
CA SER R 267 8.71 -55.59 -15.74
C SER R 267 9.22 -55.72 -14.31
N ILE R 268 10.38 -55.13 -14.03
CA ILE R 268 10.98 -55.16 -12.65
C ILE R 268 10.06 -54.35 -11.71
N THR R 269 10.06 -54.69 -10.42
CA THR R 269 9.20 -53.98 -9.44
C THR R 269 10.08 -53.26 -8.41
N PRO R 270 9.93 -51.93 -8.23
CA PRO R 270 10.78 -51.17 -7.31
C PRO R 270 10.91 -51.89 -5.95
N ILE R 271 12.15 -52.06 -5.47
CA ILE R 271 12.36 -52.74 -4.20
C ILE R 271 11.40 -52.22 -3.13
N LYS R 272 11.17 -50.91 -3.12
CA LYS R 272 10.26 -50.34 -2.13
C LYS R 272 8.84 -50.85 -2.33
N ASN R 273 8.41 -50.98 -3.58
CA ASN R 273 7.07 -51.49 -3.85
C ASN R 273 6.94 -52.98 -3.54
N LEU R 274 8.06 -53.67 -3.30
CA LEU R 274 8.01 -55.10 -3.01
C LEU R 274 7.29 -55.37 -1.70
N LEU R 275 7.85 -54.86 -0.60
CA LEU R 275 7.43 -55.28 0.73
C LEU R 275 5.97 -54.93 1.01
N GLY R 276 5.39 -54.02 0.22
CA GLY R 276 4.00 -53.66 0.43
C GLY R 276 3.07 -54.85 0.37
N ARG R 277 3.44 -55.88 -0.38
CA ARG R 277 2.66 -57.10 -0.47
C ARG R 277 3.55 -58.31 -0.21
N ASP R 278 3.05 -59.24 0.59
CA ASP R 278 3.85 -60.35 1.08
C ASP R 278 3.92 -61.49 0.06
N ALA R 279 2.77 -62.08 -0.27
CA ALA R 279 2.74 -63.31 -1.04
C ALA R 279 2.83 -63.08 -2.55
N GLN R 280 2.90 -61.83 -2.99
CA GLN R 280 2.86 -61.55 -4.42
C GLN R 280 4.23 -61.77 -5.05
N ASN R 281 4.24 -62.26 -6.29
CA ASN R 281 5.46 -62.47 -7.04
C ASN R 281 5.82 -61.22 -7.84
N PHE R 282 7.12 -61.04 -8.08
CA PHE R 282 7.60 -59.82 -8.70
C PHE R 282 8.86 -60.09 -9.50
N LEU R 283 9.14 -59.20 -10.44
CA LEU R 283 10.40 -59.19 -11.18
C LEU R 283 11.31 -58.13 -10.57
N LEU R 284 12.60 -58.47 -10.43
CA LEU R 284 13.55 -57.59 -9.77
C LEU R 284 14.79 -57.40 -10.62
N LEU R 285 15.46 -56.26 -10.41
CA LEU R 285 16.76 -55.98 -10.99
C LEU R 285 17.55 -55.16 -9.98
N GLY R 286 18.65 -55.71 -9.49
CA GLY R 286 19.43 -55.03 -8.46
C GLY R 286 20.78 -55.68 -8.30
N LEU R 287 21.61 -55.02 -7.50
CA LEU R 287 22.98 -55.48 -7.27
C LEU R 287 23.03 -56.42 -6.08
N LEU R 288 23.64 -57.59 -6.30
CA LEU R 288 23.76 -58.61 -5.26
C LEU R 288 24.97 -58.31 -4.39
N ASN R 289 24.77 -58.33 -3.07
CA ASN R 289 25.87 -58.15 -2.14
C ASN R 289 25.50 -58.80 -0.82
N LYS R 290 26.52 -59.08 -0.02
CA LYS R 290 26.29 -59.65 1.31
C LYS R 290 25.72 -58.60 2.24
N ASN R 291 24.57 -58.90 2.83
CA ASN R 291 23.97 -58.03 3.83
C ASN R 291 24.73 -58.18 5.15
N PHE R 292 24.84 -57.07 5.89
CA PHE R 292 25.52 -57.13 7.19
C PHE R 292 24.72 -57.95 8.20
N LYS R 293 23.44 -58.21 7.93
CA LYS R 293 22.73 -59.24 8.67
C LYS R 293 23.31 -60.63 8.44
N GLY R 294 23.91 -60.85 7.27
CA GLY R 294 24.47 -62.13 6.90
C GLY R 294 23.84 -62.76 5.67
N ASN R 295 22.72 -62.23 5.20
CA ASN R 295 22.05 -62.77 4.03
C ASN R 295 22.56 -62.10 2.76
N TRP R 296 22.22 -62.69 1.62
CA TRP R 296 22.55 -62.08 0.34
C TRP R 296 21.51 -61.04 -0.02
N SER R 297 21.96 -59.80 -0.21
CA SER R 297 21.06 -58.67 -0.40
C SER R 297 21.14 -58.18 -1.84
N LEU R 298 19.98 -57.96 -2.44
CA LEU R 298 19.89 -57.34 -3.76
C LEU R 298 19.54 -55.88 -3.59
N GLU R 299 20.40 -55.01 -4.12
CA GLU R 299 20.34 -53.58 -3.82
C GLU R 299 20.17 -52.78 -5.10
N ASP R 300 19.26 -51.81 -5.07
CA ASP R 300 19.02 -50.89 -6.16
C ASP R 300 18.95 -49.48 -5.60
N PRO R 301 18.89 -48.46 -6.46
CA PRO R 301 18.74 -47.09 -5.93
C PRO R 301 17.54 -46.91 -5.04
N SER R 302 16.44 -47.64 -5.28
CA SER R 302 15.29 -47.53 -4.39
C SER R 302 15.57 -48.16 -3.04
N GLY R 303 16.38 -49.22 -3.01
CA GLY R 303 16.68 -49.87 -1.74
C GLY R 303 17.43 -51.16 -1.91
N SER R 304 17.28 -52.04 -0.93
CA SER R 304 17.96 -53.33 -0.93
C SER R 304 17.08 -54.36 -0.23
N VAL R 305 17.12 -55.60 -0.74
CA VAL R 305 16.36 -56.70 -0.18
C VAL R 305 17.27 -57.91 -0.03
N GLU R 306 17.26 -58.51 1.16
CA GLU R 306 17.93 -59.79 1.35
C GLU R 306 17.23 -60.86 0.52
N ILE R 307 18.02 -61.73 -0.09
CA ILE R 307 17.52 -62.70 -1.06
C ILE R 307 17.70 -64.10 -0.49
N ASP R 308 16.64 -64.90 -0.56
CA ASP R 308 16.69 -66.29 -0.12
C ASP R 308 17.35 -67.11 -1.22
N ILE R 309 18.59 -67.54 -0.97
CA ILE R 309 19.35 -68.26 -1.99
C ILE R 309 18.77 -69.65 -2.19
N SER R 310 17.97 -70.13 -1.26
CA SER R 310 17.27 -71.39 -1.45
C SER R 310 16.17 -71.22 -2.49
N GLN R 311 15.60 -72.33 -2.94
CA GLN R 311 14.62 -72.40 -4.04
C GLN R 311 15.01 -71.53 -5.23
N THR R 312 16.31 -71.35 -5.48
CA THR R 312 16.79 -70.45 -6.50
C THR R 312 17.63 -71.23 -7.51
N ILE R 313 17.22 -71.22 -8.77
CA ILE R 313 17.95 -71.89 -9.83
C ILE R 313 18.77 -70.84 -10.59
N PRO R 314 20.08 -70.99 -10.68
CA PRO R 314 20.87 -70.07 -11.50
C PRO R 314 20.65 -70.33 -12.98
N THR R 315 20.91 -69.31 -13.80
CA THR R 315 20.99 -69.53 -15.23
C THR R 315 22.35 -70.12 -15.58
N GLN R 316 22.33 -71.30 -16.19
CA GLN R 316 23.56 -72.05 -16.41
C GLN R 316 24.49 -71.36 -17.41
N GLY R 317 23.96 -70.44 -18.22
CA GLY R 317 24.78 -69.79 -19.21
C GLY R 317 25.66 -68.68 -18.68
N HIS R 318 25.43 -68.25 -17.44
CA HIS R 318 26.14 -67.11 -16.87
C HIS R 318 26.76 -67.47 -15.54
N TYR R 319 27.93 -66.89 -15.26
CA TYR R 319 28.51 -66.92 -13.93
C TYR R 319 27.70 -66.02 -12.99
N TYR R 320 27.90 -66.22 -11.70
CA TYR R 320 27.22 -65.41 -10.69
C TYR R 320 28.13 -65.23 -9.49
N VAL R 321 28.55 -63.98 -9.27
CA VAL R 321 29.41 -63.62 -8.14
C VAL R 321 28.80 -62.42 -7.46
N PRO R 322 29.09 -62.23 -6.17
CA PRO R 322 28.59 -61.04 -5.47
C PRO R 322 29.08 -59.76 -6.13
N GLY R 323 28.23 -58.74 -6.10
CA GLY R 323 28.54 -57.50 -6.78
C GLY R 323 28.11 -57.47 -8.23
N CYS R 324 27.06 -58.20 -8.58
CA CYS R 324 26.57 -58.25 -9.95
C CYS R 324 25.07 -58.00 -9.96
N MET R 325 24.60 -57.42 -11.05
CA MET R 325 23.17 -57.20 -11.25
C MET R 325 22.51 -58.52 -11.67
N VAL R 326 21.19 -58.58 -11.54
CA VAL R 326 20.48 -59.81 -11.86
C VAL R 326 19.00 -59.51 -12.04
N LEU R 327 18.36 -60.25 -12.94
CA LEU R 327 16.91 -60.26 -13.11
C LEU R 327 16.34 -61.52 -12.48
N VAL R 328 15.44 -61.36 -11.51
CA VAL R 328 14.96 -62.49 -10.72
C VAL R 328 13.45 -62.42 -10.57
N GLU R 329 12.85 -63.58 -10.32
CA GLU R 329 11.42 -63.73 -10.11
C GLU R 329 11.17 -64.55 -8.85
N GLY R 330 10.26 -64.07 -8.00
CA GLY R 330 9.92 -64.84 -6.83
C GLY R 330 8.95 -64.09 -5.94
N ILE R 331 8.66 -64.70 -4.80
CA ILE R 331 7.82 -64.13 -3.77
C ILE R 331 8.71 -63.42 -2.76
N TYR R 332 8.18 -62.41 -2.09
CA TYR R 332 9.02 -61.66 -1.15
C TYR R 332 8.85 -62.14 0.28
N TYR R 333 7.63 -62.53 0.68
CA TYR R 333 7.35 -62.90 2.06
C TYR R 333 7.71 -61.77 3.02
N SER R 334 6.92 -60.69 2.96
CA SER R 334 7.16 -59.51 3.78
C SER R 334 7.28 -59.87 5.26
N VAL R 335 6.55 -60.89 5.71
CA VAL R 335 6.73 -61.37 7.07
C VAL R 335 8.14 -61.93 7.27
N GLY R 336 8.62 -62.71 6.29
CA GLY R 336 9.98 -63.19 6.33
C GLY R 336 11.01 -62.19 5.84
N ASN R 337 10.58 -61.19 5.07
CA ASN R 337 11.38 -60.06 4.61
C ASN R 337 12.54 -60.47 3.69
N LYS R 338 12.64 -61.75 3.33
CA LYS R 338 13.67 -62.21 2.40
C LYS R 338 12.99 -62.65 1.11
N PHE R 339 13.44 -62.11 -0.01
CA PHE R 339 12.81 -62.42 -1.29
C PHE R 339 13.03 -63.89 -1.64
N HIS R 340 11.95 -64.67 -1.64
CA HIS R 340 12.00 -66.08 -2.04
C HIS R 340 11.96 -66.13 -3.57
N VAL R 341 13.08 -65.76 -4.16
CA VAL R 341 13.25 -65.84 -5.60
C VAL R 341 13.18 -67.30 -6.05
N THR R 342 12.46 -67.54 -7.15
CA THR R 342 12.41 -68.87 -7.72
C THR R 342 13.46 -69.06 -8.80
N SER R 343 13.41 -68.22 -9.84
CA SER R 343 14.34 -68.30 -10.96
C SER R 343 15.23 -67.06 -10.96
N MET R 344 16.52 -67.27 -11.14
CA MET R 344 17.51 -66.21 -11.09
C MET R 344 18.27 -66.16 -12.41
N THR R 345 18.18 -65.02 -13.10
CA THR R 345 18.74 -64.87 -14.44
C THR R 345 19.60 -63.61 -14.49
N LEU R 346 20.83 -63.75 -15.00
CA LEU R 346 21.68 -62.59 -15.20
C LEU R 346 21.05 -61.67 -16.23
N PRO R 347 21.17 -60.36 -16.06
CA PRO R 347 20.53 -59.43 -17.01
C PRO R 347 21.03 -59.64 -18.42
N PRO R 348 20.13 -59.87 -19.37
CA PRO R 348 20.57 -60.10 -20.75
C PRO R 348 21.31 -58.90 -21.31
N GLY R 349 22.33 -59.19 -22.11
CA GLY R 349 23.09 -58.15 -22.76
C GLY R 349 22.44 -57.66 -24.04
N GLU R 350 23.07 -56.66 -24.63
CA GLU R 350 22.58 -56.06 -25.86
C GLU R 350 23.73 -55.93 -26.84
N ARG R 351 23.48 -56.26 -28.10
CA ARG R 351 24.52 -56.20 -29.13
C ARG R 351 24.98 -54.77 -29.33
N ARG R 352 26.26 -54.61 -29.66
CA ARG R 352 26.83 -53.29 -29.91
C ARG R 352 26.07 -52.56 -31.00
N GLU R 353 25.75 -53.27 -32.10
CA GLU R 353 24.94 -52.66 -33.15
C GLU R 353 23.54 -52.36 -32.65
N ILE R 354 22.96 -53.28 -31.87
CA ILE R 354 21.62 -53.03 -31.32
C ILE R 354 21.65 -51.88 -30.33
N THR R 355 22.69 -51.82 -29.48
CA THR R 355 22.80 -50.71 -28.56
C THR R 355 22.93 -49.38 -29.30
N LEU R 356 23.75 -49.36 -30.36
CA LEU R 356 23.93 -48.14 -31.14
C LEU R 356 22.62 -47.72 -31.81
N GLU R 357 21.89 -48.66 -32.38
CA GLU R 357 20.65 -48.32 -33.07
C GLU R 357 19.57 -47.88 -32.08
N THR R 358 19.60 -48.41 -30.86
CA THR R 358 18.68 -47.95 -29.84
C THR R 358 19.02 -46.54 -29.38
N ILE R 359 20.32 -46.25 -29.22
CA ILE R 359 20.75 -44.91 -28.81
C ILE R 359 20.93 -43.96 -29.98
N GLY R 360 20.75 -44.42 -31.21
CA GLY R 360 20.90 -43.57 -32.36
C GLY R 360 22.35 -43.41 -32.79
N ASN R 361 22.53 -42.62 -33.85
CA ASN R 361 23.86 -42.38 -34.39
C ASN R 361 24.68 -41.51 -33.45
N LEU R 362 25.90 -41.96 -33.14
CA LEU R 362 26.80 -41.24 -32.26
C LEU R 362 28.23 -41.55 -32.65
N ASP R 363 29.14 -40.69 -32.20
CA ASP R 363 30.56 -40.87 -32.51
C ASP R 363 31.37 -41.05 -31.22
N LYS R 381 26.57 -43.72 -40.60
CA LYS R 381 26.50 -45.03 -41.22
C LYS R 381 27.43 -45.11 -42.44
N ASP R 382 27.44 -44.03 -43.22
CA ASP R 382 28.29 -44.00 -44.42
C ASP R 382 29.77 -44.09 -44.05
N LEU R 383 30.19 -43.34 -43.01
CA LEU R 383 31.58 -43.42 -42.56
C LEU R 383 31.91 -44.82 -42.06
N LYS R 384 31.01 -45.42 -41.29
CA LYS R 384 31.26 -46.75 -40.76
C LYS R 384 31.38 -47.78 -41.88
N ILE R 385 30.51 -47.70 -42.88
CA ILE R 385 30.57 -48.68 -43.97
C ILE R 385 31.79 -48.44 -44.84
N ARG R 386 32.20 -47.18 -45.03
CA ARG R 386 33.43 -46.91 -45.76
C ARG R 386 34.63 -47.49 -45.03
N LEU R 387 34.68 -47.32 -43.71
CA LEU R 387 35.78 -47.88 -42.93
C LEU R 387 35.74 -49.41 -42.97
N HIS R 388 34.54 -49.99 -42.95
CA HIS R 388 34.43 -51.45 -43.05
C HIS R 388 34.96 -51.94 -44.39
N LEU R 389 34.62 -51.26 -45.48
CA LEU R 389 35.13 -51.62 -46.79
C LEU R 389 36.64 -51.48 -46.84
N LEU R 390 37.19 -50.41 -46.26
CA LEU R 390 38.62 -50.23 -46.25
C LEU R 390 39.31 -51.33 -45.46
N GLU R 391 38.75 -51.72 -44.32
CA GLU R 391 39.35 -52.78 -43.51
C GLU R 391 39.29 -54.11 -44.24
N LYS R 392 38.17 -54.40 -44.91
CA LYS R 392 38.09 -55.61 -45.72
C LYS R 392 39.13 -55.58 -46.84
N GLU R 393 39.36 -54.39 -47.40
CA GLU R 393 40.47 -54.22 -48.33
C GLU R 393 41.81 -54.45 -47.63
N LEU R 394 41.93 -54.00 -46.39
CA LEU R 394 43.14 -54.24 -45.61
C LEU R 394 43.32 -55.73 -45.37
N THR R 395 44.57 -56.17 -45.41
CA THR R 395 44.89 -57.59 -45.32
C THR R 395 46.12 -57.75 -44.44
N ASP R 396 46.27 -58.95 -43.89
CA ASP R 396 47.41 -59.43 -43.11
C ASP R 396 47.77 -58.53 -41.92
N HIS R 397 46.85 -57.67 -41.49
CA HIS R 397 47.06 -56.90 -40.27
C HIS R 397 47.12 -57.84 -39.08
N LYS R 398 48.30 -57.98 -38.48
CA LYS R 398 48.54 -58.97 -37.44
C LYS R 398 48.41 -58.32 -36.07
N PHE R 399 47.52 -58.87 -35.24
CA PHE R 399 47.38 -58.45 -33.86
C PHE R 399 48.01 -59.54 -33.00
N VAL R 400 49.18 -59.26 -32.45
CA VAL R 400 49.98 -60.24 -31.73
C VAL R 400 49.96 -59.91 -30.25
N ILE R 401 49.61 -60.90 -29.43
CA ILE R 401 49.59 -60.76 -27.99
C ILE R 401 50.50 -61.84 -27.41
N LEU R 402 51.53 -61.41 -26.68
CA LEU R 402 52.56 -62.34 -26.21
C LEU R 402 51.97 -63.36 -25.24
N GLY R 403 51.15 -62.90 -24.30
CA GLY R 403 50.56 -63.77 -23.30
C GLY R 403 50.88 -63.31 -21.89
N ALA R 404 50.07 -63.75 -20.94
CA ALA R 404 50.09 -63.20 -19.59
C ALA R 404 51.43 -63.44 -18.91
N ASN R 405 51.85 -62.44 -18.12
CA ASN R 405 52.98 -62.55 -17.21
C ASN R 405 54.29 -62.83 -17.95
N LEU R 406 54.64 -61.94 -18.88
CA LEU R 406 55.98 -61.99 -19.47
C LEU R 406 56.98 -61.54 -18.41
N PHE R 407 58.06 -62.30 -18.27
CA PHE R 407 59.06 -62.01 -17.25
C PHE R 407 60.38 -61.63 -17.91
N LEU R 408 60.87 -60.44 -17.58
CA LEU R 408 62.13 -59.96 -18.13
C LEU R 408 63.34 -60.44 -17.33
N ASP R 409 63.13 -61.02 -16.16
CA ASP R 409 64.25 -61.46 -15.32
C ASP R 409 64.88 -62.75 -15.85
N ASP R 410 64.07 -63.72 -16.27
CA ASP R 410 64.59 -65.02 -16.64
C ASP R 410 65.36 -64.97 -17.95
N LEU R 411 66.50 -65.65 -17.98
CA LEU R 411 67.31 -65.70 -19.20
C LEU R 411 66.73 -66.64 -20.24
N LYS R 412 66.16 -67.77 -19.80
CA LYS R 412 65.49 -68.67 -20.74
C LYS R 412 64.29 -67.99 -21.38
N ILE R 413 63.49 -67.29 -20.57
CA ILE R 413 62.37 -66.52 -21.11
C ILE R 413 62.89 -65.40 -22.01
N MET R 414 64.04 -64.82 -21.65
CA MET R 414 64.64 -63.79 -22.51
C MET R 414 65.00 -64.36 -23.88
N THR R 415 65.59 -65.55 -23.91
CA THR R 415 65.93 -66.18 -25.19
C THR R 415 64.68 -66.53 -25.98
N ALA R 416 63.65 -67.04 -25.29
CA ALA R 416 62.40 -67.35 -25.98
C ALA R 416 61.77 -66.10 -26.58
N LEU R 417 61.79 -65.00 -25.83
CA LEU R 417 61.23 -63.75 -26.36
C LEU R 417 62.08 -63.20 -27.50
N SER R 418 63.40 -63.39 -27.42
CA SER R 418 64.26 -62.99 -28.54
C SER R 418 63.91 -63.77 -29.80
N LYS R 419 63.71 -65.07 -29.67
CA LYS R 419 63.30 -65.88 -30.82
C LYS R 419 61.93 -65.44 -31.33
N ILE R 420 61.01 -65.11 -30.42
CA ILE R 420 59.70 -64.63 -30.83
C ILE R 420 59.84 -63.33 -31.62
N LEU R 421 60.70 -62.42 -31.16
CA LEU R 421 60.93 -61.17 -31.89
C LEU R 421 61.56 -61.44 -33.24
N GLN R 422 62.42 -62.45 -33.33
CA GLN R 422 62.96 -62.86 -34.62
C GLN R 422 61.84 -63.30 -35.56
N LYS R 423 60.89 -64.08 -35.03
CA LYS R 423 59.75 -64.52 -35.83
C LYS R 423 58.90 -63.33 -36.28
N LEU R 424 58.65 -62.38 -35.37
CA LEU R 424 57.84 -61.21 -35.71
C LEU R 424 58.58 -60.29 -36.68
N ASN R 425 59.91 -60.40 -36.75
CA ASN R 425 60.66 -59.58 -37.70
C ASN R 425 60.27 -59.90 -39.13
N ASP R 426 59.86 -61.15 -39.39
CA ASP R 426 59.45 -61.53 -40.74
C ASP R 426 58.23 -60.73 -41.18
N ASP R 427 57.25 -60.57 -40.29
CA ASP R 427 56.05 -59.78 -40.57
C ASP R 427 55.76 -58.92 -39.36
N PRO R 428 56.05 -57.62 -39.42
CA PRO R 428 55.74 -56.74 -38.30
C PRO R 428 54.24 -56.69 -38.04
N PRO R 429 53.80 -57.04 -36.85
CA PRO R 429 52.37 -57.02 -36.56
C PRO R 429 51.84 -55.59 -36.47
N THR R 430 50.60 -55.40 -36.93
CA THR R 430 49.97 -54.10 -36.79
C THR R 430 49.57 -53.82 -35.35
N LEU R 431 49.56 -54.83 -34.49
CA LEU R 431 49.30 -54.66 -33.07
C LEU R 431 50.18 -55.61 -32.28
N LEU R 432 50.81 -55.10 -31.23
CA LEU R 432 51.56 -55.91 -30.29
C LEU R 432 51.19 -55.51 -28.87
N ILE R 433 50.89 -56.51 -28.04
CA ILE R 433 50.44 -56.31 -26.67
C ILE R 433 51.49 -56.87 -25.73
N TRP R 434 51.93 -56.04 -24.79
CA TRP R 434 52.82 -56.46 -23.72
C TRP R 434 52.02 -56.49 -22.43
N GLN R 435 52.12 -57.62 -21.72
CA GLN R 435 51.18 -57.94 -20.65
C GLN R 435 51.76 -57.56 -19.29
N GLY R 436 50.91 -57.68 -18.27
CA GLY R 436 51.28 -57.29 -16.93
C GLY R 436 52.34 -58.18 -16.33
N SER R 437 52.83 -57.75 -15.16
CA SER R 437 53.86 -58.47 -14.42
C SER R 437 55.11 -58.68 -15.26
N PHE R 438 55.62 -57.56 -15.81
CA PHE R 438 56.83 -57.63 -16.63
C PHE R 438 57.99 -58.24 -15.86
N THR R 439 58.07 -57.96 -14.56
CA THR R 439 59.08 -58.55 -13.70
C THR R 439 58.60 -59.87 -13.15
N SER R 440 59.56 -60.76 -12.86
CA SER R 440 59.21 -62.08 -12.34
C SER R 440 58.62 -62.00 -10.94
N VAL R 441 59.29 -61.30 -10.04
CA VAL R 441 58.84 -61.21 -8.65
C VAL R 441 58.44 -59.76 -8.39
N PRO R 442 57.52 -59.53 -7.46
CA PRO R 442 57.03 -58.17 -7.22
C PRO R 442 58.16 -57.21 -6.85
N VAL R 443 58.06 -55.99 -7.38
CA VAL R 443 59.02 -54.93 -7.11
C VAL R 443 58.37 -53.90 -6.21
N PHE R 444 59.08 -53.47 -5.17
CA PHE R 444 58.50 -52.62 -4.16
C PHE R 444 59.63 -51.99 -3.33
N ALA R 445 59.22 -51.16 -2.38
CA ALA R 445 60.19 -50.47 -1.53
C ALA R 445 60.93 -51.45 -0.64
N SER R 446 62.22 -51.19 -0.44
CA SER R 446 63.08 -52.04 0.37
C SER R 446 63.89 -51.15 1.33
N MET R 447 63.45 -51.09 2.60
CA MET R 447 64.25 -50.41 3.60
C MET R 447 65.55 -51.17 3.87
N SER R 448 65.49 -52.51 3.78
CA SER R 448 66.68 -53.35 3.88
C SER R 448 67.24 -53.50 2.47
N SER R 449 67.75 -52.40 1.92
CA SER R 449 68.29 -52.41 0.58
C SER R 449 69.54 -53.27 0.51
N ARG R 450 69.71 -53.98 -0.60
CA ARG R 450 70.88 -54.82 -0.85
C ARG R 450 71.92 -54.12 -1.70
N ASN R 451 72.07 -52.81 -1.47
CA ASN R 451 72.91 -51.79 -2.11
C ASN R 451 72.36 -51.37 -3.47
N ILE R 452 71.24 -51.96 -3.91
CA ILE R 452 70.65 -51.61 -5.19
C ILE R 452 69.14 -51.82 -5.08
N SER R 453 68.37 -50.76 -5.36
CA SER R 453 66.94 -50.81 -5.16
C SER R 453 66.27 -51.74 -6.16
N SER R 454 65.19 -52.39 -5.70
CA SER R 454 64.42 -53.26 -6.59
C SER R 454 63.83 -52.47 -7.74
N SER R 455 63.42 -51.23 -7.47
CA SER R 455 62.96 -50.36 -8.55
C SER R 455 64.03 -50.16 -9.61
N THR R 456 65.30 -50.18 -9.21
CA THR R 456 66.37 -50.02 -10.18
C THR R 456 66.46 -51.24 -11.10
N GLN R 457 66.34 -52.45 -10.55
CA GLN R 457 66.29 -53.62 -11.40
C GLN R 457 65.07 -53.60 -12.31
N PHE R 458 63.93 -53.14 -11.80
CA PHE R 458 62.72 -53.06 -12.61
C PHE R 458 62.94 -52.08 -13.78
N LYS R 459 63.55 -50.93 -13.50
CA LYS R 459 63.92 -49.98 -14.53
C LYS R 459 64.90 -50.57 -15.54
N ASN R 460 65.91 -51.30 -15.06
CA ASN R 460 66.90 -51.88 -15.96
C ASN R 460 66.29 -52.96 -16.83
N ASN R 461 65.36 -53.74 -16.29
CA ASN R 461 64.65 -54.73 -17.09
C ASN R 461 63.83 -54.05 -18.18
N PHE R 462 63.19 -52.93 -17.86
CA PHE R 462 62.48 -52.19 -18.89
C PHE R 462 63.43 -51.64 -19.95
N ASP R 463 64.57 -51.12 -19.52
CA ASP R 463 65.55 -50.60 -20.47
C ASP R 463 66.07 -51.70 -21.39
N ALA R 464 66.29 -52.89 -20.82
CA ALA R 464 66.72 -54.03 -21.61
C ALA R 464 65.61 -54.45 -22.56
N LEU R 465 66.03 -55.13 -23.63
CA LEU R 465 65.23 -55.64 -24.74
C LEU R 465 64.76 -54.51 -25.66
N ALA R 466 64.95 -53.25 -25.30
CA ALA R 466 64.71 -52.17 -26.26
C ALA R 466 65.67 -52.28 -27.44
N THR R 467 66.94 -52.54 -27.17
CA THR R 467 67.90 -52.77 -28.24
C THR R 467 67.51 -54.00 -29.06
N LEU R 468 67.05 -55.05 -28.39
CA LEU R 468 66.62 -56.26 -29.10
C LEU R 468 65.47 -55.94 -30.06
N LEU R 469 64.50 -55.15 -29.60
CA LEU R 469 63.42 -54.72 -30.48
C LEU R 469 63.97 -53.90 -31.65
N SER R 470 64.88 -52.99 -31.37
CA SER R 470 65.47 -52.16 -32.42
C SER R 470 66.52 -52.90 -33.24
N ARG R 471 67.11 -53.97 -32.70
CA ARG R 471 68.12 -54.73 -33.44
C ARG R 471 67.51 -55.33 -34.71
N PHE R 472 66.33 -55.91 -34.59
CA PHE R 472 65.63 -56.46 -35.76
C PHE R 472 65.04 -55.30 -36.54
N ASP R 473 65.54 -55.09 -37.75
CA ASP R 473 65.22 -53.87 -38.49
C ASP R 473 63.74 -53.80 -38.87
N ASN R 474 63.21 -54.88 -39.47
CA ASN R 474 61.80 -54.87 -39.83
C ASN R 474 60.91 -54.76 -38.61
N LEU R 475 61.34 -55.37 -37.49
CA LEU R 475 60.67 -55.15 -36.23
C LEU R 475 60.87 -53.70 -35.77
N THR R 476 59.89 -53.17 -35.05
CA THR R 476 59.90 -51.79 -34.55
C THR R 476 59.96 -50.78 -35.70
N GLU R 477 59.45 -51.15 -36.87
CA GLU R 477 59.30 -50.24 -38.00
C GLU R 477 57.87 -50.34 -38.50
N ASN R 478 57.17 -49.21 -38.52
CA ASN R 478 55.74 -49.17 -38.84
C ASN R 478 54.96 -50.13 -37.96
N THR R 479 55.35 -50.18 -36.69
CA THR R 479 54.85 -51.14 -35.71
C THR R 479 54.29 -50.36 -34.53
N THR R 480 53.68 -51.06 -33.58
CA THR R 480 53.30 -50.48 -32.31
C THR R 480 53.42 -51.54 -31.22
N MET R 481 54.00 -51.16 -30.09
CA MET R 481 54.08 -52.02 -28.92
C MET R 481 53.25 -51.41 -27.80
N ILE R 482 52.29 -52.17 -27.29
CA ILE R 482 51.39 -51.71 -26.24
C ILE R 482 51.69 -52.51 -24.99
N PHE R 483 51.90 -51.81 -23.86
CA PHE R 483 52.30 -52.44 -22.61
C PHE R 483 51.18 -52.31 -21.60
N ILE R 484 50.90 -53.39 -20.90
CA ILE R 484 49.81 -53.46 -19.92
C ILE R 484 50.42 -53.65 -18.54
N PRO R 485 50.03 -52.85 -17.54
CA PRO R 485 50.57 -53.01 -16.19
C PRO R 485 50.08 -54.30 -15.55
N GLY R 486 50.81 -54.72 -14.53
CA GLY R 486 50.48 -55.93 -13.81
C GLY R 486 50.70 -55.82 -12.31
N PRO R 487 50.19 -56.80 -11.57
CA PRO R 487 50.41 -56.80 -10.11
C PRO R 487 51.88 -56.82 -9.72
N ASN R 488 52.73 -57.52 -10.48
CA ASN R 488 54.15 -57.54 -10.16
C ASN R 488 54.84 -56.23 -10.54
N ASP R 489 54.21 -55.45 -11.42
CA ASP R 489 54.77 -54.16 -11.79
C ASP R 489 54.63 -53.15 -10.64
N LEU R 490 55.61 -52.26 -10.52
CA LEU R 490 55.53 -51.22 -9.52
C LEU R 490 54.43 -50.23 -9.89
N TRP R 491 53.89 -49.57 -8.86
CA TRP R 491 52.64 -48.84 -8.81
C TRP R 491 51.47 -49.81 -8.81
N GLY R 492 51.71 -51.12 -8.96
CA GLY R 492 50.70 -52.14 -8.82
C GLY R 492 51.18 -53.17 -7.81
N SER R 493 52.47 -53.10 -7.47
CA SER R 493 53.02 -53.92 -6.40
C SER R 493 53.25 -53.13 -5.12
N MET R 494 53.52 -51.84 -5.24
CA MET R 494 53.55 -51.00 -4.05
C MET R 494 52.18 -51.01 -3.37
N VAL R 495 51.12 -50.93 -4.16
CA VAL R 495 49.77 -51.03 -3.61
C VAL R 495 49.52 -52.43 -3.04
N SER R 496 50.04 -53.45 -3.72
CA SER R 496 49.89 -54.84 -3.28
C SER R 496 50.93 -55.65 -4.04
N LEU R 497 51.89 -56.23 -3.30
CA LEU R 497 53.07 -56.84 -3.92
C LEU R 497 52.68 -57.90 -4.93
N GLY R 498 52.06 -58.98 -4.46
CA GLY R 498 51.64 -60.05 -5.36
C GLY R 498 50.30 -59.78 -6.01
N ALA R 499 49.39 -59.16 -5.26
CA ALA R 499 48.05 -58.88 -5.74
C ALA R 499 48.05 -57.64 -6.64
N SER R 500 46.92 -57.41 -7.29
CA SER R 500 46.71 -56.17 -8.02
C SER R 500 45.96 -55.17 -7.15
N GLY R 501 46.17 -53.89 -7.45
CA GLY R 501 45.58 -52.84 -6.64
C GLY R 501 44.21 -52.41 -7.13
N THR R 502 44.08 -51.15 -7.50
CA THR R 502 42.82 -50.66 -8.04
C THR R 502 42.54 -51.27 -9.41
N LEU R 503 41.25 -51.40 -9.73
CA LEU R 503 40.85 -52.07 -10.98
C LEU R 503 41.45 -51.42 -12.22
N PRO R 504 41.40 -50.09 -12.41
CA PRO R 504 42.24 -49.50 -13.47
C PRO R 504 43.68 -49.42 -13.02
N GLN R 505 44.52 -50.31 -13.54
CA GLN R 505 45.88 -50.46 -13.03
C GLN R 505 46.75 -49.28 -13.45
N ASP R 506 47.61 -48.86 -12.54
CA ASP R 506 48.47 -47.71 -12.79
C ASP R 506 49.60 -48.09 -13.74
N PRO R 507 49.80 -47.38 -14.84
CA PRO R 507 50.94 -47.66 -15.72
C PRO R 507 52.25 -47.34 -15.01
N ILE R 508 53.33 -47.86 -15.58
CA ILE R 508 54.67 -47.70 -15.01
C ILE R 508 55.04 -46.22 -15.06
N PRO R 509 55.94 -45.75 -14.19
CA PRO R 509 56.33 -44.34 -14.24
C PRO R 509 57.04 -43.99 -15.53
N SER R 510 56.90 -42.74 -15.95
CA SER R 510 57.53 -42.27 -17.18
C SER R 510 59.05 -42.40 -17.11
N ALA R 511 59.62 -42.32 -15.90
CA ALA R 511 61.06 -42.51 -15.77
C ALA R 511 61.47 -43.92 -16.17
N PHE R 512 60.65 -44.92 -15.82
CA PHE R 512 60.94 -46.28 -16.24
C PHE R 512 60.65 -46.49 -17.73
N THR R 513 60.03 -45.51 -18.38
CA THR R 513 59.79 -45.57 -19.82
C THR R 513 60.90 -44.94 -20.65
N LYS R 514 61.99 -44.50 -20.03
CA LYS R 514 62.97 -43.73 -20.79
C LYS R 514 64.00 -44.64 -21.44
N LYS R 515 64.51 -44.18 -22.58
CA LYS R 515 65.52 -44.83 -23.42
C LYS R 515 64.94 -46.02 -24.17
N ILE R 516 63.77 -46.48 -23.75
CA ILE R 516 63.07 -47.53 -24.50
C ILE R 516 62.09 -46.84 -25.43
N ASN R 517 61.67 -45.63 -25.04
CA ASN R 517 60.86 -44.81 -25.92
C ASN R 517 61.72 -44.17 -27.01
N LYS R 518 63.02 -43.97 -26.72
CA LYS R 518 63.89 -43.38 -27.72
C LYS R 518 64.57 -44.45 -28.56
N VAL R 519 64.91 -45.59 -27.97
CA VAL R 519 65.42 -46.70 -28.77
C VAL R 519 64.31 -47.29 -29.63
N CYS R 520 63.12 -47.47 -29.04
CA CYS R 520 61.96 -47.99 -29.75
C CYS R 520 60.90 -46.89 -29.82
N LYS R 521 60.59 -46.44 -31.03
CA LYS R 521 59.60 -45.38 -31.19
C LYS R 521 58.18 -45.90 -31.08
N ASN R 522 57.98 -47.22 -31.19
CA ASN R 522 56.64 -47.77 -31.28
C ASN R 522 56.12 -48.32 -29.95
N VAL R 523 56.91 -48.24 -28.88
CA VAL R 523 56.43 -48.70 -27.58
C VAL R 523 55.40 -47.71 -27.03
N VAL R 524 54.26 -48.24 -26.60
CA VAL R 524 53.19 -47.44 -26.02
C VAL R 524 52.94 -47.92 -24.60
N TRP R 525 53.03 -47.01 -23.64
CA TRP R 525 52.79 -47.32 -22.24
C TRP R 525 51.37 -46.89 -21.90
N SER R 526 50.52 -47.87 -21.59
CA SER R 526 49.11 -47.61 -21.33
C SER R 526 48.68 -48.37 -20.09
N SER R 527 47.62 -47.89 -19.46
CA SER R 527 47.06 -48.56 -18.30
C SER R 527 46.39 -49.87 -18.72
N ASN R 528 46.05 -50.69 -17.73
CA ASN R 528 45.44 -51.98 -18.01
C ASN R 528 44.15 -51.89 -18.82
N PRO R 529 43.18 -50.97 -18.52
CA PRO R 529 41.99 -50.83 -19.36
C PRO R 529 42.27 -50.06 -20.66
N THR R 530 43.19 -50.58 -21.46
CA THR R 530 43.51 -49.93 -22.73
C THR R 530 42.46 -50.24 -23.78
N ARG R 531 42.13 -49.23 -24.58
CA ARG R 531 41.20 -49.38 -25.69
C ARG R 531 41.87 -48.93 -26.98
N ILE R 532 41.41 -49.51 -28.09
CA ILE R 532 41.81 -49.10 -29.43
C ILE R 532 40.57 -48.66 -30.18
N ALA R 533 40.58 -47.42 -30.67
CA ALA R 533 39.46 -46.87 -31.44
C ALA R 533 39.63 -47.33 -32.88
N TYR R 534 39.26 -48.59 -33.14
CA TYR R 534 39.41 -49.15 -34.47
C TYR R 534 38.42 -48.51 -35.44
N LEU R 535 38.82 -48.44 -36.71
CA LEU R 535 38.01 -47.76 -37.71
C LEU R 535 36.75 -48.55 -38.06
N SER R 536 36.86 -49.86 -38.22
CA SER R 536 35.72 -50.70 -38.58
C SER R 536 35.20 -51.54 -37.42
N GLN R 537 35.95 -51.61 -36.32
CA GLN R 537 35.59 -52.44 -35.19
C GLN R 537 35.92 -51.68 -33.91
N GLU R 538 35.93 -52.40 -32.79
CA GLU R 538 36.38 -51.85 -31.53
C GLU R 538 37.10 -52.95 -30.76
N ILE R 539 38.23 -52.61 -30.14
CA ILE R 539 39.04 -53.55 -29.39
C ILE R 539 39.31 -52.98 -28.01
N VAL R 540 39.03 -53.76 -26.97
CA VAL R 540 39.28 -53.39 -25.59
C VAL R 540 40.31 -54.35 -25.02
N ILE R 541 41.37 -53.81 -24.43
CA ILE R 541 42.48 -54.59 -23.88
C ILE R 541 42.43 -54.47 -22.36
N PHE R 542 42.48 -55.61 -21.69
CA PHE R 542 42.52 -55.65 -20.23
C PHE R 542 43.17 -56.95 -19.81
N ARG R 543 43.97 -56.90 -18.75
CA ARG R 543 44.65 -58.08 -18.22
C ARG R 543 44.33 -58.22 -16.74
N ASP R 544 43.81 -59.39 -16.37
CA ASP R 544 43.49 -59.73 -14.99
C ASP R 544 43.12 -61.19 -14.95
N ASP R 545 43.20 -61.78 -13.76
CA ASP R 545 42.77 -63.17 -13.55
C ASP R 545 41.32 -63.22 -13.08
N LEU R 546 40.44 -62.70 -13.92
CA LEU R 546 39.01 -62.65 -13.58
C LEU R 546 38.42 -64.05 -13.47
N SER R 547 38.97 -65.03 -14.19
CA SER R 547 38.48 -66.39 -14.08
C SER R 547 38.69 -66.94 -12.68
N GLY R 548 39.86 -66.68 -12.09
CA GLY R 548 40.10 -67.12 -10.73
C GLY R 548 39.16 -66.45 -9.75
N ARG R 549 38.89 -65.15 -9.94
CA ARG R 549 37.94 -64.46 -9.08
C ARG R 549 36.55 -65.07 -9.20
N PHE R 550 36.13 -65.38 -10.42
CA PHE R 550 34.83 -66.04 -10.60
C PHE R 550 34.80 -67.39 -9.89
N LYS R 551 35.85 -68.19 -10.07
CA LYS R 551 35.88 -69.52 -9.48
C LYS R 551 35.82 -69.45 -7.96
N ARG R 552 36.58 -68.52 -7.36
CA ARG R 552 36.55 -68.38 -5.91
C ARG R 552 35.31 -67.64 -5.43
N HIS R 553 34.53 -67.07 -6.34
CA HIS R 553 33.27 -66.40 -5.98
C HIS R 553 32.07 -66.98 -6.69
N ARG R 554 32.20 -68.12 -7.36
CA ARG R 554 31.04 -68.80 -7.91
C ARG R 554 30.10 -69.21 -6.79
N LEU R 555 28.83 -68.90 -6.94
CA LEU R 555 27.87 -69.12 -5.88
C LEU R 555 27.27 -70.52 -5.98
N GLU R 556 26.95 -71.10 -4.83
CA GLU R 556 26.28 -72.39 -4.74
C GLU R 556 24.81 -72.16 -4.43
N PHE R 557 23.95 -72.83 -5.16
CA PHE R 557 22.50 -72.66 -5.01
C PHE R 557 21.87 -73.98 -4.62
N PRO R 558 21.41 -74.14 -3.38
CA PRO R 558 20.71 -75.39 -3.03
C PRO R 558 19.43 -75.61 -3.82
N PHE R 559 18.71 -74.52 -4.13
CA PHE R 559 17.35 -74.55 -4.69
C PHE R 559 16.53 -75.75 -4.22
N GLN R 594 35.08 -79.50 -19.51
CA GLN R 594 34.14 -78.51 -19.01
C GLN R 594 34.76 -77.11 -19.04
N LYS R 595 36.06 -77.05 -19.35
CA LYS R 595 36.75 -75.77 -19.40
C LYS R 595 36.19 -74.88 -20.51
N VAL R 596 35.88 -75.47 -21.67
CA VAL R 596 35.30 -74.68 -22.76
C VAL R 596 33.92 -74.16 -22.35
N GLN R 597 33.13 -74.99 -21.68
CA GLN R 597 31.82 -74.56 -21.23
C GLN R 597 31.93 -73.45 -20.18
N GLU R 598 32.88 -73.57 -19.26
CA GLU R 598 33.03 -72.55 -18.24
C GLU R 598 33.53 -71.24 -18.83
N THR R 599 34.40 -71.31 -19.84
CA THR R 599 34.82 -70.09 -20.54
C THR R 599 33.66 -69.46 -21.30
N ARG R 600 32.81 -70.28 -21.91
CA ARG R 600 31.63 -69.77 -22.59
C ARG R 600 30.71 -69.07 -21.60
N LYS R 601 30.52 -69.68 -20.43
CA LYS R 601 29.70 -69.06 -19.38
C LYS R 601 30.31 -67.74 -18.92
N LEU R 602 31.63 -67.70 -18.78
CA LEU R 602 32.31 -66.47 -18.38
C LEU R 602 32.11 -65.38 -19.41
N VAL R 603 32.22 -65.73 -20.71
CA VAL R 603 32.03 -64.75 -21.76
C VAL R 603 30.60 -64.21 -21.75
N LYS R 604 29.63 -65.11 -21.61
CA LYS R 604 28.23 -64.69 -21.54
C LYS R 604 28.01 -63.77 -20.34
N THR R 605 28.59 -64.12 -19.20
CA THR R 605 28.48 -63.29 -18.01
C THR R 605 29.02 -61.90 -18.27
N ILE R 606 30.24 -61.81 -18.79
CA ILE R 606 30.90 -60.53 -18.97
C ILE R 606 30.12 -59.67 -19.95
N LEU R 607 29.69 -60.25 -21.08
CA LEU R 607 28.98 -59.47 -22.07
C LEU R 607 27.60 -59.05 -21.57
N ASP R 608 26.83 -59.99 -21.03
CA ASP R 608 25.45 -59.70 -20.67
C ASP R 608 25.36 -58.76 -19.48
N GLN R 609 26.27 -58.89 -18.52
CA GLN R 609 26.21 -58.03 -17.34
C GLN R 609 26.51 -56.57 -17.69
N GLY R 610 27.24 -56.35 -18.78
CA GLY R 610 27.52 -54.99 -19.22
C GLY R 610 28.60 -54.27 -18.44
N HIS R 611 29.42 -54.99 -17.68
CA HIS R 611 30.56 -54.40 -16.98
C HIS R 611 31.77 -55.28 -17.20
N LEU R 612 32.95 -54.65 -17.30
CA LEU R 612 34.18 -55.41 -17.53
C LEU R 612 34.48 -56.32 -16.35
N SER R 613 34.45 -55.78 -15.14
CA SER R 613 34.72 -56.53 -13.92
C SER R 613 33.60 -56.27 -12.93
N PRO R 614 32.44 -56.92 -13.10
CA PRO R 614 31.31 -56.67 -12.22
C PRO R 614 31.55 -57.19 -10.81
N PHE R 615 32.44 -56.52 -10.08
CA PHE R 615 32.81 -56.90 -8.73
C PHE R 615 32.62 -55.73 -7.78
N LEU R 616 32.38 -56.04 -6.52
CA LEU R 616 32.22 -55.00 -5.51
C LEU R 616 33.50 -54.18 -5.39
N ASP R 617 33.32 -52.86 -5.20
CA ASP R 617 34.47 -51.98 -5.12
C ASP R 617 35.34 -52.31 -3.91
N SER R 618 34.74 -52.84 -2.84
CA SER R 618 35.53 -53.27 -1.70
C SER R 618 36.48 -54.41 -2.06
N LEU R 619 36.00 -55.36 -2.87
CA LEU R 619 36.84 -56.46 -3.31
C LEU R 619 38.04 -55.95 -4.10
N ARG R 620 37.78 -55.14 -5.12
CA ARG R 620 38.82 -54.55 -5.94
C ARG R 620 38.53 -53.06 -6.09
N PRO R 621 39.46 -52.19 -5.73
CA PRO R 621 39.23 -50.75 -5.87
C PRO R 621 38.97 -50.40 -7.33
N ILE R 622 37.98 -49.53 -7.54
CA ILE R 622 37.56 -49.13 -8.88
C ILE R 622 37.61 -47.61 -8.94
N SER R 623 38.24 -47.08 -9.98
CA SER R 623 38.35 -45.62 -10.10
C SER R 623 36.96 -45.02 -10.33
N TRP R 624 36.55 -44.18 -9.39
CA TRP R 624 35.18 -43.70 -9.35
C TRP R 624 34.89 -42.80 -10.55
N ASP R 625 35.80 -41.89 -10.84
CA ASP R 625 35.62 -41.02 -12.01
C ASP R 625 35.89 -41.77 -13.31
N LEU R 626 36.53 -42.94 -13.23
CA LEU R 626 36.85 -43.76 -14.39
C LEU R 626 35.93 -44.95 -14.53
N ASP R 627 34.82 -44.99 -13.78
CA ASP R 627 33.94 -46.16 -13.79
C ASP R 627 33.28 -46.36 -15.15
N HIS R 628 33.16 -45.28 -15.95
CA HIS R 628 32.52 -45.41 -17.26
C HIS R 628 33.27 -46.40 -18.15
N THR R 629 34.60 -46.38 -18.10
CA THR R 629 35.38 -47.34 -18.87
C THR R 629 35.15 -48.76 -18.36
N LEU R 630 35.10 -48.93 -17.03
CA LEU R 630 34.96 -50.27 -16.46
C LEU R 630 33.60 -50.87 -16.80
N THR R 631 32.60 -50.04 -17.06
CA THR R 631 31.34 -50.54 -17.60
C THR R 631 31.52 -50.89 -19.07
N LEU R 632 30.84 -51.96 -19.49
CA LEU R 632 30.90 -52.38 -20.89
C LEU R 632 29.93 -51.53 -21.71
N CYS R 633 30.09 -50.21 -21.65
CA CYS R 633 29.23 -49.33 -22.44
C CYS R 633 29.40 -49.52 -23.93
N PRO R 634 30.62 -49.57 -24.49
CA PRO R 634 30.73 -49.73 -25.95
C PRO R 634 30.33 -51.11 -26.45
N ILE R 635 30.58 -52.15 -25.66
CA ILE R 635 30.45 -53.54 -26.10
C ILE R 635 31.27 -53.71 -27.37
N PRO R 636 32.60 -53.76 -27.29
CA PRO R 636 33.41 -53.84 -28.51
C PRO R 636 33.15 -55.13 -29.28
N SER R 637 33.27 -55.04 -30.61
CA SER R 637 33.13 -56.24 -31.44
C SER R 637 34.20 -57.25 -31.09
N THR R 638 35.41 -56.80 -30.78
CA THR R 638 36.48 -57.65 -30.28
C THR R 638 36.96 -57.10 -28.95
N MET R 639 37.09 -57.97 -27.96
CA MET R 639 37.56 -57.56 -26.64
C MET R 639 38.68 -58.48 -26.20
N VAL R 640 39.81 -57.88 -25.82
CA VAL R 640 41.00 -58.61 -25.41
C VAL R 640 41.01 -58.65 -23.89
N LEU R 641 40.94 -59.86 -23.33
CA LEU R 641 41.02 -60.06 -21.89
C LEU R 641 42.00 -61.19 -21.63
N CYS R 642 43.13 -60.86 -21.01
CA CYS R 642 44.22 -61.80 -20.80
C CYS R 642 44.13 -62.34 -19.38
N ASP R 643 43.80 -63.63 -19.25
CA ASP R 643 43.70 -64.30 -17.95
C ASP R 643 44.75 -65.40 -17.92
N THR R 644 45.72 -65.27 -17.03
CA THR R 644 46.72 -66.32 -16.86
C THR R 644 46.08 -67.60 -16.33
N THR R 645 45.17 -67.46 -15.36
CA THR R 645 44.54 -68.64 -14.76
C THR R 645 43.65 -69.37 -15.76
N SER R 646 42.89 -68.63 -16.57
CA SER R 646 41.92 -69.23 -17.45
C SER R 646 42.59 -69.96 -18.60
N ALA R 647 41.88 -70.94 -19.16
CA ALA R 647 42.35 -71.60 -20.37
C ALA R 647 42.26 -70.64 -21.55
N GLN R 648 43.29 -70.68 -22.39
CA GLN R 648 43.35 -69.81 -23.56
C GLN R 648 42.26 -70.19 -24.56
N PHE R 649 41.58 -69.19 -25.10
CA PHE R 649 40.51 -69.44 -26.06
C PHE R 649 40.17 -68.14 -26.78
N ASP R 650 39.39 -68.29 -27.85
CA ASP R 650 38.78 -67.16 -28.56
C ASP R 650 37.33 -67.53 -28.84
N LEU R 651 36.41 -66.64 -28.50
CA LEU R 651 34.99 -66.92 -28.60
C LEU R 651 34.25 -65.68 -29.08
N THR R 652 33.14 -65.90 -29.78
CA THR R 652 32.29 -64.83 -30.28
C THR R 652 30.91 -64.96 -29.66
N TYR R 653 30.40 -63.86 -29.10
CA TYR R 653 29.13 -63.87 -28.40
C TYR R 653 28.36 -62.59 -28.71
N ASN R 654 27.06 -62.74 -29.01
CA ASN R 654 26.17 -61.61 -29.24
C ASN R 654 26.71 -60.67 -30.31
N GLY R 655 27.27 -61.26 -31.37
CA GLY R 655 27.86 -60.47 -32.44
C GLY R 655 29.19 -59.84 -32.10
N CYS R 656 29.78 -60.19 -30.95
CA CYS R 656 31.05 -59.65 -30.53
C CYS R 656 31.99 -60.79 -30.17
N LYS R 657 33.25 -60.67 -30.56
CA LYS R 657 34.24 -61.71 -30.36
C LYS R 657 35.05 -61.42 -29.11
N VAL R 658 35.28 -62.45 -28.29
CA VAL R 658 36.08 -62.35 -27.07
C VAL R 658 37.32 -63.21 -27.24
N ILE R 659 38.48 -62.61 -27.05
CA ILE R 659 39.77 -63.28 -27.23
C ILE R 659 40.48 -63.33 -25.88
N ASN R 660 40.96 -64.52 -25.53
CA ASN R 660 41.67 -64.74 -24.27
C ASN R 660 43.10 -65.16 -24.56
N PRO R 661 44.06 -64.23 -24.54
CA PRO R 661 45.45 -64.60 -24.86
C PRO R 661 46.03 -65.66 -23.93
N GLY R 662 45.68 -65.63 -22.66
CA GLY R 662 46.23 -66.59 -21.71
C GLY R 662 47.68 -66.29 -21.35
N SER R 663 48.30 -67.29 -20.72
CA SER R 663 49.68 -67.15 -20.29
C SER R 663 50.63 -67.04 -21.47
N PHE R 664 51.77 -66.38 -21.24
CA PHE R 664 52.79 -66.28 -22.28
C PHE R 664 53.33 -67.67 -22.62
N ILE R 665 53.59 -68.49 -21.61
CA ILE R 665 53.95 -69.89 -21.78
C ILE R 665 52.91 -70.72 -21.05
N HIS R 666 52.19 -71.56 -21.80
CA HIS R 666 51.15 -72.38 -21.20
C HIS R 666 51.75 -73.36 -20.20
N ASN R 667 52.57 -74.29 -20.68
CA ASN R 667 53.26 -75.25 -19.82
C ASN R 667 54.77 -75.18 -19.95
N ARG R 668 55.29 -75.36 -21.17
CA ARG R 668 56.73 -75.33 -21.38
C ARG R 668 57.14 -74.59 -22.65
N ARG R 669 56.21 -74.08 -23.44
CA ARG R 669 56.51 -73.50 -24.75
C ARG R 669 55.97 -72.09 -24.85
N ALA R 670 56.75 -71.20 -25.46
CA ALA R 670 56.30 -69.85 -25.72
C ALA R 670 55.20 -69.86 -26.78
N ARG R 671 54.27 -68.92 -26.66
CA ARG R 671 53.08 -68.91 -27.51
C ARG R 671 52.45 -67.53 -27.50
N TYR R 672 52.39 -66.89 -28.66
CA TYR R 672 51.67 -65.64 -28.85
C TYR R 672 50.59 -65.83 -29.91
N MET R 673 49.49 -65.12 -29.76
CA MET R 673 48.44 -65.16 -30.77
C MET R 673 48.79 -64.29 -31.96
N GLU R 674 48.08 -64.54 -33.07
CA GLU R 674 48.06 -63.67 -34.23
C GLU R 674 46.62 -63.58 -34.71
N TYR R 675 46.15 -62.37 -35.00
CA TYR R 675 44.77 -62.16 -35.39
C TYR R 675 44.68 -61.19 -36.55
N VAL R 676 43.85 -61.53 -37.53
CA VAL R 676 43.59 -60.71 -38.70
C VAL R 676 42.19 -60.13 -38.55
N PRO R 677 42.04 -58.82 -38.36
CA PRO R 677 40.70 -58.25 -38.19
C PRO R 677 39.77 -58.49 -39.37
N SER R 678 40.30 -58.44 -40.59
CA SER R 678 39.48 -58.76 -41.75
C SER R 678 39.06 -60.23 -41.76
N SER R 679 39.99 -61.12 -41.42
CA SER R 679 39.68 -62.54 -41.43
C SER R 679 38.84 -62.94 -40.23
N LYS R 680 38.84 -62.12 -39.17
CA LYS R 680 38.06 -62.38 -37.96
C LYS R 680 38.41 -63.72 -37.33
N LYS R 681 39.68 -64.13 -37.43
CA LYS R 681 40.14 -65.40 -36.88
C LYS R 681 41.45 -65.19 -36.14
N THR R 682 41.60 -65.89 -35.01
CA THR R 682 42.79 -65.81 -34.19
C THR R 682 43.57 -67.12 -34.31
N ILE R 683 44.88 -67.01 -34.50
CA ILE R 683 45.76 -68.15 -34.62
C ILE R 683 46.88 -68.02 -33.59
N GLN R 684 47.25 -69.15 -32.97
CA GLN R 684 48.26 -69.18 -31.94
C GLN R 684 49.42 -70.06 -32.41
N GLU R 685 50.64 -69.55 -32.26
CA GLU R 685 51.84 -70.29 -32.61
C GLU R 685 52.53 -70.81 -31.35
N GLU R 686 53.55 -71.65 -31.55
CA GLU R 686 54.29 -72.25 -30.44
C GLU R 686 55.79 -72.10 -30.68
N ILE R 687 56.51 -71.67 -29.65
CA ILE R 687 57.97 -71.63 -29.64
C ILE R 687 58.48 -72.39 -28.43
N TYR R 688 59.45 -73.26 -28.64
CA TYR R 688 60.11 -73.99 -27.56
C TYR R 688 59.13 -74.84 -26.76
ZN ZN S . -39.62 36.90 10.14
PB ADP T . 14.04 -3.97 49.68
O1B ADP T . 15.40 -4.58 49.53
O2B ADP T . 13.23 -4.60 50.79
O3B ADP T . 13.28 -3.86 48.39
PA ADP T . 14.19 -1.03 49.41
O1A ADP T . 14.56 -1.14 47.98
O2A ADP T . 12.82 -0.55 49.75
O3A ADP T . 14.41 -2.46 50.11
O5' ADP T . 15.27 -0.14 50.19
C5' ADP T . 15.41 -0.32 51.62
C4' ADP T . 16.30 0.75 52.19
O4' ADP T . 17.68 0.33 52.10
C3' ADP T . 16.25 2.12 51.51
O3' ADP T . 15.61 3.09 52.34
C2' ADP T . 17.72 2.49 51.23
O2' ADP T . 18.03 3.82 51.61
C1' ADP T . 18.49 1.48 52.07
N9 ADP T . 19.80 1.13 51.53
C8 ADP T . 20.20 -0.11 51.09
N7 ADP T . 21.43 -0.14 50.66
C5 ADP T . 21.88 1.16 50.82
C6 ADP T . 23.11 1.79 50.53
N6 ADP T . 24.16 1.14 50.01
N1 ADP T . 23.23 3.10 50.81
C2 ADP T . 22.18 3.73 51.33
N3 ADP T . 20.97 3.26 51.64
C4 ADP T . 20.89 1.95 51.35
MG MG U . 12.60 -1.67 47.30
PB ADP V . -10.49 -38.34 12.89
O1B ADP V . -9.43 -38.47 13.95
O2B ADP V . -11.51 -37.31 13.23
O3B ADP V . -11.09 -39.66 12.54
PA ADP V . -10.02 -36.77 10.41
O1A ADP V . -9.54 -35.42 10.84
O2A ADP V . -11.44 -36.92 9.99
O3A ADP V . -9.72 -37.83 11.57
O5' ADP V . -9.07 -37.33 9.25
C5' ADP V . -7.87 -36.59 8.93
C4' ADP V . -7.32 -37.08 7.61
O4' ADP V . -7.09 -38.51 7.70
C3' ADP V . -8.22 -36.86 6.39
O3' ADP V . -7.50 -36.26 5.33
C2' ADP V . -8.69 -38.28 6.02
O2' ADP V . -8.94 -38.43 4.65
C1' ADP V . -7.48 -39.08 6.47
N9 ADP V . -7.75 -40.50 6.67
C8 ADP V . -7.74 -41.19 7.86
N7 ADP V . -8.02 -42.47 7.73
C5 ADP V . -8.23 -42.63 6.36
C6 ADP V . -8.57 -43.75 5.58
N6 ADP V . -8.76 -44.97 6.09
N1 ADP V . -8.71 -43.58 4.25
C2 ADP V . -8.52 -42.35 3.75
N3 ADP V . -8.20 -41.22 4.38
C4 ADP V . -8.07 -41.43 5.70
ZN ZN W . -57.93 39.12 44.48
MG MG X . -11.01 -34.95 14.60
ZN ZN Y . -50.92 22.10 -3.93
PG AGS Z . 11.90 -16.58 22.30
S1G AGS Z . 12.49 -15.97 24.05
O2G AGS Z . 11.93 -18.07 22.09
O3G AGS Z . 10.56 -16.03 21.84
PB AGS Z . 12.70 -16.04 19.55
O1B AGS Z . 11.48 -16.84 19.23
O2B AGS Z . 14.00 -16.41 18.93
O3B AGS Z . 12.88 -16.05 21.15
PA AGS Z . 13.39 -13.25 19.19
O1A AGS Z . 13.06 -12.47 17.96
O2A AGS Z . 13.40 -12.54 20.51
O3A AGS Z . 12.41 -14.50 19.28
O5' AGS Z . 14.79 -14.00 18.99
C5' AGS Z . 15.96 -13.53 19.71
C4' AGS Z . 16.81 -12.71 18.78
O4' AGS Z . 18.10 -13.35 18.65
C3' AGS Z . 16.30 -12.61 17.34
O3' AGS Z . 15.39 -11.52 17.20
C2' AGS Z . 17.58 -12.38 16.55
O2' AGS Z . 17.90 -11.00 16.42
C1' AGS Z . 18.63 -13.12 17.37
N9 AGS Z . 19.01 -14.41 16.79
C8 AGS Z . 18.82 -15.65 17.34
N7 AGS Z . 19.27 -16.63 16.59
C5 AGS Z . 19.78 -15.99 15.47
C6 AGS Z . 20.40 -16.47 14.31
N6 AGS Z . 20.62 -17.76 14.06
N1 AGS Z . 20.81 -15.56 13.39
C2 AGS Z . 20.59 -14.26 13.64
N3 AGS Z . 20.03 -13.70 14.70
C4 AGS Z . 19.63 -14.62 15.59
MG MG AA . 8.63 -15.93 21.02
ZN ZN BA . -43.16 44.14 26.33
ZN ZN CA . -74.20 19.79 35.07
MG MG DA . -35.26 -39.92 35.89
PG AGS EA . -29.50 -43.01 34.25
S1G AGS EA . -29.80 -43.06 36.17
O2G AGS EA . -28.26 -43.73 33.77
O3G AGS EA . -29.56 -41.64 33.62
PB AGS EA . -32.11 -44.29 34.03
O1B AGS EA . -32.00 -45.74 34.38
O2B AGS EA . -32.61 -43.33 35.05
O3B AGS EA . -30.69 -43.79 33.51
PA AGS EA . -34.51 -44.63 32.43
O1A AGS EA . -35.24 -44.79 33.72
O2A AGS EA . -35.11 -43.74 31.38
O3A AGS EA . -33.02 -44.15 32.72
O5' AGS EA . -34.26 -46.07 31.79
C5' AGS EA . -35.37 -46.67 31.07
C4' AGS EA . -35.09 -46.61 29.60
O4' AGS EA . -34.50 -47.86 29.19
C3' AGS EA . -36.33 -46.52 28.69
O3' AGS EA . -35.99 -46.06 27.39
C2' AGS EA . -36.80 -47.98 28.66
O2' AGS EA . -37.38 -48.34 27.44
C1' AGS EA . -35.52 -48.79 28.94
N9 AGS EA . -35.63 -49.66 30.10
C8 AGS EA . -34.68 -49.83 31.08
N7 AGS EA . -35.04 -50.69 32.01
C5 AGS EA . -36.32 -51.09 31.62
C6 AGS EA . -37.24 -51.98 32.20
N6 AGS EA . -37.00 -52.65 33.32
N1 AGS EA . -38.41 -52.16 31.56
C2 AGS EA . -38.64 -51.49 30.43
N3 AGS EA . -37.85 -50.63 29.79
C4 AGS EA . -36.69 -50.47 30.44
ZN ZN FA . 21.85 -39.94 8.45
ZN ZN GA . 71.02 -46.39 11.41
#